data_7UTD
#
_entry.id   7UTD
#
loop_
_entity.id
_entity.type
_entity.pdbx_description
1 polymer 'Hydrogenase-2, large subunit'
2 polymer 'Hydrogenase-2, small subunit'
3 polymer 'Type 2 [NiFe]-hydrogenase Huc membrane adapter subunit'
4 non-polymer 'NICKEL (III) ION'
5 non-polymer 'CARBONMONOXIDE-(DICYANO) IRON'
6 non-polymer 'MAGNESIUM ION'
7 non-polymer MENAQUINONE-9
8 non-polymer 'FE3-S4 CLUSTER'
#
loop_
_entity_poly.entity_id
_entity_poly.type
_entity_poly.pdbx_seq_one_letter_code
_entity_poly.pdbx_strand_id
1 'polypeptide(L)'
;LDLFVSPLGRVEGDLDVRVTINDGVVTSAWTEAAMFRGFEIILRGKDPQAGLIVCPRICGICGGSHLYKSAYALDTAWRT
HMPPNATLIRNICQACETLQSIPRYFYALFAIDLTNKNYAKSKLYDEAVRRFAPYVGTSYQPGVVLSAKPVEVYAIFGGQ
WP(DHI)SSFMVPGGVMSAPTLSDVTRAIAILEHWNDNWLEKQWLGCSVDRWLENKTWNDVLAWVDENESQYNSDCGFFI
RYCLDVGLDKYGQGVGNYLATGTYFEPSLYENPTIEGRNAALIGRSGVFADGRYFEFDQANVTEDVTHSFYEGNRPLHPF
EGETIPVNPEDGRRQGKYSWAKSPRYAVPGLGNVPLETGPLARRMAASAPDAETHQDDDPLFADIYNAIGPSVMVRQLAR
MHEGPKYYKWVRQWLDDLELKESFYTKPVEYAEGKGFGSTEAARGALSDWIVIEDSKIKNYQVVTPTAWNIGPRDASEVL
GPIEQALVGSPIVDAEDPVELGHVARSFDSCLVCTVH
;
A,C,E,G,I,K,M,O
2 'polypeptide(L)'
;MSAWSHPQFEKGGGSGGGSGGSAWSHPQFEKSGGGGGENLYFQGSGGASVLWFQGGACSGNTMSFLNADEPNVVDLIVDF
GLDLLWHPSLGLELGNNAQKVFWDCAKGERPLDIFVFEGTVIEAPNGTGQMDMFAGRPMKDWVTDLAGAAQIVVAIGDCA
CFGGIPAMEPNPSGSTGLQFHKREKGGFLGPDFRSKMGLPVINVPGCPAHPDWITQILVALATGRAGDITLDDLHRPETF
FKTFTQTGCTRVQFFEYKQSTLSFGEGTRTGCLFYEFGCRGPMTHSPCNRILWNRQSSKTRAGMPCLGCTEPEFPHFDLA
PGTVFKTQKVSGMIPKEVPEGTDHLTYMGLAAAARIAAPQWSKEDMFVV
;
B,D,F,H,J,L,N,P
3 'polypeptide(L)' SPVDGIRRRLDDPQVAEALNSLLDHADLLAVLVKGLDGFVRRGDDIANNLTSAIGELKAL Q,R,S,T
#
# COMPACT_ATOMS: atom_id res chain seq x y z
N LEU A 1 -35.44 58.80 -53.20
CA LEU A 1 -35.48 57.35 -53.25
C LEU A 1 -34.82 56.73 -52.03
N ASP A 2 -35.59 56.04 -51.21
CA ASP A 2 -35.03 55.29 -50.09
C ASP A 2 -34.49 53.96 -50.62
N LEU A 3 -33.18 53.77 -50.51
CA LEU A 3 -32.53 52.56 -50.98
C LEU A 3 -31.92 51.84 -49.77
N PHE A 4 -32.31 50.59 -49.58
CA PHE A 4 -31.77 49.76 -48.51
C PHE A 4 -30.90 48.69 -49.16
N VAL A 5 -29.59 48.77 -48.94
CA VAL A 5 -28.64 47.83 -49.49
C VAL A 5 -28.28 46.82 -48.41
N SER A 6 -28.59 45.57 -48.67
CA SER A 6 -28.35 44.48 -47.75
C SER A 6 -28.11 43.21 -48.54
N PRO A 7 -26.97 42.56 -48.38
CA PRO A 7 -25.85 43.03 -47.56
C PRO A 7 -24.95 43.95 -48.35
N LEU A 8 -24.20 44.80 -47.65
CA LEU A 8 -23.06 45.48 -48.23
C LEU A 8 -21.84 44.72 -47.75
N GLY A 9 -21.43 43.72 -48.52
CA GLY A 9 -20.36 42.83 -48.11
C GLY A 9 -18.99 43.47 -48.26
N ARG A 10 -17.98 42.63 -48.08
CA ARG A 10 -16.59 43.05 -48.11
C ARG A 10 -16.35 44.20 -47.12
N VAL A 11 -16.99 44.08 -45.96
CA VAL A 11 -16.72 44.97 -44.84
C VAL A 11 -16.51 44.13 -43.59
N GLU A 12 -16.04 42.90 -43.77
CA GLU A 12 -15.69 42.01 -42.66
C GLU A 12 -16.82 41.95 -41.65
N GLY A 13 -18.00 41.60 -42.13
CA GLY A 13 -19.12 41.44 -41.24
C GLY A 13 -20.40 41.89 -41.90
N ASP A 14 -21.40 42.10 -41.07
CA ASP A 14 -22.77 42.25 -41.53
C ASP A 14 -23.12 43.73 -41.49
N LEU A 15 -23.28 44.32 -42.67
CA LEU A 15 -23.59 45.73 -42.80
C LEU A 15 -24.75 45.87 -43.76
N ASP A 16 -25.73 46.67 -43.36
CA ASP A 16 -26.74 47.16 -44.27
C ASP A 16 -26.61 48.67 -44.31
N VAL A 17 -26.89 49.25 -45.47
CA VAL A 17 -26.79 50.69 -45.62
C VAL A 17 -28.10 51.20 -46.18
N ARG A 18 -28.76 52.07 -45.43
CA ARG A 18 -29.95 52.75 -45.93
C ARG A 18 -29.53 54.14 -46.37
N VAL A 19 -29.97 54.56 -47.54
CA VAL A 19 -29.64 55.89 -48.03
C VAL A 19 -30.89 56.53 -48.58
N THR A 20 -31.02 57.82 -48.35
CA THR A 20 -31.96 58.64 -49.09
C THR A 20 -31.22 59.24 -50.27
N ILE A 21 -31.75 59.05 -51.47
CA ILE A 21 -31.15 59.54 -52.69
C ILE A 21 -32.06 60.58 -53.29
N ASN A 22 -31.50 61.75 -53.60
CA ASN A 22 -32.21 62.78 -54.34
C ASN A 22 -31.34 63.24 -55.50
N ASP A 23 -31.90 63.19 -56.71
CA ASP A 23 -31.20 63.57 -57.93
C ASP A 23 -29.89 62.80 -58.08
N GLY A 24 -29.93 61.51 -57.76
CA GLY A 24 -28.77 60.67 -57.94
C GLY A 24 -27.66 60.88 -56.93
N VAL A 25 -27.95 61.55 -55.81
CA VAL A 25 -26.96 61.84 -54.79
C VAL A 25 -27.53 61.40 -53.45
N VAL A 26 -26.72 60.71 -52.64
CA VAL A 26 -27.13 60.37 -51.29
C VAL A 26 -27.26 61.65 -50.48
N THR A 27 -28.44 61.85 -49.89
CA THR A 27 -28.69 63.01 -49.05
C THR A 27 -28.70 62.68 -47.56
N SER A 28 -29.02 61.43 -47.21
CA SER A 28 -28.87 60.98 -45.84
C SER A 28 -28.49 59.51 -45.88
N ALA A 29 -27.82 59.06 -44.83
CA ALA A 29 -27.39 57.68 -44.78
C ALA A 29 -27.49 57.16 -43.36
N TRP A 30 -27.83 55.88 -43.26
CA TRP A 30 -27.82 55.13 -42.03
C TRP A 30 -26.98 53.88 -42.26
N THR A 31 -26.00 53.68 -41.39
CA THR A 31 -25.26 52.44 -41.38
C THR A 31 -25.86 51.54 -40.30
N GLU A 32 -26.18 50.32 -40.67
CA GLU A 32 -26.82 49.37 -39.76
C GLU A 32 -25.86 48.19 -39.61
N ALA A 33 -25.13 48.17 -38.51
CA ALA A 33 -24.41 46.98 -38.11
C ALA A 33 -25.41 45.94 -37.64
N ALA A 34 -25.41 44.76 -38.27
CA ALA A 34 -26.53 43.85 -38.13
C ALA A 34 -26.23 42.60 -37.33
N MET A 35 -25.01 42.41 -36.87
CA MET A 35 -24.65 41.17 -36.18
C MET A 35 -23.97 41.50 -34.85
N PHE A 36 -24.44 40.87 -33.79
CA PHE A 36 -23.99 41.15 -32.43
C PHE A 36 -23.53 39.86 -31.78
N ARG A 37 -22.35 39.88 -31.18
CA ARG A 37 -21.85 38.74 -30.42
C ARG A 37 -21.70 39.03 -28.93
N GLY A 38 -21.51 40.29 -28.55
CA GLY A 38 -21.49 40.66 -27.16
C GLY A 38 -20.28 40.20 -26.38
N PHE A 39 -19.08 40.36 -26.96
CA PHE A 39 -17.87 39.90 -26.28
C PHE A 39 -17.64 40.68 -25.00
N GLU A 40 -18.04 41.94 -24.95
CA GLU A 40 -17.89 42.71 -23.71
C GLU A 40 -18.73 42.11 -22.60
N ILE A 41 -19.94 41.65 -22.95
CA ILE A 41 -20.77 40.95 -21.97
C ILE A 41 -20.09 39.67 -21.52
N ILE A 42 -19.54 38.92 -22.47
CA ILE A 42 -18.93 37.63 -22.14
C ILE A 42 -17.74 37.84 -21.23
N LEU A 43 -16.94 38.88 -21.48
CA LEU A 43 -15.70 39.07 -20.73
C LEU A 43 -15.95 39.40 -19.27
N ARG A 44 -17.12 39.93 -18.94
CA ARG A 44 -17.40 40.29 -17.56
C ARG A 44 -17.31 39.05 -16.67
N GLY A 45 -16.57 39.18 -15.57
CA GLY A 45 -16.41 38.10 -14.64
C GLY A 45 -15.38 37.05 -15.03
N LYS A 46 -14.80 37.17 -16.22
CA LYS A 46 -13.80 36.21 -16.66
C LYS A 46 -12.44 36.54 -16.07
N ASP A 47 -11.48 35.67 -16.35
CA ASP A 47 -10.13 35.90 -15.89
C ASP A 47 -9.63 37.24 -16.42
N PRO A 48 -8.85 37.98 -15.63
CA PRO A 48 -8.40 39.31 -16.11
C PRO A 48 -7.68 39.26 -17.44
N GLN A 49 -7.03 38.14 -17.76
CA GLN A 49 -6.36 38.00 -19.04
C GLN A 49 -7.25 37.37 -20.11
N ALA A 50 -8.52 37.14 -19.80
CA ALA A 50 -9.40 36.54 -20.80
C ALA A 50 -9.49 37.41 -22.04
N GLY A 51 -9.26 38.71 -21.90
CA GLY A 51 -9.26 39.59 -23.06
C GLY A 51 -8.24 39.17 -24.10
N LEU A 52 -7.08 38.69 -23.65
CA LEU A 52 -6.05 38.27 -24.58
C LEU A 52 -6.52 37.12 -25.47
N ILE A 53 -7.49 36.34 -25.00
CA ILE A 53 -8.04 35.26 -25.81
C ILE A 53 -9.27 35.72 -26.57
N VAL A 54 -10.13 36.48 -25.92
CA VAL A 54 -11.43 36.83 -26.48
C VAL A 54 -11.31 37.96 -27.50
N CYS A 55 -10.63 39.03 -27.13
CA CYS A 55 -10.55 40.21 -27.98
C CYS A 55 -9.98 39.93 -29.37
N PRO A 56 -8.95 39.07 -29.56
CA PRO A 56 -8.52 38.79 -30.91
C PRO A 56 -9.72 38.23 -31.69
N ARG A 57 -10.58 37.49 -31.01
CA ARG A 57 -11.73 36.87 -31.72
C ARG A 57 -12.79 37.90 -32.06
N ILE A 58 -12.56 39.15 -31.69
CA ILE A 58 -13.51 40.17 -32.17
C ILE A 58 -13.35 40.20 -33.69
N CYS A 59 -12.14 39.90 -34.15
CA CYS A 59 -11.94 40.09 -35.59
C CYS A 59 -10.77 39.30 -36.16
N GLY A 60 -11.04 38.72 -37.29
CA GLY A 60 -10.03 37.86 -37.88
C GLY A 60 -8.91 38.61 -38.48
N ILE A 61 -9.25 39.72 -39.10
CA ILE A 61 -8.22 40.46 -39.86
C ILE A 61 -7.47 41.36 -38.90
N CYS A 62 -8.12 41.80 -37.82
CA CYS A 62 -7.36 42.73 -36.97
C CYS A 62 -7.31 42.21 -35.53
N GLY A 63 -7.46 40.90 -35.37
CA GLY A 63 -7.36 40.34 -34.02
C GLY A 63 -6.00 40.60 -33.40
N GLY A 64 -4.93 40.58 -34.21
CA GLY A 64 -3.64 40.89 -33.63
C GLY A 64 -3.61 42.28 -33.03
N SER A 65 -4.32 43.20 -33.66
CA SER A 65 -4.42 44.56 -33.08
C SER A 65 -5.18 44.49 -31.77
N HIS A 66 -6.26 43.73 -31.76
CA HIS A 66 -7.02 43.57 -30.51
C HIS A 66 -6.09 43.02 -29.44
N LEU A 67 -5.30 42.04 -29.82
CA LEU A 67 -4.40 41.41 -28.84
C LEU A 67 -3.45 42.49 -28.31
N TYR A 68 -2.85 43.24 -29.23
CA TYR A 68 -1.91 44.30 -28.85
C TYR A 68 -2.52 45.23 -27.82
N LYS A 69 -3.70 45.76 -28.11
CA LYS A 69 -4.28 46.73 -27.20
C LYS A 69 -4.80 46.06 -25.93
N SER A 70 -5.29 44.83 -26.00
CA SER A 70 -5.71 44.14 -24.78
C SER A 70 -4.51 43.88 -23.88
N ALA A 71 -3.39 43.47 -24.47
CA ALA A 71 -2.18 43.27 -23.70
C ALA A 71 -1.77 44.56 -23.03
N TYR A 72 -1.81 45.67 -23.77
CA TYR A 72 -1.42 46.94 -23.17
C TYR A 72 -2.43 47.40 -22.14
N ALA A 73 -3.71 47.07 -22.32
CA ALA A 73 -4.69 47.36 -21.29
C ALA A 73 -4.31 46.67 -19.99
N LEU A 74 -3.90 45.41 -20.10
CA LEU A 74 -3.44 44.69 -18.91
C LEU A 74 -2.14 45.27 -18.37
N ASP A 75 -1.23 45.65 -19.26
CA ASP A 75 0.05 46.21 -18.85
C ASP A 75 -0.15 47.48 -18.04
N THR A 76 -1.07 48.33 -18.49
CA THR A 76 -1.37 49.55 -17.75
C THR A 76 -2.15 49.23 -16.47
N ALA A 77 -3.13 48.32 -16.56
CA ALA A 77 -3.92 47.97 -15.39
C ALA A 77 -3.05 47.38 -14.30
N TRP A 78 -2.07 46.57 -14.68
CA TRP A 78 -1.21 45.89 -13.73
C TRP A 78 0.13 46.58 -13.57
N ARG A 79 0.32 47.76 -14.16
CA ARG A 79 1.54 48.53 -13.99
C ARG A 79 2.76 47.67 -14.29
N THR A 80 2.70 46.96 -15.39
CA THR A 80 3.73 45.99 -15.71
C THR A 80 4.99 46.69 -16.22
N HIS A 81 6.04 45.90 -16.35
CA HIS A 81 7.25 46.32 -17.05
C HIS A 81 7.29 45.64 -18.40
N MET A 82 7.54 46.42 -19.44
CA MET A 82 7.65 45.89 -20.79
C MET A 82 9.10 45.94 -21.22
N PRO A 83 9.79 44.81 -21.32
CA PRO A 83 11.14 44.82 -21.87
C PRO A 83 11.12 45.38 -23.28
N PRO A 84 12.15 46.11 -23.68
CA PRO A 84 12.16 46.70 -25.03
C PRO A 84 11.94 45.67 -26.12
N ASN A 85 12.48 44.47 -25.99
CA ASN A 85 12.26 43.45 -27.01
C ASN A 85 10.78 43.12 -27.12
N ALA A 86 10.09 43.04 -26.00
CA ALA A 86 8.66 42.76 -26.05
C ALA A 86 7.92 43.86 -26.77
N THR A 87 8.26 45.12 -26.48
CA THR A 87 7.65 46.24 -27.19
C THR A 87 7.94 46.14 -28.68
N LEU A 88 9.16 45.79 -29.04
CA LEU A 88 9.51 45.65 -30.44
C LEU A 88 8.70 44.55 -31.10
N ILE A 89 8.58 43.41 -30.44
CA ILE A 89 7.83 42.30 -31.01
C ILE A 89 6.37 42.68 -31.18
N ARG A 90 5.81 43.35 -30.17
CA ARG A 90 4.44 43.81 -30.27
C ARG A 90 4.27 44.77 -31.43
N ASN A 91 5.18 45.73 -31.56
CA ASN A 91 5.15 46.66 -32.68
C ASN A 91 5.23 45.92 -33.99
N ILE A 92 6.18 45.00 -34.10
CA ILE A 92 6.40 44.27 -35.33
C ILE A 92 5.14 43.52 -35.71
N CYS A 93 4.54 42.84 -34.74
CA CYS A 93 3.39 42.01 -35.05
C CYS A 93 2.17 42.86 -35.39
N GLN A 94 1.96 43.95 -34.66
CA GLN A 94 0.87 44.86 -34.99
C GLN A 94 1.04 45.39 -36.41
N ALA A 95 2.25 45.85 -36.72
CA ALA A 95 2.49 46.43 -38.02
C ALA A 95 2.43 45.36 -39.11
N CYS A 96 2.87 44.14 -38.82
CA CYS A 96 2.79 43.07 -39.80
C CYS A 96 1.35 42.70 -40.08
N GLU A 97 0.51 42.68 -39.05
CA GLU A 97 -0.91 42.45 -39.31
C GLU A 97 -1.46 43.54 -40.20
N THR A 98 -1.08 44.80 -39.93
CA THR A 98 -1.54 45.88 -40.77
C THR A 98 -1.02 45.76 -42.20
N LEU A 99 0.24 45.35 -42.34
CA LEU A 99 0.82 45.16 -43.67
C LEU A 99 0.13 44.04 -44.42
N GLN A 100 -0.35 43.03 -43.71
CA GLN A 100 -1.18 42.02 -44.33
C GLN A 100 -2.51 42.62 -44.75
N SER A 101 -3.09 43.42 -43.86
CA SER A 101 -4.43 43.97 -44.09
C SER A 101 -4.45 44.87 -45.32
N ILE A 102 -3.41 45.66 -45.51
CA ILE A 102 -3.37 46.69 -46.54
C ILE A 102 -3.63 46.07 -47.92
N PRO A 103 -2.80 45.14 -48.42
CA PRO A 103 -3.12 44.54 -49.72
C PRO A 103 -4.33 43.64 -49.69
N ARG A 104 -4.49 42.85 -48.63
CA ARG A 104 -5.62 41.94 -48.58
C ARG A 104 -6.92 42.72 -48.70
N TYR A 105 -7.05 43.79 -47.91
CA TYR A 105 -8.23 44.62 -48.02
C TYR A 105 -8.30 45.29 -49.38
N PHE A 106 -7.18 45.85 -49.84
CA PHE A 106 -7.23 46.66 -51.06
C PHE A 106 -7.71 45.83 -52.25
N TYR A 107 -7.11 44.67 -52.45
CA TYR A 107 -7.46 43.87 -53.61
C TYR A 107 -8.74 43.08 -53.37
N ALA A 108 -8.83 42.37 -52.24
CA ALA A 108 -9.94 41.46 -52.05
C ALA A 108 -11.22 42.18 -51.69
N LEU A 109 -11.12 43.29 -50.96
CA LEU A 109 -12.31 43.94 -50.44
C LEU A 109 -12.67 45.20 -51.18
N PHE A 110 -11.69 45.98 -51.62
CA PHE A 110 -11.97 47.29 -52.17
C PHE A 110 -11.86 47.34 -53.69
N ALA A 111 -10.70 46.95 -54.23
CA ALA A 111 -10.39 47.28 -55.62
C ALA A 111 -11.25 46.54 -56.62
N ILE A 112 -11.87 45.42 -56.24
CA ILE A 112 -12.68 44.71 -57.22
C ILE A 112 -13.87 45.57 -57.65
N ASP A 113 -14.34 46.44 -56.76
CA ASP A 113 -15.41 47.38 -57.13
C ASP A 113 -14.96 48.35 -58.22
N LEU A 114 -13.66 48.53 -58.39
CA LEU A 114 -13.16 49.35 -59.50
C LEU A 114 -13.51 48.75 -60.85
N THR A 115 -13.88 47.47 -60.89
CA THR A 115 -14.32 46.82 -62.10
C THR A 115 -15.80 46.99 -62.37
N ASN A 116 -16.48 47.78 -61.55
CA ASN A 116 -17.92 47.96 -61.70
C ASN A 116 -18.23 48.53 -63.08
N LYS A 117 -19.38 48.11 -63.62
CA LYS A 117 -19.80 48.54 -64.95
C LYS A 117 -20.03 50.04 -65.02
N ASN A 118 -20.20 50.71 -63.89
CA ASN A 118 -20.33 52.16 -63.88
C ASN A 118 -19.11 52.84 -64.48
N TYR A 119 -17.98 52.16 -64.49
CA TYR A 119 -16.73 52.72 -65.00
C TYR A 119 -16.38 52.22 -66.39
N ALA A 120 -17.31 51.52 -67.05
CA ALA A 120 -17.01 50.93 -68.35
C ALA A 120 -16.60 51.97 -69.37
N LYS A 121 -17.07 53.21 -69.21
CA LYS A 121 -16.70 54.27 -70.14
C LYS A 121 -15.30 54.83 -69.89
N SER A 122 -14.71 54.54 -68.73
CA SER A 122 -13.38 55.03 -68.46
C SER A 122 -12.37 54.40 -69.42
N LYS A 123 -11.42 55.21 -69.88
CA LYS A 123 -10.36 54.66 -70.72
C LYS A 123 -9.49 53.65 -69.97
N LEU A 124 -9.47 53.73 -68.65
CA LEU A 124 -8.69 52.80 -67.83
C LEU A 124 -9.49 51.58 -67.40
N TYR A 125 -10.73 51.46 -67.84
CA TYR A 125 -11.61 50.41 -67.32
C TYR A 125 -11.10 49.02 -67.67
N ASP A 126 -10.65 48.83 -68.92
CA ASP A 126 -10.15 47.51 -69.30
C ASP A 126 -8.96 47.13 -68.44
N GLU A 127 -8.05 48.06 -68.21
CA GLU A 127 -6.91 47.77 -67.34
C GLU A 127 -7.37 47.52 -65.91
N ALA A 128 -8.35 48.30 -65.43
CA ALA A 128 -8.86 48.08 -64.08
C ALA A 128 -9.42 46.67 -63.96
N VAL A 129 -10.15 46.21 -64.96
CA VAL A 129 -10.71 44.87 -64.95
C VAL A 129 -9.60 43.83 -64.99
N ARG A 130 -8.60 44.04 -65.86
CA ARG A 130 -7.49 43.10 -65.95
C ARG A 130 -6.79 42.96 -64.62
N ARG A 131 -6.62 44.06 -63.90
CA ARG A 131 -5.84 44.07 -62.68
C ARG A 131 -6.63 43.61 -61.47
N PHE A 132 -7.86 44.11 -61.31
CA PHE A 132 -8.56 44.06 -60.05
C PHE A 132 -9.80 43.20 -60.07
N ALA A 133 -10.08 42.50 -61.16
CA ALA A 133 -11.24 41.62 -61.17
C ALA A 133 -11.07 40.58 -60.06
N PRO A 134 -12.15 40.23 -59.36
CA PRO A 134 -12.00 39.25 -58.27
C PRO A 134 -11.44 37.94 -58.76
N TYR A 135 -10.43 37.45 -58.05
CA TYR A 135 -9.85 36.11 -58.17
C TYR A 135 -9.03 35.89 -59.43
N VAL A 136 -9.15 36.77 -60.42
CA VAL A 136 -8.45 36.54 -61.68
C VAL A 136 -7.67 37.79 -62.04
N GLY A 137 -7.93 38.88 -61.34
CA GLY A 137 -7.22 40.11 -61.62
C GLY A 137 -5.72 39.90 -61.49
N THR A 138 -4.98 40.46 -62.44
CA THR A 138 -3.53 40.28 -62.44
C THR A 138 -2.86 41.01 -61.29
N SER A 139 -3.52 42.02 -60.72
CA SER A 139 -3.05 42.59 -59.47
C SER A 139 -3.70 41.92 -58.28
N TYR A 140 -4.95 41.48 -58.44
CA TYR A 140 -5.67 40.83 -57.36
C TYR A 140 -4.93 39.61 -56.86
N GLN A 141 -4.59 38.69 -57.77
CA GLN A 141 -4.02 37.42 -57.33
C GLN A 141 -2.72 37.60 -56.56
N PRO A 142 -1.67 38.23 -57.12
CA PRO A 142 -0.45 38.38 -56.32
C PRO A 142 -0.66 39.22 -55.08
N GLY A 143 -1.49 40.27 -55.15
CA GLY A 143 -1.70 41.09 -53.97
C GLY A 143 -2.30 40.29 -52.83
N VAL A 144 -3.37 39.55 -53.12
CA VAL A 144 -4.02 38.75 -52.09
C VAL A 144 -3.10 37.65 -51.61
N VAL A 145 -2.44 36.95 -52.54
CA VAL A 145 -1.58 35.83 -52.16
C VAL A 145 -0.45 36.32 -51.27
N LEU A 146 0.21 37.40 -51.66
CA LEU A 146 1.34 37.88 -50.89
C LEU A 146 0.91 38.57 -49.60
N SER A 147 -0.37 38.93 -49.47
CA SER A 147 -0.83 39.50 -48.22
C SER A 147 -0.62 38.56 -47.03
N ALA A 148 -0.46 37.26 -47.28
CA ALA A 148 -0.24 36.32 -46.19
C ALA A 148 1.18 36.39 -45.62
N LYS A 149 2.13 37.01 -46.33
CA LYS A 149 3.51 36.99 -45.86
C LYS A 149 3.72 37.77 -44.55
N PRO A 150 3.26 39.02 -44.43
CA PRO A 150 3.53 39.74 -43.17
C PRO A 150 2.99 39.00 -41.96
N VAL A 151 1.86 38.30 -42.10
CA VAL A 151 1.37 37.56 -40.96
C VAL A 151 2.11 36.25 -40.78
N GLU A 152 2.90 35.82 -41.77
CA GLU A 152 3.90 34.79 -41.50
C GLU A 152 4.90 35.31 -40.48
N VAL A 153 5.30 36.58 -40.63
CA VAL A 153 6.17 37.16 -39.60
C VAL A 153 5.48 37.16 -38.25
N TYR A 154 4.21 37.58 -38.26
CA TYR A 154 3.42 37.54 -37.04
C TYR A 154 3.45 36.15 -36.43
N ALA A 155 3.28 35.12 -37.25
CA ALA A 155 3.25 33.75 -36.74
C ALA A 155 4.61 33.33 -36.21
N ILE A 156 5.68 33.79 -36.84
CA ILE A 156 7.01 33.48 -36.34
C ILE A 156 7.13 33.91 -34.90
N PHE A 157 6.62 35.09 -34.59
CA PHE A 157 6.74 35.55 -33.20
C PHE A 157 5.58 35.12 -32.31
N GLY A 158 4.43 34.83 -32.86
CA GLY A 158 3.25 34.60 -32.06
C GLY A 158 2.71 33.20 -32.20
N GLY A 159 3.34 32.42 -33.04
CA GLY A 159 2.90 31.03 -33.16
C GLY A 159 1.97 30.87 -34.34
N GLN A 160 1.09 31.84 -34.47
CA GLN A 160 0.15 31.74 -35.58
C GLN A 160 -0.53 33.06 -35.83
N TRP A 161 -1.11 33.11 -36.99
CA TRP A 161 -1.94 34.27 -37.29
C TRP A 161 -3.06 33.76 -38.21
N PRO A 162 -4.37 34.09 -38.01
CA PRO A 162 -4.87 34.78 -36.83
C PRO A 162 -4.96 33.90 -35.58
N SER A 164 -3.42 34.20 -32.26
CA SER A 164 -2.46 33.97 -31.19
C SER A 164 -2.91 34.90 -30.05
N SER A 165 -2.48 34.63 -28.85
CA SER A 165 -2.67 35.52 -27.67
C SER A 165 -1.30 35.76 -27.02
N PHE A 166 -0.24 35.74 -27.82
CA PHE A 166 1.10 35.70 -27.26
C PHE A 166 1.54 37.03 -26.66
N MET A 167 0.77 38.09 -26.82
CA MET A 167 1.09 39.36 -26.18
C MET A 167 0.41 39.35 -24.81
N VAL A 168 1.23 39.34 -23.76
CA VAL A 168 0.73 39.18 -22.40
C VAL A 168 1.27 40.34 -21.57
N PRO A 169 0.59 40.67 -20.46
CA PRO A 169 1.14 41.67 -19.56
C PRO A 169 2.56 41.30 -19.18
N GLY A 170 3.46 42.27 -19.29
CA GLY A 170 4.86 42.03 -19.04
C GLY A 170 5.67 41.64 -20.25
N GLY A 171 5.04 41.46 -21.40
CA GLY A 171 5.80 41.27 -22.60
C GLY A 171 5.13 40.42 -23.64
N VAL A 172 5.86 39.41 -24.13
CA VAL A 172 5.31 38.45 -25.06
C VAL A 172 5.66 37.06 -24.56
N MET A 173 4.85 36.09 -24.94
CA MET A 173 5.13 34.72 -24.51
C MET A 173 6.36 34.16 -25.20
N SER A 174 6.66 34.64 -26.40
CA SER A 174 7.64 33.98 -27.24
C SER A 174 9.04 34.47 -26.93
N ALA A 175 10.01 33.71 -27.41
CA ALA A 175 11.43 34.00 -27.23
C ALA A 175 12.05 33.82 -28.60
N PRO A 176 12.01 34.85 -29.44
CA PRO A 176 12.52 34.72 -30.80
C PRO A 176 13.95 34.22 -30.80
N THR A 177 14.26 33.36 -31.76
CA THR A 177 15.62 32.92 -32.01
C THR A 177 16.21 33.73 -33.15
N LEU A 178 17.50 33.51 -33.39
CA LEU A 178 18.15 34.20 -34.49
C LEU A 178 17.46 33.89 -35.81
N SER A 179 17.19 32.61 -36.06
CA SER A 179 16.54 32.24 -37.32
C SER A 179 15.14 32.82 -37.40
N ASP A 180 14.46 32.98 -36.26
CA ASP A 180 13.17 33.67 -36.28
C ASP A 180 13.31 35.06 -36.88
N VAL A 181 14.27 35.83 -36.39
CA VAL A 181 14.44 37.20 -36.84
C VAL A 181 14.92 37.25 -38.27
N THR A 182 15.89 36.41 -38.61
CA THR A 182 16.39 36.43 -39.99
C THR A 182 15.30 36.01 -40.96
N ARG A 183 14.49 35.01 -40.60
CA ARG A 183 13.40 34.61 -41.46
C ARG A 183 12.35 35.71 -41.55
N ALA A 184 12.05 36.36 -40.44
CA ALA A 184 11.09 37.47 -40.46
C ALA A 184 11.58 38.57 -41.39
N ILE A 185 12.87 38.89 -41.31
CA ILE A 185 13.44 39.89 -42.19
C ILE A 185 13.34 39.43 -43.64
N ALA A 186 13.67 38.17 -43.90
CA ALA A 186 13.59 37.66 -45.26
C ALA A 186 12.17 37.71 -45.79
N ILE A 187 11.21 37.30 -44.98
CA ILE A 187 9.82 37.34 -45.40
C ILE A 187 9.39 38.76 -45.70
N LEU A 188 9.75 39.68 -44.82
CA LEU A 188 9.36 41.07 -44.99
C LEU A 188 10.00 41.67 -46.24
N GLU A 189 11.29 41.43 -46.43
CA GLU A 189 11.97 41.94 -47.62
C GLU A 189 11.39 41.32 -48.89
N HIS A 190 11.06 40.03 -48.86
CA HIS A 190 10.47 39.43 -50.04
C HIS A 190 9.11 40.01 -50.33
N TRP A 191 8.29 40.18 -49.31
CA TRP A 191 6.97 40.79 -49.50
C TRP A 191 7.09 42.22 -50.01
N ASN A 192 8.01 42.97 -49.43
CA ASN A 192 8.22 44.35 -49.85
C ASN A 192 8.66 44.40 -51.30
N ASP A 193 9.61 43.55 -51.68
CA ASP A 193 10.11 43.58 -53.04
C ASP A 193 9.05 43.12 -54.02
N ASN A 194 8.30 42.09 -53.67
CA ASN A 194 7.43 41.42 -54.63
C ASN A 194 6.05 42.03 -54.70
N TRP A 195 5.50 42.50 -53.59
CA TRP A 195 4.23 43.20 -53.68
C TRP A 195 4.39 44.71 -53.53
N LEU A 196 4.96 45.16 -52.41
CA LEU A 196 4.91 46.58 -52.09
C LEU A 196 5.63 47.40 -53.14
N GLU A 197 6.86 47.02 -53.47
CA GLU A 197 7.65 47.82 -54.39
C GLU A 197 7.39 47.45 -55.83
N LYS A 198 7.39 46.15 -56.15
CA LYS A 198 7.22 45.74 -57.54
C LYS A 198 5.80 46.02 -58.02
N GLN A 199 4.81 45.60 -57.24
CA GLN A 199 3.44 45.67 -57.71
C GLN A 199 2.74 46.94 -57.28
N TRP A 200 2.78 47.25 -55.98
CA TRP A 200 2.04 48.42 -55.53
C TRP A 200 2.69 49.70 -56.02
N LEU A 201 3.97 49.87 -55.73
CA LEU A 201 4.63 51.15 -55.99
C LEU A 201 5.27 51.23 -57.37
N GLY A 202 5.82 50.13 -57.87
CA GLY A 202 6.67 50.26 -59.04
C GLY A 202 7.92 51.07 -58.78
N CYS A 203 8.27 51.25 -57.51
CA CYS A 203 9.46 51.97 -57.09
C CYS A 203 9.81 51.52 -55.69
N SER A 204 10.91 52.04 -55.16
CA SER A 204 11.29 51.69 -53.80
C SER A 204 10.36 52.36 -52.80
N VAL A 205 10.30 51.79 -51.60
CA VAL A 205 9.54 52.42 -50.53
C VAL A 205 10.12 53.81 -50.25
N ASP A 206 11.44 53.93 -50.34
CA ASP A 206 12.07 55.23 -50.09
C ASP A 206 11.58 56.27 -51.08
N ARG A 207 11.49 55.90 -52.36
CA ARG A 207 11.02 56.85 -53.35
C ARG A 207 9.61 57.31 -53.05
N TRP A 208 8.74 56.37 -52.65
CA TRP A 208 7.37 56.76 -52.31
C TRP A 208 7.34 57.68 -51.11
N LEU A 209 8.12 57.37 -50.08
CA LEU A 209 8.12 58.16 -48.86
C LEU A 209 8.73 59.54 -49.07
N GLU A 210 9.36 59.78 -50.21
CA GLU A 210 9.80 61.13 -50.56
C GLU A 210 8.66 62.04 -50.95
N ASN A 211 7.47 61.48 -51.22
CA ASN A 211 6.31 62.29 -51.56
C ASN A 211 5.81 63.00 -50.31
N LYS A 212 5.94 64.33 -50.30
CA LYS A 212 5.54 65.14 -49.17
C LYS A 212 4.32 66.00 -49.44
N THR A 213 3.92 66.13 -50.70
CA THR A 213 2.77 66.93 -51.07
C THR A 213 1.92 66.14 -52.05
N TRP A 214 0.69 66.61 -52.24
CA TRP A 214 -0.16 66.01 -53.26
C TRP A 214 0.47 66.15 -54.63
N ASN A 215 1.05 67.32 -54.91
CA ASN A 215 1.76 67.52 -56.17
C ASN A 215 2.93 66.56 -56.29
N ASP A 216 3.59 66.25 -55.16
CA ASP A 216 4.62 65.23 -55.18
C ASP A 216 4.05 63.89 -55.63
N VAL A 217 2.86 63.54 -55.13
CA VAL A 217 2.26 62.26 -55.51
C VAL A 217 1.92 62.24 -57.00
N LEU A 218 1.36 63.34 -57.52
CA LEU A 218 1.05 63.39 -58.94
C LEU A 218 2.31 63.30 -59.79
N ALA A 219 3.36 64.04 -59.39
CA ALA A 219 4.64 63.93 -60.08
C ALA A 219 5.20 62.52 -60.00
N TRP A 220 5.01 61.87 -58.87
CA TRP A 220 5.46 60.49 -58.72
C TRP A 220 4.73 59.58 -59.69
N VAL A 221 3.42 59.78 -59.84
CA VAL A 221 2.65 58.97 -60.79
C VAL A 221 3.21 59.15 -62.19
N ASP A 222 3.51 60.38 -62.57
CA ASP A 222 3.96 60.67 -63.93
C ASP A 222 5.46 60.50 -64.13
N GLU A 223 6.20 60.21 -63.06
CA GLU A 223 7.66 60.29 -63.13
C GLU A 223 8.23 59.29 -64.12
N ASN A 224 7.74 58.06 -64.11
CA ASN A 224 8.24 57.03 -65.01
C ASN A 224 7.14 56.01 -65.18
N GLU A 225 7.35 55.12 -66.16
CA GLU A 225 6.34 54.14 -66.49
C GLU A 225 6.13 53.14 -65.37
N SER A 226 7.18 52.82 -64.61
CA SER A 226 7.02 51.85 -63.54
C SER A 226 6.04 52.37 -62.49
N GLN A 227 6.21 53.62 -62.07
CA GLN A 227 5.30 54.18 -61.08
C GLN A 227 3.95 54.47 -61.71
N TYR A 228 3.95 54.91 -62.97
CA TYR A 228 2.70 55.19 -63.67
C TYR A 228 1.82 53.96 -63.75
N ASN A 229 2.40 52.81 -64.06
CA ASN A 229 1.67 51.57 -64.25
C ASN A 229 1.67 50.70 -63.02
N SER A 230 2.24 51.18 -61.92
CA SER A 230 2.12 50.46 -60.66
C SER A 230 0.65 50.42 -60.24
N ASP A 231 0.34 49.52 -59.32
CA ASP A 231 -1.01 49.51 -58.79
C ASP A 231 -1.33 50.84 -58.12
N CYS A 232 -0.36 51.45 -57.46
CA CYS A 232 -0.59 52.75 -56.84
C CYS A 232 -0.83 53.83 -57.88
N GLY A 233 0.06 53.92 -58.87
CA GLY A 233 -0.11 54.92 -59.90
C GLY A 233 -1.39 54.70 -60.68
N PHE A 234 -1.68 53.44 -61.04
CA PHE A 234 -2.91 53.16 -61.74
C PHE A 234 -4.11 53.52 -60.88
N PHE A 235 -4.05 53.20 -59.58
CA PHE A 235 -5.18 53.48 -58.71
C PHE A 235 -5.43 54.97 -58.60
N ILE A 236 -4.37 55.76 -58.48
CA ILE A 236 -4.53 57.21 -58.41
C ILE A 236 -5.13 57.72 -59.71
N ARG A 237 -4.59 57.28 -60.83
CA ARG A 237 -5.10 57.73 -62.12
C ARG A 237 -6.55 57.31 -62.31
N TYR A 238 -6.88 56.08 -61.91
CA TYR A 238 -8.24 55.59 -62.00
C TYR A 238 -9.18 56.41 -61.14
N CYS A 239 -8.76 56.72 -59.92
CA CYS A 239 -9.58 57.52 -59.03
C CYS A 239 -9.84 58.89 -59.62
N LEU A 240 -8.79 59.51 -60.14
CA LEU A 240 -8.96 60.84 -60.73
C LEU A 240 -9.81 60.78 -61.99
N ASP A 241 -9.74 59.68 -62.72
CA ASP A 241 -10.53 59.56 -63.95
C ASP A 241 -12.00 59.30 -63.66
N VAL A 242 -12.29 58.41 -62.71
CA VAL A 242 -13.66 57.96 -62.46
C VAL A 242 -14.32 58.74 -61.33
N GLY A 243 -13.60 59.62 -60.66
CA GLY A 243 -14.20 60.49 -59.66
C GLY A 243 -14.20 59.96 -58.25
N LEU A 244 -13.31 59.03 -57.90
CA LEU A 244 -13.21 58.60 -56.51
C LEU A 244 -12.63 59.68 -55.61
N ASP A 245 -12.06 60.73 -56.18
CA ASP A 245 -11.57 61.86 -55.42
C ASP A 245 -12.65 62.89 -55.14
N LYS A 246 -13.88 62.64 -55.60
CA LYS A 246 -14.91 63.66 -55.55
C LYS A 246 -16.00 63.40 -54.52
N TYR A 247 -15.99 62.25 -53.85
CA TYR A 247 -16.98 61.97 -52.83
C TYR A 247 -16.36 61.07 -51.78
N GLY A 248 -17.15 60.76 -50.75
CA GLY A 248 -16.63 60.08 -49.59
C GLY A 248 -15.81 60.95 -48.68
N GLN A 249 -16.04 62.27 -48.72
CA GLN A 249 -15.26 63.19 -47.90
C GLN A 249 -15.38 62.86 -46.42
N GLY A 250 -16.61 62.73 -45.94
CA GLY A 250 -16.82 62.41 -44.55
C GLY A 250 -16.70 63.62 -43.64
N VAL A 251 -16.45 63.32 -42.36
CA VAL A 251 -16.45 64.34 -41.32
C VAL A 251 -15.33 65.35 -41.54
N GLY A 252 -14.18 64.90 -42.05
CA GLY A 252 -13.02 65.76 -42.09
C GLY A 252 -12.36 65.95 -40.75
N ASN A 253 -12.85 65.28 -39.72
CA ASN A 253 -12.25 65.25 -38.39
C ASN A 253 -11.82 63.83 -38.09
N TYR A 254 -10.68 63.70 -37.44
CA TYR A 254 -9.98 62.43 -37.38
C TYR A 254 -9.53 62.13 -35.96
N LEU A 255 -9.55 60.85 -35.64
CA LEU A 255 -9.04 60.36 -34.37
C LEU A 255 -7.98 59.31 -34.67
N ALA A 256 -6.79 59.52 -34.12
CA ALA A 256 -5.77 58.50 -34.08
C ALA A 256 -5.39 58.31 -32.62
N THR A 257 -5.54 57.09 -32.12
CA THR A 257 -4.99 56.80 -30.81
C THR A 257 -3.51 56.48 -30.87
N GLY A 258 -2.99 56.26 -32.08
CA GLY A 258 -1.59 55.95 -32.22
C GLY A 258 -1.28 54.53 -31.82
N THR A 259 -0.11 54.04 -32.22
CA THR A 259 0.40 52.76 -31.74
C THR A 259 1.89 52.75 -32.01
N TYR A 260 2.52 51.59 -31.82
CA TYR A 260 3.97 51.45 -31.99
C TYR A 260 4.75 52.26 -30.98
N PHE A 261 4.84 51.77 -29.76
CA PHE A 261 5.63 52.45 -28.75
C PHE A 261 7.13 52.37 -29.03
N GLU A 262 7.80 53.48 -28.78
CA GLU A 262 9.24 53.47 -28.72
C GLU A 262 9.63 52.65 -27.50
N PRO A 263 10.39 51.58 -27.65
CA PRO A 263 10.58 50.64 -26.54
C PRO A 263 11.09 51.29 -25.27
N SER A 264 12.03 52.23 -25.38
CA SER A 264 12.58 52.84 -24.18
C SER A 264 11.58 53.77 -23.49
N LEU A 265 10.55 54.22 -24.19
CA LEU A 265 9.62 55.18 -23.64
C LEU A 265 8.37 54.55 -23.04
N TYR A 266 8.15 53.26 -23.25
CA TYR A 266 6.96 52.61 -22.72
C TYR A 266 7.32 51.31 -22.02
N GLU A 267 8.49 51.29 -21.36
CA GLU A 267 8.88 50.11 -20.60
C GLU A 267 7.96 49.88 -19.41
N ASN A 268 7.30 50.90 -18.92
CA ASN A 268 6.35 50.79 -17.82
C ASN A 268 5.06 51.43 -18.26
N PRO A 269 4.23 50.69 -19.00
CA PRO A 269 3.05 51.29 -19.62
C PRO A 269 2.15 51.96 -18.59
N THR A 270 1.79 53.20 -18.88
CA THR A 270 0.78 53.93 -18.15
C THR A 270 -0.15 54.57 -19.16
N ILE A 271 -1.35 54.89 -18.71
CA ILE A 271 -2.27 55.64 -19.56
C ILE A 271 -1.69 57.02 -19.86
N GLU A 272 -1.15 57.68 -18.84
CA GLU A 272 -0.71 59.07 -19.01
C GLU A 272 0.53 59.17 -19.89
N GLY A 273 1.44 58.20 -19.79
CA GLY A 273 2.65 58.23 -20.59
C GLY A 273 2.50 57.67 -21.98
N ARG A 274 1.29 57.28 -22.36
CA ARG A 274 1.11 56.55 -23.61
C ARG A 274 1.44 57.43 -24.81
N ASN A 275 0.88 58.64 -24.85
CA ASN A 275 0.99 59.47 -26.05
C ASN A 275 2.44 59.79 -26.38
N ALA A 276 3.23 60.14 -25.37
CA ALA A 276 4.62 60.51 -25.63
C ALA A 276 5.42 59.34 -26.18
N ALA A 277 5.09 58.12 -25.78
CA ALA A 277 5.86 56.95 -26.18
C ALA A 277 5.54 56.49 -27.59
N LEU A 278 4.45 56.96 -28.18
CA LEU A 278 4.02 56.47 -29.48
C LEU A 278 4.99 56.87 -30.57
N ILE A 279 5.23 55.94 -31.48
CA ILE A 279 5.89 56.26 -32.75
C ILE A 279 4.88 56.71 -33.79
N GLY A 280 3.86 55.88 -34.02
CA GLY A 280 2.76 56.31 -34.86
C GLY A 280 1.90 57.16 -33.98
N ARG A 281 2.02 58.47 -34.14
CA ARG A 281 1.50 59.40 -33.14
C ARG A 281 -0.03 59.35 -33.06
N SER A 282 -0.52 59.47 -31.84
CA SER A 282 -1.91 59.80 -31.64
C SER A 282 -2.16 61.24 -32.06
N GLY A 283 -3.43 61.61 -32.11
CA GLY A 283 -3.78 62.96 -32.46
C GLY A 283 -5.20 63.02 -32.93
N VAL A 284 -5.90 64.05 -32.52
CA VAL A 284 -7.22 64.35 -33.00
C VAL A 284 -7.09 65.54 -33.93
N PHE A 285 -7.66 65.45 -35.10
CA PHE A 285 -7.65 66.55 -36.07
C PHE A 285 -9.08 66.99 -36.28
N ALA A 286 -9.48 68.08 -35.63
CA ALA A 286 -10.86 68.52 -35.66
C ALA A 286 -10.91 70.00 -35.96
N ASP A 287 -11.84 70.39 -36.83
CA ASP A 287 -12.00 71.79 -37.21
C ASP A 287 -10.69 72.37 -37.73
N GLY A 288 -9.94 71.54 -38.46
CA GLY A 288 -8.67 71.99 -39.01
C GLY A 288 -7.58 72.20 -38.00
N ARG A 289 -7.72 71.68 -36.79
CA ARG A 289 -6.76 71.93 -35.72
C ARG A 289 -6.35 70.61 -35.09
N TYR A 290 -5.13 70.60 -34.57
CA TYR A 290 -4.57 69.42 -33.91
C TYR A 290 -4.82 69.48 -32.41
N PHE A 291 -5.22 68.35 -31.86
CA PHE A 291 -5.46 68.17 -30.44
C PHE A 291 -4.75 66.90 -29.99
N GLU A 292 -4.31 66.89 -28.75
CA GLU A 292 -3.78 65.67 -28.18
C GLU A 292 -4.92 64.69 -27.90
N PHE A 293 -4.73 63.43 -28.26
CA PHE A 293 -5.72 62.43 -27.90
C PHE A 293 -5.72 62.21 -26.40
N ASP A 294 -6.91 62.13 -25.82
CA ASP A 294 -7.08 61.80 -24.42
C ASP A 294 -8.25 60.83 -24.30
N GLN A 295 -7.97 59.62 -23.83
CA GLN A 295 -9.01 58.61 -23.73
C GLN A 295 -10.16 59.05 -22.83
N ALA A 296 -9.90 59.97 -21.90
CA ALA A 296 -10.96 60.48 -21.05
C ALA A 296 -12.05 61.19 -21.84
N ASN A 297 -11.73 61.67 -23.04
CA ASN A 297 -12.69 62.36 -23.88
C ASN A 297 -13.56 61.41 -24.69
N VAL A 298 -13.34 60.11 -24.51
CA VAL A 298 -14.10 59.15 -25.35
C VAL A 298 -15.42 58.80 -24.68
N THR A 299 -16.54 58.99 -25.38
CA THR A 299 -17.82 58.51 -24.90
C THR A 299 -18.39 57.59 -25.96
N GLU A 300 -19.31 56.74 -25.53
CA GLU A 300 -20.07 55.93 -26.47
C GLU A 300 -21.54 56.20 -26.23
N ASP A 301 -22.21 56.59 -27.30
CA ASP A 301 -23.64 56.88 -27.32
C ASP A 301 -24.38 55.68 -27.89
N VAL A 302 -25.49 55.31 -27.27
CA VAL A 302 -26.28 54.21 -27.80
C VAL A 302 -27.69 54.67 -28.17
N THR A 303 -27.86 55.97 -28.40
CA THR A 303 -29.18 56.51 -28.70
C THR A 303 -29.81 55.81 -29.90
N HIS A 304 -29.03 55.65 -30.97
CA HIS A 304 -29.49 54.96 -32.16
C HIS A 304 -28.91 53.57 -32.27
N SER A 305 -28.31 53.06 -31.20
CA SER A 305 -27.75 51.74 -31.16
C SER A 305 -28.67 50.79 -30.40
N PHE A 306 -28.57 49.51 -30.70
CA PHE A 306 -29.44 48.53 -30.09
C PHE A 306 -28.97 48.19 -28.68
N TYR A 307 -28.79 49.21 -27.85
CA TYR A 307 -28.38 49.00 -26.47
C TYR A 307 -29.18 49.93 -25.58
N GLU A 308 -29.39 49.47 -24.35
CA GLU A 308 -29.99 50.31 -23.34
C GLU A 308 -29.01 51.41 -22.94
N GLY A 309 -29.54 52.59 -22.67
CA GLY A 309 -28.70 53.67 -22.23
C GLY A 309 -29.33 55.01 -22.55
N ASN A 310 -29.07 56.01 -21.71
CA ASN A 310 -29.65 57.33 -21.90
C ASN A 310 -28.62 58.44 -21.97
N ARG A 311 -27.35 58.15 -21.72
CA ARG A 311 -26.31 59.15 -21.80
C ARG A 311 -25.05 58.53 -22.36
N PRO A 312 -24.23 59.31 -23.05
CA PRO A 312 -22.93 58.80 -23.49
C PRO A 312 -22.10 58.39 -22.29
N LEU A 313 -21.41 57.27 -22.42
CA LEU A 313 -20.65 56.70 -21.31
C LEU A 313 -19.19 56.63 -21.71
N HIS A 314 -18.33 57.13 -20.85
CA HIS A 314 -16.93 56.81 -21.00
C HIS A 314 -16.75 55.31 -20.82
N PRO A 315 -15.94 54.66 -21.65
CA PRO A 315 -15.92 53.19 -21.63
C PRO A 315 -15.51 52.58 -20.29
N PHE A 316 -14.79 53.31 -19.45
CA PHE A 316 -14.51 52.79 -18.11
C PHE A 316 -15.80 52.52 -17.36
N GLU A 317 -16.84 53.32 -17.61
CA GLU A 317 -18.18 53.06 -17.10
C GLU A 317 -19.11 52.54 -18.19
N GLY A 318 -18.54 52.02 -19.26
CA GLY A 318 -19.36 51.55 -20.37
C GLY A 318 -20.22 50.38 -19.98
N GLU A 319 -21.30 50.22 -20.74
CA GLU A 319 -22.25 49.14 -20.56
C GLU A 319 -22.65 48.64 -21.93
N THR A 320 -22.87 47.35 -22.04
CA THR A 320 -23.32 46.75 -23.29
C THR A 320 -24.54 45.92 -22.94
N ILE A 321 -25.69 46.58 -22.91
CA ILE A 321 -26.95 45.91 -22.58
C ILE A 321 -27.80 45.93 -23.82
N PRO A 322 -27.84 44.84 -24.59
CA PRO A 322 -28.58 44.85 -25.85
C PRO A 322 -30.06 45.05 -25.62
N VAL A 323 -30.69 45.70 -26.58
CA VAL A 323 -32.14 45.74 -26.66
C VAL A 323 -32.54 44.98 -27.91
N ASN A 324 -33.73 44.42 -27.89
CA ASN A 324 -34.19 43.65 -29.01
C ASN A 324 -34.32 44.57 -30.22
N PRO A 325 -33.75 44.21 -31.38
CA PRO A 325 -33.75 45.13 -32.52
C PRO A 325 -35.14 45.55 -32.95
N GLU A 326 -36.16 44.72 -32.73
CA GLU A 326 -37.52 45.14 -33.01
C GLU A 326 -37.91 46.34 -32.15
N ASP A 327 -37.71 46.22 -30.83
CA ASP A 327 -38.00 47.32 -29.93
C ASP A 327 -37.13 48.53 -30.24
N GLY A 328 -35.83 48.29 -30.46
CA GLY A 328 -34.93 49.39 -30.74
C GLY A 328 -35.32 50.15 -31.98
N ARG A 329 -35.71 49.44 -33.04
CA ARG A 329 -36.19 50.09 -34.24
C ARG A 329 -37.46 50.88 -33.97
N ARG A 330 -38.31 50.37 -33.07
CA ARG A 330 -39.43 51.20 -32.64
C ARG A 330 -38.97 52.47 -31.95
N GLN A 331 -37.78 52.44 -31.35
CA GLN A 331 -37.22 53.63 -30.70
C GLN A 331 -36.27 54.41 -31.60
N GLY A 332 -36.23 54.11 -32.88
CA GLY A 332 -35.32 54.80 -33.78
C GLY A 332 -33.90 54.28 -33.78
N LYS A 333 -33.61 53.24 -33.02
CA LYS A 333 -32.30 52.61 -33.06
C LYS A 333 -32.19 51.75 -34.32
N TYR A 334 -31.01 51.74 -34.93
CA TYR A 334 -30.89 51.03 -36.20
C TYR A 334 -29.57 50.29 -36.36
N SER A 335 -28.72 50.23 -35.35
CA SER A 335 -27.43 49.61 -35.55
C SER A 335 -26.94 48.97 -34.27
N TRP A 336 -26.29 47.83 -34.41
CA TRP A 336 -25.56 47.26 -33.29
C TRP A 336 -24.27 48.00 -32.97
N ALA A 337 -23.87 48.93 -33.84
CA ALA A 337 -22.72 49.77 -33.53
C ALA A 337 -23.09 50.78 -32.46
N LYS A 338 -22.24 50.89 -31.45
CA LYS A 338 -22.31 52.07 -30.61
C LYS A 338 -21.81 53.27 -31.42
N SER A 339 -22.09 54.46 -30.91
CA SER A 339 -21.68 55.72 -31.53
C SER A 339 -20.57 56.33 -30.70
N PRO A 340 -19.31 55.99 -30.97
CA PRO A 340 -18.23 56.63 -30.22
C PRO A 340 -18.14 58.09 -30.63
N ARG A 341 -18.02 58.95 -29.65
CA ARG A 341 -17.85 60.37 -29.86
C ARG A 341 -16.68 60.82 -29.01
N TYR A 342 -16.04 61.90 -29.44
CA TYR A 342 -14.88 62.44 -28.76
C TYR A 342 -15.18 63.87 -28.38
N ALA A 343 -14.92 64.21 -27.12
CA ALA A 343 -15.12 65.58 -26.66
C ALA A 343 -13.96 66.43 -27.15
N VAL A 344 -14.21 67.24 -28.16
CA VAL A 344 -13.26 68.23 -28.64
C VAL A 344 -13.68 69.59 -28.10
N PRO A 345 -12.80 70.32 -27.41
CA PRO A 345 -13.18 71.63 -26.89
C PRO A 345 -13.66 72.56 -27.99
N GLY A 346 -14.71 73.30 -27.70
CA GLY A 346 -15.32 74.17 -28.69
C GLY A 346 -16.16 73.47 -29.72
N LEU A 347 -16.19 72.13 -29.71
CA LEU A 347 -17.00 71.38 -30.65
C LEU A 347 -17.94 70.39 -29.99
N GLY A 348 -17.77 70.09 -28.71
CA GLY A 348 -18.62 69.10 -28.07
C GLY A 348 -18.17 67.69 -28.40
N ASN A 349 -19.09 66.75 -28.23
CA ASN A 349 -18.80 65.34 -28.50
C ASN A 349 -19.08 65.06 -29.96
N VAL A 350 -18.02 65.03 -30.76
CA VAL A 350 -18.15 64.96 -32.21
C VAL A 350 -17.77 63.56 -32.71
N PRO A 351 -18.28 63.15 -33.86
CA PRO A 351 -17.73 61.95 -34.49
C PRO A 351 -16.38 62.26 -35.10
N LEU A 352 -15.49 61.28 -34.99
CA LEU A 352 -14.15 61.41 -35.55
C LEU A 352 -13.93 60.22 -36.46
N GLU A 353 -13.45 60.48 -37.67
CA GLU A 353 -13.08 59.39 -38.55
C GLU A 353 -11.78 58.78 -38.07
N THR A 354 -11.75 57.45 -37.97
CA THR A 354 -10.53 56.76 -37.62
C THR A 354 -10.00 56.03 -38.85
N GLY A 355 -8.73 55.72 -38.80
CA GLY A 355 -8.15 54.95 -39.87
C GLY A 355 -6.83 55.51 -40.31
N PRO A 356 -6.30 54.96 -41.38
CA PRO A 356 -5.02 55.44 -41.89
C PRO A 356 -5.02 56.93 -42.16
N LEU A 357 -6.10 57.46 -42.70
CA LEU A 357 -6.15 58.91 -42.94
C LEU A 357 -6.04 59.68 -41.64
N ALA A 358 -6.73 59.21 -40.60
CA ALA A 358 -6.61 59.84 -39.29
C ALA A 358 -5.17 59.77 -38.80
N ARG A 359 -4.53 58.63 -39.00
CA ARG A 359 -3.13 58.49 -38.58
C ARG A 359 -2.22 59.44 -39.34
N ARG A 360 -2.41 59.55 -40.65
CA ARG A 360 -1.57 60.44 -41.45
C ARG A 360 -1.76 61.88 -41.03
N MET A 361 -3.01 62.28 -40.76
CA MET A 361 -3.24 63.62 -40.26
C MET A 361 -2.54 63.83 -38.93
N ALA A 362 -2.63 62.84 -38.04
CA ALA A 362 -1.94 62.94 -36.75
C ALA A 362 -0.45 63.03 -36.95
N ALA A 363 0.08 62.28 -37.91
CA ALA A 363 1.50 62.32 -38.22
C ALA A 363 1.91 63.66 -38.79
N SER A 364 0.95 64.44 -39.29
CA SER A 364 1.25 65.78 -39.76
C SER A 364 1.21 66.82 -38.64
N ALA A 365 0.91 66.42 -37.41
CA ALA A 365 0.87 67.37 -36.31
C ALA A 365 2.28 67.92 -36.04
N PRO A 366 2.37 69.15 -35.54
CA PRO A 366 3.67 69.71 -35.18
C PRO A 366 4.27 68.98 -33.99
N ASP A 367 5.52 69.34 -33.68
CA ASP A 367 6.17 68.93 -32.43
C ASP A 367 6.27 67.42 -32.31
N ALA A 368 6.61 66.76 -33.40
CA ALA A 368 6.90 65.34 -33.34
C ALA A 368 8.25 65.12 -32.67
N GLU A 369 8.31 64.18 -31.74
CA GLU A 369 9.58 63.78 -31.18
C GLU A 369 10.36 62.93 -32.19
N THR A 370 11.63 62.69 -31.89
CA THR A 370 12.51 62.04 -32.85
C THR A 370 12.00 60.65 -33.24
N HIS A 371 11.48 59.91 -32.27
CA HIS A 371 10.97 58.56 -32.51
C HIS A 371 9.64 58.56 -33.24
N GLN A 372 9.02 59.70 -33.44
CA GLN A 372 7.63 59.76 -33.85
C GLN A 372 7.49 60.02 -35.34
N ASP A 373 6.41 59.46 -35.90
CA ASP A 373 6.05 59.66 -37.30
C ASP A 373 5.77 61.15 -37.54
N ASP A 374 6.64 61.79 -38.30
CA ASP A 374 6.47 63.19 -38.71
C ASP A 374 6.35 63.20 -40.23
N ASP A 375 5.14 63.33 -40.72
CA ASP A 375 4.86 63.21 -42.15
C ASP A 375 3.86 64.29 -42.55
N PRO A 376 4.27 65.29 -43.33
CA PRO A 376 3.34 66.34 -43.73
C PRO A 376 2.51 65.99 -44.95
N LEU A 377 2.67 64.78 -45.51
CA LEU A 377 2.07 64.48 -46.79
C LEU A 377 0.55 64.67 -46.75
N PHE A 378 -0.09 64.12 -45.73
CA PHE A 378 -1.54 64.14 -45.76
C PHE A 378 -2.15 65.39 -45.16
N ALA A 379 -1.39 66.17 -44.38
CA ALA A 379 -1.81 67.54 -44.15
C ALA A 379 -1.93 68.28 -45.48
N ASP A 380 -0.92 68.11 -46.33
CA ASP A 380 -0.93 68.77 -47.63
C ASP A 380 -2.05 68.25 -48.52
N ILE A 381 -2.25 66.92 -48.54
CA ILE A 381 -3.31 66.35 -49.36
C ILE A 381 -4.67 66.82 -48.86
N TYR A 382 -4.87 66.83 -47.54
CA TYR A 382 -6.12 67.31 -46.97
C TYR A 382 -6.38 68.76 -47.34
N ASN A 383 -5.34 69.59 -47.30
CA ASN A 383 -5.54 70.99 -47.64
C ASN A 383 -5.71 71.20 -49.14
N ALA A 384 -5.14 70.30 -49.95
CA ALA A 384 -5.15 70.50 -51.40
C ALA A 384 -6.43 69.98 -52.02
N ILE A 385 -6.77 68.72 -51.74
CA ILE A 385 -7.95 68.10 -52.33
C ILE A 385 -8.94 67.60 -51.30
N GLY A 386 -8.61 67.62 -50.01
CA GLY A 386 -9.52 67.22 -48.99
C GLY A 386 -9.71 65.71 -48.96
N PRO A 387 -10.45 65.23 -47.98
CA PRO A 387 -10.71 63.80 -47.89
C PRO A 387 -11.60 63.34 -49.02
N SER A 388 -11.49 62.05 -49.33
CA SER A 388 -12.32 61.41 -50.34
C SER A 388 -12.04 59.92 -50.26
N VAL A 389 -12.78 59.14 -51.04
CA VAL A 389 -12.48 57.72 -51.15
C VAL A 389 -11.03 57.53 -51.57
N MET A 390 -10.60 58.29 -52.57
CA MET A 390 -9.23 58.18 -53.07
C MET A 390 -8.21 58.54 -52.00
N VAL A 391 -8.44 59.65 -51.30
CA VAL A 391 -7.47 60.11 -50.32
C VAL A 391 -7.42 59.17 -49.12
N ARG A 392 -8.59 58.69 -48.69
CA ARG A 392 -8.62 57.71 -47.61
C ARG A 392 -7.84 56.45 -48.00
N GLN A 393 -8.08 55.96 -49.22
CA GLN A 393 -7.36 54.79 -49.68
C GLN A 393 -5.87 55.06 -49.78
N LEU A 394 -5.50 56.24 -50.26
CA LEU A 394 -4.09 56.58 -50.40
C LEU A 394 -3.41 56.64 -49.05
N ALA A 395 -4.12 57.12 -48.03
CA ALA A 395 -3.55 57.09 -46.68
C ALA A 395 -3.27 55.66 -46.25
N ARG A 396 -4.25 54.78 -46.47
CA ARG A 396 -4.06 53.37 -46.13
C ARG A 396 -2.83 52.80 -46.84
N MET A 397 -2.74 53.02 -48.14
CA MET A 397 -1.66 52.48 -48.94
C MET A 397 -0.33 53.11 -48.58
N HIS A 398 -0.34 54.41 -48.23
CA HIS A 398 0.87 55.11 -47.82
C HIS A 398 1.47 54.48 -46.59
N GLU A 399 0.63 53.92 -45.72
CA GLU A 399 1.17 53.26 -44.54
C GLU A 399 2.01 52.03 -44.87
N GLY A 400 1.79 51.40 -46.01
CA GLY A 400 2.55 50.24 -46.42
C GLY A 400 4.05 50.46 -46.39
N PRO A 401 4.55 51.39 -47.21
CA PRO A 401 6.00 51.67 -47.17
C PRO A 401 6.48 52.12 -45.81
N LYS A 402 5.71 52.96 -45.15
CA LYS A 402 6.13 53.52 -43.86
C LYS A 402 6.23 52.42 -42.81
N TYR A 403 5.19 51.61 -42.69
CA TYR A 403 5.20 50.54 -41.72
C TYR A 403 6.22 49.47 -42.07
N TYR A 404 6.41 49.21 -43.36
CA TYR A 404 7.45 48.25 -43.74
C TYR A 404 8.80 48.72 -43.22
N LYS A 405 9.12 49.99 -43.44
CA LYS A 405 10.40 50.50 -42.96
C LYS A 405 10.50 50.40 -41.44
N TRP A 406 9.42 50.74 -40.75
CA TRP A 406 9.44 50.64 -39.28
C TRP A 406 9.68 49.21 -38.83
N VAL A 407 8.99 48.26 -39.46
CA VAL A 407 9.13 46.86 -39.07
C VAL A 407 10.54 46.38 -39.33
N ARG A 408 11.08 46.72 -40.49
CA ARG A 408 12.44 46.32 -40.81
C ARG A 408 13.41 46.85 -39.76
N GLN A 409 13.26 48.12 -39.39
CA GLN A 409 14.12 48.67 -38.36
C GLN A 409 13.91 47.99 -37.02
N TRP A 410 12.66 47.71 -36.65
CA TRP A 410 12.40 47.07 -35.36
C TRP A 410 13.03 45.68 -35.32
N LEU A 411 12.94 44.94 -36.42
CA LEU A 411 13.59 43.65 -36.48
C LEU A 411 15.08 43.80 -36.28
N ASP A 412 15.67 44.84 -36.86
CA ASP A 412 17.07 45.13 -36.58
C ASP A 412 17.30 45.51 -35.12
N ASP A 413 16.29 46.12 -34.49
CA ASP A 413 16.44 46.61 -33.12
C ASP A 413 16.38 45.50 -32.09
N LEU A 414 15.85 44.34 -32.46
CA LEU A 414 15.73 43.25 -31.50
C LEU A 414 17.10 42.89 -30.96
N GLU A 415 17.19 42.81 -29.64
CA GLU A 415 18.41 42.41 -28.96
C GLU A 415 18.12 41.01 -28.42
N LEU A 416 18.53 40.00 -29.19
CA LEU A 416 17.99 38.67 -28.99
C LEU A 416 18.39 38.07 -27.64
N LYS A 417 19.52 38.51 -27.09
CA LYS A 417 19.94 38.04 -25.78
C LYS A 417 19.13 38.63 -24.64
N GLU A 418 18.34 39.67 -24.91
CA GLU A 418 17.65 40.39 -23.85
C GLU A 418 16.25 39.84 -23.63
N SER A 419 15.65 40.29 -22.54
CA SER A 419 14.38 39.75 -22.08
C SER A 419 13.26 40.10 -23.04
N PHE A 420 12.30 39.18 -23.13
CA PHE A 420 11.08 39.40 -23.88
C PHE A 420 9.86 39.45 -22.96
N TYR A 421 10.07 39.31 -21.67
CA TYR A 421 8.95 39.16 -20.76
C TYR A 421 9.45 39.46 -19.35
N THR A 422 8.74 40.33 -18.67
CA THR A 422 8.93 40.56 -17.24
C THR A 422 7.67 40.07 -16.57
N LYS A 423 7.79 39.03 -15.75
CA LYS A 423 6.64 38.47 -15.11
C LYS A 423 5.94 39.56 -14.29
N PRO A 424 4.70 39.87 -14.57
CA PRO A 424 4.01 40.93 -13.84
C PRO A 424 3.36 40.37 -12.57
N VAL A 425 2.99 41.28 -11.69
CA VAL A 425 2.11 40.95 -10.59
C VAL A 425 0.68 41.04 -11.11
N GLU A 426 -0.06 39.94 -11.01
CA GLU A 426 -1.45 39.90 -11.47
C GLU A 426 -2.32 40.48 -10.35
N TYR A 427 -2.39 41.81 -10.33
CA TYR A 427 -3.13 42.49 -9.27
C TYR A 427 -4.61 42.16 -9.34
N ALA A 428 -5.23 42.03 -8.16
CA ALA A 428 -6.65 41.74 -8.08
C ALA A 428 -7.49 42.91 -8.56
N GLU A 429 -6.95 44.11 -8.53
CA GLU A 429 -7.64 45.32 -8.94
C GLU A 429 -6.79 46.03 -9.98
N GLY A 430 -7.45 46.81 -10.82
CA GLY A 430 -6.71 47.60 -11.78
C GLY A 430 -7.59 48.24 -12.81
N LYS A 431 -7.17 49.38 -13.34
CA LYS A 431 -7.87 50.01 -14.45
C LYS A 431 -6.86 50.17 -15.57
N GLY A 432 -7.15 49.58 -16.70
CA GLY A 432 -6.22 49.54 -17.82
C GLY A 432 -6.84 50.20 -19.03
N PHE A 433 -6.01 50.91 -19.78
CA PHE A 433 -6.40 51.43 -21.07
C PHE A 433 -5.34 50.95 -22.05
N GLY A 434 -5.76 50.18 -23.02
CA GLY A 434 -4.85 49.75 -24.06
C GLY A 434 -5.35 50.32 -25.35
N SER A 435 -4.48 50.92 -26.15
CA SER A 435 -4.94 51.37 -27.44
C SER A 435 -3.87 51.10 -28.48
N THR A 436 -4.34 50.96 -29.70
CA THR A 436 -3.46 50.73 -30.83
C THR A 436 -4.13 51.31 -32.05
N GLU A 437 -3.40 51.28 -33.13
CA GLU A 437 -4.04 51.67 -34.39
C GLU A 437 -4.07 50.37 -35.14
N ALA A 438 -5.22 49.78 -35.15
CA ALA A 438 -5.38 48.60 -35.99
C ALA A 438 -5.34 49.12 -37.41
N ALA A 439 -5.31 48.22 -38.38
CA ALA A 439 -5.29 48.68 -39.78
C ALA A 439 -6.35 49.76 -40.02
N ARG A 440 -7.52 49.60 -39.42
CA ARG A 440 -8.65 50.49 -39.73
C ARG A 440 -8.72 51.68 -38.79
N GLY A 441 -7.84 51.72 -37.81
CA GLY A 441 -7.83 52.91 -36.97
C GLY A 441 -7.78 52.67 -35.49
N ALA A 442 -8.16 53.69 -34.74
CA ALA A 442 -8.07 53.67 -33.27
C ALA A 442 -8.84 52.49 -32.70
N LEU A 443 -8.12 51.60 -32.07
CA LEU A 443 -8.77 50.46 -31.42
C LEU A 443 -8.41 50.60 -29.94
N SER A 444 -9.40 50.53 -29.08
CA SER A 444 -9.10 50.82 -27.66
C SER A 444 -9.86 49.89 -26.74
N ASP A 445 -9.20 49.46 -25.67
CA ASP A 445 -9.79 48.66 -24.61
C ASP A 445 -9.72 49.48 -23.34
N TRP A 446 -10.85 49.61 -22.67
CA TRP A 446 -10.91 50.09 -21.30
C TRP A 446 -11.30 48.90 -20.44
N ILE A 447 -10.42 48.49 -19.56
CA ILE A 447 -10.67 47.31 -18.73
C ILE A 447 -10.63 47.74 -17.27
N VAL A 448 -11.54 47.18 -16.50
CA VAL A 448 -11.58 47.35 -15.06
C VAL A 448 -11.52 45.95 -14.49
N ILE A 449 -10.44 45.66 -13.79
CA ILE A 449 -10.24 44.41 -13.08
C ILE A 449 -10.58 44.65 -11.62
N GLU A 450 -11.45 43.81 -11.09
CA GLU A 450 -11.83 43.87 -9.69
C GLU A 450 -11.92 42.45 -9.17
N ASP A 451 -11.38 42.24 -7.97
CA ASP A 451 -11.48 40.94 -7.32
C ASP A 451 -10.91 39.85 -8.24
N SER A 452 -9.80 40.16 -8.89
CA SER A 452 -9.10 39.23 -9.78
C SER A 452 -10.02 38.74 -10.90
N LYS A 453 -10.98 39.56 -11.29
CA LYS A 453 -11.90 39.24 -12.36
C LYS A 453 -12.09 40.47 -13.21
N ILE A 454 -12.58 40.26 -14.43
CA ILE A 454 -12.92 41.38 -15.28
C ILE A 454 -14.22 41.99 -14.75
N LYS A 455 -14.12 43.20 -14.20
CA LYS A 455 -15.31 43.89 -13.76
C LYS A 455 -16.00 44.61 -14.92
N ASN A 456 -15.21 45.29 -15.75
CA ASN A 456 -15.75 45.87 -16.96
C ASN A 456 -14.74 45.69 -18.07
N TYR A 457 -15.24 45.58 -19.29
CA TYR A 457 -14.39 45.43 -20.45
C TYR A 457 -15.12 46.10 -21.60
N GLN A 458 -14.62 47.24 -22.04
CA GLN A 458 -15.26 47.99 -23.10
C GLN A 458 -14.28 48.14 -24.23
N VAL A 459 -14.65 47.66 -25.41
CA VAL A 459 -13.84 47.77 -26.60
C VAL A 459 -14.49 48.81 -27.49
N VAL A 460 -13.65 49.72 -27.96
CA VAL A 460 -14.13 50.70 -28.96
C VAL A 460 -13.23 50.49 -30.17
N THR A 461 -13.83 50.02 -31.23
CA THR A 461 -13.06 49.68 -32.43
C THR A 461 -13.12 50.84 -33.41
N PRO A 462 -12.16 50.93 -34.34
CA PRO A 462 -12.11 52.01 -35.29
C PRO A 462 -13.38 52.03 -36.14
N THR A 463 -13.86 50.87 -36.57
CA THR A 463 -15.06 50.95 -37.43
C THR A 463 -16.25 51.38 -36.57
N ALA A 464 -16.21 51.10 -35.28
CA ALA A 464 -17.29 51.64 -34.44
C ALA A 464 -17.21 53.17 -34.53
N TRP A 465 -16.01 53.73 -34.44
CA TRP A 465 -15.90 55.17 -34.61
C TRP A 465 -16.48 55.61 -35.95
N ASN A 466 -16.09 54.92 -37.02
CA ASN A 466 -16.43 55.35 -38.37
C ASN A 466 -17.90 55.07 -38.73
N ILE A 467 -18.37 53.88 -38.40
CA ILE A 467 -19.66 53.39 -38.89
C ILE A 467 -20.74 53.49 -37.83
N GLY A 468 -20.39 53.84 -36.60
CA GLY A 468 -21.37 54.01 -35.55
C GLY A 468 -22.44 54.98 -35.95
N PRO A 469 -23.66 54.75 -35.48
CA PRO A 469 -24.80 55.51 -35.96
C PRO A 469 -24.85 56.93 -35.42
N ARG A 470 -25.93 57.64 -35.73
CA ARG A 470 -26.12 58.99 -35.19
C ARG A 470 -26.11 58.95 -33.67
N ASP A 471 -25.54 59.99 -33.08
CA ASP A 471 -25.50 60.11 -31.63
C ASP A 471 -26.81 60.73 -31.15
N ALA A 472 -26.85 61.13 -29.88
CA ALA A 472 -28.04 61.76 -29.33
C ALA A 472 -28.36 63.08 -30.05
N SER A 473 -27.34 63.76 -30.55
CA SER A 473 -27.56 64.99 -31.30
C SER A 473 -27.88 64.74 -32.77
N GLU A 474 -28.15 63.50 -33.15
CA GLU A 474 -28.46 63.11 -34.52
C GLU A 474 -27.31 63.41 -35.47
N VAL A 475 -26.10 63.59 -34.95
CA VAL A 475 -24.94 63.84 -35.79
C VAL A 475 -24.50 62.52 -36.40
N LEU A 476 -24.45 62.49 -37.73
CA LEU A 476 -24.14 61.26 -38.44
C LEU A 476 -22.70 60.82 -38.12
N GLY A 477 -22.50 59.51 -38.11
CA GLY A 477 -21.18 58.97 -37.92
C GLY A 477 -20.33 59.25 -39.14
N PRO A 478 -19.01 59.11 -39.02
CA PRO A 478 -18.13 59.46 -40.13
C PRO A 478 -18.48 58.77 -41.44
N ILE A 479 -18.79 57.46 -41.40
CA ILE A 479 -19.13 56.77 -42.64
C ILE A 479 -20.48 57.25 -43.14
N GLU A 480 -21.41 57.51 -42.23
CA GLU A 480 -22.72 58.02 -42.66
C GLU A 480 -22.56 59.36 -43.37
N GLN A 481 -21.75 60.26 -42.82
CA GLN A 481 -21.57 61.54 -43.52
C GLN A 481 -20.77 61.37 -44.79
N ALA A 482 -19.83 60.42 -44.83
CA ALA A 482 -19.09 60.17 -46.07
C ALA A 482 -20.01 59.65 -47.16
N LEU A 483 -20.99 58.83 -46.78
CA LEU A 483 -21.97 58.35 -47.75
C LEU A 483 -22.81 59.49 -48.28
N VAL A 484 -23.14 60.46 -47.43
CA VAL A 484 -23.91 61.61 -47.87
C VAL A 484 -23.09 62.41 -48.86
N GLY A 485 -23.70 62.74 -50.00
CA GLY A 485 -23.01 63.35 -51.10
C GLY A 485 -22.49 62.38 -52.14
N SER A 486 -22.56 61.08 -51.88
CA SER A 486 -22.07 60.11 -52.84
C SER A 486 -23.03 60.02 -54.03
N PRO A 487 -22.52 60.05 -55.25
CA PRO A 487 -23.41 59.84 -56.40
C PRO A 487 -23.89 58.40 -56.42
N ILE A 488 -25.07 58.20 -57.00
CA ILE A 488 -25.64 56.87 -57.18
C ILE A 488 -26.03 56.76 -58.65
N VAL A 489 -25.13 56.21 -59.46
CA VAL A 489 -25.43 56.02 -60.87
C VAL A 489 -26.49 54.93 -61.05
N ASP A 490 -26.38 53.86 -60.28
CA ASP A 490 -27.25 52.70 -60.42
C ASP A 490 -27.71 52.26 -59.05
N ALA A 491 -28.97 52.50 -58.73
CA ALA A 491 -29.52 52.04 -57.45
C ALA A 491 -29.57 50.53 -57.34
N GLU A 492 -29.61 49.82 -58.48
CA GLU A 492 -29.58 48.36 -58.46
C GLU A 492 -28.22 47.83 -58.03
N ASP A 493 -27.15 48.52 -58.39
CA ASP A 493 -25.80 48.20 -57.93
C ASP A 493 -25.15 49.49 -57.43
N PRO A 494 -25.56 49.95 -56.24
CA PRO A 494 -25.06 51.23 -55.73
C PRO A 494 -23.61 51.10 -55.28
N VAL A 495 -22.71 50.89 -56.23
CA VAL A 495 -21.32 50.58 -55.90
C VAL A 495 -20.65 51.72 -55.16
N GLU A 496 -21.13 52.96 -55.32
CA GLU A 496 -20.50 54.08 -54.62
C GLU A 496 -20.66 53.97 -53.12
N LEU A 497 -21.79 53.45 -52.66
CA LEU A 497 -21.94 53.16 -51.23
C LEU A 497 -20.86 52.18 -50.78
N GLY A 498 -20.62 51.14 -51.58
CA GLY A 498 -19.54 50.23 -51.27
C GLY A 498 -18.19 50.90 -51.28
N HIS A 499 -17.96 51.80 -52.25
CA HIS A 499 -16.69 52.52 -52.31
C HIS A 499 -16.47 53.31 -51.04
N VAL A 500 -17.50 54.01 -50.57
CA VAL A 500 -17.35 54.85 -49.40
C VAL A 500 -17.16 54.01 -48.16
N ALA A 501 -18.04 53.01 -47.95
CA ALA A 501 -17.94 52.19 -46.75
C ALA A 501 -16.63 51.42 -46.72
N ARG A 502 -16.22 50.86 -47.86
CA ARG A 502 -15.00 50.09 -47.92
C ARG A 502 -13.75 50.95 -47.94
N SER A 503 -13.86 52.23 -48.34
CA SER A 503 -12.70 53.11 -48.27
C SER A 503 -12.26 53.31 -46.83
N PHE A 504 -13.20 53.18 -45.90
CA PHE A 504 -12.86 53.11 -44.48
C PHE A 504 -12.33 51.76 -44.07
N ASP A 505 -12.28 50.80 -44.99
CA ASP A 505 -11.87 49.44 -44.67
C ASP A 505 -12.77 48.88 -43.57
N SER A 506 -14.04 49.26 -43.64
CA SER A 506 -14.99 48.91 -42.54
C SER A 506 -14.89 47.46 -42.09
N CYS A 507 -14.86 47.28 -40.79
CA CYS A 507 -14.87 45.90 -40.28
C CYS A 507 -16.06 45.82 -39.34
N LEU A 508 -17.10 45.14 -39.77
CA LEU A 508 -18.33 45.15 -38.96
C LEU A 508 -18.22 44.18 -37.78
N VAL A 509 -17.43 43.14 -37.90
CA VAL A 509 -17.29 42.27 -36.71
C VAL A 509 -16.60 43.08 -35.61
N CYS A 510 -15.68 43.92 -36.00
CA CYS A 510 -15.06 44.79 -34.99
C CYS A 510 -16.07 45.82 -34.52
N THR A 511 -16.82 46.33 -35.47
CA THR A 511 -17.72 47.44 -35.08
C THR A 511 -18.57 47.04 -33.88
N VAL A 512 -19.13 45.83 -33.90
CA VAL A 512 -20.08 45.43 -32.88
C VAL A 512 -19.42 44.66 -31.76
N HIS A 513 -18.49 43.77 -32.09
CA HIS A 513 -17.96 42.80 -31.14
C HIS A 513 -19.07 42.24 -30.25
N ALA B 48 -17.81 22.77 -58.61
CA ALA B 48 -18.39 22.65 -57.27
C ALA B 48 -18.66 24.03 -56.68
N SER B 49 -19.93 24.42 -56.67
CA SER B 49 -20.32 25.73 -56.15
C SER B 49 -20.13 25.77 -54.63
N VAL B 50 -19.60 26.88 -54.15
CA VAL B 50 -19.38 27.07 -52.72
C VAL B 50 -20.03 28.39 -52.32
N LEU B 51 -20.87 28.32 -51.30
CA LEU B 51 -21.44 29.51 -50.69
C LEU B 51 -20.92 29.58 -49.26
N TRP B 52 -20.19 30.64 -48.96
CA TRP B 52 -19.57 30.81 -47.66
C TRP B 52 -20.29 31.95 -46.96
N PHE B 53 -20.99 31.61 -45.88
CA PHE B 53 -21.73 32.57 -45.09
C PHE B 53 -21.06 32.73 -43.74
N GLN B 54 -21.27 33.89 -43.13
CA GLN B 54 -20.72 34.20 -41.82
C GLN B 54 -21.87 34.56 -40.90
N GLY B 55 -21.98 33.85 -39.79
CA GLY B 55 -22.95 34.20 -38.77
C GLY B 55 -22.28 35.01 -37.68
N GLY B 56 -22.24 34.47 -36.47
CA GLY B 56 -21.55 35.15 -35.36
C GLY B 56 -20.07 34.88 -35.52
N ALA B 57 -19.51 35.46 -36.55
CA ALA B 57 -18.11 35.17 -36.89
C ALA B 57 -17.24 36.40 -36.66
N CYS B 58 -15.95 36.14 -36.54
CA CYS B 58 -15.05 37.29 -36.50
C CYS B 58 -14.30 37.32 -37.83
N SER B 59 -14.61 36.38 -38.71
CA SER B 59 -13.96 36.30 -40.04
C SER B 59 -12.52 35.74 -39.92
N GLY B 60 -12.12 35.34 -38.72
CA GLY B 60 -10.78 34.75 -38.59
C GLY B 60 -10.63 33.47 -39.39
N ASN B 61 -11.71 32.72 -39.55
CA ASN B 61 -11.55 31.50 -40.39
C ASN B 61 -11.33 31.92 -41.84
N THR B 62 -12.08 32.91 -42.26
CA THR B 62 -11.84 33.43 -43.62
C THR B 62 -10.39 33.95 -43.73
N MET B 63 -9.94 34.76 -42.77
CA MET B 63 -8.59 35.29 -42.89
C MET B 63 -7.53 34.18 -42.88
N SER B 64 -7.71 33.21 -41.98
CA SER B 64 -6.83 32.06 -41.97
C SER B 64 -6.87 31.35 -43.32
N PHE B 65 -8.08 31.13 -43.83
CA PHE B 65 -8.28 30.53 -45.14
C PHE B 65 -7.55 31.30 -46.22
N LEU B 66 -7.61 32.63 -46.16
CA LEU B 66 -6.89 33.45 -47.12
C LEU B 66 -5.39 33.29 -46.99
N ASN B 67 -4.89 32.86 -45.84
CA ASN B 67 -3.48 32.53 -45.72
C ASN B 67 -3.12 31.20 -46.39
N ALA B 68 -4.08 30.55 -47.05
CA ALA B 68 -3.82 29.22 -47.58
C ALA B 68 -2.62 29.24 -48.51
N ASP B 69 -1.82 28.19 -48.41
CA ASP B 69 -0.75 27.93 -49.36
C ASP B 69 -0.84 26.47 -49.76
N GLU B 70 -0.60 26.19 -51.03
CA GLU B 70 -0.61 24.83 -51.54
C GLU B 70 -1.91 24.11 -51.15
N PRO B 71 -3.06 24.50 -51.71
CA PRO B 71 -3.19 25.61 -52.67
C PRO B 71 -3.34 26.95 -51.97
N ASN B 72 -2.94 28.04 -52.62
CA ASN B 72 -3.36 29.31 -52.06
C ASN B 72 -4.82 29.55 -52.43
N VAL B 73 -5.41 30.56 -51.80
CA VAL B 73 -6.86 30.73 -51.88
C VAL B 73 -7.28 31.02 -53.31
N VAL B 74 -6.50 31.82 -54.04
CA VAL B 74 -6.88 32.17 -55.40
C VAL B 74 -6.85 30.93 -56.28
N ASP B 75 -5.79 30.12 -56.17
CA ASP B 75 -5.72 28.89 -56.95
C ASP B 75 -6.81 27.91 -56.54
N LEU B 76 -7.17 27.87 -55.27
CA LEU B 76 -8.28 27.04 -54.84
C LEU B 76 -9.58 27.49 -55.49
N ILE B 77 -9.82 28.79 -55.49
CA ILE B 77 -11.09 29.31 -55.99
C ILE B 77 -11.17 29.18 -57.51
N VAL B 78 -10.05 29.34 -58.20
CA VAL B 78 -10.06 29.37 -59.66
C VAL B 78 -9.72 27.99 -60.22
N ASP B 79 -8.54 27.48 -59.90
CA ASP B 79 -7.93 26.35 -60.59
C ASP B 79 -8.39 24.98 -60.10
N PHE B 80 -9.16 24.89 -59.02
CA PHE B 80 -9.63 23.60 -58.53
C PHE B 80 -11.12 23.37 -58.80
N GLY B 81 -11.72 24.18 -59.67
CA GLY B 81 -13.10 23.95 -60.03
C GLY B 81 -14.08 24.21 -58.92
N LEU B 82 -13.72 25.03 -57.94
CA LEU B 82 -14.58 25.39 -56.83
C LEU B 82 -15.13 26.79 -57.10
N ASP B 83 -16.38 26.86 -57.52
CA ASP B 83 -17.01 28.13 -57.90
C ASP B 83 -17.52 28.80 -56.62
N LEU B 84 -16.76 29.75 -56.10
CA LEU B 84 -17.16 30.48 -54.89
C LEU B 84 -18.27 31.43 -55.28
N LEU B 85 -19.52 31.01 -55.03
CA LEU B 85 -20.66 31.81 -55.42
C LEU B 85 -20.65 33.15 -54.73
N TRP B 86 -20.37 33.15 -53.43
CA TRP B 86 -20.33 34.38 -52.69
C TRP B 86 -19.65 34.10 -51.36
N HIS B 87 -19.08 35.13 -50.81
CA HIS B 87 -18.43 35.14 -49.52
C HIS B 87 -18.52 36.57 -49.02
N PRO B 88 -18.97 36.81 -47.79
CA PRO B 88 -19.18 38.19 -47.35
C PRO B 88 -17.91 39.02 -47.39
N SER B 89 -16.75 38.38 -47.25
CA SER B 89 -15.48 39.09 -47.29
C SER B 89 -14.91 39.20 -48.69
N LEU B 90 -15.40 38.41 -49.64
CA LEU B 90 -14.80 38.33 -50.96
C LEU B 90 -15.78 38.46 -52.10
N GLY B 91 -17.07 38.22 -51.88
CA GLY B 91 -18.02 38.26 -52.97
C GLY B 91 -18.15 39.66 -53.54
N LEU B 92 -18.28 39.71 -54.86
CA LEU B 92 -18.43 41.01 -55.53
C LEU B 92 -19.84 41.56 -55.32
N GLU B 93 -20.83 40.69 -55.36
CA GLU B 93 -22.22 41.13 -55.32
C GLU B 93 -22.57 41.73 -53.97
N LEU B 94 -23.38 42.79 -54.00
CA LEU B 94 -23.95 43.36 -52.80
C LEU B 94 -25.46 43.44 -52.97
N GLY B 95 -26.12 43.71 -51.85
CA GLY B 95 -27.53 44.04 -51.90
C GLY B 95 -28.34 42.98 -52.61
N ASN B 96 -29.18 43.42 -53.55
CA ASN B 96 -30.15 42.52 -54.17
C ASN B 96 -29.49 41.49 -55.06
N ASN B 97 -28.37 41.82 -55.71
CA ASN B 97 -27.68 40.82 -56.52
C ASN B 97 -27.15 39.68 -55.64
N ALA B 98 -26.55 40.03 -54.51
CA ALA B 98 -26.11 39.02 -53.56
C ALA B 98 -27.28 38.21 -53.06
N GLN B 99 -28.38 38.87 -52.71
CA GLN B 99 -29.56 38.16 -52.22
C GLN B 99 -30.11 37.24 -53.29
N LYS B 100 -30.03 37.65 -54.55
CA LYS B 100 -30.46 36.78 -55.63
C LYS B 100 -29.63 35.50 -55.64
N VAL B 101 -28.31 35.64 -55.47
CA VAL B 101 -27.47 34.45 -55.38
C VAL B 101 -27.92 33.57 -54.21
N PHE B 102 -28.14 34.19 -53.05
CA PHE B 102 -28.48 33.42 -51.86
C PHE B 102 -29.80 32.70 -52.03
N TRP B 103 -30.80 33.41 -52.55
CA TRP B 103 -32.13 32.83 -52.72
C TRP B 103 -32.12 31.73 -53.76
N ASP B 104 -31.34 31.90 -54.84
CA ASP B 104 -31.22 30.83 -55.82
C ASP B 104 -30.62 29.59 -55.19
N CYS B 105 -29.61 29.76 -54.33
CA CYS B 105 -29.06 28.60 -53.63
C CYS B 105 -30.09 27.99 -52.68
N ALA B 106 -30.82 28.83 -51.94
CA ALA B 106 -31.71 28.33 -50.90
C ALA B 106 -32.89 27.58 -51.49
N LYS B 107 -33.46 28.09 -52.59
CA LYS B 107 -34.63 27.50 -53.21
C LYS B 107 -34.31 26.41 -54.22
N GLY B 108 -33.03 26.12 -54.45
CA GLY B 108 -32.66 25.10 -55.39
C GLY B 108 -32.64 25.54 -56.84
N GLU B 109 -32.77 26.84 -57.11
CA GLU B 109 -32.73 27.32 -58.48
C GLU B 109 -31.37 27.07 -59.12
N ARG B 110 -30.31 27.17 -58.33
CA ARG B 110 -28.97 26.80 -58.74
C ARG B 110 -28.38 25.83 -57.73
N PRO B 111 -27.54 24.91 -58.18
CA PRO B 111 -26.97 23.93 -57.24
C PRO B 111 -26.06 24.57 -56.21
N LEU B 112 -26.07 23.99 -55.01
CA LEU B 112 -25.20 24.41 -53.93
C LEU B 112 -24.44 23.17 -53.48
N ASP B 113 -23.18 23.06 -53.87
CA ASP B 113 -22.42 21.86 -53.55
C ASP B 113 -21.85 21.93 -52.14
N ILE B 114 -21.24 23.05 -51.78
CA ILE B 114 -20.64 23.21 -50.47
C ILE B 114 -21.16 24.50 -49.86
N PHE B 115 -21.82 24.38 -48.73
CA PHE B 115 -22.20 25.53 -47.92
C PHE B 115 -21.21 25.58 -46.76
N VAL B 116 -20.33 26.56 -46.80
CA VAL B 116 -19.42 26.80 -45.70
C VAL B 116 -20.07 27.83 -44.79
N PHE B 117 -20.06 27.50 -43.51
CA PHE B 117 -20.63 28.45 -42.54
C PHE B 117 -19.55 28.75 -41.52
N GLU B 118 -19.37 30.03 -41.30
CA GLU B 118 -18.36 30.47 -40.34
C GLU B 118 -19.09 31.30 -39.29
N GLY B 119 -18.63 31.25 -38.06
CA GLY B 119 -19.38 31.99 -37.06
C GLY B 119 -20.51 31.20 -36.50
N THR B 120 -21.06 31.71 -35.43
CA THR B 120 -22.11 30.94 -34.79
C THR B 120 -23.46 31.15 -35.44
N VAL B 121 -24.32 30.20 -35.23
CA VAL B 121 -25.73 30.42 -35.56
C VAL B 121 -26.30 31.21 -34.40
N ILE B 122 -26.61 32.47 -34.64
CA ILE B 122 -27.11 33.35 -33.60
C ILE B 122 -28.63 33.21 -33.55
N GLU B 123 -29.15 32.83 -32.39
CA GLU B 123 -30.57 32.65 -32.22
C GLU B 123 -31.23 33.73 -31.39
N ALA B 124 -30.48 34.47 -30.60
CA ALA B 124 -31.05 35.54 -29.82
C ALA B 124 -31.45 36.69 -30.74
N PRO B 125 -32.43 37.52 -30.31
CA PRO B 125 -33.18 37.40 -29.07
C PRO B 125 -34.34 36.42 -29.16
N ASN B 126 -34.59 35.67 -28.08
CA ASN B 126 -35.79 34.85 -27.96
C ASN B 126 -35.95 33.89 -29.14
N GLY B 127 -34.84 33.35 -29.62
CA GLY B 127 -34.90 32.42 -30.72
C GLY B 127 -35.23 33.03 -32.06
N THR B 128 -35.33 34.36 -32.15
CA THR B 128 -35.62 35.01 -33.42
C THR B 128 -34.39 35.15 -34.31
N GLY B 129 -33.19 35.12 -33.72
CA GLY B 129 -31.99 35.27 -34.52
C GLY B 129 -31.73 36.66 -35.02
N GLN B 130 -32.44 37.66 -34.51
CA GLN B 130 -32.32 39.01 -35.03
C GLN B 130 -31.07 39.73 -34.55
N MET B 131 -30.30 39.13 -33.64
CA MET B 131 -28.97 39.64 -33.38
C MET B 131 -28.00 39.30 -34.51
N ASP B 132 -28.46 38.58 -35.52
CA ASP B 132 -27.68 38.32 -36.73
C ASP B 132 -28.65 38.40 -37.90
N MET B 133 -28.87 39.60 -38.39
CA MET B 133 -29.72 39.82 -39.55
C MET B 133 -28.82 39.90 -40.77
N PHE B 134 -29.07 39.05 -41.75
CA PHE B 134 -28.25 39.01 -42.95
C PHE B 134 -29.15 38.94 -44.17
N ALA B 135 -28.98 39.89 -45.08
CA ALA B 135 -29.65 39.90 -46.37
C ALA B 135 -31.16 39.76 -46.19
N GLY B 136 -31.70 40.47 -45.21
CA GLY B 136 -33.13 40.55 -45.01
C GLY B 136 -33.74 39.43 -44.18
N ARG B 137 -32.94 38.53 -43.64
CA ARG B 137 -33.44 37.44 -42.81
C ARG B 137 -32.53 37.28 -41.60
N PRO B 138 -33.03 36.69 -40.52
CA PRO B 138 -32.11 36.19 -39.50
C PRO B 138 -31.17 35.19 -40.15
N MET B 139 -29.89 35.28 -39.79
CA MET B 139 -28.92 34.42 -40.42
C MET B 139 -29.27 32.95 -40.21
N LYS B 140 -29.88 32.62 -39.07
CA LYS B 140 -30.24 31.24 -38.80
C LYS B 140 -31.22 30.70 -39.83
N ASP B 141 -32.10 31.56 -40.36
CA ASP B 141 -33.00 31.11 -41.42
C ASP B 141 -32.24 30.81 -42.70
N TRP B 142 -31.28 31.66 -43.06
CA TRP B 142 -30.38 31.35 -44.17
C TRP B 142 -29.70 30.02 -43.92
N VAL B 143 -29.24 29.79 -42.70
CA VAL B 143 -28.54 28.55 -42.39
C VAL B 143 -29.45 27.37 -42.63
N THR B 144 -30.68 27.46 -42.13
CA THR B 144 -31.66 26.39 -42.33
C THR B 144 -31.79 26.08 -43.83
N ASP B 145 -32.07 27.11 -44.61
CA ASP B 145 -32.34 26.90 -46.04
C ASP B 145 -31.11 26.35 -46.75
N LEU B 146 -29.95 26.96 -46.52
CA LEU B 146 -28.76 26.62 -47.29
C LEU B 146 -28.18 25.28 -46.86
N ALA B 147 -28.19 25.00 -45.55
CA ALA B 147 -27.77 23.68 -45.10
C ALA B 147 -28.70 22.61 -45.64
N GLY B 148 -30.00 22.91 -45.75
CA GLY B 148 -30.90 21.97 -46.40
C GLY B 148 -30.69 21.86 -47.89
N ALA B 149 -30.08 22.86 -48.51
CA ALA B 149 -29.86 22.83 -49.96
C ALA B 149 -28.51 22.26 -50.35
N ALA B 150 -27.50 22.37 -49.48
CA ALA B 150 -26.14 22.05 -49.88
C ALA B 150 -25.93 20.54 -50.00
N GLN B 151 -25.05 20.16 -50.91
CA GLN B 151 -24.59 18.77 -50.96
C GLN B 151 -23.73 18.45 -49.76
N ILE B 152 -22.89 19.38 -49.36
CA ILE B 152 -22.01 19.25 -48.20
C ILE B 152 -22.12 20.54 -47.42
N VAL B 153 -22.21 20.42 -46.10
CA VAL B 153 -22.18 21.57 -45.21
C VAL B 153 -20.90 21.47 -44.41
N VAL B 154 -20.11 22.53 -44.43
CA VAL B 154 -18.87 22.61 -43.68
C VAL B 154 -18.99 23.75 -42.69
N ALA B 155 -18.89 23.44 -41.41
CA ALA B 155 -18.76 24.45 -40.38
C ALA B 155 -17.27 24.70 -40.19
N ILE B 156 -16.85 25.93 -40.44
CA ILE B 156 -15.43 26.24 -40.30
C ILE B 156 -15.26 27.09 -39.05
N GLY B 157 -14.41 26.64 -38.16
CA GLY B 157 -14.16 27.38 -36.92
C GLY B 157 -15.10 26.94 -35.82
N ASP B 158 -14.63 27.05 -34.58
CA ASP B 158 -15.41 26.57 -33.43
C ASP B 158 -16.78 27.23 -33.38
N CYS B 159 -16.82 28.51 -33.72
CA CYS B 159 -18.12 29.19 -33.61
C CYS B 159 -19.14 28.37 -34.40
N ALA B 160 -18.79 28.06 -35.63
CA ALA B 160 -19.77 27.35 -36.48
C ALA B 160 -19.89 25.89 -36.04
N CYS B 161 -18.77 25.28 -35.67
CA CYS B 161 -18.80 23.86 -35.31
C CYS B 161 -19.54 23.63 -34.01
N PHE B 162 -19.21 24.40 -32.99
CA PHE B 162 -19.63 24.12 -31.62
C PHE B 162 -20.16 25.33 -30.87
N GLY B 163 -20.11 26.52 -31.44
CA GLY B 163 -20.59 27.68 -30.70
C GLY B 163 -19.45 28.58 -30.27
N GLY B 164 -18.32 27.98 -29.91
CA GLY B 164 -17.09 28.70 -29.69
C GLY B 164 -17.20 29.82 -28.68
N ILE B 165 -16.41 30.87 -28.91
CA ILE B 165 -16.34 31.98 -27.98
C ILE B 165 -17.68 32.67 -27.80
N PRO B 166 -18.47 32.97 -28.84
CA PRO B 166 -19.75 33.64 -28.60
C PRO B 166 -20.69 32.82 -27.74
N ALA B 167 -20.56 31.50 -27.75
CA ALA B 167 -21.39 30.65 -26.92
C ALA B 167 -20.92 30.58 -25.47
N MET B 168 -19.79 31.20 -25.14
CA MET B 168 -19.40 31.37 -23.75
C MET B 168 -20.52 32.01 -22.97
N GLU B 169 -20.72 31.53 -21.74
CA GLU B 169 -21.72 32.15 -20.89
C GLU B 169 -21.36 33.63 -20.70
N PRO B 170 -22.36 34.53 -20.67
CA PRO B 170 -23.79 34.22 -20.70
C PRO B 170 -24.41 34.01 -22.09
N ASN B 171 -23.58 33.92 -23.13
CA ASN B 171 -24.06 33.69 -24.49
C ASN B 171 -25.14 34.70 -24.89
N PRO B 172 -24.82 35.99 -24.91
CA PRO B 172 -25.84 37.00 -25.19
C PRO B 172 -26.50 36.81 -26.54
N SER B 173 -25.77 36.32 -27.53
CA SER B 173 -26.29 36.17 -28.88
C SER B 173 -27.06 34.87 -29.06
N GLY B 174 -27.21 34.06 -28.02
CA GLY B 174 -27.85 32.77 -28.21
C GLY B 174 -27.11 31.97 -29.26
N SER B 175 -25.80 32.04 -29.25
CA SER B 175 -24.99 31.40 -30.27
C SER B 175 -24.96 29.89 -30.07
N THR B 176 -24.91 29.17 -31.18
CA THR B 176 -24.72 27.73 -31.15
C THR B 176 -24.00 27.33 -32.43
N GLY B 177 -23.47 26.13 -32.43
CA GLY B 177 -22.88 25.61 -33.64
C GLY B 177 -23.92 25.02 -34.56
N LEU B 178 -23.47 24.65 -35.76
CA LEU B 178 -24.38 24.08 -36.74
C LEU B 178 -24.97 22.77 -36.25
N GLN B 179 -24.12 21.85 -35.83
CA GLN B 179 -24.58 20.54 -35.38
C GLN B 179 -24.11 20.21 -33.98
N PHE B 180 -23.45 21.14 -33.31
CA PHE B 180 -23.03 20.95 -31.93
C PHE B 180 -23.28 22.22 -31.16
N HIS B 181 -23.57 22.07 -29.88
CA HIS B 181 -23.38 23.15 -28.93
C HIS B 181 -22.33 22.67 -27.95
N LYS B 182 -21.13 23.23 -28.06
CA LYS B 182 -19.97 22.67 -27.38
C LYS B 182 -19.90 21.19 -27.71
N ARG B 183 -19.65 20.33 -26.71
CA ARG B 183 -19.52 18.91 -27.02
C ARG B 183 -20.84 18.26 -27.37
N GLU B 184 -21.96 18.84 -26.94
CA GLU B 184 -23.25 18.20 -27.13
C GLU B 184 -23.66 18.24 -28.59
N LYS B 185 -23.83 17.07 -29.19
CA LYS B 185 -24.26 16.99 -30.57
C LYS B 185 -25.68 17.53 -30.73
N GLY B 186 -25.90 18.22 -31.84
CA GLY B 186 -27.21 18.68 -32.25
C GLY B 186 -27.19 20.13 -32.70
N GLY B 187 -26.54 21.00 -31.94
CA GLY B 187 -26.43 22.41 -32.29
C GLY B 187 -27.69 23.00 -32.88
N PHE B 188 -27.54 23.76 -33.96
CA PHE B 188 -28.70 24.41 -34.55
C PHE B 188 -29.47 23.46 -35.47
N LEU B 189 -28.76 22.64 -36.25
CA LEU B 189 -29.40 21.82 -37.26
C LEU B 189 -29.94 20.51 -36.72
N GLY B 190 -29.61 20.14 -35.50
CA GLY B 190 -30.06 18.89 -34.94
C GLY B 190 -29.05 17.79 -35.16
N PRO B 191 -29.04 16.80 -34.26
CA PRO B 191 -28.06 15.71 -34.39
C PRO B 191 -28.23 14.90 -35.65
N ASP B 192 -29.44 14.85 -36.20
CA ASP B 192 -29.74 13.98 -37.33
C ASP B 192 -29.63 14.69 -38.67
N PHE B 193 -29.21 15.95 -38.69
CA PHE B 193 -29.05 16.65 -39.96
C PHE B 193 -28.02 15.92 -40.82
N ARG B 194 -28.35 15.74 -42.08
CA ARG B 194 -27.41 15.26 -43.08
C ARG B 194 -27.54 16.12 -44.31
N SER B 195 -26.41 16.45 -44.92
CA SER B 195 -26.47 17.16 -46.19
C SER B 195 -26.93 16.20 -47.28
N LYS B 196 -27.06 16.72 -48.50
CA LYS B 196 -27.57 15.91 -49.59
C LYS B 196 -26.60 14.80 -49.99
N MET B 197 -25.31 14.95 -49.72
CA MET B 197 -24.38 13.86 -49.94
C MET B 197 -24.37 12.87 -48.78
N GLY B 198 -25.28 13.01 -47.83
CA GLY B 198 -25.40 12.11 -46.71
C GLY B 198 -24.49 12.41 -45.54
N LEU B 199 -23.63 13.39 -45.66
CA LEU B 199 -22.69 13.68 -44.59
C LEU B 199 -23.33 14.55 -43.52
N PRO B 200 -22.89 14.44 -42.28
CA PRO B 200 -23.27 15.46 -41.31
C PRO B 200 -22.51 16.72 -41.63
N VAL B 201 -22.72 17.78 -40.85
CA VAL B 201 -21.86 18.94 -40.99
C VAL B 201 -20.42 18.52 -40.77
N ILE B 202 -19.56 18.82 -41.73
CA ILE B 202 -18.14 18.60 -41.58
C ILE B 202 -17.60 19.72 -40.70
N ASN B 203 -17.15 19.37 -39.51
CA ASN B 203 -16.66 20.37 -38.56
C ASN B 203 -15.16 20.52 -38.77
N VAL B 204 -14.76 21.69 -39.27
CA VAL B 204 -13.37 22.07 -39.35
C VAL B 204 -13.14 23.04 -38.20
N PRO B 205 -12.78 22.55 -36.99
CA PRO B 205 -12.77 23.43 -35.86
C PRO B 205 -11.51 24.27 -35.81
N GLY B 206 -11.27 24.85 -34.67
CA GLY B 206 -10.16 25.77 -34.57
C GLY B 206 -10.73 27.16 -34.41
N CYS B 207 -9.91 28.04 -33.90
CA CYS B 207 -10.42 29.40 -33.65
C CYS B 207 -9.25 30.33 -33.92
N PRO B 208 -8.86 30.51 -35.20
CA PRO B 208 -9.62 29.96 -36.32
C PRO B 208 -9.07 28.62 -36.79
N ALA B 209 -9.80 28.03 -37.72
CA ALA B 209 -9.24 26.86 -38.38
C ALA B 209 -7.99 27.26 -39.15
N HIS B 210 -7.04 26.37 -39.19
CA HIS B 210 -5.89 26.52 -40.07
C HIS B 210 -6.34 26.44 -41.52
N PRO B 211 -5.75 27.23 -42.42
CA PRO B 211 -6.21 27.18 -43.81
C PRO B 211 -6.21 25.79 -44.40
N ASP B 212 -5.23 24.97 -44.05
CA ASP B 212 -5.16 23.62 -44.68
C ASP B 212 -6.34 22.77 -44.22
N TRP B 213 -6.83 23.02 -43.02
CA TRP B 213 -7.89 22.14 -42.48
C TRP B 213 -9.12 22.21 -43.39
N ILE B 214 -9.27 23.33 -44.05
CA ILE B 214 -10.42 23.49 -44.98
C ILE B 214 -9.94 23.29 -46.42
N THR B 215 -8.81 23.90 -46.78
CA THR B 215 -8.39 23.86 -48.17
C THR B 215 -8.08 22.45 -48.62
N GLN B 216 -7.45 21.64 -47.78
CA GLN B 216 -7.16 20.27 -48.19
C GLN B 216 -8.42 19.45 -48.28
N ILE B 217 -9.40 19.73 -47.43
CA ILE B 217 -10.70 19.09 -47.59
C ILE B 217 -11.34 19.50 -48.90
N LEU B 218 -11.27 20.79 -49.23
CA LEU B 218 -11.85 21.27 -50.48
C LEU B 218 -11.13 20.68 -51.68
N VAL B 219 -9.81 20.55 -51.59
CA VAL B 219 -9.04 19.92 -52.66
C VAL B 219 -9.44 18.46 -52.79
N ALA B 220 -9.57 17.76 -51.66
CA ALA B 220 -9.99 16.37 -51.68
C ALA B 220 -11.33 16.22 -52.36
N LEU B 221 -12.28 17.09 -52.01
CA LEU B 221 -13.58 17.08 -52.66
C LEU B 221 -13.45 17.37 -54.15
N ALA B 222 -12.57 18.30 -54.50
CA ALA B 222 -12.41 18.71 -55.89
C ALA B 222 -11.61 17.71 -56.71
N THR B 223 -10.80 16.87 -56.08
CA THR B 223 -9.95 15.92 -56.79
C THR B 223 -10.50 14.50 -56.73
N GLY B 224 -11.76 14.32 -56.36
CA GLY B 224 -12.35 13.01 -56.32
C GLY B 224 -11.99 12.17 -55.12
N ARG B 225 -11.47 12.80 -54.07
CA ARG B 225 -11.07 12.09 -52.86
C ARG B 225 -12.01 12.35 -51.69
N ALA B 226 -13.26 12.71 -51.97
CA ALA B 226 -14.24 12.87 -50.90
C ALA B 226 -14.34 11.59 -50.09
N GLY B 227 -14.29 10.44 -50.75
CA GLY B 227 -14.36 9.17 -50.06
C GLY B 227 -13.17 8.90 -49.14
N ASP B 228 -12.06 9.61 -49.34
CA ASP B 228 -10.94 9.49 -48.43
C ASP B 228 -11.16 10.25 -47.13
N ILE B 229 -12.16 11.12 -47.07
CA ILE B 229 -12.37 11.95 -45.90
C ILE B 229 -13.15 11.13 -44.87
N THR B 230 -12.51 10.86 -43.74
CA THR B 230 -13.17 10.25 -42.60
C THR B 230 -13.31 11.29 -41.51
N LEU B 231 -14.44 11.26 -40.82
CA LEU B 231 -14.76 12.21 -39.78
C LEU B 231 -14.75 11.51 -38.43
N ASP B 232 -14.27 12.21 -37.40
CA ASP B 232 -14.29 11.64 -36.06
C ASP B 232 -15.67 11.85 -35.45
N ASP B 233 -15.81 11.57 -34.15
CA ASP B 233 -17.10 11.70 -33.49
C ASP B 233 -17.58 13.14 -33.43
N LEU B 234 -16.68 14.10 -33.55
CA LEU B 234 -17.07 15.50 -33.61
C LEU B 234 -17.22 15.99 -35.04
N HIS B 235 -17.26 15.07 -36.01
CA HIS B 235 -17.34 15.38 -37.43
C HIS B 235 -16.11 16.13 -37.92
N ARG B 236 -15.01 15.99 -37.23
CA ARG B 236 -13.79 16.62 -37.72
C ARG B 236 -13.03 15.66 -38.63
N PRO B 237 -12.39 16.20 -39.67
CA PRO B 237 -11.57 15.34 -40.56
C PRO B 237 -10.46 14.67 -39.79
N GLU B 238 -10.51 13.34 -39.74
CA GLU B 238 -9.50 12.59 -39.02
C GLU B 238 -8.11 12.75 -39.61
N THR B 239 -8.02 13.12 -40.89
CA THR B 239 -6.71 13.36 -41.47
C THR B 239 -5.98 14.50 -40.76
N PHE B 240 -6.71 15.36 -40.05
CA PHE B 240 -6.11 16.42 -39.28
C PHE B 240 -6.28 16.26 -37.78
N PHE B 241 -7.28 15.52 -37.32
CA PHE B 241 -7.68 15.56 -35.93
C PHE B 241 -7.55 14.22 -35.22
N LYS B 242 -6.80 13.29 -35.80
CA LYS B 242 -6.36 12.15 -35.00
C LYS B 242 -5.13 12.49 -34.19
N THR B 243 -4.25 13.33 -34.74
CA THR B 243 -3.10 13.77 -33.98
C THR B 243 -3.54 14.73 -32.87
N PHE B 244 -2.59 15.03 -31.99
CA PHE B 244 -2.87 16.02 -30.94
C PHE B 244 -2.11 17.28 -31.29
N THR B 245 -2.44 18.38 -30.64
CA THR B 245 -1.59 19.55 -30.85
C THR B 245 -0.17 19.14 -30.45
N GLN B 246 -0.09 18.33 -29.41
CA GLN B 246 1.26 17.97 -28.90
C GLN B 246 2.05 17.22 -29.98
N THR B 247 1.34 16.61 -30.90
CA THR B 247 2.01 15.79 -31.91
C THR B 247 2.88 16.71 -32.77
N GLY B 248 4.18 16.66 -32.57
CA GLY B 248 5.08 17.51 -33.37
C GLY B 248 5.42 18.76 -32.60
N CYS B 249 4.89 18.85 -31.39
CA CYS B 249 5.27 20.02 -30.57
C CYS B 249 6.78 19.94 -30.31
N THR B 250 7.45 21.07 -30.39
CA THR B 250 8.91 21.10 -30.14
C THR B 250 9.20 20.88 -28.65
N ARG B 251 8.18 20.81 -27.82
CA ARG B 251 8.44 20.71 -26.36
C ARG B 251 8.08 19.33 -25.79
N VAL B 252 7.74 18.40 -26.68
CA VAL B 252 7.29 17.08 -26.15
C VAL B 252 8.44 16.42 -25.37
N GLN B 253 9.68 16.62 -25.79
CA GLN B 253 10.74 15.96 -24.99
C GLN B 253 10.74 16.52 -23.58
N PHE B 254 10.50 17.82 -23.46
CA PHE B 254 10.41 18.40 -22.10
C PHE B 254 9.18 17.81 -21.40
N PHE B 255 8.11 17.64 -22.15
CA PHE B 255 6.89 17.02 -21.57
C PHE B 255 7.27 15.63 -21.07
N GLU B 256 7.94 14.87 -21.90
CA GLU B 256 8.28 13.47 -21.56
C GLU B 256 9.05 13.46 -20.24
N TYR B 257 9.95 14.37 -20.06
CA TYR B 257 10.77 14.45 -18.86
C TYR B 257 10.19 15.39 -17.84
N LYS B 258 8.97 15.87 -18.05
CA LYS B 258 8.26 16.66 -17.07
C LYS B 258 9.06 17.89 -16.68
N GLN B 259 9.64 18.52 -17.70
CA GLN B 259 10.40 19.78 -17.48
C GLN B 259 9.49 20.93 -17.88
N SER B 260 9.22 21.78 -16.92
CA SER B 260 8.20 22.80 -17.20
C SER B 260 8.78 24.12 -17.65
N THR B 261 8.14 24.70 -18.63
CA THR B 261 8.49 26.11 -18.90
C THR B 261 8.00 26.82 -17.63
N LEU B 262 8.78 27.71 -17.12
CA LEU B 262 8.46 28.42 -15.89
C LEU B 262 7.93 29.81 -16.11
N SER B 263 8.25 30.43 -17.24
CA SER B 263 7.86 31.81 -17.47
C SER B 263 7.79 32.05 -18.97
N PHE B 264 7.08 33.11 -19.32
CA PHE B 264 6.95 33.49 -20.72
C PHE B 264 8.22 34.18 -21.19
N GLY B 265 8.20 34.60 -22.44
CA GLY B 265 9.38 35.22 -23.02
C GLY B 265 10.53 34.23 -23.09
N GLU B 266 11.70 34.65 -22.62
CA GLU B 266 12.87 33.79 -22.67
C GLU B 266 12.68 32.50 -21.87
N GLY B 267 11.77 32.50 -20.89
CA GLY B 267 11.47 31.28 -20.18
C GLY B 267 10.99 30.16 -21.09
N THR B 268 10.43 30.51 -22.23
CA THR B 268 9.95 29.51 -23.18
C THR B 268 11.06 28.97 -24.08
N ARG B 269 12.31 29.37 -23.86
CA ARG B 269 13.41 28.73 -24.56
C ARG B 269 13.60 27.30 -24.09
N THR B 270 12.84 26.92 -23.09
CA THR B 270 12.93 25.54 -22.60
C THR B 270 11.58 25.11 -22.05
N GLY B 271 11.48 23.80 -21.81
CA GLY B 271 10.30 23.35 -21.07
C GLY B 271 9.07 23.16 -21.89
N CYS B 272 8.12 22.47 -21.28
CA CYS B 272 6.82 22.27 -21.90
C CYS B 272 5.82 23.15 -21.15
N LEU B 273 4.79 23.61 -21.84
CA LEU B 273 3.85 24.59 -21.22
C LEU B 273 2.72 23.90 -20.47
N PHE B 274 2.77 22.60 -20.41
CA PHE B 274 1.61 21.89 -19.84
C PHE B 274 1.46 22.15 -18.37
N TYR B 275 2.57 22.22 -17.68
CA TYR B 275 2.49 22.22 -16.21
C TYR B 275 2.19 23.57 -15.59
N GLU B 276 2.69 24.63 -16.17
CA GLU B 276 2.51 25.94 -15.59
C GLU B 276 1.59 26.85 -16.39
N PHE B 277 1.40 26.57 -17.68
CA PHE B 277 0.63 27.46 -18.53
C PHE B 277 -0.63 26.83 -19.09
N GLY B 278 -1.02 25.69 -18.57
CA GLY B 278 -2.32 25.15 -18.98
C GLY B 278 -2.35 24.71 -20.42
N CYS B 279 -1.18 24.41 -20.95
CA CYS B 279 -1.18 23.86 -22.33
C CYS B 279 -2.15 22.69 -22.46
N ARG B 280 -3.09 22.81 -23.39
CA ARG B 280 -4.03 21.68 -23.62
C ARG B 280 -3.54 20.78 -24.75
N GLY B 281 -2.31 20.98 -25.18
CA GLY B 281 -1.76 20.19 -26.29
C GLY B 281 -2.08 18.71 -26.19
N PRO B 282 -1.78 18.05 -25.07
CA PRO B 282 -1.98 16.61 -24.95
C PRO B 282 -3.44 16.20 -24.82
N MET B 283 -4.33 17.17 -24.72
CA MET B 283 -5.77 16.85 -24.61
C MET B 283 -6.50 17.41 -25.82
N THR B 284 -5.76 17.84 -26.82
CA THR B 284 -6.41 18.55 -27.94
C THR B 284 -6.03 17.90 -29.26
N HIS B 285 -7.05 17.55 -30.00
CA HIS B 285 -6.80 16.91 -31.29
C HIS B 285 -6.63 18.00 -32.32
N SER B 286 -5.52 17.96 -33.03
CA SER B 286 -5.22 19.00 -34.02
C SER B 286 -3.94 18.58 -34.70
N PRO B 287 -3.62 19.11 -35.89
CA PRO B 287 -2.31 18.88 -36.47
C PRO B 287 -1.52 20.18 -36.36
N CYS B 288 -1.74 20.97 -35.31
CA CYS B 288 -1.07 22.30 -35.26
C CYS B 288 0.44 22.22 -35.27
N ASN B 289 0.96 21.12 -34.76
CA ASN B 289 2.43 20.96 -34.76
C ASN B 289 2.86 20.03 -35.88
N ARG B 290 1.91 19.43 -36.56
CA ARG B 290 2.24 18.66 -37.75
C ARG B 290 2.23 19.58 -38.96
N ILE B 291 1.11 20.27 -39.17
CA ILE B 291 0.98 21.26 -40.22
C ILE B 291 1.09 22.60 -39.54
N LEU B 292 2.20 23.26 -39.72
CA LEU B 292 2.44 24.47 -38.93
C LEU B 292 1.57 25.64 -39.39
N TRP B 293 1.32 26.51 -38.46
CA TRP B 293 0.51 27.69 -38.77
C TRP B 293 1.35 28.66 -39.60
N ASN B 294 0.73 29.23 -40.63
CA ASN B 294 1.41 30.22 -41.48
C ASN B 294 2.71 29.61 -42.02
N ARG B 295 2.75 28.28 -42.11
CA ARG B 295 3.94 27.58 -42.54
C ARG B 295 5.16 27.93 -41.69
N GLN B 296 4.95 28.43 -40.49
CA GLN B 296 6.05 28.87 -39.66
C GLN B 296 6.11 28.17 -38.32
N SER B 297 5.01 28.11 -37.61
CA SER B 297 5.11 27.85 -36.18
C SER B 297 3.79 27.29 -35.68
N SER B 298 3.67 27.29 -34.37
CA SER B 298 2.41 26.93 -33.73
C SER B 298 2.42 27.68 -32.41
N LYS B 299 1.27 27.76 -31.78
CA LYS B 299 1.30 28.41 -30.47
C LYS B 299 2.36 27.76 -29.59
N THR B 300 2.30 26.45 -29.49
CA THR B 300 3.16 25.77 -28.49
C THR B 300 4.63 25.96 -28.83
N ARG B 301 4.95 25.82 -30.09
CA ARG B 301 6.35 26.08 -30.47
C ARG B 301 6.74 27.48 -30.01
N ALA B 302 5.89 28.45 -30.27
CA ALA B 302 6.22 29.83 -29.97
C ALA B 302 6.27 30.11 -28.48
N GLY B 303 5.80 29.19 -27.64
CA GLY B 303 5.73 29.43 -26.22
C GLY B 303 4.35 29.75 -25.71
N MET B 304 3.35 29.71 -26.56
CA MET B 304 1.99 29.93 -26.09
C MET B 304 1.31 28.60 -25.84
N PRO B 305 0.64 28.42 -24.70
CA PRO B 305 -0.08 27.20 -24.50
C PRO B 305 -1.18 26.99 -25.51
N CYS B 306 -1.34 25.74 -25.88
CA CYS B 306 -2.50 25.44 -26.71
C CYS B 306 -3.72 25.66 -25.84
N LEU B 307 -4.68 26.37 -26.40
CA LEU B 307 -5.92 26.65 -25.65
C LEU B 307 -6.96 25.59 -25.97
N GLY B 308 -6.56 24.53 -26.66
CA GLY B 308 -7.50 23.46 -26.99
C GLY B 308 -8.60 23.94 -27.89
N CYS B 309 -8.29 24.86 -28.78
CA CYS B 309 -9.36 25.49 -29.58
C CYS B 309 -9.99 24.52 -30.58
N THR B 310 -9.42 23.39 -30.85
CA THR B 310 -10.07 22.51 -31.85
C THR B 310 -11.07 21.62 -31.12
N GLU B 311 -11.06 21.77 -29.81
CA GLU B 311 -11.94 20.93 -29.00
C GLU B 311 -13.27 21.66 -28.78
N PRO B 312 -14.42 20.96 -28.72
CA PRO B 312 -15.72 21.66 -28.69
C PRO B 312 -15.95 22.48 -27.45
N GLU B 313 -15.26 22.20 -26.35
CA GLU B 313 -15.43 22.98 -25.14
C GLU B 313 -14.76 24.35 -25.21
N PHE B 314 -13.98 24.61 -26.25
CA PHE B 314 -13.25 25.86 -26.31
C PHE B 314 -14.21 27.05 -26.30
N PRO B 315 -13.92 28.10 -25.54
CA PRO B 315 -12.78 28.21 -24.62
C PRO B 315 -13.02 27.40 -23.37
N HIS B 316 -12.01 26.62 -23.00
CA HIS B 316 -12.20 25.70 -21.90
C HIS B 316 -12.40 26.47 -20.60
N PHE B 317 -13.25 25.92 -19.74
CA PHE B 317 -13.60 26.53 -18.47
C PHE B 317 -14.16 27.93 -18.63
N ASP B 318 -14.57 28.27 -19.85
CA ASP B 318 -15.12 29.58 -20.16
C ASP B 318 -14.20 30.69 -19.69
N LEU B 319 -12.89 30.44 -19.73
CA LEU B 319 -11.92 31.46 -19.33
C LEU B 319 -12.23 32.00 -17.94
N ALA B 320 -12.73 31.14 -17.06
CA ALA B 320 -13.03 31.55 -15.71
C ALA B 320 -11.75 32.00 -15.02
N PRO B 321 -11.85 32.84 -14.00
CA PRO B 321 -10.66 33.35 -13.33
C PRO B 321 -9.74 32.22 -12.87
N GLY B 322 -8.44 32.40 -13.10
CA GLY B 322 -7.46 31.42 -12.72
C GLY B 322 -7.21 30.31 -13.73
N THR B 323 -7.92 30.31 -14.85
CA THR B 323 -7.79 29.25 -15.83
C THR B 323 -7.07 29.69 -17.10
N VAL B 324 -6.66 30.94 -17.21
CA VAL B 324 -6.08 31.47 -18.44
C VAL B 324 -4.56 31.41 -18.30
N PHE B 325 -3.93 30.65 -19.18
CA PHE B 325 -2.47 30.46 -19.17
C PHE B 325 -2.00 29.94 -17.83
N LYS B 326 -2.83 29.11 -17.20
CA LYS B 326 -2.49 28.47 -15.94
C LYS B 326 -2.95 27.01 -15.99
N THR B 327 -2.16 26.14 -15.36
CA THR B 327 -2.55 24.76 -15.20
C THR B 327 -3.26 24.61 -13.86
N GLN B 328 -4.55 24.28 -13.90
CA GLN B 328 -5.25 23.98 -12.67
C GLN B 328 -4.70 22.69 -12.08
N LYS B 329 -4.34 22.74 -10.81
CA LYS B 329 -3.69 21.62 -10.15
C LYS B 329 -4.41 21.27 -8.87
N VAL B 330 -4.36 19.99 -8.54
CA VAL B 330 -4.86 19.48 -7.27
C VAL B 330 -3.68 19.36 -6.33
N SER B 331 -3.81 19.92 -5.13
CA SER B 331 -2.76 19.91 -4.12
C SER B 331 -1.47 20.58 -4.62
N GLY B 332 -1.60 21.46 -5.61
CA GLY B 332 -0.49 22.23 -6.11
C GLY B 332 0.49 21.47 -6.98
N MET B 333 0.23 20.22 -7.34
CA MET B 333 1.27 19.46 -8.09
C MET B 333 0.64 18.47 -9.07
N ILE B 334 -0.59 18.05 -8.81
CA ILE B 334 -1.24 17.13 -9.73
C ILE B 334 -2.11 17.95 -10.68
N PRO B 335 -1.85 17.93 -11.98
CA PRO B 335 -2.77 18.62 -12.90
C PRO B 335 -4.16 18.04 -12.79
N LYS B 336 -5.16 18.93 -12.80
CA LYS B 336 -6.54 18.47 -12.79
C LYS B 336 -6.85 17.63 -14.01
N GLU B 337 -6.38 18.06 -15.18
CA GLU B 337 -6.54 17.33 -16.42
C GLU B 337 -5.21 16.75 -16.83
N VAL B 338 -5.19 15.45 -17.09
CA VAL B 338 -3.99 14.77 -17.54
C VAL B 338 -4.12 14.55 -19.04
N PRO B 339 -3.07 14.14 -19.74
CA PRO B 339 -3.20 13.94 -21.18
C PRO B 339 -4.29 12.93 -21.52
N GLU B 340 -4.79 13.06 -22.74
CA GLU B 340 -5.86 12.19 -23.22
C GLU B 340 -5.48 10.73 -23.06
N GLY B 341 -6.38 9.93 -22.50
CA GLY B 341 -6.14 8.48 -22.41
C GLY B 341 -5.24 8.07 -21.28
N THR B 342 -4.85 9.00 -20.43
CA THR B 342 -4.04 8.63 -19.25
C THR B 342 -4.89 8.81 -18.01
N ASP B 343 -4.50 8.18 -16.92
CA ASP B 343 -5.20 8.41 -15.64
C ASP B 343 -4.20 9.11 -14.74
N HIS B 344 -4.68 9.81 -13.74
CA HIS B 344 -3.84 10.60 -12.85
C HIS B 344 -2.80 9.72 -12.17
N LEU B 345 -3.17 8.50 -11.79
CA LEU B 345 -2.25 7.63 -11.06
C LEU B 345 -1.05 7.28 -11.93
N THR B 346 -1.33 6.66 -13.07
CA THR B 346 -0.23 6.27 -13.97
C THR B 346 0.50 7.53 -14.41
N TYR B 347 -0.23 8.57 -14.82
CA TYR B 347 0.43 9.77 -15.33
C TYR B 347 1.40 10.33 -14.29
N MET B 348 0.98 10.42 -13.03
CA MET B 348 1.85 10.96 -11.99
C MET B 348 3.01 10.04 -11.68
N GLY B 349 2.77 8.72 -11.66
CA GLY B 349 3.88 7.81 -11.45
C GLY B 349 4.93 7.92 -12.53
N LEU B 350 4.48 7.91 -13.79
CA LEU B 350 5.41 8.08 -14.90
C LEU B 350 6.07 9.44 -14.85
N ALA B 351 5.35 10.46 -14.40
CA ALA B 351 5.92 11.80 -14.30
C ALA B 351 7.04 11.84 -13.27
N ALA B 352 6.84 11.20 -12.13
CA ALA B 352 7.91 11.12 -11.14
C ALA B 352 9.11 10.37 -11.70
N ALA B 353 8.85 9.24 -12.35
CA ALA B 353 9.94 8.48 -12.94
C ALA B 353 10.69 9.31 -13.98
N ALA B 354 9.96 10.03 -14.82
CA ALA B 354 10.59 10.85 -15.84
C ALA B 354 11.40 11.98 -15.24
N ARG B 355 10.83 12.61 -14.21
CA ARG B 355 11.58 13.69 -13.51
C ARG B 355 12.90 13.12 -12.98
N ILE B 356 12.88 11.90 -12.46
CA ILE B 356 14.11 11.27 -11.97
C ILE B 356 15.06 10.98 -13.12
N ALA B 357 14.53 10.50 -14.25
CA ALA B 357 15.36 10.10 -15.38
C ALA B 357 15.76 11.27 -16.28
N ALA B 358 15.26 12.47 -16.00
CA ALA B 358 15.37 13.55 -16.96
C ALA B 358 16.84 13.87 -17.26
N PRO B 359 17.24 13.90 -18.52
CA PRO B 359 18.60 14.26 -18.86
C PRO B 359 18.83 15.75 -18.67
N GLN B 360 20.11 16.12 -18.61
CA GLN B 360 20.47 17.50 -18.29
C GLN B 360 19.96 18.47 -19.35
N TRP B 361 20.04 18.10 -20.63
CA TRP B 361 19.60 19.01 -21.68
C TRP B 361 18.12 19.35 -21.55
N SER B 362 17.32 18.44 -21.02
CA SER B 362 15.89 18.71 -20.84
C SER B 362 15.65 19.77 -19.78
N LYS B 363 16.65 20.10 -18.99
CA LYS B 363 16.54 21.12 -17.95
C LYS B 363 17.16 22.44 -18.38
N GLU B 364 17.58 22.56 -19.63
CA GLU B 364 18.26 23.74 -20.10
C GLU B 364 17.55 24.33 -21.32
N ASP B 365 17.91 25.57 -21.64
CA ASP B 365 17.38 26.20 -22.84
C ASP B 365 17.73 25.36 -24.06
N MET B 366 16.77 25.21 -24.94
CA MET B 366 17.02 24.53 -26.19
C MET B 366 16.67 25.38 -27.40
N PHE B 367 15.66 26.23 -27.30
CA PHE B 367 15.31 27.15 -28.37
C PHE B 367 16.10 28.44 -28.15
N VAL B 368 17.39 28.30 -28.36
CA VAL B 368 18.35 29.34 -28.09
C VAL B 368 18.43 30.27 -29.28
N VAL B 369 18.94 31.46 -29.05
CA VAL B 369 19.11 32.44 -30.10
C VAL B 369 19.98 31.86 -31.21
N LEU C 1 44.41 24.48 -82.63
CA LEU C 1 44.55 25.06 -81.31
C LEU C 1 44.06 24.11 -80.23
N ASP C 2 44.97 23.66 -79.36
CA ASP C 2 44.57 22.87 -78.21
C ASP C 2 44.08 23.80 -77.12
N LEU C 3 42.81 23.69 -76.76
CA LEU C 3 42.19 24.52 -75.74
C LEU C 3 41.77 23.62 -74.58
N PHE C 4 42.26 23.93 -73.40
CA PHE C 4 41.89 23.22 -72.18
C PHE C 4 41.04 24.16 -71.34
N VAL C 5 39.77 23.82 -71.19
CA VAL C 5 38.82 24.62 -70.42
C VAL C 5 38.65 23.96 -69.06
N SER C 6 39.03 24.70 -68.03
CA SER C 6 38.96 24.22 -66.66
C SER C 6 38.75 25.41 -65.73
N PRO C 7 37.66 25.43 -64.96
CA PRO C 7 36.61 24.43 -64.99
C PRO C 7 35.56 24.74 -66.03
N LEU C 8 34.84 23.72 -66.48
CA LEU C 8 33.59 23.94 -67.21
C LEU C 8 32.48 23.68 -66.20
N GLY C 9 32.06 24.73 -65.52
CA GLY C 9 31.11 24.60 -64.43
C GLY C 9 29.69 24.41 -64.93
N ARG C 10 28.76 24.47 -63.98
CA ARG C 10 27.35 24.25 -64.25
C ARG C 10 27.13 22.89 -64.92
N VAL C 11 27.89 21.91 -64.46
CA VAL C 11 27.69 20.52 -64.86
C VAL C 11 27.66 19.66 -63.60
N GLU C 12 27.26 20.26 -62.48
CA GLU C 12 27.09 19.52 -61.23
C GLU C 12 28.33 18.68 -60.90
N GLY C 13 29.47 19.35 -60.88
CA GLY C 13 30.69 18.66 -60.53
C GLY C 13 31.85 19.21 -61.32
N ASP C 14 32.92 18.43 -61.31
CA ASP C 14 34.22 18.88 -61.76
C ASP C 14 34.48 18.33 -63.15
N LEU C 15 34.46 19.22 -64.14
CA LEU C 15 34.65 18.84 -65.53
C LEU C 15 35.70 19.75 -66.13
N ASP C 16 36.66 19.16 -66.82
CA ASP C 16 37.54 19.89 -67.71
C ASP C 16 37.29 19.37 -69.11
N VAL C 17 37.41 20.25 -70.10
CA VAL C 17 37.19 19.84 -71.48
C VAL C 17 38.40 20.27 -72.28
N ARG C 18 39.07 19.31 -72.89
CA ARG C 18 40.14 19.59 -73.82
C ARG C 18 39.58 19.45 -75.23
N VAL C 19 39.87 20.41 -76.08
CA VAL C 19 39.39 20.36 -77.46
C VAL C 19 40.54 20.72 -78.39
N THR C 20 40.59 20.04 -79.51
CA THR C 20 41.39 20.49 -80.63
C THR C 20 40.49 21.30 -81.54
N ILE C 21 40.93 22.51 -81.85
CA ILE C 21 40.16 23.43 -82.69
C ILE C 21 40.92 23.66 -83.97
N ASN C 22 40.25 23.48 -85.11
CA ASN C 22 40.80 23.83 -86.40
C ASN C 22 39.79 24.68 -87.15
N ASP C 23 40.22 25.85 -87.61
CA ASP C 23 39.38 26.79 -88.33
C ASP C 23 38.12 27.13 -87.53
N GLY C 24 38.28 27.31 -86.22
CA GLY C 24 37.17 27.70 -85.37
C GLY C 24 36.17 26.61 -85.11
N VAL C 25 36.51 25.35 -85.35
CA VAL C 25 35.63 24.21 -85.14
C VAL C 25 36.36 23.18 -84.30
N VAL C 26 35.68 22.64 -83.30
CA VAL C 26 36.26 21.54 -82.54
C VAL C 26 36.38 20.32 -83.44
N THR C 27 37.59 19.78 -83.54
CA THR C 27 37.84 18.59 -84.33
C THR C 27 38.04 17.34 -83.48
N SER C 28 38.47 17.50 -82.24
CA SER C 28 38.50 16.39 -81.31
C SER C 28 38.23 16.94 -79.92
N ALA C 29 37.71 16.08 -79.06
CA ALA C 29 37.39 16.52 -77.71
C ALA C 29 37.66 15.40 -76.73
N TRP C 30 38.10 15.81 -75.54
CA TRP C 30 38.27 14.94 -74.40
C TRP C 30 37.51 15.56 -73.24
N THR C 31 36.63 14.76 -72.63
CA THR C 31 35.99 15.16 -71.40
C THR C 31 36.76 14.53 -70.25
N GLU C 32 37.13 15.35 -69.28
CA GLU C 32 37.92 14.91 -68.14
C GLU C 32 37.07 15.14 -66.89
N ALA C 33 36.46 14.07 -66.39
CA ALA C 33 35.87 14.10 -65.07
C ALA C 33 36.99 14.11 -64.05
N ALA C 34 37.00 15.12 -63.19
CA ALA C 34 38.20 15.42 -62.40
C ALA C 34 38.07 15.11 -60.92
N MET C 35 36.92 14.67 -60.45
CA MET C 35 36.71 14.46 -59.02
C MET C 35 36.16 13.07 -58.78
N PHE C 36 36.79 12.35 -57.85
CA PHE C 36 36.46 10.96 -57.58
C PHE C 36 36.16 10.80 -56.09
N ARG C 37 35.04 10.15 -55.77
CA ARG C 37 34.70 9.82 -54.39
C ARG C 37 34.70 8.33 -54.11
N GLY C 38 34.45 7.51 -55.12
CA GLY C 38 34.56 6.07 -54.95
C GLY C 38 33.47 5.44 -54.12
N PHE C 39 32.21 5.83 -54.35
CA PHE C 39 31.11 5.29 -53.56
C PHE C 39 30.95 3.79 -53.79
N GLU C 40 31.27 3.31 -54.99
CA GLU C 40 31.19 1.87 -55.23
C GLU C 40 32.19 1.13 -54.36
N ILE C 41 33.38 1.70 -54.18
CA ILE C 41 34.36 1.12 -53.27
C ILE C 41 33.82 1.12 -51.85
N ILE C 42 33.23 2.25 -51.44
CA ILE C 42 32.75 2.37 -50.08
C ILE C 42 31.64 1.36 -49.80
N LEU C 43 30.76 1.15 -50.78
CA LEU C 43 29.60 0.31 -50.55
C LEU C 43 29.97 -1.15 -50.35
N ARG C 44 31.12 -1.58 -50.84
CA ARG C 44 31.52 -2.97 -50.70
C ARG C 44 31.60 -3.34 -49.23
N GLY C 45 30.98 -4.46 -48.88
CA GLY C 45 30.99 -4.94 -47.51
C GLY C 45 30.01 -4.25 -46.59
N LYS C 46 29.30 -3.24 -47.07
CA LYS C 46 28.33 -2.54 -46.23
C LYS C 46 27.01 -3.31 -46.19
N ASP C 47 26.10 -2.80 -45.38
CA ASP C 47 24.78 -3.41 -45.29
C ASP C 47 24.15 -3.44 -46.67
N PRO C 48 23.40 -4.50 -46.99
CA PRO C 48 22.81 -4.58 -48.34
C PRO C 48 21.95 -3.38 -48.70
N GLN C 49 21.36 -2.72 -47.71
CA GLN C 49 20.58 -1.53 -47.97
C GLN C 49 21.39 -0.25 -47.87
N ALA C 50 22.70 -0.35 -47.68
CA ALA C 50 23.51 0.85 -47.58
C ALA C 50 23.40 1.69 -48.85
N GLY C 51 23.10 1.06 -49.98
CA GLY C 51 22.93 1.82 -51.20
C GLY C 51 21.84 2.85 -51.08
N LEU C 52 20.77 2.54 -50.36
CA LEU C 52 19.68 3.49 -50.20
C LEU C 52 20.13 4.77 -49.52
N ILE C 53 21.19 4.69 -48.72
CA ILE C 53 21.73 5.87 -48.07
C ILE C 53 22.83 6.50 -48.90
N VAL C 54 23.71 5.66 -49.45
CA VAL C 54 24.91 6.15 -50.12
C VAL C 54 24.61 6.67 -51.52
N CYS C 55 23.89 5.88 -52.31
CA CYS C 55 23.65 6.24 -53.69
C CYS C 55 22.96 7.58 -53.88
N PRO C 56 21.98 8.00 -53.05
CA PRO C 56 21.43 9.33 -53.24
C PRO C 56 22.57 10.34 -53.12
N ARG C 57 23.56 10.05 -52.27
CA ARG C 57 24.67 11.01 -52.07
C ARG C 57 25.62 11.02 -53.27
N ILE C 58 25.33 10.21 -54.27
CA ILE C 58 26.16 10.33 -55.49
C ILE C 58 25.85 11.72 -56.05
N CYS C 59 24.62 12.16 -55.83
CA CYS C 59 24.28 13.43 -56.49
C CYS C 59 23.11 14.15 -55.84
N GLY C 60 23.28 15.44 -55.75
CA GLY C 60 22.27 16.23 -55.05
C GLY C 60 21.04 16.44 -55.85
N ILE C 61 21.24 16.63 -57.14
CA ILE C 61 20.09 16.98 -57.99
C ILE C 61 19.37 15.71 -58.39
N CYS C 62 20.10 14.60 -58.48
CA CYS C 62 19.37 13.40 -58.95
C CYS C 62 19.51 12.26 -57.95
N GLY C 63 19.77 12.60 -56.69
CA GLY C 63 19.85 11.54 -55.68
C GLY C 63 18.54 10.78 -55.55
N GLY C 64 17.41 11.47 -55.71
CA GLY C 64 16.16 10.73 -55.66
C GLY C 64 16.09 9.65 -56.73
N SER C 65 16.67 9.95 -57.87
CA SER C 65 16.74 8.92 -58.94
C SER C 65 17.62 7.78 -58.47
N HIS C 66 18.75 8.13 -57.88
CA HIS C 66 19.65 7.08 -57.36
C HIS C 66 18.88 6.23 -56.36
N LEU C 67 18.13 6.89 -55.51
CA LEU C 67 17.37 6.15 -54.49
C LEU C 67 16.41 5.20 -55.20
N TYR C 68 15.68 5.72 -56.16
CA TYR C 68 14.70 4.93 -56.90
C TYR C 68 15.34 3.67 -57.45
N LYS C 69 16.45 3.82 -58.17
CA LYS C 69 17.04 2.65 -58.80
C LYS C 69 17.74 1.76 -57.78
N SER C 70 18.31 2.32 -56.71
CA SER C 70 18.89 1.47 -55.68
C SER C 70 17.82 0.65 -54.98
N ALA C 71 16.68 1.28 -54.70
CA ALA C 71 15.57 0.55 -54.11
C ALA C 71 15.15 -0.59 -55.03
N TYR C 72 15.02 -0.30 -56.33
CA TYR C 72 14.61 -1.36 -57.23
C TYR C 72 15.69 -2.42 -57.40
N ALA C 73 16.96 -2.03 -57.29
CA ALA C 73 18.02 -3.02 -57.29
C ALA C 73 17.83 -3.99 -56.14
N LEU C 74 17.50 -3.47 -54.97
CA LEU C 74 17.23 -4.34 -53.82
C LEU C 74 15.95 -5.15 -54.04
N ASP C 75 14.93 -4.51 -54.62
CA ASP C 75 13.66 -5.19 -54.85
C ASP C 75 13.85 -6.40 -55.75
N THR C 76 14.66 -6.24 -56.80
CA THR C 76 14.95 -7.36 -57.69
C THR C 76 15.87 -8.36 -57.01
N ALA C 77 16.90 -7.87 -56.31
CA ALA C 77 17.83 -8.77 -55.64
C ALA C 77 17.12 -9.62 -54.60
N TRP C 78 16.16 -9.04 -53.89
CA TRP C 78 15.46 -9.73 -52.83
C TRP C 78 14.09 -10.24 -53.27
N ARG C 79 13.77 -10.13 -54.56
CA ARG C 79 12.52 -10.65 -55.09
C ARG C 79 11.34 -10.16 -54.27
N THR C 80 11.34 -8.86 -54.02
CA THR C 80 10.34 -8.29 -53.13
C THR C 80 9.00 -8.16 -53.83
N HIS C 81 7.99 -7.82 -53.04
CA HIS C 81 6.69 -7.42 -53.55
C HIS C 81 6.56 -5.91 -53.41
N MET C 82 6.15 -5.26 -54.48
CA MET C 82 5.94 -3.81 -54.47
C MET C 82 4.45 -3.54 -54.51
N PRO C 83 3.84 -3.07 -53.43
CA PRO C 83 2.44 -2.66 -53.50
C PRO C 83 2.28 -1.57 -54.53
N PRO C 84 1.16 -1.54 -55.25
CA PRO C 84 0.96 -0.51 -56.27
C PRO C 84 1.15 0.89 -55.75
N ASN C 85 0.71 1.18 -54.54
CA ASN C 85 0.89 2.53 -53.98
C ASN C 85 2.36 2.86 -53.87
N ALA C 86 3.18 1.89 -53.47
CA ALA C 86 4.61 2.15 -53.37
C ALA C 86 5.19 2.45 -54.73
N THR C 87 4.79 1.70 -55.75
CA THR C 87 5.24 1.98 -57.10
C THR C 87 4.82 3.38 -57.52
N LEU C 88 3.59 3.76 -57.20
CA LEU C 88 3.10 5.09 -57.54
C LEU C 88 3.91 6.15 -56.85
N ILE C 89 4.19 5.97 -55.57
CA ILE C 89 4.95 6.97 -54.83
C ILE C 89 6.35 7.08 -55.38
N ARG C 90 6.97 5.94 -55.70
CA ARG C 90 8.29 5.97 -56.31
C ARG C 90 8.27 6.70 -57.64
N ASN C 91 7.28 6.39 -58.48
CA ASN C 91 7.13 7.08 -59.75
C ASN C 91 6.96 8.58 -59.53
N ILE C 92 6.08 8.94 -58.61
CA ILE C 92 5.78 10.34 -58.36
C ILE C 92 7.05 11.06 -57.93
N CYS C 93 7.79 10.46 -57.02
CA CYS C 93 8.96 11.13 -56.48
C CYS C 93 10.07 11.22 -57.52
N GLN C 94 10.28 10.15 -58.30
CA GLN C 94 11.26 10.21 -59.36
C GLN C 94 10.91 11.30 -60.35
N ALA C 95 9.64 11.34 -60.76
CA ALA C 95 9.23 12.32 -61.74
C ALA C 95 9.26 13.72 -61.16
N CYS C 96 8.94 13.87 -59.87
CA CYS C 96 8.98 15.18 -59.24
C CYS C 96 10.41 15.68 -59.16
N GLU C 97 11.36 14.79 -58.84
CA GLU C 97 12.74 15.22 -58.88
C GLU C 97 13.13 15.67 -60.27
N THR C 98 12.69 14.93 -61.29
CA THR C 98 12.99 15.34 -62.65
C THR C 98 12.33 16.68 -62.99
N LEU C 99 11.10 16.88 -62.54
CA LEU C 99 10.39 18.13 -62.79
C LEU C 99 11.07 19.29 -62.08
N GLN C 100 11.69 19.04 -60.94
CA GLN C 100 12.53 20.05 -60.32
C GLN C 100 13.77 20.30 -61.16
N SER C 101 14.38 19.23 -61.65
CA SER C 101 15.64 19.34 -62.38
C SER C 101 15.47 20.15 -63.65
N ILE C 102 14.35 19.95 -64.35
CA ILE C 102 14.14 20.53 -65.67
C ILE C 102 14.30 22.05 -65.63
N PRO C 103 13.50 22.79 -64.86
CA PRO C 103 13.72 24.25 -64.81
C PRO C 103 14.98 24.63 -64.09
N ARG C 104 15.30 23.95 -62.98
CA ARG C 104 16.50 24.32 -62.25
C ARG C 104 17.72 24.24 -63.14
N TYR C 105 17.85 23.14 -63.86
CA TYR C 105 18.96 23.00 -64.80
C TYR C 105 18.84 24.02 -65.92
N PHE C 106 17.64 24.17 -66.49
CA PHE C 106 17.51 24.99 -67.67
C PHE C 106 17.91 26.42 -67.39
N TYR C 107 17.37 27.01 -66.33
CA TYR C 107 17.67 28.40 -66.03
C TYR C 107 19.01 28.57 -65.36
N ALA C 108 19.27 27.79 -64.31
CA ALA C 108 20.45 28.03 -63.51
C ALA C 108 21.72 27.51 -64.17
N LEU C 109 21.62 26.42 -64.93
CA LEU C 109 22.81 25.77 -65.46
C LEU C 109 23.00 26.03 -66.94
N PHE C 110 21.92 26.08 -67.72
CA PHE C 110 22.05 26.12 -69.16
C PHE C 110 21.77 27.51 -69.75
N ALA C 111 20.60 28.07 -69.46
CA ALA C 111 20.13 29.21 -70.24
C ALA C 111 20.92 30.47 -70.00
N ILE C 112 21.67 30.57 -68.89
CA ILE C 112 22.42 31.80 -68.67
C ILE C 112 23.48 31.97 -69.74
N ASP C 113 23.99 30.86 -70.28
CA ASP C 113 24.94 30.93 -71.39
C ASP C 113 24.31 31.54 -72.64
N LEU C 114 22.98 31.55 -72.74
CA LEU C 114 22.32 32.23 -73.84
C LEU C 114 22.58 33.73 -73.81
N THR C 115 23.03 34.26 -72.68
CA THR C 115 23.37 35.67 -72.56
C THR C 115 24.81 35.95 -72.98
N ASN C 116 25.51 34.94 -73.47
CA ASN C 116 26.91 35.12 -73.85
C ASN C 116 27.04 36.22 -74.90
N LYS C 117 28.15 36.95 -74.83
CA LYS C 117 28.40 38.05 -75.76
C LYS C 117 28.52 37.58 -77.20
N ASN C 118 28.75 36.28 -77.43
CA ASN C 118 28.78 35.76 -78.78
C ASN C 118 27.46 35.98 -79.50
N TYR C 119 26.38 36.16 -78.75
CA TYR C 119 25.05 36.33 -79.32
C TYR C 119 24.61 37.78 -79.34
N ALA C 120 25.50 38.72 -79.02
CA ALA C 120 25.11 40.12 -78.91
C ALA C 120 24.53 40.65 -80.20
N LYS C 121 24.91 40.08 -81.34
CA LYS C 121 24.39 40.52 -82.62
C LYS C 121 22.99 39.98 -82.90
N SER C 122 22.54 38.97 -82.15
CA SER C 122 21.20 38.44 -82.38
C SER C 122 20.16 39.49 -82.04
N LYS C 123 19.11 39.56 -82.85
CA LYS C 123 18.01 40.47 -82.53
C LYS C 123 17.30 40.08 -81.25
N LEU C 124 17.40 38.82 -80.83
CA LEU C 124 16.77 38.36 -79.60
C LEU C 124 17.70 38.47 -78.39
N TYR C 125 18.90 39.00 -78.57
CA TYR C 125 19.89 38.97 -77.50
C TYR C 125 19.45 39.78 -76.29
N ASP C 126 18.90 40.97 -76.51
CA ASP C 126 18.44 41.77 -75.38
C ASP C 126 17.38 41.04 -74.59
N GLU C 127 16.44 40.42 -75.27
CA GLU C 127 15.42 39.63 -74.57
C GLU C 127 16.04 38.43 -73.87
N ALA C 128 17.01 37.78 -74.52
CA ALA C 128 17.67 36.65 -73.88
C ALA C 128 18.34 37.08 -72.59
N VAL C 129 18.99 38.25 -72.61
CA VAL C 129 19.63 38.76 -71.41
C VAL C 129 18.61 39.11 -70.35
N ARG C 130 17.51 39.76 -70.76
CA ARG C 130 16.47 40.12 -69.81
C ARG C 130 15.91 38.89 -69.11
N ARG C 131 15.75 37.81 -69.86
CA ARG C 131 15.09 36.62 -69.34
C ARG C 131 16.04 35.72 -68.56
N PHE C 132 17.24 35.48 -69.10
CA PHE C 132 18.07 34.38 -68.67
C PHE C 132 19.37 34.80 -68.01
N ALA C 133 19.58 36.09 -67.78
CA ALA C 133 20.79 36.50 -67.09
C ALA C 133 20.81 35.84 -65.71
N PRO C 134 21.97 35.40 -65.24
CA PRO C 134 22.01 34.74 -63.93
C PRO C 134 21.50 35.66 -62.83
N TYR C 135 20.61 35.10 -62.01
CA TYR C 135 20.12 35.67 -60.76
C TYR C 135 19.19 36.86 -60.92
N VAL C 136 19.13 37.45 -62.11
CA VAL C 136 18.33 38.66 -62.28
C VAL C 136 17.43 38.49 -63.49
N GLY C 137 17.67 37.44 -64.27
CA GLY C 137 16.85 37.19 -65.44
C GLY C 137 15.40 37.04 -65.04
N THR C 138 14.52 37.67 -65.82
CA THR C 138 13.10 37.63 -65.51
C THR C 138 12.50 36.25 -65.71
N SER C 139 13.15 35.39 -66.49
CA SER C 139 12.77 33.99 -66.52
C SER C 139 13.59 33.18 -65.54
N TYR C 140 14.84 33.59 -65.32
CA TYR C 140 15.71 32.87 -64.41
C TYR C 140 15.11 32.81 -63.01
N GLN C 141 14.74 33.97 -62.46
CA GLN C 141 14.32 33.99 -61.06
C GLN C 141 13.09 33.12 -60.82
N PRO C 142 11.96 33.32 -61.49
CA PRO C 142 10.82 32.44 -61.21
C PRO C 142 11.09 31.00 -61.57
N GLY C 143 11.83 30.74 -62.65
CA GLY C 143 12.11 29.35 -63.00
C GLY C 143 12.88 28.64 -61.90
N VAL C 144 13.96 29.26 -61.45
CA VAL C 144 14.77 28.65 -60.40
C VAL C 144 13.99 28.54 -59.10
N VAL C 145 13.28 29.61 -58.73
CA VAL C 145 12.55 29.62 -57.47
C VAL C 145 11.48 28.53 -57.47
N LEU C 146 10.72 28.44 -58.55
CA LEU C 146 9.64 27.47 -58.60
C LEU C 146 10.15 26.05 -58.82
N SER C 147 11.41 25.90 -59.23
CA SER C 147 11.96 24.56 -59.36
C SER C 147 11.93 23.79 -58.04
N ALA C 148 11.85 24.48 -56.91
CA ALA C 148 11.81 23.80 -55.62
C ALA C 148 10.45 23.16 -55.33
N LYS C 149 9.39 23.52 -56.06
CA LYS C 149 8.07 22.98 -55.73
C LYS C 149 7.94 21.48 -55.95
N PRO C 150 8.32 20.93 -57.11
CA PRO C 150 8.15 19.49 -57.30
C PRO C 150 8.86 18.67 -56.23
N VAL C 151 10.01 19.14 -55.76
CA VAL C 151 10.67 18.40 -54.70
C VAL C 151 10.03 18.67 -53.35
N GLU C 152 9.19 19.69 -53.22
CA GLU C 152 8.30 19.73 -52.07
C GLU C 152 7.36 18.54 -52.09
N VAL C 153 6.86 18.17 -53.26
CA VAL C 153 6.06 16.94 -53.34
C VAL C 153 6.91 15.75 -52.92
N TYR C 154 8.11 15.68 -53.45
CA TYR C 154 9.05 14.63 -53.06
C TYR C 154 9.17 14.57 -51.54
N ALA C 155 9.32 15.72 -50.90
CA ALA C 155 9.51 15.76 -49.45
C ALA C 155 8.24 15.34 -48.73
N ILE C 156 7.08 15.67 -49.28
CA ILE C 156 5.84 15.23 -48.67
C ILE C 156 5.84 13.72 -48.53
N PHE C 157 6.29 13.03 -49.57
CA PHE C 157 6.29 11.57 -49.48
C PHE C 157 7.55 10.98 -48.87
N GLY C 158 8.66 11.69 -48.92
CA GLY C 158 9.93 11.10 -48.54
C GLY C 158 10.55 11.79 -47.36
N GLY C 159 9.89 12.83 -46.87
CA GLY C 159 10.42 13.48 -45.67
C GLY C 159 11.23 14.69 -46.04
N GLN C 160 12.03 14.52 -47.09
CA GLN C 160 12.84 15.65 -47.50
C GLN C 160 13.41 15.44 -48.89
N TRP C 161 13.89 16.53 -49.42
CA TRP C 161 14.62 16.42 -50.68
C TRP C 161 15.67 17.56 -50.66
N PRO C 162 16.96 17.35 -51.02
CA PRO C 162 17.54 16.04 -51.29
C PRO C 162 17.78 15.21 -50.03
N SER C 164 16.56 11.92 -48.93
CA SER C 164 15.72 10.94 -48.24
C SER C 164 16.21 9.58 -48.75
N SER C 165 15.95 8.53 -48.00
CA SER C 165 16.20 7.12 -48.42
C SER C 165 14.88 6.34 -48.27
N PHE C 166 13.75 7.01 -48.43
CA PHE C 166 12.48 6.41 -48.05
C PHE C 166 12.01 5.33 -49.02
N MET C 167 12.68 5.14 -50.14
CA MET C 167 12.35 4.05 -51.05
C MET C 167 13.16 2.84 -50.62
N VAL C 168 12.46 1.82 -50.14
CA VAL C 168 13.10 0.64 -49.55
C VAL C 168 12.58 -0.59 -50.27
N PRO C 169 13.34 -1.68 -50.24
CA PRO C 169 12.83 -2.94 -50.79
C PRO C 169 11.47 -3.25 -50.16
N GLY C 170 10.50 -3.57 -51.00
CA GLY C 170 9.17 -3.81 -50.54
C GLY C 170 8.26 -2.60 -50.54
N GLY C 171 8.79 -1.42 -50.85
CA GLY C 171 7.90 -0.30 -51.03
C GLY C 171 8.52 1.03 -50.70
N VAL C 172 7.83 1.80 -49.86
CA VAL C 172 8.34 3.06 -49.36
C VAL C 172 8.14 3.08 -47.86
N MET C 173 8.98 3.85 -47.18
CA MET C 173 8.84 3.95 -45.73
C MET C 173 7.59 4.69 -45.33
N SER C 174 7.13 5.61 -46.17
CA SER C 174 6.12 6.56 -45.77
C SER C 174 4.73 5.99 -45.96
N ALA C 175 3.77 6.66 -45.33
CA ALA C 175 2.37 6.28 -45.39
C ALA C 175 1.62 7.58 -45.66
N PRO C 176 1.50 7.97 -46.92
CA PRO C 176 0.86 9.25 -47.24
C PRO C 176 -0.54 9.33 -46.63
N THR C 177 -0.87 10.51 -46.14
CA THR C 177 -2.21 10.81 -45.69
C THR C 177 -2.97 11.53 -46.79
N LEU C 178 -4.27 11.75 -46.54
CA LEU C 178 -5.08 12.46 -47.51
C LEU C 178 -4.51 13.85 -47.77
N SER C 179 -4.18 14.58 -46.71
CA SER C 179 -3.63 15.91 -46.87
C SER C 179 -2.29 15.88 -47.59
N ASP C 180 -1.50 14.81 -47.41
CA ASP C 180 -0.28 14.67 -48.18
C ASP C 180 -0.58 14.69 -49.67
N VAL C 181 -1.54 13.88 -50.10
CA VAL C 181 -1.84 13.78 -51.53
C VAL C 181 -2.48 15.06 -52.04
N THR C 182 -3.42 15.62 -51.29
CA THR C 182 -4.06 16.85 -51.74
C THR C 182 -3.05 17.98 -51.82
N ARG C 183 -2.15 18.08 -50.85
CA ARG C 183 -1.11 19.10 -50.91
C ARG C 183 -0.15 18.85 -52.06
N ALA C 184 0.21 17.59 -52.30
CA ALA C 184 1.08 17.28 -53.44
C ALA C 184 0.42 17.71 -54.74
N ILE C 185 -0.88 17.41 -54.87
CA ILE C 185 -1.60 17.83 -56.06
C ILE C 185 -1.62 19.34 -56.17
N ALA C 186 -1.89 20.02 -55.05
CA ALA C 186 -1.93 21.48 -55.08
C ALA C 186 -0.57 22.06 -55.47
N ILE C 187 0.50 21.51 -54.90
CA ILE C 187 1.84 21.99 -55.23
C ILE C 187 2.12 21.77 -56.70
N LEU C 188 1.80 20.59 -57.19
CA LEU C 188 2.07 20.27 -58.59
C LEU C 188 1.27 21.15 -59.52
N GLU C 189 -0.02 21.33 -59.24
CA GLU C 189 -0.85 22.21 -60.07
C GLU C 189 -0.36 23.64 -60.03
N HIS C 190 0.05 24.11 -58.85
CA HIS C 190 0.56 25.47 -58.76
C HIS C 190 1.84 25.62 -59.57
N TRP C 191 2.75 24.67 -59.44
CA TRP C 191 3.99 24.72 -60.20
C TRP C 191 3.71 24.65 -61.70
N ASN C 192 2.81 23.77 -62.09
CA ASN C 192 2.47 23.64 -63.50
C ASN C 192 1.87 24.93 -64.03
N ASP C 193 0.95 25.52 -63.29
CA ASP C 193 0.31 26.74 -63.74
C ASP C 193 1.29 27.89 -63.79
N ASN C 194 2.15 28.01 -62.78
CA ASN C 194 2.96 29.20 -62.59
C ASN C 194 4.29 29.14 -63.33
N TRP C 195 4.91 27.97 -63.43
CA TRP C 195 6.11 27.89 -64.24
C TRP C 195 5.85 27.18 -65.56
N LEU C 196 5.38 25.93 -65.52
CA LEU C 196 5.36 25.12 -66.72
C LEU C 196 4.47 25.74 -67.79
N GLU C 197 3.25 26.10 -67.42
CA GLU C 197 2.31 26.59 -68.42
C GLU C 197 2.45 28.09 -68.62
N LYS C 198 2.49 28.86 -67.53
CA LYS C 198 2.56 30.31 -67.68
C LYS C 198 3.90 30.76 -68.25
N GLN C 199 4.99 30.26 -67.69
CA GLN C 199 6.30 30.77 -68.06
C GLN C 199 6.95 29.95 -69.16
N TRP C 200 7.03 28.63 -68.97
CA TRP C 200 7.72 27.83 -69.96
C TRP C 200 6.93 27.76 -71.26
N LEU C 201 5.67 27.34 -71.19
CA LEU C 201 4.91 27.06 -72.39
C LEU C 201 4.12 28.26 -72.91
N GLY C 202 3.61 29.10 -72.01
CA GLY C 202 2.63 30.08 -72.47
C GLY C 202 1.37 29.44 -72.99
N CYS C 203 1.13 28.17 -72.66
CA CYS C 203 -0.05 27.44 -73.06
C CYS C 203 -0.22 26.27 -72.09
N SER C 204 -1.30 25.52 -72.26
CA SER C 204 -1.51 24.36 -71.41
C SER C 204 -0.53 23.26 -71.76
N VAL C 205 -0.30 22.36 -70.81
CA VAL C 205 0.51 21.18 -71.10
C VAL C 205 -0.13 20.37 -72.21
N ASP C 206 -1.46 20.31 -72.22
CA ASP C 206 -2.15 19.57 -73.26
C ASP C 206 -1.84 20.13 -74.64
N ARG C 207 -1.86 21.46 -74.77
CA ARG C 207 -1.56 22.06 -76.07
C ARG C 207 -0.16 21.70 -76.52
N TRP C 208 0.81 21.74 -75.61
CA TRP C 208 2.18 21.38 -75.97
C TRP C 208 2.26 19.93 -76.40
N LEU C 209 1.61 19.04 -75.66
CA LEU C 209 1.69 17.62 -75.95
C LEU C 209 0.97 17.25 -77.24
N GLU C 210 0.21 18.18 -77.81
CA GLU C 210 -0.37 17.97 -79.13
C GLU C 210 0.67 18.08 -80.24
N ASN C 211 1.85 18.62 -79.94
CA ASN C 211 2.92 18.72 -80.93
C ASN C 211 3.49 17.33 -81.20
N LYS C 212 3.27 16.82 -82.41
CA LYS C 212 3.73 15.50 -82.79
C LYS C 212 4.85 15.53 -83.81
N THR C 213 5.11 16.67 -84.42
CA THR C 213 6.15 16.80 -85.42
C THR C 213 6.95 18.06 -85.13
N TRP C 214 8.12 18.15 -85.77
CA TRP C 214 8.90 19.38 -85.67
C TRP C 214 8.12 20.55 -86.24
N ASN C 215 7.43 20.34 -87.36
CA ASN C 215 6.58 21.36 -87.93
C ASN C 215 5.48 21.75 -86.96
N ASP C 216 4.97 20.79 -86.20
CA ASP C 216 4.01 21.10 -85.14
C ASP C 216 4.63 22.05 -84.12
N VAL C 217 5.89 21.81 -83.75
CA VAL C 217 6.53 22.67 -82.76
C VAL C 217 6.71 24.09 -83.31
N LEU C 218 7.13 24.19 -84.58
CA LEU C 218 7.29 25.52 -85.17
C LEU C 218 5.95 26.25 -85.27
N ALA C 219 4.90 25.54 -85.69
CA ALA C 219 3.56 26.12 -85.72
C ALA C 219 3.13 26.53 -84.33
N TRP C 220 3.48 25.73 -83.33
CA TRP C 220 3.14 26.07 -81.96
C TRP C 220 3.83 27.36 -81.53
N VAL C 221 5.10 27.52 -81.91
CA VAL C 221 5.82 28.75 -81.59
C VAL C 221 5.12 29.95 -82.20
N ASP C 222 4.69 29.82 -83.45
CA ASP C 222 4.08 30.94 -84.16
C ASP C 222 2.58 31.07 -83.92
N GLU C 223 1.97 30.15 -83.18
CA GLU C 223 0.52 30.08 -83.12
C GLU C 223 -0.09 31.32 -82.52
N ASN C 224 0.49 31.80 -81.42
CA ASN C 224 -0.02 32.98 -80.74
C ASN C 224 1.12 33.61 -79.96
N GLU C 225 0.87 34.82 -79.48
CA GLU C 225 1.92 35.56 -78.79
C GLU C 225 2.31 34.90 -77.48
N SER C 226 1.37 34.26 -76.80
CA SER C 226 1.70 33.62 -75.53
C SER C 226 2.75 32.53 -75.73
N GLN C 227 2.53 31.67 -76.72
CA GLN C 227 3.50 30.61 -76.98
C GLN C 227 4.76 31.17 -77.62
N TYR C 228 4.59 32.18 -78.47
CA TYR C 228 5.73 32.81 -79.12
C TYR C 228 6.70 33.41 -78.10
N ASN C 229 6.16 34.08 -77.09
CA ASN C 229 6.96 34.76 -76.09
C ASN C 229 7.15 33.95 -74.83
N SER C 230 6.66 32.71 -74.81
CA SER C 230 6.96 31.83 -73.72
C SER C 230 8.46 31.55 -73.68
N ASP C 231 8.93 31.05 -72.54
CA ASP C 231 10.33 30.65 -72.47
C ASP C 231 10.63 29.58 -73.50
N CYS C 232 9.68 28.67 -73.72
CA CYS C 232 9.88 27.63 -74.73
C CYS C 232 9.94 28.20 -76.13
N GLY C 233 8.95 29.02 -76.48
CA GLY C 233 8.94 29.63 -77.80
C GLY C 233 10.15 30.52 -78.01
N PHE C 234 10.48 31.33 -77.01
CA PHE C 234 11.66 32.17 -77.13
C PHE C 234 12.90 31.33 -77.26
N PHE C 235 13.00 30.25 -76.50
CA PHE C 235 14.19 29.41 -76.55
C PHE C 235 14.35 28.79 -77.92
N ILE C 236 13.25 28.30 -78.50
CA ILE C 236 13.31 27.71 -79.83
C ILE C 236 13.74 28.76 -80.84
N ARG C 237 13.12 29.93 -80.78
CA ARG C 237 13.47 30.99 -81.72
C ARG C 237 14.91 31.42 -81.54
N TYR C 238 15.37 31.53 -80.30
CA TYR C 238 16.74 31.90 -80.02
C TYR C 238 17.70 30.86 -80.56
N CYS C 239 17.39 29.58 -80.36
CA CYS C 239 18.25 28.52 -80.87
C CYS C 239 18.34 28.58 -82.38
N LEU C 240 17.21 28.76 -83.04
CA LEU C 240 17.21 28.83 -84.50
C LEU C 240 17.94 30.07 -84.98
N ASP C 241 17.87 31.17 -84.23
CA ASP C 241 18.52 32.39 -84.65
C ASP C 241 20.04 32.32 -84.45
N VAL C 242 20.48 31.79 -83.31
CA VAL C 242 21.89 31.82 -82.94
C VAL C 242 22.62 30.53 -83.32
N GLY C 243 21.91 29.54 -83.83
CA GLY C 243 22.55 28.33 -84.33
C GLY C 243 22.74 27.22 -83.33
N LEU C 244 21.95 27.18 -82.25
CA LEU C 244 22.03 26.05 -81.35
C LEU C 244 21.47 24.77 -81.95
N ASP C 245 20.77 24.88 -83.07
CA ASP C 245 20.28 23.71 -83.79
C ASP C 245 21.31 23.15 -84.76
N LYS C 246 22.50 23.75 -84.83
CA LYS C 246 23.46 23.41 -85.85
C LYS C 246 24.66 22.62 -85.35
N TYR C 247 24.80 22.42 -84.05
CA TYR C 247 25.91 21.65 -83.53
C TYR C 247 25.48 20.97 -82.24
N GLY C 248 26.38 20.20 -81.67
CA GLY C 248 26.03 19.33 -80.55
C GLY C 248 25.25 18.11 -80.96
N GLN C 249 25.38 17.67 -82.21
CA GLN C 249 24.62 16.52 -82.68
C GLN C 249 24.93 15.28 -81.86
N GLY C 250 26.20 14.96 -81.69
CA GLY C 250 26.58 13.81 -80.91
C GLY C 250 26.47 12.51 -81.68
N VAL C 251 26.38 11.42 -80.92
CA VAL C 251 26.40 10.08 -81.50
C VAL C 251 25.20 9.83 -82.39
N GLY C 252 24.05 10.39 -82.05
CA GLY C 252 22.83 10.03 -82.73
C GLY C 252 22.30 8.67 -82.35
N ASN C 253 22.94 8.00 -81.40
CA ASN C 253 22.49 6.74 -80.84
C ASN C 253 22.19 6.95 -79.37
N TYR C 254 21.14 6.32 -78.90
CA TYR C 254 20.54 6.67 -77.63
C TYR C 254 20.26 5.45 -76.79
N LEU C 255 20.40 5.62 -75.49
CA LEU C 255 20.07 4.59 -74.52
C LEU C 255 19.06 5.17 -73.55
N ALA C 256 17.92 4.51 -73.42
CA ALA C 256 16.98 4.78 -72.35
C ALA C 256 16.78 3.47 -71.60
N THR C 257 17.05 3.46 -70.32
CA THR C 257 16.67 2.32 -69.51
C THR C 257 15.22 2.39 -69.09
N GLY C 258 14.59 3.55 -69.26
CA GLY C 258 13.21 3.70 -68.88
C GLY C 258 13.04 3.85 -67.38
N THR C 259 11.87 4.30 -66.97
CA THR C 259 11.51 4.31 -65.55
C THR C 259 10.00 4.45 -65.48
N TYR C 260 9.48 4.66 -64.26
CA TYR C 260 8.04 4.76 -64.05
C TYR C 260 7.31 3.47 -64.36
N PHE C 261 7.38 2.52 -63.45
CA PHE C 261 6.65 1.28 -63.63
C PHE C 261 5.15 1.45 -63.50
N GLU C 262 4.43 0.77 -64.37
CA GLU C 262 3.00 0.61 -64.19
C GLU C 262 2.80 -0.25 -62.95
N PRO C 263 2.10 0.24 -61.94
CA PRO C 263 2.11 -0.46 -60.64
C PRO C 263 1.67 -1.91 -60.73
N SER C 264 0.67 -2.22 -61.54
CA SER C 264 0.20 -3.60 -61.63
C SER C 264 1.20 -4.51 -62.33
N LEU C 265 2.12 -3.95 -63.11
CA LEU C 265 3.03 -4.76 -63.90
C LEU C 265 4.38 -4.98 -63.24
N TYR C 266 4.67 -4.30 -62.14
CA TYR C 266 5.95 -4.46 -61.46
C TYR C 266 5.75 -4.67 -59.97
N GLU C 267 4.67 -5.35 -59.59
CA GLU C 267 4.44 -5.64 -58.18
C GLU C 267 5.49 -6.59 -57.62
N ASN C 268 6.12 -7.38 -58.48
CA ASN C 268 7.19 -8.29 -58.06
C ASN C 268 8.38 -8.02 -58.95
N PRO C 269 9.18 -7.02 -58.62
CA PRO C 269 10.25 -6.58 -59.52
C PRO C 269 11.20 -7.71 -59.86
N THR C 270 11.43 -7.88 -61.15
CA THR C 270 12.46 -8.75 -61.67
C THR C 270 13.23 -7.99 -62.74
N ILE C 271 14.45 -8.44 -62.99
CA ILE C 271 15.22 -7.87 -64.09
C ILE C 271 14.51 -8.14 -65.41
N GLU C 272 14.04 -9.37 -65.59
CA GLU C 272 13.48 -9.75 -66.89
C GLU C 272 12.16 -9.05 -67.16
N GLY C 273 11.34 -8.86 -66.15
CA GLY C 273 10.05 -8.21 -66.36
C GLY C 273 10.09 -6.71 -66.34
N ARG C 274 11.29 -6.13 -66.23
CA ARG C 274 11.39 -4.69 -66.05
C ARG C 274 10.87 -3.92 -67.26
N ASN C 275 11.33 -4.30 -68.45
CA ASN C 275 11.03 -3.50 -69.64
C ASN C 275 9.54 -3.41 -69.90
N ALA C 276 8.83 -4.54 -69.78
CA ALA C 276 7.40 -4.52 -70.08
C ALA C 276 6.64 -3.64 -69.11
N ALA C 277 7.10 -3.54 -67.87
CA ALA C 277 6.37 -2.79 -66.85
C ALA C 277 6.58 -1.29 -66.96
N LEU C 278 7.57 -0.85 -67.73
CA LEU C 278 7.90 0.57 -67.80
C LEU C 278 6.79 1.38 -68.47
N ILE C 279 6.51 2.54 -67.90
CA ILE C 279 5.71 3.55 -68.58
C ILE C 279 6.58 4.41 -69.48
N GLY C 280 7.62 5.01 -68.91
CA GLY C 280 8.59 5.70 -69.72
C GLY C 280 9.49 4.64 -70.28
N ARG C 281 9.25 4.29 -71.54
CA ARG C 281 9.82 3.06 -72.10
C ARG C 281 11.33 3.12 -72.17
N SER C 282 11.94 1.97 -71.90
CA SER C 282 13.32 1.76 -72.27
C SER C 282 13.42 1.64 -73.79
N GLY C 283 14.64 1.63 -74.27
CA GLY C 283 14.86 1.48 -75.69
C GLY C 283 16.21 2.00 -76.06
N VAL C 284 16.88 1.29 -76.94
CA VAL C 284 18.12 1.72 -77.53
C VAL C 284 17.81 2.12 -78.96
N PHE C 285 18.26 3.29 -79.36
CA PHE C 285 18.07 3.78 -80.72
C PHE C 285 19.44 3.90 -81.36
N ALA C 286 19.82 2.93 -82.17
CA ALA C 286 21.15 2.90 -82.74
C ALA C 286 21.07 2.63 -84.22
N ASP C 287 21.88 3.35 -84.99
CA ASP C 287 21.90 3.20 -86.44
C ASP C 287 20.51 3.38 -87.03
N GLY C 288 19.74 4.30 -86.45
CA GLY C 288 18.40 4.57 -86.94
C GLY C 288 17.40 3.47 -86.66
N ARG C 289 17.71 2.55 -85.75
CA ARG C 289 16.86 1.40 -85.49
C ARG C 289 16.60 1.27 -83.99
N TYR C 290 15.44 0.71 -83.68
CA TYR C 290 15.05 0.50 -82.29
C TYR C 290 15.43 -0.90 -81.83
N PHE C 291 15.97 -0.96 -80.62
CA PHE C 291 16.36 -2.19 -79.95
C PHE C 291 15.81 -2.18 -78.55
N GLU C 292 15.49 -3.36 -78.04
CA GLU C 292 15.11 -3.49 -76.65
C GLU C 292 16.34 -3.30 -75.77
N PHE C 293 16.20 -2.52 -74.70
CA PHE C 293 17.29 -2.41 -73.75
C PHE C 293 17.47 -3.72 -73.00
N ASP C 294 18.72 -4.13 -72.84
CA ASP C 294 19.05 -5.30 -72.04
C ASP C 294 20.29 -4.97 -71.23
N GLN C 295 20.15 -4.98 -69.91
CA GLN C 295 21.26 -4.62 -69.04
C GLN C 295 22.46 -5.53 -69.24
N ALA C 296 22.24 -6.76 -69.73
CA ALA C 296 23.34 -7.66 -70.01
C ALA C 296 24.29 -7.11 -71.06
N ASN C 297 23.81 -6.20 -71.90
CA ASN C 297 24.64 -5.62 -72.95
C ASN C 297 25.49 -4.45 -72.47
N VAL C 298 25.38 -4.14 -71.17
CA VAL C 298 26.11 -2.94 -70.67
C VAL C 298 27.51 -3.33 -70.21
N THR C 299 28.53 -2.70 -70.78
CA THR C 299 29.88 -2.88 -70.30
C THR C 299 30.41 -1.52 -69.88
N GLU C 300 31.42 -1.53 -69.03
CA GLU C 300 32.14 -0.32 -68.70
C GLU C 300 33.61 -0.53 -69.03
N ASP C 301 34.15 0.37 -69.84
CA ASP C 301 35.53 0.38 -70.26
C ASP C 301 36.28 1.40 -69.43
N VAL C 302 37.48 1.04 -68.99
CA VAL C 302 38.29 1.99 -68.24
C VAL C 302 39.61 2.27 -68.94
N THR C 303 39.67 2.02 -70.24
CA THR C 303 40.91 2.19 -71.00
C THR C 303 41.45 3.59 -70.84
N HIS C 304 40.58 4.59 -71.00
CA HIS C 304 40.97 5.99 -70.84
C HIS C 304 40.48 6.57 -69.53
N SER C 305 40.03 5.71 -68.61
CA SER C 305 39.57 6.13 -67.31
C SER C 305 40.63 5.83 -66.27
N PHE C 306 40.58 6.60 -65.17
CA PHE C 306 41.59 6.43 -64.13
C PHE C 306 41.28 5.23 -63.25
N TYR C 307 41.11 4.07 -63.88
CA TYR C 307 40.87 2.84 -63.16
C TYR C 307 41.70 1.73 -63.77
N GLU C 308 42.06 0.78 -62.92
CA GLU C 308 42.71 -0.44 -63.40
C GLU C 308 41.70 -1.27 -64.15
N GLY C 309 42.17 -1.93 -65.21
CA GLY C 309 41.30 -2.80 -65.98
C GLY C 309 41.80 -2.95 -67.39
N ASN C 310 41.56 -4.12 -67.98
CA ASN C 310 42.01 -4.39 -69.33
C ASN C 310 40.91 -4.81 -70.28
N ARG C 311 39.69 -5.02 -69.80
CA ARG C 311 38.59 -5.39 -70.65
C ARG C 311 37.32 -4.72 -70.14
N PRO C 312 36.38 -4.43 -71.03
CA PRO C 312 35.08 -3.92 -70.58
C PRO C 312 34.42 -4.95 -69.68
N LEU C 313 33.80 -4.47 -68.61
CA LEU C 313 33.20 -5.33 -67.62
C LEU C 313 31.72 -5.03 -67.54
N HIS C 314 30.91 -6.09 -67.60
CA HIS C 314 29.52 -5.93 -67.22
C HIS C 314 29.47 -5.55 -65.74
N PRO C 315 28.63 -4.60 -65.35
CA PRO C 315 28.71 -4.08 -63.98
C PRO C 315 28.49 -5.10 -62.90
N PHE C 316 27.81 -6.23 -63.19
CA PHE C 316 27.72 -7.29 -62.19
C PHE C 316 29.10 -7.79 -61.80
N GLU C 317 30.04 -7.78 -62.74
CA GLU C 317 31.44 -8.07 -62.46
C GLU C 317 32.28 -6.80 -62.46
N GLY C 318 31.64 -5.64 -62.30
CA GLY C 318 32.37 -4.40 -62.37
C GLY C 318 33.36 -4.26 -61.22
N GLU C 319 34.36 -3.42 -61.46
CA GLU C 319 35.40 -3.12 -60.50
C GLU C 319 35.68 -1.63 -60.57
N THR C 320 35.99 -1.03 -59.43
CA THR C 320 36.35 0.37 -59.38
C THR C 320 37.64 0.43 -58.61
N ILE C 321 38.74 0.25 -59.33
CA ILE C 321 40.07 0.27 -58.72
C ILE C 321 40.79 1.49 -59.28
N PRO C 322 40.83 2.59 -58.56
CA PRO C 322 41.43 3.81 -59.10
C PRO C 322 42.90 3.63 -59.35
N VAL C 323 43.39 4.33 -60.37
CA VAL C 323 44.81 4.48 -60.59
C VAL C 323 45.13 5.96 -60.38
N ASN C 324 46.36 6.22 -59.97
CA ASN C 324 46.75 7.59 -59.71
C ASN C 324 46.69 8.38 -61.02
N PRO C 325 46.02 9.53 -61.04
CA PRO C 325 45.85 10.25 -62.31
C PRO C 325 47.15 10.60 -63.00
N GLU C 326 48.24 10.77 -62.25
CA GLU C 326 49.54 10.97 -62.89
C GLU C 326 49.93 9.76 -63.72
N ASP C 327 49.87 8.57 -63.11
CA ASP C 327 50.17 7.34 -63.84
C ASP C 327 49.19 7.12 -64.98
N GLY C 328 47.89 7.32 -64.71
CA GLY C 328 46.89 7.11 -65.73
C GLY C 328 47.10 8.01 -66.94
N ARG C 329 47.43 9.28 -66.69
CA ARG C 329 47.74 10.18 -67.79
C ARG C 329 48.97 9.74 -68.54
N ARG C 330 49.94 9.15 -67.84
CA ARG C 330 51.05 8.53 -68.56
C ARG C 330 50.57 7.38 -69.44
N GLN C 331 49.45 6.74 -69.08
CA GLN C 331 48.88 5.67 -69.88
C GLN C 331 47.78 6.14 -70.83
N GLY C 332 47.63 7.45 -71.02
CA GLY C 332 46.60 7.96 -71.89
C GLY C 332 45.21 8.05 -71.25
N LYS C 333 45.08 7.71 -69.98
CA LYS C 333 43.82 7.89 -69.29
C LYS C 333 43.64 9.36 -68.93
N TYR C 334 42.41 9.85 -69.01
CA TYR C 334 42.22 11.27 -68.81
C TYR C 334 40.94 11.61 -68.05
N SER C 335 40.21 10.63 -67.54
CA SER C 335 38.94 10.96 -66.89
C SER C 335 38.65 9.97 -65.79
N TRP C 336 38.05 10.47 -64.72
CA TRP C 336 37.50 9.59 -63.71
C TRP C 336 36.20 8.94 -64.15
N ALA C 337 35.64 9.36 -65.28
CA ALA C 337 34.47 8.70 -65.83
C ALA C 337 34.88 7.36 -66.40
N LYS C 338 34.14 6.32 -66.06
CA LYS C 338 34.20 5.11 -66.86
C LYS C 338 33.54 5.38 -68.21
N SER C 339 33.78 4.48 -69.16
CA SER C 339 33.23 4.58 -70.50
C SER C 339 32.17 3.49 -70.64
N PRO C 340 30.92 3.78 -70.31
CA PRO C 340 29.88 2.78 -70.52
C PRO C 340 29.65 2.61 -72.01
N ARG C 341 29.57 1.37 -72.44
CA ARG C 341 29.27 1.04 -73.81
C ARG C 341 28.16 -0.01 -73.80
N TYR C 342 27.42 -0.05 -74.88
CA TYR C 342 26.30 -0.96 -75.02
C TYR C 342 26.52 -1.82 -76.25
N ALA C 343 26.38 -3.13 -76.08
CA ALA C 343 26.53 -4.05 -77.19
C ALA C 343 25.27 -4.00 -78.04
N VAL C 344 25.35 -3.34 -79.18
CA VAL C 344 24.29 -3.33 -80.17
C VAL C 344 24.66 -4.31 -81.28
N PRO C 345 23.81 -5.27 -81.62
CA PRO C 345 24.15 -6.23 -82.68
C PRO C 345 24.44 -5.50 -83.99
N GLY C 346 25.47 -5.97 -84.68
CA GLY C 346 25.91 -5.35 -85.92
C GLY C 346 26.69 -4.07 -85.72
N LEU C 347 26.81 -3.58 -84.48
CA LEU C 347 27.56 -2.38 -84.21
C LEU C 347 28.64 -2.55 -83.15
N GLY C 348 28.62 -3.64 -82.38
CA GLY C 348 29.61 -3.80 -81.34
C GLY C 348 29.22 -3.00 -80.10
N ASN C 349 30.23 -2.75 -79.26
CA ASN C 349 30.02 -2.00 -78.02
C ASN C 349 30.15 -0.52 -78.32
N VAL C 350 29.01 0.15 -78.48
CA VAL C 350 28.99 1.54 -78.94
C VAL C 350 28.68 2.47 -77.79
N PRO C 351 29.08 3.73 -77.88
CA PRO C 351 28.57 4.73 -76.94
C PRO C 351 27.14 5.08 -77.30
N LEU C 352 26.33 5.28 -76.27
CA LEU C 352 24.94 5.66 -76.45
C LEU C 352 24.70 6.92 -75.65
N GLU C 353 24.09 7.91 -76.28
CA GLU C 353 23.70 9.10 -75.55
C GLU C 353 22.51 8.80 -74.67
N THR C 354 22.59 9.19 -73.41
CA THR C 354 21.46 9.04 -72.51
C THR C 354 20.86 10.40 -72.23
N GLY C 355 19.62 10.40 -71.79
CA GLY C 355 18.99 11.62 -71.41
C GLY C 355 17.60 11.73 -71.96
N PRO C 356 17.00 12.90 -71.77
CA PRO C 356 15.63 13.09 -72.26
C PRO C 356 15.51 12.79 -73.74
N LEU C 357 16.49 13.17 -74.56
CA LEU C 357 16.41 12.86 -75.98
C LEU C 357 16.38 11.36 -76.21
N ALA C 358 17.21 10.62 -75.47
CA ALA C 358 17.18 9.17 -75.56
C ALA C 358 15.81 8.63 -75.19
N ARG C 359 15.22 9.20 -74.12
CA ARG C 359 13.90 8.77 -73.69
C ARG C 359 12.85 9.05 -74.75
N ARG C 360 12.89 10.24 -75.36
CA ARG C 360 11.91 10.59 -76.38
C ARG C 360 12.04 9.68 -77.59
N MET C 361 13.28 9.38 -77.98
CA MET C 361 13.47 8.44 -79.08
C MET C 361 12.91 7.07 -78.70
N ALA C 362 13.16 6.61 -77.49
CA ALA C 362 12.60 5.34 -77.03
C ALA C 362 11.08 5.38 -77.03
N ALA C 363 10.51 6.52 -76.64
CA ALA C 363 9.06 6.68 -76.63
C ALA C 363 8.52 6.68 -78.04
N SER C 364 9.35 6.93 -79.04
CA SER C 364 8.91 6.84 -80.42
C SER C 364 9.01 5.44 -80.99
N ALA C 365 9.44 4.46 -80.20
CA ALA C 365 9.53 3.09 -80.69
C ALA C 365 8.13 2.54 -80.95
N PRO C 366 8.01 1.62 -81.90
CA PRO C 366 6.70 0.99 -82.15
C PRO C 366 6.30 0.11 -80.99
N ASP C 367 5.06 -0.40 -81.07
CA ASP C 367 4.58 -1.46 -80.18
C ASP C 367 4.60 -1.01 -78.72
N ALA C 368 4.19 0.22 -78.47
CA ALA C 368 4.00 0.67 -77.11
C ALA C 368 2.75 0.03 -76.52
N GLU C 369 2.86 -0.49 -75.30
CA GLU C 369 1.67 -0.94 -74.60
C GLU C 369 0.86 0.25 -74.11
N THR C 370 -0.35 -0.03 -73.63
CA THR C 370 -1.27 1.05 -73.30
C THR C 370 -0.71 1.94 -72.19
N HIS C 371 -0.05 1.36 -71.21
CA HIS C 371 0.52 2.12 -70.11
C HIS C 371 1.79 2.89 -70.50
N GLN C 372 2.30 2.69 -71.70
CA GLN C 372 3.63 3.16 -72.05
C GLN C 372 3.59 4.45 -72.84
N ASP C 373 4.63 5.26 -72.64
CA ASP C 373 4.85 6.49 -73.37
C ASP C 373 4.98 6.19 -74.86
N ASP C 374 3.99 6.60 -75.64
CA ASP C 374 4.03 6.47 -77.11
C ASP C 374 3.98 7.88 -77.68
N ASP C 375 5.13 8.37 -78.10
CA ASP C 375 5.26 9.75 -78.54
C ASP C 375 6.14 9.81 -79.78
N PRO C 376 5.59 10.13 -80.95
CA PRO C 376 6.40 10.17 -82.17
C PRO C 376 7.11 11.50 -82.37
N LEU C 377 6.98 12.44 -81.44
CA LEU C 377 7.47 13.80 -81.69
C LEU C 377 8.95 13.78 -82.00
N PHE C 378 9.74 13.09 -81.18
CA PHE C 378 11.18 13.22 -81.37
C PHE C 378 11.74 12.24 -82.38
N ALA C 379 11.03 11.18 -82.73
CA ALA C 379 11.37 10.49 -83.97
C ALA C 379 11.30 11.45 -85.14
N ASP C 380 10.22 12.23 -85.19
CA ASP C 380 10.05 13.19 -86.27
C ASP C 380 11.11 14.29 -86.22
N ILE C 381 11.39 14.81 -85.02
CA ILE C 381 12.40 15.86 -84.91
C ILE C 381 13.77 15.31 -85.31
N TYR C 382 14.10 14.11 -84.85
CA TYR C 382 15.37 13.49 -85.21
C TYR C 382 15.48 13.31 -86.72
N ASN C 383 14.40 12.90 -87.36
CA ASN C 383 14.46 12.70 -88.81
C ASN C 383 14.46 14.02 -89.56
N ALA C 384 13.88 15.07 -88.97
CA ALA C 384 13.72 16.34 -89.67
C ALA C 384 14.96 17.20 -89.54
N ILE C 385 15.43 17.43 -88.32
CA ILE C 385 16.57 18.29 -88.08
C ILE C 385 17.70 17.58 -87.35
N GLY C 386 17.49 16.36 -86.87
CA GLY C 386 18.54 15.63 -86.21
C GLY C 386 18.84 16.17 -84.84
N PRO C 387 19.71 15.50 -84.10
CA PRO C 387 20.07 15.96 -82.76
C PRO C 387 20.88 17.24 -82.84
N SER C 388 20.82 18.00 -81.76
CA SER C 388 21.59 19.22 -81.61
C SER C 388 21.41 19.69 -80.17
N VAL C 389 22.12 20.76 -79.81
CA VAL C 389 21.92 21.35 -78.51
C VAL C 389 20.45 21.71 -78.34
N MET C 390 19.86 22.32 -79.36
CA MET C 390 18.47 22.73 -79.28
C MET C 390 17.55 21.53 -79.14
N VAL C 391 17.77 20.50 -79.93
CA VAL C 391 16.86 19.34 -79.90
C VAL C 391 17.02 18.58 -78.59
N ARG C 392 18.25 18.43 -78.11
CA ARG C 392 18.46 17.80 -76.81
C ARG C 392 17.73 18.58 -75.71
N GLN C 393 17.89 19.91 -75.73
CA GLN C 393 17.20 20.72 -74.72
C GLN C 393 15.70 20.60 -74.86
N LEU C 394 15.20 20.58 -76.09
CA LEU C 394 13.76 20.49 -76.31
C LEU C 394 13.22 19.17 -75.81
N ALA C 395 13.99 18.10 -75.95
CA ALA C 395 13.57 16.82 -75.38
C ALA C 395 13.44 16.94 -73.87
N ARG C 396 14.45 17.54 -73.24
CA ARG C 396 14.39 17.73 -71.79
C ARG C 396 13.15 18.49 -71.39
N MET C 397 12.91 19.62 -72.05
CA MET C 397 11.79 20.48 -71.73
C MET C 397 10.45 19.82 -72.05
N HIS C 398 10.42 19.02 -73.11
CA HIS C 398 9.21 18.29 -73.49
C HIS C 398 8.79 17.35 -72.40
N GLU C 399 9.75 16.80 -71.66
CA GLU C 399 9.38 15.91 -70.56
C GLU C 399 8.60 16.61 -69.46
N GLY C 400 8.74 17.93 -69.32
CA GLY C 400 8.03 18.67 -68.31
C GLY C 400 6.53 18.45 -68.34
N PRO C 401 5.89 18.84 -69.44
CA PRO C 401 4.43 18.60 -69.54
C PRO C 401 4.06 17.14 -69.41
N LYS C 402 4.83 16.26 -70.04
CA LYS C 402 4.51 14.84 -70.05
C LYS C 402 4.60 14.26 -68.64
N TYR C 403 5.70 14.54 -67.95
CA TYR C 403 5.87 14.02 -66.60
C TYR C 403 4.90 14.68 -65.64
N TYR C 404 4.58 15.96 -65.84
CA TYR C 404 3.59 16.58 -64.98
C TYR C 404 2.27 15.84 -65.08
N LYS C 405 1.83 15.54 -66.30
CA LYS C 405 0.58 14.81 -66.47
C LYS C 405 0.65 13.45 -65.83
N TRP C 406 1.78 12.75 -66.00
CA TRP C 406 1.91 11.44 -65.38
C TRP C 406 1.82 11.53 -63.86
N VAL C 407 2.51 12.51 -63.28
CA VAL C 407 2.51 12.66 -61.83
C VAL C 407 1.11 12.97 -61.33
N ARG C 408 0.42 13.88 -62.01
CA ARG C 408 -0.93 14.23 -61.61
C ARG C 408 -1.81 13.00 -61.61
N GLN C 409 -1.71 12.19 -62.67
CA GLN C 409 -2.50 10.98 -62.74
C GLN C 409 -2.10 10.00 -61.63
N TRP C 410 -0.80 9.85 -61.37
CA TRP C 410 -0.38 8.91 -60.34
C TRP C 410 -0.90 9.34 -58.98
N LEU C 411 -0.86 10.64 -58.70
CA LEU C 411 -1.43 11.13 -57.46
C LEU C 411 -2.90 10.78 -57.37
N ASP C 412 -3.61 10.89 -58.48
CA ASP C 412 -5.00 10.42 -58.49
C ASP C 412 -5.09 8.92 -58.31
N ASP C 413 -4.07 8.17 -58.74
CA ASP C 413 -4.10 6.72 -58.69
C ASP C 413 -3.87 6.18 -57.29
N LEU C 414 -3.30 6.99 -56.39
CA LEU C 414 -2.99 6.52 -55.06
C LEU C 414 -4.28 6.05 -54.38
N GLU C 415 -4.23 4.86 -53.82
CA GLU C 415 -5.34 4.28 -53.07
C GLU C 415 -4.91 4.32 -51.61
N LEU C 416 -5.31 5.38 -50.92
CA LEU C 416 -4.66 5.72 -49.66
C LEU C 416 -4.88 4.67 -48.59
N LYS C 417 -5.97 3.90 -48.68
CA LYS C 417 -6.22 2.86 -47.72
C LYS C 417 -5.33 1.64 -47.94
N GLU C 418 -4.66 1.55 -49.08
CA GLU C 418 -3.91 0.36 -49.44
C GLU C 418 -2.46 0.46 -49.01
N SER C 419 -1.78 -0.69 -49.09
CA SER C 419 -0.45 -0.82 -48.54
C SER C 419 0.55 0.02 -49.34
N PHE C 420 1.55 0.51 -48.63
CA PHE C 420 2.68 1.20 -49.22
C PHE C 420 3.97 0.43 -49.07
N TYR C 421 3.91 -0.74 -48.44
CA TYR C 421 5.12 -1.45 -48.09
C TYR C 421 4.77 -2.89 -47.80
N THR C 422 5.47 -3.81 -48.44
CA THR C 422 5.41 -5.22 -48.12
C THR C 422 6.77 -5.57 -47.54
N LYS C 423 6.79 -5.95 -46.28
CA LYS C 423 8.06 -6.27 -45.65
C LYS C 423 8.75 -7.37 -46.42
N PRO C 424 9.95 -7.13 -46.95
CA PRO C 424 10.63 -8.16 -47.73
C PRO C 424 11.43 -9.09 -46.82
N VAL C 425 11.83 -10.22 -47.39
CA VAL C 425 12.84 -11.04 -46.77
C VAL C 425 14.21 -10.50 -47.19
N GLU C 426 15.02 -10.12 -46.21
CA GLU C 426 16.36 -9.60 -46.49
C GLU C 426 17.29 -10.78 -46.71
N TYR C 427 17.28 -11.29 -47.94
CA TYR C 427 18.07 -12.46 -48.27
C TYR C 427 19.55 -12.17 -48.14
N ALA C 428 20.29 -13.17 -47.65
CA ALA C 428 21.74 -13.05 -47.50
C ALA C 428 22.44 -12.97 -48.85
N GLU C 429 21.81 -13.48 -49.90
CA GLU C 429 22.37 -13.51 -51.23
C GLU C 429 21.38 -12.86 -52.19
N GLY C 430 21.89 -12.32 -53.28
CA GLY C 430 20.99 -11.78 -54.28
C GLY C 430 21.72 -11.00 -55.34
N LYS C 431 21.18 -10.96 -56.54
CA LYS C 431 21.70 -10.12 -57.60
C LYS C 431 20.58 -9.21 -58.05
N GLY C 432 20.78 -7.92 -57.94
CA GLY C 432 19.75 -6.94 -58.22
C GLY C 432 20.19 -6.01 -59.32
N PHE C 433 19.25 -5.64 -60.17
CA PHE C 433 19.46 -4.61 -61.16
C PHE C 433 18.34 -3.60 -60.97
N GLY C 434 18.71 -2.39 -60.63
CA GLY C 434 17.72 -1.33 -60.53
C GLY C 434 18.04 -0.30 -61.57
N SER C 435 17.07 0.14 -62.33
CA SER C 435 17.35 1.20 -63.26
C SER C 435 16.21 2.19 -63.27
N THR C 436 16.55 3.42 -63.63
CA THR C 436 15.58 4.48 -63.74
C THR C 436 16.08 5.45 -64.78
N GLU C 437 15.24 6.40 -65.08
CA GLU C 437 15.72 7.47 -65.95
C GLU C 437 15.76 8.65 -65.02
N ALA C 438 16.95 8.95 -64.60
CA ALA C 438 17.11 10.17 -63.83
C ALA C 438 16.87 11.31 -64.83
N ALA C 439 16.80 12.53 -64.34
CA ALA C 439 16.61 13.66 -65.27
C ALA C 439 17.56 13.55 -66.46
N ARG C 440 18.78 13.15 -66.22
CA ARG C 440 19.82 13.18 -67.28
C ARG C 440 19.90 11.88 -68.05
N GLY C 441 19.13 10.89 -67.63
CA GLY C 441 19.12 9.66 -68.44
C GLY C 441 19.24 8.38 -67.67
N ALA C 442 19.62 7.34 -68.39
CA ALA C 442 19.69 5.98 -67.83
C ALA C 442 20.60 5.94 -66.60
N LEU C 443 20.01 5.63 -65.48
CA LEU C 443 20.81 5.49 -64.25
C LEU C 443 20.58 4.06 -63.81
N SER C 444 21.66 3.35 -63.54
CA SER C 444 21.50 1.91 -63.26
C SER C 444 22.41 1.45 -62.15
N ASP C 445 21.90 0.57 -61.30
CA ASP C 445 22.64 -0.07 -60.23
C ASP C 445 22.65 -1.55 -60.52
N TRP C 446 23.83 -2.14 -60.51
CA TRP C 446 23.99 -3.59 -60.46
C TRP C 446 24.56 -3.92 -59.10
N ILE C 447 23.81 -4.64 -58.29
CA ILE C 447 24.22 -4.96 -56.95
C ILE C 447 24.31 -6.47 -56.81
N VAL C 448 25.33 -6.91 -56.10
CA VAL C 448 25.51 -8.30 -55.75
C VAL C 448 25.61 -8.33 -54.23
N ILE C 449 24.62 -8.94 -53.59
CA ILE C 449 24.59 -9.15 -52.16
C ILE C 449 25.07 -10.56 -51.89
N GLU C 450 26.03 -10.68 -51.01
CA GLU C 450 26.55 -11.97 -50.60
C GLU C 450 26.80 -11.92 -49.11
N ASP C 451 26.41 -13.00 -48.42
CA ASP C 451 26.66 -13.12 -46.98
C ASP C 451 26.09 -11.90 -46.26
N SER C 452 24.88 -11.49 -46.68
CA SER C 452 24.17 -10.37 -46.06
C SER C 452 24.99 -9.09 -46.10
N LYS C 453 25.85 -8.96 -47.10
CA LYS C 453 26.67 -7.78 -47.27
C LYS C 453 26.69 -7.43 -48.75
N ILE C 454 27.07 -6.20 -49.04
CA ILE C 454 27.24 -5.80 -50.43
C ILE C 454 28.53 -6.42 -50.94
N LYS C 455 28.41 -7.39 -51.85
CA LYS C 455 29.60 -7.98 -52.46
C LYS C 455 30.09 -7.11 -53.60
N ASN C 456 29.19 -6.65 -54.45
CA ASN C 456 29.55 -5.71 -55.49
C ASN C 456 28.44 -4.68 -55.62
N TYR C 457 28.83 -3.48 -56.02
CA TYR C 457 27.87 -2.41 -56.21
C TYR C 457 28.43 -1.53 -57.32
N GLN C 458 27.81 -1.59 -58.48
CA GLN C 458 28.29 -0.83 -59.62
C GLN C 458 27.16 0.09 -60.08
N VAL C 459 27.46 1.38 -60.09
CA VAL C 459 26.52 2.39 -60.55
C VAL C 459 27.00 2.88 -61.90
N VAL C 460 26.06 2.91 -62.81
CA VAL C 460 26.36 3.51 -64.14
C VAL C 460 25.36 4.64 -64.29
N THR C 461 25.87 5.85 -64.31
CA THR C 461 25.01 7.03 -64.33
C THR C 461 24.89 7.51 -65.78
N PRO C 462 23.83 8.27 -66.09
CA PRO C 462 23.61 8.75 -67.44
C PRO C 462 24.78 9.61 -67.90
N THR C 463 25.29 10.47 -67.03
CA THR C 463 26.39 11.33 -67.53
C THR C 463 27.61 10.45 -67.74
N ALA C 464 27.74 9.37 -67.01
CA ALA C 464 28.86 8.47 -67.33
C ALA C 464 28.66 7.98 -68.77
N TRP C 465 27.44 7.61 -69.13
CA TRP C 465 27.21 7.22 -70.52
C TRP C 465 27.61 8.34 -71.46
N ASN C 466 27.16 9.57 -71.18
CA ASN C 466 27.34 10.68 -72.10
C ASN C 466 28.77 11.21 -72.12
N ILE C 467 29.36 11.38 -70.95
CA ILE C 467 30.62 12.10 -70.81
C ILE C 467 31.80 11.16 -70.62
N GLY C 468 31.56 9.86 -70.47
CA GLY C 468 32.61 8.90 -70.34
C GLY C 468 33.58 8.99 -71.51
N PRO C 469 34.84 8.72 -71.24
CA PRO C 469 35.88 8.96 -72.25
C PRO C 469 35.88 7.94 -73.36
N ARG C 470 36.88 8.04 -74.26
CA ARG C 470 37.02 7.07 -75.32
C ARG C 470 37.16 5.67 -74.73
N ASP C 471 36.59 4.70 -75.41
CA ASP C 471 36.70 3.31 -75.00
C ASP C 471 38.00 2.73 -75.55
N ALA C 472 38.14 1.40 -75.45
CA ALA C 472 39.34 0.75 -75.98
C ALA C 472 39.49 0.94 -77.47
N SER C 473 38.39 1.09 -78.19
CA SER C 473 38.43 1.34 -79.63
C SER C 473 38.61 2.81 -79.97
N GLU C 474 38.93 3.64 -78.97
CA GLU C 474 39.12 5.08 -79.14
C GLU C 474 37.86 5.76 -79.65
N VAL C 475 36.70 5.13 -79.49
CA VAL C 475 35.45 5.74 -79.90
C VAL C 475 35.04 6.76 -78.87
N LEU C 476 34.85 8.01 -79.30
CA LEU C 476 34.55 9.09 -78.38
C LEU C 476 33.20 8.85 -77.72
N GLY C 477 33.09 9.32 -76.48
CA GLY C 477 31.83 9.26 -75.78
C GLY C 477 30.85 10.22 -76.40
N PRO C 478 29.56 10.06 -76.07
CA PRO C 478 28.54 10.90 -76.72
C PRO C 478 28.81 12.40 -76.57
N ILE C 479 29.21 12.86 -75.39
CA ILE C 479 29.47 14.28 -75.24
C ILE C 479 30.72 14.68 -76.00
N GLU C 480 31.73 13.81 -76.01
CA GLU C 480 32.94 14.10 -76.77
C GLU C 480 32.62 14.24 -78.26
N GLN C 481 31.80 13.36 -78.81
CA GLN C 481 31.46 13.52 -80.22
C GLN C 481 30.54 14.71 -80.45
N ALA C 482 29.68 15.02 -79.48
CA ALA C 482 28.84 16.20 -79.62
C ALA C 482 29.67 17.47 -79.63
N LEU C 483 30.75 17.50 -78.83
CA LEU C 483 31.64 18.64 -78.84
C LEU C 483 32.34 18.78 -80.18
N VAL C 484 32.68 17.64 -80.80
CA VAL C 484 33.32 17.68 -82.10
C VAL C 484 32.35 18.26 -83.12
N GLY C 485 32.82 19.22 -83.90
CA GLY C 485 31.97 19.98 -84.80
C GLY C 485 31.42 21.26 -84.22
N SER C 486 31.60 21.49 -82.93
CA SER C 486 31.10 22.71 -82.33
C SER C 486 31.92 23.91 -82.78
N PRO C 487 31.30 25.00 -83.19
CA PRO C 487 32.06 26.21 -83.51
C PRO C 487 32.65 26.79 -82.23
N ILE C 488 33.77 27.48 -82.38
CA ILE C 488 34.40 28.18 -81.27
C ILE C 488 34.66 29.61 -81.74
N VAL C 489 33.72 30.51 -81.43
CA VAL C 489 33.88 31.91 -81.80
C VAL C 489 34.99 32.55 -80.96
N ASP C 490 35.04 32.22 -79.68
CA ASP C 490 35.96 32.85 -78.74
C ASP C 490 36.59 31.76 -77.88
N ALA C 491 37.87 31.48 -78.12
CA ALA C 491 38.57 30.50 -77.30
C ALA C 491 38.74 30.96 -75.86
N GLU C 492 38.71 32.27 -75.62
CA GLU C 492 38.79 32.79 -74.26
C GLU C 492 37.53 32.50 -73.47
N ASP C 493 36.37 32.50 -74.13
CA ASP C 493 35.10 32.09 -73.53
C ASP C 493 34.43 31.10 -74.46
N PRO C 494 34.93 29.87 -74.52
CA PRO C 494 34.38 28.88 -75.46
C PRO C 494 33.00 28.41 -75.02
N VAL C 495 32.02 29.31 -75.08
CA VAL C 495 30.71 29.02 -74.54
C VAL C 495 30.04 27.87 -75.25
N GLU C 496 30.41 27.59 -76.50
CA GLU C 496 29.77 26.49 -77.23
C GLU C 496 30.10 25.15 -76.60
N LEU C 497 31.31 24.99 -76.05
CA LEU C 497 31.62 23.78 -75.29
C LEU C 497 30.67 23.65 -74.11
N GLY C 498 30.42 24.76 -73.42
CA GLY C 498 29.44 24.73 -72.34
C GLY C 498 28.06 24.40 -72.84
N HIS C 499 27.67 24.95 -73.99
CA HIS C 499 26.35 24.65 -74.54
C HIS C 499 26.21 23.16 -74.79
N VAL C 500 27.23 22.55 -75.38
CA VAL C 500 27.13 21.14 -75.72
C VAL C 500 27.14 20.29 -74.46
N ALA C 501 28.10 20.52 -73.56
CA ALA C 501 28.18 19.72 -72.36
C ALA C 501 26.93 19.87 -71.50
N ARG C 502 26.46 21.11 -71.35
CA ARG C 502 25.29 21.37 -70.53
C ARG C 502 23.99 20.98 -71.21
N SER C 503 23.97 20.88 -72.54
CA SER C 503 22.77 20.41 -73.21
C SER C 503 22.46 18.97 -72.83
N PHE C 504 23.49 18.21 -72.47
CA PHE C 504 23.32 16.90 -71.86
C PHE C 504 22.93 16.99 -70.40
N ASP C 505 22.85 18.20 -69.84
CA ASP C 505 22.57 18.37 -68.42
C ASP C 505 23.62 17.63 -67.61
N SER C 506 24.85 17.63 -68.11
CA SER C 506 25.93 16.82 -67.50
C SER C 506 25.97 16.92 -65.98
N CYS C 507 26.09 15.79 -65.34
CA CYS C 507 26.26 15.82 -63.88
C CYS C 507 27.54 15.06 -63.58
N LEU C 508 28.57 15.78 -63.22
CA LEU C 508 29.88 15.12 -63.06
C LEU C 508 29.97 14.38 -61.72
N VAL C 509 29.24 14.83 -60.73
CA VAL C 509 29.29 14.03 -59.47
C VAL C 509 28.66 12.66 -59.74
N CYS C 510 27.64 12.66 -60.58
CA CYS C 510 27.07 11.35 -60.95
C CYS C 510 28.04 10.61 -61.84
N THR C 511 28.67 11.34 -62.73
CA THR C 511 29.52 10.64 -63.70
C THR C 511 30.51 9.73 -62.99
N VAL C 512 31.15 10.24 -61.95
CA VAL C 512 32.23 9.52 -61.30
C VAL C 512 31.74 8.71 -60.11
N HIS C 513 30.85 9.28 -59.31
CA HIS C 513 30.48 8.72 -58.00
C HIS C 513 31.72 8.18 -57.29
N ALA D 48 28.90 41.57 -49.38
CA ALA D 48 29.64 40.42 -48.85
C ALA D 48 29.86 39.38 -49.94
N SER D 49 31.10 39.31 -50.44
CA SER D 49 31.43 38.38 -51.49
C SER D 49 31.40 36.94 -50.97
N VAL D 50 30.85 36.04 -51.77
CA VAL D 50 30.77 34.63 -51.41
C VAL D 50 31.36 33.82 -52.54
N LEU D 51 32.31 32.96 -52.20
CA LEU D 51 32.86 32.00 -53.14
C LEU D 51 32.48 30.61 -52.64
N TRP D 52 31.71 29.89 -53.43
CA TRP D 52 31.22 28.58 -53.06
C TRP D 52 31.93 27.56 -53.93
N PHE D 53 32.76 26.74 -53.30
CA PHE D 53 33.51 25.70 -53.97
C PHE D 53 32.97 24.34 -53.57
N GLN D 54 33.16 23.36 -54.45
CA GLN D 54 32.73 22.00 -54.20
C GLN D 54 33.94 21.09 -54.31
N GLY D 55 34.21 20.33 -53.27
CA GLY D 55 35.25 19.32 -53.32
C GLY D 55 34.65 17.96 -53.61
N GLY D 56 34.77 17.05 -52.67
CA GLY D 56 34.15 15.72 -52.82
C GLY D 56 32.69 15.85 -52.49
N ALA D 57 31.98 16.57 -53.33
CA ALA D 57 30.58 16.87 -53.04
C ALA D 57 29.66 16.16 -53.99
N CYS D 58 28.41 16.04 -53.59
CA CYS D 58 27.43 15.52 -54.54
C CYS D 58 26.55 16.69 -54.97
N SER D 59 26.83 17.88 -54.45
CA SER D 59 26.04 19.09 -54.79
C SER D 59 24.68 19.08 -54.08
N GLY D 60 24.43 18.09 -53.23
CA GLY D 60 23.17 18.08 -52.47
C GLY D 60 23.03 19.31 -51.62
N ASN D 61 24.13 19.83 -51.10
CA ASN D 61 23.96 21.01 -50.22
C ASN D 61 23.56 22.18 -51.11
N THR D 62 24.20 22.27 -52.26
CA THR D 62 23.78 23.32 -53.21
C THR D 62 22.29 23.13 -53.58
N MET D 63 21.89 21.91 -53.94
CA MET D 63 20.50 21.73 -54.33
C MET D 63 19.53 22.04 -53.20
N SER D 64 19.87 21.59 -52.00
CA SER D 64 19.07 21.94 -50.83
C SER D 64 19.03 23.45 -50.66
N PHE D 65 20.20 24.09 -50.77
CA PHE D 65 20.30 25.55 -50.70
C PHE D 65 19.40 26.21 -51.73
N LEU D 66 19.37 25.67 -52.95
CA LEU D 66 18.51 26.20 -53.99
C LEU D 66 17.03 26.04 -53.64
N ASN D 67 16.71 25.09 -52.77
CA ASN D 67 15.34 25.01 -52.26
C ASN D 67 15.01 26.09 -51.24
N ALA D 68 15.92 27.01 -50.98
CA ALA D 68 15.71 27.98 -49.92
C ALA D 68 14.43 28.74 -50.14
N ASP D 69 13.71 28.99 -49.06
CA ASP D 69 12.58 29.89 -49.04
C ASP D 69 12.72 30.80 -47.84
N GLU D 70 12.37 32.06 -48.02
CA GLU D 70 12.44 33.04 -46.95
C GLU D 70 13.80 33.05 -46.27
N PRO D 71 14.86 33.51 -46.96
CA PRO D 71 14.81 33.99 -48.34
C PRO D 71 14.94 32.85 -49.35
N ASN D 72 14.41 33.02 -50.54
CA ASN D 72 14.79 32.08 -51.57
C ASN D 72 16.18 32.42 -52.08
N VAL D 73 16.76 31.50 -52.84
CA VAL D 73 18.17 31.61 -53.19
C VAL D 73 18.43 32.87 -54.02
N VAL D 74 17.52 33.18 -54.93
CA VAL D 74 17.73 34.35 -55.79
C VAL D 74 17.69 35.62 -54.96
N ASP D 75 16.71 35.74 -54.07
CA ASP D 75 16.66 36.91 -53.20
C ASP D 75 17.85 36.97 -52.25
N LEU D 76 18.33 35.83 -51.80
CA LEU D 76 19.54 35.82 -50.98
C LEU D 76 20.73 36.35 -51.76
N ILE D 77 20.88 35.89 -53.00
CA ILE D 77 22.05 36.25 -53.80
C ILE D 77 21.98 37.71 -54.22
N VAL D 78 20.78 38.21 -54.52
CA VAL D 78 20.64 39.55 -55.07
C VAL D 78 20.33 40.56 -53.97
N ASP D 79 19.24 40.36 -53.25
CA ASP D 79 18.64 41.38 -52.39
C ASP D 79 19.24 41.47 -50.99
N PHE D 80 20.14 40.56 -50.60
CA PHE D 80 20.74 40.62 -49.27
C PHE D 80 22.20 41.06 -49.32
N GLY D 81 22.64 41.60 -50.44
CA GLY D 81 24.00 42.12 -50.51
C GLY D 81 25.08 41.06 -50.45
N LEU D 82 24.75 39.83 -50.81
CA LEU D 82 25.71 38.72 -50.84
C LEU D 82 26.12 38.49 -52.28
N ASP D 83 27.32 38.95 -52.63
CA ASP D 83 27.80 38.87 -54.00
C ASP D 83 28.39 37.48 -54.21
N LEU D 84 27.62 36.59 -54.82
CA LEU D 84 28.09 35.23 -55.11
C LEU D 84 29.10 35.30 -56.25
N LEU D 85 30.38 35.33 -55.90
CA LEU D 85 31.42 35.48 -56.90
C LEU D 85 31.39 34.33 -57.89
N TRP D 86 31.25 33.12 -57.39
CA TRP D 86 31.20 31.96 -58.26
C TRP D 86 30.68 30.79 -57.44
N HIS D 87 30.10 29.86 -58.14
CA HIS D 87 29.59 28.61 -57.62
C HIS D 87 29.62 27.63 -58.77
N PRO D 88 30.19 26.44 -58.59
CA PRO D 88 30.34 25.52 -59.74
C PRO D 88 29.01 25.18 -60.39
N SER D 89 27.93 25.19 -59.62
CA SER D 89 26.61 24.89 -60.17
C SER D 89 25.90 26.10 -60.71
N LEU D 90 26.34 27.30 -60.37
CA LEU D 90 25.61 28.51 -60.71
C LEU D 90 26.45 29.60 -61.35
N GLY D 91 27.77 29.56 -61.19
CA GLY D 91 28.60 30.62 -61.71
C GLY D 91 28.58 30.65 -63.23
N LEU D 92 28.56 31.85 -63.78
CA LEU D 92 28.55 32.02 -65.22
C LEU D 92 29.93 31.72 -65.81
N GLU D 93 30.98 32.15 -65.12
CA GLU D 93 32.33 32.04 -65.65
C GLU D 93 32.76 30.58 -65.76
N LEU D 94 33.48 30.28 -66.83
CA LEU D 94 34.14 29.00 -66.99
C LEU D 94 35.61 29.23 -67.28
N GLY D 95 36.38 28.15 -67.19
CA GLY D 95 37.75 28.18 -67.66
C GLY D 95 38.55 29.29 -67.02
N ASN D 96 39.25 30.04 -67.86
CA ASN D 96 40.21 31.01 -67.35
C ASN D 96 39.54 32.19 -66.66
N ASN D 97 38.34 32.58 -67.08
CA ASN D 97 37.63 33.65 -66.37
C ASN D 97 37.28 33.23 -64.95
N ALA D 98 36.78 32.00 -64.80
CA ALA D 98 36.51 31.48 -63.47
C ALA D 98 37.79 31.40 -62.65
N GLN D 99 38.86 30.89 -63.26
CA GLN D 99 40.13 30.79 -62.55
C GLN D 99 40.64 32.16 -62.14
N LYS D 100 40.39 33.17 -62.97
CA LYS D 100 40.77 34.53 -62.60
C LYS D 100 40.04 34.94 -61.33
N VAL D 101 38.74 34.65 -61.26
CA VAL D 101 38.00 34.94 -60.04
C VAL D 101 38.63 34.21 -58.85
N PHE D 102 38.92 32.92 -59.02
CA PHE D 102 39.44 32.13 -57.91
C PHE D 102 40.79 32.66 -57.45
N TRP D 103 41.68 32.94 -58.40
CA TRP D 103 43.01 33.40 -58.06
C TRP D 103 42.98 34.77 -57.42
N ASP D 104 42.09 35.65 -57.88
CA ASP D 104 41.93 36.95 -57.24
C ASP D 104 41.49 36.79 -55.79
N CYS D 105 40.57 35.86 -55.53
CA CYS D 105 40.18 35.59 -54.15
C CYS D 105 41.33 35.00 -53.35
N ALA D 106 42.08 34.07 -53.94
CA ALA D 106 43.10 33.35 -53.19
C ALA D 106 44.27 34.27 -52.83
N LYS D 107 44.67 35.13 -53.76
CA LYS D 107 45.82 36.00 -53.56
C LYS D 107 45.47 37.32 -52.88
N GLY D 108 44.20 37.55 -52.57
CA GLY D 108 43.80 38.78 -51.92
C GLY D 108 43.60 39.95 -52.84
N GLU D 109 43.61 39.73 -54.17
CA GLU D 109 43.40 40.82 -55.12
C GLU D 109 42.00 41.40 -54.95
N ARG D 110 41.02 40.57 -54.65
CA ARG D 110 39.67 40.99 -54.33
C ARG D 110 39.27 40.36 -53.00
N PRO D 111 38.44 41.06 -52.22
CA PRO D 111 38.05 40.53 -50.92
C PRO D 111 37.20 39.27 -51.04
N LEU D 112 37.38 38.37 -50.08
CA LEU D 112 36.60 37.15 -49.98
C LEU D 112 35.99 37.14 -48.58
N ASP D 113 34.71 37.45 -48.50
CA ASP D 113 34.07 37.54 -47.19
C ASP D 113 33.64 36.17 -46.68
N ILE D 114 33.00 35.39 -47.53
CA ILE D 114 32.53 34.07 -47.14
C ILE D 114 33.02 33.06 -48.17
N PHE D 115 33.79 32.10 -47.72
CA PHE D 115 34.17 30.96 -48.52
C PHE D 115 33.29 29.80 -48.05
N VAL D 116 32.36 29.40 -48.89
CA VAL D 116 31.56 28.22 -48.61
C VAL D 116 32.22 27.05 -49.30
N PHE D 117 32.37 25.98 -48.54
CA PHE D 117 32.97 24.79 -49.12
C PHE D 117 31.98 23.65 -48.92
N GLU D 118 31.75 22.96 -50.00
CA GLU D 118 30.80 21.83 -49.96
C GLU D 118 31.57 20.61 -50.42
N GLY D 119 31.24 19.45 -49.88
CA GLY D 119 32.04 18.30 -50.30
C GLY D 119 33.29 18.17 -49.47
N THR D 120 33.90 17.02 -49.61
CA THR D 120 35.06 16.79 -48.77
C THR D 120 36.32 17.40 -49.35
N VAL D 121 37.27 17.62 -48.48
CA VAL D 121 38.61 17.94 -48.94
C VAL D 121 39.25 16.62 -49.33
N ILE D 122 39.44 16.40 -50.60
CA ILE D 122 39.99 15.14 -51.10
C ILE D 122 41.50 15.26 -51.10
N GLU D 123 42.16 14.35 -50.38
CA GLU D 123 43.61 14.37 -50.30
C GLU D 123 44.28 13.25 -51.08
N ALA D 124 43.55 12.18 -51.40
CA ALA D 124 44.13 11.11 -52.17
C ALA D 124 44.35 11.56 -53.62
N PRO D 125 45.30 10.93 -54.33
CA PRO D 125 46.18 9.88 -53.84
C PRO D 125 47.39 10.41 -53.09
N ASN D 126 47.81 9.70 -52.03
CA ASN D 126 49.08 9.98 -51.35
C ASN D 126 49.18 11.44 -50.92
N GLY D 127 48.07 12.00 -50.45
CA GLY D 127 48.08 13.37 -49.99
C GLY D 127 48.23 14.41 -51.09
N THR D 128 48.22 14.01 -52.36
CA THR D 128 48.32 14.96 -53.45
C THR D 128 47.00 15.64 -53.76
N GLY D 129 45.87 15.03 -53.41
CA GLY D 129 44.59 15.62 -53.70
C GLY D 129 44.18 15.56 -55.16
N GLN D 130 44.87 14.76 -55.97
CA GLN D 130 44.60 14.74 -57.40
C GLN D 130 43.36 13.95 -57.77
N MET D 131 42.73 13.27 -56.80
CA MET D 131 41.40 12.75 -57.03
C MET D 131 40.35 13.84 -57.03
N ASP D 132 40.75 15.08 -56.78
CA ASP D 132 39.87 16.24 -56.90
C ASP D 132 40.71 17.37 -57.49
N MET D 133 40.78 17.40 -58.81
CA MET D 133 41.50 18.45 -59.52
C MET D 133 40.46 19.48 -59.94
N PHE D 134 40.67 20.73 -59.53
CA PHE D 134 39.74 21.80 -59.84
C PHE D 134 40.51 23.01 -60.32
N ALA D 135 40.17 23.49 -61.51
CA ALA D 135 40.72 24.73 -62.05
C ALA D 135 42.24 24.73 -62.02
N GLY D 136 42.82 23.59 -62.36
CA GLY D 136 44.26 23.47 -62.51
C GLY D 136 45.03 23.17 -61.26
N ARG D 137 44.36 22.94 -60.13
CA ARG D 137 45.02 22.61 -58.88
C ARG D 137 44.24 21.49 -58.20
N PRO D 138 44.89 20.74 -57.32
CA PRO D 138 44.12 19.92 -56.38
C PRO D 138 43.19 20.82 -55.60
N MET D 139 41.95 20.36 -55.42
CA MET D 139 40.99 21.20 -54.73
C MET D 139 41.47 21.57 -53.34
N LYS D 140 42.21 20.68 -52.69
CA LYS D 140 42.70 20.97 -51.34
C LYS D 140 43.60 22.19 -51.33
N ASP D 141 44.35 22.42 -52.39
CA ASP D 141 45.17 23.63 -52.47
C ASP D 141 44.29 24.88 -52.57
N TRP D 142 43.25 24.82 -53.39
CA TRP D 142 42.28 25.90 -53.41
C TRP D 142 41.71 26.13 -52.02
N VAL D 143 41.40 25.04 -51.31
CA VAL D 143 40.83 25.16 -49.98
C VAL D 143 41.80 25.89 -49.08
N THR D 144 43.06 25.47 -49.10
CA THR D 144 44.07 26.13 -48.29
C THR D 144 44.08 27.63 -48.55
N ASP D 145 44.20 28.01 -49.82
CA ASP D 145 44.33 29.42 -50.17
C ASP D 145 43.08 30.20 -49.79
N LEU D 146 41.90 29.68 -50.15
CA LEU D 146 40.67 30.44 -49.98
C LEU D 146 40.24 30.49 -48.54
N ALA D 147 40.40 29.39 -47.80
CA ALA D 147 40.13 29.42 -46.37
C ALA D 147 41.07 30.38 -45.67
N GLY D 148 42.32 30.46 -46.13
CA GLY D 148 43.21 31.47 -45.59
C GLY D 148 42.86 32.88 -45.99
N ALA D 149 42.12 33.05 -47.08
CA ALA D 149 41.75 34.38 -47.55
C ALA D 149 40.41 34.86 -47.03
N ALA D 150 39.50 33.95 -46.72
CA ALA D 150 38.13 34.34 -46.41
C ALA D 150 38.02 34.99 -45.05
N GLN D 151 37.07 35.92 -44.93
CA GLN D 151 36.70 36.44 -43.63
C GLN D 151 36.01 35.38 -42.79
N ILE D 152 35.14 34.61 -43.42
CA ILE D 152 34.40 33.53 -42.79
C ILE D 152 34.49 32.33 -43.71
N VAL D 153 34.73 31.17 -43.14
CA VAL D 153 34.72 29.92 -43.87
C VAL D 153 33.54 29.11 -43.36
N VAL D 154 32.67 28.68 -44.27
CA VAL D 154 31.51 27.87 -43.94
C VAL D 154 31.66 26.54 -44.65
N ALA D 155 31.71 25.47 -43.88
CA ALA D 155 31.62 24.13 -44.45
C ALA D 155 30.14 23.76 -44.45
N ILE D 156 29.62 23.50 -45.64
CA ILE D 156 28.19 23.16 -45.72
C ILE D 156 28.10 21.66 -46.05
N GLY D 157 27.38 20.95 -45.21
CA GLY D 157 27.20 19.51 -45.42
C GLY D 157 28.29 18.73 -44.72
N ASP D 158 27.93 17.51 -44.32
CA ASP D 158 28.87 16.67 -43.54
C ASP D 158 30.19 16.47 -44.27
N CYS D 159 30.11 16.32 -45.59
CA CYS D 159 31.36 16.06 -46.31
C CYS D 159 32.34 17.15 -45.94
N ALA D 160 31.89 18.39 -46.07
CA ALA D 160 32.82 19.51 -45.82
C ALA D 160 33.09 19.66 -44.32
N CYS D 161 32.06 19.45 -43.50
CA CYS D 161 32.22 19.66 -42.06
C CYS D 161 33.11 18.58 -41.45
N PHE D 162 32.84 17.33 -41.76
CA PHE D 162 33.41 16.20 -41.05
C PHE D 162 33.93 15.09 -41.95
N GLY D 163 33.74 15.17 -43.26
CA GLY D 163 34.20 14.09 -44.11
C GLY D 163 33.06 13.29 -44.68
N GLY D 164 32.03 13.08 -43.87
CA GLY D 164 30.77 12.53 -44.33
C GLY D 164 30.91 11.19 -45.02
N ILE D 165 30.02 10.97 -45.99
CA ILE D 165 29.97 9.68 -46.67
C ILE D 165 31.28 9.35 -47.39
N PRO D 166 31.92 10.27 -48.12
CA PRO D 166 33.17 9.89 -48.79
C PRO D 166 34.25 9.46 -47.82
N ALA D 167 34.22 9.94 -46.59
CA ALA D 167 35.19 9.55 -45.58
C ALA D 167 34.88 8.20 -44.95
N MET D 168 33.75 7.60 -45.29
CA MET D 168 33.49 6.21 -44.90
C MET D 168 34.65 5.33 -45.32
N GLU D 169 34.99 4.38 -44.45
CA GLU D 169 36.03 3.43 -44.83
C GLU D 169 35.60 2.68 -46.09
N PRO D 170 36.52 2.40 -47.01
CA PRO D 170 37.96 2.65 -46.88
C PRO D 170 38.44 4.04 -47.27
N ASN D 171 37.53 4.99 -47.47
CA ASN D 171 37.87 6.37 -47.80
C ASN D 171 38.84 6.43 -48.99
N PRO D 172 38.41 5.95 -50.15
CA PRO D 172 39.34 5.92 -51.30
C PRO D 172 39.86 7.28 -51.69
N SER D 173 39.06 8.33 -51.51
CA SER D 173 39.46 9.67 -51.91
C SER D 173 40.29 10.38 -50.86
N GLY D 174 40.61 9.72 -49.74
CA GLY D 174 41.31 10.41 -48.68
C GLY D 174 40.53 11.63 -48.24
N SER D 175 39.22 11.51 -48.16
CA SER D 175 38.37 12.63 -47.85
C SER D 175 38.46 13.00 -46.39
N THR D 176 38.34 14.29 -46.12
CA THR D 176 38.26 14.78 -44.76
C THR D 176 37.44 16.06 -44.78
N GLY D 177 37.00 16.47 -43.60
CA GLY D 177 36.33 17.74 -43.50
C GLY D 177 37.30 18.89 -43.40
N LEU D 178 36.76 20.10 -43.44
CA LEU D 178 37.60 21.29 -43.36
C LEU D 178 38.33 21.36 -42.03
N GLN D 179 37.59 21.26 -40.94
CA GLN D 179 38.18 21.36 -39.61
C GLN D 179 37.89 20.14 -38.74
N PHE D 180 37.24 19.13 -39.30
CA PHE D 180 36.97 17.90 -38.58
C PHE D 180 37.22 16.73 -39.50
N HIS D 181 37.64 15.62 -38.93
CA HIS D 181 37.48 14.33 -39.57
C HIS D 181 36.58 13.53 -38.66
N LYS D 182 35.33 13.34 -39.09
CA LYS D 182 34.30 12.83 -38.21
C LYS D 182 34.30 13.68 -36.94
N ARG D 183 34.20 13.06 -35.76
CA ARG D 183 34.13 13.86 -34.54
C ARG D 183 35.47 14.51 -34.21
N GLU D 184 36.57 13.99 -34.72
CA GLU D 184 37.89 14.46 -34.33
C GLU D 184 38.15 15.83 -34.94
N LYS D 185 38.35 16.83 -34.09
CA LYS D 185 38.60 18.17 -34.58
C LYS D 185 39.97 18.24 -35.25
N GLY D 186 40.03 19.04 -36.31
CA GLY D 186 41.25 19.35 -37.02
C GLY D 186 41.08 19.23 -38.53
N GLY D 187 40.46 18.15 -38.99
CA GLY D 187 40.22 17.95 -40.40
C GLY D 187 41.36 18.36 -41.30
N PHE D 188 41.04 19.05 -42.38
CA PHE D 188 42.09 19.45 -43.32
C PHE D 188 42.81 20.70 -42.85
N LEU D 189 42.10 21.67 -42.30
CA LEU D 189 42.69 22.97 -41.98
C LEU D 189 43.37 22.99 -40.62
N GLY D 190 43.20 21.97 -39.80
CA GLY D 190 43.80 21.95 -38.49
C GLY D 190 42.84 22.48 -37.45
N PRO D 191 43.00 22.02 -36.21
CA PRO D 191 42.08 22.47 -35.14
C PRO D 191 42.18 23.95 -34.86
N ASP D 192 43.32 24.56 -35.14
CA ASP D 192 43.56 25.95 -34.79
C ASP D 192 43.27 26.93 -35.91
N PHE D 193 42.77 26.45 -37.04
CA PHE D 193 42.41 27.35 -38.12
C PHE D 193 41.36 28.35 -37.65
N ARG D 194 41.58 29.61 -37.98
CA ARG D 194 40.57 30.64 -37.79
C ARG D 194 40.51 31.47 -39.06
N SER D 195 39.30 31.84 -39.46
CA SER D 195 39.18 32.75 -40.59
C SER D 195 39.59 34.15 -40.14
N LYS D 196 39.56 35.09 -41.09
CA LYS D 196 40.00 36.44 -40.78
C LYS D 196 39.09 37.16 -39.79
N MET D 197 37.82 36.75 -39.70
CA MET D 197 36.95 37.30 -38.67
C MET D 197 37.13 36.59 -37.33
N GLY D 198 38.12 35.71 -37.22
CA GLY D 198 38.43 35.02 -35.98
C GLY D 198 37.63 33.77 -35.75
N LEU D 199 36.69 33.44 -36.61
CA LEU D 199 35.84 32.29 -36.39
C LEU D 199 36.53 31.02 -36.88
N PRO D 200 36.22 29.88 -36.29
CA PRO D 200 36.63 28.63 -36.90
C PRO D 200 35.76 28.41 -38.12
N VAL D 201 35.97 27.31 -38.84
CA VAL D 201 35.02 26.95 -39.88
C VAL D 201 33.65 26.80 -39.26
N ILE D 202 32.68 27.51 -39.79
CA ILE D 202 31.29 27.36 -39.39
C ILE D 202 30.78 26.09 -40.05
N ASN D 203 30.47 25.08 -39.26
CA ASN D 203 30.01 23.81 -39.78
C ASN D 203 28.50 23.83 -39.85
N VAL D 204 27.96 23.83 -41.06
CA VAL D 204 26.54 23.68 -41.30
C VAL D 204 26.37 22.24 -41.75
N PRO D 205 26.17 21.27 -40.84
CA PRO D 205 26.21 19.90 -41.23
C PRO D 205 24.91 19.45 -41.88
N GLY D 206 24.75 18.16 -41.96
CA GLY D 206 23.60 17.65 -42.67
C GLY D 206 24.09 17.02 -43.96
N CYS D 207 23.26 16.17 -44.50
CA CYS D 207 23.69 15.48 -45.73
C CYS D 207 22.44 15.30 -46.56
N PRO D 208 21.91 16.38 -47.15
CA PRO D 208 22.58 17.68 -47.12
C PRO D 208 22.08 18.57 -46.00
N ALA D 209 22.74 19.71 -45.87
CA ALA D 209 22.21 20.72 -44.96
C ALA D 209 20.87 21.19 -45.47
N HIS D 210 19.98 21.49 -44.57
CA HIS D 210 18.74 22.16 -44.91
C HIS D 210 19.04 23.57 -45.40
N PRO D 211 18.30 24.07 -46.39
CA PRO D 211 18.63 25.41 -46.91
C PRO D 211 18.65 26.47 -45.83
N ASP D 212 17.78 26.38 -44.85
CA ASP D 212 17.74 27.46 -43.82
C ASP D 212 19.02 27.43 -42.99
N TRP D 213 19.61 26.25 -42.83
CA TRP D 213 20.79 26.16 -41.94
C TRP D 213 21.90 27.06 -42.46
N ILE D 214 21.91 27.27 -43.76
CA ILE D 214 22.94 28.17 -44.35
C ILE D 214 22.32 29.53 -44.63
N THR D 215 21.12 29.56 -45.21
CA THR D 215 20.56 30.83 -45.64
C THR D 215 20.32 31.75 -44.46
N GLN D 216 19.82 31.22 -43.34
CA GLN D 216 19.59 32.09 -42.19
C GLN D 216 20.90 32.57 -41.59
N ILE D 217 21.94 31.75 -41.64
CA ILE D 217 23.25 32.22 -41.24
C ILE D 217 23.72 33.33 -42.16
N LEU D 218 23.53 33.16 -43.47
CA LEU D 218 23.94 34.17 -44.43
C LEU D 218 23.14 35.45 -44.24
N VAL D 219 21.84 35.33 -43.96
CA VAL D 219 21.02 36.49 -43.68
C VAL D 219 21.50 37.18 -42.42
N ALA D 220 21.80 36.40 -41.37
CA ALA D 220 22.31 36.97 -40.13
C ALA D 220 23.59 37.75 -40.38
N LEU D 221 24.50 37.17 -41.16
CA LEU D 221 25.74 37.87 -41.52
C LEU D 221 25.42 39.13 -42.31
N ALA D 222 24.45 39.05 -43.21
CA ALA D 222 24.11 40.17 -44.08
C ALA D 222 23.31 41.25 -43.37
N THR D 223 22.63 40.91 -42.27
CA THR D 223 21.78 41.86 -41.56
C THR D 223 22.43 42.37 -40.29
N GLY D 224 23.73 42.19 -40.11
CA GLY D 224 24.41 42.69 -38.94
C GLY D 224 24.24 41.85 -37.70
N ARG D 225 23.79 40.60 -37.84
CA ARG D 225 23.56 39.72 -36.71
C ARG D 225 24.59 38.60 -36.62
N ALA D 226 25.78 38.82 -37.19
CA ALA D 226 26.85 37.84 -37.05
C ALA D 226 27.14 37.56 -35.58
N GLY D 227 27.09 38.61 -34.75
CA GLY D 227 27.33 38.44 -33.33
C GLY D 227 26.27 37.61 -32.63
N ASP D 228 25.09 37.45 -33.24
CA ASP D 228 24.08 36.56 -32.68
C ASP D 228 24.39 35.10 -32.93
N ILE D 229 25.32 34.80 -33.83
CA ILE D 229 25.60 33.41 -34.20
C ILE D 229 26.52 32.82 -33.15
N THR D 230 26.02 31.83 -32.41
CA THR D 230 26.84 31.05 -31.50
C THR D 230 27.02 29.66 -32.09
N LEU D 231 28.22 29.11 -31.93
CA LEU D 231 28.57 27.81 -32.47
C LEU D 231 28.76 26.82 -31.33
N ASP D 232 28.33 25.58 -31.56
CA ASP D 232 28.53 24.56 -30.54
C ASP D 232 29.96 24.00 -30.66
N ASP D 233 30.24 22.92 -29.95
CA ASP D 233 31.59 22.35 -29.96
C ASP D 233 31.98 21.79 -31.32
N LEU D 234 30.99 21.48 -32.16
CA LEU D 234 31.27 21.04 -33.52
C LEU D 234 31.24 22.19 -34.51
N HIS D 235 31.26 23.43 -34.00
CA HIS D 235 31.17 24.65 -34.81
C HIS D 235 29.86 24.75 -35.56
N ARG D 236 28.82 24.08 -35.08
CA ARG D 236 27.51 24.21 -35.70
C ARG D 236 26.73 25.36 -35.08
N PRO D 237 25.95 26.07 -35.88
CA PRO D 237 25.12 27.15 -35.33
C PRO D 237 24.13 26.61 -34.30
N GLU D 238 24.28 27.06 -33.07
CA GLU D 238 23.41 26.59 -32.00
C GLU D 238 21.96 27.00 -32.21
N THR D 239 21.71 28.03 -33.01
CA THR D 239 20.33 28.38 -33.31
C THR D 239 19.60 27.26 -34.03
N PHE D 240 20.34 26.34 -34.65
CA PHE D 240 19.75 25.18 -35.30
C PHE D 240 20.08 23.86 -34.62
N PHE D 241 21.18 23.79 -33.87
CA PHE D 241 21.72 22.51 -33.44
C PHE D 241 21.75 22.34 -31.93
N LYS D 242 21.02 23.16 -31.20
CA LYS D 242 20.75 22.82 -29.81
C LYS D 242 19.59 21.86 -29.70
N THR D 243 18.60 21.98 -30.58
CA THR D 243 17.50 21.04 -30.61
C THR D 243 17.99 19.70 -31.13
N PHE D 244 17.12 18.71 -31.00
CA PHE D 244 17.43 17.38 -31.56
C PHE D 244 16.55 17.18 -32.77
N THR D 245 16.87 16.20 -33.59
CA THR D 245 15.93 15.90 -34.67
C THR D 245 14.59 15.57 -34.01
N GLN D 246 14.67 14.91 -32.86
CA GLN D 246 13.41 14.48 -32.20
C GLN D 246 12.56 15.69 -31.82
N THR D 247 13.21 16.83 -31.66
CA THR D 247 12.49 18.02 -31.19
C THR D 247 11.48 18.41 -32.27
N GLY D 248 10.22 18.15 -32.01
CA GLY D 248 9.19 18.52 -32.99
C GLY D 248 8.84 17.31 -33.83
N CYS D 249 9.48 16.21 -33.54
CA CYS D 249 9.11 14.98 -34.29
C CYS D 249 7.65 14.66 -33.97
N THR D 250 6.89 14.27 -34.97
CA THR D 250 5.47 13.93 -34.76
C THR D 250 5.35 12.62 -33.98
N ARG D 251 6.46 11.93 -33.73
CA ARG D 251 6.35 10.60 -33.08
C ARG D 251 6.87 10.61 -31.64
N VAL D 252 7.18 11.80 -31.12
CA VAL D 252 7.76 11.83 -29.75
C VAL D 252 6.76 11.28 -28.73
N GLN D 253 5.47 11.49 -28.95
CA GLN D 253 4.55 10.93 -27.94
C GLN D 253 4.66 9.41 -27.95
N PHE D 254 4.81 8.84 -29.13
CA PHE D 254 5.01 7.37 -29.19
C PHE D 254 6.33 7.04 -28.51
N PHE D 255 7.34 7.87 -28.74
CA PHE D 255 8.65 7.64 -28.09
C PHE D 255 8.43 7.67 -26.58
N GLU D 256 7.72 8.67 -26.10
CA GLU D 256 7.52 8.84 -24.65
C GLU D 256 6.91 7.57 -24.08
N TYR D 257 5.96 7.01 -24.77
CA TYR D 257 5.26 5.81 -24.32
C TYR D 257 5.88 4.55 -24.89
N LYS D 258 7.03 4.67 -25.53
CA LYS D 258 7.78 3.51 -25.98
C LYS D 258 6.95 2.64 -26.90
N GLN D 259 6.20 3.28 -27.78
CA GLN D 259 5.41 2.59 -28.79
C GLN D 259 6.17 2.63 -30.10
N SER D 260 6.54 1.47 -30.59
CA SER D 260 7.46 1.38 -31.71
C SER D 260 6.69 1.27 -33.01
N THR D 261 7.11 2.03 -34.00
CA THR D 261 6.76 1.68 -35.37
C THR D 261 7.32 0.29 -35.63
N LEU D 262 6.49 -0.57 -36.18
CA LEU D 262 6.88 -1.94 -36.42
C LEU D 262 7.29 -2.22 -37.85
N SER D 263 6.79 -1.43 -38.80
CA SER D 263 7.07 -1.69 -40.20
C SER D 263 6.97 -0.39 -40.97
N PHE D 264 7.56 -0.40 -42.15
CA PHE D 264 7.52 0.76 -43.01
C PHE D 264 6.16 0.85 -43.70
N GLY D 265 6.02 1.85 -44.55
CA GLY D 265 4.74 2.08 -45.21
C GLY D 265 3.68 2.42 -44.19
N GLU D 266 2.52 1.75 -44.30
CA GLU D 266 1.42 2.03 -43.39
C GLU D 266 1.79 1.78 -41.93
N GLY D 267 2.79 0.94 -41.68
CA GLY D 267 3.24 0.75 -40.31
C GLY D 267 3.71 2.04 -39.65
N THR D 268 4.12 3.02 -40.46
CA THR D 268 4.57 4.29 -39.92
C THR D 268 3.41 5.24 -39.63
N ARG D 269 2.17 4.81 -39.80
CA ARG D 269 1.05 5.61 -39.33
C ARG D 269 1.00 5.70 -37.82
N THR D 270 1.85 4.95 -37.14
CA THR D 270 1.90 4.99 -35.69
C THR D 270 3.34 4.76 -35.24
N GLY D 271 3.58 5.04 -33.97
CA GLY D 271 4.86 4.61 -33.42
C GLY D 271 6.02 5.52 -33.66
N CYS D 272 7.07 5.27 -32.90
CA CYS D 272 8.31 6.01 -33.08
C CYS D 272 9.33 5.06 -33.72
N LEU D 273 10.24 5.61 -34.49
CA LEU D 273 11.16 4.74 -35.29
C LEU D 273 12.41 4.37 -34.50
N PHE D 274 12.46 4.79 -33.26
CA PHE D 274 13.73 4.62 -32.52
C PHE D 274 14.01 3.16 -32.24
N TYR D 275 12.97 2.43 -31.95
CA TYR D 275 13.21 1.07 -31.41
C TYR D 275 13.48 0.01 -32.47
N GLU D 276 12.85 0.13 -33.61
CA GLU D 276 13.01 -0.90 -34.63
C GLU D 276 13.75 -0.41 -35.86
N PHE D 277 13.84 0.89 -36.09
CA PHE D 277 14.45 1.40 -37.32
C PHE D 277 15.68 2.24 -37.06
N GLY D 278 16.20 2.20 -35.86
CA GLY D 278 17.48 2.89 -35.64
C GLY D 278 17.39 4.39 -35.74
N CYS D 279 16.20 4.91 -35.54
CA CYS D 279 16.09 6.39 -35.54
C CYS D 279 17.13 7.00 -34.60
N ARG D 280 17.94 7.89 -35.14
CA ARG D 280 18.94 8.58 -34.28
C ARG D 280 18.40 9.93 -33.80
N GLY D 281 17.12 10.17 -34.02
CA GLY D 281 16.52 11.45 -33.62
C GLY D 281 16.94 11.93 -32.25
N PRO D 282 16.82 11.11 -31.20
CA PRO D 282 17.11 11.55 -29.85
C PRO D 282 18.62 11.68 -29.57
N MET D 283 19.44 11.30 -30.53
CA MET D 283 20.90 11.41 -30.33
C MET D 283 21.47 12.38 -31.37
N THR D 284 20.59 13.10 -32.06
CA THR D 284 21.07 13.92 -33.18
C THR D 284 20.60 15.34 -33.03
N HIS D 285 21.56 16.25 -33.08
CA HIS D 285 21.22 17.66 -32.93
C HIS D 285 20.87 18.18 -34.30
N SER D 286 19.71 18.78 -34.40
CA SER D 286 19.23 19.30 -35.69
C SER D 286 17.91 19.99 -35.41
N PRO D 287 17.44 20.87 -36.30
CA PRO D 287 16.11 21.40 -36.16
C PRO D 287 15.23 20.76 -37.24
N CYS D 288 15.50 19.51 -37.61
CA CYS D 288 14.75 18.93 -38.75
C CYS D 288 13.26 18.87 -38.53
N ASN D 289 12.87 18.76 -37.27
CA ASN D 289 11.43 18.72 -36.97
C ASN D 289 10.95 20.07 -36.47
N ARG D 290 11.88 20.98 -36.27
CA ARG D 290 11.47 22.34 -35.95
C ARG D 290 11.29 23.13 -37.24
N ILE D 291 12.32 23.16 -38.06
CA ILE D 291 12.28 23.76 -39.37
C ILE D 291 12.15 22.62 -40.37
N LEU D 292 10.98 22.48 -40.92
CA LEU D 292 10.74 21.28 -41.73
C LEU D 292 11.46 21.33 -43.07
N TRP D 293 11.76 20.17 -43.57
CA TRP D 293 12.44 20.07 -44.86
C TRP D 293 11.45 20.43 -45.97
N ASN D 294 11.92 21.22 -46.93
CA ASN D 294 11.08 21.59 -48.09
C ASN D 294 9.79 22.22 -47.58
N ARG D 295 9.83 22.79 -46.38
CA ARG D 295 8.65 23.37 -45.76
C ARG D 295 7.51 22.38 -45.66
N GLN D 296 7.81 21.09 -45.71
CA GLN D 296 6.77 20.07 -45.70
C GLN D 296 6.90 19.09 -44.56
N SER D 297 8.07 18.53 -44.35
CA SER D 297 8.13 17.30 -43.58
C SER D 297 9.53 17.14 -43.02
N SER D 298 9.79 15.93 -42.57
CA SER D 298 11.14 15.56 -42.13
C SER D 298 11.21 14.05 -42.36
N LYS D 299 12.41 13.53 -42.32
CA LYS D 299 12.47 12.06 -42.44
C LYS D 299 11.55 11.41 -41.40
N THR D 300 11.72 11.82 -40.17
CA THR D 300 11.02 11.08 -39.08
C THR D 300 9.51 11.22 -39.22
N ARG D 301 9.07 12.42 -39.52
CA ARG D 301 7.62 12.56 -39.75
C ARG D 301 7.18 11.61 -40.84
N ALA D 302 7.94 11.55 -41.92
CA ALA D 302 7.54 10.72 -43.06
C ALA D 302 7.61 9.24 -42.77
N GLY D 303 8.24 8.84 -41.67
CA GLY D 303 8.44 7.44 -41.38
C GLY D 303 9.84 6.95 -41.65
N MET D 304 10.75 7.82 -42.00
CA MET D 304 12.12 7.40 -42.18
C MET D 304 12.93 7.71 -40.94
N PRO D 305 13.73 6.76 -40.43
CA PRO D 305 14.54 7.08 -39.30
C PRO D 305 15.55 8.18 -39.59
N CYS D 306 15.75 8.98 -38.58
CA CYS D 306 16.83 9.96 -38.71
C CYS D 306 18.12 9.14 -38.73
N LEU D 307 18.96 9.47 -39.69
CA LEU D 307 20.25 8.76 -39.81
C LEU D 307 21.33 9.53 -39.04
N GLY D 308 20.93 10.53 -38.28
CA GLY D 308 21.91 11.30 -37.50
C GLY D 308 22.87 12.02 -38.40
N CYS D 309 22.40 12.49 -39.54
CA CYS D 309 23.33 13.08 -40.52
C CYS D 309 23.93 14.41 -40.06
N THR D 310 23.42 15.04 -39.04
CA THR D 310 24.02 16.32 -38.66
C THR D 310 25.14 16.05 -37.67
N GLU D 311 25.26 14.78 -37.33
CA GLU D 311 26.29 14.40 -36.35
C GLU D 311 27.57 14.04 -37.09
N PRO D 312 28.77 14.31 -36.53
CA PRO D 312 30.01 14.12 -37.30
C PRO D 312 30.31 12.68 -37.65
N GLU D 313 29.76 11.72 -36.92
CA GLU D 313 30.00 10.32 -37.22
C GLU D 313 29.23 9.83 -38.43
N PHE D 314 28.34 10.64 -38.97
CA PHE D 314 27.51 10.18 -40.08
C PHE D 314 28.40 9.81 -41.27
N PRO D 315 28.10 8.68 -41.95
CA PRO D 315 27.06 7.71 -41.59
C PRO D 315 27.48 6.87 -40.42
N HIS D 316 26.58 6.74 -39.45
CA HIS D 316 26.95 6.08 -38.22
C HIS D 316 27.22 4.61 -38.49
N PHE D 317 28.19 4.07 -37.75
CA PHE D 317 28.63 2.69 -37.90
C PHE D 317 29.07 2.37 -39.30
N ASP D 318 29.33 3.39 -40.11
CA ASP D 318 29.75 3.24 -41.49
C ASP D 318 28.81 2.33 -42.26
N LEU D 319 27.52 2.36 -41.89
CA LEU D 319 26.52 1.55 -42.59
C LEU D 319 26.94 0.08 -42.64
N ALA D 320 27.58 -0.38 -41.58
CA ALA D 320 27.99 -1.77 -41.50
C ALA D 320 26.76 -2.65 -41.53
N PRO D 321 26.91 -3.90 -41.95
CA PRO D 321 25.75 -4.79 -42.05
C PRO D 321 24.98 -4.87 -40.75
N GLY D 322 23.66 -4.81 -40.85
CA GLY D 322 22.79 -4.87 -39.72
C GLY D 322 22.52 -3.54 -39.03
N THR D 323 23.11 -2.46 -39.50
CA THR D 323 22.94 -1.16 -38.85
C THR D 323 22.07 -0.20 -39.64
N VAL D 324 21.56 -0.60 -40.80
CA VAL D 324 20.82 0.30 -41.68
C VAL D 324 19.34 0.10 -41.42
N PHE D 325 18.66 1.15 -40.97
CA PHE D 325 17.24 1.11 -40.64
C PHE D 325 16.95 0.01 -39.61
N LYS D 326 17.89 -0.19 -38.70
CA LYS D 326 17.73 -1.15 -37.62
C LYS D 326 18.27 -0.53 -36.34
N THR D 327 17.64 -0.85 -35.23
CA THR D 327 18.14 -0.45 -33.92
C THR D 327 18.99 -1.59 -33.38
N GLN D 328 20.29 -1.35 -33.22
CA GLN D 328 21.12 -2.34 -32.57
C GLN D 328 20.73 -2.44 -31.11
N LYS D 329 20.50 -3.66 -30.65
CA LYS D 329 19.99 -3.89 -29.31
C LYS D 329 20.88 -4.90 -28.60
N VAL D 330 20.94 -4.73 -27.28
CA VAL D 330 21.61 -5.69 -26.39
C VAL D 330 20.54 -6.60 -25.83
N SER D 331 20.75 -7.91 -25.94
CA SER D 331 19.82 -8.92 -25.45
C SER D 331 18.44 -8.78 -26.11
N GLY D 332 18.39 -8.16 -27.29
CA GLY D 332 17.18 -8.05 -28.06
C GLY D 332 16.16 -7.06 -27.53
N MET D 333 16.45 -6.38 -26.43
CA MET D 333 15.46 -5.50 -25.83
C MET D 333 16.02 -4.11 -25.57
N ILE D 334 17.30 -4.03 -25.20
CA ILE D 334 17.92 -2.80 -24.76
C ILE D 334 18.63 -2.16 -25.94
N PRO D 335 18.25 -0.96 -26.37
CA PRO D 335 19.00 -0.30 -27.43
C PRO D 335 20.45 -0.09 -27.00
N LYS D 336 21.37 -0.33 -27.94
CA LYS D 336 22.78 -0.09 -27.64
C LYS D 336 23.02 1.38 -27.33
N GLU D 337 22.40 2.27 -28.11
CA GLU D 337 22.49 3.70 -27.91
C GLU D 337 21.16 4.21 -27.38
N VAL D 338 21.22 4.92 -26.26
CA VAL D 338 20.02 5.51 -25.66
C VAL D 338 20.01 6.98 -26.03
N PRO D 339 18.93 7.71 -25.79
CA PRO D 339 18.92 9.14 -26.14
C PRO D 339 20.03 9.90 -25.45
N GLU D 340 20.40 11.02 -26.05
CA GLU D 340 21.47 11.85 -25.53
C GLU D 340 21.21 12.22 -24.08
N GLY D 341 22.25 12.11 -23.26
CA GLY D 341 22.16 12.53 -21.88
C GLY D 341 21.46 11.56 -20.96
N THR D 342 20.98 10.44 -21.48
CA THR D 342 20.36 9.41 -20.67
C THR D 342 21.36 8.26 -20.46
N ASP D 343 20.96 7.43 -19.49
CA ASP D 343 21.74 6.21 -19.16
C ASP D 343 20.87 4.97 -19.34
N HIS D 344 21.45 3.87 -19.77
CA HIS D 344 20.65 2.70 -20.09
C HIS D 344 19.75 2.31 -18.92
N LEU D 345 20.17 2.47 -17.69
CA LEU D 345 19.32 1.97 -16.58
C LEU D 345 18.14 2.90 -16.33
N THR D 346 18.39 4.20 -16.28
CA THR D 346 17.23 5.06 -16.12
C THR D 346 16.37 5.07 -17.37
N TYR D 347 16.99 5.01 -18.54
CA TYR D 347 16.16 4.97 -19.75
C TYR D 347 15.27 3.75 -19.68
N MET D 348 15.86 2.59 -19.49
CA MET D 348 15.08 1.37 -19.53
C MET D 348 14.02 1.33 -18.44
N GLY D 349 14.36 1.82 -17.24
CA GLY D 349 13.34 1.88 -16.19
C GLY D 349 12.18 2.77 -16.58
N LEU D 350 12.49 3.97 -17.08
CA LEU D 350 11.45 4.88 -17.54
C LEU D 350 10.70 4.27 -18.71
N ALA D 351 11.38 3.53 -19.57
CA ALA D 351 10.74 2.91 -20.71
C ALA D 351 9.73 1.87 -20.27
N ALA D 352 10.09 1.06 -19.28
CA ALA D 352 9.14 0.08 -18.75
C ALA D 352 7.94 0.79 -18.13
N ALA D 353 8.21 1.83 -17.34
CA ALA D 353 7.11 2.59 -16.73
C ALA D 353 6.21 3.19 -17.80
N ALA D 354 6.80 3.76 -18.85
CA ALA D 354 6.01 4.36 -19.91
C ALA D 354 5.19 3.32 -20.65
N ARG D 355 5.79 2.15 -20.94
CA ARG D 355 5.05 1.08 -21.57
C ARG D 355 3.84 0.71 -20.74
N ILE D 356 4.00 0.55 -19.43
CA ILE D 356 2.85 0.06 -18.60
C ILE D 356 1.76 1.13 -18.55
N ALA D 357 2.14 2.40 -18.55
CA ALA D 357 1.17 3.49 -18.39
C ALA D 357 0.72 4.01 -19.75
N ALA D 358 1.10 3.32 -20.80
CA ALA D 358 0.82 3.85 -22.15
C ALA D 358 -0.67 4.03 -22.38
N PRO D 359 -1.11 5.16 -22.95
CA PRO D 359 -2.49 5.33 -23.30
C PRO D 359 -2.82 4.47 -24.51
N GLN D 360 -4.09 4.30 -24.81
CA GLN D 360 -4.52 3.47 -25.92
C GLN D 360 -4.19 4.12 -27.27
N TRP D 361 -4.37 5.44 -27.37
CA TRP D 361 -4.11 6.10 -28.64
C TRP D 361 -2.65 5.96 -29.07
N SER D 362 -1.74 5.86 -28.11
CA SER D 362 -0.33 5.71 -28.45
C SER D 362 -0.04 4.35 -29.07
N LYS D 363 -1.01 3.47 -29.00
CA LYS D 363 -0.87 2.11 -29.52
C LYS D 363 -1.74 1.96 -30.77
N GLU D 364 -2.14 3.05 -31.41
CA GLU D 364 -2.96 2.99 -32.61
C GLU D 364 -2.42 3.96 -33.65
N ASP D 365 -2.89 3.76 -34.88
CA ASP D 365 -2.54 4.67 -35.95
C ASP D 365 -2.95 6.10 -35.58
N MET D 366 -2.08 7.04 -35.87
CA MET D 366 -2.41 8.43 -35.67
C MET D 366 -2.26 9.26 -36.92
N PHE D 367 -1.29 8.91 -37.77
CA PHE D 367 -1.12 9.59 -39.06
C PHE D 367 -1.97 8.87 -40.09
N VAL D 368 -3.27 9.02 -39.90
CA VAL D 368 -4.27 8.31 -40.66
C VAL D 368 -4.55 9.07 -41.95
N VAL D 369 -5.11 8.37 -42.92
CA VAL D 369 -5.45 8.97 -44.19
C VAL D 369 -6.38 10.15 -43.96
N LEU E 1 -80.87 -25.29 -19.08
CA LEU E 1 -79.98 -25.75 -18.03
C LEU E 1 -78.69 -24.92 -18.00
N ASP E 2 -78.48 -24.18 -16.93
CA ASP E 2 -77.21 -23.47 -16.74
C ASP E 2 -76.17 -24.45 -16.21
N LEU E 3 -75.13 -24.70 -16.98
CA LEU E 3 -74.07 -25.62 -16.61
C LEU E 3 -72.77 -24.83 -16.48
N PHE E 4 -72.16 -24.91 -15.31
CA PHE E 4 -70.87 -24.27 -15.05
C PHE E 4 -69.83 -25.37 -14.94
N VAL E 5 -68.92 -25.43 -15.91
CA VAL E 5 -67.86 -26.42 -15.94
C VAL E 5 -66.58 -25.78 -15.43
N SER E 6 -66.08 -26.30 -14.33
CA SER E 6 -64.88 -25.80 -13.69
C SER E 6 -64.18 -26.95 -12.99
N PRO E 7 -62.92 -27.23 -13.33
CA PRO E 7 -62.19 -26.59 -14.41
C PRO E 7 -62.46 -27.26 -15.74
N LEU E 8 -62.25 -26.54 -16.83
CA LEU E 8 -62.13 -27.15 -18.15
C LEU E 8 -60.65 -27.18 -18.44
N GLY E 9 -59.99 -28.27 -18.06
CA GLY E 9 -58.55 -28.37 -18.17
C GLY E 9 -58.09 -28.64 -19.59
N ARG E 10 -56.80 -28.93 -19.70
CA ARG E 10 -56.15 -29.15 -20.98
C ARG E 10 -56.38 -27.96 -21.91
N VAL E 11 -56.33 -26.77 -21.33
CA VAL E 11 -56.32 -25.53 -22.09
C VAL E 11 -55.20 -24.65 -21.59
N GLU E 12 -54.14 -25.27 -21.06
CA GLU E 12 -52.94 -24.56 -20.63
C GLU E 12 -53.30 -23.38 -19.74
N GLY E 13 -54.04 -23.66 -18.69
CA GLY E 13 -54.37 -22.63 -17.74
C GLY E 13 -55.76 -22.83 -17.19
N ASP E 14 -56.28 -21.78 -16.59
CA ASP E 14 -57.46 -21.86 -15.76
C ASP E 14 -58.65 -21.33 -16.56
N LEU E 15 -59.55 -22.23 -16.91
CA LEU E 15 -60.72 -21.89 -17.70
C LEU E 15 -61.94 -22.48 -17.03
N ASP E 16 -62.97 -21.67 -16.88
CA ASP E 16 -64.29 -22.15 -16.56
C ASP E 16 -65.20 -21.80 -17.72
N VAL E 17 -66.17 -22.66 -17.99
CA VAL E 17 -67.09 -22.42 -19.08
C VAL E 17 -68.51 -22.50 -18.55
N ARG E 18 -69.25 -21.42 -18.67
CA ARG E 18 -70.67 -21.42 -18.33
C ARG E 18 -71.44 -21.54 -19.63
N VAL E 19 -72.42 -22.42 -19.68
CA VAL E 19 -73.23 -22.57 -20.87
C VAL E 19 -74.69 -22.63 -20.47
N THR E 20 -75.53 -22.03 -21.28
CA THR E 20 -76.96 -22.28 -21.23
C THR E 20 -77.27 -23.37 -22.23
N ILE E 21 -77.93 -24.43 -21.77
CA ILE E 21 -78.27 -25.56 -22.60
C ILE E 21 -79.78 -25.63 -22.73
N ASN E 22 -80.27 -25.72 -23.96
CA ASN E 22 -81.68 -25.96 -24.23
C ASN E 22 -81.79 -27.11 -25.22
N ASP E 23 -82.58 -28.13 -24.84
CA ASP E 23 -82.79 -29.31 -25.66
C ASP E 23 -81.45 -29.96 -26.04
N GLY E 24 -80.53 -30.01 -25.09
CA GLY E 24 -79.26 -30.67 -25.32
C GLY E 24 -78.30 -29.92 -26.20
N VAL E 25 -78.54 -28.63 -26.43
CA VAL E 25 -77.69 -27.80 -27.28
C VAL E 25 -77.31 -26.55 -26.50
N VAL E 26 -76.03 -26.18 -26.55
CA VAL E 26 -75.61 -24.92 -25.96
C VAL E 26 -76.24 -23.78 -26.74
N THR E 27 -76.95 -22.90 -26.03
CA THR E 27 -77.57 -21.73 -26.63
C THR E 27 -76.84 -20.44 -26.32
N SER E 28 -76.12 -20.39 -25.20
CA SER E 28 -75.24 -19.27 -24.92
C SER E 28 -74.05 -19.80 -24.15
N ALA E 29 -72.93 -19.10 -24.25
CA ALA E 29 -71.73 -19.53 -23.58
C ALA E 29 -70.96 -18.33 -23.07
N TRP E 30 -70.32 -18.53 -21.93
CA TRP E 30 -69.39 -17.58 -21.34
C TRP E 30 -68.10 -18.33 -21.06
N THR E 31 -67.00 -17.80 -21.57
CA THR E 31 -65.69 -18.31 -21.21
C THR E 31 -65.13 -17.42 -20.11
N GLU E 32 -64.69 -18.03 -19.03
CA GLU E 32 -64.18 -17.31 -17.87
C GLU E 32 -62.71 -17.72 -17.70
N ALA E 33 -61.82 -16.85 -18.15
CA ALA E 33 -60.42 -16.97 -17.80
C ALA E 33 -60.25 -16.60 -16.34
N ALA E 34 -59.71 -17.52 -15.53
CA ALA E 34 -59.83 -17.40 -14.09
C ALA E 34 -58.53 -17.07 -13.38
N MET E 35 -57.42 -16.97 -14.08
CA MET E 35 -56.13 -16.74 -13.43
C MET E 35 -55.42 -15.57 -14.08
N PHE E 36 -54.95 -14.64 -13.25
CA PHE E 36 -54.34 -13.40 -13.71
C PHE E 36 -52.96 -13.26 -13.09
N ARG E 37 -51.97 -12.95 -13.91
CA ARG E 37 -50.62 -12.67 -13.42
C ARG E 37 -50.19 -11.24 -13.66
N GLY E 38 -50.74 -10.57 -14.67
CA GLY E 38 -50.46 -9.17 -14.88
C GLY E 38 -49.08 -8.84 -15.38
N PHE E 39 -48.58 -9.60 -16.36
CA PHE E 39 -47.23 -9.37 -16.86
C PHE E 39 -47.11 -8.00 -17.51
N GLU E 40 -48.19 -7.52 -18.12
CA GLU E 40 -48.15 -6.18 -18.71
C GLU E 40 -47.93 -5.12 -17.65
N ILE E 41 -48.57 -5.31 -16.48
CA ILE E 41 -48.33 -4.42 -15.37
C ILE E 41 -46.88 -4.50 -14.92
N ILE E 42 -46.36 -5.72 -14.81
CA ILE E 42 -45.00 -5.90 -14.31
C ILE E 42 -44.00 -5.26 -15.26
N LEU E 43 -44.23 -5.38 -16.57
CA LEU E 43 -43.26 -4.90 -17.54
C LEU E 43 -43.12 -3.39 -17.53
N ARG E 44 -44.13 -2.67 -17.07
CA ARG E 44 -44.06 -1.22 -17.07
C ARG E 44 -42.88 -0.76 -16.22
N GLY E 45 -42.08 0.14 -16.78
CA GLY E 45 -40.94 0.67 -16.08
C GLY E 45 -39.71 -0.21 -16.09
N LYS E 46 -39.81 -1.42 -16.63
CA LYS E 46 -38.67 -2.32 -16.67
C LYS E 46 -37.76 -1.99 -17.84
N ASP E 47 -36.66 -2.70 -17.91
CA ASP E 47 -35.72 -2.51 -19.01
C ASP E 47 -36.45 -2.74 -20.33
N PRO E 48 -36.12 -1.97 -21.37
CA PRO E 48 -36.84 -2.14 -22.65
C PRO E 48 -36.80 -3.55 -23.18
N GLN E 49 -35.75 -4.32 -22.86
CA GLN E 49 -35.66 -5.70 -23.29
C GLN E 49 -36.23 -6.67 -22.27
N ALA E 50 -36.83 -6.17 -21.19
CA ALA E 50 -37.39 -7.08 -20.19
C ALA E 50 -38.46 -7.97 -20.81
N GLY E 51 -39.10 -7.53 -21.89
CA GLY E 51 -40.07 -8.36 -22.55
C GLY E 51 -39.49 -9.67 -23.03
N LEU E 52 -38.23 -9.65 -23.48
CA LEU E 52 -37.60 -10.87 -23.95
C LEU E 52 -37.49 -11.92 -22.85
N ILE E 53 -37.47 -11.48 -21.59
CA ILE E 53 -37.43 -12.41 -20.48
C ILE E 53 -38.82 -12.72 -19.97
N VAL E 54 -39.66 -11.71 -19.88
CA VAL E 54 -40.96 -11.84 -19.23
C VAL E 54 -41.98 -12.51 -20.16
N CYS E 55 -42.08 -12.01 -21.38
CA CYS E 55 -43.10 -12.50 -22.31
C CYS E 55 -43.02 -13.99 -22.57
N PRO E 56 -41.84 -14.64 -22.70
CA PRO E 56 -41.85 -16.08 -22.87
C PRO E 56 -42.57 -16.70 -21.66
N ARG E 57 -42.43 -16.08 -20.49
CA ARG E 57 -43.05 -16.67 -19.28
C ARG E 57 -44.56 -16.45 -19.28
N ILE E 58 -45.08 -15.81 -20.31
CA ILE E 58 -46.55 -15.76 -20.38
C ILE E 58 -47.00 -17.20 -20.59
N CYS E 59 -46.16 -17.99 -21.25
CA CYS E 59 -46.66 -19.32 -21.59
C CYS E 59 -45.56 -20.34 -21.88
N GLY E 60 -45.77 -21.50 -21.33
CA GLY E 60 -44.74 -22.51 -21.46
C GLY E 60 -44.68 -23.11 -22.81
N ILE E 61 -45.86 -23.31 -23.38
CA ILE E 61 -45.90 -24.04 -24.67
C ILE E 61 -45.64 -23.05 -25.79
N CYS E 62 -45.98 -21.78 -25.60
CA CYS E 62 -45.77 -20.89 -26.75
C CYS E 62 -44.88 -19.70 -26.35
N GLY E 63 -44.08 -19.88 -25.31
CA GLY E 63 -43.18 -18.80 -24.93
C GLY E 63 -42.21 -18.45 -26.04
N GLY E 64 -41.76 -19.45 -26.81
CA GLY E 64 -40.89 -19.11 -27.92
C GLY E 64 -41.54 -18.17 -28.89
N SER E 65 -42.85 -18.34 -29.07
CA SER E 65 -43.60 -17.40 -29.94
C SER E 65 -43.59 -16.02 -29.30
N HIS E 66 -43.83 -15.99 -27.99
CA HIS E 66 -43.78 -14.69 -27.29
C HIS E 66 -42.43 -14.06 -27.50
N LEU E 67 -41.40 -14.87 -27.39
CA LEU E 67 -40.04 -14.33 -27.53
C LEU E 67 -39.91 -13.74 -28.94
N TYR E 68 -40.32 -14.52 -29.94
CA TYR E 68 -40.23 -14.08 -31.33
C TYR E 68 -40.88 -12.72 -31.52
N LYS E 69 -42.12 -12.58 -31.07
CA LYS E 69 -42.81 -11.33 -31.31
C LYS E 69 -42.28 -10.21 -30.41
N SER E 70 -41.84 -10.52 -29.19
CA SER E 70 -41.24 -9.48 -28.36
C SER E 70 -39.94 -8.97 -28.97
N ALA E 71 -39.14 -9.89 -29.50
CA ALA E 71 -37.91 -9.50 -30.18
C ALA E 71 -38.24 -8.60 -31.35
N TYR E 72 -39.24 -8.98 -32.14
CA TYR E 72 -39.59 -8.14 -33.29
C TYR E 72 -40.21 -6.83 -32.86
N ALA E 73 -40.92 -6.81 -31.73
CA ALA E 73 -41.40 -5.54 -31.20
C ALA E 73 -40.24 -4.62 -30.92
N LEU E 74 -39.18 -5.15 -30.32
CA LEU E 74 -37.99 -4.34 -30.08
C LEU E 74 -37.30 -3.96 -31.38
N ASP E 75 -37.25 -4.90 -32.33
CA ASP E 75 -36.59 -4.64 -33.62
C ASP E 75 -37.27 -3.49 -34.33
N THR E 76 -38.60 -3.46 -34.31
CA THR E 76 -39.32 -2.35 -34.92
C THR E 76 -39.19 -1.08 -34.09
N ALA E 77 -39.30 -1.20 -32.77
CA ALA E 77 -39.18 -0.03 -31.90
C ALA E 77 -37.82 0.63 -32.05
N TRP E 78 -36.78 -0.17 -32.19
CA TRP E 78 -35.42 0.33 -32.27
C TRP E 78 -34.90 0.38 -33.69
N ARG E 79 -35.75 0.12 -34.68
CA ARG E 79 -35.37 0.22 -36.09
C ARG E 79 -34.09 -0.57 -36.35
N THR E 80 -34.07 -1.79 -35.85
CA THR E 80 -32.86 -2.59 -35.91
C THR E 80 -32.64 -3.15 -37.31
N HIS E 81 -31.47 -3.73 -37.51
CA HIS E 81 -31.17 -4.53 -38.68
C HIS E 81 -31.19 -5.99 -38.29
N MET E 82 -31.90 -6.79 -39.07
CA MET E 82 -31.96 -8.23 -38.83
C MET E 82 -31.16 -8.94 -39.91
N PRO E 83 -30.01 -9.50 -39.59
CA PRO E 83 -29.30 -10.31 -40.58
C PRO E 83 -30.17 -11.46 -41.02
N PRO E 84 -30.09 -11.85 -42.29
CA PRO E 84 -30.93 -12.95 -42.77
C PRO E 84 -30.82 -14.22 -41.94
N ASN E 85 -29.62 -14.56 -41.46
CA ASN E 85 -29.48 -15.74 -40.63
C ASN E 85 -30.30 -15.62 -39.37
N ALA E 86 -30.32 -14.44 -38.77
CA ALA E 86 -31.12 -14.25 -37.57
C ALA E 86 -32.58 -14.44 -37.86
N THR E 87 -33.06 -13.89 -38.97
CA THR E 87 -34.45 -14.11 -39.37
C THR E 87 -34.73 -15.58 -39.57
N LEU E 88 -33.80 -16.29 -40.20
CA LEU E 88 -33.97 -17.72 -40.41
C LEU E 88 -34.04 -18.47 -39.09
N ILE E 89 -33.15 -18.14 -38.17
CA ILE E 89 -33.14 -18.82 -36.88
C ILE E 89 -34.43 -18.54 -36.13
N ARG E 90 -34.88 -17.29 -36.16
CA ARG E 90 -36.14 -16.95 -35.52
C ARG E 90 -37.29 -17.73 -36.14
N ASN E 91 -37.34 -17.78 -37.47
CA ASN E 91 -38.36 -18.56 -38.15
C ASN E 91 -38.29 -20.01 -37.75
N ILE E 92 -37.09 -20.58 -37.77
CA ILE E 92 -36.91 -21.98 -37.46
C ILE E 92 -37.41 -22.27 -36.06
N CYS E 93 -37.03 -21.42 -35.11
CA CYS E 93 -37.39 -21.69 -33.73
C CYS E 93 -38.87 -21.49 -33.48
N GLN E 94 -39.46 -20.46 -34.08
CA GLN E 94 -40.91 -20.27 -33.97
C GLN E 94 -41.64 -21.48 -34.53
N ALA E 95 -41.22 -21.91 -35.72
CA ALA E 95 -41.90 -23.02 -36.36
C ALA E 95 -41.64 -24.32 -35.60
N CYS E 96 -40.45 -24.49 -35.04
CA CYS E 96 -40.16 -25.69 -34.27
C CYS E 96 -40.99 -25.74 -33.01
N GLU E 97 -41.17 -24.60 -32.35
CA GLU E 97 -42.07 -24.58 -31.20
C GLU E 97 -43.47 -24.99 -31.63
N THR E 98 -43.92 -24.47 -32.77
CA THR E 98 -45.24 -24.84 -33.25
C THR E 98 -45.32 -26.33 -33.60
N LEU E 99 -44.25 -26.86 -34.20
CA LEU E 99 -44.21 -28.28 -34.54
C LEU E 99 -44.21 -29.14 -33.29
N GLN E 100 -43.63 -28.65 -32.21
CA GLN E 100 -43.76 -29.34 -30.93
C GLN E 100 -45.19 -29.26 -30.44
N SER E 101 -45.79 -28.07 -30.56
CA SER E 101 -47.13 -27.84 -30.02
C SER E 101 -48.16 -28.73 -30.70
N ILE E 102 -48.03 -28.92 -31.99
CA ILE E 102 -49.05 -29.60 -32.79
C ILE E 102 -49.31 -31.00 -32.24
N PRO E 103 -48.33 -31.92 -32.19
CA PRO E 103 -48.62 -33.23 -31.60
C PRO E 103 -48.83 -33.18 -30.11
N ARG E 104 -48.05 -32.37 -29.38
CA ARG E 104 -48.21 -32.33 -27.94
C ARG E 104 -49.63 -31.94 -27.59
N TYR E 105 -50.13 -30.88 -28.21
CA TYR E 105 -51.51 -30.48 -27.97
C TYR E 105 -52.47 -31.55 -28.46
N PHE E 106 -52.24 -32.07 -29.66
CA PHE E 106 -53.23 -32.97 -30.26
C PHE E 106 -53.44 -34.20 -29.40
N TYR E 107 -52.35 -34.85 -29.01
CA TYR E 107 -52.49 -36.08 -28.24
C TYR E 107 -52.75 -35.80 -26.77
N ALA E 108 -51.95 -34.93 -26.15
CA ALA E 108 -52.04 -34.75 -24.71
C ALA E 108 -53.25 -33.93 -24.30
N LEU E 109 -53.64 -32.96 -25.13
CA LEU E 109 -54.66 -32.02 -24.72
C LEU E 109 -56.00 -32.29 -25.40
N PHE E 110 -55.99 -32.70 -26.66
CA PHE E 110 -57.23 -32.78 -27.42
C PHE E 110 -57.72 -34.21 -27.60
N ALA E 111 -56.89 -35.08 -28.16
CA ALA E 111 -57.38 -36.35 -28.68
C ALA E 111 -57.84 -37.31 -27.60
N ILE E 112 -57.39 -37.12 -26.35
CA ILE E 112 -57.83 -38.06 -25.32
C ILE E 112 -59.34 -37.96 -25.11
N ASP E 113 -59.91 -36.78 -25.36
CA ASP E 113 -61.36 -36.62 -25.28
C ASP E 113 -62.08 -37.46 -26.34
N LEU E 114 -61.38 -37.86 -27.39
CA LEU E 114 -61.97 -38.78 -28.37
C LEU E 114 -62.29 -40.13 -27.76
N THR E 115 -61.73 -40.43 -26.59
CA THR E 115 -62.03 -41.67 -25.88
C THR E 115 -63.23 -41.54 -24.97
N ASN E 116 -63.92 -40.39 -25.01
CA ASN E 116 -65.06 -40.17 -24.14
C ASN E 116 -66.12 -41.23 -24.38
N LYS E 117 -66.82 -41.59 -23.30
CA LYS E 117 -67.86 -42.62 -23.37
C LYS E 117 -69.01 -42.22 -24.27
N ASN E 118 -69.15 -40.93 -24.57
CA ASN E 118 -70.18 -40.49 -25.51
C ASN E 118 -70.01 -41.13 -26.88
N TYR E 119 -68.81 -41.58 -27.20
CA TYR E 119 -68.51 -42.17 -28.49
C TYR E 119 -68.45 -43.69 -28.45
N ALA E 120 -68.86 -44.30 -27.33
CA ALA E 120 -68.73 -45.74 -27.18
C ALA E 120 -69.49 -46.50 -28.25
N LYS E 121 -70.56 -45.89 -28.79
CA LYS E 121 -71.33 -46.55 -29.84
C LYS E 121 -70.65 -46.47 -31.21
N SER E 122 -69.66 -45.59 -31.37
CA SER E 122 -68.98 -45.50 -32.65
C SER E 122 -68.23 -46.79 -32.95
N LYS E 123 -68.27 -47.21 -34.22
CA LYS E 123 -67.50 -48.39 -34.61
C LYS E 123 -66.01 -48.17 -34.48
N LEU E 124 -65.56 -46.91 -34.48
CA LEU E 124 -64.15 -46.59 -34.34
C LEU E 124 -63.74 -46.35 -32.90
N TYR E 125 -64.66 -46.51 -31.95
CA TYR E 125 -64.38 -46.13 -30.57
C TYR E 125 -63.27 -46.96 -29.96
N ASP E 126 -63.29 -48.27 -30.19
CA ASP E 126 -62.23 -49.11 -29.63
C ASP E 126 -60.87 -48.68 -30.16
N GLU E 127 -60.78 -48.41 -31.45
CA GLU E 127 -59.51 -47.93 -32.01
C GLU E 127 -59.15 -46.56 -31.44
N ALA E 128 -60.15 -45.68 -31.28
CA ALA E 128 -59.88 -44.37 -30.71
C ALA E 128 -59.30 -44.52 -29.30
N VAL E 129 -59.85 -45.43 -28.52
CA VAL E 129 -59.35 -45.67 -27.17
C VAL E 129 -57.94 -46.25 -27.23
N ARG E 130 -57.72 -47.22 -28.11
CA ARG E 130 -56.39 -47.81 -28.23
C ARG E 130 -55.35 -46.77 -28.57
N ARG E 131 -55.70 -45.82 -29.44
CA ARG E 131 -54.74 -44.86 -29.94
C ARG E 131 -54.55 -43.68 -28.99
N PHE E 132 -55.64 -43.12 -28.48
CA PHE E 132 -55.64 -41.80 -27.89
C PHE E 132 -55.92 -41.79 -26.40
N ALA E 133 -56.05 -42.94 -25.77
CA ALA E 133 -56.26 -42.93 -24.33
C ALA E 133 -55.08 -42.23 -23.66
N PRO E 134 -55.32 -41.44 -22.62
CA PRO E 134 -54.21 -40.72 -21.98
C PRO E 134 -53.16 -41.68 -21.47
N TYR E 135 -51.90 -41.37 -21.80
CA TYR E 135 -50.69 -41.99 -21.26
C TYR E 135 -50.44 -43.41 -21.74
N VAL E 136 -51.44 -44.06 -22.33
CA VAL E 136 -51.28 -45.46 -22.72
C VAL E 136 -51.68 -45.62 -24.17
N GLY E 137 -52.31 -44.60 -24.72
CA GLY E 137 -52.73 -44.67 -26.11
C GLY E 137 -51.54 -44.94 -27.01
N THR E 138 -51.74 -45.84 -27.97
CA THR E 138 -50.65 -46.21 -28.86
C THR E 138 -50.26 -45.08 -29.80
N SER E 139 -51.15 -44.12 -30.03
CA SER E 139 -50.76 -42.90 -30.71
C SER E 139 -50.35 -41.82 -29.72
N TYR E 140 -50.96 -41.82 -28.53
CA TYR E 140 -50.64 -40.84 -27.52
C TYR E 140 -49.18 -40.88 -27.16
N GLN E 141 -48.67 -42.06 -26.79
CA GLN E 141 -47.31 -42.14 -26.27
C GLN E 141 -46.28 -41.65 -27.27
N PRO E 142 -46.18 -42.23 -28.48
CA PRO E 142 -45.17 -41.71 -29.42
C PRO E 142 -45.41 -40.27 -29.81
N GLY E 143 -46.67 -39.86 -29.97
CA GLY E 143 -46.93 -38.48 -30.34
C GLY E 143 -46.41 -37.51 -29.30
N VAL E 144 -46.75 -37.75 -28.04
CA VAL E 144 -46.32 -36.87 -26.97
C VAL E 144 -44.81 -36.93 -26.81
N VAL E 145 -44.24 -38.14 -26.83
CA VAL E 145 -42.80 -38.29 -26.62
C VAL E 145 -42.04 -37.57 -27.73
N LEU E 146 -42.43 -37.78 -28.97
CA LEU E 146 -41.71 -37.18 -30.08
C LEU E 146 -41.98 -35.69 -30.20
N SER E 147 -43.04 -35.18 -29.55
CA SER E 147 -43.27 -33.75 -29.57
C SER E 147 -42.10 -32.95 -29.00
N ALA E 148 -41.24 -33.59 -28.20
CA ALA E 148 -40.09 -32.87 -27.65
C ALA E 148 -38.98 -32.64 -28.67
N LYS E 149 -38.99 -33.34 -29.80
CA LYS E 149 -37.89 -33.21 -30.75
C LYS E 149 -37.79 -31.82 -31.38
N PRO E 150 -38.86 -31.25 -31.95
CA PRO E 150 -38.69 -29.93 -32.58
C PRO E 150 -38.15 -28.89 -31.63
N VAL E 151 -38.52 -28.97 -30.34
CA VAL E 151 -37.95 -28.00 -29.42
C VAL E 151 -36.54 -28.37 -29.01
N GLU E 152 -36.09 -29.59 -29.30
CA GLU E 152 -34.65 -29.85 -29.27
C GLU E 152 -33.95 -28.97 -30.30
N VAL E 153 -34.55 -28.84 -31.48
CA VAL E 153 -33.97 -27.92 -32.46
C VAL E 153 -33.96 -26.50 -31.90
N TYR E 154 -35.09 -26.11 -31.32
CA TYR E 154 -35.17 -24.81 -30.67
C TYR E 154 -34.03 -24.63 -29.68
N ALA E 155 -33.77 -25.65 -28.87
CA ALA E 155 -32.72 -25.55 -27.85
C ALA E 155 -31.34 -25.47 -28.49
N ILE E 156 -31.15 -26.18 -29.61
CA ILE E 156 -29.87 -26.09 -30.30
C ILE E 156 -29.56 -24.65 -30.62
N PHE E 157 -30.56 -23.91 -31.08
CA PHE E 157 -30.28 -22.52 -31.43
C PHE E 157 -30.46 -21.55 -30.27
N GLY E 158 -31.24 -21.89 -29.27
CA GLY E 158 -31.61 -20.94 -28.24
C GLY E 158 -31.11 -21.35 -26.88
N GLY E 159 -30.48 -22.50 -26.81
CA GLY E 159 -29.92 -22.89 -25.52
C GLY E 159 -30.86 -23.83 -24.80
N GLN E 160 -32.13 -23.49 -24.88
CA GLN E 160 -33.09 -24.34 -24.20
C GLN E 160 -34.50 -24.05 -24.66
N TRP E 161 -35.33 -25.00 -24.34
CA TRP E 161 -36.75 -24.77 -24.59
C TRP E 161 -37.50 -25.52 -23.48
N PRO E 162 -38.53 -24.95 -22.79
CA PRO E 162 -38.89 -23.54 -22.87
C PRO E 162 -37.94 -22.60 -22.13
N SER E 164 -35.91 -19.76 -23.26
CA SER E 164 -34.74 -19.04 -23.74
C SER E 164 -35.25 -17.63 -24.03
N SER E 165 -34.35 -16.67 -24.08
CA SER E 165 -34.64 -15.28 -24.53
C SER E 165 -33.64 -14.91 -25.63
N PHE E 166 -33.19 -15.89 -26.41
CA PHE E 166 -32.06 -15.67 -27.29
C PHE E 166 -32.42 -14.84 -28.52
N MET E 167 -33.68 -14.52 -28.73
CA MET E 167 -34.06 -13.63 -29.83
C MET E 167 -34.02 -12.21 -29.28
N VAL E 168 -33.10 -11.42 -29.80
CA VAL E 168 -32.84 -10.08 -29.28
C VAL E 168 -32.94 -9.10 -30.43
N PRO E 169 -33.22 -7.82 -30.15
CA PRO E 169 -33.17 -6.82 -31.20
C PRO E 169 -31.84 -6.88 -31.92
N GLY E 170 -31.90 -6.91 -33.24
CA GLY E 170 -30.71 -7.05 -34.05
C GLY E 170 -30.35 -8.48 -34.40
N GLY E 171 -31.07 -9.46 -33.88
CA GLY E 171 -30.85 -10.81 -34.34
C GLY E 171 -31.12 -11.87 -33.31
N VAL E 172 -30.15 -12.76 -33.13
CA VAL E 172 -30.23 -13.79 -32.10
C VAL E 172 -28.91 -13.79 -31.35
N MET E 173 -28.96 -14.23 -30.10
CA MET E 173 -27.74 -14.28 -29.31
C MET E 173 -26.79 -15.36 -29.81
N SER E 174 -27.33 -16.40 -30.41
CA SER E 174 -26.54 -17.59 -30.68
C SER E 174 -25.80 -17.47 -32.00
N ALA E 175 -24.82 -18.35 -32.16
CA ALA E 175 -24.00 -18.42 -33.36
C ALA E 175 -23.94 -19.89 -33.73
N PRO E 176 -24.94 -20.37 -34.47
CA PRO E 176 -24.99 -21.80 -34.80
C PRO E 176 -23.70 -22.25 -35.46
N THR E 177 -23.28 -23.46 -35.11
CA THR E 177 -22.17 -24.11 -35.77
C THR E 177 -22.70 -25.09 -36.80
N LEU E 178 -21.77 -25.66 -37.58
CA LEU E 178 -22.17 -26.63 -38.57
C LEU E 178 -22.90 -27.80 -37.93
N SER E 179 -22.35 -28.34 -36.84
CA SER E 179 -22.99 -29.47 -36.17
C SER E 179 -24.34 -29.07 -35.60
N ASP E 180 -24.50 -27.81 -35.19
CA ASP E 180 -25.82 -27.35 -34.77
C ASP E 180 -26.84 -27.55 -35.87
N VAL E 181 -26.51 -27.09 -37.08
CA VAL E 181 -27.45 -27.16 -38.19
C VAL E 181 -27.67 -28.59 -38.63
N THR E 182 -26.59 -29.36 -38.73
CA THR E 182 -26.75 -30.75 -39.16
C THR E 182 -27.56 -31.53 -38.14
N ARG E 183 -27.33 -31.30 -36.85
CA ARG E 183 -28.11 -31.98 -35.83
C ARG E 183 -29.57 -31.51 -35.87
N ALA E 184 -29.80 -30.22 -36.07
CA ALA E 184 -31.16 -29.73 -36.18
C ALA E 184 -31.88 -30.39 -37.35
N ILE E 185 -31.19 -30.51 -38.48
CA ILE E 185 -31.77 -31.18 -39.63
C ILE E 185 -32.05 -32.64 -39.30
N ALA E 186 -31.10 -33.31 -38.65
CA ALA E 186 -31.31 -34.71 -38.30
C ALA E 186 -32.48 -34.87 -37.36
N ILE E 187 -32.58 -34.01 -36.35
CA ILE E 187 -33.69 -34.09 -35.42
C ILE E 187 -35.01 -33.87 -36.14
N LEU E 188 -35.05 -32.87 -37.00
CA LEU E 188 -36.28 -32.56 -37.72
C LEU E 188 -36.67 -33.69 -38.64
N GLU E 189 -35.72 -34.23 -39.40
CA GLU E 189 -36.01 -35.35 -40.29
C GLU E 189 -36.46 -36.58 -39.50
N HIS E 190 -35.83 -36.84 -38.36
CA HIS E 190 -36.25 -37.98 -37.57
C HIS E 190 -37.66 -37.79 -37.03
N TRP E 191 -37.95 -36.60 -36.53
CA TRP E 191 -39.30 -36.32 -36.04
C TRP E 191 -40.33 -36.42 -37.16
N ASN E 192 -39.99 -35.87 -38.32
CA ASN E 192 -40.89 -35.92 -39.46
C ASN E 192 -41.15 -37.36 -39.87
N ASP E 193 -40.09 -38.16 -39.96
CA ASP E 193 -40.25 -39.54 -40.39
C ASP E 193 -41.02 -40.34 -39.36
N ASN E 194 -40.73 -40.14 -38.09
CA ASN E 194 -41.22 -41.03 -37.04
C ASN E 194 -42.57 -40.62 -36.50
N TRP E 195 -42.86 -39.32 -36.40
CA TRP E 195 -44.20 -38.94 -36.01
C TRP E 195 -45.01 -38.40 -37.18
N LEU E 196 -44.52 -37.36 -37.85
CA LEU E 196 -45.36 -36.65 -38.81
C LEU E 196 -45.78 -37.56 -39.95
N GLU E 197 -44.82 -38.25 -40.56
CA GLU E 197 -45.14 -39.06 -41.72
C GLU E 197 -45.58 -40.45 -41.34
N LYS E 198 -44.85 -41.12 -40.44
CA LYS E 198 -45.20 -42.49 -40.08
C LYS E 198 -46.50 -42.54 -39.31
N GLN E 199 -46.63 -41.72 -38.27
CA GLN E 199 -47.76 -41.83 -37.38
C GLN E 199 -48.90 -40.92 -37.76
N TRP E 200 -48.62 -39.62 -37.95
CA TRP E 200 -49.71 -38.71 -38.24
C TRP E 200 -50.27 -38.94 -39.63
N LEU E 201 -49.42 -38.92 -40.64
CA LEU E 201 -49.90 -38.95 -42.02
C LEU E 201 -50.01 -40.35 -42.59
N GLY E 202 -49.11 -41.25 -42.22
CA GLY E 202 -49.04 -42.50 -42.97
C GLY E 202 -48.62 -42.30 -44.41
N CYS E 203 -48.05 -41.15 -44.72
CA CYS E 203 -47.57 -40.82 -46.06
C CYS E 203 -46.54 -39.71 -45.92
N SER E 204 -45.94 -39.32 -47.04
CA SER E 204 -44.98 -38.23 -47.00
C SER E 204 -45.69 -36.91 -46.77
N VAL E 205 -44.93 -35.93 -46.27
CA VAL E 205 -45.48 -34.59 -46.14
C VAL E 205 -45.88 -34.06 -47.51
N ASP E 206 -45.10 -34.40 -48.54
CA ASP E 206 -45.43 -33.95 -49.89
C ASP E 206 -46.78 -34.47 -50.32
N ARG E 207 -47.06 -35.75 -50.05
CA ARG E 207 -48.35 -36.31 -50.44
C ARG E 207 -49.49 -35.57 -49.76
N TRP E 208 -49.33 -35.28 -48.46
CA TRP E 208 -50.38 -34.54 -47.76
C TRP E 208 -50.57 -33.16 -48.34
N LEU E 209 -49.47 -32.46 -48.62
CA LEU E 209 -49.56 -31.10 -49.12
C LEU E 209 -50.12 -31.04 -50.54
N GLU E 210 -50.26 -32.18 -51.21
CA GLU E 210 -50.95 -32.23 -52.49
C GLU E 210 -52.45 -32.08 -52.34
N ASN E 211 -52.98 -32.22 -51.13
CA ASN E 211 -54.41 -32.06 -50.90
C ASN E 211 -54.76 -30.58 -50.99
N LYS E 212 -55.53 -30.23 -52.02
CA LYS E 212 -55.92 -28.85 -52.26
C LYS E 212 -57.40 -28.60 -52.02
N THR E 213 -58.20 -29.64 -51.88
CA THR E 213 -59.63 -29.51 -51.66
C THR E 213 -60.04 -30.46 -50.55
N TRP E 214 -61.24 -30.23 -50.02
CA TRP E 214 -61.78 -31.16 -49.04
C TRP E 214 -61.94 -32.54 -49.65
N ASN E 215 -62.40 -32.61 -50.90
CA ASN E 215 -62.50 -33.88 -51.60
C ASN E 215 -61.13 -34.52 -51.75
N ASP E 216 -60.09 -33.70 -51.94
CA ASP E 216 -58.73 -34.24 -51.95
C ASP E 216 -58.42 -34.90 -50.62
N VAL E 217 -58.81 -34.28 -49.51
CA VAL E 217 -58.53 -34.86 -48.20
C VAL E 217 -59.27 -36.17 -48.01
N LEU E 218 -60.54 -36.23 -48.42
CA LEU E 218 -61.29 -37.47 -48.30
C LEU E 218 -60.69 -38.57 -49.17
N ALA E 219 -60.31 -38.22 -50.41
CA ALA E 219 -59.63 -39.18 -51.26
C ALA E 219 -58.31 -39.63 -50.66
N TRP E 220 -57.61 -38.71 -50.01
CA TRP E 220 -56.36 -39.06 -49.35
C TRP E 220 -56.60 -40.06 -48.23
N VAL E 221 -57.67 -39.85 -47.46
CA VAL E 221 -58.00 -40.79 -46.39
C VAL E 221 -58.24 -42.18 -46.96
N ASP E 222 -58.97 -42.25 -48.07
CA ASP E 222 -59.34 -43.54 -48.65
C ASP E 222 -58.29 -44.10 -49.60
N GLU E 223 -57.22 -43.36 -49.87
CA GLU E 223 -56.31 -43.72 -50.95
C GLU E 223 -55.63 -45.05 -50.70
N ASN E 224 -55.16 -45.28 -49.48
CA ASN E 224 -54.48 -46.52 -49.14
C ASN E 224 -54.62 -46.73 -47.65
N GLU E 225 -54.25 -47.94 -47.21
CA GLU E 225 -54.41 -48.30 -45.82
C GLU E 225 -53.51 -47.48 -44.91
N SER E 226 -52.32 -47.09 -45.39
CA SER E 226 -51.42 -46.32 -44.54
C SER E 226 -52.05 -44.99 -44.17
N GLN E 227 -52.59 -44.28 -45.16
CA GLN E 227 -53.22 -43.00 -44.87
C GLN E 227 -54.54 -43.20 -44.15
N TYR E 228 -55.27 -44.26 -44.52
CA TYR E 228 -56.54 -44.56 -43.87
C TYR E 228 -56.37 -44.77 -42.38
N ASN E 229 -55.35 -45.52 -41.99
CA ASN E 229 -55.10 -45.88 -40.61
C ASN E 229 -54.10 -44.98 -39.94
N SER E 230 -53.63 -43.94 -40.62
CA SER E 230 -52.81 -42.95 -39.98
C SER E 230 -53.62 -42.23 -38.90
N ASP E 231 -52.91 -41.56 -38.00
CA ASP E 231 -53.63 -40.77 -37.01
C ASP E 231 -54.47 -39.70 -37.69
N CYS E 232 -53.97 -39.13 -38.79
CA CYS E 232 -54.75 -38.14 -39.52
C CYS E 232 -55.98 -38.75 -40.16
N GLY E 233 -55.80 -39.85 -40.89
CA GLY E 233 -56.92 -40.49 -41.52
C GLY E 233 -57.92 -40.99 -40.51
N PHE E 234 -57.43 -41.62 -39.43
CA PHE E 234 -58.33 -42.08 -38.39
C PHE E 234 -59.06 -40.91 -37.76
N PHE E 235 -58.35 -39.80 -37.52
CA PHE E 235 -58.98 -38.65 -36.88
C PHE E 235 -60.08 -38.08 -37.76
N ILE E 236 -59.83 -37.98 -39.06
CA ILE E 236 -60.86 -37.47 -39.97
C ILE E 236 -62.06 -38.41 -39.97
N ARG E 237 -61.80 -39.70 -40.09
CA ARG E 237 -62.90 -40.66 -40.10
C ARG E 237 -63.66 -40.63 -38.79
N TYR E 238 -62.95 -40.53 -37.67
CA TYR E 238 -63.58 -40.46 -36.37
C TYR E 238 -64.44 -39.21 -36.25
N CYS E 239 -63.92 -38.08 -36.71
CA CYS E 239 -64.68 -36.84 -36.65
C CYS E 239 -65.95 -36.95 -37.47
N LEU E 240 -65.84 -37.50 -38.68
CA LEU E 240 -67.01 -37.64 -39.52
C LEU E 240 -68.00 -38.64 -38.94
N ASP E 241 -67.50 -39.65 -38.24
CA ASP E 241 -68.39 -40.65 -37.66
C ASP E 241 -69.11 -40.12 -36.42
N VAL E 242 -68.39 -39.42 -35.54
CA VAL E 242 -68.93 -39.01 -34.25
C VAL E 242 -69.48 -37.60 -34.29
N GLY E 243 -69.33 -36.88 -35.39
CA GLY E 243 -69.94 -35.57 -35.53
C GLY E 243 -69.10 -34.40 -35.09
N LEU E 244 -67.77 -34.53 -35.05
CA LEU E 244 -66.94 -33.38 -34.75
C LEU E 244 -66.92 -32.37 -35.88
N ASP E 245 -67.42 -32.73 -37.05
CA ASP E 245 -67.55 -31.81 -38.17
C ASP E 245 -68.85 -31.02 -38.12
N LYS E 246 -69.68 -31.24 -37.11
CA LYS E 246 -71.02 -30.69 -37.09
C LYS E 246 -71.21 -29.56 -36.09
N TYR E 247 -70.23 -29.25 -35.26
CA TYR E 247 -70.35 -28.16 -34.32
C TYR E 247 -68.98 -27.57 -34.06
N GLY E 248 -68.94 -26.52 -33.24
CA GLY E 248 -67.74 -25.75 -33.07
C GLY E 248 -67.43 -24.83 -34.23
N GLN E 249 -68.45 -24.45 -35.01
CA GLN E 249 -68.23 -23.60 -36.17
C GLN E 249 -67.57 -22.28 -35.78
N GLY E 250 -68.14 -21.60 -34.80
CA GLY E 250 -67.58 -20.34 -34.37
C GLY E 250 -67.96 -19.18 -35.26
N VAL E 251 -67.15 -18.13 -35.17
CA VAL E 251 -67.44 -16.87 -35.85
C VAL E 251 -67.42 -17.03 -37.36
N GLY E 252 -66.53 -17.89 -37.88
CA GLY E 252 -66.32 -17.95 -39.31
C GLY E 252 -65.53 -16.79 -39.84
N ASN E 253 -65.05 -15.91 -38.97
CA ASN E 253 -64.16 -14.81 -39.31
C ASN E 253 -62.85 -15.02 -38.60
N TYR E 254 -61.76 -14.71 -39.28
CA TYR E 254 -60.45 -15.15 -38.87
C TYR E 254 -59.44 -14.02 -38.92
N LEU E 255 -58.51 -14.07 -37.98
CA LEU E 255 -57.40 -13.14 -37.93
C LEU E 255 -56.12 -13.95 -37.95
N ALA E 256 -55.25 -13.64 -38.91
CA ALA E 256 -53.88 -14.11 -38.90
C ALA E 256 -52.99 -12.89 -38.97
N THR E 257 -52.12 -12.73 -37.98
CA THR E 257 -51.10 -11.71 -38.10
C THR E 257 -49.92 -12.19 -38.92
N GLY E 258 -49.85 -13.49 -39.19
CA GLY E 258 -48.76 -14.03 -39.96
C GLY E 258 -47.49 -14.12 -39.16
N THR E 259 -46.53 -14.89 -39.65
CA THR E 259 -45.19 -14.92 -39.08
C THR E 259 -44.26 -15.50 -40.14
N TYR E 260 -43.02 -15.79 -39.75
CA TYR E 260 -42.01 -16.31 -40.68
C TYR E 260 -41.66 -15.30 -41.76
N PHE E 261 -40.84 -14.33 -41.42
CA PHE E 261 -40.39 -13.37 -42.41
C PHE E 261 -39.43 -13.98 -43.42
N GLU E 262 -39.61 -13.59 -44.67
CA GLU E 262 -38.61 -13.86 -45.68
C GLU E 262 -37.38 -13.03 -45.32
N PRO E 263 -36.23 -13.65 -45.10
CA PRO E 263 -35.10 -12.91 -44.51
C PRO E 263 -34.72 -11.66 -45.28
N SER E 264 -34.74 -11.71 -46.61
CA SER E 264 -34.34 -10.54 -47.38
C SER E 264 -35.37 -9.41 -47.30
N LEU E 265 -36.61 -9.71 -46.92
CA LEU E 265 -37.66 -8.72 -46.92
C LEU E 265 -37.88 -8.06 -45.57
N TYR E 266 -37.27 -8.57 -44.51
CA TYR E 266 -37.46 -7.99 -43.19
C TYR E 266 -36.13 -7.78 -42.49
N GLU E 267 -35.09 -7.43 -43.27
CA GLU E 267 -33.80 -7.14 -42.68
C GLU E 267 -33.84 -5.89 -41.81
N ASN E 268 -34.77 -5.00 -42.05
CA ASN E 268 -34.94 -3.79 -41.25
C ASN E 268 -36.39 -3.74 -40.82
N PRO E 269 -36.73 -4.45 -39.74
CA PRO E 269 -38.14 -4.59 -39.36
C PRO E 269 -38.81 -3.25 -39.15
N THR E 270 -39.96 -3.09 -39.80
CA THR E 270 -40.86 -1.98 -39.56
C THR E 270 -42.26 -2.54 -39.42
N ILE E 271 -43.11 -1.76 -38.76
CA ILE E 271 -44.52 -2.14 -38.69
C ILE E 271 -45.13 -2.16 -40.09
N GLU E 272 -44.84 -1.14 -40.89
CA GLU E 272 -45.49 -1.01 -42.19
C GLU E 272 -45.04 -2.08 -43.17
N GLY E 273 -43.76 -2.46 -43.13
CA GLY E 273 -43.25 -3.46 -44.04
C GLY E 273 -43.48 -4.89 -43.60
N ARG E 274 -44.17 -5.07 -42.48
CA ARG E 274 -44.27 -6.42 -41.90
C ARG E 274 -45.05 -7.36 -42.81
N ASN E 275 -46.22 -6.93 -43.28
CA ASN E 275 -47.11 -7.85 -44.00
C ASN E 275 -46.46 -8.39 -45.26
N ALA E 276 -45.79 -7.52 -46.02
CA ALA E 276 -45.18 -7.97 -47.27
C ALA E 276 -44.09 -8.99 -47.03
N ALA E 277 -43.38 -8.88 -45.91
CA ALA E 277 -42.24 -9.76 -45.65
C ALA E 277 -42.66 -11.13 -45.16
N LEU E 278 -43.91 -11.31 -44.75
CA LEU E 278 -44.34 -12.56 -44.16
C LEU E 278 -44.33 -13.69 -45.18
N ILE E 279 -43.89 -14.86 -44.73
CA ILE E 279 -44.11 -16.10 -45.48
C ILE E 279 -45.45 -16.71 -45.13
N GLY E 280 -45.68 -16.93 -43.84
CA GLY E 280 -47.00 -17.35 -43.40
C GLY E 280 -47.82 -16.10 -43.36
N ARG E 281 -48.64 -15.91 -44.38
CA ARG E 281 -49.24 -14.60 -44.62
C ARG E 281 -50.20 -14.20 -43.51
N SER E 282 -50.18 -12.92 -43.20
CA SER E 282 -51.26 -12.33 -42.43
C SER E 282 -52.52 -12.26 -43.30
N GLY E 283 -53.62 -11.92 -42.67
CA GLY E 283 -54.86 -11.79 -43.39
C GLY E 283 -56.02 -11.90 -42.45
N VAL E 284 -57.02 -11.07 -42.68
CA VAL E 284 -58.27 -11.15 -41.97
C VAL E 284 -59.29 -11.70 -42.96
N PHE E 285 -60.03 -12.70 -42.54
CA PHE E 285 -61.07 -13.30 -43.37
C PHE E 285 -62.40 -13.04 -42.68
N ALA E 286 -63.15 -12.05 -43.15
CA ALA E 286 -64.37 -11.65 -42.49
C ALA E 286 -65.47 -11.50 -43.52
N ASP E 287 -66.66 -11.99 -43.18
CA ASP E 287 -67.81 -11.93 -44.07
C ASP E 287 -67.49 -12.54 -45.42
N GLY E 288 -66.70 -13.62 -45.41
CA GLY E 288 -66.33 -14.29 -46.63
C GLY E 288 -65.38 -13.53 -47.51
N ARG E 289 -64.71 -12.51 -46.99
CA ARG E 289 -63.84 -11.66 -47.79
C ARG E 289 -62.49 -11.53 -47.12
N TYR E 290 -61.47 -11.32 -47.94
CA TYR E 290 -60.10 -11.16 -47.48
C TYR E 290 -59.77 -9.69 -47.28
N PHE E 291 -59.11 -9.40 -46.17
CA PHE E 291 -58.65 -8.08 -45.81
C PHE E 291 -57.19 -8.17 -45.39
N GLU E 292 -56.45 -7.11 -45.63
CA GLU E 292 -55.10 -7.04 -45.12
C GLU E 292 -55.13 -6.79 -43.61
N PHE E 293 -54.32 -7.52 -42.87
CA PHE E 293 -54.21 -7.25 -41.44
C PHE E 293 -53.53 -5.91 -41.22
N ASP E 294 -54.08 -5.13 -40.30
CA ASP E 294 -53.48 -3.88 -39.88
C ASP E 294 -53.60 -3.78 -38.37
N GLN E 295 -52.46 -3.74 -37.69
CA GLN E 295 -52.46 -3.70 -36.23
C GLN E 295 -53.21 -2.48 -35.70
N ALA E 296 -53.30 -1.41 -36.49
CA ALA E 296 -54.04 -0.24 -36.07
C ALA E 296 -55.51 -0.54 -35.83
N ASN E 297 -56.03 -1.59 -36.44
CA ASN E 297 -57.43 -1.97 -36.30
C ASN E 297 -57.69 -2.80 -35.05
N VAL E 298 -56.64 -3.04 -34.28
CA VAL E 298 -56.82 -3.93 -33.10
C VAL E 298 -57.25 -3.11 -31.89
N THR E 299 -58.37 -3.46 -31.27
CA THR E 299 -58.76 -2.87 -30.01
C THR E 299 -58.92 -3.98 -29.00
N GLU E 300 -58.84 -3.62 -27.74
CA GLU E 300 -59.16 -4.55 -26.67
C GLU E 300 -60.24 -3.93 -25.81
N ASP E 301 -61.33 -4.67 -25.66
CA ASP E 301 -62.48 -4.29 -24.86
C ASP E 301 -62.41 -4.99 -23.52
N VAL E 302 -62.70 -4.27 -22.44
CA VAL E 302 -62.70 -4.90 -21.13
C VAL E 302 -64.08 -4.81 -20.48
N THR E 303 -65.12 -4.62 -21.30
CA THR E 303 -66.47 -4.45 -20.76
C THR E 303 -66.87 -5.63 -19.88
N HIS E 304 -66.62 -6.84 -20.36
CA HIS E 304 -66.90 -8.04 -19.60
C HIS E 304 -65.65 -8.67 -19.03
N SER E 305 -64.54 -7.94 -19.04
CA SER E 305 -63.28 -8.41 -18.50
C SER E 305 -63.02 -7.76 -17.14
N PHE E 306 -62.23 -8.43 -16.32
CA PHE E 306 -61.96 -7.93 -14.99
C PHE E 306 -60.93 -6.82 -15.02
N TYR E 307 -61.17 -5.79 -15.83
CA TYR E 307 -60.27 -4.66 -15.91
C TYR E 307 -61.10 -3.38 -15.96
N GLU E 308 -60.51 -2.32 -15.43
CA GLU E 308 -61.09 -1.00 -15.56
C GLU E 308 -61.00 -0.54 -17.00
N GLY E 309 -62.02 0.16 -17.45
CA GLY E 309 -62.01 0.69 -18.79
C GLY E 309 -63.41 0.91 -19.31
N ASN E 310 -63.58 1.91 -20.16
CA ASN E 310 -64.90 2.23 -20.70
C ASN E 310 -64.94 2.25 -22.22
N ARG E 311 -63.82 2.12 -22.89
CA ARG E 311 -63.80 2.09 -24.34
C ARG E 311 -62.75 1.12 -24.81
N PRO E 312 -62.94 0.51 -25.98
CA PRO E 312 -61.89 -0.34 -26.54
C PRO E 312 -60.64 0.49 -26.79
N LEU E 313 -59.49 -0.10 -26.48
CA LEU E 313 -58.22 0.60 -26.57
C LEU E 313 -57.33 -0.11 -27.56
N HIS E 314 -56.77 0.64 -28.49
CA HIS E 314 -55.67 0.10 -29.26
C HIS E 314 -54.52 -0.19 -28.31
N PRO E 315 -53.84 -1.32 -28.46
CA PRO E 315 -52.87 -1.72 -27.43
C PRO E 315 -51.72 -0.74 -27.23
N PHE E 316 -51.41 0.09 -28.21
CA PHE E 316 -50.41 1.13 -27.98
C PHE E 316 -50.84 2.05 -26.85
N GLU E 317 -52.15 2.27 -26.69
CA GLU E 317 -52.70 2.97 -25.54
C GLU E 317 -53.37 2.01 -24.57
N GLY E 318 -53.03 0.73 -24.65
CA GLY E 318 -53.68 -0.25 -23.79
C GLY E 318 -53.36 -0.02 -22.33
N GLU E 319 -54.25 -0.54 -21.49
CA GLU E 319 -54.13 -0.46 -20.05
C GLU E 319 -54.57 -1.79 -19.48
N THR E 320 -53.91 -2.21 -18.42
CA THR E 320 -54.27 -3.44 -17.73
C THR E 320 -54.43 -3.08 -16.27
N ILE E 321 -55.62 -2.61 -15.92
CA ILE E 321 -55.92 -2.21 -14.55
C ILE E 321 -56.96 -3.18 -14.02
N PRO E 322 -56.54 -4.18 -13.26
CA PRO E 322 -57.49 -5.19 -12.80
C PRO E 322 -58.55 -4.59 -11.88
N VAL E 323 -59.73 -5.17 -11.95
CA VAL E 323 -60.76 -4.91 -10.95
C VAL E 323 -60.98 -6.21 -10.19
N ASN E 324 -61.41 -6.08 -8.96
CA ASN E 324 -61.63 -7.25 -8.14
C ASN E 324 -62.74 -8.08 -8.75
N PRO E 325 -62.53 -9.39 -8.95
CA PRO E 325 -63.53 -10.20 -9.65
C PRO E 325 -64.89 -10.17 -8.99
N GLU E 326 -64.96 -9.98 -7.68
CA GLU E 326 -66.25 -9.82 -7.03
C GLU E 326 -66.98 -8.59 -7.56
N ASP E 327 -66.31 -7.44 -7.56
CA ASP E 327 -66.89 -6.22 -8.10
C ASP E 327 -67.20 -6.36 -9.58
N GLY E 328 -66.25 -6.92 -10.33
CA GLY E 328 -66.45 -7.07 -11.76
C GLY E 328 -67.65 -7.94 -12.08
N ARG E 329 -67.83 -9.04 -11.35
CA ARG E 329 -69.00 -9.87 -11.53
C ARG E 329 -70.27 -9.12 -11.17
N ARG E 330 -70.19 -8.23 -10.18
CA ARG E 330 -71.33 -7.35 -9.95
C ARG E 330 -71.60 -6.45 -11.15
N GLN E 331 -70.57 -6.15 -11.94
CA GLN E 331 -70.73 -5.34 -13.14
C GLN E 331 -70.92 -6.17 -14.41
N GLY E 332 -71.15 -7.47 -14.28
CA GLY E 332 -71.30 -8.31 -15.46
C GLY E 332 -70.01 -8.77 -16.08
N LYS E 333 -68.86 -8.42 -15.52
CA LYS E 333 -67.59 -8.93 -16.00
C LYS E 333 -67.40 -10.37 -15.52
N TYR E 334 -66.82 -11.19 -16.37
CA TYR E 334 -66.73 -12.61 -16.01
C TYR E 334 -65.42 -13.27 -16.42
N SER E 335 -64.45 -12.53 -16.93
CA SER E 335 -63.25 -13.17 -17.42
C SER E 335 -62.05 -12.26 -17.25
N TRP E 336 -60.92 -12.86 -16.91
CA TRP E 336 -59.66 -12.13 -16.96
C TRP E 336 -59.16 -11.92 -18.38
N ALA E 337 -59.80 -12.56 -19.36
CA ALA E 337 -59.47 -12.29 -20.76
C ALA E 337 -59.98 -10.93 -21.16
N LYS E 338 -59.12 -10.14 -21.79
CA LYS E 338 -59.65 -9.02 -22.54
C LYS E 338 -60.36 -9.54 -23.78
N SER E 339 -61.14 -8.66 -24.41
CA SER E 339 -61.91 -8.99 -25.61
C SER E 339 -61.26 -8.28 -26.78
N PRO E 340 -60.29 -8.91 -27.45
CA PRO E 340 -59.70 -8.27 -28.63
C PRO E 340 -60.74 -8.27 -29.74
N ARG E 341 -60.86 -7.13 -30.40
CA ARG E 341 -61.74 -6.97 -31.53
C ARG E 341 -60.94 -6.31 -32.63
N TYR E 342 -61.37 -6.55 -33.86
CA TYR E 342 -60.69 -6.02 -35.03
C TYR E 342 -61.68 -5.20 -35.83
N ALA E 343 -61.29 -3.98 -36.19
CA ALA E 343 -62.14 -3.12 -36.99
C ALA E 343 -62.09 -3.60 -38.44
N VAL E 344 -63.14 -4.26 -38.88
CA VAL E 344 -63.31 -4.64 -40.27
C VAL E 344 -64.28 -3.67 -40.92
N PRO E 345 -63.92 -3.01 -42.03
CA PRO E 345 -64.83 -2.07 -42.66
C PRO E 345 -66.15 -2.73 -43.03
N GLY E 346 -67.24 -2.02 -42.80
CA GLY E 346 -68.56 -2.56 -43.03
C GLY E 346 -69.04 -3.53 -41.99
N LEU E 347 -68.19 -3.89 -41.02
CA LEU E 347 -68.58 -4.80 -39.96
C LEU E 347 -68.34 -4.26 -38.56
N GLY E 348 -67.57 -3.18 -38.41
CA GLY E 348 -67.29 -2.67 -37.09
C GLY E 348 -66.19 -3.48 -36.42
N ASN E 349 -66.13 -3.38 -35.10
CA ASN E 349 -65.12 -4.09 -34.31
C ASN E 349 -65.65 -5.47 -33.99
N VAL E 350 -65.19 -6.46 -34.75
CA VAL E 350 -65.75 -7.81 -34.67
C VAL E 350 -64.77 -8.74 -33.97
N PRO E 351 -65.25 -9.82 -33.37
CA PRO E 351 -64.33 -10.87 -32.93
C PRO E 351 -63.83 -11.66 -34.14
N LEU E 352 -62.57 -12.03 -34.07
CA LEU E 352 -61.94 -12.81 -35.12
C LEU E 352 -61.35 -14.05 -34.48
N GLU E 353 -61.62 -15.21 -35.06
CA GLU E 353 -60.98 -16.42 -34.60
C GLU E 353 -59.53 -16.43 -35.05
N THR E 354 -58.62 -16.71 -34.13
CA THR E 354 -57.22 -16.85 -34.48
C THR E 354 -56.83 -18.32 -34.39
N GLY E 355 -55.76 -18.65 -35.07
CA GLY E 355 -55.25 -19.99 -34.98
C GLY E 355 -54.88 -20.54 -36.33
N PRO E 356 -54.54 -21.81 -36.36
CA PRO E 356 -54.17 -22.43 -37.63
C PRO E 356 -55.23 -22.27 -38.69
N LEU E 357 -56.51 -22.38 -38.33
CA LEU E 357 -57.55 -22.19 -39.33
C LEU E 357 -57.52 -20.78 -39.89
N ALA E 358 -57.31 -19.79 -39.03
CA ALA E 358 -57.17 -18.42 -39.50
C ALA E 358 -55.99 -18.30 -40.44
N ARG E 359 -54.88 -18.95 -40.10
CA ARG E 359 -53.70 -18.91 -40.96
C ARG E 359 -53.97 -19.55 -42.31
N ARG E 360 -54.64 -20.71 -42.32
CA ARG E 360 -54.93 -21.39 -43.57
C ARG E 360 -55.84 -20.54 -44.44
N MET E 361 -56.85 -19.91 -43.83
CA MET E 361 -57.70 -19.02 -44.59
C MET E 361 -56.89 -17.87 -45.17
N ALA E 362 -55.99 -17.29 -44.37
CA ALA E 362 -55.13 -16.21 -44.87
C ALA E 362 -54.26 -16.71 -45.99
N ALA E 363 -53.75 -17.93 -45.88
CA ALA E 363 -52.93 -18.53 -46.92
C ALA E 363 -53.73 -18.77 -48.19
N SER E 364 -55.06 -18.80 -48.09
CA SER E 364 -55.89 -18.92 -49.26
C SER E 364 -56.20 -17.59 -49.93
N ALA E 365 -55.70 -16.48 -49.38
CA ALA E 365 -55.95 -15.19 -49.97
C ALA E 365 -55.27 -15.09 -51.34
N PRO E 366 -55.82 -14.30 -52.25
CA PRO E 366 -55.18 -14.10 -53.55
C PRO E 366 -53.88 -13.32 -53.40
N ASP E 367 -53.16 -13.21 -54.52
CA ASP E 367 -52.02 -12.30 -54.63
C ASP E 367 -50.93 -12.63 -53.62
N ALA E 368 -50.66 -13.91 -53.45
CA ALA E 368 -49.52 -14.32 -52.64
C ALA E 368 -48.23 -14.06 -53.41
N GLU E 369 -47.25 -13.47 -52.74
CA GLU E 369 -45.93 -13.34 -53.34
C GLU E 369 -45.22 -14.69 -53.32
N THR E 370 -44.10 -14.76 -54.03
CA THR E 370 -43.43 -16.04 -54.24
C THR E 370 -43.01 -16.67 -52.92
N HIS E 371 -42.53 -15.85 -51.98
CA HIS E 371 -42.09 -16.35 -50.68
C HIS E 371 -43.24 -16.73 -49.76
N GLN E 372 -44.47 -16.47 -50.15
CA GLN E 372 -45.60 -16.53 -49.23
C GLN E 372 -46.38 -17.81 -49.38
N ASP E 373 -46.95 -18.25 -48.26
CA ASP E 373 -47.82 -19.42 -48.20
C ASP E 373 -49.05 -19.17 -49.07
N ASP E 374 -49.17 -19.90 -50.18
CA ASP E 374 -50.32 -19.84 -51.06
C ASP E 374 -50.95 -21.23 -51.06
N ASP E 375 -52.02 -21.38 -50.31
CA ASP E 375 -52.64 -22.69 -50.10
C ASP E 375 -54.16 -22.54 -50.17
N PRO E 376 -54.81 -23.07 -51.21
CA PRO E 376 -56.26 -22.95 -51.31
C PRO E 376 -57.03 -24.00 -50.54
N LEU E 377 -56.33 -24.90 -49.82
CA LEU E 377 -57.00 -26.05 -49.24
C LEU E 377 -58.12 -25.62 -48.30
N PHE E 378 -57.83 -24.68 -47.41
CA PHE E 378 -58.84 -24.38 -46.41
C PHE E 378 -59.85 -23.33 -46.84
N ALA E 379 -59.56 -22.56 -47.89
CA ALA E 379 -60.66 -21.86 -48.55
C ALA E 379 -61.68 -22.87 -49.06
N ASP E 380 -61.20 -23.94 -49.69
CA ASP E 380 -62.09 -24.96 -50.20
C ASP E 380 -62.82 -25.68 -49.08
N ILE E 381 -62.11 -26.04 -48.01
CA ILE E 381 -62.75 -26.73 -46.89
C ILE E 381 -63.79 -25.83 -46.25
N TYR E 382 -63.46 -24.55 -46.05
CA TYR E 382 -64.41 -23.60 -45.48
C TYR E 382 -65.65 -23.48 -46.34
N ASN E 383 -65.48 -23.44 -47.67
CA ASN E 383 -66.64 -23.32 -48.53
C ASN E 383 -67.42 -24.63 -48.63
N ALA E 384 -66.75 -25.76 -48.43
CA ALA E 384 -67.39 -27.06 -48.62
C ALA E 384 -68.14 -27.50 -47.38
N ILE E 385 -67.46 -27.52 -46.24
CA ILE E 385 -68.06 -27.98 -45.00
C ILE E 385 -68.04 -26.94 -43.89
N GLY E 386 -67.37 -25.81 -44.09
CA GLY E 386 -67.36 -24.75 -43.11
C GLY E 386 -66.50 -25.11 -41.91
N PRO E 387 -66.34 -24.16 -41.00
CA PRO E 387 -65.55 -24.43 -39.81
C PRO E 387 -66.26 -25.41 -38.90
N SER E 388 -65.46 -26.09 -38.08
CA SER E 388 -65.96 -27.03 -37.09
C SER E 388 -64.78 -27.44 -36.23
N VAL E 389 -65.05 -28.22 -35.19
CA VAL E 389 -63.97 -28.79 -34.40
C VAL E 389 -63.01 -29.55 -35.30
N MET E 390 -63.58 -30.37 -36.20
CA MET E 390 -62.76 -31.17 -37.10
C MET E 390 -61.92 -30.30 -38.03
N VAL E 391 -62.55 -29.28 -38.62
CA VAL E 391 -61.84 -28.45 -39.59
C VAL E 391 -60.78 -27.60 -38.90
N ARG E 392 -61.10 -27.07 -37.71
CA ARG E 392 -60.10 -26.34 -36.95
C ARG E 392 -58.90 -27.23 -36.63
N GLN E 393 -59.18 -28.45 -36.16
CA GLN E 393 -58.09 -29.37 -35.86
C GLN E 393 -57.30 -29.71 -37.11
N LEU E 394 -57.99 -29.92 -38.23
CA LEU E 394 -57.31 -30.27 -39.46
C LEU E 394 -56.41 -29.14 -39.93
N ALA E 395 -56.83 -27.89 -39.72
CA ALA E 395 -55.96 -26.77 -40.04
C ALA E 395 -54.69 -26.84 -39.20
N ARG E 396 -54.85 -27.07 -37.91
CA ARG E 396 -53.69 -27.19 -37.03
C ARG E 396 -52.74 -28.28 -37.52
N MET E 397 -53.29 -29.45 -37.80
CA MET E 397 -52.49 -30.60 -38.21
C MET E 397 -51.88 -30.38 -39.59
N HIS E 398 -52.60 -29.68 -40.47
CA HIS E 398 -52.10 -29.37 -41.80
C HIS E 398 -50.84 -28.53 -41.73
N GLU E 399 -50.74 -27.69 -40.71
CA GLU E 399 -49.53 -26.89 -40.56
C GLU E 399 -48.28 -27.73 -40.29
N GLY E 400 -48.43 -28.93 -39.75
CA GLY E 400 -47.31 -29.80 -39.47
C GLY E 400 -46.43 -30.05 -40.68
N PRO E 401 -46.98 -30.66 -41.73
CA PRO E 401 -46.18 -30.87 -42.95
C PRO E 401 -45.66 -29.59 -43.55
N LYS E 402 -46.50 -28.55 -43.57
CA LYS E 402 -46.12 -27.29 -44.21
C LYS E 402 -44.96 -26.64 -43.45
N TYR E 403 -45.10 -26.52 -42.14
CA TYR E 403 -44.05 -25.92 -41.34
C TYR E 403 -42.80 -26.78 -41.32
N TYR E 404 -42.95 -28.09 -41.33
CA TYR E 404 -41.77 -28.95 -41.40
C TYR E 404 -40.98 -28.63 -42.66
N LYS E 405 -41.66 -28.55 -43.80
CA LYS E 405 -40.96 -28.24 -45.04
C LYS E 405 -40.29 -26.88 -44.97
N TRP E 406 -40.99 -25.89 -44.41
CA TRP E 406 -40.39 -24.56 -44.29
C TRP E 406 -39.14 -24.60 -43.43
N VAL E 407 -39.22 -25.29 -42.30
CA VAL E 407 -38.08 -25.35 -41.38
C VAL E 407 -36.91 -26.04 -42.05
N ARG E 408 -37.18 -27.15 -42.73
CA ARG E 408 -36.11 -27.87 -43.41
C ARG E 408 -35.43 -26.95 -44.43
N GLN E 409 -36.22 -26.21 -45.20
CA GLN E 409 -35.63 -25.29 -46.16
C GLN E 409 -34.86 -24.18 -45.46
N TRP E 410 -35.39 -23.64 -44.36
CA TRP E 410 -34.69 -22.56 -43.67
C TRP E 410 -33.35 -23.05 -43.13
N LEU E 411 -33.33 -24.26 -42.59
CA LEU E 411 -32.07 -24.83 -42.14
C LEU E 411 -31.09 -24.93 -43.29
N ASP E 412 -31.58 -25.31 -44.46
CA ASP E 412 -30.72 -25.28 -45.65
C ASP E 412 -30.30 -23.86 -46.01
N ASP E 413 -31.14 -22.87 -45.70
CA ASP E 413 -30.88 -21.49 -46.10
C ASP E 413 -29.83 -20.83 -45.22
N LEU E 414 -29.56 -21.38 -44.04
CA LEU E 414 -28.60 -20.76 -43.14
C LEU E 414 -27.26 -20.66 -43.82
N GLU E 415 -26.67 -19.48 -43.77
CA GLU E 415 -25.35 -19.23 -44.31
C GLU E 415 -24.44 -19.05 -43.10
N LEU E 416 -23.79 -20.14 -42.70
CA LEU E 416 -23.22 -20.20 -41.37
C LEU E 416 -22.08 -19.20 -41.17
N LYS E 417 -21.42 -18.82 -42.25
CA LYS E 417 -20.36 -17.82 -42.16
C LYS E 417 -20.88 -16.41 -41.95
N GLU E 418 -22.18 -16.19 -42.15
CA GLU E 418 -22.74 -14.85 -42.12
C GLU E 418 -23.25 -14.49 -40.74
N SER E 419 -23.56 -13.21 -40.58
CA SER E 419 -23.90 -12.66 -39.28
C SER E 419 -25.22 -13.20 -38.78
N PHE E 420 -25.31 -13.33 -37.46
CA PHE E 420 -26.54 -13.69 -36.79
C PHE E 420 -27.07 -12.56 -35.93
N TYR E 421 -26.37 -11.43 -35.92
CA TYR E 421 -26.70 -10.37 -34.98
C TYR E 421 -26.06 -9.09 -35.47
N THR E 422 -26.87 -8.05 -35.57
CA THR E 422 -26.38 -6.70 -35.80
C THR E 422 -26.67 -5.93 -34.53
N LYS E 423 -25.63 -5.48 -33.85
CA LYS E 423 -25.81 -4.78 -32.61
C LYS E 423 -26.70 -3.56 -32.85
N PRO E 424 -27.84 -3.46 -32.21
CA PRO E 424 -28.73 -2.32 -32.44
C PRO E 424 -28.35 -1.15 -31.53
N VAL E 425 -28.88 0.01 -31.87
CA VAL E 425 -28.86 1.14 -30.96
C VAL E 425 -30.07 0.99 -30.05
N GLU E 426 -29.83 0.95 -28.74
CA GLU E 426 -30.90 0.81 -27.76
C GLU E 426 -31.46 2.22 -27.51
N TYR E 427 -32.37 2.62 -28.39
CA TYR E 427 -32.93 3.96 -28.31
C TYR E 427 -33.74 4.14 -27.03
N ALA E 428 -33.65 5.34 -26.45
CA ALA E 428 -34.39 5.66 -25.24
C ALA E 428 -35.89 5.71 -25.50
N GLU E 429 -36.29 5.96 -26.73
CA GLU E 429 -37.68 6.07 -27.12
C GLU E 429 -37.94 5.11 -28.26
N GLY E 430 -39.19 4.69 -28.39
CA GLY E 430 -39.54 3.86 -29.52
C GLY E 430 -40.92 3.27 -29.39
N LYS E 431 -41.56 3.00 -30.52
CA LYS E 431 -42.83 2.29 -30.53
C LYS E 431 -42.65 1.07 -31.40
N GLY E 432 -42.86 -0.09 -30.83
CA GLY E 432 -42.61 -1.35 -31.51
C GLY E 432 -43.88 -2.15 -31.60
N PHE E 433 -44.05 -2.84 -32.71
CA PHE E 433 -45.11 -3.81 -32.86
C PHE E 433 -44.44 -5.10 -33.31
N GLY E 434 -44.56 -6.13 -32.52
CA GLY E 434 -44.04 -7.42 -32.91
C GLY E 434 -45.21 -8.36 -33.02
N SER E 435 -45.29 -9.12 -34.09
CA SER E 435 -46.35 -10.11 -34.15
C SER E 435 -45.82 -11.39 -34.75
N THR E 436 -46.48 -12.46 -34.37
CA THR E 436 -46.14 -13.77 -34.88
C THR E 436 -47.41 -14.60 -34.88
N GLU E 437 -47.28 -15.78 -35.42
CA GLU E 437 -48.41 -16.71 -35.30
C GLU E 437 -47.85 -17.76 -34.39
N ALA E 438 -48.25 -17.69 -33.16
CA ALA E 438 -47.89 -18.76 -32.25
C ALA E 438 -48.71 -19.96 -32.72
N ALA E 439 -48.45 -21.12 -32.15
CA ALA E 439 -49.23 -22.30 -32.55
C ALA E 439 -50.72 -21.98 -32.58
N ARG E 440 -51.20 -21.21 -31.61
CA ARG E 440 -52.65 -21.00 -31.46
C ARG E 440 -53.12 -19.77 -32.21
N GLY E 441 -52.21 -19.05 -32.81
CA GLY E 441 -52.68 -17.93 -33.63
C GLY E 441 -51.97 -16.62 -33.43
N ALA E 442 -52.62 -15.56 -33.85
CA ALA E 442 -52.02 -14.21 -33.83
C ALA E 442 -51.58 -13.84 -32.43
N LEU E 443 -50.29 -13.65 -32.28
CA LEU E 443 -49.76 -13.22 -30.98
C LEU E 443 -49.08 -11.89 -31.27
N SER E 444 -49.40 -10.88 -30.48
CA SER E 444 -48.88 -9.54 -30.83
C SER E 444 -48.46 -8.77 -29.59
N ASP E 445 -47.36 -8.04 -29.71
CA ASP E 445 -46.86 -7.14 -28.68
C ASP E 445 -46.89 -5.74 -29.25
N TRP E 446 -47.50 -4.82 -28.51
CA TRP E 446 -47.36 -3.40 -28.75
C TRP E 446 -46.56 -2.85 -27.59
N ILE E 447 -45.38 -2.34 -27.88
CA ILE E 447 -44.49 -1.84 -26.84
C ILE E 447 -44.23 -0.36 -27.10
N VAL E 448 -44.20 0.40 -26.03
CA VAL E 448 -43.83 1.80 -26.05
C VAL E 448 -42.68 1.93 -25.08
N ILE E 449 -41.51 2.26 -25.60
CA ILE E 449 -40.31 2.53 -24.83
C ILE E 449 -40.18 4.03 -24.69
N GLU E 450 -40.03 4.49 -23.46
CA GLU E 450 -39.83 5.89 -23.17
C GLU E 450 -38.79 6.01 -22.08
N ASP E 451 -37.87 6.94 -22.26
CA ASP E 451 -36.85 7.22 -21.24
C ASP E 451 -36.10 5.92 -20.90
N SER E 452 -35.79 5.14 -21.95
CA SER E 452 -35.03 3.90 -21.82
C SER E 452 -35.72 2.92 -20.87
N LYS E 453 -37.04 3.00 -20.80
CA LYS E 453 -37.83 2.12 -19.96
C LYS E 453 -39.05 1.71 -20.74
N ILE E 454 -39.68 0.62 -20.29
CA ILE E 454 -40.94 0.22 -20.90
C ILE E 454 -42.02 1.17 -20.39
N LYS E 455 -42.54 2.01 -21.29
CA LYS E 455 -43.64 2.88 -20.92
C LYS E 455 -44.97 2.15 -20.99
N ASN E 456 -45.18 1.39 -22.07
CA ASN E 456 -46.35 0.54 -22.16
C ASN E 456 -45.95 -0.77 -22.79
N TYR E 457 -46.65 -1.83 -22.41
CA TYR E 457 -46.39 -3.14 -22.97
C TYR E 457 -47.72 -3.87 -22.97
N GLN E 458 -48.28 -4.07 -24.15
CA GLN E 458 -49.58 -4.71 -24.28
C GLN E 458 -49.41 -5.94 -25.13
N VAL E 459 -49.77 -7.09 -24.58
CA VAL E 459 -49.72 -8.35 -25.29
C VAL E 459 -51.15 -8.75 -25.60
N VAL E 460 -51.34 -9.11 -26.86
CA VAL E 460 -52.65 -9.67 -27.26
C VAL E 460 -52.34 -11.06 -27.80
N THR E 461 -52.82 -12.05 -27.09
CA THR E 461 -52.50 -13.43 -27.45
C THR E 461 -53.64 -14.01 -28.27
N PRO E 462 -53.38 -15.06 -29.05
CA PRO E 462 -54.39 -15.66 -29.90
C PRO E 462 -55.56 -16.17 -29.06
N THR E 463 -55.29 -16.79 -27.92
CA THR E 463 -56.44 -17.30 -27.17
C THR E 463 -57.22 -16.11 -26.59
N ALA E 464 -56.56 -15.00 -26.37
CA ALA E 464 -57.34 -13.82 -25.95
C ALA E 464 -58.31 -13.50 -27.09
N TRP E 465 -57.83 -13.52 -28.33
CA TRP E 465 -58.75 -13.30 -29.44
C TRP E 465 -59.90 -14.30 -29.40
N ASN E 466 -59.57 -15.58 -29.24
CA ASN E 466 -60.56 -16.64 -29.36
C ASN E 466 -61.49 -16.72 -28.15
N ILE E 467 -60.93 -16.65 -26.95
CA ILE E 467 -61.65 -16.95 -25.72
C ILE E 467 -62.06 -15.69 -24.98
N GLY E 468 -61.62 -14.52 -25.42
CA GLY E 468 -62.01 -13.29 -24.80
C GLY E 468 -63.51 -13.15 -24.76
N PRO E 469 -64.01 -12.50 -23.71
CA PRO E 469 -65.45 -12.48 -23.47
C PRO E 469 -66.21 -11.56 -24.41
N ARG E 470 -67.51 -11.41 -24.17
CA ARG E 470 -68.32 -10.50 -24.96
C ARG E 470 -67.74 -9.09 -24.88
N ASP E 471 -67.82 -8.37 -25.98
CA ASP E 471 -67.36 -7.00 -26.03
C ASP E 471 -68.47 -6.08 -25.53
N ALA E 472 -68.30 -4.77 -25.72
CA ALA E 472 -69.32 -3.82 -25.31
C ALA E 472 -70.65 -4.05 -26.05
N SER E 473 -70.59 -4.55 -27.27
CA SER E 473 -71.79 -4.86 -28.03
C SER E 473 -72.37 -6.23 -27.69
N GLU E 474 -71.88 -6.87 -26.64
CA GLU E 474 -72.33 -8.19 -26.21
C GLU E 474 -72.08 -9.25 -27.27
N VAL E 475 -71.19 -8.98 -28.22
CA VAL E 475 -70.87 -9.95 -29.26
C VAL E 475 -69.94 -11.00 -28.67
N LEU E 476 -70.35 -12.25 -28.74
CA LEU E 476 -69.60 -13.33 -28.12
C LEU E 476 -68.24 -13.48 -28.80
N GLY E 477 -67.24 -13.87 -28.02
CA GLY E 477 -65.94 -14.15 -28.56
C GLY E 477 -65.98 -15.40 -29.41
N PRO E 478 -64.96 -15.61 -30.24
CA PRO E 478 -64.98 -16.76 -31.15
C PRO E 478 -65.24 -18.09 -30.47
N ILE E 479 -64.59 -18.35 -29.33
CA ILE E 479 -64.81 -19.62 -28.66
C ILE E 479 -66.21 -19.66 -28.07
N GLU E 480 -66.68 -18.53 -27.55
CA GLU E 480 -68.04 -18.50 -27.01
C GLU E 480 -69.06 -18.82 -28.11
N GLN E 481 -68.90 -18.24 -29.29
CA GLN E 481 -69.86 -18.57 -30.36
C GLN E 481 -69.66 -19.98 -30.86
N ALA E 482 -68.43 -20.49 -30.85
CA ALA E 482 -68.21 -21.88 -31.25
C ALA E 482 -68.87 -22.84 -30.28
N LEU E 483 -68.87 -22.50 -28.99
CA LEU E 483 -69.56 -23.32 -28.01
C LEU E 483 -71.06 -23.31 -28.25
N VAL E 484 -71.60 -22.18 -28.66
CA VAL E 484 -73.02 -22.09 -28.95
C VAL E 484 -73.34 -22.98 -30.14
N GLY E 485 -74.37 -23.80 -29.99
CA GLY E 485 -74.69 -24.82 -30.97
C GLY E 485 -74.08 -26.17 -30.69
N SER E 486 -73.19 -26.28 -29.71
CA SER E 486 -72.58 -27.56 -29.41
C SER E 486 -73.59 -28.48 -28.73
N PRO E 487 -73.71 -29.73 -29.16
CA PRO E 487 -74.57 -30.66 -28.44
C PRO E 487 -73.97 -30.98 -27.08
N ILE E 488 -74.85 -31.31 -26.14
CA ILE E 488 -74.43 -31.73 -24.80
C ILE E 488 -75.14 -33.05 -24.52
N VAL E 489 -74.47 -34.16 -24.80
CA VAL E 489 -75.04 -35.46 -24.51
C VAL E 489 -75.12 -35.70 -23.00
N ASP E 490 -74.07 -35.31 -22.28
CA ASP E 490 -73.96 -35.58 -20.86
C ASP E 490 -73.49 -34.30 -20.15
N ALA E 491 -74.39 -33.67 -19.42
CA ALA E 491 -74.01 -32.48 -18.66
C ALA E 491 -73.03 -32.80 -17.55
N GLU E 492 -73.00 -34.04 -17.07
CA GLU E 492 -72.03 -34.43 -16.05
C GLU E 492 -70.61 -34.49 -16.61
N ASP E 493 -70.47 -34.87 -17.88
CA ASP E 493 -69.19 -34.83 -18.58
C ASP E 493 -69.41 -34.14 -19.92
N PRO E 494 -69.56 -32.81 -19.91
CA PRO E 494 -69.86 -32.09 -21.15
C PRO E 494 -68.64 -32.02 -22.05
N VAL E 495 -68.24 -33.17 -22.59
CA VAL E 495 -66.99 -33.26 -23.33
C VAL E 495 -67.02 -32.40 -24.58
N GLU E 496 -68.19 -32.10 -25.12
CA GLU E 496 -68.26 -31.28 -26.33
C GLU E 496 -67.75 -29.86 -26.07
N LEU E 497 -68.01 -29.32 -24.88
CA LEU E 497 -67.41 -28.04 -24.51
C LEU E 497 -65.90 -28.13 -24.55
N GLY E 498 -65.35 -29.22 -24.03
CA GLY E 498 -63.91 -29.43 -24.12
C GLY E 498 -63.45 -29.55 -25.56
N HIS E 499 -64.22 -30.25 -26.39
CA HIS E 499 -63.85 -30.39 -27.80
C HIS E 499 -63.76 -29.03 -28.46
N VAL E 500 -64.74 -28.17 -28.21
CA VAL E 500 -64.77 -26.87 -28.86
C VAL E 500 -63.65 -25.99 -28.34
N ALA E 501 -63.53 -25.88 -27.00
CA ALA E 501 -62.50 -25.01 -26.44
C ALA E 501 -61.11 -25.50 -26.82
N ARG E 502 -60.88 -26.80 -26.76
CA ARG E 502 -59.57 -27.35 -27.07
C ARG E 502 -59.30 -27.41 -28.57
N SER E 503 -60.34 -27.39 -29.41
CA SER E 503 -60.10 -27.34 -30.85
C SER E 503 -59.42 -26.04 -31.24
N PHE E 504 -59.64 -24.99 -30.44
CA PHE E 504 -58.87 -23.77 -30.56
C PHE E 504 -57.49 -23.88 -29.96
N ASP E 505 -57.17 -25.03 -29.36
CA ASP E 505 -55.89 -25.19 -28.67
C ASP E 505 -55.74 -24.12 -27.59
N SER E 506 -56.87 -23.80 -26.97
CA SER E 506 -56.90 -22.66 -26.00
C SER E 506 -55.73 -22.67 -25.03
N CYS E 507 -55.13 -21.51 -24.86
CA CYS E 507 -54.07 -21.42 -23.85
C CYS E 507 -54.48 -20.30 -22.92
N LEU E 508 -54.89 -20.66 -21.73
CA LEU E 508 -55.44 -19.63 -20.82
C LEU E 508 -54.32 -18.82 -20.16
N VAL E 509 -53.16 -19.41 -19.98
CA VAL E 509 -52.07 -18.57 -19.41
C VAL E 509 -51.74 -17.46 -20.42
N CYS E 510 -51.80 -17.80 -21.69
CA CYS E 510 -51.60 -16.75 -22.69
C CYS E 510 -52.77 -15.80 -22.69
N THR E 511 -53.95 -16.37 -22.56
CA THR E 511 -55.13 -15.50 -22.70
C THR E 511 -55.02 -14.30 -21.76
N VAL E 512 -54.62 -14.54 -20.51
CA VAL E 512 -54.65 -13.49 -19.52
C VAL E 512 -53.30 -12.79 -19.38
N HIS E 513 -52.21 -13.57 -19.42
CA HIS E 513 -50.89 -13.08 -19.07
C HIS E 513 -50.96 -12.15 -17.85
N ALA F 48 -47.56 -44.37 -6.23
CA ALA F 48 -47.41 -43.03 -5.68
C ALA F 48 -48.28 -42.03 -6.44
N SER F 49 -49.38 -41.63 -5.82
CA SER F 49 -50.30 -40.69 -6.45
C SER F 49 -49.66 -39.31 -6.54
N VAL F 50 -49.85 -38.66 -7.68
CA VAL F 50 -49.32 -37.33 -7.91
C VAL F 50 -50.47 -36.43 -8.36
N LEU F 51 -50.63 -35.31 -7.68
CA LEU F 51 -51.57 -34.29 -8.09
C LEU F 51 -50.75 -33.05 -8.44
N TRP F 52 -50.84 -32.63 -9.69
CA TRP F 52 -50.08 -31.50 -10.19
C TRP F 52 -51.05 -30.37 -10.46
N PHE F 53 -50.92 -29.30 -9.68
CA PHE F 53 -51.76 -28.13 -9.79
C PHE F 53 -50.93 -26.97 -10.33
N GLN F 54 -51.61 -26.03 -10.97
CA GLN F 54 -50.97 -24.85 -11.51
C GLN F 54 -51.65 -23.63 -10.92
N GLY F 55 -50.87 -22.77 -10.29
CA GLY F 55 -51.39 -21.50 -9.81
C GLY F 55 -51.08 -20.40 -10.80
N GLY F 56 -50.27 -19.44 -10.40
CA GLY F 56 -49.85 -18.36 -11.31
C GLY F 56 -48.74 -18.91 -12.17
N ALA F 57 -49.10 -19.84 -13.02
CA ALA F 57 -48.09 -20.54 -13.82
C ALA F 57 -48.22 -20.18 -15.29
N CYS F 58 -47.14 -20.42 -16.01
CA CYS F 58 -47.26 -20.27 -17.46
C CYS F 58 -47.25 -21.67 -18.07
N SER F 59 -47.16 -22.69 -17.22
CA SER F 59 -47.14 -24.09 -17.69
C SER F 59 -45.77 -24.46 -18.29
N GLY F 60 -44.81 -23.54 -18.24
CA GLY F 60 -43.48 -23.88 -18.76
C GLY F 60 -42.83 -25.02 -17.99
N ASN F 61 -43.13 -25.14 -16.72
CA ASN F 61 -42.54 -26.30 -16.00
C ASN F 61 -43.17 -27.58 -16.51
N THR F 62 -44.47 -27.53 -16.71
CA THR F 62 -45.13 -28.72 -17.31
C THR F 62 -44.52 -28.99 -18.71
N MET F 63 -44.40 -27.97 -19.55
CA MET F 63 -43.88 -28.23 -20.89
C MET F 63 -42.45 -28.77 -20.84
N SER F 64 -41.62 -28.16 -19.99
CA SER F 64 -40.28 -28.67 -19.80
C SER F 64 -40.32 -30.12 -19.33
N PHE F 65 -41.18 -30.39 -18.34
CA PHE F 65 -41.39 -31.74 -17.83
C PHE F 65 -41.78 -32.70 -18.94
N LEU F 66 -42.66 -32.25 -19.84
CA LEU F 66 -43.05 -33.08 -20.97
C LEU F 66 -41.89 -33.33 -21.91
N ASN F 67 -40.86 -32.49 -21.90
CA ASN F 67 -39.66 -32.79 -22.65
C ASN F 67 -38.79 -33.86 -22.00
N ALA F 68 -39.24 -34.45 -20.89
CA ALA F 68 -38.40 -35.37 -20.15
C ALA F 68 -37.93 -36.50 -21.06
N ASP F 69 -36.69 -36.89 -20.87
CA ASP F 69 -36.13 -38.08 -21.48
C ASP F 69 -35.38 -38.84 -20.41
N GLU F 70 -35.49 -40.16 -20.43
CA GLU F 70 -34.80 -41.02 -19.48
C GLU F 70 -35.07 -40.57 -18.05
N PRO F 71 -36.30 -40.73 -17.54
CA PRO F 71 -37.44 -41.28 -18.27
C PRO F 71 -38.17 -40.22 -19.08
N ASN F 72 -38.83 -40.61 -20.17
CA ASN F 72 -39.74 -39.64 -20.75
C ASN F 72 -41.02 -39.59 -19.90
N VAL F 73 -41.84 -38.59 -20.18
CA VAL F 73 -42.95 -38.29 -19.29
C VAL F 73 -43.94 -39.45 -19.25
N VAL F 74 -44.19 -40.08 -20.40
CA VAL F 74 -45.15 -41.17 -20.44
C VAL F 74 -44.64 -42.35 -19.62
N ASP F 75 -43.37 -42.71 -19.79
CA ASP F 75 -42.79 -43.79 -19.01
C ASP F 75 -42.74 -43.44 -17.53
N LEU F 76 -42.51 -42.19 -17.19
CA LEU F 76 -42.57 -41.78 -15.80
C LEU F 76 -43.97 -41.96 -15.23
N ILE F 77 -44.98 -41.55 -15.98
CA ILE F 77 -46.35 -41.58 -15.48
C ILE F 77 -46.85 -43.02 -15.40
N VAL F 78 -46.45 -43.87 -16.34
CA VAL F 78 -46.99 -45.22 -16.42
C VAL F 78 -46.07 -46.22 -15.70
N ASP F 79 -44.83 -46.32 -16.16
CA ASP F 79 -43.93 -47.41 -15.81
C ASP F 79 -43.18 -47.24 -14.50
N PHE F 80 -43.26 -46.09 -13.84
CA PHE F 80 -42.56 -45.89 -12.58
C PHE F 80 -43.51 -45.88 -11.38
N GLY F 81 -44.75 -46.33 -11.57
CA GLY F 81 -45.66 -46.42 -10.45
C GLY F 81 -46.10 -45.09 -9.89
N LEU F 82 -46.03 -44.03 -10.69
CA LEU F 82 -46.46 -42.70 -10.28
C LEU F 82 -47.82 -42.43 -10.90
N ASP F 83 -48.87 -42.52 -10.09
CA ASP F 83 -50.24 -42.39 -10.56
C ASP F 83 -50.57 -40.89 -10.61
N LEU F 84 -50.48 -40.30 -11.80
CA LEU F 84 -50.80 -38.89 -11.98
C LEU F 84 -52.31 -38.73 -11.89
N LEU F 85 -52.78 -38.34 -10.70
CA LEU F 85 -54.21 -38.23 -10.48
C LEU F 85 -54.83 -37.21 -11.41
N TRP F 86 -54.18 -36.06 -11.54
CA TRP F 86 -54.68 -35.03 -12.41
C TRP F 86 -53.57 -34.01 -12.63
N HIS F 87 -53.67 -33.34 -13.74
CA HIS F 87 -52.77 -32.27 -14.14
C HIS F 87 -53.58 -31.39 -15.07
N PRO F 88 -53.60 -30.07 -14.86
CA PRO F 88 -54.48 -29.23 -15.68
C PRO F 88 -54.18 -29.32 -17.16
N SER F 89 -52.93 -29.62 -17.52
CA SER F 89 -52.55 -29.74 -18.92
C SER F 89 -52.74 -31.15 -19.46
N LEU F 90 -52.89 -32.15 -18.59
CA LEU F 90 -52.90 -33.53 -19.03
C LEU F 90 -54.05 -34.35 -18.48
N GLY F 91 -54.69 -33.92 -17.40
CA GLY F 91 -55.74 -34.71 -16.80
C GLY F 91 -56.94 -34.82 -17.72
N LEU F 92 -57.53 -36.01 -17.73
CA LEU F 92 -58.70 -36.24 -18.57
C LEU F 92 -59.94 -35.58 -17.96
N GLU F 93 -60.06 -35.64 -16.64
CA GLU F 93 -61.26 -35.17 -15.97
C GLU F 93 -61.41 -33.66 -16.10
N LEU F 94 -62.65 -33.22 -16.28
CA LEU F 94 -62.98 -31.80 -16.23
C LEU F 94 -64.11 -31.61 -15.22
N GLY F 95 -64.33 -30.34 -14.89
CA GLY F 95 -65.51 -29.98 -14.14
C GLY F 95 -65.63 -30.76 -12.85
N ASN F 96 -66.82 -31.32 -12.62
CA ASN F 96 -67.09 -31.93 -11.32
C ASN F 96 -66.30 -33.22 -11.10
N ASN F 97 -65.99 -33.98 -12.15
CA ASN F 97 -65.17 -35.17 -11.96
C ASN F 97 -63.76 -34.78 -11.49
N ALA F 98 -63.19 -33.76 -12.11
CA ALA F 98 -61.89 -33.25 -11.67
C ALA F 98 -61.98 -32.76 -10.24
N GLN F 99 -63.03 -31.99 -9.92
CA GLN F 99 -63.19 -31.48 -8.56
C GLN F 99 -63.34 -32.61 -7.57
N LYS F 100 -64.00 -33.69 -7.98
CA LYS F 100 -64.11 -34.86 -7.11
C LYS F 100 -62.72 -35.40 -6.78
N VAL F 101 -61.87 -35.50 -7.80
CA VAL F 101 -60.50 -35.94 -7.55
C VAL F 101 -59.82 -34.99 -6.56
N PHE F 102 -59.95 -33.69 -6.79
CA PHE F 102 -59.26 -32.71 -5.95
C PHE F 102 -59.75 -32.78 -4.52
N TRP F 103 -61.06 -32.85 -4.34
CA TRP F 103 -61.65 -32.88 -3.00
C TRP F 103 -61.30 -34.16 -2.27
N ASP F 104 -61.26 -35.29 -2.99
CA ASP F 104 -60.84 -36.53 -2.36
C ASP F 104 -59.41 -36.43 -1.88
N CYS F 105 -58.53 -35.81 -2.68
CA CYS F 105 -57.16 -35.59 -2.21
C CYS F 105 -57.12 -34.65 -1.00
N ALA F 106 -57.89 -33.56 -1.06
CA ALA F 106 -57.80 -32.53 -0.03
C ALA F 106 -58.32 -33.03 1.31
N LYS F 107 -59.43 -33.79 1.30
CA LYS F 107 -60.05 -34.27 2.52
C LYS F 107 -59.49 -35.59 3.01
N GLY F 108 -58.52 -36.17 2.31
CA GLY F 108 -57.94 -37.42 2.72
C GLY F 108 -58.73 -38.65 2.34
N GLU F 109 -59.76 -38.51 1.50
CA GLU F 109 -60.53 -39.67 1.06
C GLU F 109 -59.67 -40.63 0.26
N ARG F 110 -58.74 -40.11 -0.53
CA ARG F 110 -57.75 -40.89 -1.23
C ARG F 110 -56.37 -40.35 -0.91
N PRO F 111 -55.35 -41.21 -0.87
CA PRO F 111 -54.00 -40.74 -0.54
C PRO F 111 -53.44 -39.80 -1.58
N LEU F 112 -52.65 -38.84 -1.11
CA LEU F 112 -51.95 -37.91 -1.98
C LEU F 112 -50.47 -38.00 -1.61
N ASP F 113 -49.69 -38.68 -2.44
CA ASP F 113 -48.29 -38.88 -2.12
C ASP F 113 -47.45 -37.68 -2.50
N ILE F 114 -47.64 -37.16 -3.70
CA ILE F 114 -46.87 -36.02 -4.18
C ILE F 114 -47.84 -34.98 -4.70
N PHE F 115 -47.80 -33.81 -4.10
CA PHE F 115 -48.52 -32.65 -4.61
C PHE F 115 -47.48 -31.78 -5.30
N VAL F 116 -47.52 -31.72 -6.60
CA VAL F 116 -46.68 -30.83 -7.36
C VAL F 116 -47.46 -29.55 -7.60
N PHE F 117 -46.79 -28.45 -7.31
CA PHE F 117 -47.45 -27.15 -7.54
C PHE F 117 -46.54 -26.36 -8.47
N GLU F 118 -47.17 -25.83 -9.49
CA GLU F 118 -46.44 -25.03 -10.47
C GLU F 118 -47.09 -23.66 -10.49
N GLY F 119 -46.31 -22.62 -10.73
CA GLY F 119 -46.95 -21.33 -10.69
C GLY F 119 -47.00 -20.77 -9.30
N THR F 120 -47.32 -19.50 -9.22
CA THR F 120 -47.30 -18.88 -7.90
C THR F 120 -48.58 -19.14 -7.14
N VAL F 121 -48.46 -19.01 -5.84
CA VAL F 121 -49.67 -18.95 -5.03
C VAL F 121 -50.16 -17.51 -5.13
N ILE F 122 -51.27 -17.32 -5.81
CA ILE F 122 -51.81 -15.98 -6.04
C ILE F 122 -52.72 -15.64 -4.86
N GLU F 123 -52.41 -14.55 -4.18
CA GLU F 123 -53.19 -14.12 -3.04
C GLU F 123 -54.05 -12.90 -3.31
N ALA F 124 -53.73 -12.12 -4.32
CA ALA F 124 -54.55 -10.97 -4.64
C ALA F 124 -55.89 -11.42 -5.22
N PRO F 125 -56.93 -10.56 -5.10
CA PRO F 125 -56.91 -9.27 -4.42
C PRO F 125 -57.09 -9.37 -2.92
N ASN F 126 -56.39 -8.52 -2.16
CA ASN F 126 -56.63 -8.37 -0.73
C ASN F 126 -56.54 -9.71 0.01
N GLY F 127 -55.61 -10.55 -0.41
CA GLY F 127 -55.43 -11.83 0.24
C GLY F 127 -56.53 -12.84 -0.02
N THR F 128 -57.49 -12.52 -0.89
CA THR F 128 -58.56 -13.46 -1.21
C THR F 128 -58.12 -14.52 -2.21
N GLY F 129 -57.10 -14.26 -3.01
CA GLY F 129 -56.66 -15.22 -4.01
C GLY F 129 -57.57 -15.36 -5.19
N GLN F 130 -58.51 -14.44 -5.37
CA GLN F 130 -59.50 -14.57 -6.44
C GLN F 130 -58.95 -14.20 -7.81
N MET F 131 -57.72 -13.70 -7.88
CA MET F 131 -57.06 -13.61 -9.17
C MET F 131 -56.59 -14.97 -9.67
N ASP F 132 -56.78 -16.01 -8.88
CA ASP F 132 -56.52 -17.39 -9.30
C ASP F 132 -57.64 -18.24 -8.72
N MET F 133 -58.75 -18.32 -9.45
CA MET F 133 -59.87 -19.15 -9.05
C MET F 133 -59.75 -20.47 -9.80
N PHE F 134 -59.72 -21.56 -9.06
CA PHE F 134 -59.56 -22.88 -9.66
C PHE F 134 -60.56 -23.84 -9.04
N ALA F 135 -61.38 -24.46 -9.87
CA ALA F 135 -62.30 -25.51 -9.46
C ALA F 135 -63.17 -25.05 -8.29
N GLY F 136 -63.63 -23.82 -8.37
CA GLY F 136 -64.58 -23.28 -7.41
C GLY F 136 -63.98 -22.69 -6.15
N ARG F 137 -62.66 -22.62 -6.05
CA ARG F 137 -61.99 -22.03 -4.89
C ARG F 137 -60.85 -21.15 -5.37
N PRO F 138 -60.42 -20.20 -4.54
CA PRO F 138 -59.11 -19.59 -4.79
C PRO F 138 -58.06 -20.68 -4.78
N MET F 139 -57.13 -20.61 -5.73
CA MET F 139 -56.14 -21.66 -5.83
C MET F 139 -55.35 -21.79 -4.53
N LYS F 140 -55.15 -20.69 -3.82
CA LYS F 140 -54.40 -20.74 -2.57
C LYS F 140 -55.08 -21.64 -1.55
N ASP F 141 -56.41 -21.70 -1.56
CA ASP F 141 -57.10 -22.61 -0.66
C ASP F 141 -56.85 -24.06 -1.04
N TRP F 142 -56.88 -24.37 -2.34
CA TRP F 142 -56.47 -25.69 -2.79
C TRP F 142 -55.06 -25.99 -2.32
N VAL F 143 -54.17 -25.02 -2.43
CA VAL F 143 -52.79 -25.22 -2.03
C VAL F 143 -52.72 -25.58 -0.56
N THR F 144 -53.43 -24.82 0.27
CA THR F 144 -53.46 -25.09 1.70
C THR F 144 -53.89 -26.54 1.94
N ASP F 145 -55.02 -26.92 1.37
CA ASP F 145 -55.57 -28.25 1.65
C ASP F 145 -54.64 -29.34 1.14
N LEU F 146 -54.17 -29.22 -0.10
CA LEU F 146 -53.42 -30.30 -0.72
C LEU F 146 -52.01 -30.39 -0.17
N ALA F 147 -51.37 -29.26 0.09
CA ALA F 147 -50.08 -29.29 0.76
C ALA F 147 -50.20 -29.89 2.14
N GLY F 148 -51.31 -29.62 2.84
CA GLY F 148 -51.53 -30.29 4.11
C GLY F 148 -51.85 -31.76 3.97
N ALA F 149 -52.31 -32.20 2.81
CA ALA F 149 -52.66 -33.61 2.61
C ALA F 149 -51.51 -34.43 2.04
N ALA F 150 -50.60 -33.81 1.29
CA ALA F 150 -49.62 -34.57 0.54
C ALA F 150 -48.54 -35.16 1.46
N GLN F 151 -48.02 -36.31 1.06
CA GLN F 151 -46.83 -36.85 1.72
C GLN F 151 -45.62 -36.01 1.40
N ILE F 152 -45.50 -35.56 0.17
CA ILE F 152 -44.42 -34.71 -0.31
C ILE F 152 -45.05 -33.60 -1.11
N VAL F 153 -44.57 -32.38 -0.90
CA VAL F 153 -44.97 -31.23 -1.70
C VAL F 153 -43.76 -30.79 -2.49
N VAL F 154 -43.92 -30.69 -3.80
CA VAL F 154 -42.87 -30.25 -4.69
C VAL F 154 -43.35 -28.97 -5.37
N ALA F 155 -42.62 -27.89 -5.17
CA ALA F 155 -42.82 -26.68 -5.93
C ALA F 155 -41.91 -26.76 -7.15
N ILE F 156 -42.52 -26.73 -8.32
CA ILE F 156 -41.71 -26.84 -9.54
C ILE F 156 -41.70 -25.47 -10.20
N GLY F 157 -40.52 -24.95 -10.44
CA GLY F 157 -40.39 -23.64 -11.09
C GLY F 157 -40.35 -22.53 -10.06
N ASP F 158 -39.66 -21.45 -10.42
CA ASP F 158 -39.47 -20.34 -9.47
C ASP F 158 -40.80 -19.79 -8.97
N CYS F 159 -41.78 -19.75 -9.86
CA CYS F 159 -43.06 -19.17 -9.43
C CYS F 159 -43.49 -19.90 -8.17
N ALA F 160 -43.49 -21.21 -8.24
CA ALA F 160 -44.00 -21.99 -7.10
C ALA F 160 -42.97 -21.97 -5.95
N CYS F 161 -41.69 -22.04 -6.30
CA CYS F 161 -40.67 -22.10 -5.25
C CYS F 161 -40.55 -20.78 -4.50
N PHE F 162 -40.47 -19.68 -5.24
CA PHE F 162 -40.08 -18.40 -4.68
C PHE F 162 -40.96 -17.23 -5.13
N GLY F 163 -41.90 -17.44 -6.03
CA GLY F 163 -42.71 -16.32 -6.48
C GLY F 163 -42.38 -15.92 -7.91
N GLY F 164 -41.09 -16.00 -8.26
CA GLY F 164 -40.65 -15.87 -9.62
C GLY F 164 -41.10 -14.59 -10.30
N ILE F 165 -41.32 -14.69 -11.61
CA ILE F 165 -41.67 -13.51 -12.40
C ILE F 165 -42.95 -12.86 -11.94
N PRO F 166 -44.05 -13.58 -11.65
CA PRO F 166 -45.26 -12.88 -11.20
C PRO F 166 -45.06 -12.09 -9.93
N ALA F 167 -44.12 -12.50 -9.08
CA ALA F 167 -43.83 -11.78 -7.85
C ALA F 167 -42.96 -10.55 -8.07
N MET F 168 -42.48 -10.32 -9.29
CA MET F 168 -41.83 -9.06 -9.62
C MET F 168 -42.72 -7.90 -9.25
N GLU F 169 -42.11 -6.84 -8.72
CA GLU F 169 -42.89 -5.66 -8.42
C GLU F 169 -43.53 -5.14 -9.70
N PRO F 170 -44.78 -4.64 -9.63
CA PRO F 170 -45.55 -4.44 -8.41
C PRO F 170 -46.33 -5.66 -7.89
N ASN F 171 -46.08 -6.84 -8.45
CA ASN F 171 -46.74 -8.07 -8.01
C ASN F 171 -48.26 -7.91 -7.98
N PRO F 172 -48.89 -7.64 -9.13
CA PRO F 172 -50.34 -7.39 -9.14
C PRO F 172 -51.13 -8.56 -8.60
N SER F 173 -50.67 -9.79 -8.81
CA SER F 173 -51.40 -10.97 -8.40
C SER F 173 -51.14 -11.34 -6.94
N GLY F 174 -50.35 -10.56 -6.22
CA GLY F 174 -50.01 -10.95 -4.86
C GLY F 174 -49.37 -12.32 -4.86
N SER F 175 -48.53 -12.58 -5.84
CA SER F 175 -47.93 -13.89 -6.00
C SER F 175 -46.86 -14.14 -4.94
N THR F 176 -46.76 -15.39 -4.52
CA THR F 176 -45.69 -15.81 -3.63
C THR F 176 -45.39 -17.28 -3.91
N GLY F 177 -44.26 -17.74 -3.43
CA GLY F 177 -43.95 -19.14 -3.54
C GLY F 177 -44.61 -19.93 -2.43
N LEU F 178 -44.49 -21.25 -2.54
CA LEU F 178 -45.07 -22.13 -1.54
C LEU F 178 -44.45 -21.91 -0.17
N GLN F 179 -43.13 -21.97 -0.10
CA GLN F 179 -42.44 -21.81 1.17
C GLN F 179 -41.41 -20.70 1.14
N PHE F 180 -41.32 -19.96 0.04
CA PHE F 180 -40.43 -18.82 -0.05
C PHE F 180 -41.15 -17.68 -0.75
N HIS F 181 -40.79 -16.47 -0.37
CA HIS F 181 -41.02 -15.32 -1.23
C HIS F 181 -39.66 -14.77 -1.59
N LYS F 182 -39.25 -14.99 -2.83
CA LYS F 182 -37.87 -14.76 -3.23
C LYS F 182 -36.97 -15.49 -2.23
N ARG F 183 -35.90 -14.87 -1.76
CA ARG F 183 -35.00 -15.59 -0.86
C ARG F 183 -35.59 -15.80 0.52
N GLU F 184 -36.58 -14.99 0.91
CA GLU F 184 -37.10 -15.05 2.26
C GLU F 184 -37.91 -16.32 2.46
N LYS F 185 -37.48 -17.17 3.38
CA LYS F 185 -38.21 -18.39 3.68
C LYS F 185 -39.57 -18.07 4.29
N GLY F 186 -40.57 -18.86 3.91
CA GLY F 186 -41.89 -18.83 4.48
C GLY F 186 -42.98 -18.84 3.42
N GLY F 187 -42.84 -18.03 2.39
CA GLY F 187 -43.80 -17.98 1.29
C GLY F 187 -45.24 -18.10 1.73
N PHE F 188 -46.01 -18.92 1.04
CA PHE F 188 -47.42 -19.03 1.37
C PHE F 188 -47.65 -19.99 2.55
N LEU F 189 -46.92 -21.11 2.59
CA LEU F 189 -47.19 -22.14 3.57
C LEU F 189 -46.51 -21.88 4.91
N GLY F 190 -45.61 -20.92 4.99
CA GLY F 190 -44.90 -20.64 6.22
C GLY F 190 -43.59 -21.38 6.28
N PRO F 191 -42.62 -20.82 7.01
CA PRO F 191 -41.30 -21.47 7.09
C PRO F 191 -41.34 -22.84 7.72
N ASP F 192 -42.32 -23.09 8.58
CA ASP F 192 -42.36 -24.33 9.36
C ASP F 192 -43.22 -25.40 8.73
N PHE F 193 -43.75 -25.16 7.53
CA PHE F 193 -44.55 -26.19 6.87
C PHE F 193 -43.69 -27.42 6.62
N ARG F 194 -44.25 -28.57 6.92
CA ARG F 194 -43.66 -29.85 6.56
C ARG F 194 -44.74 -30.73 5.98
N SER F 195 -44.40 -31.46 4.92
CA SER F 195 -45.36 -32.43 4.41
C SER F 195 -45.44 -33.61 5.36
N LYS F 196 -46.29 -34.58 5.03
CA LYS F 196 -46.50 -35.71 5.91
C LYS F 196 -45.27 -36.61 6.00
N MET F 197 -44.40 -36.61 4.99
CA MET F 197 -43.14 -37.32 5.11
C MET F 197 -42.08 -36.52 5.85
N GLY F 198 -42.45 -35.39 6.43
CA GLY F 198 -41.55 -34.57 7.21
C GLY F 198 -40.72 -33.60 6.41
N LEU F 199 -40.82 -33.62 5.10
CA LEU F 199 -39.98 -32.76 4.28
C LEU F 199 -40.60 -31.37 4.17
N PRO F 200 -39.80 -30.34 3.98
CA PRO F 200 -40.36 -29.06 3.58
C PRO F 200 -40.79 -29.18 2.13
N VAL F 201 -41.34 -28.10 1.56
CA VAL F 201 -41.56 -28.10 0.14
C VAL F 201 -40.23 -28.33 -0.57
N ILE F 202 -40.20 -29.34 -1.44
CA ILE F 202 -39.04 -29.57 -2.27
C ILE F 202 -39.09 -28.55 -3.41
N ASN F 203 -38.13 -27.64 -3.43
CA ASN F 203 -38.12 -26.59 -4.43
C ASN F 203 -37.28 -27.07 -5.61
N VAL F 204 -37.94 -27.30 -6.74
CA VAL F 204 -37.28 -27.58 -7.99
C VAL F 204 -37.34 -26.28 -8.79
N PRO F 205 -36.36 -25.37 -8.64
CA PRO F 205 -36.51 -24.07 -9.22
C PRO F 205 -36.20 -24.07 -10.70
N GLY F 206 -36.00 -22.89 -11.23
CA GLY F 206 -35.82 -22.79 -12.65
C GLY F 206 -37.05 -22.12 -13.23
N CYS F 207 -36.88 -21.58 -14.41
CA CYS F 207 -38.02 -20.85 -15.00
C CYS F 207 -37.92 -21.10 -16.50
N PRO F 208 -38.24 -22.33 -16.95
CA PRO F 208 -38.79 -23.36 -16.09
C PRO F 208 -37.72 -24.30 -15.55
N ALA F 209 -38.17 -25.18 -14.66
CA ALA F 209 -37.26 -26.25 -14.25
C ALA F 209 -36.95 -27.13 -15.44
N HIS F 210 -35.74 -27.62 -15.49
CA HIS F 210 -35.38 -28.66 -16.44
C HIS F 210 -36.15 -29.94 -16.14
N PRO F 211 -36.58 -30.68 -17.15
CA PRO F 211 -37.36 -31.90 -16.86
C PRO F 211 -36.66 -32.84 -15.90
N ASP F 212 -35.34 -32.96 -15.99
CA ASP F 212 -34.65 -33.94 -15.12
C ASP F 212 -34.73 -33.49 -13.66
N TRP F 213 -34.79 -32.18 -13.44
CA TRP F 213 -34.75 -31.69 -12.05
C TRP F 213 -35.94 -32.25 -11.27
N ILE F 214 -37.01 -32.52 -11.98
CA ILE F 214 -38.22 -33.09 -11.33
C ILE F 214 -38.27 -34.60 -11.60
N THR F 215 -38.03 -35.01 -12.84
CA THR F 215 -38.22 -36.41 -13.17
C THR F 215 -37.25 -37.30 -12.40
N GLN F 216 -36.01 -36.88 -12.24
CA GLN F 216 -35.07 -37.72 -11.50
C GLN F 216 -35.42 -37.75 -10.03
N ILE F 217 -35.96 -36.66 -9.50
CA ILE F 217 -36.47 -36.70 -8.13
C ILE F 217 -37.64 -37.67 -8.04
N LEU F 218 -38.55 -37.63 -9.01
CA LEU F 218 -39.69 -38.53 -9.00
C LEU F 218 -39.25 -39.98 -9.14
N VAL F 219 -38.25 -40.22 -9.98
CA VAL F 219 -37.70 -41.57 -10.12
C VAL F 219 -37.06 -42.02 -8.81
N ALA F 220 -36.30 -41.13 -8.18
CA ALA F 220 -35.69 -41.44 -6.90
C ALA F 220 -36.74 -41.82 -5.87
N LEU F 221 -37.82 -41.03 -5.80
CA LEU F 221 -38.92 -41.36 -4.91
C LEU F 221 -39.55 -42.70 -5.27
N ALA F 222 -39.69 -42.96 -6.57
CA ALA F 222 -40.34 -44.18 -7.04
C ALA F 222 -39.44 -45.41 -6.93
N THR F 223 -38.12 -45.23 -6.88
CA THR F 223 -37.19 -46.34 -6.84
C THR F 223 -36.61 -46.56 -5.44
N GLY F 224 -37.22 -45.99 -4.41
CA GLY F 224 -36.75 -46.20 -3.06
C GLY F 224 -35.54 -45.38 -2.67
N ARG F 225 -35.22 -44.34 -3.43
CA ARG F 225 -34.06 -43.51 -3.16
C ARG F 225 -34.45 -42.13 -2.63
N ALA F 226 -35.63 -42.01 -2.01
CA ALA F 226 -36.00 -40.75 -1.39
C ALA F 226 -34.96 -40.33 -0.37
N GLY F 227 -34.41 -41.28 0.38
CA GLY F 227 -33.39 -40.98 1.35
C GLY F 227 -32.10 -40.46 0.75
N ASP F 228 -31.87 -40.69 -0.54
CA ASP F 228 -30.72 -40.13 -1.21
C ASP F 228 -30.89 -38.64 -1.53
N ILE F 229 -32.12 -38.13 -1.44
CA ILE F 229 -32.38 -36.75 -1.83
C ILE F 229 -32.00 -35.85 -0.65
N THR F 230 -31.00 -35.02 -0.86
CA THR F 230 -30.64 -33.98 0.09
C THR F 230 -31.02 -32.64 -0.50
N LEU F 231 -31.52 -31.75 0.35
CA LEU F 231 -31.98 -30.43 -0.05
C LEU F 231 -31.05 -29.38 0.50
N ASP F 232 -30.81 -28.33 -0.29
CA ASP F 232 -29.97 -27.23 0.19
C ASP F 232 -30.83 -26.29 1.04
N ASP F 233 -30.28 -25.13 1.40
CA ASP F 233 -31.00 -24.19 2.24
C ASP F 233 -32.23 -23.62 1.56
N LEU F 234 -32.29 -23.66 0.25
CA LEU F 234 -33.48 -23.24 -0.48
C LEU F 234 -34.41 -24.40 -0.78
N HIS F 235 -34.18 -25.56 -0.14
CA HIS F 235 -34.94 -26.78 -0.37
C HIS F 235 -34.77 -27.30 -1.79
N ARG F 236 -33.70 -26.94 -2.43
CA ARG F 236 -33.46 -27.49 -3.76
C ARG F 236 -32.65 -28.79 -3.66
N PRO F 237 -32.93 -29.74 -4.55
CA PRO F 237 -32.14 -30.99 -4.55
C PRO F 237 -30.68 -30.71 -4.82
N GLU F 238 -29.84 -31.03 -3.84
CA GLU F 238 -28.41 -30.78 -3.99
C GLU F 238 -27.79 -31.61 -5.11
N THR F 239 -28.42 -32.71 -5.49
CA THR F 239 -27.90 -33.48 -6.62
C THR F 239 -27.90 -32.65 -7.90
N PHE F 240 -28.69 -31.59 -7.96
CA PHE F 240 -28.71 -30.71 -9.10
C PHE F 240 -28.18 -29.31 -8.80
N PHE F 241 -28.22 -28.87 -7.55
CA PHE F 241 -28.01 -27.47 -7.24
C PHE F 241 -26.81 -27.22 -6.35
N LYS F 242 -25.90 -28.19 -6.24
CA LYS F 242 -24.59 -27.86 -5.71
C LYS F 242 -23.69 -27.28 -6.78
N THR F 243 -23.83 -27.75 -8.01
CA THR F 243 -23.08 -27.17 -9.11
C THR F 243 -23.60 -25.77 -9.42
N PHE F 244 -22.84 -25.08 -10.27
CA PHE F 244 -23.30 -23.75 -10.73
C PHE F 244 -23.73 -23.89 -12.16
N THR F 245 -24.43 -22.91 -12.68
CA THR F 245 -24.69 -22.96 -14.12
C THR F 245 -23.33 -23.02 -14.81
N GLN F 246 -22.38 -22.29 -14.25
CA GLN F 246 -21.06 -22.21 -14.92
C GLN F 246 -20.42 -23.61 -15.00
N THR F 247 -20.83 -24.49 -14.11
CA THR F 247 -20.20 -25.81 -14.05
C THR F 247 -20.52 -26.55 -15.35
N GLY F 248 -19.54 -26.66 -16.22
CA GLY F 248 -19.77 -27.37 -17.49
C GLY F 248 -20.07 -26.37 -18.58
N CYS F 249 -20.06 -25.11 -18.22
CA CYS F 249 -20.27 -24.10 -19.28
C CYS F 249 -19.11 -24.21 -20.27
N THR F 250 -19.42 -24.11 -21.55
CA THR F 250 -18.37 -24.20 -22.58
C THR F 250 -17.50 -22.94 -22.56
N ARG F 251 -17.85 -21.95 -21.76
CA ARG F 251 -17.08 -20.67 -21.81
C ARG F 251 -16.24 -20.45 -20.55
N VAL F 252 -16.18 -21.46 -19.69
CA VAL F 252 -15.44 -21.24 -18.42
C VAL F 252 -13.96 -20.96 -18.72
N GLN F 253 -13.40 -21.56 -19.76
CA GLN F 253 -11.98 -21.24 -20.00
C GLN F 253 -11.84 -19.76 -20.33
N PHE F 254 -12.80 -19.23 -21.08
CA PHE F 254 -12.75 -17.78 -21.37
C PHE F 254 -12.95 -17.03 -20.05
N PHE F 255 -13.83 -17.54 -19.21
CA PHE F 255 -14.04 -16.90 -17.89
C PHE F 255 -12.71 -16.90 -17.14
N GLU F 256 -12.06 -18.04 -17.12
CA GLU F 256 -10.80 -18.19 -16.35
C GLU F 256 -9.81 -17.13 -16.82
N TYR F 257 -9.73 -16.90 -18.09
CA TYR F 257 -8.81 -15.96 -18.68
C TYR F 257 -9.44 -14.60 -18.89
N LYS F 258 -10.64 -14.40 -18.37
CA LYS F 258 -11.29 -13.09 -18.39
C LYS F 258 -11.41 -12.57 -19.81
N GLN F 259 -11.79 -13.47 -20.72
CA GLN F 259 -12.01 -13.08 -22.13
C GLN F 259 -13.51 -12.93 -22.32
N SER F 260 -13.91 -11.74 -22.69
CA SER F 260 -15.36 -11.48 -22.70
C SER F 260 -15.97 -11.66 -24.07
N THR F 261 -17.13 -12.27 -24.07
CA THR F 261 -17.90 -12.20 -25.32
C THR F 261 -18.24 -10.71 -25.42
N LEU F 262 -18.11 -10.15 -26.59
CA LEU F 262 -18.35 -8.73 -26.80
C LEU F 262 -19.69 -8.44 -27.43
N SER F 263 -20.27 -9.39 -28.15
CA SER F 263 -21.51 -9.13 -28.86
C SER F 263 -22.25 -10.44 -29.04
N PHE F 264 -23.54 -10.32 -29.31
CA PHE F 264 -24.37 -11.48 -29.55
C PHE F 264 -24.12 -12.02 -30.95
N GLY F 265 -24.85 -13.06 -31.30
CA GLY F 265 -24.67 -13.69 -32.59
C GLY F 265 -23.28 -14.29 -32.70
N GLU F 266 -22.60 -13.99 -33.81
CA GLU F 266 -21.26 -14.54 -34.02
C GLU F 266 -20.28 -14.11 -32.94
N GLY F 267 -20.54 -13.00 -32.25
CA GLY F 267 -19.70 -12.61 -31.14
C GLY F 267 -19.62 -13.66 -30.05
N THR F 268 -20.64 -14.52 -29.96
CA THR F 268 -20.64 -15.57 -28.96
C THR F 268 -19.87 -16.80 -29.40
N ARG F 269 -19.20 -16.76 -30.55
CA ARG F 269 -18.30 -17.84 -30.91
C ARG F 269 -17.07 -17.85 -30.00
N THR F 270 -16.99 -16.86 -29.16
CA THR F 270 -15.86 -16.81 -28.22
C THR F 270 -16.28 -16.10 -26.94
N GLY F 271 -15.43 -16.23 -25.93
CA GLY F 271 -15.67 -15.41 -24.75
C GLY F 271 -16.67 -15.95 -23.78
N CYS F 272 -16.64 -15.37 -22.60
CA CYS F 272 -17.61 -15.71 -21.57
C CYS F 272 -18.59 -14.54 -21.45
N LEU F 273 -19.82 -14.83 -21.08
CA LEU F 273 -20.87 -13.77 -21.09
C LEU F 273 -20.92 -13.01 -19.77
N PHE F 274 -20.03 -13.33 -18.88
CA PHE F 274 -20.14 -12.74 -17.53
C PHE F 274 -19.89 -11.26 -17.55
N TYR F 275 -18.94 -10.84 -18.34
CA TYR F 275 -18.47 -9.45 -18.22
C TYR F 275 -19.33 -8.43 -18.94
N GLU F 276 -19.89 -8.78 -20.07
CA GLU F 276 -20.65 -7.82 -20.84
C GLU F 276 -22.14 -8.12 -20.88
N PHE F 277 -22.55 -9.36 -20.60
CA PHE F 277 -23.94 -9.73 -20.73
C PHE F 277 -24.58 -10.15 -19.42
N GLY F 278 -23.93 -9.90 -18.31
CA GLY F 278 -24.60 -10.15 -17.04
C GLY F 278 -24.84 -11.61 -16.77
N CYS F 279 -24.05 -12.45 -17.40
CA CYS F 279 -24.19 -13.89 -17.08
C CYS F 279 -24.13 -14.12 -15.57
N ARG F 280 -25.16 -14.74 -15.04
CA ARG F 280 -25.15 -15.07 -13.58
C ARG F 280 -24.64 -16.49 -13.34
N GLY F 281 -24.09 -17.11 -14.37
CA GLY F 281 -23.60 -18.49 -14.25
C GLY F 281 -22.82 -18.75 -12.97
N PRO F 282 -21.79 -17.94 -12.66
CA PRO F 282 -20.95 -18.20 -11.50
C PRO F 282 -21.62 -17.86 -10.17
N MET F 283 -22.82 -17.30 -10.23
CA MET F 283 -23.55 -16.96 -8.98
C MET F 283 -24.83 -17.78 -8.92
N THR F 284 -24.97 -18.76 -9.79
CA THR F 284 -26.25 -19.46 -9.88
C THR F 284 -26.06 -20.96 -9.76
N HIS F 285 -26.77 -21.52 -8.82
CA HIS F 285 -26.65 -22.96 -8.60
C HIS F 285 -27.61 -23.65 -9.54
N SER F 286 -27.09 -24.57 -10.33
CA SER F 286 -27.91 -25.27 -11.32
C SER F 286 -27.01 -26.31 -11.96
N PRO F 287 -27.56 -27.34 -12.61
CA PRO F 287 -26.74 -28.24 -13.39
C PRO F 287 -27.01 -27.95 -14.87
N CYS F 288 -27.29 -26.70 -15.22
CA CYS F 288 -27.69 -26.42 -16.64
C CYS F 288 -26.63 -26.81 -17.64
N ASN F 289 -25.38 -26.74 -17.21
CA ASN F 289 -24.28 -27.11 -18.13
C ASN F 289 -23.79 -28.51 -17.82
N ARG F 290 -24.28 -29.10 -16.76
CA ARG F 290 -23.99 -30.50 -16.50
C ARG F 290 -25.02 -31.38 -17.20
N ILE F 291 -26.29 -31.13 -16.91
CA ILE F 291 -27.39 -31.80 -17.56
C ILE F 291 -27.95 -30.81 -18.56
N LEU F 292 -27.69 -31.05 -19.82
CA LEU F 292 -28.03 -30.02 -20.81
C LEU F 292 -29.54 -29.93 -21.05
N TRP F 293 -29.94 -28.76 -21.44
CA TRP F 293 -31.36 -28.54 -21.73
C TRP F 293 -31.72 -29.23 -23.04
N ASN F 294 -32.87 -29.89 -23.05
CA ASN F 294 -33.35 -30.56 -24.27
C ASN F 294 -32.27 -31.52 -24.78
N ARG F 295 -31.43 -31.99 -23.87
CA ARG F 295 -30.32 -32.86 -24.23
C ARG F 295 -29.42 -32.24 -25.30
N GLN F 296 -29.46 -30.93 -25.45
CA GLN F 296 -28.71 -30.27 -26.51
C GLN F 296 -27.74 -29.23 -25.99
N SER F 297 -28.19 -28.33 -25.14
CA SER F 297 -27.44 -27.10 -24.96
C SER F 297 -27.79 -26.50 -23.61
N SER F 298 -27.41 -25.25 -23.47
CA SER F 298 -27.80 -24.47 -22.29
C SER F 298 -27.81 -23.03 -22.78
N LYS F 299 -28.41 -22.17 -21.99
CA LYS F 299 -28.35 -20.76 -22.42
C LYS F 299 -26.90 -20.36 -22.66
N THR F 300 -26.06 -20.63 -21.69
CA THR F 300 -24.69 -20.07 -21.77
C THR F 300 -23.93 -20.66 -22.95
N ARG F 301 -24.07 -21.95 -23.14
CA ARG F 301 -23.44 -22.54 -24.32
C ARG F 301 -23.92 -21.80 -25.56
N ALA F 302 -25.22 -21.59 -25.67
CA ALA F 302 -25.78 -20.99 -26.87
C ALA F 302 -25.39 -19.54 -27.03
N GLY F 303 -24.82 -18.91 -26.01
CA GLY F 303 -24.52 -17.50 -26.06
C GLY F 303 -25.47 -16.62 -25.30
N MET F 304 -26.42 -17.20 -24.60
CA MET F 304 -27.31 -16.40 -23.78
C MET F 304 -26.82 -16.39 -22.34
N PRO F 305 -26.75 -15.22 -21.70
CA PRO F 305 -26.37 -15.22 -20.32
C PRO F 305 -27.34 -15.98 -19.44
N CYS F 306 -26.77 -16.64 -18.46
CA CYS F 306 -27.64 -17.24 -17.46
C CYS F 306 -28.31 -16.10 -16.71
N LEU F 307 -29.61 -16.21 -16.57
CA LEU F 307 -30.36 -15.16 -15.86
C LEU F 307 -30.49 -15.52 -14.39
N GLY F 308 -29.78 -16.55 -13.96
CA GLY F 308 -29.83 -16.95 -12.55
C GLY F 308 -31.21 -17.41 -12.16
N CYS F 309 -31.91 -18.05 -13.07
CA CYS F 309 -33.32 -18.39 -12.80
C CYS F 309 -33.47 -19.45 -11.71
N THR F 310 -32.46 -20.15 -11.32
CA THR F 310 -32.68 -21.18 -10.29
C THR F 310 -32.52 -20.53 -8.92
N GLU F 311 -32.14 -19.27 -8.97
CA GLU F 311 -31.90 -18.55 -7.72
C GLU F 311 -33.20 -17.86 -7.29
N PRO F 312 -33.50 -17.73 -5.99
CA PRO F 312 -34.81 -17.22 -5.56
C PRO F 312 -35.06 -15.78 -5.93
N GLU F 313 -34.02 -14.98 -6.17
CA GLU F 313 -34.22 -13.60 -6.55
C GLU F 313 -34.67 -13.43 -7.99
N PHE F 314 -34.69 -14.50 -8.77
CA PHE F 314 -35.03 -14.36 -10.17
C PHE F 314 -36.44 -13.81 -10.33
N PRO F 315 -36.65 -12.86 -11.25
CA PRO F 315 -35.63 -12.23 -12.09
C PRO F 315 -34.83 -11.24 -11.29
N HIS F 316 -33.51 -11.33 -11.43
CA HIS F 316 -32.65 -10.52 -10.60
C HIS F 316 -32.82 -9.05 -10.94
N PHE F 317 -32.73 -8.21 -9.91
CA PHE F 317 -32.90 -6.77 -10.04
C PHE F 317 -34.25 -6.41 -10.64
N ASP F 318 -35.18 -7.36 -10.65
CA ASP F 318 -36.52 -7.16 -11.21
C ASP F 318 -36.44 -6.61 -12.61
N LEU F 319 -35.41 -7.01 -13.37
CA LEU F 319 -35.28 -6.57 -14.75
C LEU F 319 -35.35 -5.05 -14.86
N ALA F 320 -34.81 -4.36 -13.86
CA ALA F 320 -34.80 -2.91 -13.87
C ALA F 320 -33.98 -2.44 -15.07
N PRO F 321 -34.23 -1.22 -15.54
CA PRO F 321 -33.52 -0.72 -16.71
C PRO F 321 -32.01 -0.81 -16.53
N GLY F 322 -31.33 -1.26 -17.59
CA GLY F 322 -29.90 -1.40 -17.57
C GLY F 322 -29.37 -2.71 -17.00
N THR F 323 -30.25 -3.60 -16.56
CA THR F 323 -29.82 -4.85 -15.95
C THR F 323 -30.07 -6.07 -16.82
N VAL F 324 -30.64 -5.90 -18.00
CA VAL F 324 -31.03 -7.03 -18.84
C VAL F 324 -29.92 -7.25 -19.86
N PHE F 325 -29.31 -8.43 -19.81
CA PHE F 325 -28.21 -8.80 -20.70
C PHE F 325 -27.07 -7.80 -20.60
N LYS F 326 -26.87 -7.26 -19.40
CA LYS F 326 -25.78 -6.34 -19.13
C LYS F 326 -25.17 -6.69 -17.78
N THR F 327 -23.85 -6.52 -17.69
CA THR F 327 -23.16 -6.67 -16.42
C THR F 327 -23.07 -5.31 -15.76
N GLN F 328 -23.73 -5.15 -14.62
CA GLN F 328 -23.57 -3.93 -13.85
C GLN F 328 -22.16 -3.86 -13.30
N LYS F 329 -21.49 -2.74 -13.54
CA LYS F 329 -20.10 -2.60 -13.18
C LYS F 329 -19.90 -1.34 -12.36
N VAL F 330 -18.92 -1.40 -11.47
CA VAL F 330 -18.47 -0.24 -10.70
C VAL F 330 -17.27 0.34 -11.41
N SER F 331 -17.30 1.65 -11.66
CA SER F 331 -16.22 2.35 -12.34
C SER F 331 -15.96 1.79 -13.74
N GLY F 332 -16.98 1.14 -14.32
CA GLY F 332 -16.90 0.64 -15.67
C GLY F 332 -16.06 -0.60 -15.87
N MET F 333 -15.55 -1.23 -14.81
CA MET F 333 -14.63 -2.37 -15.04
C MET F 333 -14.76 -3.43 -13.94
N ILE F 334 -15.21 -3.03 -12.76
CA ILE F 334 -15.39 -4.00 -11.70
C ILE F 334 -16.84 -4.46 -11.70
N PRO F 335 -17.12 -5.74 -11.93
CA PRO F 335 -18.51 -6.21 -11.82
C PRO F 335 -19.03 -5.95 -10.42
N LYS F 336 -20.29 -5.50 -10.35
CA LYS F 336 -20.92 -5.30 -9.05
C LYS F 336 -21.01 -6.61 -8.29
N GLU F 337 -21.38 -7.69 -8.98
CA GLU F 337 -21.47 -9.01 -8.41
C GLU F 337 -20.34 -9.86 -8.95
N VAL F 338 -19.58 -10.47 -8.05
CA VAL F 338 -18.48 -11.34 -8.44
C VAL F 338 -18.97 -12.78 -8.27
N PRO F 339 -18.24 -13.78 -8.74
CA PRO F 339 -18.71 -15.16 -8.58
C PRO F 339 -18.91 -15.51 -7.11
N GLU F 340 -19.77 -16.51 -6.91
CA GLU F 340 -20.09 -16.95 -5.55
C GLU F 340 -18.83 -17.31 -4.78
N GLY F 341 -18.72 -16.80 -3.56
CA GLY F 341 -17.59 -17.18 -2.70
C GLY F 341 -16.32 -16.44 -2.99
N THR F 342 -16.35 -15.47 -3.88
CA THR F 342 -15.15 -14.66 -4.13
C THR F 342 -15.40 -13.26 -3.61
N ASP F 343 -14.34 -12.50 -3.39
CA ASP F 343 -14.51 -11.09 -3.00
C ASP F 343 -13.97 -10.27 -4.16
N HIS F 344 -14.39 -9.03 -4.27
CA HIS F 344 -14.02 -8.17 -5.38
C HIS F 344 -12.51 -8.01 -5.47
N LEU F 345 -11.83 -7.91 -4.31
CA LEU F 345 -10.40 -7.69 -4.32
C LEU F 345 -9.66 -8.86 -4.95
N THR F 346 -9.85 -10.04 -4.37
CA THR F 346 -9.19 -11.24 -4.92
C THR F 346 -9.66 -11.46 -6.34
N TYR F 347 -10.97 -11.39 -6.58
CA TYR F 347 -11.48 -11.66 -7.92
C TYR F 347 -10.82 -10.75 -8.95
N MET F 348 -10.71 -9.46 -8.66
CA MET F 348 -10.12 -8.53 -9.61
C MET F 348 -8.62 -8.76 -9.76
N GLY F 349 -7.93 -9.05 -8.65
CA GLY F 349 -6.51 -9.36 -8.78
C GLY F 349 -6.26 -10.57 -9.65
N LEU F 350 -7.00 -11.65 -9.39
CA LEU F 350 -6.88 -12.84 -10.20
C LEU F 350 -7.30 -12.56 -11.64
N ALA F 351 -8.29 -11.69 -11.83
CA ALA F 351 -8.74 -11.36 -13.17
C ALA F 351 -7.65 -10.64 -13.95
N ALA F 352 -6.96 -9.70 -13.30
CA ALA F 352 -5.83 -9.03 -13.95
C ALA F 352 -4.74 -10.03 -14.29
N ALA F 353 -4.41 -10.91 -13.34
CA ALA F 353 -3.39 -11.91 -13.59
C ALA F 353 -3.79 -12.81 -14.76
N ALA F 354 -5.05 -13.24 -14.79
CA ALA F 354 -5.51 -14.10 -15.86
C ALA F 354 -5.49 -13.39 -17.21
N ARG F 355 -5.92 -12.13 -17.21
CA ARG F 355 -5.86 -11.34 -18.47
C ARG F 355 -4.42 -11.30 -18.97
N ILE F 356 -3.45 -11.15 -18.07
CA ILE F 356 -2.04 -11.15 -18.47
C ILE F 356 -1.62 -12.51 -18.99
N ALA F 357 -2.07 -13.58 -18.32
CA ALA F 357 -1.65 -14.94 -18.67
C ALA F 357 -2.45 -15.53 -19.82
N ALA F 358 -3.47 -14.83 -20.31
CA ALA F 358 -4.44 -15.45 -21.19
C ALA F 358 -3.76 -15.96 -22.46
N PRO F 359 -3.96 -17.22 -22.82
CA PRO F 359 -3.40 -17.74 -24.06
C PRO F 359 -4.14 -17.20 -25.27
N GLN F 360 -3.50 -17.32 -26.43
CA GLN F 360 -4.03 -16.72 -27.65
C GLN F 360 -5.38 -17.31 -28.02
N TRP F 361 -5.55 -18.63 -27.87
CA TRP F 361 -6.81 -19.26 -28.26
C TRP F 361 -7.98 -18.72 -27.44
N SER F 362 -7.73 -18.29 -26.20
CA SER F 362 -8.81 -17.74 -25.39
C SER F 362 -9.29 -16.40 -25.92
N LYS F 363 -8.54 -15.79 -26.82
CA LYS F 363 -8.91 -14.51 -27.42
C LYS F 363 -9.50 -14.67 -28.81
N GLU F 364 -9.74 -15.91 -29.25
CA GLU F 364 -10.22 -16.17 -30.60
C GLU F 364 -11.50 -16.98 -30.56
N ASP F 365 -12.18 -17.01 -31.71
CA ASP F 365 -13.37 -17.83 -31.84
C ASP F 365 -13.02 -19.28 -31.55
N MET F 366 -13.88 -19.94 -30.80
CA MET F 366 -13.72 -21.35 -30.55
C MET F 366 -14.94 -22.16 -30.96
N PHE F 367 -16.12 -21.60 -30.84
CA PHE F 367 -17.35 -22.27 -31.30
C PHE F 367 -17.57 -21.88 -32.76
N VAL F 368 -16.68 -22.40 -33.58
CA VAL F 368 -16.61 -22.07 -34.98
C VAL F 368 -17.58 -22.94 -35.75
N VAL F 369 -17.93 -22.50 -36.94
CA VAL F 369 -18.82 -23.25 -37.80
C VAL F 369 -18.26 -24.63 -38.06
N LEU G 1 -15.27 -80.15 -52.37
CA LEU G 1 -15.09 -78.78 -52.82
C LEU G 1 -14.41 -77.93 -51.75
N ASP G 2 -13.21 -77.45 -52.04
CA ASP G 2 -12.55 -76.51 -51.15
C ASP G 2 -13.10 -75.12 -51.41
N LEU G 3 -13.75 -74.53 -50.41
CA LEU G 3 -14.34 -73.21 -50.52
C LEU G 3 -13.63 -72.28 -49.54
N PHE G 4 -13.08 -71.20 -50.05
CA PHE G 4 -12.44 -70.18 -49.23
C PHE G 4 -13.32 -68.95 -49.26
N VAL G 5 -13.91 -68.62 -48.11
CA VAL G 5 -14.79 -67.47 -47.98
C VAL G 5 -14.00 -66.34 -47.33
N SER G 6 -13.84 -65.25 -48.07
CA SER G 6 -13.10 -64.10 -47.62
C SER G 6 -13.69 -62.85 -48.28
N PRO G 7 -14.16 -61.88 -47.49
CA PRO G 7 -14.23 -61.95 -46.04
C PRO G 7 -15.51 -62.61 -45.57
N LEU G 8 -15.50 -63.16 -44.36
CA LEU G 8 -16.73 -63.50 -43.66
C LEU G 8 -16.95 -62.38 -42.65
N GLY G 9 -17.68 -61.35 -43.07
CA GLY G 9 -17.85 -60.16 -42.26
C GLY G 9 -18.86 -60.37 -41.14
N ARG G 10 -19.19 -59.26 -40.49
CA ARG G 10 -20.09 -59.26 -39.35
C ARG G 10 -19.60 -60.21 -38.27
N VAL G 11 -18.29 -60.24 -38.09
CA VAL G 11 -17.67 -60.95 -36.98
C VAL G 11 -16.68 -60.01 -36.29
N GLU G 12 -16.94 -58.70 -36.38
CA GLU G 12 -16.13 -57.70 -35.69
C GLU G 12 -14.64 -57.91 -35.95
N GLY G 13 -14.29 -57.96 -37.22
CA GLY G 13 -12.90 -58.09 -37.58
C GLY G 13 -12.75 -58.94 -38.82
N ASP G 14 -11.52 -59.38 -39.02
CA ASP G 14 -11.10 -59.97 -40.28
C ASP G 14 -11.07 -61.48 -40.13
N LEU G 15 -12.00 -62.15 -40.80
CA LEU G 15 -12.12 -63.59 -40.73
C LEU G 15 -12.22 -64.13 -42.14
N ASP G 16 -11.44 -65.15 -42.43
CA ASP G 16 -11.63 -65.98 -43.60
C ASP G 16 -11.96 -67.38 -43.12
N VAL G 17 -12.80 -68.08 -43.87
CA VAL G 17 -13.17 -69.43 -43.49
C VAL G 17 -12.92 -70.33 -44.69
N ARG G 18 -12.06 -71.32 -44.50
CA ARG G 18 -11.85 -72.35 -45.50
C ARG G 18 -12.64 -73.57 -45.07
N VAL G 19 -13.37 -74.17 -46.00
CA VAL G 19 -14.14 -75.35 -45.68
C VAL G 19 -13.93 -76.38 -46.79
N THR G 20 -13.86 -77.63 -46.39
CA THR G 20 -14.01 -78.73 -47.33
C THR G 20 -15.47 -79.15 -47.31
N ILE G 21 -16.07 -79.20 -48.49
CA ILE G 21 -17.48 -79.55 -48.63
C ILE G 21 -17.57 -80.86 -49.39
N ASN G 22 -18.30 -81.82 -48.84
CA ASN G 22 -18.62 -83.05 -49.54
C ASN G 22 -20.12 -83.29 -49.46
N ASP G 23 -20.75 -83.48 -50.62
CA ASP G 23 -22.19 -83.70 -50.72
C ASP G 23 -22.97 -82.58 -50.04
N GLY G 24 -22.51 -81.34 -50.21
CA GLY G 24 -23.22 -80.20 -49.67
C GLY G 24 -23.08 -80.03 -48.18
N VAL G 25 -22.12 -80.69 -47.55
CA VAL G 25 -21.91 -80.62 -46.11
C VAL G 25 -20.45 -80.29 -45.85
N VAL G 26 -20.20 -79.35 -44.95
CA VAL G 26 -18.83 -79.07 -44.54
C VAL G 26 -18.28 -80.29 -43.80
N THR G 27 -17.14 -80.80 -44.28
CA THR G 27 -16.48 -81.93 -43.65
C THR G 27 -15.24 -81.53 -42.87
N SER G 28 -14.62 -80.42 -43.23
CA SER G 28 -13.54 -79.87 -42.42
C SER G 28 -13.59 -78.36 -42.55
N ALA G 29 -13.08 -77.68 -41.54
CA ALA G 29 -13.10 -76.23 -41.56
C ALA G 29 -11.84 -75.68 -40.92
N TRP G 30 -11.39 -74.56 -41.47
CA TRP G 30 -10.30 -73.77 -40.92
C TRP G 30 -10.81 -72.35 -40.77
N THR G 31 -10.67 -71.81 -39.56
CA THR G 31 -10.92 -70.41 -39.33
C THR G 31 -9.59 -69.68 -39.37
N GLU G 32 -9.53 -68.63 -40.17
CA GLU G 32 -8.30 -67.86 -40.36
C GLU G 32 -8.58 -66.44 -39.87
N ALA G 33 -8.12 -66.14 -38.66
CA ALA G 33 -8.06 -64.77 -38.20
C ALA G 33 -6.95 -64.05 -38.95
N ALA G 34 -7.30 -62.97 -39.64
CA ALA G 34 -6.41 -62.42 -40.66
C ALA G 34 -5.77 -61.10 -40.28
N MET G 35 -6.09 -60.53 -39.14
CA MET G 35 -5.59 -59.21 -38.78
C MET G 35 -4.97 -59.25 -37.40
N PHE G 36 -3.75 -58.72 -37.28
CA PHE G 36 -2.97 -58.78 -36.06
C PHE G 36 -2.54 -57.37 -35.66
N ARG G 37 -2.76 -57.01 -34.40
CA ARG G 37 -2.29 -55.74 -33.87
C ARG G 37 -1.22 -55.89 -32.80
N GLY G 38 -1.22 -57.02 -32.09
CA GLY G 38 -0.15 -57.28 -31.14
C GLY G 38 -0.18 -56.43 -29.88
N PHE G 39 -1.37 -56.26 -29.29
CA PHE G 39 -1.47 -55.43 -28.09
C PHE G 39 -0.70 -56.03 -26.93
N GLU G 40 -0.60 -57.36 -26.87
CA GLU G 40 0.19 -57.98 -25.81
C GLU G 40 1.66 -57.59 -25.94
N ILE G 41 2.15 -57.52 -27.17
CA ILE G 41 3.51 -57.06 -27.42
C ILE G 41 3.66 -55.61 -26.97
N ILE G 42 2.67 -54.78 -27.34
CA ILE G 42 2.76 -53.37 -27.02
C ILE G 42 2.76 -53.14 -25.51
N LEU G 43 1.95 -53.92 -24.79
CA LEU G 43 1.80 -53.69 -23.36
C LEU G 43 3.06 -53.99 -22.58
N ARG G 44 3.94 -54.83 -23.11
CA ARG G 44 5.16 -55.18 -22.40
C ARG G 44 5.98 -53.93 -22.13
N GLY G 45 6.41 -53.77 -20.88
CA GLY G 45 7.21 -52.64 -20.49
C GLY G 45 6.44 -51.36 -20.24
N LYS G 46 5.13 -51.36 -20.48
CA LYS G 46 4.33 -50.18 -20.26
C LYS G 46 3.95 -50.06 -18.78
N ASP G 47 3.29 -48.96 -18.46
CA ASP G 47 2.83 -48.75 -17.10
C ASP G 47 1.93 -49.91 -16.69
N PRO G 48 2.00 -50.34 -15.43
CA PRO G 48 1.17 -51.49 -15.01
C PRO G 48 -0.30 -51.29 -15.28
N GLN G 49 -0.79 -50.06 -15.29
CA GLN G 49 -2.18 -49.79 -15.59
C GLN G 49 -2.42 -49.52 -17.06
N ALA G 50 -1.41 -49.66 -17.91
CA ALA G 50 -1.60 -49.41 -19.32
C ALA G 50 -2.67 -50.33 -19.90
N GLY G 51 -2.86 -51.50 -19.29
CA GLY G 51 -3.90 -52.39 -19.76
C GLY G 51 -5.27 -51.75 -19.72
N LEU G 52 -5.53 -50.92 -18.71
CA LEU G 52 -6.82 -50.26 -18.61
C LEU G 52 -7.10 -49.37 -19.80
N ILE G 53 -6.06 -48.88 -20.46
CA ILE G 53 -6.23 -48.06 -21.65
C ILE G 53 -6.18 -48.90 -22.91
N VAL G 54 -5.25 -49.85 -22.95
CA VAL G 54 -4.99 -50.60 -24.18
C VAL G 54 -6.03 -51.69 -24.39
N CYS G 55 -6.28 -52.50 -23.36
CA CYS G 55 -7.17 -53.64 -23.52
C CYS G 55 -8.57 -53.28 -23.99
N PRO G 56 -9.20 -52.17 -23.55
CA PRO G 56 -10.51 -51.85 -24.11
C PRO G 56 -10.35 -51.71 -25.64
N ARG G 57 -9.20 -51.22 -26.08
CA ARG G 57 -9.00 -51.01 -27.54
C ARG G 57 -8.79 -52.34 -28.26
N ILE G 58 -8.81 -53.43 -27.54
CA ILE G 58 -8.77 -54.72 -28.26
C ILE G 58 -10.07 -54.78 -29.05
N CYS G 59 -11.11 -54.18 -28.49
CA CYS G 59 -12.39 -54.37 -29.17
C CYS G 59 -13.42 -53.30 -28.84
N GLY G 60 -14.11 -52.89 -29.86
CA GLY G 60 -15.05 -51.79 -29.68
C GLY G 60 -16.30 -52.21 -28.99
N ILE G 61 -16.75 -53.41 -29.33
CA ILE G 61 -18.05 -53.84 -28.81
C ILE G 61 -17.86 -54.42 -27.42
N CYS G 62 -16.68 -54.97 -27.15
CA CYS G 62 -16.56 -55.58 -25.81
C CYS G 62 -15.37 -55.00 -25.05
N GLY G 63 -14.97 -53.78 -25.42
CA GLY G 63 -13.87 -53.16 -24.68
C GLY G 63 -14.21 -52.96 -23.21
N GLY G 64 -15.48 -52.67 -22.91
CA GLY G 64 -15.82 -52.55 -21.50
C GLY G 64 -15.55 -53.83 -20.74
N SER G 65 -15.76 -54.95 -21.41
CA SER G 65 -15.43 -56.25 -20.78
C SER G 65 -13.93 -56.33 -20.57
N HIS G 66 -13.19 -55.92 -21.59
CA HIS G 66 -11.71 -55.93 -21.46
C HIS G 66 -11.33 -55.07 -20.27
N LEU G 67 -11.96 -53.93 -20.17
CA LEU G 67 -11.62 -53.01 -19.06
C LEU G 67 -11.91 -53.73 -17.75
N TYR G 68 -13.08 -54.31 -17.64
CA TYR G 68 -13.49 -55.01 -16.43
C TYR G 68 -12.44 -56.02 -16.01
N LYS G 69 -12.05 -56.90 -16.93
CA LYS G 69 -11.11 -57.95 -16.54
C LYS G 69 -9.70 -57.39 -16.37
N SER G 70 -9.30 -56.37 -17.11
CA SER G 70 -8.00 -55.77 -16.88
C SER G 70 -7.93 -55.11 -15.51
N ALA G 71 -9.01 -54.42 -15.13
CA ALA G 71 -9.08 -53.83 -13.81
C ALA G 71 -8.95 -54.91 -12.75
N TYR G 72 -9.68 -56.02 -12.92
CA TYR G 72 -9.59 -57.07 -11.93
C TYR G 72 -8.24 -57.76 -11.94
N ALA G 73 -7.60 -57.83 -13.10
CA ALA G 73 -6.24 -58.34 -13.15
C ALA G 73 -5.34 -57.50 -12.28
N LEU G 74 -5.48 -56.18 -12.36
CA LEU G 74 -4.69 -55.30 -11.50
C LEU G 74 -5.11 -55.44 -10.04
N ASP G 75 -6.41 -55.58 -9.79
CA ASP G 75 -6.90 -55.70 -8.43
C ASP G 75 -6.32 -56.93 -7.75
N THR G 76 -6.25 -58.05 -8.48
CA THR G 76 -5.64 -59.25 -7.94
C THR G 76 -4.14 -59.10 -7.85
N ALA G 77 -3.50 -58.54 -8.88
CA ALA G 77 -2.06 -58.38 -8.87
C ALA G 77 -1.62 -57.49 -7.72
N TRP G 78 -2.39 -56.45 -7.43
CA TRP G 78 -2.04 -55.50 -6.39
C TRP G 78 -2.79 -55.74 -5.09
N ARG G 79 -3.53 -56.84 -5.00
CA ARG G 79 -4.22 -57.21 -3.77
C ARG G 79 -5.05 -56.05 -3.25
N THR G 80 -5.80 -55.45 -4.16
CA THR G 80 -6.53 -54.23 -3.82
C THR G 80 -7.77 -54.55 -3.00
N HIS G 81 -8.39 -53.49 -2.49
CA HIS G 81 -9.70 -53.57 -1.89
C HIS G 81 -10.72 -52.98 -2.85
N MET G 82 -11.80 -53.71 -3.08
CA MET G 82 -12.87 -53.25 -3.95
C MET G 82 -14.07 -52.88 -3.10
N PRO G 83 -14.40 -51.61 -2.95
CA PRO G 83 -15.63 -51.25 -2.26
C PRO G 83 -16.81 -51.87 -2.97
N PRO G 84 -17.84 -52.28 -2.23
CA PRO G 84 -19.00 -52.90 -2.86
C PRO G 84 -19.60 -52.06 -3.97
N ASN G 85 -19.66 -50.75 -3.80
CA ASN G 85 -20.21 -49.89 -4.86
C ASN G 85 -19.39 -50.02 -6.13
N ALA G 86 -18.07 -50.10 -6.00
CA ALA G 86 -17.23 -50.26 -7.19
C ALA G 86 -17.53 -51.57 -7.87
N THR G 87 -17.67 -52.64 -7.11
CA THR G 87 -18.03 -53.93 -7.68
C THR G 87 -19.37 -53.83 -8.39
N LEU G 88 -20.33 -53.15 -7.78
CA LEU G 88 -21.64 -52.99 -8.40
C LEU G 88 -21.54 -52.22 -9.69
N ILE G 89 -20.78 -51.14 -9.70
CA ILE G 89 -20.65 -50.34 -10.90
C ILE G 89 -19.98 -51.14 -12.00
N ARG G 90 -18.93 -51.89 -11.64
CA ARG G 90 -18.27 -52.74 -12.62
C ARG G 90 -19.23 -53.78 -13.18
N ASN G 91 -20.00 -54.42 -12.31
CA ASN G 91 -21.00 -55.39 -12.75
C ASN G 91 -22.00 -54.72 -13.68
N ILE G 92 -22.51 -53.57 -13.27
CA ILE G 92 -23.53 -52.87 -14.04
C ILE G 92 -22.98 -52.56 -15.42
N CYS G 93 -21.77 -52.03 -15.48
CA CYS G 93 -21.23 -51.60 -16.76
C CYS G 93 -20.90 -52.80 -17.65
N GLN G 94 -20.35 -53.87 -17.07
CA GLN G 94 -20.10 -55.06 -17.85
C GLN G 94 -21.40 -55.60 -18.42
N ALA G 95 -22.43 -55.70 -17.57
CA ALA G 95 -23.68 -56.24 -18.02
C ALA G 95 -24.36 -55.31 -19.01
N CYS G 96 -24.22 -54.00 -18.83
CA CYS G 96 -24.82 -53.05 -19.76
C CYS G 96 -24.15 -53.15 -21.12
N GLU G 97 -22.82 -53.31 -21.14
CA GLU G 97 -22.18 -53.53 -22.42
C GLU G 97 -22.71 -54.79 -23.07
N THR G 98 -22.89 -55.85 -22.29
CA THR G 98 -23.43 -57.08 -22.85
C THR G 98 -24.87 -56.87 -23.35
N LEU G 99 -25.66 -56.12 -22.61
CA LEU G 99 -27.04 -55.84 -23.00
C LEU G 99 -27.08 -55.01 -24.27
N GLN G 100 -26.09 -54.15 -24.48
CA GLN G 100 -25.97 -53.47 -25.76
C GLN G 100 -25.60 -54.47 -26.85
N SER G 101 -24.66 -55.36 -26.54
CA SER G 101 -24.14 -56.29 -27.54
C SER G 101 -25.23 -57.21 -28.05
N ILE G 102 -26.10 -57.68 -27.15
CA ILE G 102 -27.09 -58.70 -27.47
C ILE G 102 -27.95 -58.26 -28.66
N PRO G 103 -28.70 -57.16 -28.59
CA PRO G 103 -29.47 -56.75 -29.77
C PRO G 103 -28.62 -56.25 -30.90
N ARG G 104 -27.57 -55.48 -30.60
CA ARG G 104 -26.74 -54.96 -31.67
C ARG G 104 -26.19 -56.09 -32.51
N TYR G 105 -25.63 -57.10 -31.86
CA TYR G 105 -25.13 -58.26 -32.58
C TYR G 105 -26.27 -58.99 -33.27
N PHE G 106 -27.38 -59.21 -32.56
CA PHE G 106 -28.42 -60.06 -33.10
C PHE G 106 -28.98 -59.50 -34.39
N TYR G 107 -29.34 -58.21 -34.37
CA TYR G 107 -29.94 -57.61 -35.55
C TYR G 107 -28.91 -57.23 -36.59
N ALA G 108 -27.85 -56.52 -36.17
CA ALA G 108 -26.92 -55.97 -37.14
C ALA G 108 -25.98 -57.03 -37.69
N LEU G 109 -25.60 -58.01 -36.89
CA LEU G 109 -24.57 -58.95 -37.29
C LEU G 109 -25.13 -60.31 -37.67
N PHE G 110 -26.17 -60.78 -36.98
CA PHE G 110 -26.62 -62.14 -37.16
C PHE G 110 -27.92 -62.24 -37.98
N ALA G 111 -28.97 -61.55 -37.54
CA ALA G 111 -30.30 -61.86 -38.05
C ALA G 111 -30.50 -61.45 -39.49
N ILE G 112 -29.67 -60.56 -40.04
CA ILE G 112 -29.88 -60.17 -41.43
C ILE G 112 -29.65 -61.36 -42.34
N ASP G 113 -28.78 -62.29 -41.94
CA ASP G 113 -28.58 -63.52 -42.70
C ASP G 113 -29.84 -64.37 -42.75
N LEU G 114 -30.78 -64.17 -41.83
CA LEU G 114 -32.06 -64.85 -41.90
C LEU G 114 -32.85 -64.46 -43.14
N THR G 115 -32.49 -63.36 -43.78
CA THR G 115 -33.12 -62.93 -45.02
C THR G 115 -32.48 -63.56 -46.25
N ASN G 116 -31.53 -64.46 -46.05
CA ASN G 116 -30.84 -65.08 -47.18
C ASN G 116 -31.84 -65.78 -48.09
N LYS G 117 -31.54 -65.75 -49.39
CA LYS G 117 -32.41 -66.37 -50.38
C LYS G 117 -32.54 -67.87 -50.20
N ASN G 118 -31.62 -68.50 -49.46
CA ASN G 118 -31.74 -69.91 -49.17
C ASN G 118 -33.03 -70.23 -48.43
N TYR G 119 -33.61 -69.24 -47.76
CA TYR G 119 -34.82 -69.43 -46.97
C TYR G 119 -36.07 -68.94 -47.69
N ALA G 120 -35.96 -68.58 -48.97
CA ALA G 120 -37.09 -68.00 -49.67
C ALA G 120 -38.28 -68.92 -49.70
N LYS G 121 -38.06 -70.23 -49.62
CA LYS G 121 -39.15 -71.19 -49.63
C LYS G 121 -39.84 -71.29 -48.27
N SER G 122 -39.24 -70.78 -47.21
CA SER G 122 -39.87 -70.84 -45.89
C SER G 122 -41.13 -70.00 -45.89
N LYS G 123 -42.17 -70.50 -45.23
CA LYS G 123 -43.39 -69.70 -45.08
C LYS G 123 -43.16 -68.46 -44.25
N LEU G 124 -42.12 -68.44 -43.41
CA LEU G 124 -41.81 -67.28 -42.59
C LEU G 124 -40.83 -66.33 -43.27
N TYR G 125 -40.43 -66.61 -44.49
CA TYR G 125 -39.37 -65.84 -45.12
C TYR G 125 -39.75 -64.39 -45.34
N ASP G 126 -40.98 -64.14 -45.79
CA ASP G 126 -41.41 -62.76 -45.99
C ASP G 126 -41.36 -61.98 -44.69
N GLU G 127 -41.84 -62.59 -43.61
CA GLU G 127 -41.76 -61.92 -42.31
C GLU G 127 -40.32 -61.75 -41.87
N ALA G 128 -39.47 -62.75 -42.11
CA ALA G 128 -38.07 -62.62 -41.75
C ALA G 128 -37.44 -61.44 -42.48
N VAL G 129 -37.76 -61.28 -43.75
CA VAL G 129 -37.24 -60.16 -44.52
C VAL G 129 -37.78 -58.85 -43.99
N ARG G 130 -39.08 -58.80 -43.70
CA ARG G 130 -39.68 -57.58 -43.18
C ARG G 130 -39.01 -57.15 -41.88
N ARG G 131 -38.69 -58.12 -41.04
CA ARG G 131 -38.17 -57.82 -39.71
C ARG G 131 -36.67 -57.55 -39.70
N PHE G 132 -35.90 -58.39 -40.40
CA PHE G 132 -34.47 -58.48 -40.19
C PHE G 132 -33.64 -58.03 -41.37
N ALA G 133 -34.25 -57.51 -42.43
CA ALA G 133 -33.45 -57.01 -43.54
C ALA G 133 -32.53 -55.92 -43.02
N PRO G 134 -31.30 -55.85 -43.50
CA PRO G 134 -30.37 -54.83 -43.01
C PRO G 134 -30.92 -53.42 -43.24
N TYR G 135 -30.87 -52.62 -42.19
CA TYR G 135 -31.12 -51.19 -42.19
C TYR G 135 -32.58 -50.80 -42.39
N VAL G 136 -33.42 -51.73 -42.81
CA VAL G 136 -34.81 -51.37 -43.12
C VAL G 136 -35.73 -52.35 -42.41
N GLY G 137 -35.16 -53.42 -41.88
CA GLY G 137 -35.97 -54.40 -41.18
C GLY G 137 -36.72 -53.75 -40.03
N THR G 138 -37.99 -54.11 -39.89
CA THR G 138 -38.81 -53.51 -38.85
C THR G 138 -38.39 -53.95 -37.46
N SER G 139 -37.68 -55.07 -37.34
CA SER G 139 -37.04 -55.41 -36.08
C SER G 139 -35.61 -54.90 -36.04
N TYR G 140 -34.95 -54.86 -37.20
CA TYR G 140 -33.58 -54.40 -37.26
C TYR G 140 -33.45 -52.98 -36.74
N GLN G 141 -34.25 -52.06 -37.27
CA GLN G 141 -34.06 -50.65 -36.93
C GLN G 141 -34.23 -50.39 -35.44
N PRO G 142 -35.36 -50.72 -34.81
CA PRO G 142 -35.46 -50.45 -33.37
C PRO G 142 -34.48 -51.25 -32.55
N GLY G 143 -34.19 -52.49 -32.94
CA GLY G 143 -33.22 -53.28 -32.17
C GLY G 143 -31.86 -52.62 -32.16
N VAL G 144 -31.36 -52.25 -33.34
CA VAL G 144 -30.06 -51.64 -33.43
C VAL G 144 -30.05 -50.28 -32.75
N VAL G 145 -31.09 -49.47 -32.98
CA VAL G 145 -31.14 -48.13 -32.42
C VAL G 145 -31.15 -48.20 -30.90
N LEU G 146 -31.99 -49.07 -30.35
CA LEU G 146 -32.11 -49.15 -28.90
C LEU G 146 -30.92 -49.86 -28.26
N SER G 147 -30.12 -50.57 -29.06
CA SER G 147 -28.93 -51.19 -28.50
C SER G 147 -27.98 -50.16 -27.88
N ALA G 148 -28.08 -48.90 -28.27
CA ALA G 148 -27.21 -47.87 -27.69
C ALA G 148 -27.61 -47.48 -26.27
N LYS G 149 -28.82 -47.83 -25.82
CA LYS G 149 -29.24 -47.38 -24.49
C LYS G 149 -28.43 -47.98 -23.34
N PRO G 150 -28.23 -49.30 -23.27
CA PRO G 150 -27.48 -49.84 -22.14
C PRO G 150 -26.09 -49.23 -22.01
N VAL G 151 -25.46 -48.91 -23.13
CA VAL G 151 -24.15 -48.28 -23.02
C VAL G 151 -24.27 -46.80 -22.70
N GLU G 152 -25.46 -46.21 -22.83
CA GLU G 152 -25.68 -44.93 -22.18
C GLU G 152 -25.54 -45.07 -20.68
N VAL G 153 -26.06 -46.15 -20.11
CA VAL G 153 -25.84 -46.40 -18.69
C VAL G 153 -24.34 -46.53 -18.41
N TYR G 154 -23.67 -47.31 -19.24
CA TYR G 154 -22.22 -47.44 -19.13
C TYR G 154 -21.56 -46.07 -19.11
N ALA G 155 -21.97 -45.19 -20.01
CA ALA G 155 -21.36 -43.86 -20.10
C ALA G 155 -21.69 -43.03 -18.87
N ILE G 156 -22.88 -43.19 -18.32
CA ILE G 156 -23.22 -42.47 -17.11
C ILE G 156 -22.19 -42.76 -16.03
N PHE G 157 -21.81 -44.02 -15.91
CA PHE G 157 -20.83 -44.35 -14.87
C PHE G 157 -19.38 -44.23 -15.30
N GLY G 158 -19.10 -44.32 -16.59
CA GLY G 158 -17.74 -44.41 -17.06
C GLY G 158 -17.35 -43.25 -17.92
N GLY G 159 -18.29 -42.36 -18.18
CA GLY G 159 -17.93 -41.17 -18.95
C GLY G 159 -18.29 -41.36 -20.40
N GLN G 160 -18.03 -42.57 -20.90
CA GLN G 160 -18.35 -42.81 -22.29
C GLN G 160 -18.33 -44.29 -22.59
N TRP G 161 -18.90 -44.59 -23.73
CA TRP G 161 -18.78 -45.96 -24.23
C TRP G 161 -18.80 -45.85 -25.76
N PRO G 162 -17.93 -46.54 -26.55
CA PRO G 162 -16.78 -47.29 -26.04
C PRO G 162 -15.63 -46.40 -25.57
N SER G 164 -13.94 -46.02 -22.32
CA SER G 164 -13.62 -45.47 -21.01
C SER G 164 -12.59 -46.43 -20.41
N SER G 165 -11.82 -45.97 -19.45
CA SER G 165 -10.89 -46.81 -18.65
C SER G 165 -11.22 -46.59 -17.16
N PHE G 166 -12.47 -46.31 -16.85
CA PHE G 166 -12.80 -45.84 -15.51
C PHE G 166 -12.77 -46.94 -14.46
N MET G 167 -12.59 -48.19 -14.85
CA MET G 167 -12.43 -49.27 -13.89
C MET G 167 -10.95 -49.39 -13.57
N VAL G 168 -10.59 -49.08 -12.34
CA VAL G 168 -9.19 -49.00 -11.93
C VAL G 168 -8.99 -49.90 -10.72
N PRO G 169 -7.76 -50.35 -10.49
CA PRO G 169 -7.49 -51.10 -9.26
C PRO G 169 -7.97 -50.30 -8.05
N GLY G 170 -8.72 -50.96 -7.18
CA GLY G 170 -9.30 -50.30 -6.05
C GLY G 170 -10.69 -49.76 -6.27
N GLY G 171 -11.22 -49.83 -7.49
CA GLY G 171 -12.60 -49.49 -7.67
C GLY G 171 -12.92 -48.93 -9.03
N VAL G 172 -13.59 -47.79 -9.05
CA VAL G 172 -13.89 -47.08 -10.27
C VAL G 172 -13.50 -45.63 -10.08
N MET G 173 -13.20 -44.96 -11.19
CA MET G 173 -12.84 -43.55 -11.10
C MET G 173 -14.03 -42.70 -10.72
N SER G 174 -15.22 -43.12 -11.09
CA SER G 174 -16.38 -42.26 -11.04
C SER G 174 -17.01 -42.28 -9.65
N ALA G 175 -17.87 -41.30 -9.43
CA ALA G 175 -18.59 -41.15 -8.17
C ALA G 175 -20.03 -40.87 -8.57
N PRO G 176 -20.82 -41.90 -8.82
CA PRO G 176 -22.19 -41.70 -9.29
C PRO G 176 -22.97 -40.80 -8.34
N THR G 177 -23.79 -39.95 -8.93
CA THR G 177 -24.72 -39.13 -8.16
C THR G 177 -26.09 -39.79 -8.19
N LEU G 178 -27.01 -39.21 -7.42
CA LEU G 178 -28.37 -39.74 -7.40
C LEU G 178 -28.97 -39.71 -8.79
N SER G 179 -28.84 -38.59 -9.50
CA SER G 179 -29.40 -38.50 -10.84
C SER G 179 -28.73 -39.47 -11.79
N ASP G 180 -27.44 -39.78 -11.58
CA ASP G 180 -26.81 -40.81 -12.38
C ASP G 180 -27.55 -42.12 -12.25
N VAL G 181 -27.83 -42.54 -11.01
CA VAL G 181 -28.47 -43.83 -10.80
C VAL G 181 -29.90 -43.81 -11.27
N THR G 182 -30.64 -42.74 -10.98
CA THR G 182 -32.03 -42.68 -11.42
C THR G 182 -32.11 -42.66 -12.94
N ARG G 183 -31.22 -41.93 -13.59
CA ARG G 183 -31.21 -41.93 -15.05
C ARG G 183 -30.80 -43.29 -15.60
N ALA G 184 -29.83 -43.94 -14.97
CA ALA G 184 -29.45 -45.28 -15.42
C ALA G 184 -30.63 -46.23 -15.31
N ILE G 185 -31.36 -46.15 -14.20
CA ILE G 185 -32.53 -46.98 -14.03
C ILE G 185 -33.56 -46.65 -15.09
N ALA G 186 -33.79 -45.36 -15.34
CA ALA G 186 -34.78 -44.98 -16.35
C ALA G 186 -34.37 -45.47 -17.73
N ILE G 187 -33.09 -45.34 -18.08
CA ILE G 187 -32.62 -45.80 -19.37
C ILE G 187 -32.81 -47.30 -19.48
N LEU G 188 -32.44 -48.02 -18.43
CA LEU G 188 -32.54 -49.48 -18.46
C LEU G 188 -33.99 -49.92 -18.57
N GLU G 189 -34.87 -49.32 -17.78
CA GLU G 189 -36.29 -49.67 -17.85
C GLU G 189 -36.88 -49.33 -19.20
N HIS G 190 -36.49 -48.20 -19.77
CA HIS G 190 -36.99 -47.84 -21.09
C HIS G 190 -36.51 -48.84 -22.14
N TRP G 191 -35.23 -49.18 -22.10
CA TRP G 191 -34.70 -50.15 -23.05
C TRP G 191 -35.38 -51.51 -22.87
N ASN G 192 -35.55 -51.93 -21.62
CA ASN G 192 -36.20 -53.21 -21.35
C ASN G 192 -37.62 -53.21 -21.87
N ASP G 193 -38.36 -52.14 -21.61
CA ASP G 193 -39.75 -52.08 -22.04
C ASP G 193 -39.85 -52.01 -23.55
N ASN G 194 -38.99 -51.23 -24.19
CA ASN G 194 -39.15 -50.90 -25.60
C ASN G 194 -38.48 -51.91 -26.53
N TRP G 195 -37.34 -52.46 -26.14
CA TRP G 195 -36.76 -53.51 -26.96
C TRP G 195 -36.94 -54.89 -26.34
N LEU G 196 -36.44 -55.09 -25.12
CA LEU G 196 -36.35 -56.44 -24.59
C LEU G 196 -37.73 -57.06 -24.45
N GLU G 197 -38.66 -56.35 -23.82
CA GLU G 197 -39.96 -56.93 -23.56
C GLU G 197 -40.92 -56.73 -24.73
N LYS G 198 -41.00 -55.51 -25.25
CA LYS G 198 -41.94 -55.25 -26.34
C LYS G 198 -41.53 -55.96 -27.62
N GLN G 199 -40.28 -55.81 -28.02
CA GLN G 199 -39.86 -56.31 -29.31
C GLN G 199 -39.27 -57.71 -29.24
N TRP G 200 -38.31 -57.93 -28.36
CA TRP G 200 -37.66 -59.23 -28.32
C TRP G 200 -38.62 -60.29 -27.77
N LEU G 201 -39.17 -60.05 -26.58
CA LEU G 201 -39.93 -61.09 -25.90
C LEU G 201 -41.42 -61.06 -26.22
N GLY G 202 -41.99 -59.87 -26.41
CA GLY G 202 -43.44 -59.81 -26.44
C GLY G 202 -44.07 -60.19 -25.12
N CYS G 203 -43.29 -60.19 -24.04
CA CYS G 203 -43.76 -60.51 -22.70
C CYS G 203 -42.77 -59.89 -21.71
N SER G 204 -43.07 -60.02 -20.43
CA SER G 204 -42.16 -59.51 -19.42
C SER G 204 -40.91 -60.36 -19.35
N VAL G 205 -39.83 -59.78 -18.83
CA VAL G 205 -38.63 -60.56 -18.58
C VAL G 205 -38.93 -61.68 -17.61
N ASP G 206 -39.79 -61.41 -16.63
CA ASP G 206 -40.14 -62.44 -15.66
C ASP G 206 -40.79 -63.63 -16.34
N ARG G 207 -41.70 -63.38 -17.27
CA ARG G 207 -42.36 -64.48 -17.97
C ARG G 207 -41.34 -65.32 -18.72
N TRP G 208 -40.39 -64.68 -19.39
CA TRP G 208 -39.36 -65.42 -20.12
C TRP G 208 -38.52 -66.24 -19.17
N LEU G 209 -38.11 -65.66 -18.05
CA LEU G 209 -37.24 -66.35 -17.11
C LEU G 209 -37.95 -67.49 -16.40
N GLU G 210 -39.27 -67.60 -16.54
CA GLU G 210 -39.99 -68.76 -16.05
C GLU G 210 -39.75 -70.00 -16.91
N ASN G 211 -39.20 -69.83 -18.11
CA ASN G 211 -38.90 -70.96 -18.98
C ASN G 211 -37.71 -71.72 -18.41
N LYS G 212 -37.96 -72.95 -17.94
CA LYS G 212 -36.93 -73.78 -17.35
C LYS G 212 -36.55 -74.97 -18.21
N THR G 213 -37.34 -75.28 -19.23
CA THR G 213 -37.07 -76.41 -20.10
C THR G 213 -37.25 -75.97 -21.55
N TRP G 214 -36.74 -76.80 -22.46
CA TRP G 214 -36.98 -76.52 -23.87
C TRP G 214 -38.47 -76.56 -24.18
N ASN G 215 -39.19 -77.51 -23.60
CA ASN G 215 -40.63 -77.56 -23.75
C ASN G 215 -41.28 -76.30 -23.20
N ASP G 216 -40.73 -75.75 -22.12
CA ASP G 216 -41.21 -74.46 -21.63
C ASP G 216 -41.04 -73.38 -22.68
N VAL G 217 -39.90 -73.38 -23.39
CA VAL G 217 -39.68 -72.36 -24.40
C VAL G 217 -40.67 -72.52 -25.56
N LEU G 218 -40.90 -73.76 -25.99
CA LEU G 218 -41.87 -73.98 -27.07
C LEU G 218 -43.27 -73.58 -26.64
N ALA G 219 -43.67 -73.93 -25.42
CA ALA G 219 -44.96 -73.50 -24.89
C ALA G 219 -45.03 -71.99 -24.81
N TRP G 220 -43.91 -71.36 -24.45
CA TRP G 220 -43.88 -69.90 -24.39
C TRP G 220 -44.09 -69.29 -25.77
N VAL G 221 -43.48 -69.89 -26.80
CA VAL G 221 -43.67 -69.40 -28.15
C VAL G 221 -45.14 -69.48 -28.54
N ASP G 222 -45.79 -70.59 -28.20
CA ASP G 222 -47.18 -70.80 -28.60
C ASP G 222 -48.19 -70.21 -27.63
N GLU G 223 -47.74 -69.64 -26.51
CA GLU G 223 -48.65 -69.29 -25.43
C GLU G 223 -49.66 -68.23 -25.86
N ASN G 224 -49.18 -67.20 -26.55
CA ASN G 224 -50.05 -66.12 -27.00
C ASN G 224 -49.41 -65.47 -28.21
N GLU G 225 -50.20 -64.63 -28.87
CA GLU G 225 -49.73 -64.01 -30.10
C GLU G 225 -48.57 -63.06 -29.85
N SER G 226 -48.54 -62.40 -28.70
CA SER G 226 -47.45 -61.46 -28.43
C SER G 226 -46.11 -62.19 -28.40
N GLN G 227 -46.05 -63.30 -27.69
CA GLN G 227 -44.81 -64.06 -27.63
C GLN G 227 -44.55 -64.78 -28.94
N TYR G 228 -45.62 -65.25 -29.58
CA TYR G 228 -45.49 -65.94 -30.86
C TYR G 228 -44.86 -65.03 -31.92
N ASN G 229 -45.30 -63.78 -31.97
CA ASN G 229 -44.85 -62.84 -32.97
C ASN G 229 -43.74 -61.93 -32.47
N SER G 230 -43.27 -62.15 -31.25
CA SER G 230 -42.10 -61.44 -30.78
C SER G 230 -40.90 -61.82 -31.64
N ASP G 231 -39.85 -61.00 -31.56
CA ASP G 231 -38.64 -61.36 -32.27
C ASP G 231 -38.10 -62.69 -31.76
N CYS G 232 -38.23 -62.94 -30.46
CA CYS G 232 -37.77 -64.21 -29.91
C CYS G 232 -38.61 -65.38 -30.42
N GLY G 233 -39.93 -65.25 -30.33
CA GLY G 233 -40.79 -66.31 -30.80
C GLY G 233 -40.64 -66.52 -32.30
N PHE G 234 -40.58 -65.44 -33.06
CA PHE G 234 -40.37 -65.57 -34.49
C PHE G 234 -39.03 -66.21 -34.78
N PHE G 235 -38.00 -65.82 -34.04
CA PHE G 235 -36.67 -66.37 -34.29
C PHE G 235 -36.65 -67.86 -34.02
N ILE G 236 -37.28 -68.30 -32.93
CA ILE G 236 -37.32 -69.72 -32.62
C ILE G 236 -38.08 -70.46 -33.71
N ARG G 237 -39.24 -69.94 -34.10
CA ARG G 237 -40.02 -70.59 -35.13
C ARG G 237 -39.26 -70.63 -36.45
N TYR G 238 -38.58 -69.54 -36.80
CA TYR G 238 -37.80 -69.48 -38.01
C TYR G 238 -36.67 -70.49 -37.98
N CYS G 239 -35.98 -70.60 -36.85
CA CYS G 239 -34.90 -71.56 -36.72
C CYS G 239 -35.41 -72.97 -36.90
N LEU G 240 -36.53 -73.29 -36.25
CA LEU G 240 -37.08 -74.63 -36.37
C LEU G 240 -37.57 -74.89 -37.78
N ASP G 241 -38.06 -73.86 -38.47
CA ASP G 241 -38.56 -74.06 -39.82
C ASP G 241 -37.42 -74.23 -40.83
N VAL G 242 -36.38 -73.41 -40.72
CA VAL G 242 -35.31 -73.38 -41.71
C VAL G 242 -34.12 -74.25 -41.33
N GLY G 243 -34.14 -74.85 -40.15
CA GLY G 243 -33.10 -75.79 -39.77
C GLY G 243 -31.90 -75.22 -39.07
N LEU G 244 -32.02 -74.05 -38.44
CA LEU G 244 -30.91 -73.53 -37.65
C LEU G 244 -30.68 -74.33 -36.38
N ASP G 245 -31.62 -75.20 -36.01
CA ASP G 245 -31.45 -76.08 -34.87
C ASP G 245 -30.73 -77.38 -35.25
N LYS G 246 -30.35 -77.53 -36.51
CA LYS G 246 -29.84 -78.80 -37.00
C LYS G 246 -28.34 -78.83 -37.26
N TYR G 247 -27.66 -77.69 -37.16
CA TYR G 247 -26.22 -77.67 -37.37
C TYR G 247 -25.62 -76.56 -36.53
N GLY G 248 -24.30 -76.44 -36.59
CA GLY G 248 -23.59 -75.57 -35.68
C GLY G 248 -23.46 -76.12 -34.28
N GLN G 249 -23.54 -77.44 -34.12
CA GLN G 249 -23.47 -78.03 -32.79
C GLN G 249 -22.17 -77.68 -32.10
N GLY G 250 -21.04 -77.89 -32.76
CA GLY G 250 -19.76 -77.58 -32.17
C GLY G 250 -19.27 -78.64 -31.21
N VAL G 251 -18.36 -78.21 -30.34
CA VAL G 251 -17.68 -79.13 -29.44
C VAL G 251 -18.64 -79.77 -28.45
N GLY G 252 -19.66 -79.04 -28.02
CA GLY G 252 -20.49 -79.50 -26.94
C GLY G 252 -19.83 -79.42 -25.58
N ASN G 253 -18.63 -78.86 -25.52
CA ASN G 253 -17.92 -78.59 -24.28
C ASN G 253 -17.73 -77.09 -24.16
N TYR G 254 -17.86 -76.59 -22.94
CA TYR G 254 -18.05 -75.17 -22.72
C TYR G 254 -17.14 -74.67 -21.61
N LEU G 255 -16.70 -73.44 -21.77
CA LEU G 255 -15.92 -72.75 -20.77
C LEU G 255 -16.63 -71.46 -20.42
N ALA G 256 -16.91 -71.27 -19.14
CA ALA G 256 -17.34 -69.98 -18.63
C ALA G 256 -16.36 -69.61 -17.52
N THR G 257 -15.72 -68.47 -17.65
CA THR G 257 -14.95 -67.96 -16.54
C THR G 257 -15.83 -67.22 -15.54
N GLY G 258 -17.06 -66.91 -15.94
CA GLY G 258 -17.96 -66.21 -15.05
C GLY G 258 -17.63 -64.74 -14.96
N THR G 259 -18.56 -63.95 -14.44
CA THR G 259 -18.31 -62.55 -14.13
C THR G 259 -19.40 -62.12 -13.16
N TYR G 260 -19.45 -60.80 -12.89
CA TYR G 260 -20.41 -60.25 -11.94
C TYR G 260 -20.18 -60.74 -10.52
N PHE G 261 -19.19 -60.18 -9.86
CA PHE G 261 -18.94 -60.53 -8.47
C PHE G 261 -20.02 -60.03 -7.53
N GLU G 262 -20.37 -60.88 -6.58
CA GLU G 262 -21.17 -60.43 -5.45
C GLU G 262 -20.31 -59.48 -4.65
N PRO G 263 -20.73 -58.23 -4.45
CA PRO G 263 -19.81 -57.21 -3.91
C PRO G 263 -19.20 -57.61 -2.58
N SER G 264 -19.96 -58.23 -1.69
CA SER G 264 -19.42 -58.60 -0.38
C SER G 264 -18.40 -59.73 -0.48
N LEU G 265 -18.42 -60.51 -1.56
CA LEU G 265 -17.57 -61.67 -1.66
C LEU G 265 -16.27 -61.42 -2.42
N TYR G 266 -16.13 -60.26 -3.06
CA TYR G 266 -14.93 -59.96 -3.81
C TYR G 266 -14.39 -58.58 -3.47
N GLU G 267 -14.55 -58.17 -2.21
CA GLU G 267 -14.01 -56.90 -1.77
C GLU G 267 -12.50 -56.87 -1.81
N ASN G 268 -11.86 -58.03 -1.74
CA ASN G 268 -10.40 -58.13 -1.82
C ASN G 268 -10.09 -59.16 -2.89
N PRO G 269 -10.08 -58.74 -4.15
CA PRO G 269 -9.97 -59.70 -5.26
C PRO G 269 -8.72 -60.55 -5.14
N THR G 270 -8.91 -61.85 -5.24
CA THR G 270 -7.83 -62.81 -5.37
C THR G 270 -8.18 -63.76 -6.50
N ILE G 271 -7.16 -64.39 -7.06
CA ILE G 271 -7.41 -65.43 -8.05
C ILE G 271 -8.17 -66.58 -7.42
N GLU G 272 -7.76 -67.00 -6.22
CA GLU G 272 -8.35 -68.19 -5.62
C GLU G 272 -9.80 -67.95 -5.20
N GLY G 273 -10.11 -66.77 -4.71
CA GLY G 273 -11.47 -66.50 -4.27
C GLY G 273 -12.41 -66.07 -5.36
N ARG G 274 -11.94 -66.07 -6.61
CA ARG G 274 -12.74 -65.52 -7.70
C ARG G 274 -14.02 -66.32 -7.93
N ASN G 275 -13.89 -67.64 -8.04
CA ASN G 275 -15.03 -68.45 -8.45
C ASN G 275 -16.18 -68.35 -7.48
N ALA G 276 -15.89 -68.39 -6.17
CA ALA G 276 -16.97 -68.35 -5.19
C ALA G 276 -17.71 -67.03 -5.23
N ALA G 277 -17.02 -65.94 -5.57
CA ALA G 277 -17.64 -64.62 -5.55
C ALA G 277 -18.51 -64.35 -6.76
N LEU G 278 -18.40 -65.17 -7.80
CA LEU G 278 -19.12 -64.90 -9.04
C LEU G 278 -20.62 -65.04 -8.86
N ILE G 279 -21.37 -64.13 -9.46
CA ILE G 279 -22.81 -64.31 -9.64
C ILE G 279 -23.10 -65.10 -10.90
N GLY G 280 -22.58 -64.63 -12.04
CA GLY G 280 -22.66 -65.40 -13.24
C GLY G 280 -21.57 -66.43 -13.15
N ARG G 281 -21.95 -67.65 -12.79
CA ARG G 281 -20.97 -68.64 -12.35
C ARG G 281 -20.01 -69.03 -13.46
N SER G 282 -18.76 -69.23 -13.07
CA SER G 282 -17.83 -69.94 -13.91
C SER G 282 -18.23 -71.42 -13.96
N GLY G 283 -17.57 -72.14 -14.84
CA GLY G 283 -17.83 -73.55 -14.94
C GLY G 283 -17.38 -74.06 -16.29
N VAL G 284 -16.78 -75.23 -16.29
CA VAL G 284 -16.43 -75.94 -17.50
C VAL G 284 -17.40 -77.09 -17.63
N PHE G 285 -18.01 -77.23 -18.79
CA PHE G 285 -18.94 -78.32 -19.07
C PHE G 285 -18.31 -79.18 -20.14
N ALA G 286 -17.72 -80.31 -19.76
CA ALA G 286 -17.00 -81.14 -20.70
C ALA G 286 -17.41 -82.58 -20.53
N ASP G 287 -17.61 -83.29 -21.64
CA ASP G 287 -18.01 -84.68 -21.62
C ASP G 287 -19.27 -84.87 -20.78
N GLY G 288 -20.18 -83.90 -20.87
CA GLY G 288 -21.43 -83.98 -20.14
C GLY G 288 -21.30 -83.81 -18.64
N ARG G 289 -20.17 -83.29 -18.17
CA ARG G 289 -19.91 -83.17 -16.74
C ARG G 289 -19.47 -81.76 -16.40
N TYR G 290 -19.77 -81.36 -15.17
CA TYR G 290 -19.41 -80.04 -14.68
C TYR G 290 -18.08 -80.08 -13.95
N PHE G 291 -17.24 -79.09 -14.22
CA PHE G 291 -15.95 -78.91 -13.59
C PHE G 291 -15.83 -77.47 -13.15
N GLU G 292 -15.10 -77.25 -12.07
CA GLU G 292 -14.77 -75.90 -11.65
C GLU G 292 -13.76 -75.30 -12.61
N PHE G 293 -13.97 -74.06 -13.01
CA PHE G 293 -12.97 -73.38 -13.82
C PHE G 293 -11.74 -73.09 -12.97
N ASP G 294 -10.57 -73.33 -13.56
CA ASP G 294 -9.31 -72.99 -12.93
C ASP G 294 -8.40 -72.41 -14.00
N GLN G 295 -8.01 -71.14 -13.84
CA GLN G 295 -7.19 -70.48 -14.84
C GLN G 295 -5.87 -71.20 -15.05
N ALA G 296 -5.40 -71.95 -14.04
CA ALA G 296 -4.17 -72.71 -14.19
C ALA G 296 -4.26 -73.74 -15.30
N ASN G 297 -5.47 -74.17 -15.64
CA ASN G 297 -5.66 -75.17 -16.69
C ASN G 297 -5.67 -74.58 -18.09
N VAL G 298 -5.48 -73.25 -18.18
CA VAL G 298 -5.60 -72.61 -19.51
C VAL G 298 -4.24 -72.60 -20.20
N THR G 299 -4.15 -73.18 -21.40
CA THR G 299 -2.96 -73.08 -22.20
C THR G 299 -3.33 -72.44 -23.52
N GLU G 300 -2.35 -71.87 -24.18
CA GLU G 300 -2.53 -71.38 -25.53
C GLU G 300 -1.52 -72.06 -26.43
N ASP G 301 -2.03 -72.69 -27.49
CA ASP G 301 -1.25 -73.39 -28.48
C ASP G 301 -1.11 -72.49 -29.70
N VAL G 302 0.09 -72.45 -30.27
CA VAL G 302 0.28 -71.66 -31.48
C VAL G 302 0.75 -72.53 -32.64
N THR G 303 0.49 -73.83 -32.56
CA THR G 303 0.95 -74.77 -33.59
C THR G 303 0.45 -74.34 -34.96
N HIS G 304 -0.84 -74.02 -35.06
CA HIS G 304 -1.42 -73.57 -36.32
C HIS G 304 -1.66 -72.07 -36.31
N SER G 305 -1.09 -71.36 -35.36
CA SER G 305 -1.21 -69.91 -35.27
C SER G 305 0.07 -69.26 -35.76
N PHE G 306 -0.07 -68.01 -36.22
CA PHE G 306 1.09 -67.31 -36.76
C PHE G 306 1.97 -66.76 -35.65
N TYR G 307 2.38 -67.64 -34.74
CA TYR G 307 3.27 -67.26 -33.67
C TYR G 307 4.34 -68.32 -33.49
N GLU G 308 5.50 -67.88 -33.03
CA GLU G 308 6.56 -68.81 -32.65
C GLU G 308 6.15 -69.52 -31.38
N GLY G 309 6.51 -70.80 -31.30
CA GLY G 309 6.22 -71.56 -30.10
C GLY G 309 6.15 -73.04 -30.41
N ASN G 310 6.54 -73.87 -29.44
CA ASN G 310 6.53 -75.30 -29.64
C ASN G 310 5.73 -76.06 -28.60
N ARG G 311 5.22 -75.40 -27.57
CA ARG G 311 4.41 -76.05 -26.57
C ARG G 311 3.31 -75.11 -26.13
N PRO G 312 2.16 -75.65 -25.71
CA PRO G 312 1.12 -74.80 -25.14
C PRO G 312 1.66 -74.10 -23.90
N LEU G 313 1.31 -72.82 -23.76
CA LEU G 313 1.82 -72.01 -22.68
C LEU G 313 0.65 -71.52 -21.84
N HIS G 314 0.77 -71.70 -20.53
CA HIS G 314 -0.14 -70.99 -19.64
C HIS G 314 0.12 -69.48 -19.81
N PRO G 315 -0.93 -68.67 -19.87
CA PRO G 315 -0.73 -67.27 -20.24
C PRO G 315 0.17 -66.49 -19.31
N PHE G 316 0.34 -66.93 -18.05
CA PHE G 316 1.31 -66.27 -17.19
C PHE G 316 2.72 -66.35 -17.78
N GLU G 317 3.01 -67.44 -18.50
CA GLU G 317 4.23 -67.57 -19.27
C GLU G 317 3.98 -67.40 -20.76
N GLY G 318 2.86 -66.79 -21.12
CA GLY G 318 2.52 -66.66 -22.52
C GLY G 318 3.50 -65.77 -23.26
N GLU G 319 3.55 -65.98 -24.57
CA GLU G 319 4.40 -65.23 -25.47
C GLU G 319 3.60 -64.94 -26.73
N THR G 320 3.82 -63.78 -27.31
CA THR G 320 3.17 -63.41 -28.56
C THR G 320 4.28 -62.97 -29.48
N ILE G 321 4.88 -63.93 -30.16
CA ILE G 321 5.98 -63.65 -31.09
C ILE G 321 5.48 -64.00 -32.48
N PRO G 322 5.05 -63.02 -33.26
CA PRO G 322 4.47 -63.31 -34.56
C PRO G 322 5.48 -63.93 -35.49
N VAL G 323 5.00 -64.80 -36.37
CA VAL G 323 5.78 -65.27 -37.49
C VAL G 323 5.12 -64.72 -38.75
N ASN G 324 5.92 -64.55 -39.79
CA ASN G 324 5.39 -64.01 -41.02
C ASN G 324 4.37 -64.99 -41.60
N PRO G 325 3.17 -64.54 -41.94
CA PRO G 325 2.13 -65.49 -42.38
C PRO G 325 2.54 -66.32 -43.58
N GLU G 326 3.43 -65.81 -44.43
CA GLU G 326 3.94 -66.65 -45.52
C GLU G 326 4.70 -67.85 -44.98
N ASP G 327 5.64 -67.60 -44.06
CA ASP G 327 6.38 -68.69 -43.44
C ASP G 327 5.46 -69.60 -42.64
N GLY G 328 4.56 -69.00 -41.86
CA GLY G 328 3.66 -69.80 -41.05
C GLY G 328 2.78 -70.72 -41.89
N ARG G 329 2.28 -70.20 -43.01
CA ARG G 329 1.50 -71.04 -43.92
C ARG G 329 2.36 -72.14 -44.50
N ARG G 330 3.64 -71.87 -44.74
CA ARG G 330 4.53 -72.96 -45.11
C ARG G 330 4.64 -74.00 -44.00
N GLN G 331 4.43 -73.59 -42.74
CA GLN G 331 4.46 -74.52 -41.62
C GLN G 331 3.07 -75.03 -41.23
N GLY G 332 2.06 -74.79 -42.05
CA GLY G 332 0.72 -75.24 -41.72
C GLY G 332 -0.04 -74.32 -40.78
N LYS G 333 0.54 -73.19 -40.39
CA LYS G 333 -0.18 -72.21 -39.60
C LYS G 333 -1.13 -71.42 -40.50
N TYR G 334 -2.30 -71.10 -39.99
CA TYR G 334 -3.28 -70.46 -40.85
C TYR G 334 -4.10 -69.37 -40.15
N SER G 335 -3.77 -69.01 -38.92
CA SER G 335 -4.62 -68.04 -38.23
C SER G 335 -3.77 -67.22 -37.28
N TRP G 336 -4.13 -65.94 -37.16
CA TRP G 336 -3.57 -65.12 -36.10
C TRP G 336 -4.18 -65.42 -34.74
N ALA G 337 -5.23 -66.24 -34.70
CA ALA G 337 -5.78 -66.68 -33.44
C ALA G 337 -4.84 -67.68 -32.79
N LYS G 338 -4.54 -67.49 -31.52
CA LYS G 338 -4.00 -68.59 -30.75
C LYS G 338 -5.10 -69.63 -30.53
N SER G 339 -4.69 -70.82 -30.11
CA SER G 339 -5.60 -71.92 -29.85
C SER G 339 -5.67 -72.14 -28.34
N PRO G 340 -6.57 -71.46 -27.65
CA PRO G 340 -6.70 -71.71 -26.22
C PRO G 340 -7.28 -73.09 -26.00
N ARG G 341 -6.68 -73.82 -25.09
CA ARG G 341 -7.16 -75.13 -24.70
C ARG G 341 -7.22 -75.16 -23.18
N TYR G 342 -8.08 -76.03 -22.68
CA TYR G 342 -8.29 -76.16 -21.25
C TYR G 342 -8.02 -77.60 -20.85
N ALA G 343 -7.21 -77.78 -19.81
CA ALA G 343 -6.90 -79.11 -19.32
C ALA G 343 -8.09 -79.60 -18.51
N VAL G 344 -8.86 -80.51 -19.08
CA VAL G 344 -9.94 -81.19 -18.39
C VAL G 344 -9.45 -82.58 -18.01
N PRO G 345 -9.53 -82.98 -16.75
CA PRO G 345 -9.05 -84.31 -16.35
C PRO G 345 -9.79 -85.40 -17.13
N GLY G 346 -9.04 -86.41 -17.55
CA GLY G 346 -9.58 -87.48 -18.36
C GLY G 346 -9.82 -87.11 -19.81
N LEU G 347 -9.61 -85.85 -20.18
CA LEU G 347 -9.79 -85.42 -21.55
C LEU G 347 -8.57 -84.71 -22.14
N GLY G 348 -7.61 -84.30 -21.32
CA GLY G 348 -6.47 -83.59 -21.85
C GLY G 348 -6.81 -82.13 -22.10
N ASN G 349 -6.00 -81.50 -22.94
CA ASN G 349 -6.18 -80.08 -23.27
C ASN G 349 -7.15 -79.98 -24.42
N VAL G 350 -8.41 -79.68 -24.10
CA VAL G 350 -9.49 -79.72 -25.09
C VAL G 350 -9.90 -78.32 -25.48
N PRO G 351 -10.48 -78.13 -26.66
CA PRO G 351 -11.14 -76.86 -26.96
C PRO G 351 -12.45 -76.78 -26.21
N LEU G 352 -12.76 -75.58 -25.74
CA LEU G 352 -14.00 -75.33 -25.04
C LEU G 352 -14.71 -74.18 -25.73
N GLU G 353 -15.98 -74.35 -26.03
CA GLU G 353 -16.75 -73.26 -26.57
C GLU G 353 -17.04 -72.25 -25.47
N THR G 354 -16.80 -70.99 -25.75
CA THR G 354 -17.14 -69.93 -24.80
C THR G 354 -18.33 -69.16 -25.34
N GLY G 355 -19.00 -68.47 -24.44
CA GLY G 355 -20.09 -67.63 -24.85
C GLY G 355 -21.29 -67.80 -23.97
N PRO G 356 -22.38 -67.17 -24.36
CA PRO G 356 -23.61 -67.27 -23.56
C PRO G 356 -24.02 -68.71 -23.32
N LEU G 357 -23.90 -69.59 -24.32
CA LEU G 357 -24.25 -70.98 -24.11
C LEU G 357 -23.38 -71.61 -23.04
N ALA G 358 -22.09 -71.31 -23.06
CA ALA G 358 -21.19 -71.80 -22.02
C ALA G 358 -21.64 -71.29 -20.66
N ARG G 359 -22.02 -70.01 -20.60
CA ARG G 359 -22.48 -69.44 -19.35
C ARG G 359 -23.75 -70.11 -18.85
N ARG G 360 -24.70 -70.36 -19.75
CA ARG G 360 -25.96 -70.99 -19.35
C ARG G 360 -25.71 -72.40 -18.86
N MET G 361 -24.82 -73.13 -19.53
CA MET G 361 -24.47 -74.46 -19.05
C MET G 361 -23.83 -74.37 -17.67
N ALA G 362 -22.93 -73.42 -17.46
CA ALA G 362 -22.32 -73.22 -16.15
C ALA G 362 -23.38 -72.88 -15.11
N ALA G 363 -24.35 -72.06 -15.49
CA ALA G 363 -25.43 -71.69 -14.59
C ALA G 363 -26.30 -72.89 -14.27
N SER G 364 -26.25 -73.93 -15.08
CA SER G 364 -26.98 -75.15 -14.77
C SER G 364 -26.21 -76.10 -13.86
N ALA G 365 -25.00 -75.73 -13.44
CA ALA G 365 -24.23 -76.59 -12.56
C ALA G 365 -24.91 -76.68 -11.19
N PRO G 366 -24.74 -77.80 -10.50
CA PRO G 366 -25.30 -77.92 -9.14
C PRO G 366 -24.58 -76.99 -8.18
N ASP G 367 -25.12 -76.94 -6.95
CA ASP G 367 -24.44 -76.30 -5.83
C ASP G 367 -24.20 -74.81 -6.09
N ALA G 368 -25.19 -74.14 -6.66
CA ALA G 368 -25.12 -72.70 -6.79
C ALA G 368 -25.34 -72.05 -5.42
N GLU G 369 -24.50 -71.08 -5.08
CA GLU G 369 -24.76 -70.30 -3.89
C GLU G 369 -25.89 -69.31 -4.14
N THR G 370 -26.36 -68.68 -3.07
CA THR G 370 -27.57 -67.86 -3.16
C THR G 370 -27.38 -66.71 -4.14
N HIS G 371 -26.20 -66.10 -4.16
CA HIS G 371 -25.92 -64.99 -5.05
C HIS G 371 -25.70 -65.41 -6.50
N GLN G 372 -25.66 -66.70 -6.77
CA GLN G 372 -25.19 -67.19 -8.05
C GLN G 372 -26.33 -67.56 -8.98
N ASP G 373 -26.07 -67.38 -10.28
CA ASP G 373 -26.99 -67.76 -11.33
C ASP G 373 -27.24 -69.26 -11.28
N ASP G 374 -28.45 -69.66 -10.92
CA ASP G 374 -28.86 -71.07 -10.91
C ASP G 374 -30.00 -71.21 -11.90
N ASP G 375 -29.70 -71.72 -13.09
CA ASP G 375 -30.66 -71.77 -14.17
C ASP G 375 -30.55 -73.10 -14.89
N PRO G 376 -31.54 -73.98 -14.77
CA PRO G 376 -31.46 -75.29 -15.43
C PRO G 376 -31.90 -75.26 -16.88
N LEU G 377 -32.28 -74.10 -17.41
CA LEU G 377 -32.91 -74.06 -18.73
C LEU G 377 -32.01 -74.68 -19.78
N PHE G 378 -30.74 -74.29 -19.81
CA PHE G 378 -29.93 -74.75 -20.92
C PHE G 378 -29.27 -76.09 -20.67
N ALA G 379 -29.19 -76.56 -19.44
CA ALA G 379 -28.95 -77.98 -19.24
C ALA G 379 -30.04 -78.79 -19.93
N ASP G 380 -31.29 -78.38 -19.72
CA ASP G 380 -32.41 -79.08 -20.33
C ASP G 380 -32.39 -78.96 -21.85
N ILE G 381 -32.11 -77.76 -22.37
CA ILE G 381 -32.07 -77.59 -23.81
C ILE G 381 -30.93 -78.41 -24.41
N TYR G 382 -29.77 -78.40 -23.77
CA TYR G 382 -28.64 -79.20 -24.24
C TYR G 382 -28.99 -80.67 -24.26
N ASN G 383 -29.68 -81.15 -23.23
CA ASN G 383 -30.02 -82.57 -23.20
C ASN G 383 -31.15 -82.90 -24.17
N ALA G 384 -32.00 -81.93 -24.48
CA ALA G 384 -33.18 -82.19 -25.30
C ALA G 384 -32.85 -82.10 -26.78
N ILE G 385 -32.25 -81.00 -27.21
CA ILE G 385 -31.96 -80.79 -28.62
C ILE G 385 -30.48 -80.56 -28.88
N GLY G 386 -29.66 -80.40 -27.85
CA GLY G 386 -28.24 -80.23 -28.03
C GLY G 386 -27.91 -78.86 -28.57
N PRO G 387 -26.62 -78.56 -28.67
CA PRO G 387 -26.20 -77.26 -29.19
C PRO G 387 -26.51 -77.15 -30.68
N SER G 388 -26.66 -75.92 -31.12
CA SER G 388 -26.88 -75.60 -32.53
C SER G 388 -26.79 -74.09 -32.66
N VAL G 389 -26.88 -73.61 -33.90
CA VAL G 389 -26.94 -72.18 -34.12
C VAL G 389 -28.10 -71.59 -33.33
N MET G 390 -29.26 -72.25 -33.40
CA MET G 390 -30.43 -71.75 -32.70
C MET G 390 -30.23 -71.74 -31.20
N VAL G 391 -29.69 -72.83 -30.65
CA VAL G 391 -29.54 -72.92 -29.20
C VAL G 391 -28.48 -71.94 -28.71
N ARG G 392 -27.38 -71.81 -29.45
CA ARG G 392 -26.37 -70.82 -29.09
C ARG G 392 -26.97 -69.42 -29.08
N GLN G 393 -27.73 -69.09 -30.13
CA GLN G 393 -28.36 -67.78 -30.18
C GLN G 393 -29.35 -67.60 -29.04
N LEU G 394 -30.11 -68.65 -28.73
CA LEU G 394 -31.10 -68.55 -27.66
C LEU G 394 -30.43 -68.34 -26.32
N ALA G 395 -29.27 -68.94 -26.11
CA ALA G 395 -28.52 -68.67 -24.89
C ALA G 395 -28.14 -67.20 -24.81
N ARG G 396 -27.63 -66.67 -25.92
CA ARG G 396 -27.28 -65.25 -25.94
C ARG G 396 -28.47 -64.39 -25.60
N MET G 397 -29.59 -64.64 -26.25
CA MET G 397 -30.80 -63.84 -26.06
C MET G 397 -31.39 -64.03 -24.66
N HIS G 398 -31.26 -65.24 -24.12
CA HIS G 398 -31.75 -65.54 -22.78
C HIS G 398 -31.03 -64.69 -21.76
N GLU G 399 -29.77 -64.36 -22.01
CA GLU G 399 -29.04 -63.50 -21.07
C GLU G 399 -29.63 -62.10 -20.97
N GLY G 400 -30.34 -61.63 -21.99
CA GLY G 400 -30.94 -60.32 -21.97
C GLY G 400 -31.82 -60.08 -20.77
N PRO G 401 -32.90 -60.86 -20.64
CA PRO G 401 -33.77 -60.70 -19.45
C PRO G 401 -33.01 -60.91 -18.14
N LYS G 402 -32.15 -61.91 -18.09
CA LYS G 402 -31.45 -62.24 -16.86
C LYS G 402 -30.51 -61.11 -16.45
N TYR G 403 -29.70 -60.63 -17.38
CA TYR G 403 -28.77 -59.55 -17.08
C TYR G 403 -29.51 -58.25 -16.82
N TYR G 404 -30.63 -58.01 -17.51
CA TYR G 404 -31.40 -56.82 -17.22
C TYR G 404 -31.85 -56.83 -15.76
N LYS G 405 -32.38 -57.95 -15.30
CA LYS G 405 -32.81 -58.05 -13.92
C LYS G 405 -31.65 -57.83 -12.96
N TRP G 406 -30.50 -58.44 -13.27
CA TRP G 406 -29.34 -58.25 -12.40
C TRP G 406 -28.92 -56.80 -12.34
N VAL G 407 -28.88 -56.13 -13.49
CA VAL G 407 -28.47 -54.74 -13.53
C VAL G 407 -29.44 -53.87 -12.75
N ARG G 408 -30.73 -54.10 -12.94
CA ARG G 408 -31.72 -53.32 -12.21
C ARG G 408 -31.52 -53.48 -10.72
N GLN G 409 -31.30 -54.72 -10.27
CA GLN G 409 -31.08 -54.94 -8.85
C GLN G 409 -29.78 -54.28 -8.39
N TRP G 410 -28.71 -54.36 -9.19
CA TRP G 410 -27.46 -53.75 -8.78
C TRP G 410 -27.60 -52.25 -8.65
N LEU G 411 -28.32 -51.63 -9.58
CA LEU G 411 -28.58 -50.21 -9.48
C LEU G 411 -29.31 -49.90 -8.19
N ASP G 412 -30.26 -50.75 -7.81
CA ASP G 412 -30.90 -50.58 -6.51
C ASP G 412 -29.91 -50.81 -5.37
N ASP G 413 -28.90 -51.65 -5.58
CA ASP G 413 -27.96 -52.00 -4.53
C ASP G 413 -26.96 -50.89 -4.25
N LEU G 414 -26.78 -49.96 -5.18
CA LEU G 414 -25.79 -48.92 -5.00
C LEU G 414 -26.11 -48.13 -3.73
N GLU G 415 -25.11 -47.95 -2.90
CA GLU G 415 -25.22 -47.16 -1.67
C GLU G 415 -24.43 -45.89 -1.94
N LEU G 416 -25.14 -44.86 -2.37
CA LEU G 416 -24.48 -43.73 -3.02
C LEU G 416 -23.57 -42.97 -2.07
N LYS G 417 -23.84 -43.03 -0.76
CA LYS G 417 -22.98 -42.36 0.20
C LYS G 417 -21.68 -43.12 0.43
N GLU G 418 -21.57 -44.36 -0.04
CA GLU G 418 -20.42 -45.19 0.26
C GLU G 418 -19.36 -45.08 -0.81
N SER G 419 -18.18 -45.63 -0.48
CA SER G 419 -17.01 -45.46 -1.30
C SER G 419 -17.16 -46.18 -2.63
N PHE G 420 -16.56 -45.60 -3.66
CA PHE G 420 -16.45 -46.22 -4.97
C PHE G 420 -15.02 -46.58 -5.32
N TYR G 421 -14.09 -46.31 -4.43
CA TYR G 421 -12.69 -46.45 -4.76
C TYR G 421 -11.89 -46.51 -3.47
N THR G 422 -11.05 -47.52 -3.36
CA THR G 422 -10.06 -47.60 -2.30
C THR G 422 -8.71 -47.46 -2.98
N LYS G 423 -8.00 -46.39 -2.67
CA LYS G 423 -6.71 -46.16 -3.30
C LYS G 423 -5.81 -47.36 -3.04
N PRO G 424 -5.35 -48.05 -4.08
CA PRO G 424 -4.50 -49.22 -3.87
C PRO G 424 -3.04 -48.80 -3.74
N VAL G 425 -2.24 -49.74 -3.25
CA VAL G 425 -0.80 -49.63 -3.35
C VAL G 425 -0.38 -50.17 -4.72
N GLU G 426 0.27 -49.33 -5.51
CA GLU G 426 0.73 -49.74 -6.83
C GLU G 426 2.05 -50.49 -6.67
N TYR G 427 1.93 -51.77 -6.35
CA TYR G 427 3.11 -52.58 -6.09
C TYR G 427 3.97 -52.71 -7.34
N ALA G 428 5.29 -52.70 -7.12
CA ALA G 428 6.23 -52.85 -8.23
C ALA G 428 6.18 -54.24 -8.84
N GLU G 429 5.71 -55.22 -8.08
CA GLU G 429 5.64 -56.60 -8.52
C GLU G 429 4.21 -57.09 -8.32
N GLY G 430 3.81 -58.07 -9.11
CA GLY G 430 2.51 -58.65 -8.91
C GLY G 430 2.12 -59.58 -10.02
N LYS G 431 1.30 -60.58 -9.72
CA LYS G 431 0.72 -61.44 -10.73
C LYS G 431 -0.78 -61.36 -10.60
N GLY G 432 -1.44 -60.94 -11.66
CA GLY G 432 -2.87 -60.69 -11.63
C GLY G 432 -3.56 -61.56 -12.66
N PHE G 433 -4.74 -62.04 -12.29
CA PHE G 433 -5.62 -62.72 -13.22
C PHE G 433 -6.96 -62.01 -13.13
N GLY G 434 -7.38 -61.44 -14.24
CA GLY G 434 -8.69 -60.83 -14.29
C GLY G 434 -9.51 -61.59 -15.29
N SER G 435 -10.72 -61.95 -14.95
CA SER G 435 -11.55 -62.58 -15.94
C SER G 435 -12.97 -62.06 -15.84
N THR G 436 -13.65 -62.13 -16.96
CA THR G 436 -15.04 -61.71 -17.04
C THR G 436 -15.71 -62.54 -18.12
N GLU G 437 -16.99 -62.35 -18.22
CA GLU G 437 -17.67 -62.97 -19.35
C GLU G 437 -18.07 -61.79 -20.18
N ALA G 438 -17.32 -61.57 -21.21
CA ALA G 438 -17.73 -60.54 -22.15
C ALA G 438 -18.98 -61.11 -22.84
N ALA G 439 -19.64 -60.29 -23.63
CA ALA G 439 -20.83 -60.80 -24.33
C ALA G 439 -20.55 -62.15 -24.98
N ARG G 440 -19.37 -62.31 -25.54
CA ARG G 440 -19.07 -63.53 -26.35
C ARG G 440 -18.44 -64.62 -25.52
N GLY G 441 -18.18 -64.34 -24.25
CA GLY G 441 -17.68 -65.44 -23.41
C GLY G 441 -16.49 -65.11 -22.55
N ALA G 442 -15.82 -66.15 -22.12
CA ALA G 442 -14.69 -66.03 -21.18
C ALA G 442 -13.62 -65.10 -21.74
N LEU G 443 -13.41 -64.00 -21.06
CA LEU G 443 -12.36 -63.08 -21.47
C LEU G 443 -11.42 -63.01 -20.26
N SER G 444 -10.14 -63.21 -20.51
CA SER G 444 -9.22 -63.31 -19.36
C SER G 444 -7.90 -62.60 -19.63
N ASP G 445 -7.37 -61.95 -18.61
CA ASP G 445 -6.09 -61.28 -18.63
C ASP G 445 -5.22 -61.98 -17.60
N TRP G 446 -4.03 -62.39 -18.01
CA TRP G 446 -2.97 -62.80 -17.10
C TRP G 446 -1.90 -61.74 -17.21
N ILE G 447 -1.65 -61.02 -16.13
CA ILE G 447 -0.69 -59.95 -16.13
C ILE G 447 0.41 -60.26 -15.12
N VAL G 448 1.63 -59.95 -15.50
CA VAL G 448 2.78 -60.05 -14.62
C VAL G 448 3.40 -58.66 -14.61
N ILE G 449 3.36 -58.02 -13.44
CA ILE G 449 3.98 -56.74 -13.21
C ILE G 449 5.31 -56.98 -12.53
N GLU G 450 6.35 -56.41 -13.09
CA GLU G 450 7.68 -56.50 -12.52
C GLU G 450 8.35 -55.15 -12.66
N ASP G 451 9.02 -54.72 -11.59
CA ASP G 451 9.78 -53.48 -11.62
C ASP G 451 8.87 -52.33 -12.05
N SER G 452 7.64 -52.34 -11.51
CA SER G 452 6.65 -51.29 -11.77
C SER G 452 6.36 -51.14 -13.26
N LYS G 453 6.50 -52.23 -14.00
CA LYS G 453 6.23 -52.25 -15.43
C LYS G 453 5.49 -53.54 -15.75
N ILE G 454 4.84 -53.54 -16.90
CA ILE G 454 4.21 -54.77 -17.37
C ILE G 454 5.30 -55.71 -17.86
N LYS G 455 5.53 -56.80 -17.13
CA LYS G 455 6.49 -57.79 -17.58
C LYS G 455 5.85 -58.73 -18.60
N ASN G 456 4.65 -59.19 -18.32
CA ASN G 456 3.91 -59.97 -19.29
C ASN G 456 2.45 -59.57 -19.24
N TYR G 457 1.79 -59.68 -20.39
CA TYR G 457 0.38 -59.35 -20.48
C TYR G 457 -0.20 -60.26 -21.54
N GLN G 458 -1.00 -61.23 -21.12
CA GLN G 458 -1.57 -62.19 -22.04
C GLN G 458 -3.08 -62.10 -21.92
N VAL G 459 -3.73 -61.82 -23.05
CA VAL G 459 -5.18 -61.75 -23.12
C VAL G 459 -5.65 -62.99 -23.87
N VAL G 460 -6.63 -63.62 -23.26
CA VAL G 460 -7.29 -64.76 -23.96
C VAL G 460 -8.75 -64.36 -24.07
N THR G 461 -9.19 -64.15 -25.28
CA THR G 461 -10.54 -63.65 -25.51
C THR G 461 -11.44 -64.84 -25.84
N PRO G 462 -12.77 -64.69 -25.64
CA PRO G 462 -13.71 -65.76 -25.89
C PRO G 462 -13.64 -66.20 -27.34
N THR G 463 -13.54 -65.27 -28.27
CA THR G 463 -13.54 -65.73 -29.67
C THR G 463 -12.22 -66.45 -29.93
N ALA G 464 -11.17 -66.10 -29.21
CA ALA G 464 -9.94 -66.90 -29.38
C ALA G 464 -10.27 -68.34 -28.96
N TRP G 465 -10.98 -68.50 -27.86
CA TRP G 465 -11.38 -69.86 -27.48
C TRP G 465 -12.17 -70.52 -28.60
N ASN G 466 -13.17 -69.81 -29.14
CA ASN G 466 -14.10 -70.40 -30.09
C ASN G 466 -13.48 -70.58 -31.47
N ILE G 467 -12.78 -69.58 -31.96
CA ILE G 467 -12.34 -69.52 -33.35
C ILE G 467 -10.88 -69.87 -33.51
N GLY G 468 -10.14 -70.04 -32.41
CA GLY G 468 -8.76 -70.42 -32.46
C GLY G 468 -8.59 -71.70 -33.26
N PRO G 469 -7.46 -71.81 -33.95
CA PRO G 469 -7.28 -72.91 -34.90
C PRO G 469 -7.01 -74.25 -34.23
N ARG G 470 -6.72 -75.27 -35.04
CA ARG G 470 -6.37 -76.57 -34.50
C ARG G 470 -5.17 -76.44 -33.59
N ASP G 471 -5.16 -77.22 -32.52
CA ASP G 471 -4.04 -77.26 -31.60
C ASP G 471 -2.98 -78.21 -32.13
N ALA G 472 -2.00 -78.53 -31.29
CA ALA G 472 -0.95 -79.47 -31.69
C ALA G 472 -1.51 -80.85 -32.00
N SER G 473 -2.60 -81.23 -31.36
CA SER G 473 -3.25 -82.52 -31.63
C SER G 473 -4.19 -82.45 -32.82
N GLU G 474 -4.16 -81.36 -33.59
CA GLU G 474 -5.03 -81.16 -34.74
C GLU G 474 -6.50 -81.16 -34.37
N VAL G 475 -6.82 -80.94 -33.10
CA VAL G 475 -8.20 -80.87 -32.66
C VAL G 475 -8.77 -79.53 -33.05
N LEU G 476 -9.86 -79.54 -33.82
CA LEU G 476 -10.44 -78.31 -34.33
C LEU G 476 -10.96 -77.46 -33.18
N GLY G 477 -10.89 -76.15 -33.38
CA GLY G 477 -11.45 -75.23 -32.42
C GLY G 477 -12.96 -75.32 -32.43
N PRO G 478 -13.61 -74.77 -31.40
CA PRO G 478 -15.07 -74.91 -31.31
C PRO G 478 -15.81 -74.42 -32.55
N ILE G 479 -15.42 -73.27 -33.10
CA ILE G 479 -16.11 -72.79 -34.29
C ILE G 479 -15.79 -73.66 -35.48
N GLU G 480 -14.55 -74.15 -35.57
CA GLU G 480 -14.20 -75.04 -36.67
C GLU G 480 -15.03 -76.32 -36.62
N GLN G 481 -15.21 -76.90 -35.43
CA GLN G 481 -16.04 -78.10 -35.37
C GLN G 481 -17.52 -77.78 -35.57
N ALA G 482 -17.96 -76.59 -35.15
CA ALA G 482 -19.33 -76.20 -35.40
C ALA G 482 -19.60 -76.04 -36.88
N LEU G 483 -18.61 -75.52 -37.63
CA LEU G 483 -18.75 -75.41 -39.06
C LEU G 483 -18.84 -76.78 -39.72
N VAL G 484 -18.10 -77.75 -39.18
CA VAL G 484 -18.15 -79.10 -39.72
C VAL G 484 -19.54 -79.68 -39.49
N GLY G 485 -20.13 -80.24 -40.54
CA GLY G 485 -21.51 -80.67 -40.51
C GLY G 485 -22.50 -79.65 -41.01
N SER G 486 -22.07 -78.42 -41.24
CA SER G 486 -22.99 -77.41 -41.73
C SER G 486 -23.37 -77.68 -43.17
N PRO G 487 -24.64 -77.61 -43.53
CA PRO G 487 -25.02 -77.74 -44.93
C PRO G 487 -24.55 -76.52 -45.70
N ILE G 488 -24.30 -76.71 -46.99
CA ILE G 488 -23.93 -75.61 -47.88
C ILE G 488 -24.85 -75.71 -49.09
N VAL G 489 -25.96 -74.96 -49.05
CA VAL G 489 -26.88 -74.94 -50.18
C VAL G 489 -26.25 -74.23 -51.37
N ASP G 490 -25.55 -73.13 -51.12
CA ASP G 490 -25.00 -72.29 -52.17
C ASP G 490 -23.57 -71.93 -51.81
N ALA G 491 -22.61 -72.52 -52.52
CA ALA G 491 -21.21 -72.18 -52.28
C ALA G 491 -20.89 -70.75 -52.66
N GLU G 492 -21.68 -70.15 -53.55
CA GLU G 492 -21.47 -68.75 -53.92
C GLU G 492 -21.85 -67.82 -52.78
N ASP G 493 -22.86 -68.17 -52.00
CA ASP G 493 -23.25 -67.44 -50.79
C ASP G 493 -23.38 -68.45 -49.66
N PRO G 494 -22.27 -68.95 -49.13
CA PRO G 494 -22.34 -69.99 -48.09
C PRO G 494 -22.80 -69.40 -46.77
N VAL G 495 -24.07 -68.99 -46.72
CA VAL G 495 -24.57 -68.27 -45.57
C VAL G 495 -24.53 -69.11 -44.30
N GLU G 496 -24.54 -70.44 -44.43
CA GLU G 496 -24.52 -71.29 -43.23
C GLU G 496 -23.21 -71.15 -42.49
N LEU G 497 -22.09 -70.95 -43.20
CA LEU G 497 -20.84 -70.65 -42.53
C LEU G 497 -20.97 -69.37 -41.71
N GLY G 498 -21.61 -68.36 -42.29
CA GLY G 498 -21.87 -67.14 -41.53
C GLY G 498 -22.76 -67.39 -40.34
N HIS G 499 -23.79 -68.22 -40.51
CA HIS G 499 -24.68 -68.54 -39.40
C HIS G 499 -23.90 -69.15 -38.26
N VAL G 500 -23.03 -70.11 -38.57
CA VAL G 500 -22.30 -70.79 -37.52
C VAL G 500 -21.30 -69.87 -36.86
N ALA G 501 -20.48 -69.17 -37.66
CA ALA G 501 -19.48 -68.29 -37.10
C ALA G 501 -20.11 -67.17 -36.29
N ARG G 502 -21.18 -66.57 -36.82
CA ARG G 502 -21.85 -65.47 -36.15
C ARG G 502 -22.71 -65.93 -34.99
N SER G 503 -23.13 -67.20 -34.96
CA SER G 503 -23.87 -67.69 -33.81
C SER G 503 -23.01 -67.67 -32.56
N PHE G 504 -21.70 -67.77 -32.73
CA PHE G 504 -20.76 -67.53 -31.65
C PHE G 504 -20.55 -66.06 -31.38
N ASP G 505 -21.20 -65.18 -32.16
CA ASP G 505 -20.99 -63.75 -32.01
C ASP G 505 -19.51 -63.43 -32.19
N SER G 506 -18.86 -64.16 -33.08
CA SER G 506 -17.39 -64.06 -33.23
C SER G 506 -16.89 -62.62 -33.27
N CYS G 507 -15.85 -62.37 -32.52
CA CYS G 507 -15.24 -61.03 -32.60
C CYS G 507 -13.77 -61.25 -32.95
N LEU G 508 -13.42 -60.94 -34.17
CA LEU G 508 -12.05 -61.27 -34.62
C LEU G 508 -11.03 -60.25 -34.10
N VAL G 509 -11.47 -59.03 -33.86
CA VAL G 509 -10.46 -58.09 -33.26
C VAL G 509 -10.10 -58.60 -31.87
N CYS G 510 -11.08 -59.15 -31.18
CA CYS G 510 -10.75 -59.73 -29.88
C CYS G 510 -9.94 -60.99 -30.08
N THR G 511 -10.30 -61.75 -31.08
CA THR G 511 -9.61 -63.05 -31.22
C THR G 511 -8.11 -62.86 -31.25
N VAL G 512 -7.64 -61.89 -32.01
CA VAL G 512 -6.21 -61.72 -32.22
C VAL G 512 -5.59 -60.73 -31.26
N HIS G 513 -6.28 -59.62 -31.00
CA HIS G 513 -5.70 -58.48 -30.28
C HIS G 513 -4.27 -58.24 -30.74
N ALA H 48 -24.99 -40.86 -52.03
CA ALA H 48 -23.56 -40.85 -51.72
C ALA H 48 -23.12 -42.21 -51.18
N SER H 49 -22.41 -42.97 -52.03
CA SER H 49 -21.96 -44.29 -51.66
C SER H 49 -20.87 -44.19 -50.59
N VAL H 50 -20.94 -45.07 -49.60
CA VAL H 50 -19.96 -45.11 -48.53
C VAL H 50 -19.43 -46.53 -48.42
N LEU H 51 -18.11 -46.66 -48.46
CA LEU H 51 -17.46 -47.94 -48.22
C LEU H 51 -16.63 -47.77 -46.95
N TRP H 52 -16.96 -48.54 -45.93
CA TRP H 52 -16.31 -48.45 -44.63
C TRP H 52 -15.48 -49.71 -44.46
N PHE H 53 -14.17 -49.54 -44.43
CA PHE H 53 -13.23 -50.62 -44.25
C PHE H 53 -12.57 -50.51 -42.89
N GLN H 54 -12.13 -51.65 -42.37
CA GLN H 54 -11.44 -51.70 -41.09
C GLN H 54 -10.07 -52.33 -41.31
N GLY H 55 -9.03 -51.63 -40.92
CA GLY H 55 -7.70 -52.20 -40.93
C GLY H 55 -7.32 -52.71 -39.56
N GLY H 56 -6.31 -52.12 -38.95
CA GLY H 56 -5.92 -52.49 -37.59
C GLY H 56 -6.87 -51.82 -36.64
N ALA H 57 -8.12 -52.25 -36.68
CA ALA H 57 -9.16 -51.58 -35.90
C ALA H 57 -9.65 -52.47 -34.78
N CYS H 58 -10.27 -51.84 -33.81
CA CYS H 58 -10.94 -52.66 -32.78
C CYS H 58 -12.44 -52.53 -33.02
N SER H 59 -12.84 -51.79 -34.03
CA SER H 59 -14.27 -51.59 -34.35
C SER H 59 -14.93 -50.62 -33.35
N GLY H 60 -14.15 -50.05 -32.43
CA GLY H 60 -14.73 -49.07 -31.50
C GLY H 60 -15.32 -47.89 -32.24
N ASN H 61 -14.73 -47.51 -33.36
CA ASN H 61 -15.30 -46.32 -34.04
C ASN H 61 -16.64 -46.73 -34.63
N THR H 62 -16.67 -47.92 -35.19
CA THR H 62 -17.98 -48.42 -35.67
C THR H 62 -18.99 -48.49 -34.51
N MET H 63 -18.60 -49.07 -33.38
CA MET H 63 -19.56 -49.19 -32.29
C MET H 63 -20.01 -47.82 -31.78
N SER H 64 -19.06 -46.90 -31.65
CA SER H 64 -19.41 -45.54 -31.28
C SER H 64 -20.36 -44.95 -32.31
N PHE H 65 -20.03 -45.13 -33.59
CA PHE H 65 -20.87 -44.68 -34.69
C PHE H 65 -22.28 -45.26 -34.57
N LEU H 66 -22.38 -46.54 -34.23
CA LEU H 66 -23.68 -47.17 -34.04
C LEU H 66 -24.44 -46.56 -32.87
N ASN H 67 -23.74 -45.94 -31.93
CA ASN H 67 -24.43 -45.18 -30.89
C ASN H 67 -24.99 -43.85 -31.37
N ALA H 68 -24.87 -43.55 -32.65
CA ALA H 68 -25.26 -42.24 -33.14
C ALA H 68 -26.70 -41.95 -32.80
N ASP H 69 -26.96 -40.71 -32.41
CA ASP H 69 -28.30 -40.19 -32.25
C ASP H 69 -28.37 -38.85 -32.94
N GLU H 70 -29.49 -38.59 -33.60
CA GLU H 70 -29.69 -37.33 -34.29
C GLU H 70 -28.54 -37.00 -35.23
N PRO H 71 -28.37 -37.74 -36.32
CA PRO H 71 -29.21 -38.89 -36.70
C PRO H 71 -28.74 -40.17 -36.02
N ASN H 72 -29.63 -41.12 -35.83
CA ASN H 72 -29.13 -42.43 -35.47
C ASN H 72 -28.59 -43.12 -36.72
N VAL H 73 -27.87 -44.22 -36.51
CA VAL H 73 -27.12 -44.82 -37.60
C VAL H 73 -28.06 -45.31 -38.71
N VAL H 74 -29.20 -45.87 -38.33
CA VAL H 74 -30.11 -46.38 -39.34
C VAL H 74 -30.67 -45.25 -40.18
N ASP H 75 -31.09 -44.16 -39.53
CA ASP H 75 -31.57 -43.01 -40.28
C ASP H 75 -30.48 -42.37 -41.12
N LEU H 76 -29.25 -42.38 -40.63
CA LEU H 76 -28.14 -41.88 -41.45
C LEU H 76 -27.96 -42.74 -42.70
N ILE H 77 -28.00 -44.05 -42.53
CA ILE H 77 -27.72 -44.95 -43.64
C ILE H 77 -28.87 -44.92 -44.64
N VAL H 78 -30.11 -44.80 -44.17
CA VAL H 78 -31.27 -44.90 -45.05
C VAL H 78 -31.74 -43.52 -45.50
N ASP H 79 -32.09 -42.66 -44.55
CA ASP H 79 -32.85 -41.44 -44.82
C ASP H 79 -32.00 -40.24 -45.23
N PHE H 80 -30.67 -40.33 -45.21
CA PHE H 80 -29.83 -39.21 -45.61
C PHE H 80 -29.15 -39.45 -46.95
N GLY H 81 -29.60 -40.45 -47.70
CA GLY H 81 -29.04 -40.67 -49.02
C GLY H 81 -27.61 -41.15 -49.03
N LEU H 82 -27.16 -41.76 -47.95
CA LEU H 82 -25.81 -42.31 -47.84
C LEU H 82 -25.90 -43.82 -48.03
N ASP H 83 -25.51 -44.27 -49.21
CA ASP H 83 -25.62 -45.68 -49.56
C ASP H 83 -24.39 -46.40 -49.00
N LEU H 84 -24.55 -47.06 -47.85
CA LEU H 84 -23.46 -47.81 -47.24
C LEU H 84 -23.23 -49.08 -48.05
N LEU H 85 -22.26 -49.02 -48.95
CA LEU H 85 -22.01 -50.15 -49.84
C LEU H 85 -21.64 -51.39 -49.05
N TRP H 86 -20.77 -51.23 -48.07
CA TRP H 86 -20.36 -52.36 -47.25
C TRP H 86 -19.67 -51.81 -46.03
N HIS H 87 -19.70 -52.59 -44.99
CA HIS H 87 -19.05 -52.34 -43.72
C HIS H 87 -18.80 -53.70 -43.10
N PRO H 88 -17.58 -53.99 -42.65
CA PRO H 88 -17.30 -55.35 -42.16
C PRO H 88 -18.20 -55.76 -41.01
N SER H 89 -18.67 -54.80 -40.21
CA SER H 89 -19.55 -55.11 -39.10
C SER H 89 -21.02 -55.11 -39.48
N LEU H 90 -21.37 -54.56 -40.63
CA LEU H 90 -22.77 -54.37 -40.99
C LEU H 90 -23.13 -54.85 -42.38
N GLY H 91 -22.16 -55.00 -43.28
CA GLY H 91 -22.48 -55.38 -44.63
C GLY H 91 -23.05 -56.78 -44.70
N LEU H 92 -24.04 -56.95 -45.57
CA LEU H 92 -24.66 -58.26 -45.75
C LEU H 92 -23.75 -59.19 -46.53
N GLU H 93 -23.07 -58.66 -47.54
CA GLU H 93 -22.28 -59.49 -48.44
C GLU H 93 -21.08 -60.10 -47.72
N LEU H 94 -20.78 -61.34 -48.06
CA LEU H 94 -19.57 -62.00 -47.62
C LEU H 94 -18.83 -62.53 -48.84
N GLY H 95 -17.58 -62.92 -48.61
CA GLY H 95 -16.84 -63.65 -49.62
C GLY H 95 -16.80 -62.92 -50.94
N ASN H 96 -17.11 -63.65 -52.00
CA ASN H 96 -16.90 -63.11 -53.34
C ASN H 96 -17.88 -61.99 -53.67
N ASN H 97 -19.09 -62.00 -53.13
CA ASN H 97 -20.01 -60.88 -53.35
C ASN H 97 -19.47 -59.59 -52.74
N ALA H 98 -18.95 -59.69 -51.51
CA ALA H 98 -18.33 -58.54 -50.89
C ALA H 98 -17.12 -58.08 -51.70
N GLN H 99 -16.29 -59.03 -52.13
CA GLN H 99 -15.11 -58.67 -52.91
C GLN H 99 -15.51 -58.02 -54.22
N LYS H 100 -16.62 -58.46 -54.80
CA LYS H 100 -17.12 -57.81 -56.01
C LYS H 100 -17.43 -56.35 -55.73
N VAL H 101 -18.10 -56.08 -54.61
CA VAL H 101 -18.34 -54.69 -54.23
C VAL H 101 -17.03 -53.92 -54.11
N PHE H 102 -16.06 -54.52 -53.41
CA PHE H 102 -14.80 -53.81 -53.16
C PHE H 102 -14.07 -53.54 -54.47
N TRP H 103 -13.99 -54.54 -55.34
CA TRP H 103 -13.27 -54.39 -56.59
C TRP H 103 -13.95 -53.40 -57.51
N ASP H 104 -15.29 -53.38 -57.52
CA ASP H 104 -16.00 -52.39 -58.30
C ASP H 104 -15.69 -50.98 -57.82
N CYS H 105 -15.61 -50.79 -56.50
CA CYS H 105 -15.21 -49.50 -55.97
C CYS H 105 -13.76 -49.17 -56.33
N ALA H 106 -12.87 -50.14 -56.22
CA ALA H 106 -11.45 -49.87 -56.40
C ALA H 106 -11.13 -49.54 -57.85
N LYS H 107 -11.74 -50.26 -58.79
CA LYS H 107 -11.46 -50.08 -60.21
C LYS H 107 -12.31 -49.00 -60.86
N GLY H 108 -13.20 -48.36 -60.11
CA GLY H 108 -14.04 -47.32 -60.67
C GLY H 108 -15.26 -47.81 -61.41
N GLU H 109 -15.58 -49.10 -61.32
CA GLU H 109 -16.77 -49.64 -61.98
C GLU H 109 -18.03 -49.02 -61.41
N ARG H 110 -18.05 -48.75 -60.11
CA ARG H 110 -19.11 -48.03 -59.44
C ARG H 110 -18.50 -46.88 -58.65
N PRO H 111 -19.23 -45.77 -58.53
CA PRO H 111 -18.69 -44.62 -57.82
C PRO H 111 -18.49 -44.90 -56.33
N LEU H 112 -17.45 -44.30 -55.78
CA LEU H 112 -17.15 -44.37 -54.36
C LEU H 112 -17.06 -42.94 -53.86
N ASP H 113 -18.10 -42.48 -53.17
CA ASP H 113 -18.12 -41.09 -52.73
C ASP H 113 -17.34 -40.91 -51.43
N ILE H 114 -17.56 -41.78 -50.47
CA ILE H 114 -16.88 -41.68 -49.18
C ILE H 114 -16.27 -43.03 -48.86
N PHE H 115 -14.96 -43.05 -48.70
CA PHE H 115 -14.25 -44.21 -48.20
C PHE H 115 -13.93 -43.90 -46.74
N VAL H 116 -14.59 -44.58 -45.84
CA VAL H 116 -14.28 -44.48 -44.42
C VAL H 116 -13.32 -45.59 -44.09
N PHE H 117 -12.25 -45.22 -43.41
CA PHE H 117 -11.28 -46.23 -43.01
C PHE H 117 -11.14 -46.14 -41.50
N GLU H 118 -11.23 -47.29 -40.89
CA GLU H 118 -11.13 -47.36 -39.43
C GLU H 118 -9.98 -48.30 -39.12
N GLY H 119 -9.26 -48.06 -38.04
CA GLY H 119 -8.12 -48.94 -37.82
C GLY H 119 -6.90 -48.48 -38.56
N THR H 120 -5.80 -49.07 -38.19
CA THR H 120 -4.56 -48.61 -38.80
C THR H 120 -4.32 -49.26 -40.15
N VAL H 121 -3.51 -48.60 -40.93
CA VAL H 121 -2.98 -49.23 -42.13
C VAL H 121 -1.83 -50.11 -41.66
N ILE H 122 -2.01 -51.41 -41.70
CA ILE H 122 -1.01 -52.34 -41.21
C ILE H 122 -0.06 -52.65 -42.36
N GLU H 123 1.23 -52.38 -42.15
CA GLU H 123 2.22 -52.61 -43.18
C GLU H 123 3.12 -53.81 -42.89
N ALA H 124 3.21 -54.25 -41.64
CA ALA H 124 4.02 -55.40 -41.32
C ALA H 124 3.37 -56.66 -41.86
N PRO H 125 4.16 -57.72 -42.12
CA PRO H 125 5.61 -57.75 -41.97
C PRO H 125 6.35 -57.17 -43.17
N ASN H 126 7.46 -56.48 -42.91
CA ASN H 126 8.38 -56.04 -43.97
C ASN H 126 7.65 -55.25 -45.06
N GLY H 127 6.70 -54.42 -44.65
CA GLY H 127 5.99 -53.61 -45.61
C GLY H 127 5.02 -54.37 -46.50
N THR H 128 4.83 -55.67 -46.27
CA THR H 128 3.90 -56.44 -47.06
C THR H 128 2.45 -56.25 -46.63
N GLY H 129 2.21 -55.84 -45.38
CA GLY H 129 0.86 -55.66 -44.91
C GLY H 129 0.11 -56.95 -44.65
N GLN H 130 0.80 -58.09 -44.60
CA GLN H 130 0.13 -59.36 -44.46
C GLN H 130 -0.33 -59.66 -43.04
N MET H 131 0.03 -58.80 -42.08
CA MET H 131 -0.61 -58.87 -40.78
C MET H 131 -2.02 -58.32 -40.82
N ASP H 132 -2.47 -57.84 -41.96
CA ASP H 132 -3.85 -57.43 -42.17
C ASP H 132 -4.23 -57.84 -43.59
N MET H 133 -4.67 -59.09 -43.72
CA MET H 133 -5.12 -59.62 -45.00
C MET H 133 -6.64 -59.49 -45.02
N PHE H 134 -7.15 -58.80 -46.03
CA PHE H 134 -8.59 -58.58 -46.15
C PHE H 134 -9.03 -58.86 -47.57
N ALA H 135 -9.99 -59.76 -47.73
CA ALA H 135 -10.61 -60.04 -49.02
C ALA H 135 -9.58 -60.34 -50.09
N GLY H 136 -8.57 -61.12 -49.71
CA GLY H 136 -7.58 -61.61 -50.64
C GLY H 136 -6.41 -60.69 -50.91
N ARG H 137 -6.32 -59.56 -50.22
CA ARG H 137 -5.22 -58.63 -50.39
C ARG H 137 -4.77 -58.13 -49.03
N PRO H 138 -3.53 -57.67 -48.91
CA PRO H 138 -3.18 -56.85 -47.75
C PRO H 138 -4.12 -55.66 -47.70
N MET H 139 -4.59 -55.35 -46.49
CA MET H 139 -5.54 -54.26 -46.37
C MET H 139 -4.97 -52.96 -46.91
N LYS H 140 -3.66 -52.77 -46.78
CA LYS H 140 -3.04 -51.54 -47.26
C LYS H 140 -3.22 -51.38 -48.76
N ASP H 141 -3.24 -52.48 -49.50
CA ASP H 141 -3.50 -52.39 -50.94
C ASP H 141 -4.93 -51.94 -51.21
N TRP H 142 -5.89 -52.49 -50.47
CA TRP H 142 -7.25 -51.99 -50.55
C TRP H 142 -7.29 -50.50 -50.25
N VAL H 143 -6.55 -50.09 -49.23
CA VAL H 143 -6.54 -48.68 -48.85
C VAL H 143 -6.03 -47.84 -50.01
N THR H 144 -4.92 -48.26 -50.60
CA THR H 144 -4.38 -47.54 -51.74
C THR H 144 -5.43 -47.37 -52.83
N ASP H 145 -6.05 -48.48 -53.23
CA ASP H 145 -7.00 -48.43 -54.34
C ASP H 145 -8.21 -47.58 -54.00
N LEU H 146 -8.79 -47.80 -52.81
CA LEU H 146 -10.06 -47.16 -52.48
C LEU H 146 -9.87 -45.70 -52.15
N ALA H 147 -8.78 -45.36 -51.45
CA ALA H 147 -8.48 -43.96 -51.21
C ALA H 147 -8.22 -43.24 -52.52
N GLY H 148 -7.59 -43.92 -53.48
CA GLY H 148 -7.46 -43.33 -54.80
C GLY H 148 -8.75 -43.23 -55.57
N ALA H 149 -9.74 -44.04 -55.22
CA ALA H 149 -11.02 -44.02 -55.92
C ALA H 149 -12.05 -43.10 -55.29
N ALA H 150 -11.97 -42.87 -53.99
CA ALA H 150 -13.02 -42.17 -53.29
C ALA H 150 -13.04 -40.69 -53.60
N GLN H 151 -14.24 -40.10 -53.59
CA GLN H 151 -14.36 -38.66 -53.64
C GLN H 151 -13.85 -38.02 -52.37
N ILE H 152 -14.16 -38.63 -51.24
CA ILE H 152 -13.73 -38.18 -49.92
C ILE H 152 -13.22 -39.40 -49.18
N VAL H 153 -12.10 -39.24 -48.50
CA VAL H 153 -11.56 -40.28 -47.63
C VAL H 153 -11.65 -39.76 -46.21
N VAL H 154 -12.28 -40.54 -45.34
CA VAL H 154 -12.43 -40.20 -43.93
C VAL H 154 -11.71 -41.27 -43.12
N ALA H 155 -10.71 -40.87 -42.36
CA ALA H 155 -10.11 -41.75 -41.38
C ALA H 155 -10.86 -41.53 -40.07
N ILE H 156 -11.47 -42.60 -39.58
CA ILE H 156 -12.24 -42.45 -38.33
C ILE H 156 -11.45 -43.16 -37.22
N GLY H 157 -11.17 -42.41 -36.18
CA GLY H 157 -10.44 -42.98 -35.04
C GLY H 157 -8.95 -42.78 -35.22
N ASP H 158 -8.25 -42.67 -34.09
CA ASP H 158 -6.81 -42.38 -34.12
C ASP H 158 -6.05 -43.42 -34.94
N CYS H 159 -6.47 -44.67 -34.83
CA CYS H 159 -5.72 -45.70 -35.57
C CYS H 159 -5.63 -45.27 -37.01
N ALA H 160 -6.78 -44.93 -37.58
CA ALA H 160 -6.79 -44.60 -39.02
C ALA H 160 -6.17 -43.21 -39.24
N CYS H 161 -6.44 -42.28 -38.34
CA CYS H 161 -5.95 -40.91 -38.53
C CYS H 161 -4.44 -40.84 -38.37
N PHE H 162 -3.92 -41.43 -37.31
CA PHE H 162 -2.56 -41.20 -36.87
C PHE H 162 -1.80 -42.47 -36.50
N GLY H 163 -2.45 -43.63 -36.47
CA GLY H 163 -1.74 -44.83 -36.08
C GLY H 163 -2.19 -45.33 -34.73
N GLY H 164 -2.47 -44.41 -33.82
CA GLY H 164 -3.12 -44.72 -32.57
C GLY H 164 -2.40 -45.76 -31.75
N ILE H 165 -3.21 -46.53 -31.00
CA ILE H 165 -2.65 -47.52 -30.09
C ILE H 165 -1.81 -48.57 -30.81
N PRO H 166 -2.23 -49.14 -31.94
CA PRO H 166 -1.37 -50.15 -32.58
C PRO H 166 -0.02 -49.61 -33.00
N ALA H 167 0.07 -48.32 -33.26
CA ALA H 167 1.34 -47.70 -33.62
C ALA H 167 2.23 -47.42 -32.42
N MET H 168 1.74 -47.65 -31.21
CA MET H 168 2.60 -47.62 -30.03
C MET H 168 3.81 -48.52 -30.24
N GLU H 169 4.96 -48.05 -29.77
CA GLU H 169 6.14 -48.90 -29.84
C GLU H 169 5.88 -50.19 -29.07
N PRO H 170 6.37 -51.34 -29.56
CA PRO H 170 7.22 -51.46 -30.74
C PRO H 170 6.50 -51.54 -32.09
N ASN H 171 5.20 -51.26 -32.13
CA ASN H 171 4.43 -51.25 -33.36
C ASN H 171 4.61 -52.56 -34.14
N PRO H 172 4.23 -53.69 -33.55
CA PRO H 172 4.46 -54.98 -34.23
C PRO H 172 3.79 -55.07 -35.59
N SER H 173 2.64 -54.44 -35.75
CA SER H 173 1.90 -54.52 -37.00
C SER H 173 2.37 -53.52 -38.04
N GLY H 174 3.40 -52.74 -37.75
CA GLY H 174 3.81 -51.71 -38.69
C GLY H 174 2.65 -50.78 -38.98
N SER H 175 1.87 -50.45 -37.96
CA SER H 175 0.68 -49.66 -38.14
C SER H 175 1.02 -48.21 -38.41
N THR H 176 0.21 -47.56 -39.23
CA THR H 176 0.31 -46.14 -39.45
C THR H 176 -1.07 -45.62 -39.78
N GLY H 177 -1.22 -44.31 -39.71
CA GLY H 177 -2.46 -43.71 -40.13
C GLY H 177 -2.51 -43.51 -41.63
N LEU H 178 -3.68 -43.09 -42.10
CA LEU H 178 -3.85 -42.86 -43.53
C LEU H 178 -2.92 -41.76 -44.04
N GLN H 179 -2.97 -40.61 -43.40
CA GLN H 179 -2.17 -39.47 -43.82
C GLN H 179 -1.27 -38.94 -42.72
N PHE H 180 -1.25 -39.59 -41.57
CA PHE H 180 -0.38 -39.21 -40.47
C PHE H 180 0.22 -40.46 -39.86
N HIS H 181 1.42 -40.32 -39.35
CA HIS H 181 1.93 -41.25 -38.34
C HIS H 181 2.16 -40.42 -37.10
N LYS H 182 1.29 -40.60 -36.11
CA LYS H 182 1.24 -39.69 -34.98
C LYS H 182 1.13 -38.27 -35.53
N ARG H 183 1.89 -37.32 -34.97
CA ARG H 183 1.76 -35.95 -35.43
C ARG H 183 2.35 -35.75 -36.81
N GLU H 184 3.25 -36.62 -37.24
CA GLU H 184 3.98 -36.41 -38.49
C GLU H 184 3.05 -36.66 -39.67
N LYS H 185 2.83 -35.63 -40.48
CA LYS H 185 1.96 -35.76 -41.63
C LYS H 185 2.60 -36.67 -42.68
N GLY H 186 1.74 -37.45 -43.33
CA GLY H 186 2.12 -38.30 -44.44
C GLY H 186 1.55 -39.70 -44.31
N GLY H 187 1.67 -40.30 -43.13
CA GLY H 187 1.13 -41.62 -42.88
C GLY H 187 1.32 -42.59 -44.01
N PHE H 188 0.27 -43.34 -44.33
CA PHE H 188 0.39 -44.34 -45.39
C PHE H 188 0.23 -43.71 -46.77
N LEU H 189 -0.69 -42.76 -46.92
CA LEU H 189 -1.01 -42.23 -48.24
C LEU H 189 -0.09 -41.11 -48.68
N GLY H 190 0.75 -40.59 -47.80
CA GLY H 190 1.63 -39.51 -48.15
C GLY H 190 1.01 -38.17 -47.80
N PRO H 191 1.86 -37.18 -47.53
CA PRO H 191 1.32 -35.85 -47.15
C PRO H 191 0.53 -35.20 -48.26
N ASP H 192 0.80 -35.54 -49.51
CA ASP H 192 0.20 -34.87 -50.64
C ASP H 192 -1.03 -35.58 -51.18
N PHE H 193 -1.46 -36.66 -50.54
CA PHE H 193 -2.67 -37.34 -50.98
C PHE H 193 -3.86 -36.39 -50.92
N ARG H 194 -4.65 -36.39 -51.98
CA ARG H 194 -5.92 -35.70 -52.00
C ARG H 194 -6.95 -36.64 -52.60
N SER H 195 -8.15 -36.64 -52.02
CA SER H 195 -9.22 -37.41 -52.63
C SER H 195 -9.70 -36.69 -53.90
N LYS H 196 -10.66 -37.30 -54.58
CA LYS H 196 -11.13 -36.74 -55.84
C LYS H 196 -11.86 -35.41 -55.65
N MET H 197 -12.41 -35.15 -54.47
CA MET H 197 -12.99 -33.84 -54.20
C MET H 197 -11.93 -32.83 -53.77
N GLY H 198 -10.65 -33.20 -53.83
CA GLY H 198 -9.57 -32.30 -53.51
C GLY H 198 -9.21 -32.26 -52.05
N LEU H 199 -9.95 -32.95 -51.19
CA LEU H 199 -9.68 -32.87 -49.77
C LEU H 199 -8.57 -33.84 -49.37
N PRO H 200 -7.84 -33.54 -48.32
CA PRO H 200 -6.96 -34.56 -47.75
C PRO H 200 -7.84 -35.56 -47.04
N VAL H 201 -7.24 -36.59 -46.44
CA VAL H 201 -8.02 -37.45 -45.57
C VAL H 201 -8.63 -36.61 -44.47
N ILE H 202 -9.93 -36.69 -44.31
CA ILE H 202 -10.62 -36.05 -43.21
C ILE H 202 -10.38 -36.91 -41.98
N ASN H 203 -9.65 -36.38 -41.01
CA ASN H 203 -9.32 -37.12 -39.81
C ASN H 203 -10.38 -36.85 -38.76
N VAL H 204 -11.17 -37.86 -38.44
CA VAL H 204 -12.12 -37.81 -37.33
C VAL H 204 -11.46 -38.60 -36.22
N PRO H 205 -10.64 -37.97 -35.35
CA PRO H 205 -9.87 -38.73 -34.43
C PRO H 205 -10.68 -39.17 -33.22
N GLY H 206 -9.98 -39.58 -32.20
CA GLY H 206 -10.68 -40.12 -31.06
C GLY H 206 -10.41 -41.62 -31.02
N CYS H 207 -10.60 -42.17 -29.85
CA CYS H 207 -10.29 -43.60 -29.73
C CYS H 207 -11.33 -44.16 -28.75
N PRO H 208 -12.59 -44.29 -29.18
CA PRO H 208 -12.97 -44.05 -30.56
C PRO H 208 -13.48 -42.64 -30.79
N ALA H 209 -13.73 -42.35 -32.06
CA ALA H 209 -14.41 -41.10 -32.36
C ALA H 209 -15.82 -41.15 -31.77
N HIS H 210 -16.29 -40.02 -31.31
CA HIS H 210 -17.67 -39.87 -30.92
C HIS H 210 -18.56 -40.01 -32.17
N PRO H 211 -19.73 -40.63 -32.04
CA PRO H 211 -20.57 -40.80 -33.25
C PRO H 211 -20.85 -39.50 -33.97
N ASP H 212 -21.03 -38.42 -33.24
CA ASP H 212 -21.39 -37.15 -33.93
C ASP H 212 -20.22 -36.66 -34.77
N TRP H 213 -19.00 -36.97 -34.35
CA TRP H 213 -17.83 -36.43 -35.07
C TRP H 213 -17.85 -36.91 -36.52
N ILE H 214 -18.44 -38.07 -36.73
CA ILE H 214 -18.53 -38.60 -38.12
C ILE H 214 -19.94 -38.34 -38.66
N THR H 215 -20.97 -38.60 -37.86
CA THR H 215 -22.32 -38.52 -38.39
C THR H 215 -22.66 -37.11 -38.81
N GLN H 216 -22.26 -36.10 -38.04
CA GLN H 216 -22.57 -34.74 -38.44
C GLN H 216 -21.79 -34.34 -39.67
N ILE H 217 -20.57 -34.84 -39.83
CA ILE H 217 -19.84 -34.63 -41.07
C ILE H 217 -20.58 -35.28 -42.23
N LEU H 218 -21.06 -36.51 -42.03
CA LEU H 218 -21.79 -37.21 -43.08
C LEU H 218 -23.08 -36.49 -43.41
N VAL H 219 -23.78 -35.98 -42.40
CA VAL H 219 -24.98 -35.21 -42.63
C VAL H 219 -24.66 -33.94 -43.41
N ALA H 220 -23.58 -33.26 -43.02
CA ALA H 220 -23.16 -32.05 -43.71
C ALA H 220 -22.90 -32.35 -45.18
N LEU H 221 -22.18 -33.44 -45.45
CA LEU H 221 -21.93 -33.85 -46.83
C LEU H 221 -23.24 -34.17 -47.53
N ALA H 222 -24.16 -34.82 -46.84
CA ALA H 222 -25.43 -35.24 -47.43
C ALA H 222 -26.42 -34.10 -47.59
N THR H 223 -26.26 -33.01 -46.83
CA THR H 223 -27.20 -31.90 -46.87
C THR H 223 -26.63 -30.70 -47.63
N GLY H 224 -25.58 -30.88 -48.41
CA GLY H 224 -25.03 -29.80 -49.19
C GLY H 224 -24.16 -28.83 -48.42
N ARG H 225 -23.71 -29.22 -47.23
CA ARG H 225 -22.89 -28.36 -46.39
C ARG H 225 -21.44 -28.82 -46.33
N ALA H 226 -20.98 -29.56 -47.34
CA ALA H 226 -19.57 -29.94 -47.39
C ALA H 226 -18.68 -28.71 -47.33
N GLY H 227 -19.09 -27.62 -48.00
CA GLY H 227 -18.32 -26.40 -47.98
C GLY H 227 -18.25 -25.74 -46.62
N ASP H 228 -19.16 -26.10 -45.70
CA ASP H 228 -19.07 -25.60 -44.34
C ASP H 228 -18.00 -26.31 -43.53
N ILE H 229 -17.49 -27.44 -44.02
CA ILE H 229 -16.54 -28.24 -43.24
C ILE H 229 -15.16 -27.63 -43.43
N THR H 230 -14.59 -27.11 -42.34
CA THR H 230 -13.21 -26.66 -42.33
C THR H 230 -12.40 -27.64 -41.49
N LEU H 231 -11.18 -27.91 -41.94
CA LEU H 231 -10.29 -28.86 -41.30
C LEU H 231 -9.12 -28.12 -40.68
N ASP H 232 -8.68 -28.57 -39.50
CA ASP H 232 -7.53 -27.96 -38.87
C ASP H 232 -6.25 -28.54 -39.49
N ASP H 233 -5.10 -28.25 -38.90
CA ASP H 233 -3.83 -28.72 -39.44
C ASP H 233 -3.69 -30.23 -39.38
N LEU H 234 -4.45 -30.89 -38.50
CA LEU H 234 -4.46 -32.34 -38.45
C LEU H 234 -5.58 -32.94 -39.29
N HIS H 235 -6.19 -32.11 -40.16
CA HIS H 235 -7.32 -32.51 -40.99
C HIS H 235 -8.54 -32.90 -40.18
N ARG H 236 -8.63 -32.39 -38.95
CA ARG H 236 -9.82 -32.65 -38.15
C ARG H 236 -10.87 -31.58 -38.38
N PRO H 237 -12.14 -31.95 -38.37
CA PRO H 237 -13.20 -30.95 -38.53
C PRO H 237 -13.16 -29.92 -37.40
N GLU H 238 -12.91 -28.67 -37.77
CA GLU H 238 -12.81 -27.61 -36.78
C GLU H 238 -14.13 -27.38 -36.05
N THR H 239 -15.25 -27.79 -36.64
CA THR H 239 -16.51 -27.65 -35.93
C THR H 239 -16.53 -28.47 -34.65
N PHE H 240 -15.66 -29.48 -34.55
CA PHE H 240 -15.53 -30.28 -33.35
C PHE H 240 -14.22 -30.08 -32.62
N PHE H 241 -13.17 -29.65 -33.31
CA PHE H 241 -11.82 -29.73 -32.76
C PHE H 241 -11.15 -28.38 -32.59
N LYS H 242 -11.92 -27.29 -32.62
CA LYS H 242 -11.39 -26.04 -32.13
C LYS H 242 -11.51 -25.95 -30.63
N THR H 243 -12.56 -26.51 -30.06
CA THR H 243 -12.71 -26.56 -28.61
C THR H 243 -11.69 -27.53 -28.04
N PHE H 244 -11.59 -27.50 -26.71
CA PHE H 244 -10.72 -28.46 -26.02
C PHE H 244 -11.61 -29.46 -25.31
N THR H 245 -11.05 -30.57 -24.88
CA THR H 245 -11.88 -31.45 -24.05
C THR H 245 -12.34 -30.62 -22.85
N GLN H 246 -11.44 -29.76 -22.39
CA GLN H 246 -11.78 -28.98 -21.16
C GLN H 246 -13.00 -28.09 -21.41
N THR H 247 -13.24 -27.77 -22.66
CA THR H 247 -14.33 -26.84 -22.98
C THR H 247 -15.65 -27.51 -22.59
N GLY H 248 -16.24 -27.07 -21.50
CA GLY H 248 -17.51 -27.65 -21.08
C GLY H 248 -17.27 -28.69 -20.02
N CYS H 249 -16.03 -28.88 -19.67
CA CYS H 249 -15.74 -29.84 -18.58
C CYS H 249 -16.41 -29.30 -17.31
N THR H 250 -17.02 -30.18 -16.54
CA THR H 250 -17.68 -29.76 -15.29
C THR H 250 -16.63 -29.37 -14.25
N ARG H 251 -15.35 -29.58 -14.53
CA ARG H 251 -14.33 -29.32 -13.48
C ARG H 251 -13.48 -28.09 -13.79
N VAL H 252 -13.85 -27.34 -14.83
CA VAL H 252 -13.00 -26.19 -15.19
C VAL H 252 -12.95 -25.17 -14.05
N GLN H 253 -14.04 -25.02 -13.30
CA GLN H 253 -13.94 -24.03 -12.21
C GLN H 253 -12.88 -24.49 -11.21
N PHE H 254 -12.83 -25.79 -10.97
CA PHE H 254 -11.77 -26.30 -10.07
C PHE H 254 -10.41 -26.05 -10.74
N PHE H 255 -10.36 -26.26 -12.04
CA PHE H 255 -9.10 -26.01 -12.77
C PHE H 255 -8.73 -24.53 -12.57
N GLU H 256 -9.68 -23.66 -12.76
CA GLU H 256 -9.42 -22.20 -12.67
C GLU H 256 -8.79 -21.89 -11.32
N TYR H 257 -9.32 -22.49 -10.28
CA TYR H 257 -8.85 -22.25 -8.92
C TYR H 257 -7.83 -23.27 -8.49
N LYS H 258 -7.35 -24.08 -9.41
CA LYS H 258 -6.25 -25.00 -9.14
C LYS H 258 -6.58 -25.92 -7.98
N GLN H 259 -7.82 -26.39 -7.95
CA GLN H 259 -8.26 -27.35 -6.95
C GLN H 259 -8.23 -28.73 -7.58
N SER H 260 -7.41 -29.61 -7.03
CA SER H 260 -7.13 -30.87 -7.67
C SER H 260 -8.03 -31.95 -7.11
N THR H 261 -8.59 -32.75 -7.99
CA THR H 261 -9.09 -34.05 -7.55
C THR H 261 -7.91 -34.82 -6.97
N LEU H 262 -8.11 -35.39 -5.80
CA LEU H 262 -7.04 -36.08 -5.12
C LEU H 262 -7.09 -37.59 -5.28
N SER H 263 -8.27 -38.14 -5.52
CA SER H 263 -8.41 -39.58 -5.60
C SER H 263 -9.60 -39.92 -6.49
N PHE H 264 -9.61 -41.15 -6.95
CA PHE H 264 -10.70 -41.62 -7.79
C PHE H 264 -11.92 -41.94 -6.92
N GLY H 265 -12.97 -42.42 -7.57
CA GLY H 265 -14.21 -42.68 -6.85
C GLY H 265 -14.79 -41.40 -6.31
N GLU H 266 -15.17 -41.43 -5.02
CA GLU H 266 -15.77 -40.26 -4.40
C GLU H 266 -14.84 -39.05 -4.42
N GLY H 267 -13.53 -39.26 -4.51
CA GLY H 267 -12.62 -38.15 -4.64
C GLY H 267 -12.91 -37.28 -5.85
N THR H 268 -13.55 -37.84 -6.87
CA THR H 268 -13.88 -37.08 -8.06
C THR H 268 -15.17 -36.29 -7.91
N ARG H 269 -15.79 -36.29 -6.73
CA ARG H 269 -16.90 -35.38 -6.50
C ARG H 269 -16.45 -33.93 -6.46
N THR H 270 -15.15 -33.70 -6.49
CA THR H 270 -14.63 -32.34 -6.49
C THR H 270 -13.35 -32.31 -7.32
N GLY H 271 -12.91 -31.10 -7.63
CA GLY H 271 -11.58 -30.99 -8.20
C GLY H 271 -11.48 -31.22 -9.68
N CYS H 272 -10.34 -30.81 -10.20
CA CYS H 272 -10.04 -31.04 -11.61
C CYS H 272 -8.96 -32.14 -11.69
N LEU H 273 -8.98 -32.91 -12.75
CA LEU H 273 -8.08 -34.10 -12.81
C LEU H 273 -6.72 -33.73 -13.40
N PHE H 274 -6.51 -32.48 -13.68
CA PHE H 274 -5.29 -32.11 -14.42
C PHE H 274 -4.05 -32.33 -13.57
N TYR H 275 -4.18 -32.03 -12.31
CA TYR H 275 -2.95 -31.96 -11.49
C TYR H 275 -2.45 -33.31 -10.97
N GLU H 276 -3.36 -34.20 -10.67
CA GLU H 276 -2.95 -35.48 -10.10
C GLU H 276 -3.20 -36.66 -11.02
N PHE H 277 -4.07 -36.53 -12.01
CA PHE H 277 -4.42 -37.66 -12.86
C PHE H 277 -4.05 -37.45 -14.31
N GLY H 278 -3.25 -36.46 -14.60
CA GLY H 278 -2.74 -36.35 -15.98
C GLY H 278 -3.81 -36.01 -16.98
N CYS H 279 -4.88 -35.40 -16.50
CA CYS H 279 -5.92 -34.97 -17.47
C CYS H 279 -5.28 -34.15 -18.59
N ARG H 280 -5.49 -34.58 -19.82
CA ARG H 280 -4.97 -33.80 -20.98
C ARG H 280 -6.03 -32.86 -21.53
N GLY H 281 -7.13 -32.71 -20.80
CA GLY H 281 -8.22 -31.85 -21.27
C GLY H 281 -7.76 -30.53 -21.84
N PRO H 282 -6.94 -29.75 -21.14
CA PRO H 282 -6.55 -28.43 -21.59
C PRO H 282 -5.52 -28.47 -22.73
N MET H 283 -5.06 -29.65 -23.08
CA MET H 283 -4.08 -29.76 -24.18
C MET H 283 -4.69 -30.58 -25.31
N THR H 284 -5.99 -30.84 -25.23
CA THR H 284 -6.60 -31.76 -26.21
C THR H 284 -7.79 -31.11 -26.88
N HIS H 285 -7.74 -31.11 -28.20
CA HIS H 285 -8.84 -30.50 -28.95
C HIS H 285 -9.89 -31.56 -29.13
N SER H 286 -11.10 -31.23 -28.75
CA SER H 286 -12.21 -32.18 -28.83
C SER H 286 -13.45 -31.43 -28.38
N PRO H 287 -14.65 -31.91 -28.71
CA PRO H 287 -15.85 -31.33 -28.15
C PRO H 287 -16.41 -32.33 -27.12
N CYS H 288 -15.55 -33.08 -26.44
CA CYS H 288 -16.08 -34.15 -25.56
C CYS H 288 -16.97 -33.63 -24.45
N ASN H 289 -16.71 -32.39 -24.04
CA ASN H 289 -17.56 -31.80 -22.99
C ASN H 289 -18.57 -30.85 -23.58
N ARG H 290 -18.47 -30.61 -24.87
CA ARG H 290 -19.51 -29.84 -25.53
C ARG H 290 -20.60 -30.78 -26.03
N ILE H 291 -20.21 -31.78 -26.81
CA ILE H 291 -21.10 -32.82 -27.26
C ILE H 291 -20.80 -34.05 -26.41
N LEU H 292 -21.70 -34.33 -25.50
CA LEU H 292 -21.37 -35.37 -24.52
C LEU H 292 -21.39 -36.77 -25.13
N TRP H 293 -20.61 -37.62 -24.54
CA TRP H 293 -20.54 -39.02 -25.01
C TRP H 293 -21.84 -39.73 -24.62
N ASN H 294 -22.38 -40.51 -25.55
CA ASN H 294 -23.60 -41.30 -25.27
C ASN H 294 -24.69 -40.37 -24.79
N ARG H 295 -24.61 -39.09 -25.17
CA ARG H 295 -25.57 -38.10 -24.72
C ARG H 295 -25.64 -38.02 -23.20
N GLN H 296 -24.63 -38.49 -22.51
CA GLN H 296 -24.67 -38.54 -21.06
C GLN H 296 -23.54 -37.78 -20.40
N SER H 297 -22.31 -38.00 -20.81
CA SER H 297 -21.20 -37.64 -19.95
C SER H 297 -19.96 -37.48 -20.81
N SER H 298 -18.83 -37.45 -20.10
CA SER H 298 -17.53 -37.45 -20.78
C SER H 298 -16.59 -38.09 -19.77
N LYS H 299 -15.42 -38.47 -20.24
CA LYS H 299 -14.48 -39.01 -19.24
C LYS H 299 -14.31 -38.02 -18.10
N THR H 300 -14.02 -36.79 -18.45
CA THR H 300 -13.63 -35.83 -17.38
C THR H 300 -14.79 -35.59 -16.42
N ARG H 301 -15.96 -35.43 -16.97
CA ARG H 301 -17.12 -35.28 -16.07
C ARG H 301 -17.18 -36.47 -15.13
N ALA H 302 -17.02 -37.67 -15.67
CA ALA H 302 -17.16 -38.87 -14.86
C ALA H 302 -16.04 -39.04 -13.85
N GLY H 303 -14.97 -38.25 -13.96
CA GLY H 303 -13.82 -38.43 -13.09
C GLY H 303 -12.66 -39.12 -13.75
N MET H 304 -12.74 -39.41 -15.01
CA MET H 304 -11.60 -40.00 -15.69
C MET H 304 -10.82 -38.93 -16.42
N PRO H 305 -9.49 -38.90 -16.29
CA PRO H 305 -8.74 -37.93 -17.03
C PRO H 305 -8.88 -38.12 -18.54
N CYS H 306 -8.91 -37.00 -19.20
CA CYS H 306 -8.86 -37.09 -20.67
C CYS H 306 -7.46 -37.62 -21.00
N LEU H 307 -7.45 -38.62 -21.86
CA LEU H 307 -6.16 -39.21 -22.27
C LEU H 307 -5.67 -38.53 -23.54
N GLY H 308 -6.31 -37.44 -23.94
CA GLY H 308 -5.87 -36.71 -25.13
C GLY H 308 -6.01 -37.56 -26.37
N CYS H 309 -7.03 -38.39 -26.42
CA CYS H 309 -7.14 -39.35 -27.54
C CYS H 309 -7.43 -38.67 -28.88
N THR H 310 -7.82 -37.43 -28.92
CA THR H 310 -8.11 -36.85 -30.24
C THR H 310 -6.83 -36.25 -30.78
N GLU H 311 -5.81 -36.31 -29.96
CA GLU H 311 -4.52 -35.74 -30.37
C GLU H 311 -3.68 -36.81 -31.04
N PRO H 312 -2.85 -36.48 -32.06
CA PRO H 312 -2.16 -37.54 -32.84
C PRO H 312 -1.15 -38.33 -32.04
N GLU H 313 -0.64 -37.79 -30.94
CA GLU H 313 0.31 -38.52 -30.13
C GLU H 313 -0.32 -39.62 -29.30
N PHE H 314 -1.64 -39.70 -29.27
CA PHE H 314 -2.29 -40.67 -28.41
C PHE H 314 -1.87 -42.09 -28.82
N PRO H 315 -1.58 -42.97 -27.85
CA PRO H 315 -1.53 -42.68 -26.41
C PRO H 315 -0.29 -41.91 -26.06
N HIS H 316 -0.46 -40.85 -25.29
CA HIS H 316 0.66 -39.97 -25.02
C HIS H 316 1.69 -40.69 -24.19
N PHE H 317 2.96 -40.37 -24.46
CA PHE H 317 4.09 -40.99 -23.79
C PHE H 317 4.10 -42.49 -23.94
N ASP H 318 3.33 -43.02 -24.89
CA ASP H 318 3.22 -44.44 -25.13
C ASP H 318 2.90 -45.20 -23.86
N LEU H 319 2.14 -44.57 -22.96
CA LEU H 319 1.75 -45.23 -21.71
C LEU H 319 2.96 -45.77 -20.97
N ALA H 320 4.07 -45.05 -21.05
CA ALA H 320 5.27 -45.46 -20.35
C ALA H 320 5.00 -45.46 -18.85
N PRO H 321 5.77 -46.24 -18.10
CA PRO H 321 5.53 -46.33 -16.65
C PRO H 321 5.52 -44.96 -16.00
N GLY H 322 4.56 -44.75 -15.11
CA GLY H 322 4.41 -43.51 -14.40
C GLY H 322 3.61 -42.44 -15.12
N THR H 323 3.14 -42.71 -16.33
CA THR H 323 2.41 -41.71 -17.10
C THR H 323 0.93 -41.97 -17.20
N VAL H 324 0.43 -43.06 -16.62
CA VAL H 324 -0.97 -43.46 -16.77
C VAL H 324 -1.74 -42.94 -15.57
N PHE H 325 -2.72 -42.07 -15.82
CA PHE H 325 -3.53 -41.47 -14.78
C PHE H 325 -2.65 -40.75 -13.75
N LYS H 326 -1.57 -40.16 -14.22
CA LYS H 326 -0.67 -39.39 -13.38
C LYS H 326 -0.25 -38.14 -14.14
N THR H 327 -0.07 -37.05 -13.42
CA THR H 327 0.47 -35.83 -13.99
C THR H 327 1.98 -35.83 -13.77
N GLN H 328 2.75 -35.91 -14.84
CA GLN H 328 4.18 -35.76 -14.70
C GLN H 328 4.50 -34.33 -14.29
N LYS H 329 5.30 -34.20 -13.24
CA LYS H 329 5.58 -32.90 -12.66
C LYS H 329 7.09 -32.71 -12.53
N VAL H 330 7.49 -31.46 -12.64
CA VAL H 330 8.87 -31.04 -12.39
C VAL H 330 8.94 -30.53 -10.97
N SER H 331 9.90 -31.05 -10.19
CA SER H 331 10.09 -30.67 -8.80
C SER H 331 8.85 -30.94 -7.96
N GLY H 332 7.99 -31.86 -8.41
CA GLY H 332 6.83 -32.27 -7.67
C GLY H 332 5.69 -31.28 -7.64
N MET H 333 5.83 -30.12 -8.27
CA MET H 333 4.80 -29.10 -8.17
C MET H 333 4.38 -28.58 -9.54
N ILE H 334 5.32 -28.51 -10.47
CA ILE H 334 5.09 -27.89 -11.77
C ILE H 334 4.74 -28.97 -12.77
N PRO H 335 3.55 -28.94 -13.37
CA PRO H 335 3.26 -29.92 -14.42
C PRO H 335 4.25 -29.78 -15.56
N LYS H 336 4.70 -30.93 -16.09
CA LYS H 336 5.59 -30.89 -17.24
C LYS H 336 4.91 -30.25 -18.44
N GLU H 337 3.65 -30.58 -18.66
CA GLU H 337 2.85 -30.00 -19.73
C GLU H 337 1.82 -29.07 -19.13
N VAL H 338 1.78 -27.85 -19.62
CA VAL H 338 0.81 -26.86 -19.17
C VAL H 338 -0.28 -26.79 -20.23
N PRO H 339 -1.40 -26.12 -19.97
CA PRO H 339 -2.45 -26.04 -20.98
C PRO H 339 -1.95 -25.43 -22.28
N GLU H 340 -2.64 -25.76 -23.36
CA GLU H 340 -2.27 -25.28 -24.67
C GLU H 340 -2.17 -23.76 -24.69
N GLY H 341 -1.11 -23.26 -25.31
CA GLY H 341 -0.96 -21.84 -25.48
C GLY H 341 -0.47 -21.09 -24.26
N THR H 342 -0.26 -21.79 -23.15
CA THR H 342 0.29 -21.18 -21.95
C THR H 342 1.77 -21.53 -21.82
N ASP H 343 2.39 -20.77 -20.91
CA ASP H 343 3.82 -20.97 -20.58
C ASP H 343 3.98 -21.30 -19.10
N HIS H 344 4.93 -22.14 -18.75
CA HIS H 344 5.04 -22.58 -17.38
C HIS H 344 5.10 -21.41 -16.41
N LEU H 345 5.72 -20.30 -16.76
CA LEU H 345 5.85 -19.21 -15.76
C LEU H 345 4.55 -18.46 -15.58
N THR H 346 3.89 -18.11 -16.67
CA THR H 346 2.61 -17.45 -16.45
C THR H 346 1.58 -18.44 -15.91
N TYR H 347 1.62 -19.68 -16.36
CA TYR H 347 0.66 -20.63 -15.80
C TYR H 347 0.87 -20.72 -14.31
N MET H 348 2.09 -20.99 -13.89
CA MET H 348 2.34 -21.20 -12.48
C MET H 348 2.04 -19.96 -11.66
N GLY H 349 2.37 -18.78 -12.18
CA GLY H 349 2.02 -17.56 -11.47
C GLY H 349 0.52 -17.41 -11.30
N LEU H 350 -0.22 -17.61 -12.38
CA LEU H 350 -1.67 -17.55 -12.31
C LEU H 350 -2.20 -18.65 -11.41
N ALA H 351 -1.56 -19.81 -11.41
CA ALA H 351 -2.01 -20.91 -10.57
C ALA H 351 -1.85 -20.56 -9.09
N ALA H 352 -0.73 -19.95 -8.73
CA ALA H 352 -0.55 -19.51 -7.35
C ALA H 352 -1.60 -18.47 -6.98
N ALA H 353 -1.81 -17.50 -7.87
CA ALA H 353 -2.82 -16.48 -7.60
C ALA H 353 -4.20 -17.09 -7.44
N ALA H 354 -4.54 -18.05 -8.30
CA ALA H 354 -5.85 -18.70 -8.22
C ALA H 354 -5.98 -19.51 -6.95
N ARG H 355 -4.93 -20.23 -6.55
CA ARG H 355 -4.96 -20.96 -5.30
C ARG H 355 -5.24 -20.02 -4.14
N ILE H 356 -4.56 -18.88 -4.09
CA ILE H 356 -4.72 -17.98 -2.90
C ILE H 356 -6.13 -17.39 -2.88
N ALA H 357 -6.70 -17.12 -4.05
CA ALA H 357 -8.01 -16.45 -4.13
C ALA H 357 -9.13 -17.48 -4.24
N ALA H 358 -8.80 -18.75 -4.06
CA ALA H 358 -9.82 -19.79 -4.30
C ALA H 358 -11.02 -19.62 -3.39
N PRO H 359 -12.25 -19.74 -3.92
CA PRO H 359 -13.42 -19.70 -3.09
C PRO H 359 -13.52 -21.02 -2.30
N GLN H 360 -14.36 -21.05 -1.28
CA GLN H 360 -14.50 -22.23 -0.45
C GLN H 360 -15.18 -23.37 -1.20
N TRP H 361 -16.19 -23.06 -2.01
CA TRP H 361 -16.89 -24.12 -2.72
C TRP H 361 -15.97 -24.88 -3.67
N SER H 362 -14.95 -24.21 -4.20
CA SER H 362 -14.02 -24.89 -5.10
C SER H 362 -13.17 -25.92 -4.37
N LYS H 363 -13.23 -25.88 -3.07
CA LYS H 363 -12.44 -26.78 -2.21
C LYS H 363 -13.36 -27.80 -1.56
N GLU H 364 -14.57 -27.99 -2.07
CA GLU H 364 -15.51 -28.95 -1.51
C GLU H 364 -16.14 -29.77 -2.62
N ASP H 365 -16.77 -30.87 -2.21
CA ASP H 365 -17.51 -31.69 -3.15
C ASP H 365 -18.58 -30.86 -3.85
N MET H 366 -18.70 -31.06 -5.14
CA MET H 366 -19.75 -30.40 -5.89
C MET H 366 -20.63 -31.37 -6.64
N PHE H 367 -20.05 -32.48 -7.12
CA PHE H 367 -20.84 -33.53 -7.77
C PHE H 367 -21.31 -34.50 -6.71
N VAL H 368 -22.21 -34.00 -5.89
CA VAL H 368 -22.70 -34.69 -4.72
C VAL H 368 -23.84 -35.61 -5.12
N VAL H 369 -24.10 -36.59 -4.27
CA VAL H 369 -25.17 -37.53 -4.52
C VAL H 369 -26.49 -36.78 -4.68
N LEU I 1 0.53 77.14 39.91
CA LEU I 1 0.87 76.79 38.53
C LEU I 1 0.59 75.33 38.25
N ASP I 2 -0.36 75.06 37.35
CA ASP I 2 -0.60 73.69 36.91
C ASP I 2 0.43 73.33 35.84
N LEU I 3 1.28 72.36 36.13
CA LEU I 3 2.32 71.93 35.21
C LEU I 3 2.04 70.48 34.82
N PHE I 4 1.92 70.25 33.52
CA PHE I 4 1.72 68.90 32.98
C PHE I 4 3.00 68.50 32.26
N VAL I 5 3.70 67.52 32.81
CA VAL I 5 4.94 67.03 32.25
C VAL I 5 4.65 65.75 31.48
N SER I 6 4.90 65.79 30.19
CA SER I 6 4.65 64.67 29.30
C SER I 6 5.66 64.72 28.16
N PRO I 7 6.45 63.67 27.97
CA PRO I 7 6.53 62.51 28.84
C PRO I 7 7.49 62.74 29.99
N LEU I 8 7.31 61.99 31.07
CA LEU I 8 8.34 61.86 32.09
C LEU I 8 8.99 60.52 31.83
N GLY I 9 10.03 60.51 31.02
CA GLY I 9 10.66 59.28 30.59
C GLY I 9 11.55 58.68 31.65
N ARG I 10 12.29 57.66 31.24
CA ARG I 10 13.15 56.90 32.13
C ARG I 10 12.37 56.37 33.32
N VAL I 11 11.14 55.93 33.05
CA VAL I 11 10.33 55.21 34.02
C VAL I 11 9.78 53.96 33.37
N GLU I 12 10.50 53.43 32.38
CA GLU I 12 10.15 52.17 31.72
C GLU I 12 8.69 52.17 31.31
N GLY I 13 8.31 53.17 30.54
CA GLY I 13 6.97 53.22 30.03
C GLY I 13 6.47 54.64 29.97
N ASP I 14 5.17 54.77 29.85
CA ASP I 14 4.53 56.02 29.48
C ASP I 14 3.94 56.64 30.74
N LEU I 15 4.53 57.74 31.17
CA LEU I 15 4.10 58.43 32.38
C LEU I 15 3.96 59.90 32.06
N ASP I 16 2.84 60.48 32.47
CA ASP I 16 2.69 61.91 32.53
C ASP I 16 2.48 62.28 33.98
N VAL I 17 2.98 63.45 34.37
CA VAL I 17 2.83 63.89 35.75
C VAL I 17 2.22 65.29 35.72
N ARG I 18 1.06 65.43 36.34
CA ARG I 18 0.46 66.74 36.54
C ARG I 18 0.74 67.17 37.96
N VAL I 19 1.18 68.40 38.15
CA VAL I 19 1.45 68.91 39.47
C VAL I 19 0.86 70.29 39.61
N THR I 20 0.32 70.57 40.78
CA THR I 20 0.02 71.93 41.18
C THR I 20 1.22 72.46 41.95
N ILE I 21 1.74 73.60 41.53
CA ILE I 21 2.91 74.20 42.14
C ILE I 21 2.48 75.52 42.77
N ASN I 22 2.82 75.71 44.04
CA ASN I 22 2.63 76.97 44.72
C ASN I 22 3.94 77.36 45.40
N ASP I 23 4.42 78.57 45.11
CA ASP I 23 5.67 79.09 45.66
C ASP I 23 6.83 78.13 45.39
N GLY I 24 6.86 77.57 44.18
CA GLY I 24 7.96 76.70 43.81
C GLY I 24 7.95 75.33 44.44
N VAL I 25 6.81 74.91 45.02
CA VAL I 25 6.69 73.63 45.69
C VAL I 25 5.46 72.93 45.13
N VAL I 26 5.60 71.64 44.81
CA VAL I 26 4.45 70.85 44.41
C VAL I 26 3.50 70.71 45.59
N THR I 27 2.25 71.12 45.40
CA THR I 27 1.22 71.01 46.42
C THR I 27 0.24 69.87 46.17
N SER I 28 0.06 69.48 44.92
CA SER I 28 -0.70 68.28 44.61
C SER I 28 -0.10 67.66 43.37
N ALA I 29 -0.28 66.35 43.23
CA ALA I 29 0.28 65.65 42.10
C ALA I 29 -0.68 64.57 41.65
N TRP I 30 -0.69 64.36 40.34
CA TRP I 30 -1.39 63.27 39.70
C TRP I 30 -0.38 62.53 38.82
N THR I 31 -0.29 61.23 39.01
CA THR I 31 0.49 60.39 38.12
C THR I 31 -0.48 59.77 37.12
N GLU I 32 -0.17 59.89 35.84
CA GLU I 32 -1.02 59.39 34.77
C GLU I 32 -0.22 58.33 34.02
N ALA I 33 -0.51 57.07 34.31
CA ALA I 33 -0.03 55.99 33.47
C ALA I 33 -0.81 56.01 32.17
N ALA I 34 -0.10 56.13 31.04
CA ALA I 34 -0.75 56.51 29.79
C ALA I 34 -0.84 55.39 28.77
N MET I 35 -0.30 54.21 29.04
CA MET I 35 -0.27 53.15 28.05
C MET I 35 -0.82 51.86 28.66
N PHE I 36 -1.75 51.24 27.95
CA PHE I 36 -2.46 50.05 28.43
C PHE I 36 -2.32 48.94 27.41
N ARG I 37 -1.95 47.75 27.88
CA ARG I 37 -1.90 46.57 27.04
C ARG I 37 -2.91 45.51 27.43
N GLY I 38 -3.33 45.46 28.69
CA GLY I 38 -4.38 44.56 29.10
C GLY I 38 -4.01 43.11 29.14
N PHE I 39 -2.83 42.78 29.69
CA PHE I 39 -2.40 41.38 29.72
C PHE I 39 -3.31 40.55 30.59
N GLU I 40 -3.89 41.13 31.63
CA GLU I 40 -4.84 40.37 32.45
C GLU I 40 -6.05 39.97 31.65
N ILE I 41 -6.52 40.86 30.77
CA ILE I 41 -7.61 40.51 29.87
C ILE I 41 -7.19 39.39 28.93
N ILE I 42 -5.98 39.50 28.37
CA ILE I 42 -5.52 38.51 27.41
C ILE I 42 -5.40 37.14 28.07
N LEU I 43 -4.91 37.10 29.31
CA LEU I 43 -4.65 35.82 29.97
C LEU I 43 -5.93 35.04 30.25
N ARG I 44 -7.06 35.71 30.34
CA ARG I 44 -8.30 35.02 30.64
C ARG I 44 -8.59 33.98 29.56
N GLY I 45 -8.90 32.76 30.00
CA GLY I 45 -9.21 31.69 29.09
C GLY I 45 -8.01 31.01 28.46
N LYS I 46 -6.80 31.51 28.72
CA LYS I 46 -5.61 30.90 28.15
C LYS I 46 -5.17 29.70 28.97
N ASP I 47 -4.15 29.03 28.49
CA ASP I 47 -3.60 27.89 29.20
C ASP I 47 -3.19 28.32 30.61
N PRO I 48 -3.38 27.47 31.61
CA PRO I 48 -3.04 27.88 32.99
C PRO I 48 -1.61 28.34 33.14
N GLN I 49 -0.70 27.84 32.31
CA GLN I 49 0.69 28.27 32.36
C GLN I 49 0.98 29.42 31.41
N ALA I 50 -0.04 29.97 30.75
CA ALA I 50 0.20 31.08 29.84
C ALA I 50 0.83 32.26 30.57
N GLY I 51 0.59 32.37 31.87
CA GLY I 51 1.21 33.45 32.62
C GLY I 51 2.72 33.40 32.55
N LEU I 52 3.30 32.20 32.53
CA LEU I 52 4.74 32.08 32.46
C LEU I 52 5.31 32.69 31.19
N ILE I 53 4.50 32.76 30.14
CA ILE I 53 4.93 33.39 28.90
C ILE I 53 4.54 34.85 28.85
N VAL I 54 3.33 35.16 29.30
CA VAL I 54 2.77 36.49 29.13
C VAL I 54 3.33 37.46 30.18
N CYS I 55 3.28 37.05 31.44
CA CYS I 55 3.67 37.94 32.53
C CYS I 55 5.09 38.47 32.40
N PRO I 56 6.11 37.70 31.96
CA PRO I 56 7.42 38.30 31.80
C PRO I 56 7.29 39.47 30.81
N ARG I 57 6.39 39.34 29.84
CA ARG I 57 6.25 40.41 28.82
C ARG I 57 5.55 41.63 29.39
N ILE I 58 5.17 41.58 30.65
CA ILE I 58 4.63 42.81 31.25
C ILE I 58 5.81 43.79 31.26
N CYS I 59 7.02 43.26 31.39
CA CYS I 59 8.12 44.19 31.58
C CYS I 59 9.49 43.62 31.23
N GLY I 60 10.23 44.43 30.54
CA GLY I 60 11.51 43.94 30.07
C GLY I 60 12.53 43.86 31.15
N ILE I 61 12.49 44.84 32.03
CA ILE I 61 13.56 44.91 33.05
C ILE I 61 13.18 44.00 34.21
N CYS I 62 11.89 43.78 34.43
CA CYS I 62 11.59 42.93 35.61
C CYS I 62 10.73 41.74 35.20
N GLY I 63 10.80 41.36 33.93
CA GLY I 63 10.04 40.18 33.52
C GLY I 63 10.47 38.94 34.27
N GLY I 64 11.76 38.81 34.58
CA GLY I 64 12.16 37.66 35.37
C GLY I 64 11.45 37.59 36.70
N SER I 65 11.21 38.76 37.28
CA SER I 65 10.43 38.80 38.54
C SER I 65 9.01 38.34 38.26
N HIS I 66 8.45 38.83 37.16
CA HIS I 66 7.09 38.38 36.80
C HIS I 66 7.08 36.87 36.67
N LEU I 67 8.10 36.36 36.02
CA LEU I 67 8.15 34.91 35.80
C LEU I 67 8.19 34.22 37.16
N TYR I 68 9.07 34.69 38.03
CA TYR I 68 9.20 34.11 39.36
C TYR I 68 7.86 34.03 40.08
N LYS I 69 7.15 35.15 40.14
CA LYS I 69 5.90 35.15 40.88
C LYS I 69 4.80 34.40 40.13
N SER I 70 4.80 34.42 38.80
CA SER I 70 3.81 33.64 38.07
C SER I 70 4.03 32.15 38.28
N ALA I 71 5.30 31.73 38.27
CA ALA I 71 5.62 30.34 38.55
C ALA I 71 5.14 29.97 39.93
N TYR I 72 5.39 30.83 40.92
CA TYR I 72 4.94 30.50 42.27
C TYR I 72 3.43 30.56 42.40
N ALA I 73 2.77 31.42 41.62
CA ALA I 73 1.32 31.41 41.59
C ALA I 73 0.81 30.05 41.14
N LEU I 74 1.44 29.50 40.10
CA LEU I 74 1.07 28.16 39.65
C LEU I 74 1.44 27.11 40.68
N ASP I 75 2.60 27.26 41.31
CA ASP I 75 3.05 26.29 42.31
C ASP I 75 2.07 26.21 43.46
N THR I 76 1.57 27.35 43.91
CA THR I 76 0.57 27.36 44.97
C THR I 76 -0.78 26.88 44.45
N ALA I 77 -1.18 27.32 43.26
CA ALA I 77 -2.45 26.91 42.70
C ALA I 77 -2.50 25.40 42.51
N TRP I 78 -1.40 24.81 42.09
CA TRP I 78 -1.33 23.39 41.79
C TRP I 78 -0.70 22.60 42.92
N ARG I 79 -0.42 23.23 44.05
CA ARG I 79 0.12 22.54 45.23
C ARG I 79 1.34 21.71 44.84
N THR I 80 2.23 22.34 44.10
CA THR I 80 3.37 21.62 43.55
C THR I 80 4.42 21.37 44.63
N HIS I 81 5.40 20.55 44.27
CA HIS I 81 6.61 20.38 45.05
C HIS I 81 7.74 21.12 44.37
N MET I 82 8.47 21.92 45.14
CA MET I 82 9.61 22.65 44.63
C MET I 82 10.88 22.03 45.17
N PRO I 83 11.67 21.34 44.35
CA PRO I 83 12.96 20.86 44.82
C PRO I 83 13.81 22.02 45.26
N PRO I 84 14.62 21.84 46.30
CA PRO I 84 15.45 22.95 46.78
C PRO I 84 16.30 23.59 45.70
N ASN I 85 16.85 22.80 44.78
CA ASN I 85 17.64 23.38 43.70
C ASN I 85 16.80 24.33 42.85
N ALA I 86 15.56 23.96 42.59
CA ALA I 86 14.70 24.84 41.83
C ALA I 86 14.46 26.14 42.56
N THR I 87 14.20 26.07 43.87
CA THR I 87 14.04 27.28 44.66
C THR I 87 15.30 28.12 44.60
N LEU I 88 16.46 27.48 44.70
CA LEU I 88 17.72 28.21 44.62
C LEU I 88 17.88 28.90 43.28
N ILE I 89 17.59 28.19 42.20
CA ILE I 89 17.73 28.76 40.87
C ILE I 89 16.78 29.94 40.70
N ARG I 90 15.54 29.77 41.18
CA ARG I 90 14.58 30.86 41.11
C ARG I 90 15.08 32.07 41.90
N ASN I 91 15.57 31.83 43.11
CA ASN I 91 16.13 32.91 43.92
C ASN I 91 17.28 33.58 43.20
N ILE I 92 18.19 32.77 42.67
CA ILE I 92 19.37 33.30 42.01
C ILE I 92 18.96 34.18 40.84
N CYS I 93 18.02 33.69 40.04
CA CYS I 93 17.65 34.42 38.84
C CYS I 93 16.87 35.69 39.19
N GLN I 94 15.98 35.61 40.17
CA GLN I 94 15.28 36.81 40.61
C GLN I 94 16.27 37.85 41.11
N ALA I 95 17.20 37.42 41.95
CA ALA I 95 18.16 38.35 42.51
C ALA I 95 19.11 38.86 41.45
N CYS I 96 19.48 38.02 40.48
CA CYS I 96 20.36 38.47 39.40
C CYS I 96 19.66 39.50 38.54
N GLU I 97 18.38 39.31 38.25
CA GLU I 97 17.65 40.34 37.54
C GLU I 97 17.67 41.64 38.32
N THR I 98 17.46 41.55 39.64
CA THR I 98 17.49 42.75 40.45
C THR I 98 18.88 43.39 40.45
N LEU I 99 19.92 42.56 40.51
CA LEU I 99 21.29 43.07 40.48
C LEU I 99 21.61 43.74 39.15
N GLN I 100 21.00 43.26 38.07
CA GLN I 100 21.11 43.96 36.81
C GLN I 100 20.37 45.28 36.87
N SER I 101 19.17 45.25 37.46
CA SER I 101 18.31 46.44 37.49
C SER I 101 18.96 47.57 38.26
N ILE I 102 19.63 47.25 39.36
CA ILE I 102 20.15 48.25 40.29
C ILE I 102 21.08 49.22 39.56
N PRO I 103 22.20 48.77 38.96
CA PRO I 103 23.04 49.74 38.23
C PRO I 103 22.40 50.24 36.96
N ARG I 104 21.71 49.37 36.21
CA ARG I 104 21.12 49.82 34.96
C ARG I 104 20.16 50.96 35.23
N TYR I 105 19.28 50.79 36.21
CA TYR I 105 18.37 51.87 36.56
C TYR I 105 19.14 53.06 37.10
N PHE I 106 20.09 52.82 38.00
CA PHE I 106 20.74 53.94 38.68
C PHE I 106 21.44 54.86 37.69
N TYR I 107 22.24 54.29 36.81
CA TYR I 107 23.00 55.11 35.88
C TYR I 107 22.14 55.55 34.71
N ALA I 108 21.45 54.61 34.06
CA ALA I 108 20.76 54.94 32.82
C ALA I 108 19.49 55.72 33.06
N LEU I 109 18.80 55.45 34.16
CA LEU I 109 17.47 56.02 34.37
C LEU I 109 17.48 57.15 35.37
N PHE I 110 18.28 57.04 36.44
CA PHE I 110 18.19 57.98 37.54
C PHE I 110 19.32 58.99 37.56
N ALA I 111 20.57 58.52 37.58
CA ALA I 111 21.68 59.39 37.93
C ALA I 111 21.98 60.45 36.89
N ILE I 112 21.53 60.27 35.64
CA ILE I 112 21.84 61.29 34.65
C ILE I 112 21.15 62.61 35.01
N ASP I 113 20.01 62.53 35.70
CA ASP I 113 19.35 63.74 36.18
C ASP I 113 20.20 64.49 37.20
N LEU I 114 21.16 63.83 37.82
CA LEU I 114 22.08 64.51 38.70
C LEU I 114 22.94 65.53 37.96
N THR I 115 22.99 65.43 36.64
CA THR I 115 23.71 66.40 35.82
C THR I 115 22.86 67.59 35.44
N ASN I 116 21.64 67.68 35.97
CA ASN I 116 20.74 68.77 35.63
C ASN I 116 21.38 70.11 35.98
N LYS I 117 21.08 71.12 35.16
CA LYS I 117 21.63 72.44 35.35
C LYS I 117 21.20 73.08 36.67
N ASN I 118 20.14 72.56 37.28
CA ASN I 118 19.72 73.05 38.59
C ASN I 118 20.81 72.87 39.63
N TYR I 119 21.73 71.96 39.40
CA TYR I 119 22.81 71.67 40.34
C TYR I 119 24.13 72.29 39.93
N ALA I 120 24.13 73.16 38.92
CA ALA I 120 25.38 73.72 38.41
C ALA I 120 26.15 74.47 39.49
N LYS I 121 25.44 75.01 40.49
CA LYS I 121 26.11 75.73 41.57
C LYS I 121 26.75 74.81 42.59
N SER I 122 26.39 73.52 42.59
CA SER I 122 27.00 72.60 43.54
C SER I 122 28.48 72.45 43.26
N LYS I 123 29.28 72.38 44.33
CA LYS I 123 30.71 72.14 44.15
C LYS I 123 30.99 70.77 43.56
N LEU I 124 30.05 69.83 43.69
CA LEU I 124 30.21 68.49 43.14
C LEU I 124 29.64 68.36 41.74
N TYR I 125 29.13 69.44 41.17
CA TYR I 125 28.41 69.35 39.90
C TYR I 125 29.31 68.87 38.77
N ASP I 126 30.53 69.42 38.69
CA ASP I 126 31.43 68.99 37.62
C ASP I 126 31.71 67.50 37.72
N GLU I 127 31.96 67.01 38.92
CA GLU I 127 32.18 65.57 39.10
C GLU I 127 30.91 64.79 38.77
N ALA I 128 29.74 65.30 39.17
CA ALA I 128 28.50 64.63 38.83
C ALA I 128 28.35 64.50 37.33
N VAL I 129 28.67 65.56 36.60
CA VAL I 129 28.58 65.53 35.15
C VAL I 129 29.59 64.55 34.58
N ARG I 130 30.82 64.58 35.09
CA ARG I 130 31.84 63.66 34.59
C ARG I 130 31.41 62.22 34.77
N ARG I 131 30.77 61.91 35.90
CA ARG I 131 30.44 60.54 36.24
C ARG I 131 29.15 60.07 35.58
N PHE I 132 28.11 60.89 35.62
CA PHE I 132 26.76 60.44 35.38
C PHE I 132 26.12 61.02 34.13
N ALA I 133 26.86 61.78 33.33
CA ALA I 133 26.28 62.28 32.10
C ALA I 133 25.84 61.10 31.24
N PRO I 134 24.70 61.20 30.56
CA PRO I 134 24.25 60.06 29.75
C PRO I 134 25.26 59.68 28.70
N TYR I 135 25.55 58.38 28.63
CA TYR I 135 26.32 57.72 27.57
C TYR I 135 27.82 58.02 27.60
N VAL I 136 28.24 59.04 28.35
CA VAL I 136 29.65 59.41 28.32
C VAL I 136 30.15 59.51 29.75
N GLY I 137 29.24 59.49 30.71
CA GLY I 137 29.64 59.57 32.09
C GLY I 137 30.60 58.45 32.44
N THR I 138 31.65 58.80 33.17
CA THR I 138 32.67 57.82 33.53
C THR I 138 32.15 56.77 34.50
N SER I 139 31.07 57.08 35.22
CA SER I 139 30.39 56.05 35.98
C SER I 139 29.25 55.43 35.19
N TYR I 140 28.63 56.24 34.32
CA TYR I 140 27.52 55.76 33.51
C TYR I 140 27.94 54.58 32.65
N GLN I 141 29.02 54.75 31.88
CA GLN I 141 29.38 53.71 30.91
C GLN I 141 29.67 52.38 31.58
N PRO I 142 30.63 52.27 32.51
CA PRO I 142 30.85 50.96 33.12
C PRO I 142 29.65 50.44 33.89
N GLY I 143 28.91 51.32 34.58
CA GLY I 143 27.75 50.85 35.32
C GLY I 143 26.72 50.21 34.40
N VAL I 144 26.38 50.90 33.32
CA VAL I 144 25.38 50.38 32.40
C VAL I 144 25.91 49.13 31.71
N VAL I 145 27.16 49.16 31.26
CA VAL I 145 27.73 48.02 30.53
C VAL I 145 27.75 46.79 31.43
N LEU I 146 28.23 46.95 32.65
CA LEU I 146 28.34 45.80 33.55
C LEU I 146 26.99 45.36 34.09
N SER I 147 25.96 46.20 33.97
CA SER I 147 24.63 45.77 34.40
C SER I 147 24.15 44.53 33.66
N ALA I 148 24.72 44.24 32.48
CA ALA I 148 24.31 43.06 31.74
C ALA I 148 24.86 41.76 32.33
N LYS I 149 25.86 41.82 33.21
CA LYS I 149 26.46 40.59 33.71
C LYS I 149 25.50 39.75 34.57
N PRO I 150 24.83 40.30 35.58
CA PRO I 150 23.96 39.44 36.40
C PRO I 150 22.91 38.72 35.57
N VAL I 151 22.41 39.37 34.52
CA VAL I 151 21.44 38.66 33.70
C VAL I 151 22.10 37.68 32.75
N GLU I 152 23.43 37.76 32.58
CA GLU I 152 24.14 36.63 31.99
C GLU I 152 23.98 35.41 32.88
N VAL I 153 24.07 35.61 34.20
CA VAL I 153 23.81 34.48 35.09
C VAL I 153 22.38 33.97 34.90
N TYR I 154 21.45 34.92 34.86
CA TYR I 154 20.06 34.56 34.59
C TYR I 154 19.96 33.71 33.33
N ALA I 155 20.65 34.12 32.27
CA ALA I 155 20.57 33.39 31.00
C ALA I 155 21.21 32.02 31.11
N ILE I 156 22.28 31.90 31.90
CA ILE I 156 22.89 30.60 32.11
C ILE I 156 21.86 29.62 32.61
N PHE I 157 21.03 30.06 33.55
CA PHE I 157 20.04 29.13 34.09
C PHE I 157 18.72 29.12 33.31
N GLY I 158 18.41 30.18 32.59
CA GLY I 158 17.09 30.31 32.01
C GLY I 158 17.14 30.36 30.50
N GLY I 159 18.33 30.34 29.95
CA GLY I 159 18.43 30.31 28.50
C GLY I 159 18.66 31.71 27.97
N GLN I 160 17.95 32.65 28.55
CA GLN I 160 18.12 34.01 28.08
C GLN I 160 17.54 35.00 29.06
N TRP I 161 17.96 36.21 28.85
CA TRP I 161 17.36 37.28 29.62
C TRP I 161 17.36 38.53 28.70
N PRO I 162 16.26 39.32 28.56
CA PRO I 162 14.93 38.99 29.08
C PRO I 162 14.20 37.93 28.28
N SER I 164 12.83 34.66 29.25
CA SER I 164 12.77 33.22 29.43
C SER I 164 11.47 32.96 30.19
N SER I 165 10.97 31.76 30.15
CA SER I 165 9.81 31.29 30.96
C SER I 165 10.22 30.02 31.70
N PHE I 166 11.50 29.88 32.03
CA PHE I 166 12.02 28.61 32.49
C PHE I 166 11.60 28.28 33.92
N MET I 167 10.96 29.19 34.62
CA MET I 167 10.43 28.89 35.94
C MET I 167 9.02 28.35 35.77
N VAL I 168 8.83 27.08 36.09
CA VAL I 168 7.57 26.39 35.83
C VAL I 168 7.09 25.78 37.13
N PRO I 169 5.78 25.53 37.26
CA PRO I 169 5.29 24.80 38.43
C PRO I 169 6.06 23.51 38.60
N GLY I 170 6.53 23.28 39.82
CA GLY I 170 7.35 22.14 40.10
C GLY I 170 8.84 22.36 39.98
N GLY I 171 9.26 23.54 39.53
CA GLY I 171 10.67 23.83 39.57
C GLY I 171 11.14 24.77 38.49
N VAL I 172 12.19 24.36 37.79
CA VAL I 172 12.69 25.10 36.65
C VAL I 172 12.89 24.13 35.50
N MET I 173 12.82 24.65 34.29
CA MET I 173 13.02 23.79 33.12
C MET I 173 14.46 23.32 33.01
N SER I 174 15.39 24.11 33.50
CA SER I 174 16.79 23.88 33.21
C SER I 174 17.40 22.88 34.17
N ALA I 175 18.57 22.39 33.79
CA ALA I 175 19.33 21.43 34.57
C ALA I 175 20.76 21.94 34.56
N PRO I 176 21.10 22.85 35.47
CA PRO I 176 22.43 23.45 35.47
C PRO I 176 23.50 22.38 35.51
N THR I 177 24.58 22.62 34.77
CA THR I 177 25.76 21.79 34.84
C THR I 177 26.79 22.45 35.75
N LEU I 178 27.88 21.72 35.99
CA LEU I 178 28.94 22.27 36.81
C LEU I 178 29.47 23.56 36.23
N SER I 179 29.75 23.56 34.92
CA SER I 179 30.28 24.76 34.28
C SER I 179 29.26 25.89 34.32
N ASP I 180 27.97 25.58 34.29
CA ASP I 180 26.96 26.62 34.47
C ASP I 180 27.17 27.34 35.79
N VAL I 181 27.30 26.58 36.87
CA VAL I 181 27.42 27.18 38.19
C VAL I 181 28.75 27.89 38.35
N THR I 182 29.83 27.27 37.89
CA THR I 182 31.13 27.92 38.02
C THR I 182 31.17 29.20 37.20
N ARG I 183 30.60 29.19 36.00
CA ARG I 183 30.56 30.40 35.20
C ARG I 183 29.66 31.45 35.83
N ALA I 184 28.53 31.04 36.40
CA ALA I 184 27.67 31.99 37.09
C ALA I 184 28.40 32.64 38.25
N ILE I 185 29.13 31.83 39.01
CA ILE I 185 29.93 32.37 40.11
C ILE I 185 30.98 33.33 39.58
N ALA I 186 31.66 32.95 38.50
CA ALA I 186 32.68 33.82 37.94
C ALA I 186 32.09 35.13 37.46
N ILE I 187 30.96 35.06 36.78
CA ILE I 187 30.31 36.27 36.29
C ILE I 187 29.92 37.16 37.46
N LEU I 188 29.33 36.55 38.48
CA LEU I 188 28.89 37.33 39.63
C LEU I 188 30.06 37.97 40.36
N GLU I 189 31.12 37.20 40.59
CA GLU I 189 32.30 37.75 41.24
C GLU I 189 32.94 38.85 40.41
N HIS I 190 32.99 38.67 39.10
CA HIS I 190 33.56 39.72 38.26
C HIS I 190 32.72 40.98 38.32
N TRP I 191 31.40 40.83 38.23
CA TRP I 191 30.52 41.99 38.32
C TRP I 191 30.64 42.67 39.67
N ASN I 192 30.68 41.87 40.73
CA ASN I 192 30.81 42.43 42.07
C ASN I 192 32.12 43.19 42.21
N ASP I 193 33.21 42.59 41.74
CA ASP I 193 34.51 43.25 41.88
C ASP I 193 34.58 44.50 41.03
N ASN I 194 34.06 44.45 39.80
CA ASN I 194 34.29 45.50 38.83
C ASN I 194 33.28 46.62 38.91
N TRP I 195 32.02 46.32 39.21
CA TRP I 195 31.08 47.41 39.40
C TRP I 195 30.74 47.61 40.88
N LEU I 196 30.24 46.58 41.55
CA LEU I 196 29.66 46.78 42.88
C LEU I 196 30.71 47.29 43.85
N GLU I 197 31.85 46.61 43.92
CA GLU I 197 32.86 46.99 44.90
C GLU I 197 33.78 48.07 44.40
N LYS I 198 34.30 47.93 43.17
CA LYS I 198 35.25 48.91 42.66
C LYS I 198 34.57 50.25 42.40
N GLN I 199 33.44 50.23 41.69
CA GLN I 199 32.84 51.47 41.25
C GLN I 199 31.78 51.97 42.20
N TRP I 200 30.82 51.11 42.57
CA TRP I 200 29.74 51.60 43.41
C TRP I 200 30.24 51.87 44.83
N LEU I 201 30.87 50.90 45.45
CA LEU I 201 31.21 51.01 46.87
C LEU I 201 32.59 51.60 47.11
N GLY I 202 33.56 51.29 46.26
CA GLY I 202 34.93 51.60 46.62
C GLY I 202 35.40 50.83 47.83
N CYS I 203 34.70 49.75 48.18
CA CYS I 203 35.06 48.90 49.30
C CYS I 203 34.41 47.55 49.06
N SER I 204 34.66 46.60 49.96
CA SER I 204 34.03 45.30 49.84
C SER I 204 32.56 45.38 50.18
N VAL I 205 31.80 44.41 49.67
CA VAL I 205 30.39 44.32 50.05
C VAL I 205 30.27 44.14 51.55
N ASP I 206 31.20 43.38 52.14
CA ASP I 206 31.16 43.16 53.59
C ASP I 206 31.30 44.47 54.34
N ARG I 207 32.22 45.33 53.90
CA ARG I 207 32.39 46.61 54.58
C ARG I 207 31.12 47.43 54.52
N TRP I 208 30.46 47.45 53.36
CA TRP I 208 29.21 48.20 53.25
C TRP I 208 28.15 47.64 54.15
N LEU I 209 28.01 46.31 54.18
CA LEU I 209 26.98 45.67 54.97
C LEU I 209 27.23 45.81 56.47
N GLU I 210 28.40 46.28 56.87
CA GLU I 210 28.65 46.61 58.27
C GLU I 210 27.95 47.89 58.68
N ASN I 211 27.47 48.69 57.74
CA ASN I 211 26.75 49.92 58.06
C ASN I 211 25.37 49.55 58.61
N LYS I 212 25.16 49.83 59.89
CA LYS I 212 23.91 49.52 60.56
C LYS I 212 23.08 50.74 60.92
N THR I 213 23.67 51.93 60.84
CA THR I 213 22.98 53.16 61.16
C THR I 213 23.28 54.19 60.08
N TRP I 214 22.47 55.25 60.07
CA TRP I 214 22.75 56.35 59.15
C TRP I 214 24.11 56.96 59.46
N ASN I 215 24.44 57.11 60.74
CA ASN I 215 25.76 57.59 61.13
C ASN I 215 26.85 56.65 60.64
N ASP I 216 26.56 55.34 60.64
CA ASP I 216 27.50 54.40 60.04
C ASP I 216 27.72 54.70 58.57
N VAL I 217 26.66 55.03 57.84
CA VAL I 217 26.80 55.33 56.42
C VAL I 217 27.63 56.59 56.22
N LEU I 218 27.37 57.63 57.02
CA LEU I 218 28.16 58.86 56.89
C LEU I 218 29.62 58.62 57.22
N ALA I 219 29.89 57.86 58.29
CA ALA I 219 31.26 57.50 58.62
C ALA I 219 31.89 56.68 57.51
N TRP I 220 31.11 55.81 56.88
CA TRP I 220 31.62 55.03 55.76
C TRP I 220 32.01 55.93 54.60
N VAL I 221 31.19 56.95 54.32
CA VAL I 221 31.52 57.89 53.25
C VAL I 221 32.84 58.57 53.55
N ASP I 222 33.03 58.99 54.79
CA ASP I 222 34.23 59.74 55.16
C ASP I 222 35.42 58.86 55.53
N GLU I 223 35.24 57.55 55.57
CA GLU I 223 36.25 56.67 56.15
C GLU I 223 37.55 56.72 55.38
N ASN I 224 37.49 56.69 54.06
CA ASN I 224 38.69 56.71 53.23
C ASN I 224 38.30 57.26 51.88
N GLU I 225 39.33 57.57 51.08
CA GLU I 225 39.09 58.18 49.79
C GLU I 225 38.39 57.24 48.83
N SER I 226 38.63 55.93 48.94
CA SER I 226 37.97 55.00 48.03
C SER I 226 36.46 55.04 48.21
N GLN I 227 36.01 54.98 49.46
CA GLN I 227 34.57 55.04 49.71
C GLN I 227 34.04 56.44 49.47
N TYR I 228 34.83 57.45 49.82
CA TYR I 228 34.43 58.83 49.61
C TYR I 228 34.15 59.11 48.14
N ASN I 229 35.02 58.64 47.26
CA ASN I 229 34.94 58.89 45.84
C ASN I 229 34.26 57.78 45.08
N SER I 230 33.77 56.77 45.77
CA SER I 230 32.96 55.76 45.12
C SER I 230 31.68 56.39 44.59
N ASP I 231 31.02 55.69 43.67
CA ASP I 231 29.74 56.18 43.21
C ASP I 231 28.76 56.30 44.35
N CYS I 232 28.82 55.37 45.31
CA CYS I 232 27.94 55.44 46.47
C CYS I 232 28.27 56.64 47.34
N GLY I 233 29.54 56.78 47.70
CA GLY I 233 29.93 57.91 48.52
C GLY I 233 29.67 59.23 47.83
N PHE I 234 30.01 59.32 46.54
CA PHE I 234 29.73 60.54 45.81
C PHE I 234 28.23 60.79 45.75
N PHE I 235 27.43 59.75 45.53
CA PHE I 235 25.99 59.94 45.44
C PHE I 235 25.42 60.45 46.74
N ILE I 236 25.87 59.89 47.86
CA ILE I 236 25.39 60.36 49.17
C ILE I 236 25.78 61.81 49.37
N ARG I 237 27.04 62.13 49.10
CA ARG I 237 27.50 63.51 49.28
C ARG I 237 26.75 64.46 48.35
N TYR I 238 26.53 64.04 47.11
CA TYR I 238 25.78 64.85 46.17
C TYR I 238 24.36 65.08 46.64
N CYS I 239 23.71 64.03 47.13
CA CYS I 239 22.35 64.16 47.63
C CYS I 239 22.29 65.13 48.79
N LEU I 240 23.23 65.00 49.72
CA LEU I 240 23.24 65.89 50.87
C LEU I 240 23.57 67.31 50.46
N ASP I 241 24.37 67.49 49.41
CA ASP I 241 24.73 68.83 48.98
C ASP I 241 23.59 69.50 48.22
N VAL I 242 22.92 68.77 47.33
CA VAL I 242 21.93 69.35 46.44
C VAL I 242 20.52 69.20 46.98
N GLY I 243 20.33 68.50 48.09
CA GLY I 243 19.03 68.44 48.72
C GLY I 243 18.15 67.28 48.30
N LEU I 244 18.71 66.20 47.77
CA LEU I 244 17.89 65.03 47.47
C LEU I 244 17.42 64.32 48.72
N ASP I 245 17.97 64.65 49.88
CA ASP I 245 17.51 64.11 51.14
C ASP I 245 16.36 64.90 51.73
N LYS I 246 15.91 65.95 51.05
CA LYS I 246 14.95 66.88 51.63
C LYS I 246 13.55 66.77 51.05
N TYR I 247 13.34 65.97 50.01
CA TYR I 247 12.01 65.81 49.44
C TYR I 247 11.89 64.42 48.86
N GLY I 248 10.70 64.11 48.34
CA GLY I 248 10.39 62.76 47.94
C GLY I 248 10.11 61.83 49.09
N GLN I 249 9.69 62.38 50.25
CA GLN I 249 9.43 61.55 51.42
C GLN I 249 8.38 60.48 51.13
N GLY I 250 7.24 60.90 50.59
CA GLY I 250 6.19 59.96 50.28
C GLY I 250 5.36 59.58 51.49
N VAL I 251 4.69 58.44 51.36
CA VAL I 251 3.74 57.98 52.37
C VAL I 251 4.42 57.69 53.69
N GLY I 252 5.65 57.18 53.66
CA GLY I 252 6.28 56.71 54.87
C GLY I 252 5.73 55.38 55.34
N ASN I 253 4.83 54.78 54.59
CA ASN I 253 4.30 53.45 54.83
C ASN I 253 4.69 52.55 53.68
N TYR I 254 5.03 51.32 53.99
CA TYR I 254 5.74 50.46 53.06
C TYR I 254 5.11 49.08 53.00
N LEU I 255 5.15 48.51 51.81
CA LEU I 255 4.72 47.15 51.59
C LEU I 255 5.87 46.37 50.98
N ALA I 256 6.24 45.27 51.62
CA ALA I 256 7.12 44.29 51.02
C ALA I 256 6.40 42.96 51.05
N THR I 257 6.22 42.36 49.88
CA THR I 257 5.72 41.00 49.87
C THR I 257 6.84 40.00 50.09
N GLY I 258 8.09 40.44 50.01
CA GLY I 258 9.21 39.56 50.22
C GLY I 258 9.45 38.68 49.01
N THR I 259 10.62 38.06 48.96
CA THR I 259 10.92 37.03 47.97
C THR I 259 12.11 36.25 48.47
N TYR I 260 12.66 35.39 47.61
CA TYR I 260 13.79 34.53 47.99
C TYR I 260 13.41 33.53 49.08
N PHE I 261 12.73 32.47 48.71
CA PHE I 261 12.40 31.44 49.67
C PHE I 261 13.62 30.64 50.11
N GLU I 262 13.65 30.35 51.40
CA GLU I 262 14.58 29.35 51.91
C GLU I 262 14.16 28.01 51.33
N PRO I 263 15.03 27.33 50.60
CA PRO I 263 14.58 26.16 49.84
C PRO I 263 13.88 25.10 50.68
N SER I 264 14.38 24.84 51.89
CA SER I 264 13.78 23.81 52.71
C SER I 264 12.41 24.23 53.25
N LEU I 265 12.11 25.52 53.27
CA LEU I 265 10.88 26.00 53.87
C LEU I 265 9.76 26.21 52.86
N TYR I 266 10.04 26.14 51.57
CA TYR I 266 9.01 26.36 50.56
C TYR I 266 9.05 25.26 49.51
N GLU I 267 9.38 24.03 49.93
CA GLU I 267 9.36 22.90 49.01
C GLU I 267 7.96 22.60 48.52
N ASN I 268 6.94 22.96 49.27
CA ASN I 268 5.55 22.76 48.87
C ASN I 268 4.85 24.09 48.99
N PRO I 269 4.98 24.94 47.97
CA PRO I 269 4.48 26.32 48.08
C PRO I 269 3.00 26.36 48.43
N THR I 270 2.69 27.15 49.45
CA THR I 270 1.34 27.49 49.81
C THR I 270 1.28 28.98 50.04
N ILE I 271 0.08 29.54 49.92
CA ILE I 271 -0.11 30.94 50.26
C ILE I 271 0.19 31.16 51.74
N GLU I 272 -0.32 30.28 52.60
CA GLU I 272 -0.21 30.50 54.04
C GLU I 272 1.22 30.35 54.52
N GLY I 273 1.99 29.42 53.96
CA GLY I 273 3.35 29.21 54.38
C GLY I 273 4.36 30.14 53.74
N ARG I 274 3.89 31.07 52.92
CA ARG I 274 4.82 31.88 52.13
C ARG I 274 5.69 32.77 53.01
N ASN I 275 5.07 33.49 53.94
CA ASN I 275 5.81 34.50 54.70
C ASN I 275 6.95 33.88 55.49
N ALA I 276 6.69 32.75 56.15
CA ALA I 276 7.73 32.14 56.98
C ALA I 276 8.92 31.69 56.15
N ALA I 277 8.68 31.28 54.91
CA ALA I 277 9.75 30.73 54.07
C ALA I 277 10.62 31.80 53.46
N LEU I 278 10.20 33.06 53.49
CA LEU I 278 10.93 34.12 52.82
C LEU I 278 12.27 34.38 53.49
N ILE I 279 13.29 34.61 52.66
CA ILE I 279 14.55 35.17 53.14
C ILE I 279 14.50 36.69 53.15
N GLY I 280 14.16 37.28 52.01
CA GLY I 280 13.91 38.70 51.98
C GLY I 280 12.52 38.88 52.51
N ARG I 281 12.42 39.28 53.76
CA ARG I 281 11.17 39.18 54.48
C ARG I 281 10.09 40.09 53.91
N SER I 282 8.87 39.58 53.91
CA SER I 282 7.72 40.44 53.72
C SER I 282 7.53 41.30 54.96
N GLY I 283 6.63 42.25 54.85
CA GLY I 283 6.34 43.11 55.97
C GLY I 283 5.70 44.38 55.50
N VAL I 284 4.70 44.83 56.24
CA VAL I 284 4.09 46.12 56.02
C VAL I 284 4.56 47.02 57.14
N PHE I 285 5.03 48.20 56.80
CA PHE I 285 5.48 49.18 57.78
C PHE I 285 4.55 50.37 57.68
N ALA I 286 3.59 50.48 58.59
CA ALA I 286 2.58 51.52 58.50
C ALA I 286 2.44 52.19 59.86
N ASP I 287 2.33 53.51 59.86
CA ASP I 287 2.18 54.28 61.08
C ASP I 287 3.30 53.96 62.06
N GLY I 288 4.51 53.76 61.53
CA GLY I 288 5.65 53.46 62.37
C GLY I 288 5.63 52.09 63.01
N ARG I 289 4.79 51.18 62.52
CA ARG I 289 4.63 49.87 63.13
C ARG I 289 4.76 48.79 62.09
N TYR I 290 5.22 47.63 62.53
CA TYR I 290 5.39 46.47 61.66
C TYR I 290 4.16 45.58 61.70
N PHE I 291 3.74 45.13 60.52
CA PHE I 291 2.62 44.23 60.33
C PHE I 291 3.07 43.10 59.42
N GLU I 292 2.49 41.93 59.62
CA GLU I 292 2.72 40.84 58.70
C GLU I 292 1.97 41.11 57.39
N PHE I 293 2.63 40.88 56.27
CA PHE I 293 1.93 40.99 55.00
C PHE I 293 0.92 39.87 54.86
N ASP I 294 -0.27 40.21 54.39
CA ASP I 294 -1.30 39.22 54.08
C ASP I 294 -1.95 39.63 52.77
N GLN I 295 -1.83 38.78 51.76
CA GLN I 295 -2.37 39.09 50.45
C GLN I 295 -3.88 39.32 50.50
N ALA I 296 -4.56 38.76 51.48
CA ALA I 296 -5.99 38.98 51.63
C ALA I 296 -6.32 40.45 51.86
N ASN I 297 -5.37 41.22 52.37
CA ASN I 297 -5.58 42.64 52.64
C ASN I 297 -5.39 43.51 51.41
N VAL I 298 -5.08 42.88 50.28
CA VAL I 298 -4.78 43.69 49.07
C VAL I 298 -6.06 43.98 48.29
N THR I 299 -6.37 45.25 48.06
CA THR I 299 -7.46 45.61 47.18
C THR I 299 -6.90 46.46 46.07
N GLU I 300 -7.63 46.52 44.97
CA GLU I 300 -7.31 47.44 43.89
C GLU I 300 -8.52 48.31 43.64
N ASP I 301 -8.31 49.62 43.70
CA ASP I 301 -9.32 50.63 43.48
C ASP I 301 -9.15 51.18 42.07
N VAL I 302 -10.25 51.36 41.36
CA VAL I 302 -10.17 51.93 40.03
C VAL I 302 -10.95 53.24 39.93
N THR I 303 -11.20 53.88 41.07
CA THR I 303 -12.00 55.09 41.10
C THR I 303 -11.42 56.16 40.17
N HIS I 304 -10.11 56.36 40.25
CA HIS I 304 -9.43 57.31 39.39
C HIS I 304 -8.65 56.62 38.29
N SER I 305 -8.89 55.33 38.08
CA SER I 305 -8.24 54.57 37.04
C SER I 305 -9.19 54.36 35.87
N PHE I 306 -8.62 54.15 34.69
CA PHE I 306 -9.42 54.00 33.50
C PHE I 306 -10.02 52.60 33.41
N TYR I 307 -10.71 52.19 34.47
CA TYR I 307 -11.36 50.89 34.48
C TYR I 307 -12.74 51.04 35.09
N GLU I 308 -13.64 50.17 34.65
CA GLU I 308 -14.95 50.08 35.27
C GLU I 308 -14.81 49.47 36.66
N GLY I 309 -15.62 49.95 37.58
CA GLY I 309 -15.61 49.40 38.92
C GLY I 309 -16.10 50.41 39.93
N ASN I 310 -16.74 49.93 40.99
CA ASN I 310 -17.28 50.81 42.01
C ASN I 310 -16.79 50.50 43.41
N ARG I 311 -16.05 49.42 43.60
CA ARG I 311 -15.51 49.09 44.90
C ARG I 311 -14.13 48.50 44.75
N PRO I 312 -13.26 48.67 45.73
CA PRO I 312 -11.96 48.00 45.69
C PRO I 312 -12.16 46.50 45.66
N LEU I 313 -11.36 45.82 44.85
CA LEU I 313 -11.50 44.39 44.64
C LEU I 313 -10.22 43.71 45.08
N HIS I 314 -10.35 42.68 45.89
CA HIS I 314 -9.23 41.79 46.09
C HIS I 314 -8.91 41.13 44.75
N PRO I 315 -7.63 41.00 44.40
CA PRO I 315 -7.31 40.56 43.03
C PRO I 315 -7.83 39.18 42.67
N PHE I 316 -8.11 38.32 43.64
CA PHE I 316 -8.75 37.05 43.32
C PHE I 316 -10.09 37.27 42.64
N GLU I 317 -10.79 38.35 43.01
CA GLU I 317 -11.99 38.78 42.31
C GLU I 317 -11.73 40.01 41.45
N GLY I 318 -10.48 40.26 41.10
CA GLY I 318 -10.14 41.44 40.34
C GLY I 318 -10.74 41.39 38.95
N GLU I 319 -10.90 42.59 38.39
CA GLU I 319 -11.43 42.77 37.05
C GLU I 319 -10.62 43.86 36.38
N THR I 320 -10.40 43.72 35.09
CA THR I 320 -9.70 44.73 34.31
C THR I 320 -10.58 45.03 33.12
N ILE I 321 -11.52 45.94 33.33
CA ILE I 321 -12.45 46.34 32.27
C ILE I 321 -12.16 47.78 31.93
N PRO I 322 -11.40 48.03 30.87
CA PRO I 322 -11.01 49.41 30.56
C PRO I 322 -12.22 50.27 30.23
N VAL I 323 -12.11 51.54 30.56
CA VAL I 323 -13.04 52.55 30.09
C VAL I 323 -12.25 53.47 29.18
N ASN I 324 -12.95 54.07 28.23
CA ASN I 324 -12.30 54.95 27.29
C ASN I 324 -11.74 56.16 28.05
N PRO I 325 -10.46 56.49 27.87
CA PRO I 325 -9.86 57.57 28.68
C PRO I 325 -10.59 58.88 28.56
N GLU I 326 -11.24 59.16 27.43
CA GLU I 326 -12.05 60.36 27.32
C GLU I 326 -13.19 60.33 28.35
N ASP I 327 -13.96 59.24 28.37
CA ASP I 327 -15.04 59.09 29.34
C ASP I 327 -14.50 59.09 30.76
N GLY I 328 -13.42 58.33 30.98
CA GLY I 328 -12.85 58.26 32.32
C GLY I 328 -12.41 59.61 32.84
N ARG I 329 -11.78 60.40 31.98
CA ARG I 329 -11.39 61.75 32.37
C ARG I 329 -12.61 62.61 32.66
N ARG I 330 -13.71 62.38 31.93
CA ARG I 330 -14.95 63.03 32.32
C ARG I 330 -15.41 62.60 33.71
N GLN I 331 -15.03 61.40 34.13
CA GLN I 331 -15.37 60.91 35.46
C GLN I 331 -14.27 61.15 36.49
N GLY I 332 -13.26 61.95 36.17
CA GLY I 332 -12.17 62.19 37.10
C GLY I 332 -11.10 61.12 37.11
N LYS I 333 -11.21 60.10 36.28
CA LYS I 333 -10.16 59.11 36.15
C LYS I 333 -9.01 59.68 35.33
N TYR I 334 -7.79 59.35 35.71
CA TYR I 334 -6.65 59.97 35.03
C TYR I 334 -5.48 59.02 34.80
N SER I 335 -5.61 57.74 35.10
CA SER I 335 -4.46 56.88 34.97
C SER I 335 -4.89 55.47 34.60
N TRP I 336 -4.10 54.82 33.77
CA TRP I 336 -4.28 53.39 33.53
C TRP I 336 -3.79 52.55 34.70
N ALA I 337 -3.12 53.16 35.68
CA ALA I 337 -2.75 52.44 36.87
C ALA I 337 -3.97 52.20 37.74
N LYS I 338 -4.14 50.97 38.19
CA LYS I 338 -5.03 50.75 39.31
C LYS I 338 -4.39 51.33 40.57
N SER I 339 -5.21 51.49 41.61
CA SER I 339 -4.77 52.02 42.90
C SER I 339 -4.75 50.88 43.89
N PRO I 340 -3.64 50.15 44.02
CA PRO I 340 -3.57 49.11 45.04
C PRO I 340 -3.55 49.75 46.41
N ARG I 341 -4.35 49.22 47.30
CA ARG I 341 -4.40 49.66 48.67
C ARG I 341 -4.31 48.42 49.55
N TYR I 342 -3.82 48.62 50.76
CA TYR I 342 -3.64 47.54 51.71
C TYR I 342 -4.42 47.86 52.96
N ALA I 343 -5.21 46.90 53.43
CA ALA I 343 -5.98 47.09 54.66
C ALA I 343 -5.04 46.91 55.84
N VAL I 344 -4.67 48.03 56.46
CA VAL I 344 -3.91 48.03 57.70
C VAL I 344 -4.88 48.30 58.85
N PRO I 345 -4.93 47.45 59.87
CA PRO I 345 -5.85 47.69 60.99
C PRO I 345 -5.60 49.04 61.63
N GLY I 346 -6.68 49.73 61.96
CA GLY I 346 -6.59 51.06 62.52
C GLY I 346 -6.28 52.14 61.51
N LEU I 347 -6.01 51.78 60.25
CA LEU I 347 -5.72 52.75 59.22
C LEU I 347 -6.60 52.62 57.99
N GLY I 348 -7.31 51.52 57.83
CA GLY I 348 -8.12 51.35 56.64
C GLY I 348 -7.27 50.89 55.46
N ASN I 349 -7.80 51.10 54.27
CA ASN I 349 -7.11 50.70 53.03
C ASN I 349 -6.20 51.85 52.62
N VAL I 350 -4.92 51.71 52.93
CA VAL I 350 -3.97 52.80 52.75
C VAL I 350 -3.06 52.52 51.56
N PRO I 351 -2.49 53.55 50.94
CA PRO I 351 -1.41 53.30 49.98
C PRO I 351 -0.14 52.94 50.72
N LEU I 352 0.60 52.02 50.14
CA LEU I 352 1.87 51.59 50.70
C LEU I 352 2.93 51.75 49.63
N GLU I 353 4.04 52.37 49.99
CA GLU I 353 5.15 52.45 49.07
C GLU I 353 5.83 51.09 48.97
N THR I 354 6.07 50.63 47.75
CA THR I 354 6.80 49.40 47.55
C THR I 354 8.18 49.72 47.00
N GLY I 355 9.08 48.78 47.17
CA GLY I 355 10.39 48.94 46.61
C GLY I 355 11.47 48.56 47.58
N PRO I 356 12.71 48.81 47.20
CA PRO I 356 13.81 48.48 48.09
C PRO I 356 13.68 49.09 49.47
N LEU I 357 13.21 50.33 49.55
CA LEU I 357 13.03 50.93 50.87
C LEU I 357 12.01 50.15 51.69
N ALA I 358 10.91 49.74 51.06
CA ALA I 358 9.94 48.91 51.74
C ALA I 358 10.57 47.61 52.22
N ARG I 359 11.40 47.01 51.37
CA ARG I 359 12.08 45.77 51.74
C ARG I 359 13.02 45.98 52.92
N ARG I 360 13.79 47.07 52.91
CA ARG I 360 14.72 47.34 54.00
C ARG I 360 13.97 47.57 55.30
N MET I 361 12.86 48.30 55.24
CA MET I 361 12.05 48.48 56.43
C MET I 361 11.54 47.13 56.93
N ALA I 362 11.06 46.28 56.01
CA ALA I 362 10.60 44.95 56.41
C ALA I 362 11.73 44.15 57.02
N ALA I 363 12.93 44.27 56.46
CA ALA I 363 14.10 43.58 56.99
C ALA I 363 14.47 44.11 58.36
N SER I 364 14.01 45.30 58.72
CA SER I 364 14.23 45.81 60.06
C SER I 364 13.19 45.34 61.07
N ALA I 365 12.22 44.55 60.65
CA ALA I 365 11.21 44.06 61.57
C ALA I 365 11.84 43.12 62.59
N PRO I 366 11.28 43.05 63.80
CA PRO I 366 11.78 42.11 64.80
C PRO I 366 11.50 40.67 64.39
N ASP I 367 12.05 39.74 65.18
CA ASP I 367 11.69 38.33 65.09
C ASP I 367 12.01 37.75 63.71
N ALA I 368 13.16 38.12 63.17
CA ALA I 368 13.63 37.48 61.95
C ALA I 368 14.11 36.08 62.26
N GLU I 369 13.71 35.12 61.44
CA GLU I 369 14.26 33.78 61.55
C GLU I 369 15.68 33.75 60.98
N THR I 370 16.38 32.65 61.21
CA THR I 370 17.80 32.58 60.88
C THR I 370 18.03 32.79 59.39
N HIS I 371 17.16 32.23 58.55
CA HIS I 371 17.29 32.35 57.11
C HIS I 371 16.90 33.73 56.59
N GLN I 372 16.38 34.60 57.43
CA GLN I 372 15.72 35.81 56.98
C GLN I 372 16.62 37.03 57.10
N ASP I 373 16.40 37.96 56.17
CA ASP I 373 17.10 39.24 56.17
C ASP I 373 16.76 40.02 57.44
N ASP I 374 17.73 40.17 58.32
CA ASP I 374 17.60 40.96 59.54
C ASP I 374 18.58 42.11 59.44
N ASP I 375 18.09 43.29 59.11
CA ASP I 375 18.93 44.44 58.84
C ASP I 375 18.30 45.69 59.46
N PRO I 376 18.90 46.25 60.51
CA PRO I 376 18.33 47.43 61.14
C PRO I 376 18.70 48.74 60.47
N LEU I 377 19.47 48.69 59.38
CA LEU I 377 20.04 49.90 58.82
C LEU I 377 18.94 50.90 58.46
N PHE I 378 17.92 50.44 57.76
CA PHE I 378 16.96 51.41 57.27
C PHE I 378 15.85 51.73 58.25
N ALA I 379 15.64 50.90 59.28
CA ALA I 379 14.88 51.40 60.42
C ALA I 379 15.58 52.63 61.00
N ASP I 380 16.90 52.53 61.17
CA ASP I 380 17.66 53.64 61.72
C ASP I 380 17.64 54.85 60.80
N ILE I 381 17.82 54.62 59.49
CA ILE I 381 17.81 55.73 58.54
C ILE I 381 16.44 56.39 58.52
N TYR I 382 15.37 55.59 58.52
CA TYR I 382 14.02 56.12 58.55
C TYR I 382 13.78 56.96 59.79
N ASN I 383 14.27 56.49 60.94
CA ASN I 383 14.07 57.26 62.17
C ASN I 383 14.96 58.49 62.23
N ALA I 384 16.11 58.44 61.56
CA ALA I 384 17.08 59.52 61.67
C ALA I 384 16.78 60.65 60.70
N ILE I 385 16.62 60.32 59.41
CA ILE I 385 16.39 61.33 58.39
C ILE I 385 15.10 61.10 57.62
N GLY I 386 14.42 59.98 57.82
CA GLY I 386 13.16 59.74 57.16
C GLY I 386 13.35 59.41 55.69
N PRO I 387 12.27 59.06 55.02
CA PRO I 387 12.35 58.76 53.60
C PRO I 387 12.65 60.01 52.80
N SER I 388 13.23 59.80 51.62
CA SER I 388 13.52 60.87 50.68
C SER I 388 13.99 60.21 49.40
N VAL I 389 14.22 61.03 48.37
CA VAL I 389 14.81 60.51 47.15
C VAL I 389 16.12 59.82 47.46
N MET I 390 16.95 60.46 48.29
CA MET I 390 18.24 59.89 48.63
C MET I 390 18.10 58.58 49.39
N VAL I 391 17.20 58.54 50.37
CA VAL I 391 17.07 57.35 51.20
C VAL I 391 16.46 56.20 50.39
N ARG I 392 15.47 56.51 49.54
CA ARG I 392 14.91 55.49 48.66
C ARG I 392 15.99 54.92 47.75
N GLN I 393 16.80 55.80 47.15
CA GLN I 393 17.87 55.33 46.29
C GLN I 393 18.88 54.51 47.07
N LEU I 394 19.21 54.95 48.29
CA LEU I 394 20.19 54.23 49.09
C LEU I 394 19.68 52.85 49.45
N ALA I 395 18.38 52.71 49.69
CA ALA I 395 17.81 51.39 49.93
C ALA I 395 18.02 50.50 48.71
N ARG I 396 17.71 51.04 47.53
CA ARG I 396 17.92 50.28 46.30
C ARG I 396 19.36 49.82 46.18
N MET I 397 20.29 50.75 46.35
CA MET I 397 21.71 50.47 46.19
C MET I 397 22.21 49.53 47.28
N HIS I 398 21.66 49.64 48.49
CA HIS I 398 22.04 48.78 49.60
C HIS I 398 21.71 47.33 49.28
N GLU I 399 20.66 47.10 48.50
CA GLU I 399 20.34 45.73 48.13
C GLU I 399 21.40 45.07 47.26
N GLY I 400 22.21 45.86 46.55
CA GLY I 400 23.26 45.33 45.71
C GLY I 400 24.20 44.40 46.45
N PRO I 401 24.91 44.91 47.45
CA PRO I 401 25.80 44.03 48.23
C PRO I 401 25.07 42.88 48.89
N LYS I 402 23.89 43.14 49.43
CA LYS I 402 23.15 42.12 50.16
C LYS I 402 22.72 41.00 49.22
N TYR I 403 22.11 41.36 48.10
CA TYR I 403 21.67 40.36 47.14
C TYR I 403 22.85 39.66 46.49
N TYR I 404 23.94 40.37 46.26
CA TYR I 404 25.12 39.70 45.71
C TYR I 404 25.56 38.59 46.65
N LYS I 405 25.65 38.89 47.95
CA LYS I 405 26.06 37.86 48.90
C LYS I 405 25.08 36.69 48.91
N TRP I 406 23.78 37.00 48.87
CA TRP I 406 22.79 35.92 48.85
C TRP I 406 22.95 35.04 47.62
N VAL I 407 23.14 35.67 46.46
CA VAL I 407 23.27 34.91 45.22
C VAL I 407 24.51 34.04 45.26
N ARG I 408 25.62 34.61 45.72
CA ARG I 408 26.85 33.84 45.82
C ARG I 408 26.65 32.62 46.70
N GLN I 409 26.00 32.82 47.84
CA GLN I 409 25.73 31.68 48.72
C GLN I 409 24.80 30.68 48.07
N TRP I 410 23.75 31.15 47.38
CA TRP I 410 22.82 30.22 46.75
C TRP I 410 23.52 29.40 45.68
N LEU I 411 24.39 30.02 44.91
CA LEU I 411 25.17 29.29 43.92
C LEU I 411 26.00 28.22 44.61
N ASP I 412 26.57 28.54 45.76
CA ASP I 412 27.25 27.51 46.54
C ASP I 412 26.29 26.44 47.05
N ASP I 413 25.03 26.81 47.29
CA ASP I 413 24.06 25.89 47.86
C ASP I 413 23.54 24.89 46.84
N LEU I 414 23.70 25.16 45.56
CA LEU I 414 23.19 24.26 44.54
C LEU I 414 23.81 22.89 44.71
N GLU I 415 22.96 21.87 44.72
CA GLU I 415 23.39 20.49 44.82
C GLU I 415 23.13 19.90 43.44
N LEU I 416 24.17 19.90 42.60
CA LEU I 416 23.96 19.73 41.17
C LEU I 416 23.41 18.34 40.83
N LYS I 417 23.68 17.35 41.67
CA LYS I 417 23.15 16.02 41.42
C LYS I 417 21.67 15.90 41.74
N GLU I 418 21.10 16.89 42.43
CA GLU I 418 19.73 16.79 42.90
C GLU I 418 18.75 17.39 41.90
N SER I 419 17.48 17.14 42.16
CA SER I 419 16.43 17.48 41.22
C SER I 419 16.26 18.99 41.10
N PHE I 420 15.88 19.42 39.90
CA PHE I 420 15.54 20.79 39.64
C PHE I 420 14.06 20.95 39.30
N TYR I 421 13.32 19.86 39.30
CA TYR I 421 11.96 19.89 38.81
C TYR I 421 11.24 18.66 39.32
N THR I 422 10.09 18.88 39.92
CA THR I 422 9.16 17.81 40.26
C THR I 422 7.94 18.02 39.37
N LYS I 423 7.68 17.06 38.50
CA LYS I 423 6.57 17.20 37.60
C LYS I 423 5.28 17.37 38.39
N PRO I 424 4.58 18.47 38.24
CA PRO I 424 3.36 18.69 39.01
C PRO I 424 2.16 18.06 38.32
N VAL I 425 1.08 17.93 39.08
CA VAL I 425 -0.21 17.63 38.50
C VAL I 425 -0.83 18.94 38.05
N GLU I 426 -1.16 19.05 36.77
CA GLU I 426 -1.76 20.26 36.22
C GLU I 426 -3.26 20.20 36.51
N TYR I 427 -3.62 20.60 37.72
CA TYR I 427 -5.01 20.53 38.15
C TYR I 427 -5.90 21.44 37.31
N ALA I 428 -7.11 20.97 37.01
CA ALA I 428 -8.07 21.75 36.25
C ALA I 428 -8.54 22.96 37.02
N GLU I 429 -8.47 22.92 38.33
CA GLU I 429 -8.91 24.00 39.20
C GLU I 429 -7.77 24.39 40.11
N GLY I 430 -7.79 25.63 40.57
CA GLY I 430 -6.79 26.05 41.53
C GLY I 430 -6.81 27.53 41.77
N LYS I 431 -6.40 27.96 42.95
CA LYS I 431 -6.23 29.37 43.24
C LYS I 431 -4.80 29.55 43.70
N GLY I 432 -4.06 30.37 43.00
CA GLY I 432 -2.64 30.56 43.24
C GLY I 432 -2.35 32.00 43.57
N PHE I 433 -1.43 32.19 44.50
CA PHE I 433 -0.89 33.51 44.79
C PHE I 433 0.62 33.38 44.68
N GLY I 434 1.20 34.12 43.75
CA GLY I 434 2.63 34.14 43.64
C GLY I 434 3.08 35.55 43.94
N SER I 435 4.09 35.71 44.77
CA SER I 435 4.60 37.06 44.97
C SER I 435 6.11 37.02 45.05
N THR I 436 6.68 38.15 44.69
CA THR I 436 8.12 38.32 44.74
C THR I 436 8.40 39.78 44.99
N GLU I 437 9.66 40.06 45.17
CA GLU I 437 10.03 41.48 45.25
C GLU I 437 10.83 41.66 43.99
N ALA I 438 10.18 42.24 43.03
CA ALA I 438 10.93 42.62 41.83
C ALA I 438 11.85 43.75 42.28
N ALA I 439 12.75 44.16 41.40
CA ALA I 439 13.65 45.27 41.76
C ALA I 439 12.86 46.42 42.38
N ARG I 440 11.69 46.71 41.86
CA ARG I 440 10.95 47.92 42.27
C ARG I 440 9.98 47.62 43.40
N GLY I 441 9.86 46.37 43.79
CA GLY I 441 9.02 46.11 44.95
C GLY I 441 8.06 44.96 44.81
N ALA I 442 7.06 44.96 45.66
CA ALA I 442 6.08 43.86 45.74
C ALA I 442 5.42 43.62 44.39
N LEU I 443 5.66 42.46 43.85
CA LEU I 443 5.01 42.09 42.58
C LEU I 443 4.19 40.86 42.90
N SER I 444 2.93 40.87 42.53
CA SER I 444 2.07 39.75 42.96
C SER I 444 1.11 39.33 41.87
N ASP I 445 0.90 38.03 41.75
CA ASP I 445 -0.07 37.43 40.85
C ASP I 445 -1.10 36.72 41.69
N TRP I 446 -2.37 37.00 41.43
CA TRP I 446 -3.48 36.21 41.93
C TRP I 446 -4.08 35.53 40.72
N ILE I 447 -4.01 34.21 40.69
CA ILE I 447 -4.51 33.45 39.54
C ILE I 447 -5.60 32.52 40.02
N VAL I 448 -6.64 32.40 39.20
CA VAL I 448 -7.71 31.46 39.41
C VAL I 448 -7.76 30.62 38.16
N ILE I 449 -7.46 29.35 38.30
CA ILE I 449 -7.55 28.37 37.24
C ILE I 449 -8.86 27.62 37.41
N GLU I 450 -9.63 27.57 36.34
CA GLU I 450 -10.89 26.84 36.32
C GLU I 450 -11.01 26.13 34.99
N ASP I 451 -11.44 24.87 35.03
CA ASP I 451 -11.68 24.11 33.82
C ASP I 451 -10.40 24.10 32.96
N SER I 452 -9.26 23.92 33.62
CA SER I 452 -7.96 23.84 32.96
C SER I 452 -7.68 25.09 32.12
N LYS I 453 -8.23 26.22 32.53
CA LYS I 453 -8.03 27.48 31.84
C LYS I 453 -7.82 28.55 32.89
N ILE I 454 -7.26 29.67 32.47
CA ILE I 454 -7.14 30.81 33.36
C ILE I 454 -8.51 31.45 33.49
N LYS I 455 -9.11 31.33 34.68
CA LYS I 455 -10.38 31.99 34.92
C LYS I 455 -10.18 33.45 35.29
N ASN I 456 -9.22 33.72 36.17
CA ASN I 456 -8.85 35.09 36.47
C ASN I 456 -7.35 35.17 36.61
N TYR I 457 -6.81 36.33 36.27
CA TYR I 457 -5.38 36.56 36.39
C TYR I 457 -5.21 38.03 36.70
N GLN I 458 -4.82 38.34 37.91
CA GLN I 458 -4.67 39.72 38.34
C GLN I 458 -3.24 39.92 38.78
N VAL I 459 -2.56 40.86 38.15
CA VAL I 459 -1.20 41.21 38.49
C VAL I 459 -1.24 42.57 39.18
N VAL I 460 -0.55 42.60 40.31
CA VAL I 460 -0.38 43.90 41.01
C VAL I 460 1.13 44.11 41.08
N THR I 461 1.57 45.12 40.37
CA THR I 461 3.01 45.37 40.28
C THR I 461 3.40 46.43 41.30
N PRO I 462 4.68 46.49 41.68
CA PRO I 462 5.15 47.44 42.67
C PRO I 462 4.89 48.87 42.20
N THR I 463 5.13 49.16 40.92
CA THR I 463 4.90 50.56 40.53
C THR I 463 3.40 50.85 40.55
N ALA I 464 2.58 49.82 40.36
CA ALA I 464 1.14 50.09 40.52
C ALA I 464 0.92 50.53 41.97
N TRP I 465 1.54 49.85 42.92
CA TRP I 465 1.42 50.30 44.30
C TRP I 465 1.87 51.75 44.45
N ASN I 466 3.04 52.07 43.88
CA ASN I 466 3.67 53.36 44.10
C ASN I 466 2.99 54.47 43.31
N ILE I 467 2.71 54.23 42.04
CA ILE I 467 2.29 55.26 41.11
C ILE I 467 0.79 55.24 40.86
N GLY I 468 0.08 54.24 41.37
CA GLY I 468 -1.35 54.18 41.23
C GLY I 468 -2.00 55.43 41.74
N PRO I 469 -3.11 55.82 41.12
CA PRO I 469 -3.71 57.12 41.40
C PRO I 469 -4.44 57.16 42.73
N ARG I 470 -5.11 58.28 43.00
CA ARG I 470 -5.92 58.40 44.21
C ARG I 470 -6.97 57.31 44.24
N ASP I 471 -7.23 56.81 45.44
CA ASP I 471 -8.25 55.80 45.63
C ASP I 471 -9.62 56.47 45.77
N ALA I 472 -10.62 55.71 46.19
CA ALA I 472 -11.95 56.28 46.38
C ALA I 472 -11.96 57.35 47.46
N SER I 473 -11.07 57.25 48.44
CA SER I 473 -10.96 58.27 49.48
C SER I 473 -10.08 59.45 49.07
N GLU I 474 -9.72 59.54 47.80
CA GLU I 474 -8.88 60.60 47.26
C GLU I 474 -7.50 60.62 47.90
N VAL I 475 -7.09 59.51 48.52
CA VAL I 475 -5.77 59.42 49.13
C VAL I 475 -4.75 59.20 48.03
N LEU I 476 -3.78 60.10 47.95
CA LEU I 476 -2.80 60.05 46.88
C LEU I 476 -1.95 58.78 47.00
N GLY I 477 -1.54 58.26 45.85
CA GLY I 477 -0.65 57.13 45.82
C GLY I 477 0.72 57.52 46.33
N PRO I 478 1.55 56.54 46.68
CA PRO I 478 2.85 56.85 47.26
C PRO I 478 3.69 57.82 46.43
N ILE I 479 3.74 57.63 45.11
CA ILE I 479 4.54 58.52 44.28
C ILE I 479 3.88 59.89 44.23
N GLU I 480 2.55 59.92 44.18
CA GLU I 480 1.86 61.21 44.17
C GLU I 480 2.17 61.99 45.45
N GLN I 481 2.13 61.33 46.61
CA GLN I 481 2.46 62.07 47.82
C GLN I 481 3.93 62.40 47.90
N ALA I 482 4.80 61.56 47.34
CA ALA I 482 6.22 61.87 47.32
C ALA I 482 6.49 63.10 46.45
N LEU I 483 5.74 63.24 45.36
CA LEU I 483 5.87 64.42 44.52
C LEU I 483 5.43 65.67 45.27
N VAL I 484 4.40 65.55 46.08
CA VAL I 484 3.93 66.68 46.86
C VAL I 484 5.00 67.08 47.86
N GLY I 485 5.31 68.38 47.90
CA GLY I 485 6.42 68.88 48.67
C GLY I 485 7.72 69.01 47.90
N SER I 486 7.78 68.50 46.67
CA SER I 486 9.00 68.59 45.89
C SER I 486 9.21 70.03 45.42
N PRO I 487 10.41 70.58 45.57
CA PRO I 487 10.67 71.90 45.01
C PRO I 487 10.68 71.83 43.49
N ILE I 488 10.34 72.95 42.86
CA ILE I 488 10.38 73.07 41.41
C ILE I 488 11.18 74.33 41.10
N VAL I 489 12.47 74.17 40.86
CA VAL I 489 13.31 75.31 40.52
C VAL I 489 12.96 75.82 39.12
N ASP I 490 12.73 74.90 38.19
CA ASP I 490 12.50 75.24 36.79
C ASP I 490 11.31 74.43 36.27
N ALA I 491 10.19 75.10 36.06
CA ALA I 491 9.02 74.42 35.51
C ALA I 491 9.25 73.95 34.08
N GLU I 492 10.18 74.58 33.35
CA GLU I 492 10.51 74.14 32.00
C GLU I 492 11.24 72.80 32.01
N ASP I 493 12.07 72.56 33.02
CA ASP I 493 12.72 71.27 33.21
C ASP I 493 12.51 70.86 34.67
N PRO I 494 11.30 70.41 35.01
CA PRO I 494 11.00 70.08 36.41
C PRO I 494 11.68 68.78 36.82
N VAL I 495 13.01 68.82 36.90
CA VAL I 495 13.78 67.61 37.13
C VAL I 495 13.45 66.96 38.46
N GLU I 496 12.97 67.73 39.43
CA GLU I 496 12.66 67.15 40.74
C GLU I 496 11.52 66.16 40.65
N LEU I 497 10.54 66.42 39.77
CA LEU I 497 9.50 65.41 39.52
C LEU I 497 10.12 64.13 39.02
N GLY I 498 11.08 64.24 38.10
CA GLY I 498 11.80 63.06 37.64
C GLY I 498 12.56 62.39 38.75
N HIS I 499 13.20 63.18 39.62
CA HIS I 499 13.94 62.61 40.73
C HIS I 499 13.02 61.78 41.62
N VAL I 500 11.84 62.31 41.93
CA VAL I 500 10.93 61.62 42.82
C VAL I 500 10.37 60.38 42.15
N ALA I 501 9.85 60.52 40.92
CA ALA I 501 9.26 59.38 40.24
C ALA I 501 10.29 58.30 39.99
N ARG I 502 11.49 58.68 39.57
CA ARG I 502 12.53 57.71 39.27
C ARG I 502 13.20 57.17 40.52
N SER I 503 13.12 57.87 41.66
CA SER I 503 13.65 57.32 42.89
C SER I 503 12.89 56.07 43.30
N PHE I 504 11.63 55.98 42.89
CA PHE I 504 10.88 54.74 43.01
C PHE I 504 11.24 53.73 41.95
N ASP I 505 12.14 54.08 41.03
CA ASP I 505 12.49 53.20 39.93
C ASP I 505 11.23 52.85 39.13
N SER I 506 10.34 53.83 39.03
CA SER I 506 9.00 53.57 38.42
C SER I 506 9.08 52.78 37.13
N CYS I 507 8.22 51.79 37.02
CA CYS I 507 8.16 51.05 35.75
C CYS I 507 6.71 51.12 35.30
N LEU I 508 6.47 51.91 34.28
CA LEU I 508 5.07 52.15 33.88
C LEU I 508 4.52 50.97 33.07
N VAL I 509 5.38 50.25 32.37
CA VAL I 509 4.82 49.06 31.66
C VAL I 509 4.33 48.07 32.71
N CYS I 510 5.04 47.98 33.81
CA CYS I 510 4.56 47.12 34.89
C CYS I 510 3.32 47.72 35.51
N THR I 511 3.36 49.02 35.68
CA THR I 511 2.23 49.64 36.41
C THR I 511 0.90 49.23 35.79
N VAL I 512 0.82 49.27 34.46
CA VAL I 512 -0.46 49.05 33.80
C VAL I 512 -0.64 47.60 33.36
N HIS I 513 0.43 47.00 32.84
CA HIS I 513 0.33 45.70 32.17
C HIS I 513 -0.92 45.63 31.30
N ALA J 48 24.23 59.43 12.28
CA ALA J 48 22.93 58.83 12.02
C ALA J 48 22.02 58.98 13.24
N SER J 49 21.07 59.90 13.15
CA SER J 49 20.15 60.14 14.26
C SER J 49 19.20 58.96 14.44
N VAL J 50 18.97 58.59 15.69
CA VAL J 50 18.08 57.49 16.01
C VAL J 50 17.06 58.00 17.02
N LEU J 51 15.79 57.80 16.71
CA LEU J 51 14.71 58.08 17.64
C LEU J 51 14.04 56.74 17.96
N TRP J 52 14.08 56.36 19.21
CA TRP J 52 13.55 55.08 19.66
C TRP J 52 12.31 55.36 20.49
N PHE J 53 11.16 54.97 19.99
CA PHE J 53 9.89 55.15 20.65
C PHE J 53 9.36 53.81 21.10
N GLN J 54 8.53 53.84 22.14
CA GLN J 54 7.91 52.64 22.68
C GLN J 54 6.40 52.84 22.65
N GLY J 55 5.70 51.92 22.00
CA GLY J 55 4.25 51.92 22.03
C GLY J 55 3.76 50.95 23.07
N GLY J 56 3.05 49.91 22.64
CA GLY J 56 2.58 48.88 23.56
C GLY J 56 3.75 47.95 23.83
N ALA J 57 4.73 48.48 24.52
CA ALA J 57 5.97 47.73 24.74
C ALA J 57 6.12 47.35 26.20
N CYS J 58 6.96 46.36 26.42
CA CYS J 58 7.29 46.06 27.82
C CYS J 58 8.73 46.53 28.06
N SER J 59 9.35 47.09 27.03
CA SER J 59 10.74 47.59 27.12
C SER J 59 11.75 46.42 27.11
N GLY J 60 11.27 45.19 26.94
CA GLY J 60 12.20 44.07 26.87
C GLY J 60 13.15 44.18 25.69
N ASN J 61 12.71 44.78 24.60
CA ASN J 61 13.67 44.93 23.48
C ASN J 61 14.75 45.92 23.88
N THR J 62 14.32 46.99 24.52
CA THR J 62 15.33 47.95 25.04
C THR J 62 16.27 47.23 26.02
N MET J 63 15.71 46.48 26.98
CA MET J 63 16.59 45.84 27.96
C MET J 63 17.54 44.84 27.30
N SER J 64 17.01 44.05 26.37
CA SER J 64 17.85 43.15 25.61
C SER J 64 18.93 43.93 24.87
N PHE J 65 18.52 45.01 24.21
CA PHE J 65 19.44 45.90 23.52
C PHE J 65 20.53 46.41 24.45
N LEU J 66 20.15 46.78 25.67
CA LEU J 66 21.13 47.22 26.65
C LEU J 66 22.08 46.11 27.05
N ASN J 67 21.70 44.85 26.87
CA ASN J 67 22.64 43.76 27.05
C ASN J 67 23.65 43.63 25.92
N ALA J 68 23.61 44.54 24.94
CA ALA J 68 24.46 44.37 23.77
C ALA J 68 25.92 44.26 24.18
N ASP J 69 26.62 43.38 23.48
CA ASP J 69 28.07 43.28 23.57
C ASP J 69 28.62 43.21 22.16
N GLU J 70 29.73 43.88 21.93
CA GLU J 70 30.38 43.87 20.63
C GLU J 70 29.40 44.23 19.52
N PRO J 71 28.93 45.49 19.45
CA PRO J 71 29.27 46.55 20.39
C PRO J 71 28.38 46.54 21.62
N ASN J 72 28.87 47.05 22.74
CA ASN J 72 27.91 47.28 23.81
C ASN J 72 27.12 48.55 23.50
N VAL J 73 26.06 48.77 24.27
CA VAL J 73 25.11 49.81 23.91
C VAL J 73 25.76 51.18 23.97
N VAL J 74 26.62 51.42 24.96
CA VAL J 74 27.25 52.72 25.08
C VAL J 74 28.17 52.98 23.89
N ASP J 75 28.98 51.98 23.52
CA ASP J 75 29.85 52.14 22.36
C ASP J 75 29.05 52.28 21.08
N LEU J 76 27.92 51.61 20.98
CA LEU J 76 27.05 51.79 19.81
C LEU J 76 26.53 53.22 19.75
N ILE J 77 26.08 53.74 20.88
CA ILE J 77 25.46 55.06 20.89
C ILE J 77 26.51 56.15 20.67
N VAL J 78 27.71 55.96 21.20
CA VAL J 78 28.73 57.01 21.15
C VAL J 78 29.67 56.80 19.96
N ASP J 79 30.34 55.66 19.91
CA ASP J 79 31.49 55.44 19.04
C ASP J 79 31.14 55.01 17.62
N PHE J 80 29.88 54.73 17.30
CA PHE J 80 29.51 54.32 15.95
C PHE J 80 28.75 55.41 15.21
N GLY J 81 28.78 56.64 15.71
CA GLY J 81 28.14 57.72 14.99
C GLY J 81 26.64 57.65 14.94
N LEU J 82 26.02 56.95 15.88
CA LEU J 82 24.58 56.83 15.96
C LEU J 82 24.08 57.76 17.05
N ASP J 83 23.52 58.89 16.66
CA ASP J 83 23.08 59.91 17.60
C ASP J 83 21.69 59.53 18.10
N LEU J 84 21.62 58.93 19.28
CA LEU J 84 20.34 58.54 19.88
C LEU J 84 19.65 59.81 20.35
N LEU J 85 18.73 60.32 19.53
CA LEU J 85 18.06 61.56 19.86
C LEU J 85 17.28 61.45 21.14
N TRP J 86 16.55 60.35 21.30
CA TRP J 86 15.78 60.12 22.49
C TRP J 86 15.37 58.67 22.54
N HIS J 87 15.13 58.21 23.73
CA HIS J 87 14.66 56.87 24.02
C HIS J 87 13.93 56.98 25.35
N PRO J 88 12.70 56.47 25.47
CA PRO J 88 11.95 56.67 26.70
C PRO J 88 12.65 56.12 27.92
N SER J 89 13.48 55.09 27.75
CA SER J 89 14.20 54.50 28.86
C SER J 89 15.55 55.15 29.10
N LEU J 90 16.06 55.92 28.14
CA LEU J 90 17.42 56.43 28.23
C LEU J 90 17.53 57.92 27.94
N GLY J 91 16.56 58.53 27.28
CA GLY J 91 16.68 59.92 26.93
C GLY J 91 16.68 60.81 28.16
N LEU J 92 17.51 61.84 28.10
CA LEU J 92 17.59 62.77 29.23
C LEU J 92 16.38 63.69 29.25
N GLU J 93 15.93 64.13 28.08
CA GLU J 93 14.86 65.12 28.00
C GLU J 93 13.55 64.56 28.50
N LEU J 94 12.79 65.40 29.21
CA LEU J 94 11.43 65.08 29.59
C LEU J 94 10.52 66.20 29.12
N GLY J 95 9.22 65.92 29.18
CA GLY J 95 8.23 66.95 28.98
C GLY J 95 8.42 67.68 27.68
N ASN J 96 8.41 69.02 27.76
CA ASN J 96 8.40 69.82 26.54
C ASN J 96 9.71 69.75 25.77
N ASN J 97 10.84 69.57 26.45
CA ASN J 97 12.10 69.42 25.72
C ASN J 97 12.09 68.13 24.89
N ALA J 98 11.62 67.04 25.48
CA ALA J 98 11.47 65.80 24.74
C ALA J 98 10.50 65.97 23.58
N GLN J 99 9.37 66.63 23.83
CA GLN J 99 8.40 66.84 22.77
C GLN J 99 8.98 67.70 21.66
N LYS J 100 9.83 68.65 22.02
CA LYS J 100 10.50 69.46 21.01
C LYS J 100 11.35 68.56 20.10
N VAL J 101 12.09 67.63 20.71
CA VAL J 101 12.85 66.69 19.90
C VAL J 101 11.92 65.91 18.98
N PHE J 102 10.82 65.40 19.52
CA PHE J 102 9.92 64.56 18.74
C PHE J 102 9.31 65.34 17.60
N TRP J 103 8.85 66.55 17.87
CA TRP J 103 8.20 67.36 16.85
C TRP J 103 9.18 67.79 15.78
N ASP J 104 10.43 68.09 16.17
CA ASP J 104 11.43 68.41 15.17
C ASP J 104 11.68 67.23 14.25
N CYS J 105 11.72 66.02 14.80
CA CYS J 105 11.84 64.84 13.96
C CYS J 105 10.62 64.66 13.06
N ALA J 106 9.42 64.84 13.63
CA ALA J 106 8.20 64.55 12.89
C ALA J 106 7.98 65.52 11.74
N LYS J 107 8.26 66.80 11.96
CA LYS J 107 8.04 67.84 10.97
C LYS J 107 9.21 68.04 10.02
N GLY J 108 10.30 67.29 10.20
CA GLY J 108 11.44 67.44 9.32
C GLY J 108 12.38 68.57 9.68
N GLU J 109 12.19 69.21 10.83
CA GLU J 109 13.08 70.29 11.24
C GLU J 109 14.50 69.79 11.46
N ARG J 110 14.64 68.57 11.96
CA ARG J 110 15.91 67.89 12.08
C ARG J 110 15.81 66.52 11.43
N PRO J 111 16.90 66.03 10.84
CA PRO J 111 16.85 64.73 10.17
C PRO J 111 16.58 63.59 11.14
N LEU J 112 15.86 62.59 10.65
CA LEU J 112 15.59 61.36 11.40
C LEU J 112 16.06 60.21 10.53
N ASP J 113 17.21 59.64 10.86
CA ASP J 113 17.77 58.58 10.03
C ASP J 113 17.14 57.24 10.36
N ILE J 114 17.05 56.90 11.63
CA ILE J 114 16.49 55.63 12.05
C ILE J 114 15.42 55.89 13.10
N PHE J 115 14.21 55.48 12.81
CA PHE J 115 13.13 55.48 13.79
C PHE J 115 12.98 54.04 14.24
N VAL J 116 13.37 53.77 15.46
CA VAL J 116 13.15 52.47 16.06
C VAL J 116 11.85 52.53 16.83
N PHE J 117 11.02 51.53 16.58
CA PHE J 117 9.75 51.48 17.31
C PHE J 117 9.70 50.14 18.02
N GLU J 118 9.37 50.23 19.28
CA GLU J 118 9.28 49.01 20.11
C GLU J 118 7.87 48.97 20.66
N GLY J 119 7.32 47.79 20.84
CA GLY J 119 5.95 47.78 21.31
C GLY J 119 4.97 47.90 20.20
N THR J 120 3.73 47.64 20.52
CA THR J 120 2.73 47.64 19.46
C THR J 120 2.24 49.04 19.15
N VAL J 121 1.72 49.18 17.96
CA VAL J 121 0.96 50.39 17.66
C VAL J 121 -0.42 50.16 18.25
N ILE J 122 -0.74 50.89 19.30
CA ILE J 122 -2.01 50.72 19.99
C ILE J 122 -3.04 51.63 19.32
N GLU J 123 -4.12 51.03 18.83
CA GLU J 123 -5.16 51.79 18.17
C GLU J 123 -6.42 51.93 18.99
N ALA J 124 -6.64 51.09 19.98
CA ALA J 124 -7.81 51.21 20.81
C ALA J 124 -7.69 52.44 21.70
N PRO J 125 -8.83 53.01 22.15
CA PRO J 125 -10.19 52.58 21.82
C PRO J 125 -10.69 53.12 20.49
N ASN J 126 -11.45 52.31 19.75
CA ASN J 126 -12.17 52.77 18.56
C ASN J 126 -11.23 53.44 17.56
N GLY J 127 -10.02 52.91 17.43
CA GLY J 127 -9.08 53.47 16.48
C GLY J 127 -8.49 54.80 16.88
N THR J 128 -8.79 55.30 18.08
CA THR J 128 -8.24 56.57 18.53
C THR J 128 -6.82 56.43 19.05
N GLY J 129 -6.41 55.24 19.48
CA GLY J 129 -5.07 55.07 20.01
C GLY J 129 -4.85 55.65 21.38
N GLN J 130 -5.91 56.03 22.08
CA GLN J 130 -5.77 56.70 23.36
C GLN J 130 -5.43 55.75 24.50
N MET J 131 -5.41 54.44 24.25
CA MET J 131 -4.81 53.53 25.21
C MET J 131 -3.30 53.61 25.19
N ASP J 132 -2.72 54.42 24.30
CA ASP J 132 -1.29 54.70 24.29
C ASP J 132 -1.14 56.18 23.96
N MET J 133 -1.20 57.01 24.99
CA MET J 133 -1.01 58.45 24.84
C MET J 133 0.44 58.74 25.18
N PHE J 134 1.15 59.36 24.25
CA PHE J 134 2.56 59.67 24.44
C PHE J 134 2.83 61.10 24.00
N ALA J 135 3.37 61.90 24.91
CA ALA J 135 3.83 63.25 24.62
C ALA J 135 2.71 64.06 23.97
N GLY J 136 1.50 63.91 24.48
CA GLY J 136 0.38 64.72 24.05
C GLY J 136 -0.37 64.22 22.84
N ARG J 137 -0.01 63.07 22.30
CA ARG J 137 -0.69 62.49 21.15
C ARG J 137 -0.89 61.00 21.37
N PRO J 138 -1.86 60.39 20.69
CA PRO J 138 -1.85 58.93 20.60
C PRO J 138 -0.54 58.51 19.97
N MET J 139 0.06 57.45 20.53
CA MET J 139 1.35 57.02 20.03
C MET J 139 1.28 56.69 18.54
N LYS J 140 0.14 56.19 18.08
CA LYS J 140 0.02 55.84 16.67
C LYS J 140 0.20 57.06 15.77
N ASP J 141 -0.21 58.23 16.24
CA ASP J 141 0.03 59.44 15.45
C ASP J 141 1.51 59.77 15.38
N TRP J 142 2.23 59.65 16.51
CA TRP J 142 3.68 59.76 16.48
C TRP J 142 4.26 58.78 15.49
N VAL J 143 3.76 57.55 15.50
CA VAL J 143 4.29 56.53 14.60
C VAL J 143 4.11 56.96 13.17
N THR J 144 2.90 57.42 12.83
CA THR J 144 2.63 57.90 11.48
C THR J 144 3.65 58.95 11.08
N ASP J 145 3.80 59.98 11.91
CA ASP J 145 4.67 61.10 11.54
C ASP J 145 6.12 60.66 11.44
N LEU J 146 6.60 59.92 12.43
CA LEU J 146 8.02 59.60 12.49
C LEU J 146 8.40 58.54 11.47
N ALA J 147 7.55 57.54 11.26
CA ALA J 147 7.79 56.57 10.20
C ALA J 147 7.79 57.26 8.85
N GLY J 148 6.93 58.27 8.67
CA GLY J 148 6.99 59.04 7.44
C GLY J 148 8.21 59.93 7.34
N ALA J 149 8.83 60.26 8.47
CA ALA J 149 10.00 61.13 8.45
C ALA J 149 11.32 60.37 8.38
N ALA J 150 11.36 59.14 8.87
CA ALA J 150 12.62 58.45 9.04
C ALA J 150 13.19 57.98 7.70
N GLN J 151 14.51 57.94 7.62
CA GLN J 151 15.16 57.29 6.49
C GLN J 151 14.96 55.79 6.54
N ILE J 152 15.05 55.22 7.73
CA ILE J 152 14.85 53.80 7.97
C ILE J 152 13.93 53.67 9.17
N VAL J 153 12.98 52.77 9.09
CA VAL J 153 12.12 52.44 10.21
C VAL J 153 12.43 51.01 10.61
N VAL J 154 12.74 50.81 11.88
CA VAL J 154 13.04 49.50 12.43
C VAL J 154 12.00 49.20 13.50
N ALA J 155 11.24 48.14 13.30
CA ALA J 155 10.38 47.62 14.34
C ALA J 155 11.19 46.58 15.10
N ILE J 156 11.37 46.84 16.40
CA ILE J 156 12.17 45.90 17.20
C ILE J 156 11.21 45.14 18.11
N GLY J 157 11.26 43.84 18.02
CA GLY J 157 10.39 43.00 18.86
C GLY J 157 9.07 42.72 18.17
N ASP J 158 8.50 41.56 18.49
CA ASP J 158 7.27 41.11 17.82
C ASP J 158 6.16 42.15 17.95
N CYS J 159 6.08 42.78 19.11
CA CYS J 159 4.99 43.74 19.30
C CYS J 159 5.04 44.72 18.14
N ALA J 160 6.20 45.28 17.91
CA ALA J 160 6.30 46.32 16.86
C ALA J 160 6.24 45.68 15.48
N CYS J 161 6.87 44.52 15.33
CA CYS J 161 6.91 43.89 14.01
C CYS J 161 5.55 43.38 13.58
N PHE J 162 4.87 42.66 14.47
CA PHE J 162 3.70 41.88 14.12
C PHE J 162 2.54 42.04 15.08
N GLY J 163 2.70 42.74 16.19
CA GLY J 163 1.61 42.85 17.14
C GLY J 163 1.87 42.06 18.41
N GLY J 164 2.51 40.90 18.27
CA GLY J 164 3.02 40.15 19.38
C GLY J 164 1.99 39.83 20.43
N ILE J 165 2.46 39.77 21.69
CA ILE J 165 1.59 39.38 22.79
C ILE J 165 0.41 40.32 22.97
N PRO J 166 0.55 41.64 22.92
CA PRO J 166 -0.63 42.50 23.10
C PRO J 166 -1.69 42.26 22.04
N ALA J 167 -1.30 41.82 20.86
CA ALA J 167 -2.26 41.53 19.80
C ALA J 167 -2.95 40.18 19.97
N MET J 168 -2.55 39.39 20.97
CA MET J 168 -3.31 38.19 21.32
C MET J 168 -4.76 38.55 21.56
N GLU J 169 -5.65 37.67 21.10
CA GLU J 169 -7.06 37.89 21.36
C GLU J 169 -7.28 37.94 22.88
N PRO J 170 -8.17 38.82 23.36
CA PRO J 170 -9.04 39.68 22.56
C PRO J 170 -8.44 41.01 22.09
N ASN J 171 -7.13 41.18 22.24
CA ASN J 171 -6.44 42.39 21.80
C ASN J 171 -7.12 43.65 22.34
N PRO J 172 -7.17 43.81 23.66
CA PRO J 172 -7.89 44.97 24.23
C PRO J 172 -7.33 46.30 23.76
N SER J 173 -6.04 46.39 23.51
CA SER J 173 -5.41 47.64 23.12
C SER J 173 -5.50 47.90 21.63
N GLY J 174 -6.16 47.04 20.87
CA GLY J 174 -6.17 47.22 19.43
C GLY J 174 -4.76 47.26 18.88
N SER J 175 -3.90 46.42 19.43
CA SER J 175 -2.49 46.44 19.07
C SER J 175 -2.28 45.86 17.67
N THR J 176 -1.30 46.41 16.98
CA THR J 176 -0.87 45.86 15.71
C THR J 176 0.60 46.18 15.53
N GLY J 177 1.23 45.51 14.59
CA GLY J 177 2.59 45.83 14.26
C GLY J 177 2.67 47.00 13.30
N LEU J 178 3.90 47.45 13.07
CA LEU J 178 4.11 48.57 12.16
C LEU J 178 3.65 48.24 10.75
N GLN J 179 4.14 47.14 10.20
CA GLN J 179 3.80 46.75 8.85
C GLN J 179 3.20 45.36 8.76
N PHE J 180 2.97 44.71 9.90
CA PHE J 180 2.32 43.41 9.93
C PHE J 180 1.33 43.38 11.07
N HIS J 181 0.27 42.63 10.88
CA HIS J 181 -0.52 42.13 12.00
C HIS J 181 -0.39 40.62 11.97
N LYS J 182 0.37 40.08 12.91
CA LYS J 182 0.79 38.69 12.84
C LYS J 182 1.39 38.46 11.46
N ARG J 183 1.06 37.35 10.79
CA ARG J 183 1.69 37.09 9.50
C ARG J 183 1.18 38.01 8.40
N GLU J 184 -0.01 38.60 8.57
CA GLU J 184 -0.60 39.39 7.51
C GLU J 184 0.15 40.69 7.33
N LYS J 185 0.71 40.89 6.15
CA LYS J 185 1.42 42.14 5.86
C LYS J 185 0.45 43.32 5.85
N GLY J 186 0.92 44.44 6.36
CA GLY J 186 0.24 45.71 6.32
C GLY J 186 0.24 46.43 7.66
N GLY J 187 -0.05 45.71 8.73
CA GLY J 187 -0.04 46.28 10.06
C GLY J 187 -0.60 47.68 10.15
N PHE J 188 0.09 48.56 10.87
CA PHE J 188 -0.42 49.92 11.02
C PHE J 188 -0.08 50.79 9.83
N LEU J 189 1.13 50.66 9.29
CA LEU J 189 1.59 51.56 8.24
C LEU J 189 1.14 51.16 6.85
N GLY J 190 0.59 49.97 6.68
CA GLY J 190 0.16 49.52 5.38
C GLY J 190 1.24 48.71 4.70
N PRO J 191 0.83 47.79 3.82
CA PRO J 191 1.83 46.94 3.14
C PRO J 191 2.78 47.71 2.27
N ASP J 192 2.37 48.88 1.77
CA ASP J 192 3.15 49.62 0.80
C ASP J 192 4.01 50.71 1.44
N PHE J 193 4.04 50.80 2.76
CA PHE J 193 4.88 51.79 3.41
C PHE J 193 6.34 51.53 3.06
N ARG J 194 7.04 52.59 2.72
CA ARG J 194 8.49 52.55 2.56
C ARG J 194 9.08 53.75 3.26
N SER J 195 10.20 53.54 3.94
CA SER J 195 10.89 54.67 4.53
C SER J 195 11.56 55.48 3.43
N LYS J 196 12.22 56.57 3.81
CA LYS J 196 12.82 57.45 2.82
C LYS J 196 14.01 56.79 2.11
N MET J 197 14.65 55.80 2.72
CA MET J 197 15.68 55.05 2.02
C MET J 197 15.09 53.94 1.15
N GLY J 198 13.77 53.90 1.01
CA GLY J 198 13.10 52.94 0.17
C GLY J 198 12.82 51.61 0.82
N LEU J 199 13.27 51.40 2.05
CA LEU J 199 13.09 50.12 2.69
C LEU J 199 11.71 50.02 3.32
N PRO J 200 11.16 48.83 3.44
CA PRO J 200 9.99 48.66 4.30
C PRO J 200 10.45 48.76 5.74
N VAL J 201 9.52 48.64 6.68
CA VAL J 201 9.94 48.51 8.06
C VAL J 201 10.84 47.30 8.19
N ILE J 202 12.04 47.52 8.73
CA ILE J 202 12.94 46.42 9.04
C ILE J 202 12.43 45.77 10.31
N ASN J 203 11.98 44.53 10.21
CA ASN J 203 11.42 43.82 11.35
C ASN J 203 12.54 43.04 12.02
N VAL J 204 12.90 43.45 13.22
CA VAL J 204 13.81 42.72 14.08
C VAL J 204 12.94 42.03 15.11
N PRO J 205 12.44 40.81 14.84
CA PRO J 205 11.46 40.24 15.72
C PRO J 205 12.08 39.64 16.95
N GLY J 206 11.30 38.82 17.62
CA GLY J 206 11.78 38.30 18.89
C GLY J 206 10.98 38.95 19.99
N CYS J 207 10.97 38.30 21.13
CA CYS J 207 10.16 38.84 22.22
C CYS J 207 10.93 38.53 23.50
N PRO J 208 12.05 39.23 23.74
CA PRO J 208 12.45 40.36 22.91
C PRO J 208 13.45 39.96 21.84
N ALA J 209 13.74 40.93 20.99
CA ALA J 209 14.85 40.72 20.05
C ALA J 209 16.14 40.56 20.84
N HIS J 210 17.01 39.72 20.35
CA HIS J 210 18.36 39.63 20.85
C HIS J 210 19.10 40.93 20.55
N PRO J 211 19.96 41.41 21.45
CA PRO J 211 20.64 42.68 21.19
C PRO J 211 21.37 42.70 19.86
N ASP J 212 21.96 41.59 19.46
CA ASP J 212 22.76 41.62 18.20
C ASP J 212 21.82 41.82 17.01
N TRP J 213 20.59 41.35 17.12
CA TRP J 213 19.69 41.42 15.94
C TRP J 213 19.49 42.87 15.53
N ILE J 214 19.61 43.76 16.50
CA ILE J 214 19.45 45.20 16.20
C ILE J 214 20.84 45.85 16.12
N THR J 215 21.71 45.55 17.07
CA THR J 215 22.98 46.25 17.12
C THR J 215 23.82 45.97 15.89
N GLN J 216 23.84 44.74 15.40
CA GLN J 216 24.62 44.45 14.20
C GLN J 216 24.03 45.11 12.99
N ILE J 217 22.70 45.22 12.94
CA ILE J 217 22.08 45.99 11.87
C ILE J 217 22.48 47.45 11.96
N LEU J 218 22.47 48.00 13.18
CA LEU J 218 22.86 49.39 13.37
C LEU J 218 24.32 49.61 13.01
N VAL J 219 25.18 48.66 13.37
CA VAL J 219 26.58 48.74 13.01
C VAL J 219 26.74 48.68 11.49
N ALA J 220 26.01 47.77 10.85
CA ALA J 220 26.05 47.66 9.40
C ALA J 220 25.65 48.97 8.74
N LEU J 221 24.57 49.58 9.24
CA LEU J 221 24.16 50.89 8.73
C LEU J 221 25.23 51.94 8.98
N ALA J 222 25.86 51.88 10.16
CA ALA J 222 26.86 52.88 10.53
C ALA J 222 28.20 52.65 9.84
N THR J 223 28.48 51.45 9.38
CA THR J 223 29.77 51.13 8.76
C THR J 223 29.67 51.04 7.24
N GLY J 224 28.60 51.55 6.64
CA GLY J 224 28.47 51.54 5.21
C GLY J 224 28.05 50.22 4.61
N ARG J 225 27.52 49.31 5.43
CA ARG J 225 27.10 48.00 4.97
C ARG J 225 25.58 47.85 4.93
N ALA J 226 24.86 48.97 4.81
CA ALA J 226 23.41 48.88 4.65
C ALA J 226 23.05 48.01 3.46
N GLY J 227 23.81 48.12 2.37
CA GLY J 227 23.56 47.33 1.20
C GLY J 227 23.77 45.84 1.40
N ASP J 228 24.50 45.45 2.45
CA ASP J 228 24.64 44.05 2.78
C ASP J 228 23.40 43.48 3.47
N ILE J 229 22.50 44.34 3.93
CA ILE J 229 21.34 43.87 4.69
C ILE J 229 20.28 43.42 3.69
N THR J 230 19.98 42.13 3.72
CA THR J 230 18.87 41.58 2.96
C THR J 230 17.77 41.19 3.94
N LEU J 231 16.53 41.42 3.54
CA LEU J 231 15.37 41.16 4.36
C LEU J 231 14.58 40.01 3.77
N ASP J 232 14.02 39.15 4.64
CA ASP J 232 13.19 38.06 4.16
C ASP J 232 11.78 38.59 3.90
N ASP J 233 10.84 37.68 3.64
CA ASP J 233 9.47 38.08 3.34
C ASP J 233 8.79 38.76 4.51
N LEU J 234 9.26 38.52 5.73
CA LEU J 234 8.74 39.21 6.89
C LEU J 234 9.53 40.46 7.23
N HIS J 235 10.39 40.91 6.31
CA HIS J 235 11.27 42.06 6.51
C HIS J 235 12.28 41.82 7.62
N ARG J 236 12.57 40.58 7.91
CA ARG J 236 13.59 40.31 8.91
C ARG J 236 14.96 40.19 8.25
N PRO J 237 16.00 40.66 8.93
CA PRO J 237 17.37 40.53 8.38
C PRO J 237 17.73 39.07 8.18
N GLU J 238 17.95 38.70 6.93
CA GLU J 238 18.28 37.32 6.61
C GLU J 238 19.61 36.89 7.23
N THR J 239 20.49 37.83 7.55
CA THR J 239 21.72 37.46 8.21
C THR J 239 21.46 36.81 9.57
N PHE J 240 20.29 37.02 10.13
CA PHE J 240 19.91 36.39 11.38
C PHE J 240 18.77 35.39 11.24
N PHE J 241 17.94 35.51 10.22
CA PHE J 241 16.68 34.78 10.18
C PHE J 241 16.57 33.83 9.00
N LYS J 242 17.69 33.49 8.37
CA LYS J 242 17.67 32.32 7.50
C LYS J 242 17.86 31.04 8.29
N THR J 243 18.64 31.09 9.36
CA THR J 243 18.79 29.94 10.22
C THR J 243 17.51 29.71 11.00
N PHE J 244 17.46 28.56 11.66
CA PHE J 244 16.30 28.27 12.53
C PHE J 244 16.78 28.38 13.97
N THR J 245 15.86 28.44 14.90
CA THR J 245 16.32 28.37 16.30
C THR J 245 17.09 27.05 16.43
N GLN J 246 16.59 26.03 15.75
CA GLN J 246 17.22 24.70 15.91
C GLN J 246 18.68 24.74 15.45
N THR J 247 18.99 25.67 14.59
CA THR J 247 20.34 25.73 14.01
C THR J 247 21.32 26.03 15.14
N GLY J 248 22.07 25.03 15.57
CA GLY J 248 23.04 25.26 16.64
C GLY J 248 22.45 24.84 17.97
N CYS J 249 21.23 24.35 17.92
CA CYS J 249 20.65 23.85 19.18
C CYS J 249 21.50 22.67 19.65
N THR J 250 21.75 22.60 20.94
CA THR J 250 22.55 21.50 21.50
C THR J 250 21.75 20.20 21.45
N ARG J 251 20.49 20.25 21.07
CA ARG J 251 19.66 19.01 21.14
C ARG J 251 19.32 18.46 19.75
N VAL J 252 19.92 19.05 18.72
CA VAL J 252 19.54 18.59 17.35
C VAL J 252 19.92 17.11 17.18
N GLN J 253 21.00 16.66 17.79
CA GLN J 253 21.30 15.22 17.58
C GLN J 253 20.18 14.38 18.17
N PHE J 254 19.64 14.81 19.31
CA PHE J 254 18.50 14.08 19.87
C PHE J 254 17.31 14.21 18.92
N PHE J 255 17.16 15.39 18.35
CA PHE J 255 16.06 15.59 17.36
C PHE J 255 16.27 14.61 16.22
N GLU J 256 17.48 14.54 15.72
CA GLU J 256 17.77 13.68 14.54
C GLU J 256 17.36 12.26 14.86
N TYR J 257 17.64 11.80 16.04
CA TYR J 257 17.34 10.44 16.46
C TYR J 257 16.02 10.35 17.19
N LYS J 258 15.24 11.43 17.18
CA LYS J 258 13.89 11.42 17.72
C LYS J 258 13.88 10.96 19.16
N GLN J 259 14.85 11.48 19.92
CA GLN J 259 14.94 11.20 21.37
C GLN J 259 14.35 12.39 22.11
N SER J 260 13.30 12.13 22.85
CA SER J 260 12.58 13.27 23.42
C SER J 260 13.00 13.58 24.84
N THR J 261 13.12 14.85 25.11
CA THR J 261 13.24 15.22 26.52
C THR J 261 11.86 14.84 27.07
N LEU J 262 11.82 14.21 28.22
CA LEU J 262 10.58 13.75 28.82
C LEU J 262 10.07 14.65 29.92
N SER J 263 10.95 15.40 30.57
CA SER J 263 10.54 16.21 31.70
C SER J 263 11.49 17.38 31.83
N PHE J 264 11.03 18.39 32.55
CA PHE J 264 11.84 19.57 32.80
C PHE J 264 12.88 19.28 33.86
N GLY J 265 13.66 20.29 34.20
CA GLY J 265 14.72 20.11 35.17
C GLY J 265 15.75 19.13 34.65
N GLU J 266 16.12 18.16 35.47
CA GLU J 266 17.14 17.20 35.08
C GLU J 266 16.73 16.40 33.86
N GLY J 267 15.43 16.29 33.58
CA GLY J 267 15.00 15.64 32.36
C GLY J 267 15.56 16.28 31.11
N THR J 268 15.92 17.55 31.18
CA THR J 268 16.49 18.25 30.04
C THR J 268 17.98 18.02 29.89
N ARG J 269 18.58 17.17 30.72
CA ARG J 269 19.96 16.77 30.48
C ARG J 269 20.08 15.91 29.22
N THR J 270 18.94 15.60 28.65
CA THR J 270 18.96 14.80 27.42
C THR J 270 17.76 15.15 26.55
N GLY J 271 17.81 14.69 25.31
CA GLY J 271 16.60 14.80 24.51
C GLY J 271 16.39 16.13 23.85
N CYS J 272 15.48 16.12 22.90
CA CYS J 272 15.08 17.35 22.22
C CYS J 272 13.68 17.71 22.72
N LEU J 273 13.37 18.99 22.75
CA LEU J 273 12.09 19.44 23.37
C LEU J 273 10.95 19.44 22.36
N PHE J 274 11.23 19.01 21.16
CA PHE J 274 10.20 19.15 20.11
C PHE J 274 9.00 18.28 20.37
N TYR J 275 9.25 17.10 20.85
CA TYR J 275 8.16 16.11 20.89
C TYR J 275 7.23 16.24 22.07
N GLU J 276 7.74 16.63 23.21
CA GLU J 276 6.91 16.69 24.40
C GLU J 276 6.66 18.12 24.89
N PHE J 277 7.49 19.08 24.50
CA PHE J 277 7.38 20.42 25.03
C PHE J 277 7.06 21.45 23.96
N GLY J 278 6.69 21.02 22.78
CA GLY J 278 6.23 22.01 21.80
C GLY J 278 7.32 22.92 21.31
N CYS J 279 8.55 22.45 21.42
CA CYS J 279 9.64 23.28 20.85
C CYS J 279 9.33 23.67 19.41
N ARG J 280 9.33 24.96 19.13
CA ARG J 280 9.11 25.42 17.74
C ARG J 280 10.43 25.65 17.02
N GLY J 281 11.53 25.22 17.63
CA GLY J 281 12.85 25.42 17.03
C GLY J 281 12.90 25.15 15.54
N PRO J 282 12.45 23.97 15.09
CA PRO J 282 12.56 23.61 13.67
C PRO J 282 11.57 24.35 12.78
N MET J 283 10.69 25.13 13.38
CA MET J 283 9.71 25.90 12.57
C MET J 283 9.94 27.39 12.77
N THR J 284 11.05 27.73 13.40
CA THR J 284 11.25 29.14 13.78
C THR J 284 12.58 29.66 13.25
N HIS J 285 12.49 30.74 12.52
CA HIS J 285 13.71 31.31 11.95
C HIS J 285 14.31 32.24 12.99
N SER J 286 15.56 32.02 13.31
CA SER J 286 16.23 32.81 14.34
C SER J 286 17.67 32.34 14.38
N PRO J 287 18.60 33.12 14.94
CA PRO J 287 19.94 32.63 15.15
C PRO J 287 20.11 32.40 16.66
N CYS J 288 19.05 32.02 17.36
CA CYS J 288 19.17 31.93 18.84
C CYS J 288 20.22 30.93 19.30
N ASN J 289 20.45 29.92 18.49
CA ASN J 289 21.48 28.93 18.86
C ASN J 289 22.76 29.18 18.09
N ARG J 290 22.73 30.11 17.16
CA ARG J 290 23.96 30.52 16.51
C ARG J 290 24.60 31.64 17.30
N ILE J 291 23.85 32.71 17.54
CA ILE J 291 24.27 33.81 18.37
C ILE J 291 23.57 33.64 19.70
N LEU J 292 24.31 33.23 20.70
CA LEU J 292 23.63 32.86 21.95
C LEU J 292 23.12 34.08 22.71
N TRP J 293 22.09 33.82 23.48
CA TRP J 293 21.51 34.89 24.28
C TRP J 293 22.45 35.22 25.44
N ASN J 294 22.63 36.51 25.70
CA ASN J 294 23.47 36.94 26.84
C ASN J 294 24.85 36.31 26.70
N ARG J 295 25.24 35.98 25.48
CA ARG J 295 26.51 35.32 25.22
C ARG J 295 26.65 34.03 26.02
N GLN J 296 25.55 33.44 26.46
CA GLN J 296 25.60 32.27 27.31
C GLN J 296 24.86 31.09 26.74
N SER J 297 23.62 31.28 26.31
CA SER J 297 22.75 30.13 26.18
C SER J 297 21.64 30.48 25.20
N SER J 298 20.63 29.63 25.23
CA SER J 298 19.41 29.89 24.46
C SER J 298 18.32 29.16 25.23
N LYS J 299 17.09 29.48 24.92
CA LYS J 299 16.03 28.71 25.61
C LYS J 299 16.28 27.22 25.42
N THR J 300 16.45 26.82 24.18
CA THR J 300 16.48 25.37 23.89
C THR J 300 17.66 24.70 24.57
N ARG J 301 18.80 25.35 24.50
CA ARG J 301 19.96 24.79 25.22
C ARG J 301 19.58 24.60 26.69
N ALA J 302 18.98 25.61 27.29
CA ALA J 302 18.68 25.57 28.71
C ALA J 302 17.60 24.55 29.04
N GLY J 303 16.90 24.01 28.06
CA GLY J 303 15.80 23.12 28.32
C GLY J 303 14.44 23.74 28.16
N MET J 304 14.37 24.98 27.73
CA MET J 304 13.08 25.59 27.47
C MET J 304 12.74 25.48 26.00
N PRO J 305 11.52 25.06 25.65
CA PRO J 305 11.17 25.03 24.26
C PRO J 305 11.18 26.41 23.63
N CYS J 306 11.61 26.42 22.39
CA CYS J 306 11.48 27.67 21.65
C CYS J 306 9.99 27.91 21.46
N LEU J 307 9.59 29.13 21.76
CA LEU J 307 8.16 29.48 21.62
C LEU J 307 7.93 30.09 20.23
N GLY J 308 8.92 30.02 19.37
CA GLY J 308 8.75 30.55 18.02
C GLY J 308 8.54 32.04 18.04
N CYS J 309 9.17 32.73 18.97
CA CYS J 309 8.87 34.17 19.14
C CYS J 309 9.37 35.01 17.96
N THR J 310 10.19 34.52 17.09
CA THR J 310 10.65 35.40 16.00
C THR J 310 9.66 35.28 14.85
N GLU J 311 8.71 34.38 15.05
CA GLU J 311 7.73 34.14 13.99
C GLU J 311 6.53 35.06 14.21
N PRO J 312 5.86 35.57 13.14
CA PRO J 312 4.81 36.58 13.34
C PRO J 312 3.60 36.08 14.08
N GLU J 313 3.35 34.78 14.12
CA GLU J 313 2.21 34.24 14.84
C GLU J 313 2.40 34.25 16.35
N PHE J 314 3.60 34.56 16.82
CA PHE J 314 3.86 34.47 18.25
C PHE J 314 2.94 35.43 19.02
N PRO J 315 2.37 34.99 20.14
CA PRO J 315 2.47 33.64 20.68
C PRO J 315 1.61 32.68 19.90
N HIS J 316 2.20 31.54 19.55
CA HIS J 316 1.50 30.62 18.67
C HIS J 316 0.28 30.05 19.38
N PHE J 317 -0.78 29.84 18.60
CA PHE J 317 -2.05 29.33 19.10
C PHE J 317 -2.62 30.21 20.19
N ASP J 318 -2.12 31.43 20.32
CA ASP J 318 -2.56 32.39 21.33
C ASP J 318 -2.52 31.76 22.72
N LEU J 319 -1.55 30.87 22.95
CA LEU J 319 -1.40 30.24 24.26
C LEU J 319 -2.71 29.61 24.73
N ALA J 320 -3.48 29.07 23.78
CA ALA J 320 -4.72 28.42 24.12
C ALA J 320 -4.44 27.23 25.03
N PRO J 321 -5.42 26.81 25.82
CA PRO J 321 -5.20 25.71 26.75
C PRO J 321 -4.65 24.47 26.04
N GLY J 322 -3.66 23.84 26.66
CA GLY J 322 -3.04 22.66 26.11
C GLY J 322 -1.92 22.91 25.12
N THR J 323 -1.61 24.16 24.82
CA THR J 323 -0.59 24.47 23.83
C THR J 323 0.69 25.02 24.43
N VAL J 324 0.76 25.19 25.75
CA VAL J 324 1.90 25.83 26.39
C VAL J 324 2.84 24.73 26.87
N PHE J 325 4.06 24.73 26.35
CA PHE J 325 5.07 23.73 26.69
C PHE J 325 4.56 22.33 26.43
N LYS J 326 3.75 22.19 25.39
CA LYS J 326 3.23 20.89 24.97
C LYS J 326 3.28 20.82 23.45
N THR J 327 3.56 19.62 22.95
CA THR J 327 3.48 19.37 21.51
C THR J 327 2.10 18.84 21.19
N GLN J 328 1.33 19.61 20.42
CA GLN J 328 0.06 19.10 19.95
C GLN J 328 0.30 17.97 18.97
N LYS J 329 -0.36 16.85 19.21
CA LYS J 329 -0.13 15.65 18.42
C LYS J 329 -1.44 15.12 17.89
N VAL J 330 -1.36 14.48 16.73
CA VAL J 330 -2.48 13.76 16.13
C VAL J 330 -2.32 12.30 16.49
N SER J 331 -3.38 11.69 17.02
CA SER J 331 -3.38 10.30 17.43
C SER J 331 -2.31 10.01 18.47
N GLY J 332 -1.90 11.03 19.21
CA GLY J 332 -0.96 10.89 20.31
C GLY J 332 0.48 10.65 19.91
N MET J 333 0.84 10.73 18.62
CA MET J 333 2.23 10.37 18.26
C MET J 333 2.72 11.20 17.07
N ILE J 334 1.80 11.68 16.24
CA ILE J 334 2.22 12.50 15.11
C ILE J 334 2.11 13.97 15.52
N PRO J 335 3.20 14.71 15.53
CA PRO J 335 3.09 16.16 15.82
C PRO J 335 2.20 16.81 14.79
N LYS J 336 1.34 17.72 15.26
CA LYS J 336 0.49 18.48 14.35
C LYS J 336 1.34 19.30 13.39
N GLU J 337 2.39 19.95 13.91
CA GLU J 337 3.31 20.73 13.11
C GLU J 337 4.63 20.00 13.03
N VAL J 338 5.11 19.81 11.80
CA VAL J 338 6.38 19.15 11.57
C VAL J 338 7.41 20.24 11.26
N PRO J 339 8.70 19.94 11.20
CA PRO J 339 9.68 20.99 10.92
C PRO J 339 9.40 21.65 9.58
N GLU J 340 9.89 22.87 9.46
CA GLU J 340 9.69 23.65 8.25
C GLU J 340 10.18 22.89 7.02
N GLY J 341 9.35 22.85 5.99
CA GLY J 341 9.77 22.23 4.71
C GLY J 341 9.66 20.72 4.71
N THR J 342 9.13 20.13 5.76
CA THR J 342 8.93 18.67 5.75
C THR J 342 7.43 18.39 5.67
N ASP J 343 7.07 17.20 5.27
CA ASP J 343 5.64 16.81 5.30
C ASP J 343 5.53 15.72 6.35
N HIS J 344 4.34 15.52 6.86
CA HIS J 344 4.12 14.56 7.95
C HIS J 344 4.53 13.16 7.53
N LEU J 345 4.27 12.78 6.27
CA LEU J 345 4.58 11.43 5.83
C LEU J 345 6.08 11.17 5.87
N THR J 346 6.83 11.99 5.15
CA THR J 346 8.30 11.81 5.13
C THR J 346 8.82 12.00 6.56
N TYR J 347 8.39 13.05 7.25
CA TYR J 347 8.92 13.32 8.59
C TYR J 347 8.72 12.11 9.49
N MET J 348 7.53 11.52 9.49
CA MET J 348 7.26 10.37 10.35
C MET J 348 8.03 9.14 9.90
N GLY J 349 8.14 8.92 8.60
CA GLY J 349 8.94 7.79 8.15
C GLY J 349 10.39 7.90 8.58
N LEU J 350 10.98 9.09 8.36
CA LEU J 350 12.35 9.31 8.79
C LEU J 350 12.45 9.23 10.30
N ALA J 351 11.42 9.67 11.01
CA ALA J 351 11.45 9.61 12.46
C ALA J 351 11.47 8.17 12.95
N ALA J 352 10.67 7.31 12.34
CA ALA J 352 10.71 5.89 12.69
C ALA J 352 12.07 5.29 12.39
N ALA J 353 12.61 5.60 11.21
CA ALA J 353 13.93 5.11 10.86
C ALA J 353 14.99 5.59 11.85
N ALA J 354 14.92 6.85 12.22
CA ALA J 354 15.89 7.40 13.17
C ALA J 354 15.75 6.77 14.54
N ARG J 355 14.51 6.59 14.98
CA ARG J 355 14.28 5.91 16.29
C ARG J 355 14.92 4.52 16.25
N ILE J 356 14.81 3.82 15.12
CA ILE J 356 15.44 2.50 14.99
C ILE J 356 16.96 2.62 15.01
N ALA J 357 17.50 3.62 14.32
CA ALA J 357 18.94 3.78 14.19
C ALA J 357 19.58 4.48 15.37
N ALA J 358 18.79 4.95 16.33
CA ALA J 358 19.30 5.86 17.34
C ALA J 358 20.43 5.21 18.14
N PRO J 359 21.58 5.85 18.26
CA PRO J 359 22.66 5.31 19.07
C PRO J 359 22.35 5.45 20.55
N GLN J 360 23.09 4.68 21.35
CA GLN J 360 22.80 4.61 22.78
C GLN J 360 22.98 5.96 23.45
N TRP J 361 24.02 6.71 23.08
CA TRP J 361 24.26 8.00 23.73
C TRP J 361 23.10 8.96 23.52
N SER J 362 22.38 8.83 22.41
CA SER J 362 21.24 9.71 22.17
C SER J 362 20.09 9.43 23.11
N LYS J 363 20.14 8.31 23.82
CA LYS J 363 19.11 7.93 24.78
C LYS J 363 19.53 8.20 26.20
N GLU J 364 20.67 8.85 26.42
CA GLU J 364 21.20 9.07 27.75
C GLU J 364 21.45 10.56 27.97
N ASP J 365 21.63 10.90 29.25
CA ASP J 365 21.99 12.27 29.60
C ASP J 365 23.27 12.67 28.89
N MET J 366 23.28 13.87 28.36
CA MET J 366 24.48 14.41 27.76
C MET J 366 24.90 15.73 28.38
N PHE J 367 23.96 16.54 28.81
CA PHE J 367 24.27 17.79 29.50
C PHE J 367 24.37 17.49 30.99
N VAL J 368 25.42 16.76 31.32
CA VAL J 368 25.64 16.24 32.64
C VAL J 368 26.33 17.29 33.48
N VAL J 369 26.24 17.13 34.79
CA VAL J 369 26.88 18.04 35.71
C VAL J 369 28.38 18.11 35.43
N LEU K 1 -44.90 -6.95 74.03
CA LEU K 1 -43.63 -6.29 73.77
C LEU K 1 -43.29 -6.32 72.28
N ASP K 2 -43.24 -5.16 71.65
CA ASP K 2 -42.78 -5.07 70.27
C ASP K 2 -41.25 -5.08 70.25
N LEU K 3 -40.67 -6.10 69.66
CA LEU K 3 -39.23 -6.25 69.58
C LEU K 3 -38.81 -6.19 68.11
N PHE K 4 -37.93 -5.26 67.79
CA PHE K 4 -37.39 -5.13 66.44
C PHE K 4 -35.93 -5.56 66.49
N VAL K 5 -35.62 -6.68 65.84
CA VAL K 5 -34.28 -7.23 65.80
C VAL K 5 -33.65 -6.85 64.47
N SER K 6 -32.58 -6.09 64.53
CA SER K 6 -31.88 -5.61 63.36
C SER K 6 -30.41 -5.44 63.71
N PRO K 7 -29.50 -6.11 63.01
CA PRO K 7 -29.81 -7.10 61.99
C PRO K 7 -30.02 -8.48 62.60
N LEU K 8 -30.74 -9.34 61.89
CA LEU K 8 -30.73 -10.76 62.18
C LEU K 8 -29.81 -11.38 61.14
N GLY K 9 -28.54 -11.47 61.47
CA GLY K 9 -27.54 -11.92 60.52
C GLY K 9 -27.56 -13.42 60.33
N ARG K 10 -26.53 -13.90 59.62
CA ARG K 10 -26.41 -15.30 59.25
C ARG K 10 -27.67 -15.78 58.54
N VAL K 11 -28.20 -14.92 57.68
CA VAL K 11 -29.27 -15.29 56.76
C VAL K 11 -28.90 -14.82 55.37
N GLU K 12 -27.60 -14.73 55.09
CA GLU K 12 -27.10 -14.40 53.76
C GLU K 12 -27.79 -13.16 53.22
N GLY K 13 -27.73 -12.09 53.98
CA GLY K 13 -28.29 -10.84 53.53
C GLY K 13 -28.89 -10.07 54.68
N ASP K 14 -29.71 -9.11 54.32
CA ASP K 14 -30.17 -8.09 55.25
C ASP K 14 -31.59 -8.42 55.68
N LEU K 15 -31.74 -8.80 56.93
CA LEU K 15 -33.03 -9.19 57.48
C LEU K 15 -33.22 -8.45 58.79
N ASP K 16 -34.40 -7.86 58.95
CA ASP K 16 -34.86 -7.40 60.24
C ASP K 16 -36.11 -8.19 60.58
N VAL K 17 -36.31 -8.46 61.86
CA VAL K 17 -37.47 -9.21 62.28
C VAL K 17 -38.18 -8.42 63.36
N ARG K 18 -39.43 -8.06 63.11
CA ARG K 18 -40.26 -7.44 64.13
C ARG K 18 -41.17 -8.51 64.70
N VAL K 19 -41.28 -8.58 66.01
CA VAL K 19 -42.14 -9.55 66.64
C VAL K 19 -42.94 -8.87 67.73
N THR K 20 -44.20 -9.28 67.85
CA THR K 20 -44.98 -8.98 69.04
C THR K 20 -44.83 -10.15 69.99
N ILE K 21 -44.43 -9.88 71.22
CA ILE K 21 -44.22 -10.90 72.23
C ILE K 21 -45.24 -10.69 73.33
N ASN K 22 -45.95 -11.76 73.68
CA ASN K 22 -46.84 -11.77 74.83
C ASN K 22 -46.52 -12.99 75.68
N ASP K 23 -46.25 -12.75 76.97
CA ASP K 23 -45.92 -13.80 77.93
C ASP K 23 -44.74 -14.64 77.43
N GLY K 24 -43.74 -13.96 76.86
CA GLY K 24 -42.54 -14.65 76.42
C GLY K 24 -42.69 -15.47 75.17
N VAL K 25 -43.77 -15.27 74.41
CA VAL K 25 -44.03 -16.02 73.19
C VAL K 25 -44.31 -15.03 72.08
N VAL K 26 -43.72 -15.25 70.91
CA VAL K 26 -44.03 -14.44 69.74
C VAL K 26 -45.48 -14.71 69.34
N THR K 27 -46.27 -13.64 69.26
CA THR K 27 -47.66 -13.73 68.84
C THR K 27 -47.89 -13.24 67.42
N SER K 28 -47.04 -12.35 66.93
CA SER K 28 -47.07 -11.97 65.53
C SER K 28 -45.65 -11.66 65.10
N ALA K 29 -45.39 -11.80 63.81
CA ALA K 29 -44.06 -11.56 63.31
C ALA K 29 -44.14 -10.93 61.93
N TRP K 30 -43.18 -10.05 61.68
CA TRP K 30 -42.96 -9.45 60.38
C TRP K 30 -41.50 -9.68 60.01
N THR K 31 -41.28 -10.25 58.84
CA THR K 31 -39.94 -10.36 58.28
C THR K 31 -39.75 -9.20 57.32
N GLU K 32 -38.67 -8.46 57.49
CA GLU K 32 -38.38 -7.29 56.67
C GLU K 32 -37.08 -7.57 55.93
N ALA K 33 -37.19 -7.94 54.67
CA ALA K 33 -36.05 -7.96 53.79
C ALA K 33 -35.65 -6.53 53.47
N ALA K 34 -34.41 -6.16 53.78
CA ALA K 34 -34.05 -4.75 53.84
C ALA K 34 -33.14 -4.28 52.72
N MET K 35 -32.71 -5.16 51.83
CA MET K 35 -31.75 -4.77 50.80
C MET K 35 -32.27 -5.21 49.43
N PHE K 36 -32.25 -4.28 48.49
CA PHE K 36 -32.81 -4.49 47.15
C PHE K 36 -31.75 -4.17 46.11
N ARG K 37 -31.57 -5.08 45.16
CA ARG K 37 -30.68 -4.84 44.04
C ARG K 37 -31.40 -4.76 42.70
N GLY K 38 -32.56 -5.40 42.57
CA GLY K 38 -33.35 -5.26 41.37
C GLY K 38 -32.81 -5.94 40.15
N PHE K 39 -32.33 -7.18 40.29
CA PHE K 39 -31.75 -7.88 39.15
C PHE K 39 -32.79 -8.13 38.07
N GLU K 40 -34.04 -8.33 38.46
CA GLU K 40 -35.09 -8.51 37.45
C GLU K 40 -35.25 -7.27 36.60
N ILE K 41 -35.15 -6.09 37.23
CA ILE K 41 -35.17 -4.85 36.49
C ILE K 41 -33.98 -4.78 35.54
N ILE K 42 -32.80 -5.13 36.04
CA ILE K 42 -31.59 -5.03 35.24
C ILE K 42 -31.67 -5.95 34.04
N LEU K 43 -32.21 -7.16 34.22
CA LEU K 43 -32.21 -8.15 33.15
C LEU K 43 -33.09 -7.74 31.98
N ARG K 44 -34.07 -6.89 32.21
CA ARG K 44 -34.96 -6.49 31.14
C ARG K 44 -34.17 -5.83 30.02
N GLY K 45 -34.41 -6.28 28.79
CA GLY K 45 -33.74 -5.74 27.64
C GLY K 45 -32.33 -6.26 27.40
N LYS K 46 -31.82 -7.08 28.31
CA LYS K 46 -30.48 -7.62 28.14
C LYS K 46 -30.50 -8.83 27.20
N ASP K 47 -29.32 -9.34 26.93
CA ASP K 47 -29.20 -10.52 26.08
C ASP K 47 -30.01 -11.66 26.70
N PRO K 48 -30.66 -12.49 25.88
CA PRO K 48 -31.49 -13.57 26.45
C PRO K 48 -30.73 -14.47 27.39
N GLN K 49 -29.42 -14.61 27.21
CA GLN K 49 -28.61 -15.42 28.11
C GLN K 49 -28.00 -14.62 29.25
N ALA K 50 -28.35 -13.33 29.36
CA ALA K 50 -27.79 -12.54 30.44
C ALA K 50 -28.15 -13.13 31.80
N GLY K 51 -29.25 -13.86 31.88
CA GLY K 51 -29.60 -14.50 33.13
C GLY K 51 -28.52 -15.44 33.63
N LEU K 52 -27.85 -16.13 32.71
CA LEU K 52 -26.80 -17.05 33.11
C LEU K 52 -25.66 -16.35 33.82
N ILE K 53 -25.48 -15.06 33.55
CA ILE K 53 -24.45 -14.29 34.23
C ILE K 53 -25.01 -13.59 35.46
N VAL K 54 -26.21 -13.03 35.34
CA VAL K 54 -26.76 -12.18 36.38
C VAL K 54 -27.34 -13.01 37.52
N CYS K 55 -28.18 -14.00 37.18
CA CYS K 55 -28.87 -14.76 38.20
C CYS K 55 -27.94 -15.44 39.20
N PRO K 56 -26.77 -16.01 38.82
CA PRO K 56 -25.91 -16.57 39.84
C PRO K 56 -25.56 -15.46 40.84
N ARG K 57 -25.46 -14.23 40.36
CA ARG K 57 -25.07 -13.12 41.26
C ARG K 57 -26.22 -12.72 42.17
N ILE K 58 -27.35 -13.39 42.04
CA ILE K 58 -28.40 -13.11 43.03
C ILE K 58 -27.84 -13.61 44.37
N CYS K 59 -27.00 -14.64 44.30
CA CYS K 59 -26.59 -15.22 45.58
C CYS K 59 -25.30 -16.02 45.51
N GLY K 60 -24.49 -15.79 46.50
CA GLY K 60 -23.19 -16.42 46.49
C GLY K 60 -23.24 -17.86 46.81
N ILE K 61 -24.11 -18.19 47.75
CA ILE K 61 -24.13 -19.58 48.25
C ILE K 61 -24.99 -20.41 47.31
N CYS K 62 -25.97 -19.80 46.66
CA CYS K 62 -26.81 -20.68 45.83
C CYS K 62 -26.84 -20.16 44.38
N GLY K 63 -25.82 -19.42 44.00
CA GLY K 63 -25.77 -18.96 42.61
C GLY K 63 -25.74 -20.12 41.63
N GLY K 64 -25.06 -21.21 41.98
CA GLY K 64 -25.09 -22.35 41.08
C GLY K 64 -26.50 -22.86 40.83
N SER K 65 -27.32 -22.78 41.86
CA SER K 65 -28.75 -23.16 41.68
C SER K 65 -29.40 -22.17 40.73
N HIS K 66 -29.12 -20.89 40.94
CA HIS K 66 -29.68 -19.88 40.02
C HIS K 66 -29.26 -20.20 38.60
N LEU K 67 -28.00 -20.55 38.46
CA LEU K 67 -27.48 -20.83 37.11
C LEU K 67 -28.27 -22.02 36.54
N TYR K 68 -28.40 -23.08 37.33
CA TYR K 68 -29.11 -24.26 36.90
C TYR K 68 -30.50 -23.92 36.38
N LYS K 69 -31.27 -23.18 37.18
CA LYS K 69 -32.63 -22.91 36.77
C LYS K 69 -32.68 -21.87 35.65
N SER K 70 -31.75 -20.92 35.60
CA SER K 70 -31.73 -19.98 34.49
C SER K 70 -31.40 -20.70 33.19
N ALA K 71 -30.44 -21.63 33.24
CA ALA K 71 -30.12 -22.42 32.07
C ALA K 71 -31.33 -23.19 31.61
N TYR K 72 -32.05 -23.81 32.55
CA TYR K 72 -33.23 -24.58 32.15
C TYR K 72 -34.35 -23.67 31.68
N ALA K 73 -34.44 -22.45 32.21
CA ALA K 73 -35.39 -21.49 31.68
C ALA K 73 -35.11 -21.23 30.22
N LEU K 74 -33.83 -21.06 29.88
CA LEU K 74 -33.47 -20.87 28.48
C LEU K 74 -33.71 -22.13 27.66
N ASP K 75 -33.41 -23.29 28.25
CA ASP K 75 -33.60 -24.56 27.55
C ASP K 75 -35.05 -24.76 27.17
N THR K 76 -35.96 -24.44 28.09
CA THR K 76 -37.38 -24.53 27.79
C THR K 76 -37.81 -23.43 26.83
N ALA K 77 -37.34 -22.20 27.05
CA ALA K 77 -37.72 -21.10 26.19
C ALA K 77 -37.28 -21.35 24.75
N TRP K 78 -36.11 -21.94 24.58
CA TRP K 78 -35.54 -22.17 23.26
C TRP K 78 -35.73 -23.60 22.80
N ARG K 79 -36.49 -24.41 23.54
CA ARG K 79 -36.79 -25.78 23.13
C ARG K 79 -35.52 -26.53 22.78
N THR K 80 -34.53 -26.41 23.65
CA THR K 80 -33.22 -26.96 23.35
C THR K 80 -33.21 -28.47 23.54
N HIS K 81 -32.12 -29.08 23.11
CA HIS K 81 -31.81 -30.46 23.42
C HIS K 81 -30.74 -30.51 24.48
N MET K 82 -30.96 -31.29 25.52
CA MET K 82 -30.00 -31.47 26.59
C MET K 82 -29.38 -32.85 26.48
N PRO K 83 -28.13 -32.97 26.08
CA PRO K 83 -27.48 -34.28 26.11
C PRO K 83 -27.47 -34.82 27.52
N PRO K 84 -27.62 -36.13 27.68
CA PRO K 84 -27.65 -36.70 29.03
C PRO K 84 -26.45 -36.31 29.89
N ASN K 85 -25.26 -36.22 29.30
CA ASN K 85 -24.10 -35.81 30.08
C ASN K 85 -24.28 -34.41 30.63
N ALA K 86 -24.85 -33.52 29.83
CA ALA K 86 -25.08 -32.17 30.31
C ALA K 86 -26.05 -32.16 31.47
N THR K 87 -27.13 -32.95 31.37
CA THR K 87 -28.06 -33.06 32.48
C THR K 87 -27.36 -33.61 33.71
N LEU K 88 -26.50 -34.60 33.53
CA LEU K 88 -25.77 -35.16 34.65
C LEU K 88 -24.86 -34.12 35.29
N ILE K 89 -24.14 -33.37 34.47
CA ILE K 89 -23.24 -32.36 35.01
C ILE K 89 -24.02 -31.29 35.76
N ARG K 90 -25.15 -30.87 35.18
CA ARG K 90 -25.99 -29.90 35.86
C ARG K 90 -26.48 -30.43 37.19
N ASN K 91 -26.95 -31.68 37.21
CA ASN K 91 -27.38 -32.31 38.44
C ASN K 91 -26.25 -32.36 39.44
N ILE K 92 -25.08 -32.80 39.00
CA ILE K 92 -23.94 -32.95 39.88
C ILE K 92 -23.59 -31.61 40.50
N CYS K 93 -23.55 -30.57 39.67
CA CYS K 93 -23.12 -29.28 40.18
C CYS K 93 -24.17 -28.66 41.09
N GLN K 94 -25.44 -28.80 40.75
CA GLN K 94 -26.50 -28.32 41.64
C GLN K 94 -26.41 -29.03 42.98
N ALA K 95 -26.28 -30.36 42.94
CA ALA K 95 -26.24 -31.11 44.18
C ALA K 95 -24.95 -30.82 44.95
N CYS K 96 -23.84 -30.61 44.25
CA CYS K 96 -22.59 -30.29 44.94
C CYS K 96 -22.67 -28.94 45.61
N GLU K 97 -23.30 -27.97 44.96
CA GLU K 97 -23.51 -26.69 45.64
C GLU K 97 -24.34 -26.90 46.89
N THR K 98 -25.39 -27.71 46.79
CA THR K 98 -26.21 -27.97 47.96
C THR K 98 -25.41 -28.70 49.06
N LEU K 99 -24.57 -29.64 48.65
CA LEU K 99 -23.74 -30.37 49.61
C LEU K 99 -22.74 -29.45 50.28
N GLN K 100 -22.28 -28.43 49.57
CA GLN K 100 -21.47 -27.40 50.21
C GLN K 100 -22.31 -26.59 51.18
N SER K 101 -23.52 -26.24 50.76
CA SER K 101 -24.39 -25.37 51.56
C SER K 101 -24.74 -26.03 52.89
N ILE K 102 -25.00 -27.32 52.88
CA ILE K 102 -25.52 -28.04 54.04
C ILE K 102 -24.59 -27.85 55.24
N PRO K 103 -23.32 -28.28 55.20
CA PRO K 103 -22.46 -28.03 56.36
C PRO K 103 -22.11 -26.58 56.54
N ARG K 104 -21.85 -25.85 55.45
CA ARG K 104 -21.47 -24.46 55.60
C ARG K 104 -22.55 -23.70 56.34
N TYR K 105 -23.80 -23.87 55.91
CA TYR K 105 -24.90 -23.23 56.61
C TYR K 105 -25.03 -23.78 58.02
N PHE K 106 -24.96 -25.10 58.18
CA PHE K 106 -25.26 -25.68 59.48
C PHE K 106 -24.30 -25.18 60.54
N TYR K 107 -23.01 -25.24 60.26
CA TYR K 107 -22.03 -24.84 61.25
C TYR K 107 -21.87 -23.33 61.30
N ALA K 108 -21.68 -22.68 60.15
CA ALA K 108 -21.33 -21.27 60.16
C ALA K 108 -22.53 -20.39 60.45
N LEU K 109 -23.72 -20.80 60.00
CA LEU K 109 -24.88 -19.93 60.07
C LEU K 109 -25.84 -20.34 61.17
N PHE K 110 -26.02 -21.63 61.40
CA PHE K 110 -27.07 -22.09 62.30
C PHE K 110 -26.55 -22.55 63.65
N ALA K 111 -25.61 -23.51 63.65
CA ALA K 111 -25.31 -24.24 64.87
C ALA K 111 -24.61 -23.39 65.92
N ILE K 112 -23.99 -22.27 65.53
CA ILE K 112 -23.31 -21.48 66.55
C ILE K 112 -24.32 -20.92 67.55
N ASP K 113 -25.56 -20.69 67.11
CA ASP K 113 -26.61 -20.26 68.02
C ASP K 113 -26.93 -21.32 69.08
N LEU K 114 -26.57 -22.58 68.82
CA LEU K 114 -26.72 -23.61 69.84
C LEU K 114 -25.84 -23.35 71.05
N THR K 115 -24.85 -22.47 70.92
CA THR K 115 -24.01 -22.08 72.04
C THR K 115 -24.58 -20.93 72.84
N ASN K 116 -25.80 -20.50 72.51
CA ASN K 116 -26.40 -19.36 73.19
C ASN K 116 -26.51 -19.65 74.68
N LYS K 117 -26.37 -18.59 75.48
CA LYS K 117 -26.42 -18.71 76.93
C LYS K 117 -27.78 -19.18 77.42
N ASN K 118 -28.81 -19.07 76.59
CA ASN K 118 -30.13 -19.60 76.96
C ASN K 118 -30.08 -21.09 77.23
N TYR K 119 -29.10 -21.78 76.69
CA TYR K 119 -28.97 -23.22 76.84
C TYR K 119 -27.93 -23.62 77.88
N ALA K 120 -27.41 -22.66 78.65
CA ALA K 120 -26.34 -22.95 79.59
C ALA K 120 -26.75 -24.00 80.61
N LYS K 121 -28.05 -24.09 80.91
CA LYS K 121 -28.51 -25.09 81.87
C LYS K 121 -28.59 -26.49 81.28
N SER K 122 -28.55 -26.62 79.94
CA SER K 122 -28.61 -27.94 79.34
C SER K 122 -27.38 -28.75 79.72
N LYS K 123 -27.58 -30.04 79.99
CA LYS K 123 -26.44 -30.91 80.26
C LYS K 123 -25.53 -31.05 79.05
N LEU K 124 -26.04 -30.80 77.85
CA LEU K 124 -25.25 -30.90 76.63
C LEU K 124 -24.62 -29.57 76.24
N TYR K 125 -24.80 -28.53 77.05
CA TYR K 125 -24.37 -27.19 76.65
C TYR K 125 -22.86 -27.11 76.48
N ASP K 126 -22.10 -27.69 77.41
CA ASP K 126 -20.65 -27.63 77.28
C ASP K 126 -20.20 -28.31 76.00
N GLU K 127 -20.77 -29.46 75.68
CA GLU K 127 -20.43 -30.13 74.42
C GLU K 127 -20.87 -29.29 73.23
N ALA K 128 -22.06 -28.67 73.31
CA ALA K 128 -22.51 -27.82 72.22
C ALA K 128 -21.53 -26.69 71.98
N VAL K 129 -21.03 -26.09 73.05
CA VAL K 129 -20.06 -25.01 72.93
C VAL K 129 -18.76 -25.53 72.34
N ARG K 130 -18.29 -26.68 72.83
CA ARG K 130 -17.05 -27.26 72.31
C ARG K 130 -17.15 -27.51 70.82
N ARG K 131 -18.31 -27.98 70.36
CA ARG K 131 -18.46 -28.39 68.98
C ARG K 131 -18.77 -27.22 68.05
N PHE K 132 -19.68 -26.34 68.45
CA PHE K 132 -20.32 -25.42 67.54
C PHE K 132 -20.00 -23.96 67.80
N ALA K 133 -19.11 -23.66 68.73
CA ALA K 133 -18.74 -22.27 68.94
C ALA K 133 -18.17 -21.71 67.64
N PRO K 134 -18.48 -20.46 67.30
CA PRO K 134 -17.96 -19.91 66.04
C PRO K 134 -16.45 -19.94 66.00
N TYR K 135 -15.92 -20.44 64.88
CA TYR K 135 -14.51 -20.38 64.48
C TYR K 135 -13.59 -21.28 65.30
N VAL K 136 -14.06 -21.80 66.43
CA VAL K 136 -13.17 -22.58 67.30
C VAL K 136 -13.86 -23.90 67.62
N GLY K 137 -15.14 -23.99 67.32
CA GLY K 137 -15.87 -25.21 67.61
C GLY K 137 -15.22 -26.39 66.92
N THR K 138 -15.10 -27.49 67.65
CA THR K 138 -14.45 -28.67 67.10
C THR K 138 -15.25 -29.32 65.99
N SER K 139 -16.55 -29.05 65.93
CA SER K 139 -17.33 -29.44 64.75
C SER K 139 -17.39 -28.31 63.75
N TYR K 140 -17.38 -27.07 64.23
CA TYR K 140 -17.45 -25.92 63.35
C TYR K 140 -16.30 -25.90 62.37
N GLN K 141 -15.07 -26.01 62.87
CA GLN K 141 -13.91 -25.85 61.98
C GLN K 141 -13.89 -26.88 60.87
N PRO K 142 -13.88 -28.19 61.15
CA PRO K 142 -13.87 -29.14 60.03
C PRO K 142 -15.10 -29.05 59.16
N GLY K 143 -16.28 -28.81 59.75
CA GLY K 143 -17.48 -28.71 58.94
C GLY K 143 -17.39 -27.58 57.94
N VAL K 144 -17.01 -26.40 58.41
CA VAL K 144 -16.91 -25.24 57.52
C VAL K 144 -15.79 -25.45 56.51
N VAL K 145 -14.64 -25.94 56.97
CA VAL K 145 -13.49 -26.10 56.07
C VAL K 145 -13.84 -27.10 54.97
N LEU K 146 -14.42 -28.24 55.34
CA LEU K 146 -14.71 -29.26 54.35
C LEU K 146 -15.90 -28.89 53.49
N SER K 147 -16.70 -27.91 53.90
CA SER K 147 -17.80 -27.47 53.05
C SER K 147 -17.33 -26.98 51.68
N ALA K 148 -16.05 -26.60 51.57
CA ALA K 148 -15.54 -26.14 50.28
C ALA K 148 -15.30 -27.28 49.28
N LYS K 149 -15.26 -28.53 49.74
CA LYS K 149 -14.94 -29.62 48.82
C LYS K 149 -16.00 -29.84 47.74
N PRO K 150 -17.29 -29.97 48.06
CA PRO K 150 -18.26 -30.23 46.98
C PRO K 150 -18.23 -29.17 45.91
N VAL K 151 -17.96 -27.91 46.28
CA VAL K 151 -17.89 -26.90 45.24
C VAL K 151 -16.55 -26.93 44.52
N GLU K 152 -15.56 -27.65 45.05
CA GLU K 152 -14.41 -28.01 44.22
C GLU K 152 -14.87 -28.88 43.07
N VAL K 153 -15.78 -29.82 43.34
CA VAL K 153 -16.34 -30.60 42.24
C VAL K 153 -17.05 -29.68 41.25
N TYR K 154 -17.86 -28.78 41.80
CA TYR K 154 -18.52 -27.79 40.96
C TYR K 154 -17.52 -27.07 40.07
N ALA K 155 -16.39 -26.65 40.65
CA ALA K 155 -15.39 -25.91 39.89
C ALA K 155 -14.73 -26.79 38.84
N ILE K 156 -14.55 -28.08 39.15
CA ILE K 156 -13.99 -28.98 38.15
C ILE K 156 -14.83 -28.94 36.90
N PHE K 157 -16.14 -28.94 37.06
CA PHE K 157 -16.98 -28.94 35.86
C PHE K 157 -17.32 -27.55 35.35
N GLY K 158 -17.26 -26.53 36.20
CA GLY K 158 -17.76 -25.23 35.82
C GLY K 158 -16.69 -24.18 35.82
N GLY K 159 -15.49 -24.57 36.20
CA GLY K 159 -14.40 -23.61 36.14
C GLY K 159 -14.17 -22.99 37.50
N GLN K 160 -15.27 -22.68 38.15
CA GLN K 160 -15.13 -22.08 39.46
C GLN K 160 -16.43 -22.12 40.23
N TRP K 161 -16.26 -21.90 41.50
CA TRP K 161 -17.46 -21.75 42.32
C TRP K 161 -17.08 -20.75 43.44
N PRO K 162 -17.90 -19.72 43.78
CA PRO K 162 -19.09 -19.32 43.04
C PRO K 162 -18.79 -18.58 41.73
N SER K 164 -19.66 -19.29 38.24
CA SER K 164 -19.51 -19.79 36.89
C SER K 164 -20.87 -19.56 36.23
N SER K 165 -20.90 -19.54 34.92
CA SER K 165 -22.16 -19.50 34.11
C SER K 165 -22.12 -20.65 33.09
N PHE K 166 -21.45 -21.74 33.45
CA PHE K 166 -21.15 -22.76 32.46
C PHE K 166 -22.36 -23.59 32.06
N MET K 167 -23.49 -23.42 32.72
CA MET K 167 -24.72 -24.11 32.30
C MET K 167 -25.42 -23.21 31.29
N VAL K 168 -25.49 -23.68 30.06
CA VAL K 168 -26.00 -22.87 28.95
C VAL K 168 -27.11 -23.66 28.27
N PRO K 169 -28.03 -22.96 27.58
CA PRO K 169 -29.02 -23.68 26.79
C PRO K 169 -28.34 -24.67 25.87
N GLY K 170 -28.83 -25.89 25.86
CA GLY K 170 -28.22 -26.94 25.10
C GLY K 170 -27.18 -27.76 25.83
N GLY K 171 -26.84 -27.39 27.06
CA GLY K 171 -25.98 -28.24 27.83
C GLY K 171 -25.11 -27.52 28.82
N VAL K 172 -23.82 -27.82 28.78
CA VAL K 172 -22.84 -27.13 29.61
C VAL K 172 -21.69 -26.72 28.72
N MET K 173 -20.99 -25.67 29.12
CA MET K 173 -19.86 -25.22 28.33
C MET K 173 -18.69 -26.20 28.40
N SER K 174 -18.59 -26.93 29.49
CA SER K 174 -17.39 -27.69 29.76
C SER K 174 -17.43 -29.06 29.10
N ALA K 175 -16.26 -29.67 29.03
CA ALA K 175 -16.09 -30.99 28.44
C ALA K 175 -15.23 -31.76 29.43
N PRO K 176 -15.85 -32.37 30.44
CA PRO K 176 -15.08 -33.06 31.47
C PRO K 176 -14.15 -34.10 30.85
N THR K 177 -12.96 -34.20 31.43
CA THR K 177 -12.02 -35.24 31.07
C THR K 177 -12.12 -36.37 32.09
N LEU K 178 -11.39 -37.45 31.81
CA LEU K 178 -11.38 -38.56 32.74
C LEU K 178 -10.90 -38.13 34.11
N SER K 179 -9.78 -37.39 34.14
CA SER K 179 -9.25 -36.94 35.43
C SER K 179 -10.21 -35.99 36.12
N ASP K 180 -10.99 -35.22 35.37
CA ASP K 180 -12.03 -34.40 35.99
C ASP K 180 -12.98 -35.27 36.79
N VAL K 181 -13.49 -36.34 36.18
CA VAL K 181 -14.47 -37.18 36.85
C VAL K 181 -13.84 -37.95 37.99
N THR K 182 -12.66 -38.50 37.77
CA THR K 182 -12.01 -39.26 38.85
C THR K 182 -11.69 -38.34 40.02
N ARG K 183 -11.23 -37.12 39.75
CA ARG K 183 -10.96 -36.19 40.83
C ARG K 183 -12.24 -35.76 41.53
N ALA K 184 -13.31 -35.55 40.76
CA ALA K 184 -14.59 -35.21 41.37
C ALA K 184 -15.06 -36.32 42.29
N ILE K 185 -14.92 -37.56 41.84
CA ILE K 185 -15.28 -38.71 42.67
C ILE K 185 -14.41 -38.74 43.92
N ALA K 186 -13.11 -38.53 43.75
CA ALA K 186 -12.21 -38.55 44.90
C ALA K 186 -12.57 -37.45 45.89
N ILE K 187 -12.83 -36.25 45.40
CA ILE K 187 -13.20 -35.15 46.28
C ILE K 187 -14.48 -35.48 47.02
N LEU K 188 -15.47 -35.99 46.30
CA LEU K 188 -16.75 -36.30 46.91
C LEU K 188 -16.61 -37.40 47.95
N GLU K 189 -15.89 -38.46 47.62
CA GLU K 189 -15.68 -39.54 48.59
C GLU K 189 -14.90 -39.05 49.80
N HIS K 190 -13.90 -38.20 49.60
CA HIS K 190 -13.17 -37.69 50.74
C HIS K 190 -14.05 -36.82 51.62
N TRP K 191 -14.84 -35.96 51.01
CA TRP K 191 -15.76 -35.12 51.78
C TRP K 191 -16.78 -35.96 52.52
N ASN K 192 -17.32 -36.96 51.85
CA ASN K 192 -18.30 -37.84 52.46
C ASN K 192 -17.69 -38.58 53.64
N ASP K 193 -16.49 -39.11 53.46
CA ASP K 193 -15.86 -39.87 54.53
C ASP K 193 -15.49 -38.97 55.69
N ASN K 194 -14.97 -37.78 55.40
CA ASN K 194 -14.36 -36.94 56.42
C ASN K 194 -15.34 -36.03 57.11
N TRP K 195 -16.33 -35.51 56.40
CA TRP K 195 -17.35 -34.74 57.09
C TRP K 195 -18.66 -35.50 57.23
N LEU K 196 -19.25 -35.94 56.11
CA LEU K 196 -20.61 -36.45 56.16
C LEU K 196 -20.71 -37.67 57.05
N GLU K 197 -19.83 -38.65 56.83
CA GLU K 197 -19.93 -39.89 57.57
C GLU K 197 -19.19 -39.83 58.89
N LYS K 198 -17.95 -39.34 58.89
CA LYS K 198 -17.17 -39.32 60.12
C LYS K 198 -17.74 -38.31 61.11
N GLN K 199 -17.99 -37.09 60.66
CA GLN K 199 -18.36 -36.03 61.58
C GLN K 199 -19.86 -35.88 61.72
N TRP K 200 -20.57 -35.76 60.60
CA TRP K 200 -22.01 -35.53 60.70
C TRP K 200 -22.73 -36.77 61.20
N LEU K 201 -22.53 -37.90 60.54
CA LEU K 201 -23.32 -39.09 60.83
C LEU K 201 -22.69 -39.99 61.88
N GLY K 202 -21.37 -40.10 61.90
CA GLY K 202 -20.77 -41.16 62.70
C GLY K 202 -21.13 -42.54 62.21
N CYS K 203 -21.61 -42.64 60.97
CA CYS K 203 -21.98 -43.91 60.34
C CYS K 203 -21.94 -43.69 58.84
N SER K 204 -22.19 -44.76 58.09
CA SER K 204 -22.24 -44.63 56.64
C SER K 204 -23.49 -43.88 56.21
N VAL K 205 -23.43 -43.31 55.01
CA VAL K 205 -24.63 -42.69 54.44
C VAL K 205 -25.73 -43.73 54.30
N ASP K 206 -25.35 -44.96 53.94
CA ASP K 206 -26.34 -46.02 53.79
C ASP K 206 -27.07 -46.27 55.10
N ARG K 207 -26.33 -46.32 56.21
CA ARG K 207 -26.98 -46.55 57.49
C ARG K 207 -27.98 -45.45 57.81
N TRP K 208 -27.60 -44.20 57.54
CA TRP K 208 -28.53 -43.10 57.79
C TRP K 208 -29.77 -43.21 56.93
N LEU K 209 -29.58 -43.52 55.64
CA LEU K 209 -30.70 -43.60 54.71
C LEU K 209 -31.62 -44.77 55.00
N GLU K 210 -31.21 -45.68 55.88
CA GLU K 210 -32.10 -46.74 56.35
C GLU K 210 -33.15 -46.22 57.30
N ASN K 211 -32.99 -45.01 57.83
CA ASN K 211 -33.98 -44.44 58.74
C ASN K 211 -35.20 -44.03 57.93
N LYS K 212 -36.32 -44.72 58.18
CA LYS K 212 -37.56 -44.48 57.47
C LYS K 212 -38.63 -43.85 58.34
N THR K 213 -38.45 -43.84 59.65
CA THR K 213 -39.41 -43.27 60.57
C THR K 213 -38.68 -42.41 61.58
N TRP K 214 -39.45 -41.59 62.30
CA TRP K 214 -38.87 -40.82 63.38
C TRP K 214 -38.29 -41.74 64.44
N ASN K 215 -39.01 -42.82 64.75
CA ASN K 215 -38.50 -43.81 65.69
C ASN K 215 -37.21 -44.43 65.17
N ASP K 216 -37.11 -44.61 63.85
CA ASP K 216 -35.85 -45.07 63.27
C ASP K 216 -34.74 -44.09 63.58
N VAL K 217 -35.01 -42.79 63.47
CA VAL K 217 -33.98 -41.79 63.74
C VAL K 217 -33.56 -41.82 65.20
N LEU K 218 -34.53 -41.94 66.12
CA LEU K 218 -34.18 -42.00 67.53
C LEU K 218 -33.37 -43.25 67.84
N ALA K 219 -33.78 -44.40 67.28
CA ALA K 219 -33.01 -45.63 67.44
C ALA K 219 -31.62 -45.47 66.85
N TRP K 220 -31.51 -44.77 65.74
CA TRP K 220 -30.20 -44.52 65.14
C TRP K 220 -29.32 -43.70 66.07
N VAL K 221 -29.90 -42.69 66.71
CA VAL K 221 -29.14 -41.88 67.65
C VAL K 221 -28.61 -42.75 68.78
N ASP K 222 -29.45 -43.64 69.29
CA ASP K 222 -29.06 -44.47 70.44
C ASP K 222 -28.33 -45.74 70.06
N GLU K 223 -28.19 -46.02 68.76
CA GLU K 223 -27.72 -47.34 68.33
C GLU K 223 -26.31 -47.63 68.81
N ASN K 224 -25.41 -46.66 68.69
CA ASN K 224 -24.03 -46.84 69.11
C ASN K 224 -23.46 -45.47 69.42
N GLU K 225 -22.28 -45.49 70.03
CA GLU K 225 -21.66 -44.25 70.47
C GLU K 225 -21.25 -43.38 69.29
N SER K 226 -20.87 -43.98 68.16
CA SER K 226 -20.47 -43.17 67.01
C SER K 226 -21.62 -42.31 66.53
N GLN K 227 -22.79 -42.91 66.37
CA GLN K 227 -23.95 -42.15 65.92
C GLN K 227 -24.46 -41.25 67.02
N TYR K 228 -24.39 -41.72 68.27
CA TYR K 228 -24.82 -40.92 69.41
C TYR K 228 -24.03 -39.62 69.50
N ASN K 229 -22.72 -39.69 69.33
CA ASN K 229 -21.83 -38.56 69.47
C ASN K 229 -21.51 -37.90 68.16
N SER K 230 -22.10 -38.35 67.07
CA SER K 230 -21.97 -37.65 65.81
C SER K 230 -22.59 -36.27 65.93
N ASP K 231 -22.23 -35.39 64.99
CA ASP K 231 -22.88 -34.09 64.98
C ASP K 231 -24.38 -34.24 64.79
N CYS K 232 -24.80 -35.21 63.99
CA CYS K 232 -26.23 -35.44 63.79
C CYS K 232 -26.89 -35.94 65.06
N GLY K 233 -26.31 -36.97 65.68
CA GLY K 233 -26.88 -37.49 66.90
C GLY K 233 -26.87 -36.46 68.01
N PHE K 234 -25.75 -35.75 68.15
CA PHE K 234 -25.69 -34.70 69.16
C PHE K 234 -26.71 -33.63 68.87
N PHE K 235 -26.87 -33.24 67.60
CA PHE K 235 -27.81 -32.19 67.26
C PHE K 235 -29.23 -32.60 67.59
N ILE K 236 -29.59 -33.84 67.29
CA ILE K 236 -30.94 -34.32 67.61
C ILE K 236 -31.14 -34.31 69.11
N ARG K 237 -30.17 -34.85 69.84
CA ARG K 237 -30.29 -34.89 71.30
C ARG K 237 -30.35 -33.48 71.88
N TYR K 238 -29.54 -32.57 71.35
CA TYR K 238 -29.56 -31.19 71.80
C TYR K 238 -30.90 -30.54 71.53
N CYS K 239 -31.45 -30.76 70.34
CA CYS K 239 -32.74 -30.20 70.00
C CYS K 239 -33.82 -30.72 70.94
N LEU K 240 -33.82 -32.02 71.19
CA LEU K 240 -34.82 -32.59 72.08
C LEU K 240 -34.62 -32.10 73.51
N ASP K 241 -33.39 -31.84 73.91
CA ASP K 241 -33.13 -31.39 75.26
C ASP K 241 -33.52 -29.92 75.46
N VAL K 242 -33.17 -29.06 74.49
CA VAL K 242 -33.35 -27.62 74.65
C VAL K 242 -34.65 -27.14 74.02
N GLY K 243 -35.40 -28.00 73.36
CA GLY K 243 -36.71 -27.62 72.87
C GLY K 243 -36.75 -27.08 71.46
N LEU K 244 -35.75 -27.37 70.62
CA LEU K 244 -35.83 -26.95 69.22
C LEU K 244 -36.87 -27.73 68.45
N ASP K 245 -37.39 -28.81 69.00
CA ASP K 245 -38.47 -29.56 68.39
C ASP K 245 -39.84 -29.01 68.75
N LYS K 246 -39.90 -27.94 69.54
CA LYS K 246 -41.16 -27.47 70.09
C LYS K 246 -41.67 -26.18 69.47
N TYR K 247 -40.90 -25.53 68.60
CA TYR K 247 -41.36 -24.32 67.95
C TYR K 247 -40.73 -24.22 66.58
N GLY K 248 -41.09 -23.17 65.85
CA GLY K 248 -40.72 -23.06 64.46
C GLY K 248 -41.51 -23.96 63.54
N GLN K 249 -42.73 -24.35 63.96
CA GLN K 249 -43.54 -25.24 63.15
C GLN K 249 -43.81 -24.66 61.77
N GLY K 250 -44.29 -23.42 61.73
CA GLY K 250 -44.57 -22.79 60.47
C GLY K 250 -45.90 -23.21 59.87
N VAL K 251 -46.00 -23.01 58.56
CA VAL K 251 -47.26 -23.23 57.84
C VAL K 251 -47.67 -24.69 57.87
N GLY K 252 -46.70 -25.61 57.83
CA GLY K 252 -47.03 -27.01 57.66
C GLY K 252 -47.43 -27.35 56.25
N ASN K 253 -47.38 -26.41 55.33
CA ASN K 253 -47.61 -26.61 53.92
C ASN K 253 -46.33 -26.30 53.17
N TYR K 254 -46.05 -27.09 52.15
CA TYR K 254 -44.73 -27.12 51.56
C TYR K 254 -44.80 -27.07 50.05
N LEU K 255 -43.81 -26.41 49.47
CA LEU K 255 -43.65 -26.36 48.03
C LEU K 255 -42.26 -26.89 47.70
N ALA K 256 -42.22 -27.89 46.83
CA ALA K 256 -40.99 -28.31 46.20
C ALA K 256 -41.20 -28.24 44.70
N THR K 257 -40.37 -27.46 44.02
CA THR K 257 -40.39 -27.51 42.57
C THR K 257 -39.57 -28.67 42.04
N GLY K 258 -38.77 -29.31 42.90
CA GLY K 258 -37.97 -30.42 42.48
C GLY K 258 -36.76 -29.98 41.69
N THR K 259 -35.80 -30.88 41.53
CA THR K 259 -34.67 -30.65 40.64
C THR K 259 -34.04 -32.00 40.34
N TYR K 260 -32.88 -31.99 39.69
CA TYR K 260 -32.20 -33.23 39.31
C TYR K 260 -32.99 -34.03 38.30
N PHE K 261 -32.95 -33.63 37.05
CA PHE K 261 -33.62 -34.38 36.01
C PHE K 261 -32.94 -35.71 35.71
N GLU K 262 -33.75 -36.72 35.51
CA GLU K 262 -33.26 -37.97 34.95
C GLU K 262 -32.85 -37.67 33.51
N PRO K 263 -31.59 -37.90 33.15
CA PRO K 263 -31.10 -37.39 31.86
C PRO K 263 -31.93 -37.84 30.67
N SER K 264 -32.39 -39.09 30.66
CA SER K 264 -33.14 -39.57 29.51
C SER K 264 -34.54 -38.95 29.44
N LEU K 265 -35.05 -38.41 30.54
CA LEU K 265 -36.40 -37.89 30.58
C LEU K 265 -36.49 -36.40 30.33
N TYR K 266 -35.37 -35.69 30.31
CA TYR K 266 -35.41 -34.25 30.09
C TYR K 266 -34.40 -33.84 29.04
N GLU K 267 -34.20 -34.69 28.03
CA GLU K 267 -33.31 -34.35 26.93
C GLU K 267 -33.84 -33.18 26.12
N ASN K 268 -35.13 -32.94 26.13
CA ASN K 268 -35.74 -31.82 25.44
C ASN K 268 -36.60 -31.08 26.44
N PRO K 269 -35.99 -30.20 27.23
CA PRO K 269 -36.70 -29.56 28.34
C PRO K 269 -37.96 -28.85 27.87
N THR K 270 -39.06 -29.15 28.54
CA THR K 270 -40.30 -28.42 28.40
C THR K 270 -40.83 -28.13 29.79
N ILE K 271 -41.68 -27.11 29.87
CA ILE K 271 -42.36 -26.84 31.13
C ILE K 271 -43.25 -28.02 31.51
N GLU K 272 -44.00 -28.55 30.55
CA GLU K 272 -44.99 -29.57 30.85
C GLU K 272 -44.34 -30.89 31.25
N GLY K 273 -43.21 -31.24 30.62
CA GLY K 273 -42.55 -32.49 30.93
C GLY K 273 -41.62 -32.42 32.12
N ARG K 274 -41.57 -31.28 32.79
CA ARG K 274 -40.56 -31.09 33.84
C ARG K 274 -40.79 -32.03 35.02
N ASN K 275 -42.03 -32.09 35.52
CA ASN K 275 -42.29 -32.82 36.76
C ASN K 275 -41.94 -34.29 36.63
N ALA K 276 -42.33 -34.91 35.50
CA ALA K 276 -42.07 -36.33 35.34
C ALA K 276 -40.59 -36.64 35.30
N ALA K 277 -39.78 -35.73 34.77
CA ALA K 277 -38.36 -35.98 34.60
C ALA K 277 -37.57 -35.81 35.89
N LEU K 278 -38.16 -35.21 36.92
CA LEU K 278 -37.43 -34.91 38.14
C LEU K 278 -37.06 -36.18 38.88
N ILE K 279 -35.84 -36.19 39.42
CA ILE K 279 -35.45 -37.19 40.41
C ILE K 279 -35.83 -36.73 41.81
N GLY K 280 -35.38 -35.54 42.19
CA GLY K 280 -35.85 -34.96 43.43
C GLY K 280 -37.20 -34.38 43.13
N ARG K 281 -38.24 -35.10 43.53
CA ARG K 281 -39.57 -34.82 43.02
C ARG K 281 -40.09 -33.46 43.46
N SER K 282 -40.79 -32.81 42.55
CA SER K 282 -41.63 -31.69 42.93
C SER K 282 -42.83 -32.21 43.73
N GLY K 283 -43.57 -31.28 44.29
CA GLY K 283 -44.74 -31.64 45.04
C GLY K 283 -45.12 -30.54 45.98
N VAL K 284 -46.41 -30.29 46.08
CA VAL K 284 -46.96 -29.38 47.05
C VAL K 284 -47.63 -30.22 48.11
N PHE K 285 -47.34 -29.95 49.36
CA PHE K 285 -47.95 -30.66 50.48
C PHE K 285 -48.76 -29.65 51.26
N ALA K 286 -50.08 -29.65 51.07
CA ALA K 286 -50.92 -28.64 51.68
C ALA K 286 -52.13 -29.32 52.31
N ASP K 287 -52.49 -28.87 53.50
CA ASP K 287 -53.62 -29.43 54.23
C ASP K 287 -53.49 -30.94 54.37
N GLY K 288 -52.26 -31.40 54.58
CA GLY K 288 -52.01 -32.82 54.74
C GLY K 288 -52.17 -33.64 53.49
N ARG K 289 -52.19 -33.02 52.32
CA ARG K 289 -52.44 -33.71 51.07
C ARG K 289 -51.38 -33.35 50.06
N TYR K 290 -51.12 -34.29 49.15
CA TYR K 290 -50.14 -34.11 48.10
C TYR K 290 -50.79 -33.59 46.84
N PHE K 291 -50.14 -32.62 46.22
CA PHE K 291 -50.57 -32.02 44.97
C PHE K 291 -49.37 -31.97 44.02
N GLU K 292 -49.64 -32.07 42.74
CA GLU K 292 -48.60 -31.86 41.76
C GLU K 292 -48.25 -30.39 41.68
N PHE K 293 -46.96 -30.07 41.66
CA PHE K 293 -46.55 -28.69 41.45
C PHE K 293 -46.89 -28.26 40.04
N ASP K 294 -47.43 -27.05 39.91
CA ASP K 294 -47.69 -26.45 38.62
C ASP K 294 -47.30 -24.98 38.70
N GLN K 295 -46.31 -24.59 37.90
CA GLN K 295 -45.83 -23.21 37.94
C GLN K 295 -46.93 -22.21 37.63
N ALA K 296 -47.96 -22.62 36.91
CA ALA K 296 -49.07 -21.74 36.61
C ALA K 296 -49.79 -21.28 37.87
N ASN K 297 -49.67 -22.03 38.96
CA ASN K 297 -50.32 -21.69 40.22
C ASN K 297 -49.52 -20.70 41.04
N VAL K 298 -48.37 -20.28 40.51
CA VAL K 298 -47.50 -19.39 41.32
C VAL K 298 -47.89 -17.93 41.10
N THR K 299 -48.20 -17.21 42.16
CA THR K 299 -48.40 -15.78 42.07
C THR K 299 -47.43 -15.11 43.03
N GLU K 300 -47.16 -13.85 42.76
CA GLU K 300 -46.39 -13.03 43.70
C GLU K 300 -47.22 -11.82 44.06
N ASP K 301 -47.42 -11.65 45.36
CA ASP K 301 -48.16 -10.54 45.94
C ASP K 301 -47.18 -9.50 46.44
N VAL K 302 -47.46 -8.23 46.19
CA VAL K 302 -46.59 -7.18 46.69
C VAL K 302 -47.34 -6.24 47.63
N THR K 303 -48.46 -6.72 48.19
CA THR K 303 -49.29 -5.87 49.04
C THR K 303 -48.48 -5.29 50.20
N HIS K 304 -47.69 -6.13 50.86
CA HIS K 304 -46.84 -5.70 51.95
C HIS K 304 -45.38 -5.62 51.53
N SER K 305 -45.11 -5.67 50.24
CA SER K 305 -43.77 -5.57 49.70
C SER K 305 -43.54 -4.19 49.12
N PHE K 306 -42.28 -3.78 49.08
CA PHE K 306 -41.95 -2.46 48.59
C PHE K 306 -41.98 -2.40 47.08
N TYR K 307 -43.10 -2.82 46.49
CA TYR K 307 -43.25 -2.77 45.05
C TYR K 307 -44.65 -2.27 44.72
N GLU K 308 -44.76 -1.62 43.57
CA GLU K 308 -46.05 -1.24 43.05
C GLU K 308 -46.80 -2.48 42.60
N GLY K 309 -48.11 -2.47 42.79
CA GLY K 309 -48.91 -3.58 42.35
C GLY K 309 -50.18 -3.69 43.16
N ASN K 310 -51.25 -4.17 42.53
CA ASN K 310 -52.53 -4.29 43.21
C ASN K 310 -53.12 -5.69 43.16
N ARG K 311 -52.51 -6.60 42.42
CA ARG K 311 -53.00 -7.97 42.36
C ARG K 311 -51.82 -8.92 42.30
N PRO K 312 -51.97 -10.13 42.81
CA PRO K 312 -50.92 -11.13 42.64
C PRO K 312 -50.70 -11.41 41.17
N LEU K 313 -49.43 -11.54 40.79
CA LEU K 313 -49.06 -11.71 39.39
C LEU K 313 -48.35 -13.03 39.22
N HIS K 314 -48.79 -13.81 38.25
CA HIS K 314 -47.98 -14.92 37.83
C HIS K 314 -46.67 -14.38 37.26
N PRO K 315 -45.53 -14.99 37.58
CA PRO K 315 -44.25 -14.35 37.23
C PRO K 315 -44.05 -14.15 35.73
N PHE K 316 -44.73 -14.90 34.88
CA PHE K 316 -44.65 -14.61 33.45
C PHE K 316 -45.13 -13.20 33.15
N GLU K 317 -46.09 -12.70 33.92
CA GLU K 317 -46.51 -11.31 33.87
C GLU K 317 -46.00 -10.52 35.07
N GLY K 318 -44.97 -11.03 35.73
CA GLY K 318 -44.46 -10.36 36.92
C GLY K 318 -43.88 -9.01 36.60
N GLU K 319 -43.85 -8.17 37.63
CA GLU K 319 -43.31 -6.83 37.56
C GLU K 319 -42.53 -6.57 38.83
N THR K 320 -41.44 -5.84 38.71
CA THR K 320 -40.64 -5.46 39.87
C THR K 320 -40.47 -3.96 39.79
N ILE K 321 -41.45 -3.24 40.32
CA ILE K 321 -41.42 -1.78 40.31
C ILE K 321 -41.30 -1.33 41.75
N PRO K 322 -40.11 -0.99 42.20
CA PRO K 322 -39.92 -0.64 43.61
C PRO K 322 -40.70 0.62 43.97
N VAL K 323 -41.15 0.66 45.20
CA VAL K 323 -41.66 1.89 45.80
C VAL K 323 -40.69 2.29 46.90
N ASN K 324 -40.63 3.57 47.17
CA ASN K 324 -39.73 4.06 48.19
C ASN K 324 -40.15 3.50 49.54
N PRO K 325 -39.24 2.89 50.30
CA PRO K 325 -39.64 2.24 51.55
C PRO K 325 -40.34 3.17 52.51
N GLU K 326 -40.05 4.46 52.49
CA GLU K 326 -40.78 5.40 53.31
C GLU K 326 -42.27 5.41 52.94
N ASP K 327 -42.56 5.59 51.65
CA ASP K 327 -43.93 5.56 51.17
C ASP K 327 -44.57 4.20 51.42
N GLY K 328 -43.83 3.13 51.12
CA GLY K 328 -44.38 1.79 51.30
C GLY K 328 -44.74 1.52 52.74
N ARG K 329 -43.89 1.94 53.67
CA ARG K 329 -44.20 1.79 55.08
C ARG K 329 -45.42 2.62 55.46
N ARG K 330 -45.59 3.78 54.82
CA ARG K 330 -46.85 4.49 55.01
C ARG K 330 -48.04 3.68 54.51
N GLN K 331 -47.81 2.80 53.54
CA GLN K 331 -48.88 1.94 53.02
C GLN K 331 -48.91 0.57 53.69
N GLY K 332 -48.18 0.37 54.77
CA GLY K 332 -48.16 -0.93 55.42
C GLY K 332 -47.21 -1.93 54.81
N LYS K 333 -46.47 -1.55 53.78
CA LYS K 333 -45.45 -2.43 53.22
C LYS K 333 -44.22 -2.43 54.13
N TYR K 334 -43.59 -3.58 54.26
CA TYR K 334 -42.49 -3.67 55.22
C TYR K 334 -41.33 -4.53 54.74
N SER K 335 -41.34 -5.01 53.52
CA SER K 335 -40.28 -5.91 53.11
C SER K 335 -40.00 -5.77 51.62
N TRP K 336 -38.73 -5.87 51.27
CA TRP K 336 -38.37 -5.99 49.86
C TRP K 336 -38.68 -7.37 49.29
N ALA K 337 -39.05 -8.32 50.15
CA ALA K 337 -39.49 -9.62 49.66
C ALA K 337 -40.86 -9.50 49.04
N LYS K 338 -41.02 -10.06 47.85
CA LYS K 338 -42.37 -10.34 47.39
C LYS K 338 -42.95 -11.47 48.21
N SER K 339 -44.26 -11.64 48.11
CA SER K 339 -45.00 -12.68 48.82
C SER K 339 -45.43 -13.73 47.81
N PRO K 340 -44.61 -14.74 47.54
CA PRO K 340 -45.05 -15.79 46.63
C PRO K 340 -46.14 -16.60 47.30
N ARG K 341 -47.20 -16.86 46.56
CA ARG K 341 -48.29 -17.68 47.01
C ARG K 341 -48.57 -18.70 45.92
N TYR K 342 -49.14 -19.83 46.34
CA TYR K 342 -49.45 -20.92 45.43
C TYR K 342 -50.93 -21.21 45.52
N ALA K 343 -51.57 -21.29 44.36
CA ALA K 343 -53.00 -21.61 44.32
C ALA K 343 -53.16 -23.11 44.55
N VAL K 344 -53.60 -23.47 45.74
CA VAL K 344 -53.96 -24.85 46.07
C VAL K 344 -55.48 -24.95 46.03
N PRO K 345 -56.05 -25.89 45.26
CA PRO K 345 -57.51 -26.01 45.21
C PRO K 345 -58.09 -26.25 46.59
N GLY K 346 -59.21 -25.59 46.87
CA GLY K 346 -59.83 -25.67 48.17
C GLY K 346 -59.15 -24.86 49.25
N LEU K 347 -58.00 -24.25 48.95
CA LEU K 347 -57.30 -23.42 49.91
C LEU K 347 -56.99 -22.02 49.42
N GLY K 348 -57.12 -21.75 48.13
CA GLY K 348 -56.79 -20.43 47.62
C GLY K 348 -55.28 -20.28 47.45
N ASN K 349 -54.84 -19.03 47.40
CA ASN K 349 -53.42 -18.72 47.22
C ASN K 349 -52.77 -18.69 48.59
N VAL K 350 -52.09 -19.78 48.94
CA VAL K 350 -51.57 -19.96 50.28
C VAL K 350 -50.05 -19.79 50.29
N PRO K 351 -49.46 -19.42 51.42
CA PRO K 351 -48.01 -19.51 51.53
C PRO K 351 -47.59 -20.97 51.68
N LEU K 352 -46.47 -21.29 51.06
CA LEU K 352 -45.92 -22.63 51.13
C LEU K 352 -44.49 -22.51 51.61
N GLU K 353 -44.13 -23.32 52.60
CA GLU K 353 -42.75 -23.36 53.02
C GLU K 353 -41.93 -24.12 51.99
N THR K 354 -40.80 -23.53 51.59
CA THR K 354 -39.89 -24.21 50.69
C THR K 354 -38.65 -24.63 51.46
N GLY K 355 -37.95 -25.59 50.90
CA GLY K 355 -36.71 -26.00 51.50
C GLY K 355 -36.58 -27.50 51.57
N PRO K 356 -35.54 -27.95 52.23
CA PRO K 356 -35.34 -29.40 52.35
C PRO K 356 -36.54 -30.11 52.93
N LEU K 357 -37.19 -29.52 53.93
CA LEU K 357 -38.38 -30.17 54.49
C LEU K 357 -39.47 -30.30 53.44
N ALA K 358 -39.67 -29.26 52.63
CA ALA K 358 -40.63 -29.35 51.54
C ALA K 358 -40.24 -30.46 50.57
N ARG K 359 -38.95 -30.57 50.27
CA ARG K 359 -38.49 -31.62 49.37
C ARG K 359 -38.73 -33.01 49.95
N ARG K 360 -38.44 -33.19 51.24
CA ARG K 360 -38.64 -34.49 51.87
C ARG K 360 -40.11 -34.86 51.88
N MET K 361 -40.98 -33.89 52.17
CA MET K 361 -42.40 -34.16 52.10
C MET K 361 -42.81 -34.56 50.69
N ALA K 362 -42.29 -33.84 49.69
CA ALA K 362 -42.59 -34.20 48.29
C ALA K 362 -42.08 -35.58 47.97
N ALA K 363 -40.90 -35.93 48.49
CA ALA K 363 -40.33 -37.26 48.29
C ALA K 363 -41.16 -38.33 48.97
N SER K 364 -42.00 -37.95 49.93
CA SER K 364 -42.90 -38.89 50.55
C SER K 364 -44.21 -39.07 49.79
N ALA K 365 -44.39 -38.36 48.68
CA ALA K 365 -45.61 -38.49 47.91
C ALA K 365 -45.70 -39.89 47.30
N PRO K 366 -46.91 -40.40 47.09
CA PRO K 366 -47.07 -41.70 46.43
C PRO K 366 -46.65 -41.63 44.97
N ASP K 367 -46.63 -42.80 44.34
CA ASP K 367 -46.49 -42.91 42.89
C ASP K 367 -45.18 -42.30 42.40
N ALA K 368 -44.11 -42.56 43.13
CA ALA K 368 -42.79 -42.17 42.65
C ALA K 368 -42.37 -43.10 41.52
N GLU K 369 -41.85 -42.53 40.44
CA GLU K 369 -41.26 -43.34 39.39
C GLU K 369 -39.90 -43.87 39.85
N THR K 370 -39.34 -44.80 39.08
CA THR K 370 -38.14 -45.50 39.50
C THR K 370 -36.98 -44.54 39.71
N HIS K 371 -36.85 -43.54 38.84
CA HIS K 371 -35.77 -42.56 38.94
C HIS K 371 -35.97 -41.56 40.06
N GLN K 372 -37.11 -41.57 40.72
CA GLN K 372 -37.51 -40.48 41.60
C GLN K 372 -37.26 -40.80 43.06
N ASP K 373 -36.95 -39.75 43.82
CA ASP K 373 -36.77 -39.84 45.26
C ASP K 373 -38.07 -40.30 45.91
N ASP K 374 -38.06 -41.52 46.46
CA ASP K 374 -39.19 -42.07 47.20
C ASP K 374 -38.71 -42.32 48.62
N ASP K 375 -39.08 -41.43 49.52
CA ASP K 375 -38.57 -41.46 50.89
C ASP K 375 -39.71 -41.14 51.85
N PRO K 376 -40.18 -42.12 52.64
CA PRO K 376 -41.26 -41.86 53.57
C PRO K 376 -40.83 -41.26 54.89
N LEU K 377 -39.53 -40.99 55.06
CA LEU K 377 -39.03 -40.63 56.38
C LEU K 377 -39.73 -39.38 56.91
N PHE K 378 -39.83 -38.35 56.08
CA PHE K 378 -40.34 -37.11 56.62
C PHE K 378 -41.85 -36.99 56.57
N ALA K 379 -42.53 -37.82 55.77
CA ALA K 379 -43.96 -38.00 56.02
C ALA K 379 -44.18 -38.52 57.43
N ASP K 380 -43.38 -39.52 57.82
CA ASP K 380 -43.50 -40.09 59.15
C ASP K 380 -43.13 -39.08 60.23
N ILE K 381 -42.04 -38.34 60.03
CA ILE K 381 -41.63 -37.35 61.01
C ILE K 381 -42.68 -36.26 61.14
N TYR K 382 -43.22 -35.79 60.01
CA TYR K 382 -44.27 -34.78 60.03
C TYR K 382 -45.49 -35.28 60.79
N ASN K 383 -45.87 -36.54 60.58
CA ASN K 383 -47.04 -37.06 61.27
C ASN K 383 -46.75 -37.34 62.74
N ALA K 384 -45.49 -37.62 63.08
CA ALA K 384 -45.16 -38.03 64.44
C ALA K 384 -44.93 -36.83 65.34
N ILE K 385 -44.06 -35.91 64.92
CA ILE K 385 -43.72 -34.75 65.73
C ILE K 385 -43.99 -33.43 65.03
N GLY K 386 -44.35 -33.46 63.75
CA GLY K 386 -44.68 -32.24 63.04
C GLY K 386 -43.44 -31.41 62.74
N PRO K 387 -43.62 -30.33 62.00
CA PRO K 387 -42.49 -29.46 61.68
C PRO K 387 -42.01 -28.74 62.92
N SER K 388 -40.74 -28.35 62.87
CA SER K 388 -40.12 -27.56 63.94
C SER K 388 -38.75 -27.15 63.43
N VAL K 389 -38.06 -26.33 64.22
CA VAL K 389 -36.68 -25.99 63.90
C VAL K 389 -35.86 -27.26 63.73
N MET K 390 -36.03 -28.20 64.67
CA MET K 390 -35.28 -29.45 64.61
C MET K 390 -35.61 -30.26 63.36
N VAL K 391 -36.90 -30.38 63.05
CA VAL K 391 -37.31 -31.22 61.93
C VAL K 391 -36.89 -30.57 60.61
N ARG K 392 -37.04 -29.24 60.51
CA ARG K 392 -36.56 -28.55 59.33
C ARG K 392 -35.06 -28.76 59.13
N GLN K 393 -34.29 -28.61 60.21
CA GLN K 393 -32.86 -28.82 60.10
C GLN K 393 -32.55 -30.27 59.74
N LEU K 394 -33.28 -31.21 60.31
CA LEU K 394 -33.03 -32.62 60.03
C LEU K 394 -33.31 -32.93 58.58
N ALA K 395 -34.34 -32.30 58.00
CA ALA K 395 -34.59 -32.47 56.57
C ALA K 395 -33.39 -31.99 55.76
N ARG K 396 -32.89 -30.81 56.10
CA ARG K 396 -31.72 -30.28 55.41
C ARG K 396 -30.55 -31.26 55.49
N MET K 397 -30.26 -31.72 56.70
CA MET K 397 -29.13 -32.61 56.92
C MET K 397 -29.34 -33.97 56.27
N HIS K 398 -30.59 -34.44 56.24
CA HIS K 398 -30.93 -35.71 55.62
C HIS K 398 -30.60 -35.68 54.14
N GLU K 399 -30.71 -34.51 53.52
CA GLU K 399 -30.36 -34.42 52.11
C GLU K 399 -28.89 -34.68 51.83
N GLY K 400 -28.01 -34.48 52.81
CA GLY K 400 -26.60 -34.71 52.65
C GLY K 400 -26.28 -36.11 52.15
N PRO K 401 -26.62 -37.14 52.93
CA PRO K 401 -26.37 -38.51 52.46
C PRO K 401 -27.07 -38.83 51.15
N LYS K 402 -28.31 -38.37 51.01
CA LYS K 402 -29.10 -38.69 49.82
C LYS K 402 -28.48 -38.06 48.58
N TYR K 403 -28.17 -36.77 48.65
CA TYR K 403 -27.58 -36.09 47.52
C TYR K 403 -26.17 -36.59 47.25
N TYR K 404 -25.43 -36.94 48.29
CA TYR K 404 -24.10 -37.50 48.06
C TYR K 404 -24.21 -38.76 47.22
N LYS K 405 -25.13 -39.65 47.59
CA LYS K 405 -25.31 -40.88 46.82
C LYS K 405 -25.71 -40.58 45.38
N TRP K 406 -26.62 -39.63 45.21
CA TRP K 406 -27.04 -39.28 43.85
C TRP K 406 -25.87 -38.76 43.03
N VAL K 407 -25.07 -37.88 43.63
CA VAL K 407 -23.94 -37.30 42.91
C VAL K 407 -22.94 -38.38 42.54
N ARG K 408 -22.64 -39.26 43.49
CA ARG K 408 -21.70 -40.34 43.21
C ARG K 408 -22.20 -41.18 42.04
N GLN K 409 -23.48 -41.52 42.04
CA GLN K 409 -24.02 -42.28 40.93
C GLN K 409 -23.97 -41.50 39.63
N TRP K 410 -24.30 -40.20 39.67
CA TRP K 410 -24.28 -39.41 38.44
C TRP K 410 -22.87 -39.34 37.87
N LEU K 411 -21.87 -39.18 38.73
CA LEU K 411 -20.49 -39.19 38.27
C LEU K 411 -20.17 -40.51 37.60
N ASP K 412 -20.68 -41.61 38.16
CA ASP K 412 -20.54 -42.89 37.48
C ASP K 412 -21.30 -42.93 36.16
N ASP K 413 -22.40 -42.18 36.07
CA ASP K 413 -23.26 -42.22 34.89
C ASP K 413 -22.67 -41.44 33.72
N LEU K 414 -21.71 -40.55 33.98
CA LEU K 414 -21.14 -39.75 32.91
C LEU K 414 -20.54 -40.66 31.85
N GLU K 415 -20.90 -40.41 30.60
CA GLU K 415 -20.36 -41.14 29.47
C GLU K 415 -19.44 -40.16 28.76
N LEU K 416 -18.15 -40.24 29.09
CA LEU K 416 -17.24 -39.13 28.80
C LEU K 416 -17.06 -38.93 27.29
N LYS K 417 -17.25 -39.98 26.50
CA LYS K 417 -17.15 -39.84 25.05
C LYS K 417 -18.34 -39.14 24.44
N GLU K 418 -19.43 -38.97 25.19
CA GLU K 418 -20.66 -38.45 24.63
C GLU K 418 -20.75 -36.94 24.80
N SER K 419 -21.73 -36.37 24.12
CA SER K 419 -21.85 -34.92 24.02
C SER K 419 -22.22 -34.31 25.36
N PHE K 420 -21.72 -33.10 25.58
CA PHE K 420 -22.08 -32.30 26.73
C PHE K 420 -22.87 -31.07 26.34
N TYR K 421 -23.12 -30.89 25.05
CA TYR K 421 -23.70 -29.64 24.58
C TYR K 421 -24.27 -29.89 23.20
N THR K 422 -25.52 -29.50 23.02
CA THR K 422 -26.15 -29.44 21.71
C THR K 422 -26.40 -27.98 21.43
N LYS K 423 -25.74 -27.45 20.41
CA LYS K 423 -25.88 -26.05 20.09
C LYS K 423 -27.35 -25.74 19.85
N PRO K 424 -27.96 -24.86 20.61
CA PRO K 424 -29.38 -24.56 20.42
C PRO K 424 -29.55 -23.46 19.36
N VAL K 425 -30.79 -23.34 18.90
CA VAL K 425 -31.19 -22.18 18.13
C VAL K 425 -31.58 -21.10 19.13
N GLU K 426 -30.92 -19.95 19.04
CA GLU K 426 -31.21 -18.82 19.94
C GLU K 426 -32.41 -18.07 19.35
N TYR K 427 -33.60 -18.58 19.66
CA TYR K 427 -34.82 -18.00 19.11
C TYR K 427 -35.02 -16.58 19.61
N ALA K 428 -35.53 -15.72 18.73
CA ALA K 428 -35.81 -14.34 19.08
C ALA K 428 -36.94 -14.23 20.08
N GLU K 429 -37.81 -15.22 20.13
CA GLU K 429 -38.96 -15.25 21.02
C GLU K 429 -38.92 -16.53 21.83
N GLY K 430 -39.53 -16.49 23.00
CA GLY K 430 -39.63 -17.70 23.79
C GLY K 430 -40.14 -17.44 25.18
N LYS K 431 -40.79 -18.42 25.78
CA LYS K 431 -41.19 -18.34 27.17
C LYS K 431 -40.60 -19.55 27.87
N GLY K 432 -39.78 -19.29 28.87
CA GLY K 432 -39.03 -20.34 29.55
C GLY K 432 -39.39 -20.35 31.02
N PHE K 433 -39.47 -21.56 31.57
CA PHE K 433 -39.60 -21.74 33.00
C PHE K 433 -38.48 -22.67 33.41
N GLY K 434 -37.61 -22.19 34.26
CA GLY K 434 -36.56 -23.03 34.79
C GLY K 434 -36.78 -23.13 36.28
N SER K 435 -36.72 -24.33 36.83
CA SER K 435 -36.82 -24.42 38.27
C SER K 435 -35.85 -25.46 38.78
N THR K 436 -35.46 -25.27 40.02
CA THR K 436 -34.56 -26.19 40.69
C THR K 436 -34.88 -26.13 42.17
N GLU K 437 -34.22 -27.00 42.88
CA GLU K 437 -34.33 -26.90 44.34
C GLU K 437 -32.95 -26.47 44.74
N ALA K 438 -32.84 -25.21 45.02
CA ALA K 438 -31.57 -24.74 45.57
C ALA K 438 -31.52 -25.33 46.97
N ALA K 439 -30.39 -25.18 47.64
CA ALA K 439 -30.29 -25.72 49.01
C ALA K 439 -31.51 -25.32 49.83
N ARG K 440 -31.99 -24.10 49.66
CA ARG K 440 -33.05 -23.58 50.54
C ARG K 440 -34.43 -23.83 49.97
N GLY K 441 -34.50 -24.39 48.79
CA GLY K 441 -35.83 -24.73 48.29
C GLY K 441 -36.13 -24.34 46.87
N ALA K 442 -37.41 -24.29 46.56
CA ALA K 442 -37.87 -24.02 45.18
C ALA K 442 -37.31 -22.71 44.67
N LEU K 443 -36.51 -22.80 43.64
CA LEU K 443 -35.97 -21.59 43.02
C LEU K 443 -36.48 -21.63 41.58
N SER K 444 -37.07 -20.55 41.13
CA SER K 444 -37.71 -20.61 39.80
C SER K 444 -37.49 -19.33 39.02
N ASP K 445 -37.26 -19.47 37.72
CA ASP K 445 -37.14 -18.38 36.78
C ASP K 445 -38.27 -18.51 35.78
N TRP K 446 -39.01 -17.42 35.59
CA TRP K 446 -39.93 -17.28 34.48
C TRP K 446 -39.33 -16.22 33.57
N ILE K 447 -38.97 -16.61 32.36
CA ILE K 447 -38.33 -15.70 31.43
C ILE K 447 -39.20 -15.58 30.19
N VAL K 448 -39.29 -14.37 29.68
CA VAL K 448 -39.96 -14.08 28.42
C VAL K 448 -38.92 -13.40 27.57
N ILE K 449 -38.54 -14.05 26.49
CA ILE K 449 -37.62 -13.52 25.49
C ILE K 449 -38.46 -12.99 24.34
N GLU K 450 -38.22 -11.75 23.97
CA GLU K 450 -38.89 -11.13 22.84
C GLU K 450 -37.88 -10.31 22.08
N ASP K 451 -37.92 -10.42 20.75
CA ASP K 451 -37.06 -9.62 19.89
C ASP K 451 -35.58 -9.84 20.30
N SER K 452 -35.24 -11.10 20.58
CA SER K 452 -33.88 -11.50 20.94
C SER K 452 -33.38 -10.73 22.15
N LYS K 453 -34.29 -10.35 23.03
CA LYS K 453 -33.96 -9.64 24.24
C LYS K 453 -34.79 -10.21 25.37
N ILE K 454 -34.36 -9.96 26.60
CA ILE K 454 -35.15 -10.36 27.75
C ILE K 454 -36.33 -9.38 27.85
N LYS K 455 -37.54 -9.87 27.59
CA LYS K 455 -38.71 -9.03 27.76
C LYS K 455 -39.16 -9.01 29.22
N ASN K 456 -39.19 -10.18 29.85
CA ASN K 456 -39.45 -10.24 31.27
C ASN K 456 -38.56 -11.29 31.89
N TYR K 457 -38.22 -11.08 33.15
CA TYR K 457 -37.38 -12.02 33.87
C TYR K 457 -37.82 -11.93 35.32
N GLN K 458 -38.48 -12.97 35.81
CA GLN K 458 -38.98 -12.98 37.17
C GLN K 458 -38.38 -14.16 37.88
N VAL K 459 -37.68 -13.89 38.97
CA VAL K 459 -37.08 -14.91 39.80
C VAL K 459 -37.90 -15.00 41.08
N VAL K 460 -38.23 -16.23 41.41
CA VAL K 460 -38.90 -16.47 42.71
C VAL K 460 -37.98 -17.44 43.45
N THR K 461 -37.41 -16.94 44.52
CA THR K 461 -36.43 -17.74 45.26
C THR K 461 -37.12 -18.41 46.43
N PRO K 462 -36.54 -19.50 46.96
CA PRO K 462 -37.13 -20.23 48.05
C PRO K 462 -37.29 -19.33 49.28
N THR K 463 -36.30 -18.50 49.58
CA THR K 463 -36.48 -17.68 50.79
C THR K 463 -37.57 -16.64 50.52
N ALA K 464 -37.76 -16.27 49.28
CA ALA K 464 -38.91 -15.37 49.01
C ALA K 464 -40.17 -16.13 49.41
N TRP K 465 -40.28 -17.40 49.04
CA TRP K 465 -41.43 -18.17 49.48
C TRP K 465 -41.55 -18.16 51.00
N ASN K 466 -40.44 -18.43 51.68
CA ASN K 466 -40.46 -18.63 53.13
C ASN K 466 -40.60 -17.32 53.90
N ILE K 467 -39.85 -16.31 53.50
CA ILE K 467 -39.70 -15.08 54.28
C ILE K 467 -40.53 -13.94 53.71
N GLY K 468 -41.15 -14.12 52.55
CA GLY K 468 -41.99 -13.11 51.98
C GLY K 468 -43.07 -12.70 52.94
N PRO K 469 -43.46 -11.43 52.88
CA PRO K 469 -44.36 -10.88 53.89
C PRO K 469 -45.80 -11.34 53.73
N ARG K 470 -46.69 -10.77 54.55
CA ARG K 470 -48.11 -11.08 54.44
C ARG K 470 -48.60 -10.73 53.04
N ASP K 471 -49.51 -11.55 52.53
CA ASP K 471 -50.11 -11.31 51.23
C ASP K 471 -51.28 -10.33 51.39
N ALA K 472 -52.08 -10.19 50.34
CA ALA K 472 -53.24 -9.31 50.40
C ALA K 472 -54.24 -9.76 51.46
N SER K 473 -54.31 -11.06 51.72
CA SER K 473 -55.19 -11.58 52.76
C SER K 473 -54.57 -11.53 54.15
N GLU K 474 -53.45 -10.84 54.30
CA GLU K 474 -52.75 -10.70 55.58
C GLU K 474 -52.27 -12.05 56.11
N VAL K 475 -52.18 -13.06 55.24
CA VAL K 475 -51.71 -14.37 55.66
C VAL K 475 -50.19 -14.32 55.77
N LEU K 476 -49.68 -14.64 56.95
CA LEU K 476 -48.26 -14.53 57.21
C LEU K 476 -47.49 -15.52 56.32
N GLY K 477 -46.28 -15.12 55.93
CA GLY K 477 -45.42 -15.99 55.19
C GLY K 477 -44.94 -17.13 56.06
N PRO K 478 -44.40 -18.18 55.46
CA PRO K 478 -44.00 -19.36 56.24
C PRO K 478 -43.07 -19.04 57.40
N ILE K 479 -42.06 -18.19 57.18
CA ILE K 479 -41.14 -17.87 58.26
C ILE K 479 -41.85 -17.02 59.30
N GLU K 480 -42.72 -16.11 58.86
CA GLU K 480 -43.47 -15.30 59.82
C GLU K 480 -44.33 -16.19 60.71
N GLN K 481 -45.03 -17.17 60.14
CA GLN K 481 -45.83 -18.04 60.99
C GLN K 481 -44.96 -18.95 61.83
N ALA K 482 -43.80 -19.36 61.33
CA ALA K 482 -42.89 -20.17 62.14
C ALA K 482 -42.37 -19.39 63.33
N LEU K 483 -42.14 -18.09 63.14
CA LEU K 483 -41.72 -17.25 64.26
C LEU K 483 -42.82 -17.14 65.29
N VAL K 484 -44.07 -17.08 64.85
CA VAL K 484 -45.18 -17.01 65.78
C VAL K 484 -45.25 -18.30 66.58
N GLY K 485 -45.36 -18.17 67.90
CA GLY K 485 -45.26 -19.29 68.80
C GLY K 485 -43.87 -19.55 69.34
N SER K 486 -42.86 -18.86 68.83
CA SER K 486 -41.51 -19.08 69.32
C SER K 486 -41.35 -18.47 70.72
N PRO K 487 -40.77 -19.20 71.66
CA PRO K 487 -40.49 -18.60 72.97
C PRO K 487 -39.40 -17.55 72.83
N ILE K 488 -39.44 -16.58 73.72
CA ILE K 488 -38.41 -15.53 73.79
C ILE K 488 -37.94 -15.48 75.24
N VAL K 489 -36.86 -16.20 75.55
CA VAL K 489 -36.31 -16.17 76.88
C VAL K 489 -35.67 -14.81 77.17
N ASP K 490 -34.96 -14.26 76.19
CA ASP K 490 -34.21 -13.03 76.37
C ASP K 490 -34.47 -12.13 75.16
N ALA K 491 -35.22 -11.05 75.38
CA ALA K 491 -35.47 -10.10 74.30
C ALA K 491 -34.20 -9.37 73.89
N GLU K 492 -33.21 -9.28 74.76
CA GLU K 492 -31.94 -8.65 74.41
C GLU K 492 -31.15 -9.51 73.42
N ASP K 493 -31.25 -10.83 73.53
CA ASP K 493 -30.67 -11.76 72.57
C ASP K 493 -31.74 -12.77 72.18
N PRO K 494 -32.69 -12.35 71.35
CA PRO K 494 -33.81 -13.24 70.99
C PRO K 494 -33.35 -14.33 70.04
N VAL K 495 -32.52 -15.24 70.55
CA VAL K 495 -31.89 -16.24 69.70
C VAL K 495 -32.91 -17.16 69.05
N GLU K 496 -34.09 -17.32 69.64
CA GLU K 496 -35.09 -18.20 69.05
C GLU K 496 -35.58 -17.68 67.70
N LEU K 497 -35.67 -16.35 67.56
CA LEU K 497 -35.97 -15.78 66.24
C LEU K 497 -34.91 -16.19 65.24
N GLY K 498 -33.64 -16.12 65.64
CA GLY K 498 -32.58 -16.59 64.78
C GLY K 498 -32.69 -18.06 64.47
N HIS K 499 -33.05 -18.87 65.47
CA HIS K 499 -33.22 -20.30 65.25
C HIS K 499 -34.27 -20.56 64.19
N VAL K 500 -35.40 -19.87 64.29
CA VAL K 500 -36.49 -20.11 63.36
C VAL K 500 -36.12 -19.62 61.97
N ALA K 501 -35.64 -18.37 61.86
CA ALA K 501 -35.31 -17.83 60.55
C ALA K 501 -34.19 -18.62 59.90
N ARG K 502 -33.17 -18.99 60.66
CA ARG K 502 -32.04 -19.73 60.12
C ARG K 502 -32.35 -21.20 59.90
N SER K 503 -33.36 -21.75 60.58
CA SER K 503 -33.75 -23.13 60.31
C SER K 503 -34.27 -23.28 58.89
N PHE K 504 -34.82 -22.20 58.34
CA PHE K 504 -35.13 -22.13 56.92
C PHE K 504 -33.92 -21.91 56.06
N ASP K 505 -32.74 -21.74 56.67
CA ASP K 505 -31.53 -21.43 55.92
C ASP K 505 -31.74 -20.15 55.11
N SER K 506 -32.49 -19.23 55.70
CA SER K 506 -32.90 -18.00 54.96
C SER K 506 -31.76 -17.36 54.19
N CYS K 507 -32.05 -17.01 52.95
CA CYS K 507 -31.03 -16.27 52.18
C CYS K 507 -31.70 -15.00 51.72
N LEU K 508 -31.32 -13.89 52.32
CA LEU K 508 -32.04 -12.64 52.02
C LEU K 508 -31.58 -12.04 50.69
N VAL K 509 -30.35 -12.30 50.29
CA VAL K 509 -29.96 -11.77 48.96
C VAL K 509 -30.81 -12.48 47.90
N CYS K 510 -31.08 -13.74 48.12
CA CYS K 510 -31.98 -14.43 47.19
C CYS K 510 -33.38 -13.90 47.35
N THR K 511 -33.76 -13.68 48.58
CA THR K 511 -35.18 -13.30 48.79
C THR K 511 -35.54 -12.11 47.91
N VAL K 512 -34.68 -11.10 47.85
CA VAL K 512 -35.02 -9.87 47.17
C VAL K 512 -34.51 -9.85 45.73
N HIS K 513 -33.30 -10.35 45.52
CA HIS K 513 -32.60 -10.17 44.25
C HIS K 513 -32.82 -8.76 43.70
N ALA L 48 -5.52 -7.71 64.65
CA ALA L 48 -6.09 -6.85 63.62
C ALA L 48 -7.59 -7.09 63.49
N SER L 49 -8.37 -6.15 64.01
CA SER L 49 -9.83 -6.27 63.96
C SER L 49 -10.33 -6.11 62.53
N VAL L 50 -11.28 -6.95 62.15
CA VAL L 50 -11.87 -6.91 60.83
C VAL L 50 -13.38 -6.82 60.98
N LEU L 51 -13.97 -5.84 60.33
CA LEU L 51 -15.42 -5.72 60.25
C LEU L 51 -15.80 -5.89 58.78
N TRP L 52 -16.56 -6.90 58.50
CA TRP L 52 -16.96 -7.24 57.13
C TRP L 52 -18.44 -6.95 57.00
N PHE L 53 -18.77 -5.95 56.19
CA PHE L 53 -20.14 -5.55 55.95
C PHE L 53 -20.52 -5.90 54.52
N GLN L 54 -21.81 -6.09 54.30
CA GLN L 54 -22.35 -6.40 52.99
C GLN L 54 -23.38 -5.35 52.63
N GLY L 55 -23.19 -4.70 51.50
CA GLY L 55 -24.19 -3.78 51.00
C GLY L 55 -25.04 -4.47 49.95
N GLY L 56 -24.98 -4.00 48.72
CA GLY L 56 -25.71 -4.64 47.62
C GLY L 56 -24.92 -5.85 47.18
N ALA L 57 -24.86 -6.82 48.06
CA ALA L 57 -24.01 -7.99 47.81
C ALA L 57 -24.85 -9.23 47.57
N CYS L 58 -24.22 -10.21 46.95
CA CYS L 58 -24.92 -11.49 46.86
C CYS L 58 -24.22 -12.46 47.82
N SER L 59 -23.20 -11.97 48.51
CA SER L 59 -22.44 -12.81 49.47
C SER L 59 -21.50 -13.78 48.74
N GLY L 60 -21.43 -13.69 47.42
CA GLY L 60 -20.50 -14.56 46.70
C GLY L 60 -19.05 -14.31 47.08
N ASN L 61 -18.72 -13.09 47.44
CA ASN L 61 -17.32 -12.88 47.87
C ASN L 61 -17.09 -13.57 49.20
N THR L 62 -18.07 -13.45 50.07
CA THR L 62 -17.96 -14.20 51.35
C THR L 62 -17.86 -15.71 51.06
N MET L 63 -18.75 -16.25 50.21
CA MET L 63 -18.70 -17.68 49.96
C MET L 63 -17.37 -18.10 49.33
N SER L 64 -16.90 -17.32 48.36
CA SER L 64 -15.60 -17.59 47.79
C SER L 64 -14.53 -17.54 48.86
N PHE L 65 -14.58 -16.51 49.70
CA PHE L 65 -13.67 -16.36 50.83
C PHE L 65 -13.70 -17.59 51.73
N LEU L 66 -14.90 -18.10 52.00
CA LEU L 66 -15.03 -19.31 52.81
C LEU L 66 -14.42 -20.51 52.13
N ASN L 67 -14.27 -20.49 50.80
CA ASN L 67 -13.53 -21.55 50.14
C ASN L 67 -12.02 -21.43 50.32
N ALA L 68 -11.55 -20.46 51.10
CA ALA L 68 -10.12 -20.22 51.19
C ALA L 68 -9.40 -21.48 51.62
N ASP L 69 -8.24 -21.70 51.02
CA ASP L 69 -7.31 -22.72 51.45
C ASP L 69 -5.93 -22.10 51.51
N GLU L 70 -5.16 -22.47 52.52
CA GLU L 70 -3.80 -21.98 52.68
C GLU L 70 -3.76 -20.45 52.62
N PRO L 71 -4.31 -19.74 53.63
CA PRO L 71 -4.98 -20.33 54.79
C PRO L 71 -6.44 -20.63 54.51
N ASN L 72 -7.03 -21.61 55.20
CA ASN L 72 -8.48 -21.67 55.13
C ASN L 72 -9.07 -20.59 56.03
N VAL L 73 -10.37 -20.38 55.89
CA VAL L 73 -10.99 -19.22 56.51
C VAL L 73 -10.89 -19.29 58.03
N VAL L 74 -11.06 -20.48 58.59
CA VAL L 74 -11.02 -20.61 60.04
C VAL L 74 -9.62 -20.30 60.55
N ASP L 75 -8.59 -20.84 59.90
CA ASP L 75 -7.22 -20.53 60.30
C ASP L 75 -6.89 -19.07 60.09
N LEU L 76 -7.43 -18.45 59.05
CA LEU L 76 -7.24 -17.02 58.86
C LEU L 76 -7.86 -16.23 60.01
N ILE L 77 -9.07 -16.60 60.39
CA ILE L 77 -9.79 -15.83 61.40
C ILE L 77 -9.17 -16.05 62.78
N VAL L 78 -8.69 -17.25 63.05
CA VAL L 78 -8.20 -17.59 64.39
C VAL L 78 -6.69 -17.40 64.48
N ASP L 79 -5.94 -18.13 63.65
CA ASP L 79 -4.51 -18.32 63.81
C ASP L 79 -3.65 -17.21 63.22
N PHE L 80 -4.21 -16.25 62.50
CA PHE L 80 -3.42 -15.17 61.92
C PHE L 80 -3.64 -13.84 62.63
N GLY L 81 -4.26 -13.87 63.82
CA GLY L 81 -4.42 -12.64 64.57
C GLY L 81 -5.37 -11.65 63.97
N LEU L 82 -6.30 -12.11 63.13
CA LEU L 82 -7.30 -11.27 62.51
C LEU L 82 -8.61 -11.46 63.25
N ASP L 83 -8.97 -10.50 64.09
CA ASP L 83 -10.15 -10.60 64.94
C ASP L 83 -11.36 -10.16 64.11
N LEU L 84 -12.11 -11.12 63.57
CA LEU L 84 -13.30 -10.82 62.79
C LEU L 84 -14.38 -10.35 63.74
N LEU L 85 -14.54 -9.03 63.86
CA LEU L 85 -15.49 -8.48 64.79
C LEU L 85 -16.90 -8.92 64.47
N TRP L 86 -17.26 -8.86 63.19
CA TRP L 86 -18.57 -9.27 62.77
C TRP L 86 -18.56 -9.44 61.26
N HIS L 87 -19.45 -10.26 60.80
CA HIS L 87 -19.68 -10.54 59.39
C HIS L 87 -21.13 -10.98 59.30
N PRO L 88 -21.92 -10.41 58.39
CA PRO L 88 -23.35 -10.75 58.37
C PRO L 88 -23.61 -12.21 58.16
N SER L 89 -22.70 -12.92 57.48
CA SER L 89 -22.87 -14.34 57.23
C SER L 89 -22.27 -15.20 58.33
N LEU L 90 -21.42 -14.64 59.19
CA LEU L 90 -20.69 -15.43 60.15
C LEU L 90 -20.74 -14.89 61.57
N GLY L 91 -21.06 -13.62 61.77
CA GLY L 91 -21.04 -13.05 63.09
C GLY L 91 -22.11 -13.67 63.98
N LEU L 92 -21.74 -13.89 65.23
CA LEU L 92 -22.68 -14.47 66.18
C LEU L 92 -23.72 -13.44 66.61
N GLU L 93 -23.30 -12.20 66.80
CA GLU L 93 -24.18 -11.18 67.35
C GLU L 93 -25.29 -10.84 66.38
N LEU L 94 -26.49 -10.61 66.93
CA LEU L 94 -27.61 -10.09 66.16
C LEU L 94 -28.13 -8.85 66.87
N GLY L 95 -28.99 -8.13 66.14
CA GLY L 95 -29.75 -7.06 66.75
C GLY L 95 -28.86 -6.06 67.44
N ASN L 96 -29.22 -5.73 68.69
CA ASN L 96 -28.55 -4.63 69.38
C ASN L 96 -27.11 -4.96 69.74
N ASN L 97 -26.78 -6.22 70.01
CA ASN L 97 -25.39 -6.57 70.28
C ASN L 97 -24.52 -6.33 69.04
N ALA L 98 -25.02 -6.75 67.88
CA ALA L 98 -24.31 -6.48 66.63
C ALA L 98 -24.19 -4.99 66.41
N GLN L 99 -25.27 -4.24 66.62
CA GLN L 99 -25.23 -2.80 66.43
C GLN L 99 -24.25 -2.15 67.38
N LYS L 100 -24.14 -2.69 68.59
CA LYS L 100 -23.15 -2.18 69.53
C LYS L 100 -21.75 -2.34 68.96
N VAL L 101 -21.47 -3.51 68.38
CA VAL L 101 -20.17 -3.70 67.74
C VAL L 101 -19.97 -2.66 66.63
N PHE L 102 -20.99 -2.49 65.79
CA PHE L 102 -20.86 -1.57 64.65
C PHE L 102 -20.64 -0.15 65.11
N TRP L 103 -21.41 0.29 66.09
CA TRP L 103 -21.31 1.66 66.58
C TRP L 103 -19.99 1.90 67.28
N ASP L 104 -19.49 0.91 68.02
CA ASP L 104 -18.18 1.05 68.63
C ASP L 104 -17.11 1.21 67.58
N CYS L 105 -17.20 0.45 66.48
CA CYS L 105 -16.25 0.65 65.38
C CYS L 105 -16.41 2.02 64.73
N ALA L 106 -17.65 2.45 64.51
CA ALA L 106 -17.89 3.68 63.76
C ALA L 106 -17.45 4.91 64.54
N LYS L 107 -17.70 4.92 65.86
CA LYS L 107 -17.38 6.07 66.69
C LYS L 107 -15.97 6.04 67.25
N GLY L 108 -15.19 5.00 66.95
CA GLY L 108 -13.84 4.91 67.45
C GLY L 108 -13.71 4.38 68.86
N GLU L 109 -14.80 3.85 69.44
CA GLU L 109 -14.72 3.30 70.79
C GLU L 109 -13.80 2.09 70.83
N ARG L 110 -13.79 1.30 69.77
CA ARG L 110 -12.87 0.20 69.59
C ARG L 110 -12.18 0.33 68.24
N PRO L 111 -10.92 -0.09 68.15
CA PRO L 111 -10.19 0.06 66.88
C PRO L 111 -10.80 -0.78 65.77
N LEU L 112 -10.72 -0.25 64.55
CA LEU L 112 -11.16 -0.95 63.36
C LEU L 112 -9.97 -0.96 62.40
N ASP L 113 -9.30 -2.10 62.29
CA ASP L 113 -8.11 -2.16 61.46
C ASP L 113 -8.46 -2.37 60.00
N ILE L 114 -9.35 -3.31 59.71
CA ILE L 114 -9.73 -3.60 58.34
C ILE L 114 -11.25 -3.58 58.27
N PHE L 115 -11.77 -2.70 57.44
CA PHE L 115 -13.19 -2.69 57.09
C PHE L 115 -13.29 -3.32 55.72
N VAL L 116 -13.82 -4.52 55.65
CA VAL L 116 -14.10 -5.16 54.39
C VAL L 116 -15.54 -4.85 54.02
N PHE L 117 -15.70 -4.42 52.78
CA PHE L 117 -17.06 -4.12 52.32
C PHE L 117 -17.30 -4.97 51.08
N GLU L 118 -18.43 -5.63 51.10
CA GLU L 118 -18.80 -6.49 49.97
C GLU L 118 -20.14 -5.98 49.46
N GLY L 119 -20.37 -6.08 48.17
CA GLY L 119 -21.62 -5.54 47.70
C GLY L 119 -21.52 -4.07 47.40
N THR L 120 -22.53 -3.57 46.73
CA THR L 120 -22.45 -2.17 46.34
C THR L 120 -22.88 -1.25 47.45
N VAL L 121 -22.42 -0.03 47.35
CA VAL L 121 -22.99 1.02 48.19
C VAL L 121 -24.28 1.44 47.52
N ILE L 122 -25.40 1.10 48.12
CA ILE L 122 -26.71 1.39 47.55
C ILE L 122 -27.13 2.78 48.01
N GLU L 123 -27.38 3.65 47.05
CA GLU L 123 -27.78 5.02 47.35
C GLU L 123 -29.24 5.30 47.07
N ALA L 124 -29.90 4.50 46.25
CA ALA L 124 -31.30 4.70 45.99
C ALA L 124 -32.13 4.33 47.22
N PRO L 125 -33.33 4.92 47.36
CA PRO L 125 -33.92 5.91 46.47
C PRO L 125 -33.44 7.32 46.73
N ASN L 126 -33.26 8.11 45.67
CA ASN L 126 -33.00 9.55 45.79
C ASN L 126 -31.81 9.84 46.71
N GLY L 127 -30.78 9.01 46.64
CA GLY L 127 -29.61 9.22 47.45
C GLY L 127 -29.79 8.93 48.92
N THR L 128 -30.95 8.42 49.34
CA THR L 128 -31.17 8.09 50.74
C THR L 128 -30.55 6.77 51.13
N GLY L 129 -30.32 5.87 50.19
CA GLY L 129 -29.75 4.57 50.52
C GLY L 129 -30.70 3.63 51.21
N GLN L 130 -31.99 3.92 51.21
CA GLN L 130 -32.94 3.11 51.95
C GLN L 130 -33.30 1.82 51.24
N MET L 131 -32.83 1.61 50.01
CA MET L 131 -32.90 0.29 49.42
C MET L 131 -31.88 -0.66 50.03
N ASP L 132 -31.05 -0.17 50.94
CA ASP L 132 -30.13 -1.01 51.72
C ASP L 132 -30.13 -0.46 53.14
N MET L 133 -31.08 -0.91 53.94
CA MET L 133 -31.17 -0.54 55.34
C MET L 133 -30.49 -1.62 56.15
N PHE L 134 -29.50 -1.25 56.94
CA PHE L 134 -28.75 -2.21 57.73
C PHE L 134 -28.58 -1.68 59.14
N ALA L 135 -29.04 -2.46 60.12
CA ALA L 135 -28.82 -2.16 61.53
C ALA L 135 -29.29 -0.74 61.87
N GLY L 136 -30.43 -0.37 61.32
CA GLY L 136 -31.07 0.89 61.65
C GLY L 136 -30.60 2.10 60.87
N ARG L 137 -29.73 1.92 59.89
CA ARG L 137 -29.25 3.02 59.06
C ARG L 137 -29.21 2.57 57.61
N PRO L 138 -29.25 3.51 56.67
CA PRO L 138 -28.85 3.16 55.30
C PRO L 138 -27.43 2.63 55.34
N MET L 139 -27.18 1.56 54.59
CA MET L 139 -25.87 0.95 54.63
C MET L 139 -24.79 1.95 54.23
N LYS L 140 -25.12 2.88 53.33
CA LYS L 140 -24.14 3.86 52.90
C LYS L 140 -23.65 4.71 54.06
N ASP L 141 -24.52 4.98 55.04
CA ASP L 141 -24.07 5.72 56.22
C ASP L 141 -23.10 4.90 57.04
N TRP L 142 -23.38 3.61 57.23
CA TRP L 142 -22.41 2.72 57.86
C TRP L 142 -21.10 2.77 57.09
N VAL L 143 -21.17 2.74 55.77
CA VAL L 143 -19.96 2.75 54.96
C VAL L 143 -19.16 4.00 55.24
N THR L 144 -19.84 5.15 55.23
CA THR L 144 -19.18 6.41 55.51
C THR L 144 -18.44 6.33 56.85
N ASP L 145 -19.16 5.95 57.89
CA ASP L 145 -18.57 5.95 59.23
C ASP L 145 -17.41 4.97 59.33
N LEU L 146 -17.62 3.74 58.85
CA LEU L 146 -16.63 2.69 59.07
C LEU L 146 -15.43 2.86 58.16
N ALA L 147 -15.63 3.29 56.92
CA ALA L 147 -14.50 3.61 56.06
C ALA L 147 -13.71 4.76 56.63
N GLY L 148 -14.38 5.73 57.26
CA GLY L 148 -13.65 6.78 57.95
C GLY L 148 -12.96 6.31 59.21
N ALA L 149 -13.40 5.20 59.78
CA ALA L 149 -12.79 4.70 61.02
C ALA L 149 -11.69 3.68 60.77
N ALA L 150 -11.73 2.96 59.66
CA ALA L 150 -10.84 1.83 59.47
C ALA L 150 -9.42 2.27 59.17
N GLN L 151 -8.46 1.47 59.60
CA GLN L 151 -7.08 1.67 59.17
C GLN L 151 -6.92 1.33 57.70
N ILE L 152 -7.57 0.28 57.25
CA ILE L 152 -7.56 -0.16 55.87
C ILE L 152 -8.99 -0.46 55.49
N VAL L 153 -9.38 -0.03 54.29
CA VAL L 153 -10.68 -0.36 53.73
C VAL L 153 -10.43 -1.25 52.53
N VAL L 154 -11.07 -2.41 52.51
CA VAL L 154 -10.96 -3.35 51.42
C VAL L 154 -12.35 -3.52 50.82
N ALA L 155 -12.49 -3.19 49.55
CA ALA L 155 -13.69 -3.51 48.80
C ALA L 155 -13.45 -4.88 48.16
N ILE L 156 -14.29 -5.83 48.51
CA ILE L 156 -14.11 -7.18 47.96
C ILE L 156 -15.23 -7.41 46.95
N GLY L 157 -14.85 -7.75 45.75
CA GLY L 157 -15.84 -8.02 44.70
C GLY L 157 -16.18 -6.75 43.93
N ASP L 158 -16.54 -6.94 42.66
CA ASP L 158 -16.79 -5.79 41.78
C ASP L 158 -17.86 -4.87 42.36
N CYS L 159 -18.87 -5.47 42.98
CA CYS L 159 -19.95 -4.62 43.49
C CYS L 159 -19.32 -3.55 44.37
N ALA L 160 -18.50 -3.99 45.29
CA ALA L 160 -17.93 -3.02 46.25
C ALA L 160 -16.84 -2.18 45.57
N CYS L 161 -16.06 -2.81 44.70
CA CYS L 161 -14.96 -2.08 44.07
C CYS L 161 -15.47 -1.03 43.09
N PHE L 162 -16.38 -1.43 42.21
CA PHE L 162 -16.76 -0.63 41.06
C PHE L 162 -18.26 -0.53 40.83
N GLY L 163 -19.08 -1.22 41.60
CA GLY L 163 -20.51 -1.15 41.36
C GLY L 163 -21.05 -2.44 40.77
N GLY L 164 -20.27 -3.08 39.91
CA GLY L 164 -20.54 -4.41 39.44
C GLY L 164 -21.91 -4.58 38.82
N ILE L 165 -22.46 -5.78 38.99
CA ILE L 165 -23.73 -6.12 38.37
C ILE L 165 -24.86 -5.21 38.83
N PRO L 166 -25.03 -4.90 40.13
CA PRO L 166 -26.14 -4.02 40.50
C PRO L 166 -26.06 -2.65 39.86
N ALA L 167 -24.86 -2.19 39.53
CA ALA L 167 -24.70 -0.90 38.87
C ALA L 167 -24.98 -0.96 37.38
N MET L 168 -25.25 -2.14 36.82
CA MET L 168 -25.74 -2.24 35.46
C MET L 168 -26.96 -1.36 35.28
N GLU L 169 -27.04 -0.70 34.12
CA GLU L 169 -28.23 0.08 33.84
C GLU L 169 -29.45 -0.83 33.88
N PRO L 170 -30.59 -0.35 34.40
CA PRO L 170 -30.81 1.02 34.86
C PRO L 170 -30.36 1.34 36.29
N ASN L 171 -29.63 0.43 36.93
CA ASN L 171 -29.12 0.63 38.28
C ASN L 171 -30.24 1.05 39.25
N PRO L 172 -31.24 0.19 39.45
CA PRO L 172 -32.38 0.57 40.29
C PRO L 172 -31.97 0.92 41.70
N SER L 173 -30.94 0.28 42.24
CA SER L 173 -30.52 0.50 43.61
C SER L 173 -29.59 1.69 43.75
N GLY L 174 -29.30 2.42 42.68
CA GLY L 174 -28.34 3.50 42.77
C GLY L 174 -27.01 2.98 43.30
N SER L 175 -26.63 1.80 42.84
CA SER L 175 -25.43 1.15 43.34
C SER L 175 -24.18 1.83 42.81
N THR L 176 -23.15 1.85 43.64
CA THR L 176 -21.85 2.31 43.22
C THR L 176 -20.79 1.58 44.04
N GLY L 177 -19.56 1.65 43.59
CA GLY L 177 -18.48 1.09 44.36
C GLY L 177 -18.01 2.04 45.43
N LEU L 178 -17.12 1.54 46.28
CA LEU L 178 -16.59 2.36 47.36
C LEU L 178 -15.83 3.56 46.83
N GLN L 179 -14.88 3.32 45.94
CA GLN L 179 -14.05 4.40 45.40
C GLN L 179 -14.10 4.45 43.88
N PHE L 180 -14.91 3.62 43.25
CA PHE L 180 -15.08 3.65 41.81
C PHE L 180 -16.54 3.48 41.48
N HIS L 181 -16.95 4.09 40.39
CA HIS L 181 -18.16 3.66 39.70
C HIS L 181 -17.72 3.18 38.33
N LYS L 182 -17.75 1.87 38.14
CA LYS L 182 -17.10 1.26 36.99
C LYS L 182 -15.68 1.78 36.92
N ARG L 183 -15.19 2.16 35.74
CA ARG L 183 -13.80 2.59 35.66
C ARG L 183 -13.57 3.95 36.29
N GLU L 184 -14.62 4.77 36.43
CA GLU L 184 -14.45 6.13 36.90
C GLU L 184 -14.10 6.14 38.38
N LYS L 185 -12.94 6.66 38.71
CA LYS L 185 -12.53 6.76 40.11
C LYS L 185 -13.45 7.73 40.87
N GLY L 186 -13.73 7.37 42.12
CA GLY L 186 -14.45 8.20 43.05
C GLY L 186 -15.55 7.45 43.78
N GLY L 187 -16.34 6.68 43.06
CA GLY L 187 -17.41 5.89 43.65
C GLY L 187 -18.15 6.59 44.77
N PHE L 188 -18.38 5.88 45.87
CA PHE L 188 -19.14 6.48 46.96
C PHE L 188 -18.26 7.35 47.84
N LEU L 189 -17.03 6.91 48.13
CA LEU L 189 -16.19 7.60 49.09
C LEU L 189 -15.42 8.77 48.49
N GLY L 190 -15.41 8.92 47.17
CA GLY L 190 -14.68 9.99 46.54
C GLY L 190 -13.30 9.54 46.14
N PRO L 191 -12.75 10.17 45.09
CA PRO L 191 -11.41 9.77 44.62
C PRO L 191 -10.32 9.98 45.65
N ASP L 192 -10.51 10.93 46.56
CA ASP L 192 -9.47 11.32 47.50
C ASP L 192 -9.57 10.62 48.84
N PHE L 193 -10.51 9.69 48.99
CA PHE L 193 -10.62 8.96 50.25
C PHE L 193 -9.33 8.19 50.50
N ARG L 194 -8.85 8.28 51.73
CA ARG L 194 -7.76 7.44 52.19
C ARG L 194 -8.12 6.90 53.56
N SER L 195 -7.79 5.63 53.79
CA SER L 195 -7.99 5.09 55.12
C SER L 195 -6.94 5.66 56.06
N LYS L 196 -7.02 5.26 57.33
CA LYS L 196 -6.11 5.82 58.32
C LYS L 196 -4.66 5.38 58.10
N MET L 197 -4.44 4.25 57.43
CA MET L 197 -3.09 3.87 57.06
C MET L 197 -2.63 4.55 55.78
N GLY L 198 -3.40 5.50 55.27
CA GLY L 198 -3.05 6.26 54.09
C GLY L 198 -3.40 5.59 52.77
N LEU L 199 -3.92 4.39 52.80
CA LEU L 199 -4.21 3.68 51.56
C LEU L 199 -5.56 4.10 51.01
N PRO L 200 -5.75 4.04 49.71
CA PRO L 200 -7.11 4.15 49.18
C PRO L 200 -7.83 2.86 49.50
N VAL L 201 -9.09 2.76 49.10
CA VAL L 201 -9.76 1.47 49.19
C VAL L 201 -8.97 0.46 48.39
N ILE L 202 -8.60 -0.65 49.03
CA ILE L 202 -7.97 -1.76 48.34
C ILE L 202 -9.06 -2.51 47.61
N ASN L 203 -9.01 -2.49 46.29
CA ASN L 203 -10.04 -3.13 45.49
C ASN L 203 -9.58 -4.55 45.18
N VAL L 204 -10.28 -5.52 45.76
CA VAL L 204 -10.10 -6.92 45.43
C VAL L 204 -11.26 -7.29 44.53
N PRO L 205 -11.14 -7.11 43.19
CA PRO L 205 -12.29 -7.26 42.36
C PRO L 205 -12.61 -8.71 42.07
N GLY L 206 -13.42 -8.91 41.07
CA GLY L 206 -13.87 -10.26 40.80
C GLY L 206 -15.34 -10.33 41.17
N CYS L 207 -16.00 -11.32 40.61
CA CYS L 207 -17.43 -11.41 40.88
C CYS L 207 -17.75 -12.91 40.92
N PRO L 208 -17.32 -13.61 41.99
CA PRO L 208 -16.72 -12.96 43.14
C PRO L 208 -15.20 -12.96 43.08
N ALA L 209 -14.61 -12.28 44.06
CA ALA L 209 -13.17 -12.40 44.20
C ALA L 209 -12.81 -13.83 44.55
N HIS L 210 -11.69 -14.28 44.05
CA HIS L 210 -11.12 -15.55 44.48
C HIS L 210 -10.70 -15.44 45.94
N PRO L 211 -10.86 -16.50 46.72
CA PRO L 211 -10.50 -16.40 48.15
C PRO L 211 -9.08 -15.92 48.36
N ASP L 212 -8.15 -16.33 47.52
CA ASP L 212 -6.73 -15.95 47.76
C ASP L 212 -6.56 -14.44 47.57
N TRP L 213 -7.37 -13.86 46.70
CA TRP L 213 -7.16 -12.43 46.38
C TRP L 213 -7.33 -11.59 47.66
N ILE L 214 -8.13 -12.10 48.57
CA ILE L 214 -8.34 -11.38 49.85
C ILE L 214 -7.50 -12.04 50.94
N THR L 215 -7.51 -13.37 51.01
CA THR L 215 -6.85 -14.03 52.12
C THR L 215 -5.35 -13.78 52.10
N GLN L 216 -4.72 -13.79 50.94
CA GLN L 216 -3.29 -13.54 50.90
C GLN L 216 -2.98 -12.10 51.24
N ILE L 217 -3.86 -11.17 50.87
CA ILE L 217 -3.70 -9.79 51.32
C ILE L 217 -3.82 -9.72 52.83
N LEU L 218 -4.80 -10.41 53.40
CA LEU L 218 -4.98 -10.41 54.84
C LEU L 218 -3.80 -11.04 55.55
N VAL L 219 -3.26 -12.12 54.98
CA VAL L 219 -2.07 -12.75 55.54
C VAL L 219 -0.89 -11.79 55.47
N ALA L 220 -0.73 -11.12 54.33
CA ALA L 220 0.35 -10.15 54.18
C ALA L 220 0.25 -9.06 55.23
N LEU L 221 -0.97 -8.54 55.44
CA LEU L 221 -1.18 -7.55 56.49
C LEU L 221 -0.86 -8.12 57.86
N ALA L 222 -1.25 -9.38 58.09
CA ALA L 222 -1.07 -10.01 59.39
C ALA L 222 0.38 -10.46 59.63
N THR L 223 1.16 -10.65 58.58
CA THR L 223 2.53 -11.13 58.71
C THR L 223 3.56 -10.02 58.52
N GLY L 224 3.14 -8.76 58.60
CA GLY L 224 4.07 -7.66 58.47
C GLY L 224 4.50 -7.34 57.06
N ARG L 225 3.77 -7.83 56.06
CA ARG L 225 4.10 -7.60 54.67
C ARG L 225 3.14 -6.63 53.99
N ALA L 226 2.49 -5.76 54.77
CA ALA L 226 1.64 -4.74 54.16
C ALA L 226 2.44 -3.90 53.17
N GLY L 227 3.68 -3.59 53.50
CA GLY L 227 4.52 -2.82 52.61
C GLY L 227 4.85 -3.53 51.30
N ASP L 228 4.69 -4.85 51.25
CA ASP L 228 4.86 -5.57 50.00
C ASP L 228 3.67 -5.41 49.06
N ILE L 229 2.54 -4.91 49.56
CA ILE L 229 1.34 -4.83 48.76
C ILE L 229 1.42 -3.56 47.91
N THR L 230 1.49 -3.75 46.60
CA THR L 230 1.39 -2.65 45.66
C THR L 230 0.06 -2.74 44.95
N LEU L 231 -0.55 -1.58 44.71
CA LEU L 231 -1.86 -1.49 44.09
C LEU L 231 -1.72 -0.88 42.70
N ASP L 232 -2.51 -1.38 41.76
CA ASP L 232 -2.49 -0.81 40.41
C ASP L 232 -3.38 0.44 40.39
N ASP L 233 -3.63 0.98 39.19
CA ASP L 233 -4.42 2.19 39.07
C ASP L 233 -5.87 1.99 39.51
N LEU L 234 -6.35 0.76 39.52
CA LEU L 234 -7.68 0.47 40.02
C LEU L 234 -7.66 0.05 41.49
N HIS L 235 -6.53 0.29 42.18
CA HIS L 235 -6.34 -0.10 43.57
C HIS L 235 -6.38 -1.61 43.75
N ARG L 236 -6.12 -2.35 42.71
CA ARG L 236 -6.07 -3.80 42.87
C ARG L 236 -4.66 -4.25 43.23
N PRO L 237 -4.54 -5.28 44.06
CA PRO L 237 -3.20 -5.81 44.39
C PRO L 237 -2.50 -6.32 43.15
N GLU L 238 -1.38 -5.67 42.83
CA GLU L 238 -0.63 -6.05 41.63
C GLU L 238 -0.07 -7.47 41.73
N THR L 239 0.09 -8.00 42.94
CA THR L 239 0.53 -9.38 43.07
C THR L 239 -0.45 -10.35 42.42
N PHE L 240 -1.70 -9.93 42.23
CA PHE L 240 -2.69 -10.74 41.56
C PHE L 240 -3.13 -10.19 40.22
N PHE L 241 -2.99 -8.89 39.99
CA PHE L 241 -3.65 -8.25 38.86
C PHE L 241 -2.69 -7.61 37.88
N LYS L 242 -1.41 -7.99 37.93
CA LYS L 242 -0.55 -7.69 36.79
C LYS L 242 -0.70 -8.73 35.70
N THR L 243 -0.93 -9.98 36.08
CA THR L 243 -1.19 -11.01 35.09
C THR L 243 -2.55 -10.79 34.45
N PHE L 244 -2.80 -11.55 33.39
CA PHE L 244 -4.13 -11.51 32.75
C PHE L 244 -4.83 -12.80 33.09
N THR L 245 -6.13 -12.85 32.86
CA THR L 245 -6.78 -14.15 33.02
C THR L 245 -6.07 -15.11 32.07
N GLN L 246 -5.70 -14.59 30.91
CA GLN L 246 -5.10 -15.49 29.89
C GLN L 246 -3.79 -16.10 30.43
N THR L 247 -3.18 -15.42 31.38
CA THR L 247 -1.88 -15.87 31.88
C THR L 247 -2.08 -17.23 32.56
N GLY L 248 -1.66 -18.29 31.91
CA GLY L 248 -1.81 -19.62 32.52
C GLY L 248 -3.04 -20.30 31.98
N CYS L 249 -3.73 -19.61 31.09
CA CYS L 249 -4.90 -20.26 30.48
C CYS L 249 -4.40 -21.48 29.70
N THR L 250 -5.12 -22.58 29.79
CA THR L 250 -4.72 -23.80 29.06
C THR L 250 -4.95 -23.62 27.55
N ARG L 251 -5.54 -22.52 27.14
CA ARG L 251 -5.87 -22.37 25.69
C ARG L 251 -4.99 -21.32 24.99
N VAL L 252 -3.99 -20.82 25.71
CA VAL L 252 -3.18 -19.73 25.08
C VAL L 252 -2.48 -20.26 23.83
N GLN L 253 -2.08 -21.53 23.82
CA GLN L 253 -1.41 -21.98 22.57
C GLN L 253 -2.40 -21.90 21.42
N PHE L 254 -3.65 -22.24 21.68
CA PHE L 254 -4.66 -22.10 20.61
C PHE L 254 -4.82 -20.63 20.27
N PHE L 255 -4.78 -19.79 21.29
CA PHE L 255 -4.87 -18.32 21.05
C PHE L 255 -3.70 -17.93 20.15
N GLU L 256 -2.52 -18.37 20.50
CA GLU L 256 -1.30 -17.97 19.75
C GLU L 256 -1.49 -18.33 18.28
N TYR L 257 -2.03 -19.48 18.01
CA TYR L 257 -2.23 -19.96 16.66
C TYR L 257 -3.61 -19.64 16.13
N LYS L 258 -4.37 -18.83 16.86
CA LYS L 258 -5.66 -18.34 16.40
C LYS L 258 -6.58 -19.49 16.04
N GLN L 259 -6.57 -20.51 16.91
CA GLN L 259 -7.48 -21.66 16.73
C GLN L 259 -8.66 -21.47 17.66
N SER L 260 -9.83 -21.39 17.08
CA SER L 260 -10.97 -21.01 17.92
C SER L 260 -11.76 -22.20 18.42
N THR L 261 -12.14 -22.11 19.67
CA THR L 261 -13.15 -23.10 20.11
C THR L 261 -14.38 -22.69 19.29
N LEU L 262 -15.07 -23.65 18.75
CA LEU L 262 -16.23 -23.40 17.90
C LEU L 262 -17.55 -23.60 18.61
N SER L 263 -17.58 -24.41 19.66
CA SER L 263 -18.83 -24.73 20.32
C SER L 263 -18.54 -25.11 21.75
N PHE L 264 -19.59 -25.03 22.57
CA PHE L 264 -19.47 -25.40 23.96
C PHE L 264 -19.47 -26.92 24.10
N GLY L 265 -19.40 -27.37 25.35
CA GLY L 265 -19.33 -28.80 25.60
C GLY L 265 -18.04 -29.37 25.04
N GLU L 266 -18.17 -30.47 24.30
CA GLU L 266 -16.99 -31.13 23.74
C GLU L 266 -16.22 -30.21 22.79
N GLY L 267 -16.88 -29.20 22.22
CA GLY L 267 -16.17 -28.24 21.39
C GLY L 267 -15.04 -27.54 22.14
N THR L 268 -15.14 -27.47 23.47
CA THR L 268 -14.11 -26.83 24.26
C THR L 268 -12.94 -27.75 24.57
N ARG L 269 -12.93 -28.97 24.02
CA ARG L 269 -11.75 -29.80 24.13
C ARG L 269 -10.60 -29.23 23.31
N THR L 270 -10.88 -28.18 22.59
CA THR L 270 -9.82 -27.54 21.80
C THR L 270 -10.11 -26.06 21.65
N GLY L 271 -9.10 -25.34 21.19
CA GLY L 271 -9.37 -23.96 20.83
C GLY L 271 -9.34 -22.98 21.96
N CYS L 272 -9.29 -21.72 21.58
CA CYS L 272 -9.35 -20.64 22.56
C CYS L 272 -10.72 -19.98 22.42
N LEU L 273 -11.24 -19.44 23.52
CA LEU L 273 -12.64 -18.92 23.50
C LEU L 273 -12.69 -17.47 23.05
N PHE L 274 -11.57 -16.92 22.69
CA PHE L 274 -11.55 -15.47 22.42
C PHE L 274 -12.34 -15.12 21.19
N TYR L 275 -12.25 -15.96 20.20
CA TYR L 275 -12.80 -15.56 18.89
C TYR L 275 -14.29 -15.76 18.73
N GLU L 276 -14.84 -16.79 19.32
CA GLU L 276 -16.25 -17.07 19.15
C GLU L 276 -17.07 -16.86 20.41
N PHE L 277 -16.45 -16.85 21.58
CA PHE L 277 -17.20 -16.77 22.82
C PHE L 277 -16.89 -15.52 23.62
N GLY L 278 -16.22 -14.56 23.04
CA GLY L 278 -16.05 -13.29 23.75
C GLY L 278 -15.17 -13.40 24.97
N CYS L 279 -14.32 -14.40 24.97
CA CYS L 279 -13.37 -14.47 26.11
C CYS L 279 -12.64 -13.14 26.29
N ARG L 280 -12.74 -12.58 27.49
CA ARG L 280 -12.01 -11.32 27.78
C ARG L 280 -10.66 -11.61 28.44
N GLY L 281 -10.25 -12.87 28.44
CA GLY L 281 -8.98 -13.25 29.08
C GLY L 281 -7.84 -12.31 28.77
N PRO L 282 -7.56 -12.02 27.49
CA PRO L 282 -6.41 -11.19 27.13
C PRO L 282 -6.61 -9.71 27.42
N MET L 283 -7.81 -9.34 27.87
CA MET L 283 -8.07 -7.92 28.20
C MET L 283 -8.39 -7.80 29.68
N THR L 284 -8.15 -8.87 30.44
CA THR L 284 -8.60 -8.86 31.83
C THR L 284 -7.45 -9.20 32.76
N HIS L 285 -7.23 -8.33 33.71
CA HIS L 285 -6.14 -8.56 34.65
C HIS L 285 -6.67 -9.42 35.77
N SER L 286 -6.01 -10.53 36.02
CA SER L 286 -6.45 -11.46 37.05
C SER L 286 -5.41 -12.55 37.12
N PRO L 287 -5.35 -13.33 38.21
CA PRO L 287 -4.48 -14.49 38.23
C PRO L 287 -5.38 -15.73 38.15
N CYS L 288 -6.51 -15.65 37.45
CA CYS L 288 -7.45 -16.80 37.47
C CYS L 288 -6.85 -18.09 36.94
N ASN L 289 -5.89 -17.94 36.04
CA ASN L 289 -5.24 -19.15 35.49
C ASN L 289 -3.89 -19.36 36.15
N ARG L 290 -3.47 -18.42 36.96
CA ARG L 290 -2.27 -18.64 37.76
C ARG L 290 -2.64 -19.31 39.07
N ILE L 291 -3.56 -18.69 39.81
CA ILE L 291 -4.10 -19.24 41.02
C ILE L 291 -5.48 -19.78 40.67
N LEU L 292 -5.58 -21.07 40.60
CA LEU L 292 -6.84 -21.63 40.07
C LEU L 292 -7.99 -21.50 41.06
N TRP L 293 -9.16 -21.44 40.49
CA TRP L 293 -10.37 -21.33 41.32
C TRP L 293 -10.62 -22.67 42.01
N ASN L 294 -10.97 -22.61 43.29
CA ASN L 294 -11.30 -23.84 44.04
C ASN L 294 -10.13 -24.82 43.94
N ARG L 295 -8.94 -24.29 43.71
CA ARG L 295 -7.76 -25.13 43.53
C ARG L 295 -7.93 -26.14 42.41
N GLN L 296 -8.86 -25.91 41.51
CA GLN L 296 -9.15 -26.87 40.47
C GLN L 296 -8.99 -26.32 39.07
N SER L 297 -9.57 -25.17 38.79
CA SER L 297 -9.80 -24.81 37.40
C SER L 297 -9.94 -23.30 37.28
N SER L 298 -10.45 -22.91 36.13
CA SER L 298 -10.80 -21.51 35.91
C SER L 298 -11.91 -21.55 34.88
N LYS L 299 -12.59 -20.44 34.73
CA LYS L 299 -13.62 -20.46 33.66
C LYS L 299 -12.99 -20.90 32.34
N THR L 300 -11.90 -20.25 31.99
CA THR L 300 -11.37 -20.48 30.62
C THR L 300 -10.90 -21.91 30.45
N ARG L 301 -10.22 -22.42 31.46
CA ARG L 301 -9.83 -23.83 31.38
C ARG L 301 -11.07 -24.68 31.13
N ALA L 302 -12.13 -24.43 31.89
CA ALA L 302 -13.31 -25.25 31.81
C ALA L 302 -14.06 -25.08 30.50
N GLY L 303 -13.71 -24.08 29.69
CA GLY L 303 -14.44 -23.80 28.48
C GLY L 303 -15.38 -22.63 28.57
N MET L 304 -15.40 -21.93 29.68
CA MET L 304 -16.23 -20.74 29.78
C MET L 304 -15.39 -19.51 29.50
N PRO L 305 -15.87 -18.59 28.65
CA PRO L 305 -15.13 -17.39 28.44
C PRO L 305 -14.98 -16.56 29.70
N CYS L 306 -13.82 -15.96 29.80
CA CYS L 306 -13.66 -15.01 30.89
C CYS L 306 -14.59 -13.85 30.59
N LEU L 307 -15.34 -13.45 31.59
CA LEU L 307 -16.28 -12.33 31.41
C LEU L 307 -15.60 -11.02 31.82
N GLY L 308 -14.31 -11.06 32.08
CA GLY L 308 -13.58 -9.85 32.45
C GLY L 308 -14.07 -9.31 33.77
N CYS L 309 -14.45 -10.18 34.68
CA CYS L 309 -15.09 -9.71 35.92
C CYS L 309 -14.12 -8.96 36.83
N THR L 310 -12.84 -9.02 36.62
CA THR L 310 -11.96 -8.29 37.56
C THR L 310 -11.79 -6.87 37.04
N GLU L 311 -12.37 -6.65 35.89
CA GLU L 311 -12.23 -5.33 35.26
C GLU L 311 -13.40 -4.45 35.71
N PRO L 312 -13.21 -3.12 35.89
CA PRO L 312 -14.28 -2.29 36.47
C PRO L 312 -15.51 -2.18 35.61
N GLU L 313 -15.41 -2.41 34.31
CA GLU L 313 -16.58 -2.33 33.44
C GLU L 313 -17.50 -3.52 33.58
N PHE L 314 -17.10 -4.55 34.32
CA PHE L 314 -17.91 -5.75 34.39
C PHE L 314 -19.28 -5.43 34.99
N PRO L 315 -20.37 -5.98 34.43
CA PRO L 315 -20.38 -6.80 33.22
C PRO L 315 -20.20 -5.96 31.99
N HIS L 316 -19.30 -6.41 31.12
CA HIS L 316 -18.95 -5.60 29.97
C HIS L 316 -20.14 -5.47 29.04
N PHE L 317 -20.26 -4.29 28.43
CA PHE L 317 -21.35 -3.96 27.53
C PHE L 317 -22.71 -4.12 28.20
N ASP L 318 -22.73 -4.19 29.52
CA ASP L 318 -23.95 -4.36 30.29
C ASP L 318 -24.76 -5.54 29.79
N LEU L 319 -24.07 -6.58 29.31
CA LEU L 319 -24.76 -7.78 28.84
C LEU L 319 -25.83 -7.44 27.80
N ALA L 320 -25.56 -6.43 26.99
CA ALA L 320 -26.49 -6.04 25.95
C ALA L 320 -26.67 -7.20 24.99
N PRO L 321 -27.80 -7.25 24.28
CA PRO L 321 -28.07 -8.37 23.37
C PRO L 321 -26.92 -8.55 22.38
N GLY L 322 -26.55 -9.82 22.17
CA GLY L 322 -25.48 -10.16 21.26
C GLY L 322 -24.08 -10.11 21.84
N THR L 323 -23.93 -9.75 23.11
CA THR L 323 -22.62 -9.62 23.72
C THR L 323 -22.31 -10.73 24.72
N VAL L 324 -23.22 -11.66 24.96
CA VAL L 324 -23.05 -12.67 25.99
C VAL L 324 -22.52 -13.94 25.32
N PHE L 325 -21.33 -14.35 25.73
CA PHE L 325 -20.66 -15.53 25.17
C PHE L 325 -20.51 -15.41 23.66
N LYS L 326 -20.29 -14.18 23.20
CA LYS L 326 -20.06 -13.91 21.78
C LYS L 326 -18.94 -12.89 21.67
N THR L 327 -18.13 -13.05 20.62
CA THR L 327 -17.11 -12.06 20.30
C THR L 327 -17.70 -11.07 19.30
N GLN L 328 -17.85 -9.82 19.71
CA GLN L 328 -18.26 -8.80 18.76
C GLN L 328 -17.15 -8.59 17.74
N LYS L 329 -17.52 -8.64 16.48
CA LYS L 329 -16.54 -8.57 15.41
C LYS L 329 -16.94 -7.50 14.41
N VAL L 330 -15.92 -6.90 13.80
CA VAL L 330 -16.09 -5.95 12.71
C VAL L 330 -15.91 -6.72 11.41
N SER L 331 -16.86 -6.58 10.49
CA SER L 331 -16.84 -7.26 9.20
C SER L 331 -16.80 -8.78 9.35
N GLY L 332 -17.26 -9.28 10.51
CA GLY L 332 -17.37 -10.70 10.74
C GLY L 332 -16.07 -11.42 11.02
N MET L 333 -14.94 -10.72 11.16
CA MET L 333 -13.66 -11.46 11.30
C MET L 333 -12.68 -10.71 12.19
N ILE L 334 -12.83 -9.40 12.28
CA ILE L 334 -11.93 -8.63 13.15
C ILE L 334 -12.62 -8.45 14.49
N PRO L 335 -12.05 -8.94 15.59
CA PRO L 335 -12.65 -8.67 16.90
C PRO L 335 -12.67 -7.17 17.15
N LYS L 336 -13.79 -6.70 17.73
CA LYS L 336 -13.88 -5.29 18.08
C LYS L 336 -12.82 -4.93 19.10
N GLU L 337 -12.63 -5.80 20.10
CA GLU L 337 -11.62 -5.61 21.13
C GLU L 337 -10.50 -6.61 20.91
N VAL L 338 -9.27 -6.11 20.84
CA VAL L 338 -8.11 -6.96 20.67
C VAL L 338 -7.44 -7.09 22.04
N PRO L 339 -6.47 -7.98 22.21
CA PRO L 339 -5.83 -8.11 23.53
C PRO L 339 -5.22 -6.80 23.99
N GLU L 340 -5.08 -6.69 25.31
CA GLU L 340 -4.53 -5.48 25.91
C GLU L 340 -3.18 -5.14 25.30
N GLY L 341 -2.99 -3.88 24.93
CA GLY L 341 -1.67 -3.43 24.44
C GLY L 341 -1.41 -3.78 23.00
N THR L 342 -2.38 -4.34 22.30
CA THR L 342 -2.18 -4.61 20.87
C THR L 342 -3.07 -3.67 20.08
N ASP L 343 -2.77 -3.49 18.81
CA ASP L 343 -3.66 -2.69 17.94
C ASP L 343 -4.24 -3.66 16.92
N HIS L 344 -5.36 -3.32 16.34
CA HIS L 344 -6.06 -4.21 15.42
C HIS L 344 -5.18 -4.57 14.24
N LEU L 345 -4.38 -3.62 13.74
CA LEU L 345 -3.56 -3.88 12.58
C LEU L 345 -2.53 -4.96 12.85
N THR L 346 -1.69 -4.71 13.85
CA THR L 346 -0.65 -5.69 14.21
C THR L 346 -1.34 -6.99 14.63
N TYR L 347 -2.35 -6.91 15.50
CA TYR L 347 -3.00 -8.12 15.99
C TYR L 347 -3.50 -8.97 14.83
N MET L 348 -4.17 -8.36 13.86
CA MET L 348 -4.71 -9.12 12.74
C MET L 348 -3.60 -9.66 11.83
N GLY L 349 -2.55 -8.86 11.61
CA GLY L 349 -1.45 -9.38 10.82
C GLY L 349 -0.79 -10.59 11.46
N LEU L 350 -0.51 -10.48 12.76
CA LEU L 350 0.06 -11.60 13.48
C LEU L 350 -0.91 -12.77 13.51
N ALA L 351 -2.21 -12.48 13.58
CA ALA L 351 -3.21 -13.55 13.60
C ALA L 351 -3.21 -14.31 12.29
N ALA L 352 -3.13 -13.59 11.17
CA ALA L 352 -3.03 -14.27 9.87
C ALA L 352 -1.77 -15.11 9.80
N ALA L 353 -0.64 -14.54 10.22
CA ALA L 353 0.61 -15.28 10.21
C ALA L 353 0.51 -16.53 11.08
N ALA L 354 -0.08 -16.40 12.26
CA ALA L 354 -0.22 -17.54 13.15
C ALA L 354 -1.13 -18.61 12.58
N ARG L 355 -2.24 -18.16 11.98
CA ARG L 355 -3.16 -19.13 11.33
C ARG L 355 -2.39 -19.90 10.25
N ILE L 356 -1.52 -19.23 9.51
CA ILE L 356 -0.71 -19.92 8.50
C ILE L 356 0.27 -20.88 9.15
N ALA L 357 0.90 -20.46 10.25
CA ALA L 357 1.93 -21.26 10.90
C ALA L 357 1.37 -22.31 11.83
N ALA L 358 0.06 -22.35 12.03
CA ALA L 358 -0.51 -23.14 13.11
C ALA L 358 -0.17 -24.62 12.94
N PRO L 359 0.38 -25.27 13.96
CA PRO L 359 0.66 -26.69 13.87
C PRO L 359 -0.63 -27.50 13.95
N GLN L 360 -0.52 -28.76 13.53
CA GLN L 360 -1.71 -29.61 13.43
C GLN L 360 -2.36 -29.82 14.79
N TRP L 361 -1.56 -30.02 15.84
CA TRP L 361 -2.15 -30.28 17.16
C TRP L 361 -3.00 -29.11 17.63
N SER L 362 -2.67 -27.88 17.21
CA SER L 362 -3.46 -26.73 17.62
C SER L 362 -4.84 -26.74 16.99
N LYS L 363 -5.06 -27.58 15.99
CA LYS L 363 -6.34 -27.70 15.31
C LYS L 363 -7.13 -28.91 15.78
N GLU L 364 -6.65 -29.61 16.80
CA GLU L 364 -7.28 -30.84 17.26
C GLU L 364 -7.60 -30.75 18.75
N ASP L 365 -8.45 -31.67 19.19
CA ASP L 365 -8.76 -31.76 20.60
C ASP L 365 -7.49 -31.98 21.40
N MET L 366 -7.38 -31.27 22.51
CA MET L 366 -6.26 -31.47 23.41
C MET L 366 -6.70 -31.81 24.82
N PHE L 367 -7.83 -31.28 25.26
CA PHE L 367 -8.38 -31.62 26.57
C PHE L 367 -9.30 -32.82 26.39
N VAL L 368 -8.66 -33.94 26.10
CA VAL L 368 -9.32 -35.17 25.75
C VAL L 368 -9.68 -35.91 27.02
N VAL L 369 -10.63 -36.82 26.89
CA VAL L 369 -11.05 -37.64 28.01
C VAL L 369 -9.86 -38.39 28.59
N LEU M 1 23.04 -68.01 65.15
CA LEU M 1 22.11 -68.08 64.03
C LEU M 1 22.39 -67.00 63.00
N ASP M 2 22.79 -67.40 61.80
CA ASP M 2 22.94 -66.45 60.71
C ASP M 2 21.58 -66.18 60.09
N LEU M 3 21.11 -64.94 60.19
CA LEU M 3 19.82 -64.54 59.66
C LEU M 3 20.05 -63.52 58.55
N PHE M 4 19.54 -63.82 57.38
CA PHE M 4 19.60 -62.91 56.24
C PHE M 4 18.20 -62.39 55.98
N VAL M 5 18.00 -61.10 56.22
CA VAL M 5 16.70 -60.45 56.03
C VAL M 5 16.73 -59.71 54.70
N SER M 6 15.87 -60.13 53.79
CA SER M 6 15.78 -59.55 52.47
C SER M 6 14.35 -59.68 51.97
N PRO M 7 13.68 -58.57 51.65
CA PRO M 7 14.19 -57.22 51.82
C PRO M 7 13.92 -56.68 53.21
N LEU M 8 14.72 -55.71 53.64
CA LEU M 8 14.35 -54.88 54.78
C LEU M 8 13.84 -53.57 54.19
N GLY M 9 12.54 -53.51 53.96
CA GLY M 9 11.94 -52.38 53.27
C GLY M 9 11.79 -51.17 54.18
N ARG M 10 11.08 -50.18 53.65
CA ARG M 10 10.87 -48.92 54.34
C ARG M 10 12.21 -48.28 54.72
N VAL M 11 13.17 -48.41 53.82
CA VAL M 11 14.44 -47.71 53.93
C VAL M 11 14.75 -47.03 52.61
N GLU M 12 13.69 -46.69 51.86
CA GLU M 12 13.84 -45.94 50.61
C GLU M 12 14.89 -46.57 49.70
N GLY M 13 14.70 -47.84 49.43
CA GLY M 13 15.60 -48.53 48.53
C GLY M 13 15.80 -49.96 48.96
N ASP M 14 16.85 -50.55 48.41
CA ASP M 14 17.07 -51.98 48.46
C ASP M 14 18.12 -52.28 49.52
N LEU M 15 17.68 -52.88 50.62
CA LEU M 15 18.56 -53.19 51.73
C LEU M 15 18.35 -54.64 52.12
N ASP M 16 19.43 -55.36 52.28
CA ASP M 16 19.42 -56.65 52.95
C ASP M 16 20.28 -56.52 54.19
N VAL M 17 19.90 -57.23 55.24
CA VAL M 17 20.65 -57.18 56.48
C VAL M 17 20.99 -58.60 56.88
N ARG M 18 22.27 -58.90 56.99
CA ARG M 18 22.72 -60.17 57.52
C ARG M 18 23.14 -59.93 58.97
N VAL M 19 22.70 -60.80 59.86
CA VAL M 19 23.06 -60.67 61.26
C VAL M 19 23.48 -62.03 61.79
N THR M 20 24.48 -62.03 62.64
CA THR M 20 24.76 -63.18 63.48
C THR M 20 24.05 -62.96 64.81
N ILE M 21 23.26 -63.94 65.21
CA ILE M 21 22.48 -63.86 66.45
C ILE M 21 23.00 -64.91 67.40
N ASN M 22 23.32 -64.51 68.62
CA ASN M 22 23.66 -65.43 69.69
C ASN M 22 22.83 -65.10 70.92
N ASP M 23 22.12 -66.09 71.44
CA ASP M 23 21.26 -65.93 72.61
C ASP M 23 20.25 -64.80 72.40
N GLY M 24 19.69 -64.73 71.19
CA GLY M 24 18.67 -63.74 70.91
C GLY M 24 19.18 -62.33 70.76
N VAL M 25 20.48 -62.14 70.58
CA VAL M 25 21.08 -60.82 70.44
C VAL M 25 21.94 -60.81 69.19
N VAL M 26 21.83 -59.76 68.39
CA VAL M 26 22.72 -59.60 67.25
C VAL M 26 24.14 -59.38 67.75
N THR M 27 25.07 -60.22 67.29
CA THR M 27 26.46 -60.10 67.66
C THR M 27 27.32 -59.53 66.54
N SER M 28 26.90 -59.69 65.30
CA SER M 28 27.55 -59.02 64.18
C SER M 28 26.50 -58.71 63.14
N ALA M 29 26.76 -57.69 62.35
CA ALA M 29 25.79 -57.30 61.33
C ALA M 29 26.52 -56.82 60.08
N TRP M 30 25.90 -57.11 58.95
CA TRP M 30 26.32 -56.63 57.65
C TRP M 30 25.11 -55.97 57.00
N THR M 31 25.28 -54.73 56.58
CA THR M 31 24.29 -54.06 55.78
C THR M 31 24.70 -54.19 54.32
N GLU M 32 23.77 -54.66 53.49
CA GLU M 32 24.03 -54.89 52.08
C GLU M 32 23.10 -53.98 51.29
N ALA M 33 23.65 -52.87 50.81
CA ALA M 33 22.96 -52.06 49.82
C ALA M 33 22.97 -52.81 48.49
N ALA M 34 21.80 -53.07 47.94
CA ALA M 34 21.68 -54.07 46.88
C ALA M 34 21.39 -53.48 45.51
N MET M 35 21.21 -52.18 45.38
CA MET M 35 20.82 -51.60 44.11
C MET M 35 21.75 -50.45 43.77
N PHE M 36 22.27 -50.46 42.54
CA PHE M 36 23.27 -49.51 42.09
C PHE M 36 22.79 -48.84 40.80
N ARG M 37 22.85 -47.51 40.76
CA ARG M 37 22.53 -46.76 39.55
C ARG M 37 23.73 -46.05 38.96
N GLY M 38 24.72 -45.70 39.78
CA GLY M 38 25.94 -45.12 39.26
C GLY M 38 25.82 -43.70 38.74
N PHE M 39 25.12 -42.84 39.48
CA PHE M 39 24.94 -41.46 39.02
C PHE M 39 26.27 -40.72 38.95
N GLU M 40 27.21 -41.06 39.83
CA GLU M 40 28.52 -40.42 39.75
C GLU M 40 29.22 -40.76 38.44
N ILE M 41 29.07 -42.00 37.99
CA ILE M 41 29.59 -42.40 36.69
C ILE M 41 28.92 -41.61 35.59
N ILE M 42 27.58 -41.50 35.67
CA ILE M 42 26.83 -40.82 34.63
C ILE M 42 27.23 -39.35 34.54
N LEU M 43 27.45 -38.72 35.69
CA LEU M 43 27.70 -37.29 35.70
C LEU M 43 29.02 -36.92 35.06
N ARG M 44 29.97 -37.85 35.00
CA ARG M 44 31.27 -37.55 34.42
C ARG M 44 31.10 -37.13 32.97
N GLY M 45 31.74 -36.02 32.62
CA GLY M 45 31.68 -35.51 31.27
C GLY M 45 30.43 -34.74 30.93
N LYS M 46 29.46 -34.68 31.83
CA LYS M 46 28.23 -33.96 31.57
C LYS M 46 28.42 -32.47 31.82
N ASP M 47 27.38 -31.71 31.52
CA ASP M 47 27.41 -30.28 31.75
C ASP M 47 27.71 -30.02 33.23
N PRO M 48 28.48 -28.98 33.54
CA PRO M 48 28.82 -28.73 34.96
C PRO M 48 27.60 -28.60 35.85
N GLN M 49 26.47 -28.15 35.31
CA GLN M 49 25.25 -28.05 36.09
C GLN M 49 24.39 -29.29 36.00
N ALA M 50 24.86 -30.35 35.35
CA ALA M 50 24.07 -31.56 35.25
C ALA M 50 23.74 -32.12 36.63
N GLY M 51 24.58 -31.83 37.62
CA GLY M 51 24.30 -32.29 38.96
C GLY M 51 22.97 -31.77 39.47
N LEU M 52 22.61 -30.54 39.11
CA LEU M 52 21.35 -29.97 39.56
C LEU M 52 20.16 -30.77 39.07
N ILE M 53 20.32 -31.48 37.96
CA ILE M 53 19.25 -32.32 37.45
C ILE M 53 19.38 -33.74 37.95
N VAL M 54 20.61 -34.26 37.96
CA VAL M 54 20.83 -35.68 38.26
C VAL M 54 20.76 -35.95 39.75
N CYS M 55 21.48 -35.16 40.54
CA CYS M 55 21.56 -35.42 41.97
C CYS M 55 20.22 -35.46 42.68
N PRO M 56 19.23 -34.59 42.36
CA PRO M 56 17.95 -34.74 43.03
C PRO M 56 17.42 -36.16 42.75
N ARG M 57 17.72 -36.69 41.57
CA ARG M 57 17.20 -38.04 41.22
C ARG M 57 17.94 -39.13 41.98
N ILE M 58 18.90 -38.76 42.80
CA ILE M 58 19.50 -39.80 43.65
C ILE M 58 18.39 -40.26 44.58
N CYS M 59 17.49 -39.34 44.91
CA CYS M 59 16.51 -39.75 45.91
C CYS M 59 15.24 -38.91 45.89
N GLY M 60 14.14 -39.59 46.04
CA GLY M 60 12.87 -38.91 45.94
C GLY M 60 12.54 -38.11 47.15
N ILE M 61 12.89 -38.66 48.29
CA ILE M 61 12.49 -38.00 49.55
C ILE M 61 13.48 -36.91 49.88
N CYS M 62 14.73 -37.07 49.45
CA CYS M 62 15.68 -36.03 49.86
C CYS M 62 16.38 -35.42 48.64
N GLY M 63 15.73 -35.51 47.48
CA GLY M 63 16.32 -34.89 46.30
C GLY M 63 16.48 -33.38 46.47
N GLY M 64 15.55 -32.74 47.17
CA GLY M 64 15.74 -31.31 47.39
C GLY M 64 17.03 -31.02 48.14
N SER M 65 17.37 -31.92 49.05
CA SER M 65 18.66 -31.76 49.76
C SER M 65 19.80 -31.93 48.77
N HIS M 66 19.67 -32.93 47.91
CA HIS M 66 20.72 -33.14 46.89
C HIS M 66 20.84 -31.87 46.07
N LEU M 67 19.71 -31.32 45.70
CA LEU M 67 19.74 -30.10 44.87
C LEU M 67 20.48 -29.01 45.63
N TYR M 68 20.10 -28.81 46.88
CA TYR M 68 20.71 -27.79 47.72
C TYR M 68 22.23 -27.91 47.71
N LYS M 69 22.73 -29.10 48.01
CA LYS M 69 24.17 -29.25 48.12
C LYS M 69 24.84 -29.23 46.74
N SER M 70 24.17 -29.73 45.70
CA SER M 70 24.75 -29.64 44.37
C SER M 70 24.85 -28.19 43.92
N ALA M 71 23.81 -27.41 44.20
CA ALA M 71 23.85 -25.99 43.89
C ALA M 71 25.01 -25.33 44.61
N TYR M 72 25.17 -25.64 45.91
CA TYR M 72 26.27 -25.03 46.63
C TYR M 72 27.62 -25.54 46.17
N ALA M 73 27.69 -26.78 45.71
CA ALA M 73 28.92 -27.27 45.12
C ALA M 73 29.29 -26.42 43.93
N LEU M 74 28.31 -26.10 43.09
CA LEU M 74 28.58 -25.23 41.95
C LEU M 74 28.91 -23.80 42.41
N ASP M 75 28.21 -23.32 43.44
CA ASP M 75 28.44 -21.97 43.93
C ASP M 75 29.87 -21.82 44.42
N THR M 76 30.38 -22.83 45.13
CA THR M 76 31.76 -22.79 45.58
C THR M 76 32.71 -23.00 44.42
N ALA M 77 32.41 -23.95 43.52
CA ALA M 77 33.28 -24.21 42.39
C ALA M 77 33.41 -22.99 41.50
N TRP M 78 32.32 -22.25 41.32
CA TRP M 78 32.30 -21.10 40.45
C TRP M 78 32.42 -19.78 41.21
N ARG M 79 32.67 -19.84 42.52
CA ARG M 79 32.88 -18.65 43.32
C ARG M 79 31.75 -17.65 43.10
N THR M 80 30.53 -18.16 43.16
CA THR M 80 29.38 -17.35 42.83
C THR M 80 29.04 -16.40 43.97
N HIS M 81 28.12 -15.48 43.68
CA HIS M 81 27.49 -14.65 44.69
C HIS M 81 26.09 -15.16 44.95
N MET M 82 25.75 -15.33 46.21
CA MET M 82 24.42 -15.78 46.60
C MET M 82 23.68 -14.61 47.22
N PRO M 83 22.68 -14.04 46.56
CA PRO M 83 21.87 -13.02 47.21
C PRO M 83 21.21 -13.60 48.44
N PRO M 84 21.05 -12.79 49.49
CA PRO M 84 20.45 -13.30 50.72
C PRO M 84 19.11 -13.97 50.50
N ASN M 85 18.28 -13.43 49.61
CA ASN M 85 16.97 -14.06 49.35
C ASN M 85 17.16 -15.46 48.81
N ALA M 86 18.15 -15.66 47.94
CA ALA M 86 18.39 -16.99 47.41
C ALA M 86 18.80 -17.93 48.51
N THR M 87 19.67 -17.49 49.41
CA THR M 87 20.06 -18.31 50.54
C THR M 87 18.84 -18.65 51.39
N LEU M 88 17.97 -17.67 51.61
CA LEU M 88 16.76 -17.91 52.39
C LEU M 88 15.87 -18.93 51.72
N ILE M 89 15.68 -18.80 50.42
CA ILE M 89 14.82 -19.73 49.70
C ILE M 89 15.40 -21.12 49.74
N ARG M 90 16.72 -21.23 49.56
CA ARG M 90 17.37 -22.53 49.65
C ARG M 90 17.19 -23.13 51.04
N ASN M 91 17.41 -22.33 52.07
CA ASN M 91 17.20 -22.79 53.44
C ASN M 91 15.76 -23.24 53.63
N ILE M 92 14.82 -22.43 53.19
CA ILE M 92 13.41 -22.73 53.38
C ILE M 92 13.08 -24.05 52.72
N CYS M 93 13.54 -24.22 51.49
CA CYS M 93 13.17 -25.42 50.74
C CYS M 93 13.85 -26.66 51.32
N GLN M 94 15.12 -26.54 51.71
CA GLN M 94 15.78 -27.66 52.35
C GLN M 94 15.05 -28.05 53.62
N ALA M 95 14.73 -27.06 54.45
CA ALA M 95 14.07 -27.35 55.70
C ALA M 95 12.66 -27.86 55.47
N CYS M 96 11.97 -27.36 54.45
CA CYS M 96 10.62 -27.83 54.16
C CYS M 96 10.65 -29.27 53.69
N GLU M 97 11.65 -29.64 52.87
CA GLU M 97 11.77 -31.04 52.52
C GLU M 97 12.00 -31.88 53.75
N THR M 98 12.84 -31.41 54.67
CA THR M 98 13.07 -32.15 55.90
C THR M 98 11.79 -32.24 56.74
N LEU M 99 11.03 -31.17 56.80
CA LEU M 99 9.79 -31.15 57.55
C LEU M 99 8.77 -32.09 56.94
N GLN M 100 8.80 -32.26 55.63
CA GLN M 100 7.99 -33.30 55.00
C GLN M 100 8.50 -34.68 55.39
N SER M 101 9.82 -34.85 55.38
CA SER M 101 10.42 -36.15 55.62
C SER M 101 10.10 -36.65 57.03
N ILE M 102 10.13 -35.75 58.01
CA ILE M 102 10.01 -36.11 59.41
C ILE M 102 8.73 -36.91 59.65
N PRO M 103 7.54 -36.36 59.41
CA PRO M 103 6.33 -37.18 59.61
C PRO M 103 6.18 -38.29 58.60
N ARG M 104 6.50 -38.02 57.33
CA ARG M 104 6.34 -39.06 56.33
C ARG M 104 7.14 -40.29 56.70
N TYR M 105 8.40 -40.08 57.05
CA TYR M 105 9.23 -41.19 57.49
C TYR M 105 8.69 -41.79 58.78
N PHE M 106 8.35 -40.94 59.75
CA PHE M 106 8.00 -41.46 61.06
C PHE M 106 6.80 -42.37 61.00
N TYR M 107 5.73 -41.92 60.34
CA TYR M 107 4.52 -42.72 60.28
C TYR M 107 4.60 -43.81 59.24
N ALA M 108 5.00 -43.45 58.01
CA ALA M 108 4.93 -44.41 56.93
C ALA M 108 6.05 -45.43 56.99
N LEU M 109 7.23 -45.04 57.45
CA LEU M 109 8.39 -45.91 57.37
C LEU M 109 8.75 -46.52 58.71
N PHE M 110 8.60 -45.78 59.81
CA PHE M 110 9.12 -46.23 61.08
C PHE M 110 8.01 -46.73 62.03
N ALA M 111 7.02 -45.90 62.30
CA ALA M 111 6.14 -46.16 63.43
C ALA M 111 5.23 -47.35 63.22
N ILE M 112 5.02 -47.79 61.98
CA ILE M 112 4.13 -48.94 61.79
C ILE M 112 4.73 -50.17 62.43
N ASP M 113 6.07 -50.24 62.50
CA ASP M 113 6.72 -51.36 63.19
C ASP M 113 6.41 -51.36 64.68
N LEU M 114 5.97 -50.23 65.24
CA LEU M 114 5.53 -50.21 66.62
C LEU M 114 4.30 -51.08 66.84
N THR M 115 3.60 -51.45 65.78
CA THR M 115 2.46 -52.34 65.86
C THR M 115 2.86 -53.81 65.80
N ASN M 116 4.16 -54.09 65.78
CA ASN M 116 4.62 -55.47 65.68
C ASN M 116 4.08 -56.30 66.84
N LYS M 117 3.80 -57.57 66.55
CA LYS M 117 3.26 -58.48 67.55
C LYS M 117 4.21 -58.70 68.71
N ASN M 118 5.50 -58.39 68.55
CA ASN M 118 6.44 -58.49 69.65
C ASN M 118 6.04 -57.60 70.82
N TYR M 119 5.24 -56.57 70.56
CA TYR M 119 4.83 -55.62 71.57
C TYR M 119 3.42 -55.87 72.07
N ALA M 120 2.81 -56.99 71.68
CA ALA M 120 1.41 -57.23 72.04
C ALA M 120 1.20 -57.25 73.53
N LYS M 121 2.23 -57.60 74.31
CA LYS M 121 2.11 -57.63 75.75
C LYS M 121 2.19 -56.23 76.37
N SER M 122 2.65 -55.23 75.63
CA SER M 122 2.72 -53.88 76.18
C SER M 122 1.33 -53.36 76.47
N LYS M 123 1.19 -52.65 77.59
CA LYS M 123 -0.10 -52.03 77.89
C LYS M 123 -0.45 -50.95 76.88
N LEU M 124 0.53 -50.39 76.18
CA LEU M 124 0.28 -49.37 75.17
C LEU M 124 0.08 -49.95 73.78
N TYR M 125 0.10 -51.26 73.64
CA TYR M 125 0.10 -51.87 72.32
C TYR M 125 -1.18 -51.58 71.55
N ASP M 126 -2.33 -51.66 72.22
CA ASP M 126 -3.58 -51.37 71.53
C ASP M 126 -3.59 -49.94 71.01
N GLU M 127 -3.14 -49.00 71.83
CA GLU M 127 -3.05 -47.61 71.36
C GLU M 127 -2.04 -47.47 70.25
N ALA M 128 -0.90 -48.17 70.34
CA ALA M 128 0.08 -48.11 69.27
C ALA M 128 -0.51 -48.59 67.97
N VAL M 129 -1.29 -49.67 68.02
CA VAL M 129 -1.93 -50.18 66.82
C VAL M 129 -2.96 -49.20 66.30
N ARG M 130 -3.77 -48.63 67.20
CA ARG M 130 -4.78 -47.67 66.78
C ARG M 130 -4.14 -46.48 66.06
N ARG M 131 -2.99 -46.04 66.56
CA ARG M 131 -2.37 -44.83 66.05
C ARG M 131 -1.53 -45.08 64.80
N PHE M 132 -0.72 -46.14 64.81
CA PHE M 132 0.38 -46.29 63.88
C PHE M 132 0.23 -47.45 62.93
N ALA M 133 -0.90 -48.15 62.94
CA ALA M 133 -1.07 -49.22 61.98
C ALA M 133 -0.98 -48.64 60.57
N PRO M 134 -0.36 -49.35 59.64
CA PRO M 134 -0.22 -48.80 58.28
C PRO M 134 -1.58 -48.51 57.66
N TYR M 135 -1.69 -47.31 57.10
CA TYR M 135 -2.80 -46.85 56.27
C TYR M 135 -4.10 -46.60 57.01
N VAL M 136 -4.22 -47.07 58.24
CA VAL M 136 -5.49 -46.95 58.95
C VAL M 136 -5.23 -46.35 60.33
N GLY M 137 -3.96 -46.29 60.71
CA GLY M 137 -3.63 -45.74 62.00
C GLY M 137 -4.13 -44.31 62.12
N THR M 138 -4.72 -44.00 63.28
CA THR M 138 -5.29 -42.68 63.48
C THR M 138 -4.23 -41.59 63.56
N SER M 139 -2.98 -41.95 63.85
CA SER M 139 -1.89 -41.02 63.69
C SER M 139 -1.23 -41.16 62.33
N TYR M 140 -1.23 -42.37 61.79
CA TYR M 140 -0.63 -42.61 60.49
C TYR M 140 -1.27 -41.74 59.42
N GLN M 141 -2.59 -41.81 59.31
CA GLN M 141 -3.25 -41.13 58.19
C GLN M 141 -3.01 -39.63 58.20
N PRO M 142 -3.34 -38.89 59.25
CA PRO M 142 -3.07 -37.44 59.20
C PRO M 142 -1.60 -37.13 59.11
N GLY M 143 -0.73 -37.90 59.77
CA GLY M 143 0.70 -37.62 59.68
C GLY M 143 1.19 -37.72 58.25
N VAL M 144 0.88 -38.83 57.59
CA VAL M 144 1.32 -39.03 56.23
C VAL M 144 0.69 -38.02 55.29
N VAL M 145 -0.62 -37.78 55.45
CA VAL M 145 -1.32 -36.87 54.55
C VAL M 145 -0.74 -35.46 54.68
N LEU M 146 -0.55 -35.00 55.92
CA LEU M 146 -0.06 -33.65 56.12
C LEU M 146 1.42 -33.53 55.81
N SER M 147 2.14 -34.64 55.72
CA SER M 147 3.54 -34.56 55.34
C SER M 147 3.74 -33.89 53.97
N ALA M 148 2.71 -33.88 53.14
CA ALA M 148 2.84 -33.25 51.82
C ALA M 148 2.82 -31.72 51.89
N LYS M 149 2.40 -31.13 53.00
CA LYS M 149 2.29 -29.67 53.05
C LYS M 149 3.63 -28.95 52.95
N PRO M 150 4.65 -29.30 53.75
CA PRO M 150 5.91 -28.55 53.66
C PRO M 150 6.49 -28.58 52.25
N VAL M 151 6.31 -29.68 51.53
CA VAL M 151 6.82 -29.68 50.16
C VAL M 151 5.89 -28.94 49.22
N GLU M 152 4.67 -28.63 49.63
CA GLU M 152 3.92 -27.62 48.91
C GLU M 152 4.64 -26.28 48.98
N VAL M 153 5.19 -25.95 50.14
CA VAL M 153 6.01 -24.73 50.21
C VAL M 153 7.20 -24.85 49.27
N TYR M 154 7.86 -26.00 49.30
CA TYR M 154 8.97 -26.25 48.39
C TYR M 154 8.53 -25.99 46.95
N ALA M 155 7.35 -26.49 46.57
CA ALA M 155 6.88 -26.34 45.21
C ALA M 155 6.56 -24.88 44.90
N ILE M 156 6.05 -24.15 45.88
CA ILE M 156 5.79 -22.74 45.66
C ILE M 156 7.05 -22.04 45.19
N PHE M 157 8.17 -22.37 45.82
CA PHE M 157 9.41 -21.70 45.41
C PHE M 157 10.15 -22.40 44.28
N GLY M 158 9.94 -23.69 44.09
CA GLY M 158 10.76 -24.45 43.18
C GLY M 158 9.96 -25.03 42.04
N GLY M 159 8.66 -24.80 42.06
CA GLY M 159 7.86 -25.27 40.93
C GLY M 159 7.22 -26.60 41.26
N GLN M 160 8.00 -27.46 41.91
CA GLN M 160 7.45 -28.75 42.24
C GLN M 160 8.32 -29.46 43.25
N TRP M 161 7.72 -30.48 43.81
CA TRP M 161 8.51 -31.35 44.68
C TRP M 161 7.88 -32.75 44.55
N PRO M 162 8.64 -33.87 44.39
CA PRO M 162 10.08 -33.86 44.13
C PRO M 162 10.44 -33.42 42.71
N SER M 164 12.49 -30.67 41.40
CA SER M 164 12.81 -29.36 40.84
C SER M 164 14.34 -29.30 40.82
N SER M 165 14.90 -28.44 40.00
CA SER M 165 16.36 -28.13 39.98
C SER M 165 16.53 -26.61 40.12
N PHE M 166 15.61 -25.96 40.82
CA PHE M 166 15.56 -24.51 40.78
C PHE M 166 16.67 -23.84 41.58
N MET M 167 17.46 -24.60 42.33
CA MET M 167 18.61 -24.04 43.02
C MET M 167 19.80 -24.11 42.07
N VAL M 168 20.28 -22.95 41.66
CA VAL M 168 21.32 -22.85 40.63
C VAL M 168 22.46 -22.02 41.19
N PRO M 169 23.67 -22.20 40.65
CA PRO M 169 24.77 -21.33 41.04
C PRO M 169 24.35 -19.87 40.87
N GLY M 170 24.58 -19.08 41.91
CA GLY M 170 24.17 -17.69 41.90
C GLY M 170 22.80 -17.45 42.49
N GLY M 171 22.07 -18.49 42.86
CA GLY M 171 20.85 -18.25 43.58
C GLY M 171 19.78 -19.30 43.35
N VAL M 172 18.59 -18.85 43.01
CA VAL M 172 17.49 -19.73 42.67
C VAL M 172 16.88 -19.23 41.37
N MET M 173 16.26 -20.14 40.63
CA MET M 173 15.62 -19.74 39.39
C MET M 173 14.39 -18.89 39.63
N SER M 174 13.74 -19.08 40.76
CA SER M 174 12.42 -18.53 40.97
C SER M 174 12.50 -17.10 41.49
N ALA M 175 11.36 -16.43 41.41
CA ALA M 175 11.23 -15.05 41.87
C ALA M 175 9.93 -15.03 42.67
N PRO M 176 9.98 -15.38 43.94
CA PRO M 176 8.76 -15.46 44.74
C PRO M 176 7.99 -14.14 44.70
N THR M 177 6.68 -14.27 44.65
CA THR M 177 5.79 -13.12 44.76
C THR M 177 5.29 -13.02 46.19
N LEU M 178 4.56 -11.94 46.46
CA LEU M 178 3.99 -11.76 47.79
C LEU M 178 3.08 -12.92 48.14
N SER M 179 2.19 -13.29 47.22
CA SER M 179 1.28 -14.39 47.48
C SER M 179 2.03 -15.71 47.66
N ASP M 180 3.16 -15.88 46.98
CA ASP M 180 3.97 -17.06 47.23
C ASP M 180 4.37 -17.14 48.69
N VAL M 181 4.89 -16.04 49.23
CA VAL M 181 5.37 -16.06 50.61
C VAL M 181 4.22 -16.18 51.58
N THR M 182 3.14 -15.44 51.36
CA THR M 182 2.01 -15.53 52.27
C THR M 182 1.40 -16.92 52.25
N ARG M 183 1.30 -17.52 51.07
CA ARG M 183 0.79 -18.89 51.00
C ARG M 183 1.74 -19.87 51.65
N ALA M 184 3.04 -19.69 51.45
CA ALA M 184 4.01 -20.57 52.12
C ALA M 184 3.87 -20.47 53.63
N ILE M 185 3.72 -19.25 54.13
CA ILE M 185 3.52 -19.07 55.56
C ILE M 185 2.24 -19.74 56.00
N ALA M 186 1.16 -19.56 55.24
CA ALA M 186 -0.11 -20.17 55.62
C ALA M 186 0.00 -21.69 55.62
N ILE M 187 0.65 -22.25 54.61
CA ILE M 187 0.81 -23.70 54.54
C ILE M 187 1.61 -24.18 55.73
N LEU M 188 2.70 -23.49 56.03
CA LEU M 188 3.56 -23.90 57.13
C LEU M 188 2.84 -23.81 58.46
N GLU M 189 2.14 -22.70 58.69
CA GLU M 189 1.38 -22.54 59.94
C GLU M 189 0.28 -23.59 60.05
N HIS M 190 -0.39 -23.89 58.94
CA HIS M 190 -1.43 -24.91 58.99
C HIS M 190 -0.83 -26.27 59.31
N TRP M 191 0.27 -26.61 58.65
CA TRP M 191 0.92 -27.89 58.92
C TRP M 191 1.41 -27.96 60.37
N ASN M 192 2.00 -26.87 60.85
CA ASN M 192 2.49 -26.84 62.22
C ASN M 192 1.34 -27.00 63.20
N ASP M 193 0.25 -26.29 62.97
CA ASP M 193 -0.88 -26.37 63.89
C ASP M 193 -1.52 -27.74 63.84
N ASN M 194 -1.69 -28.31 62.66
CA ASN M 194 -2.50 -29.50 62.47
C ASN M 194 -1.73 -30.79 62.67
N TRP M 195 -0.46 -30.85 62.28
CA TRP M 195 0.31 -32.03 62.57
C TRP M 195 1.30 -31.80 63.70
N LEU M 196 2.21 -30.83 63.55
CA LEU M 196 3.33 -30.72 64.47
C LEU M 196 2.85 -30.46 65.89
N GLU M 197 1.99 -29.48 66.07
CA GLU M 197 1.58 -29.11 67.41
C GLU M 197 0.39 -29.93 67.88
N LYS M 198 -0.64 -30.06 67.05
CA LYS M 198 -1.82 -30.79 67.49
C LYS M 198 -1.55 -32.27 67.64
N GLN M 199 -0.94 -32.88 66.64
CA GLN M 199 -0.80 -34.32 66.64
C GLN M 199 0.54 -34.78 67.22
N TRP M 200 1.64 -34.23 66.73
CA TRP M 200 2.93 -34.70 67.20
C TRP M 200 3.17 -34.27 68.65
N LEU M 201 3.07 -32.98 68.92
CA LEU M 201 3.47 -32.46 70.22
C LEU M 201 2.33 -32.42 71.23
N GLY M 202 1.11 -32.14 70.79
CA GLY M 202 0.08 -31.82 71.77
C GLY M 202 0.38 -30.55 72.54
N CYS M 203 1.28 -29.73 72.04
CA CYS M 203 1.65 -28.46 72.65
C CYS M 203 2.25 -27.59 71.56
N SER M 204 2.60 -26.36 71.93
CA SER M 204 3.24 -25.47 70.97
C SER M 204 4.66 -25.93 70.69
N VAL M 205 5.19 -25.52 69.55
CA VAL M 205 6.59 -25.78 69.25
C VAL M 205 7.47 -25.11 70.31
N ASP M 206 7.06 -23.93 70.77
CA ASP M 206 7.83 -23.23 71.79
C ASP M 206 7.93 -24.06 73.06
N ARG M 207 6.82 -24.66 73.49
CA ARG M 207 6.85 -25.48 74.70
C ARG M 207 7.81 -26.64 74.54
N TRP M 208 7.79 -27.29 73.38
CA TRP M 208 8.71 -28.41 73.15
C TRP M 208 10.15 -27.94 73.18
N LEU M 209 10.44 -26.82 72.53
CA LEU M 209 11.80 -26.33 72.45
C LEU M 209 12.32 -25.83 73.79
N GLU M 210 11.45 -25.70 74.79
CA GLU M 210 11.89 -25.41 76.15
C GLU M 210 12.54 -26.62 76.81
N ASN M 211 12.38 -27.81 76.25
CA ASN M 211 13.01 -29.00 76.80
C ASN M 211 14.51 -28.95 76.53
N LYS M 212 15.30 -28.80 77.59
CA LYS M 212 16.75 -28.71 77.48
C LYS M 212 17.47 -29.93 78.02
N THR M 213 16.78 -30.80 78.75
CA THR M 213 17.37 -31.99 79.32
C THR M 213 16.46 -33.17 79.06
N TRP M 214 17.01 -34.37 79.25
CA TRP M 214 16.18 -35.55 79.17
C TRP M 214 15.08 -35.52 80.22
N ASN M 215 15.42 -35.09 81.43
CA ASN M 215 14.43 -34.93 82.48
C ASN M 215 13.37 -33.91 82.07
N ASP M 216 13.77 -32.88 81.34
CA ASP M 216 12.79 -31.94 80.79
C ASP M 216 11.83 -32.66 79.85
N VAL M 217 12.34 -33.57 79.02
CA VAL M 217 11.47 -34.29 78.10
C VAL M 217 10.50 -35.18 78.86
N LEU M 218 10.99 -35.89 79.88
CA LEU M 218 10.10 -36.74 80.66
C LEU M 218 9.04 -35.92 81.39
N ALA M 219 9.43 -34.79 81.98
CA ALA M 219 8.47 -33.90 82.60
C ALA M 219 7.48 -33.37 81.58
N TRP M 220 7.95 -33.11 80.37
CA TRP M 220 7.05 -32.65 79.31
C TRP M 220 6.02 -33.72 78.97
N VAL M 221 6.46 -34.98 78.92
CA VAL M 221 5.53 -36.07 78.65
C VAL M 221 4.46 -36.12 79.72
N ASP M 222 4.85 -35.97 80.98
CA ASP M 222 3.91 -36.10 82.08
C ASP M 222 3.20 -34.80 82.42
N GLU M 223 3.53 -33.70 81.75
CA GLU M 223 3.06 -32.39 82.20
C GLU M 223 1.55 -32.27 82.13
N ASN M 224 0.96 -32.73 81.04
CA ASN M 224 -0.49 -32.65 80.87
C ASN M 224 -0.90 -33.74 79.91
N GLU M 225 -2.21 -33.95 79.83
CA GLU M 225 -2.74 -35.03 79.00
C GLU M 225 -2.49 -34.79 77.52
N SER M 226 -2.49 -33.54 77.09
CA SER M 226 -2.26 -33.26 75.67
C SER M 226 -0.88 -33.74 75.24
N GLN M 227 0.14 -33.39 76.02
CA GLN M 227 1.49 -33.83 75.69
C GLN M 227 1.66 -35.32 75.95
N TYR M 228 1.02 -35.81 77.01
CA TYR M 228 1.10 -37.22 77.35
C TYR M 228 0.56 -38.09 76.21
N ASN M 229 -0.56 -37.69 75.63
CA ASN M 229 -1.23 -38.46 74.61
C ASN M 229 -0.89 -37.98 73.21
N SER M 230 0.01 -37.01 73.08
CA SER M 230 0.50 -36.64 71.78
C SER M 230 1.24 -37.81 71.16
N ASP M 231 1.45 -37.74 69.85
CA ASP M 231 2.25 -38.77 69.21
C ASP M 231 3.66 -38.79 69.80
N CYS M 232 4.19 -37.62 70.13
CA CYS M 232 5.52 -37.57 70.73
C CYS M 232 5.53 -38.18 72.12
N GLY M 233 4.59 -37.77 72.97
CA GLY M 233 4.52 -38.31 74.30
C GLY M 233 4.24 -39.80 74.28
N PHE M 234 3.30 -40.22 73.44
CA PHE M 234 3.02 -41.64 73.32
C PHE M 234 4.24 -42.39 72.82
N PHE M 235 4.94 -41.83 71.85
CA PHE M 235 6.10 -42.51 71.29
C PHE M 235 7.18 -42.68 72.34
N ILE M 236 7.42 -41.64 73.14
CA ILE M 236 8.42 -41.74 74.19
C ILE M 236 8.01 -42.80 75.20
N ARG M 237 6.75 -42.76 75.63
CA ARG M 237 6.29 -43.73 76.60
C ARG M 237 6.35 -45.14 76.03
N TYR M 238 5.98 -45.30 74.77
CA TYR M 238 6.03 -46.60 74.11
C TYR M 238 7.47 -47.10 74.03
N CYS M 239 8.40 -46.23 73.68
CA CYS M 239 9.80 -46.62 73.60
C CYS M 239 10.31 -47.07 74.96
N LEU M 240 9.98 -46.31 75.99
CA LEU M 240 10.44 -46.67 77.33
C LEU M 240 9.78 -47.96 77.80
N ASP M 241 8.54 -48.21 77.38
CA ASP M 241 7.85 -49.41 77.81
C ASP M 241 8.37 -50.65 77.09
N VAL M 242 8.58 -50.55 75.78
CA VAL M 242 8.92 -51.71 74.95
C VAL M 242 10.43 -51.86 74.75
N GLY M 243 11.22 -50.92 75.24
CA GLY M 243 12.67 -51.06 75.19
C GLY M 243 13.35 -50.51 73.98
N LEU M 244 12.74 -49.57 73.26
CA LEU M 244 13.43 -48.93 72.14
C LEU M 244 14.56 -48.02 72.61
N ASP M 245 14.62 -47.71 73.90
CA ASP M 245 15.71 -46.94 74.46
C ASP M 245 16.90 -47.81 74.85
N LYS M 246 16.81 -49.12 74.63
CA LYS M 246 17.80 -50.04 75.16
C LYS M 246 18.73 -50.62 74.10
N TYR M 247 18.49 -50.37 72.82
CA TYR M 247 19.37 -50.87 71.79
C TYR M 247 19.36 -49.91 70.61
N GLY M 248 20.15 -50.23 69.60
CA GLY M 248 20.39 -49.29 68.52
C GLY M 248 21.33 -48.17 68.88
N GLN M 249 22.19 -48.37 69.88
CA GLN M 249 23.09 -47.31 70.31
C GLN M 249 23.98 -46.85 69.18
N GLY M 250 24.65 -47.78 68.51
CA GLY M 250 25.51 -47.43 67.40
C GLY M 250 26.87 -46.94 67.85
N VAL M 251 27.52 -46.21 66.95
CA VAL M 251 28.90 -45.77 67.16
C VAL M 251 29.01 -44.82 68.34
N GLY M 252 28.00 -43.98 68.56
CA GLY M 252 28.13 -42.92 69.52
C GLY M 252 29.00 -41.77 69.06
N ASN M 253 29.47 -41.83 67.81
CA ASN M 253 30.22 -40.75 67.18
C ASN M 253 29.41 -40.26 65.99
N TYR M 254 29.43 -38.96 65.79
CA TYR M 254 28.47 -38.31 64.92
C TYR M 254 29.14 -37.33 63.98
N LEU M 255 28.59 -37.24 62.79
CA LEU M 255 29.03 -36.28 61.79
C LEU M 255 27.84 -35.44 61.40
N ALA M 256 27.97 -34.12 61.52
CA ALA M 256 27.04 -33.19 60.94
C ALA M 256 27.85 -32.27 60.03
N THR M 257 27.49 -32.21 58.77
CA THR M 257 28.07 -31.20 57.91
C THR M 257 27.36 -29.87 58.05
N GLY M 258 26.19 -29.88 58.68
CA GLY M 258 25.45 -28.65 58.86
C GLY M 258 24.75 -28.22 57.59
N THR M 259 23.79 -27.31 57.71
CA THR M 259 23.16 -26.69 56.56
C THR M 259 22.49 -25.42 57.06
N TYR M 260 21.70 -24.78 56.18
CA TYR M 260 21.04 -23.52 56.51
C TYR M 260 22.02 -22.39 56.76
N PHE M 261 22.55 -21.84 55.69
CA PHE M 261 23.44 -20.70 55.83
C PHE M 261 22.73 -19.44 56.28
N GLU M 262 23.37 -18.71 57.17
CA GLU M 262 22.94 -17.35 57.47
C GLU M 262 23.19 -16.53 56.22
N PRO M 263 22.16 -15.91 55.64
CA PRO M 263 22.32 -15.31 54.30
C PRO M 263 23.46 -14.32 54.21
N SER M 264 23.68 -13.49 55.23
CA SER M 264 24.74 -12.50 55.16
C SER M 264 26.12 -13.12 55.25
N LEU M 265 26.23 -14.35 55.76
CA LEU M 265 27.52 -14.96 55.98
C LEU M 265 27.96 -15.89 54.85
N TYR M 266 27.08 -16.19 53.90
CA TYR M 266 27.43 -17.08 52.81
C TYR M 266 27.02 -16.48 51.47
N GLU M 267 27.10 -15.16 51.35
CA GLU M 267 26.79 -14.51 50.09
C GLU M 267 27.78 -14.88 49.00
N ASN M 268 28.98 -15.28 49.38
CA ASN M 268 30.00 -15.71 48.42
C ASN M 268 30.50 -17.07 48.87
N PRO M 269 29.78 -18.13 48.52
CA PRO M 269 30.09 -19.46 49.06
C PRO M 269 31.52 -19.86 48.79
N THR M 270 32.20 -20.28 49.84
CA THR M 270 33.50 -20.91 49.75
C THR M 270 33.48 -22.15 50.63
N ILE M 271 34.38 -23.08 50.33
CA ILE M 271 34.53 -24.24 51.19
C ILE M 271 34.99 -23.81 52.57
N GLU M 272 35.96 -22.90 52.63
CA GLU M 272 36.55 -22.54 53.92
C GLU M 272 35.57 -21.75 54.79
N GLY M 273 34.77 -20.90 54.20
CA GLY M 273 33.83 -20.11 54.98
C GLY M 273 32.54 -20.80 55.29
N ARG M 274 32.41 -22.07 54.91
CA ARG M 274 31.12 -22.75 55.03
C ARG M 274 30.70 -22.91 56.48
N ASN M 275 31.60 -23.41 57.32
CA ASN M 275 31.21 -23.77 58.68
C ASN M 275 30.72 -22.57 59.47
N ALA M 276 31.41 -21.43 59.35
CA ALA M 276 31.00 -20.26 60.12
C ALA M 276 29.63 -19.77 59.71
N ALA M 277 29.27 -19.93 58.44
CA ALA M 277 28.01 -19.40 57.94
C ALA M 277 26.81 -20.26 58.30
N LEU M 278 27.04 -21.49 58.76
CA LEU M 278 25.94 -22.41 59.02
C LEU M 278 25.10 -21.94 60.19
N ILE M 279 23.78 -22.09 60.05
CA ILE M 279 22.86 -21.99 61.17
C ILE M 279 22.73 -23.33 61.88
N GLY M 280 22.38 -24.37 61.13
CA GLY M 280 22.39 -25.69 61.68
C GLY M 280 23.83 -26.13 61.64
N ARG M 281 24.49 -26.06 62.79
CA ARG M 281 25.95 -26.14 62.82
C ARG M 281 26.45 -27.50 62.38
N SER M 282 27.56 -27.47 61.66
CA SER M 282 28.35 -28.66 61.47
C SER M 282 29.03 -29.03 62.79
N GLY M 283 29.63 -30.20 62.80
CA GLY M 283 30.33 -30.64 63.97
C GLY M 283 30.48 -32.14 63.95
N VAL M 284 31.64 -32.60 64.36
CA VAL M 284 31.90 -34.01 64.56
C VAL M 284 31.95 -34.24 66.06
N PHE M 285 31.22 -35.23 66.53
CA PHE M 285 31.21 -35.58 67.94
C PHE M 285 31.80 -36.97 68.06
N ALA M 286 33.07 -37.06 68.46
CA ALA M 286 33.75 -38.33 68.50
C ALA M 286 34.47 -38.48 69.82
N ASP M 287 34.40 -39.68 70.41
CA ASP M 287 35.04 -39.95 71.68
C ASP M 287 34.61 -38.95 72.74
N GLY M 288 33.34 -38.56 72.69
CA GLY M 288 32.81 -37.62 73.66
C GLY M 288 33.32 -36.20 73.51
N ARG M 289 33.91 -35.86 72.37
CA ARG M 289 34.52 -34.56 72.17
C ARG M 289 34.02 -33.94 70.87
N TYR M 290 34.00 -32.61 70.86
CA TYR M 290 33.56 -31.87 69.69
C TYR M 290 34.74 -31.49 68.82
N PHE M 291 34.57 -31.65 67.52
CA PHE M 291 35.54 -31.30 66.50
C PHE M 291 34.85 -30.51 65.42
N GLU M 292 35.59 -29.60 64.80
CA GLU M 292 35.07 -28.91 63.63
C GLU M 292 35.04 -29.86 62.45
N PHE M 293 33.94 -29.84 61.70
CA PHE M 293 33.89 -30.62 60.48
C PHE M 293 34.82 -30.03 59.44
N ASP M 294 35.56 -30.90 58.77
CA ASP M 294 36.41 -30.50 57.66
C ASP M 294 36.28 -31.53 56.56
N GLN M 295 35.77 -31.11 55.40
CA GLN M 295 35.55 -32.04 54.31
C GLN M 295 36.83 -32.73 53.87
N ALA M 296 37.98 -32.11 54.12
CA ALA M 296 39.25 -32.73 53.78
C ALA M 296 39.47 -34.04 54.53
N ASN M 297 38.81 -34.21 55.67
CA ASN M 297 38.95 -35.43 56.46
C ASN M 297 38.07 -36.57 55.99
N VAL M 298 37.30 -36.32 54.91
CA VAL M 298 36.34 -37.36 54.48
C VAL M 298 37.00 -38.31 53.48
N THR M 299 37.01 -39.60 53.78
CA THR M 299 37.47 -40.59 52.84
C THR M 299 36.33 -41.55 52.58
N GLU M 300 36.39 -42.23 51.45
CA GLU M 300 35.47 -43.31 51.17
C GLU M 300 36.27 -44.57 50.91
N ASP M 301 35.96 -45.62 51.66
CA ASP M 301 36.59 -46.92 51.56
C ASP M 301 35.67 -47.84 50.78
N VAL M 302 36.24 -48.62 49.87
CA VAL M 302 35.43 -49.57 49.13
C VAL M 302 35.90 -51.00 49.36
N THR M 303 36.60 -51.24 50.47
CA THR M 303 37.14 -52.56 50.76
C THR M 303 36.05 -53.61 50.75
N HIS M 304 34.93 -53.33 51.42
CA HIS M 304 33.80 -54.25 51.46
C HIS M 304 32.67 -53.77 50.56
N SER M 305 32.94 -52.81 49.71
CA SER M 305 31.95 -52.29 48.76
C SER M 305 32.22 -52.85 47.38
N PHE M 306 31.15 -52.89 46.57
CA PHE M 306 31.28 -53.47 45.23
C PHE M 306 31.92 -52.47 44.28
N TYR M 307 33.09 -51.96 44.65
CA TYR M 307 33.82 -51.05 43.80
C TYR M 307 35.29 -51.42 43.81
N GLU M 308 35.94 -51.13 42.70
CA GLU M 308 37.40 -51.26 42.63
C GLU M 308 38.04 -50.18 43.48
N GLY M 309 39.14 -50.55 44.13
CA GLY M 309 39.86 -49.58 44.94
C GLY M 309 40.66 -50.27 46.01
N ASN M 310 41.80 -49.68 46.37
CA ASN M 310 42.66 -50.27 47.38
C ASN M 310 42.98 -49.33 48.54
N ARG M 311 42.57 -48.07 48.47
CA ARG M 311 42.80 -47.14 49.55
C ARG M 311 41.61 -46.21 49.68
N PRO M 312 41.33 -45.72 50.88
CA PRO M 312 40.28 -44.72 51.04
C PRO M 312 40.63 -43.49 50.22
N LEU M 313 39.62 -42.92 49.57
CA LEU M 313 39.82 -41.80 48.69
C LEU M 313 39.02 -40.62 49.20
N HIS M 314 39.68 -39.47 49.30
CA HIS M 314 38.91 -38.25 49.48
C HIS M 314 38.06 -38.03 48.23
N PRO M 315 36.80 -37.63 48.39
CA PRO M 315 35.89 -37.63 47.23
C PRO M 315 36.34 -36.72 46.09
N PHE M 316 37.18 -35.72 46.34
CA PHE M 316 37.71 -34.94 45.23
C PHE M 316 38.50 -35.83 44.27
N GLU M 317 39.15 -36.87 44.80
CA GLU M 317 39.78 -37.90 44.00
C GLU M 317 38.98 -39.19 43.99
N GLY M 318 37.69 -39.11 44.33
CA GLY M 318 36.88 -40.30 44.41
C GLY M 318 36.70 -40.96 43.06
N GLU M 319 36.41 -42.25 43.11
CA GLU M 319 36.17 -43.07 41.94
C GLU M 319 35.00 -43.98 42.25
N THR M 320 34.19 -44.26 41.24
CA THR M 320 33.07 -45.18 41.38
C THR M 320 33.20 -46.16 40.24
N ILE M 321 33.99 -47.19 40.47
CA ILE M 321 34.22 -48.22 39.46
C ILE M 321 33.62 -49.51 39.99
N PRO M 322 32.41 -49.86 39.57
CA PRO M 322 31.75 -51.04 40.13
C PRO M 322 32.51 -52.31 39.80
N VAL M 323 32.43 -53.26 40.72
CA VAL M 323 32.86 -54.62 40.45
C VAL M 323 31.62 -55.48 40.47
N ASN M 324 31.68 -56.59 39.73
CA ASN M 324 30.53 -57.47 39.68
C ASN M 324 30.28 -58.06 41.06
N PRO M 325 29.05 -57.98 41.57
CA PRO M 325 28.81 -58.43 42.95
C PRO M 325 29.20 -59.87 43.20
N GLU M 326 29.16 -60.73 42.18
CA GLU M 326 29.67 -62.09 42.36
C GLU M 326 31.15 -62.09 42.70
N ASP M 327 31.95 -61.38 41.90
CA ASP M 327 33.37 -61.26 42.18
C ASP M 327 33.63 -60.57 43.51
N GLY M 328 32.91 -59.47 43.76
CA GLY M 328 33.10 -58.74 44.99
C GLY M 328 32.81 -59.58 46.22
N ARG M 329 31.74 -60.38 46.17
CA ARG M 329 31.44 -61.28 47.26
C ARG M 329 32.52 -62.33 47.41
N ARG M 330 33.12 -62.76 46.30
CA ARG M 330 34.30 -63.61 46.43
C ARG M 330 35.44 -62.89 47.15
N GLN M 331 35.48 -61.56 47.06
CA GLN M 331 36.50 -60.77 47.75
C GLN M 331 36.04 -60.24 49.10
N GLY M 332 34.91 -60.72 49.61
CA GLY M 332 34.41 -60.24 50.89
C GLY M 332 33.63 -58.94 50.81
N LYS M 333 33.44 -58.38 49.62
CA LYS M 333 32.59 -57.21 49.47
C LYS M 333 31.13 -57.62 49.54
N TYR M 334 30.31 -56.78 50.16
CA TYR M 334 28.93 -57.19 50.36
C TYR M 334 27.92 -56.06 50.20
N SER M 335 28.34 -54.87 49.77
CA SER M 335 27.39 -53.78 49.71
C SER M 335 27.76 -52.84 48.57
N TRP M 336 26.74 -52.29 47.92
CA TRP M 336 26.97 -51.19 46.99
C TRP M 336 27.23 -49.88 47.70
N ALA M 337 27.07 -49.83 49.02
CA ALA M 337 27.43 -48.65 49.78
C ALA M 337 28.94 -48.55 49.86
N LYS M 338 29.47 -47.36 49.57
CA LYS M 338 30.82 -47.08 50.00
C LYS M 338 30.83 -46.92 51.52
N SER M 339 32.02 -46.95 52.10
CA SER M 339 32.22 -46.81 53.53
C SER M 339 32.85 -45.46 53.80
N PRO M 340 32.04 -44.42 53.98
CA PRO M 340 32.63 -43.12 54.32
C PRO M 340 33.21 -43.18 55.71
N ARG M 341 34.41 -42.67 55.85
CA ARG M 341 35.08 -42.57 57.13
C ARG M 341 35.59 -41.14 57.27
N TYR M 342 35.76 -40.73 58.51
CA TYR M 342 36.20 -39.38 58.81
C TYR M 342 37.46 -39.47 59.66
N ALA M 343 38.49 -38.73 59.26
CA ALA M 343 39.73 -38.72 60.01
C ALA M 343 39.54 -37.83 61.23
N VAL M 344 39.40 -38.45 62.39
CA VAL M 344 39.37 -37.75 63.67
C VAL M 344 40.73 -37.90 64.33
N PRO M 345 41.39 -36.81 64.72
CA PRO M 345 42.71 -36.92 65.34
C PRO M 345 42.64 -37.80 66.60
N GLY M 346 43.65 -38.64 66.76
CA GLY M 346 43.69 -39.57 67.87
C GLY M 346 42.78 -40.77 67.71
N LEU M 347 41.97 -40.81 66.65
CA LEU M 347 41.08 -41.93 66.41
C LEU M 347 41.24 -42.55 65.03
N GLY M 348 41.91 -41.89 64.10
CA GLY M 348 42.03 -42.44 62.77
C GLY M 348 40.77 -42.18 61.96
N ASN M 349 40.60 -42.97 60.90
CA ASN M 349 39.45 -42.83 60.01
C ASN M 349 38.32 -43.67 60.57
N VAL M 350 37.39 -43.01 61.26
CA VAL M 350 36.34 -43.69 62.01
C VAL M 350 35.01 -43.58 61.29
N PRO M 351 34.08 -44.50 61.51
CA PRO M 351 32.71 -44.28 61.06
C PRO M 351 32.04 -43.27 61.96
N LEU M 352 31.22 -42.42 61.35
CA LEU M 352 30.47 -41.42 62.08
C LEU M 352 29.01 -41.59 61.73
N GLU M 353 28.16 -41.63 62.73
CA GLU M 353 26.73 -41.66 62.47
C GLU M 353 26.27 -40.28 62.02
N THR M 354 25.52 -40.24 60.94
CA THR M 354 24.94 -38.99 60.48
C THR M 354 23.45 -39.00 60.74
N GLY M 355 22.87 -37.82 60.77
CA GLY M 355 21.45 -37.72 60.92
C GLY M 355 21.07 -36.68 61.93
N PRO M 356 19.78 -36.63 62.24
CA PRO M 356 19.31 -35.64 63.21
C PRO M 356 20.04 -35.73 64.53
N LEU M 357 20.34 -36.94 65.01
CA LEU M 357 21.07 -37.05 66.26
C LEU M 357 22.45 -36.42 66.14
N ALA M 358 23.12 -36.65 65.02
CA ALA M 358 24.41 -36.01 64.78
C ALA M 358 24.27 -34.50 64.80
N ARG M 359 23.20 -34.00 64.16
CA ARG M 359 22.96 -32.56 64.14
C ARG M 359 22.72 -32.01 65.54
N ARG M 360 21.92 -32.70 66.34
CA ARG M 360 21.62 -32.23 67.68
C ARG M 360 22.88 -32.22 68.53
N MET M 361 23.71 -33.25 68.39
CA MET M 361 24.98 -33.25 69.11
C MET M 361 25.84 -32.08 68.66
N ALA M 362 25.91 -31.82 67.36
CA ALA M 362 26.66 -30.68 66.85
C ALA M 362 26.09 -29.37 67.40
N ALA M 363 24.77 -29.29 67.49
CA ALA M 363 24.12 -28.10 68.03
C ALA M 363 24.42 -27.94 69.50
N SER M 364 24.85 -29.00 70.17
CA SER M 364 25.26 -28.89 71.56
C SER M 364 26.71 -28.48 71.73
N ALA M 365 27.43 -28.26 70.64
CA ALA M 365 28.82 -27.85 70.75
C ALA M 365 28.91 -26.45 71.35
N PRO M 366 30.00 -26.15 72.05
CA PRO M 366 30.18 -24.79 72.59
C PRO M 366 30.41 -23.78 71.47
N ASP M 367 30.44 -22.51 71.87
CA ASP M 367 30.88 -21.43 70.99
C ASP M 367 29.99 -21.31 69.76
N ALA M 368 28.69 -21.44 69.95
CA ALA M 368 27.75 -21.17 68.88
C ALA M 368 27.68 -19.66 68.63
N GLU M 369 27.73 -19.26 67.37
CA GLU M 369 27.47 -17.87 67.05
C GLU M 369 25.98 -17.57 67.14
N THR M 370 25.63 -16.29 67.07
CA THR M 370 24.26 -15.88 67.34
C THR M 370 23.29 -16.52 66.34
N HIS M 371 23.69 -16.62 65.08
CA HIS M 371 22.84 -17.20 64.05
C HIS M 371 22.74 -18.72 64.14
N GLN M 372 23.51 -19.35 65.01
CA GLN M 372 23.70 -20.78 64.97
C GLN M 372 22.83 -21.50 65.99
N ASP M 373 22.42 -22.72 65.62
CA ASP M 373 21.69 -23.61 66.49
C ASP M 373 22.51 -23.93 67.73
N ASP M 374 22.08 -23.43 68.88
CA ASP M 374 22.72 -23.73 70.17
C ASP M 374 21.68 -24.44 71.03
N ASP M 375 21.79 -25.75 71.12
CA ASP M 375 20.79 -26.57 71.78
C ASP M 375 21.48 -27.63 72.62
N PRO M 376 21.42 -27.56 73.95
CA PRO M 376 22.09 -28.56 74.78
C PRO M 376 21.26 -29.80 75.01
N LEU M 377 20.07 -29.89 74.43
CA LEU M 377 19.15 -30.97 74.79
C LEU M 377 19.78 -32.33 74.55
N PHE M 378 20.37 -32.52 73.38
CA PHE M 378 20.82 -33.87 73.07
C PHE M 378 22.22 -34.17 73.57
N ALA M 379 23.02 -33.16 73.90
CA ALA M 379 24.18 -33.43 74.75
C ALA M 379 23.72 -34.06 76.06
N ASP M 380 22.69 -33.47 76.66
CA ASP M 380 22.17 -33.98 77.92
C ASP M 380 21.57 -35.37 77.75
N ILE M 381 20.79 -35.58 76.68
CA ILE M 381 20.19 -36.89 76.46
C ILE M 381 21.28 -37.94 76.22
N TYR M 382 22.28 -37.59 75.42
CA TYR M 382 23.39 -38.51 75.17
C TYR M 382 24.11 -38.86 76.45
N ASN M 383 24.32 -37.88 77.33
CA ASN M 383 25.02 -38.18 78.57
C ASN M 383 24.13 -38.92 79.56
N ALA M 384 22.82 -38.75 79.46
CA ALA M 384 21.89 -39.32 80.43
C ALA M 384 21.54 -40.75 80.08
N ILE M 385 21.08 -40.98 78.86
CA ILE M 385 20.63 -42.30 78.44
C ILE M 385 21.39 -42.82 77.21
N GLY M 386 22.21 -41.99 76.58
CA GLY M 386 22.98 -42.43 75.45
C GLY M 386 22.13 -42.61 74.22
N PRO M 387 22.77 -42.91 73.09
CA PRO M 387 22.03 -43.13 71.85
C PRO M 387 21.22 -44.41 71.93
N SER M 388 20.16 -44.45 71.14
CA SER M 388 19.31 -45.62 71.00
C SER M 388 18.34 -45.34 69.87
N VAL M 389 17.53 -46.35 69.53
CA VAL M 389 16.49 -46.14 68.55
C VAL M 389 15.60 -44.98 68.99
N MET M 390 15.23 -44.97 70.27
CA MET M 390 14.35 -43.92 70.77
C MET M 390 15.03 -42.56 70.69
N VAL M 391 16.29 -42.47 71.10
CA VAL M 391 16.96 -41.17 71.13
C VAL M 391 17.22 -40.67 69.71
N ARG M 392 17.61 -41.57 68.81
CA ARG M 392 17.78 -41.19 67.41
C ARG M 392 16.47 -40.65 66.85
N GLN M 393 15.38 -41.37 67.11
CA GLN M 393 14.07 -40.91 66.62
C GLN M 393 13.70 -39.58 67.24
N LEU M 394 13.97 -39.41 68.53
CA LEU M 394 13.63 -38.17 69.21
C LEU M 394 14.41 -37.01 68.64
N ALA M 395 15.67 -37.24 68.26
CA ALA M 395 16.43 -36.18 67.60
C ALA M 395 15.75 -35.78 66.29
N ARG M 396 15.37 -36.78 65.51
CA ARG M 396 14.67 -36.48 64.25
C ARG M 396 13.43 -35.65 64.50
N MET M 397 12.61 -36.08 65.44
CA MET M 397 11.35 -35.41 65.73
C MET M 397 11.57 -34.04 66.34
N HIS M 398 12.63 -33.89 67.13
CA HIS M 398 12.97 -32.61 67.75
C HIS M 398 13.27 -31.58 66.69
N GLU M 399 13.82 -32.01 65.55
CA GLU M 399 14.08 -31.05 64.48
C GLU M 399 12.81 -30.43 63.90
N GLY M 400 11.67 -31.10 64.03
CA GLY M 400 10.42 -30.58 63.52
C GLY M 400 10.10 -29.19 64.03
N PRO M 401 9.92 -29.05 65.34
CA PRO M 401 9.65 -27.71 65.89
C PRO M 401 10.76 -26.70 65.57
N LYS M 402 12.01 -27.13 65.67
CA LYS M 402 13.14 -26.23 65.47
C LYS M 402 13.18 -25.74 64.03
N TYR M 403 13.09 -26.65 63.08
CA TYR M 403 13.12 -26.28 61.67
C TYR M 403 11.88 -25.50 61.28
N TYR M 404 10.72 -25.83 61.87
CA TYR M 404 9.53 -25.05 61.58
C TYR M 404 9.75 -23.60 61.97
N LYS M 405 10.29 -23.36 63.16
CA LYS M 405 10.55 -22.00 63.60
C LYS M 405 11.53 -21.31 62.67
N TRP M 406 12.59 -22.02 62.27
CA TRP M 406 13.56 -21.42 61.36
C TRP M 406 12.92 -21.04 60.04
N VAL M 407 12.10 -21.94 59.49
CA VAL M 407 11.47 -21.68 58.21
C VAL M 407 10.53 -20.49 58.31
N ARG M 408 9.74 -20.45 59.37
CA ARG M 408 8.83 -19.33 59.56
C ARG M 408 9.59 -18.02 59.60
N GLN M 409 10.71 -17.99 60.34
CA GLN M 409 11.50 -16.79 60.40
C GLN M 409 12.12 -16.45 59.04
N TRP M 410 12.60 -17.47 58.31
CA TRP M 410 13.20 -17.19 57.02
C TRP M 410 12.18 -16.62 56.05
N LEU M 411 10.96 -17.15 56.08
CA LEU M 411 9.90 -16.60 55.26
C LEU M 411 9.66 -15.15 55.61
N ASP M 412 9.71 -14.82 56.91
CA ASP M 412 9.63 -13.41 57.29
C ASP M 412 10.85 -12.63 56.81
N ASP M 413 12.00 -13.29 56.69
CA ASP M 413 13.24 -12.61 56.32
C ASP M 413 13.29 -12.26 54.84
N LEU M 414 12.48 -12.91 54.02
CA LEU M 414 12.53 -12.67 52.59
C LEU M 414 12.25 -11.20 52.31
N GLU M 415 13.11 -10.59 51.52
CA GLU M 415 12.96 -9.20 51.10
C GLU M 415 12.57 -9.27 49.63
N LEU M 416 11.27 -9.22 49.38
CA LEU M 416 10.75 -9.65 48.08
C LEU M 416 11.22 -8.76 46.95
N LYS M 417 11.53 -7.50 47.23
CA LYS M 417 12.03 -6.60 46.20
C LYS M 417 13.48 -6.89 45.83
N GLU M 418 14.18 -7.70 46.61
CA GLU M 418 15.60 -7.90 46.40
C GLU M 418 15.87 -9.11 45.53
N SER M 419 17.14 -9.21 45.11
CA SER M 419 17.52 -10.20 44.12
C SER M 419 17.42 -11.61 44.68
N PHE M 420 17.09 -12.54 43.80
CA PHE M 420 17.09 -13.96 44.10
C PHE M 420 18.16 -14.71 43.33
N TYR M 421 18.93 -14.00 42.52
CA TYR M 421 19.85 -14.66 41.62
C TYR M 421 20.88 -13.66 41.15
N THR M 422 22.14 -14.02 41.29
CA THR M 422 23.24 -13.27 40.69
C THR M 422 23.82 -14.17 39.61
N LYS M 423 23.71 -13.74 38.37
CA LYS M 423 24.21 -14.55 37.27
C LYS M 423 25.68 -14.85 37.50
N PRO M 424 26.08 -16.11 37.62
CA PRO M 424 27.48 -16.43 37.85
C PRO M 424 28.24 -16.52 36.53
N VAL M 425 29.56 -16.50 36.66
CA VAL M 425 30.42 -16.88 35.56
C VAL M 425 30.57 -18.39 35.59
N GLU M 426 30.18 -19.05 34.49
CA GLU M 426 30.29 -20.51 34.40
C GLU M 426 31.72 -20.85 34.01
N TYR M 427 32.59 -20.89 35.02
CA TYR M 427 34.00 -21.14 34.77
C TYR M 427 34.22 -22.53 34.20
N ALA M 428 35.17 -22.62 33.27
CA ALA M 428 35.51 -23.91 32.67
C ALA M 428 36.16 -24.85 33.66
N GLU M 429 36.76 -24.32 34.71
CA GLU M 429 37.44 -25.10 35.73
C GLU M 429 36.86 -24.73 37.09
N GLY M 430 36.96 -25.66 38.02
CA GLY M 430 36.52 -25.34 39.37
C GLY M 430 36.47 -26.55 40.25
N LYS M 431 36.66 -26.37 41.55
CA LYS M 431 36.48 -27.43 42.51
C LYS M 431 35.46 -26.96 43.53
N GLY M 432 34.37 -27.67 43.64
CA GLY M 432 33.25 -27.27 44.47
C GLY M 432 32.99 -28.31 45.53
N PHE M 433 32.64 -27.83 46.72
CA PHE M 433 32.15 -28.70 47.78
C PHE M 433 30.82 -28.12 48.22
N GLY M 434 29.78 -28.90 48.06
CA GLY M 434 28.48 -28.49 48.55
C GLY M 434 28.06 -29.45 49.62
N SER M 435 27.59 -28.97 50.75
CA SER M 435 27.10 -29.89 51.74
C SER M 435 25.84 -29.33 52.37
N THR M 436 25.02 -30.25 52.85
CA THR M 436 23.79 -29.89 53.53
C THR M 436 23.49 -30.99 54.53
N GLU M 437 22.48 -30.74 55.30
CA GLU M 437 22.01 -31.83 56.17
C GLU M 437 20.69 -32.17 55.57
N ALA M 438 20.68 -33.24 54.85
CA ALA M 438 19.41 -33.74 54.36
C ALA M 438 18.69 -34.26 55.61
N ALA M 439 17.43 -34.62 55.46
CA ALA M 439 16.70 -35.16 56.63
C ALA M 439 17.55 -36.21 57.36
N ARG M 440 18.24 -37.04 56.62
CA ARG M 440 18.94 -38.20 57.23
C ARG M 440 20.37 -37.87 57.60
N GLY M 441 20.82 -36.67 57.27
CA GLY M 441 22.16 -36.31 57.74
C GLY M 441 23.05 -35.68 56.71
N ALA M 442 24.34 -35.71 56.99
CA ALA M 442 25.35 -35.05 56.15
C ALA M 442 25.28 -35.54 54.71
N LEU M 443 24.94 -34.65 53.82
CA LEU M 443 24.92 -35.00 52.41
C LEU M 443 25.93 -34.08 51.75
N SER M 444 26.83 -34.64 50.98
CA SER M 444 27.93 -33.81 50.45
C SER M 444 28.26 -34.15 49.01
N ASP M 445 28.55 -33.13 48.22
CA ASP M 445 28.98 -33.25 46.85
C ASP M 445 30.38 -32.67 46.77
N TRP M 446 31.30 -33.44 46.21
CA TRP M 446 32.60 -32.94 45.79
C TRP M 446 32.61 -32.98 44.28
N ILE M 447 32.69 -31.82 43.64
CA ILE M 447 32.64 -31.74 42.21
C ILE M 447 33.94 -31.12 41.70
N VAL M 448 34.43 -31.66 40.61
CA VAL M 448 35.58 -31.13 39.91
C VAL M 448 35.11 -30.86 38.49
N ILE M 449 35.08 -29.59 38.12
CA ILE M 449 34.75 -29.15 36.78
C ILE M 449 36.04 -28.88 36.05
N GLU M 450 36.18 -29.47 34.88
CA GLU M 450 37.33 -29.26 34.04
C GLU M 450 36.86 -29.16 32.60
N ASP M 451 37.42 -28.19 31.87
CA ASP M 451 37.11 -28.04 30.45
C ASP M 451 35.59 -27.91 30.26
N SER M 452 34.96 -27.14 31.16
CA SER M 452 33.53 -26.87 31.10
C SER M 452 32.71 -28.15 31.14
N LYS M 453 33.25 -29.18 31.78
CA LYS M 453 32.57 -30.46 31.91
C LYS M 453 32.79 -30.96 33.33
N ILE M 454 31.94 -31.89 33.74
CA ILE M 454 32.15 -32.52 35.04
C ILE M 454 33.32 -33.49 34.91
N LYS M 455 34.44 -33.17 35.56
CA LYS M 455 35.57 -34.08 35.56
C LYS M 455 35.39 -35.15 36.63
N ASN M 456 34.97 -34.76 37.82
CA ASN M 456 34.64 -35.72 38.85
C ASN M 456 33.41 -35.23 39.59
N TYR M 457 32.63 -36.19 40.08
CA TYR M 457 31.44 -35.87 40.84
C TYR M 457 31.25 -36.99 41.84
N GLN M 458 31.49 -36.69 43.10
CA GLN M 458 31.40 -37.69 44.15
C GLN M 458 30.37 -37.22 45.16
N VAL M 459 29.35 -38.04 45.36
CA VAL M 459 28.31 -37.77 46.33
C VAL M 459 28.53 -38.71 47.50
N VAL M 460 28.49 -38.11 48.67
CA VAL M 460 28.53 -38.94 49.91
C VAL M 460 27.25 -38.60 50.65
N THR M 461 26.39 -39.58 50.76
CA THR M 461 25.07 -39.35 51.35
C THR M 461 25.12 -39.79 52.81
N PRO M 462 24.19 -39.27 53.65
CA PRO M 462 24.17 -39.59 55.05
C PRO M 462 23.99 -41.08 55.26
N THR M 463 23.12 -41.71 54.48
CA THR M 463 22.92 -43.15 54.75
C THR M 463 24.19 -43.89 54.31
N ALA M 464 24.92 -43.35 53.36
CA ALA M 464 26.21 -44.01 53.06
C ALA M 464 27.06 -43.95 54.32
N TRP M 465 27.08 -42.80 54.99
CA TRP M 465 27.83 -42.74 56.25
C TRP M 465 27.32 -43.80 57.22
N ASN M 466 26.00 -43.88 57.39
CA ASN M 466 25.42 -44.73 58.42
C ASN M 466 25.46 -46.21 58.06
N ILE M 467 25.11 -46.54 56.83
CA ILE M 467 24.87 -47.92 56.42
C ILE M 467 26.03 -48.49 55.63
N GLY M 468 27.02 -47.67 55.28
CA GLY M 468 28.19 -48.14 54.58
C GLY M 468 28.85 -49.28 55.32
N PRO M 469 29.43 -50.21 54.57
CA PRO M 469 29.93 -51.44 55.18
C PRO M 469 31.22 -51.24 55.97
N ARG M 470 31.79 -52.35 56.45
CA ARG M 470 33.06 -52.29 57.15
C ARG M 470 34.11 -51.67 56.26
N ASP M 471 35.00 -50.90 56.85
CA ASP M 471 36.10 -50.29 56.13
C ASP M 471 37.25 -51.29 56.04
N ALA M 472 38.42 -50.82 55.60
CA ALA M 472 39.59 -51.69 55.51
C ALA M 472 39.99 -52.24 56.87
N SER M 473 39.74 -51.51 57.94
CA SER M 473 40.03 -51.98 59.29
C SER M 473 38.93 -52.87 59.86
N GLU M 474 37.97 -53.28 59.03
CA GLU M 474 36.85 -54.11 59.45
C GLU M 474 35.99 -53.43 60.50
N VAL M 475 36.08 -52.11 60.62
CA VAL M 475 35.27 -51.38 61.57
C VAL M 475 33.87 -51.23 61.00
N LEU M 476 32.87 -51.72 61.75
CA LEU M 476 31.50 -51.72 61.26
C LEU M 476 31.01 -50.30 61.08
N GLY M 477 30.14 -50.12 60.09
CA GLY M 477 29.51 -48.85 59.88
C GLY M 477 28.54 -48.55 61.00
N PRO M 478 28.12 -47.29 61.12
CA PRO M 478 27.25 -46.91 62.25
C PRO M 478 26.00 -47.77 62.36
N ILE M 479 25.32 -48.05 61.26
CA ILE M 479 24.12 -48.87 61.34
C ILE M 479 24.48 -50.30 61.68
N GLU M 480 25.60 -50.79 61.15
CA GLU M 480 26.02 -52.15 61.48
C GLU M 480 26.31 -52.28 62.98
N GLN M 481 26.98 -51.29 63.58
CA GLN M 481 27.22 -51.39 65.01
C GLN M 481 25.95 -51.16 65.81
N ALA M 482 25.03 -50.33 65.30
CA ALA M 482 23.77 -50.15 65.98
C ALA M 482 22.95 -51.43 65.99
N LEU M 483 23.03 -52.19 64.89
CA LEU M 483 22.35 -53.48 64.84
C LEU M 483 22.94 -54.46 65.85
N VAL M 484 24.26 -54.39 66.04
CA VAL M 484 24.90 -55.26 67.01
C VAL M 484 24.43 -54.89 68.41
N GLY M 485 24.02 -55.91 69.17
CA GLY M 485 23.38 -55.70 70.45
C GLY M 485 21.87 -55.65 70.40
N SER M 486 21.28 -55.62 69.22
CA SER M 486 19.83 -55.59 69.13
C SER M 486 19.24 -56.93 69.52
N PRO M 487 18.22 -56.96 70.35
CA PRO M 487 17.54 -58.22 70.65
C PRO M 487 16.79 -58.70 69.42
N ILE M 488 16.63 -60.01 69.31
CA ILE M 488 15.86 -60.62 68.24
C ILE M 488 14.86 -61.57 68.91
N VAL M 489 13.65 -61.08 69.15
CA VAL M 489 12.61 -61.92 69.74
C VAL M 489 12.15 -62.97 68.74
N ASP M 490 12.00 -62.58 67.48
CA ASP M 490 11.45 -63.45 66.45
C ASP M 490 12.32 -63.33 65.20
N ALA M 491 13.09 -64.37 64.91
CA ALA M 491 13.90 -64.37 63.69
C ALA M 491 13.05 -64.39 62.44
N GLU M 492 11.82 -64.88 62.52
CA GLU M 492 10.92 -64.87 61.37
C GLU M 492 10.46 -63.47 61.03
N ASP M 493 10.29 -62.61 62.03
CA ASP M 493 9.99 -61.19 61.84
C ASP M 493 10.95 -60.39 62.70
N PRO M 494 12.21 -60.29 62.30
CA PRO M 494 13.20 -59.60 63.12
C PRO M 494 12.99 -58.09 63.09
N VAL M 495 11.88 -57.64 63.70
CA VAL M 495 11.48 -56.26 63.60
C VAL M 495 12.51 -55.32 64.22
N GLU M 496 13.32 -55.80 65.17
CA GLU M 496 14.30 -54.93 65.80
C GLU M 496 15.36 -54.49 64.82
N LEU M 497 15.73 -55.35 63.86
CA LEU M 497 16.62 -54.93 62.78
C LEU M 497 16.00 -53.77 62.01
N GLY M 498 14.70 -53.88 61.72
CA GLY M 498 14.00 -52.78 61.08
C GLY M 498 13.99 -51.53 61.94
N HIS M 499 13.78 -51.70 63.24
CA HIS M 499 13.77 -50.55 64.14
C HIS M 499 15.10 -49.82 64.08
N VAL M 500 16.20 -50.58 64.12
CA VAL M 500 17.51 -49.95 64.14
C VAL M 500 17.82 -49.30 62.82
N ALA M 501 17.63 -50.03 61.71
CA ALA M 501 17.94 -49.48 60.40
C ALA M 501 17.07 -48.27 60.09
N ARG M 502 15.77 -48.37 60.40
CA ARG M 502 14.86 -47.28 60.12
C ARG M 502 14.98 -46.13 61.10
N SER M 503 15.54 -46.37 62.30
CA SER M 503 15.75 -45.27 63.22
C SER M 503 16.76 -44.29 62.66
N PHE M 504 17.65 -44.77 61.80
CA PHE M 504 18.52 -43.90 61.02
C PHE M 504 17.80 -43.28 59.84
N ASP M 505 16.52 -43.61 59.64
CA ASP M 505 15.78 -43.13 58.48
C ASP M 505 16.51 -43.52 57.21
N SER M 506 17.10 -44.71 57.23
CA SER M 506 17.98 -45.15 56.11
C SER M 506 17.37 -44.90 54.74
N CYS M 507 18.18 -44.36 53.87
CA CYS M 507 17.69 -44.19 52.48
C CYS M 507 18.70 -44.90 51.59
N LEU M 508 18.30 -46.04 51.06
CA LEU M 508 19.28 -46.85 50.31
C LEU M 508 19.49 -46.30 48.90
N VAL M 509 18.49 -45.64 48.35
CA VAL M 509 18.77 -45.04 47.01
C VAL M 509 19.84 -43.96 47.17
N CYS M 510 19.78 -43.26 48.28
CA CYS M 510 20.84 -42.28 48.53
C CYS M 510 22.13 -43.00 48.83
N THR M 511 22.03 -44.07 49.58
CA THR M 511 23.28 -44.72 50.01
C THR M 511 24.16 -45.02 48.81
N VAL M 512 23.57 -45.56 47.76
CA VAL M 512 24.35 -46.03 46.63
C VAL M 512 24.47 -44.99 45.54
N HIS M 513 23.38 -44.29 45.25
CA HIS M 513 23.29 -43.43 44.06
C HIS M 513 23.94 -44.10 42.86
N ALA N 48 -8.85 -54.51 44.18
CA ALA N 48 -7.78 -54.52 43.18
C ALA N 48 -6.41 -54.51 43.86
N SER N 49 -5.75 -55.67 43.86
CA SER N 49 -4.46 -55.79 44.50
C SER N 49 -3.40 -55.01 43.71
N VAL N 50 -2.53 -54.32 44.43
CA VAL N 50 -1.46 -53.55 43.81
C VAL N 50 -0.15 -53.96 44.45
N LEU N 51 0.81 -54.33 43.61
CA LEU N 51 2.17 -54.60 44.06
C LEU N 51 3.06 -53.56 43.42
N TRP N 52 3.70 -52.75 44.25
CA TRP N 52 4.54 -51.66 43.78
C TRP N 52 5.98 -52.03 44.10
N PHE N 53 6.76 -52.24 43.05
CA PHE N 53 8.16 -52.59 43.17
C PHE N 53 9.02 -51.44 42.69
N GLN N 54 10.24 -51.37 43.20
CA GLN N 54 11.19 -50.34 42.81
C GLN N 54 12.44 -51.03 42.29
N GLY N 55 12.83 -50.69 41.08
CA GLY N 55 14.09 -51.16 40.53
C GLY N 55 15.16 -50.11 40.69
N GLY N 56 15.67 -49.60 39.59
CA GLY N 56 16.66 -48.52 39.65
C GLY N 56 15.93 -47.23 39.88
N ALA N 57 15.35 -47.12 41.06
CA ALA N 57 14.49 -45.96 41.36
C ALA N 57 15.13 -45.06 42.38
N CYS N 58 14.66 -43.84 42.42
CA CYS N 58 15.09 -42.97 43.51
C CYS N 58 13.93 -42.81 44.47
N SER N 59 12.81 -43.46 44.19
CA SER N 59 11.61 -43.38 45.03
C SER N 59 10.89 -42.03 44.86
N GLY N 60 11.36 -41.19 43.95
CA GLY N 60 10.67 -39.92 43.70
C GLY N 60 9.25 -40.15 43.25
N ASN N 61 9.00 -41.21 42.51
CA ASN N 61 7.62 -41.38 42.04
C ASN N 61 6.76 -41.75 43.24
N THR N 62 7.32 -42.59 44.09
CA THR N 62 6.58 -42.91 45.34
C THR N 62 6.36 -41.62 46.15
N MET N 63 7.40 -40.82 46.34
CA MET N 63 7.22 -39.62 47.15
C MET N 63 6.21 -38.66 46.52
N SER N 64 6.30 -38.48 45.21
CA SER N 64 5.31 -37.68 44.51
C SER N 64 3.92 -38.27 44.71
N PHE N 65 3.81 -39.59 44.55
CA PHE N 65 2.56 -40.30 44.78
C PHE N 65 2.03 -40.04 46.18
N LEU N 66 2.91 -40.05 47.18
CA LEU N 66 2.51 -39.77 48.55
C LEU N 66 2.01 -38.34 48.70
N ASN N 67 2.42 -37.44 47.81
CA ASN N 67 1.84 -36.10 47.81
C ASN N 67 0.43 -36.05 47.24
N ALA N 68 -0.14 -37.19 46.89
CA ALA N 68 -1.43 -37.19 46.21
C ALA N 68 -2.46 -36.46 47.04
N ASP N 69 -3.30 -35.71 46.36
CA ASP N 69 -4.48 -35.11 46.95
C ASP N 69 -5.65 -35.37 46.01
N GLU N 70 -6.81 -35.66 46.58
CA GLU N 70 -8.01 -35.90 45.80
C GLU N 70 -7.78 -36.94 44.71
N PRO N 71 -7.57 -38.21 45.06
CA PRO N 71 -7.52 -38.70 46.46
C PRO N 71 -6.14 -38.53 47.06
N ASN N 72 -6.05 -38.41 48.38
CA ASN N 72 -4.74 -38.56 48.97
C ASN N 72 -4.38 -40.04 49.02
N VAL N 73 -3.10 -40.32 49.30
CA VAL N 73 -2.59 -41.67 49.15
C VAL N 73 -3.30 -42.63 50.10
N VAL N 74 -3.58 -42.18 51.32
CA VAL N 74 -4.22 -43.07 52.28
C VAL N 74 -5.63 -43.41 51.83
N ASP N 75 -6.38 -42.40 51.39
CA ASP N 75 -7.72 -42.67 50.88
C ASP N 75 -7.69 -43.52 49.62
N LEU N 76 -6.69 -43.34 48.78
CA LEU N 76 -6.55 -44.21 47.61
C LEU N 76 -6.32 -45.66 48.03
N ILE N 77 -5.43 -45.86 49.00
CA ILE N 77 -5.06 -47.21 49.39
C ILE N 77 -6.21 -47.88 50.13
N VAL N 78 -6.96 -47.13 50.94
CA VAL N 78 -7.98 -47.72 51.79
C VAL N 78 -9.35 -47.65 51.12
N ASP N 79 -9.81 -46.44 50.81
CA ASP N 79 -11.21 -46.18 50.46
C ASP N 79 -11.56 -46.42 49.00
N PHE N 80 -10.60 -46.72 48.12
CA PHE N 80 -10.90 -46.97 46.72
C PHE N 80 -10.76 -48.44 46.35
N GLY N 81 -10.69 -49.32 47.34
CA GLY N 81 -10.64 -50.74 47.04
C GLY N 81 -9.36 -51.20 46.38
N LEU N 82 -8.28 -50.46 46.54
CA LEU N 82 -6.97 -50.81 45.98
C LEU N 82 -6.12 -51.39 47.10
N ASP N 83 -5.99 -52.71 47.10
CA ASP N 83 -5.27 -53.41 48.16
C ASP N 83 -3.78 -53.36 47.83
N LEU N 84 -3.06 -52.44 48.46
CA LEU N 84 -1.61 -52.32 48.25
C LEU N 84 -0.93 -53.49 48.95
N LEU N 85 -0.63 -54.53 48.18
CA LEU N 85 -0.04 -55.73 48.76
C LEU N 85 1.29 -55.42 49.42
N TRP N 86 2.12 -54.65 48.74
CA TRP N 86 3.41 -54.30 49.28
C TRP N 86 3.96 -53.15 48.46
N HIS N 87 4.82 -52.40 49.09
CA HIS N 87 5.54 -51.29 48.51
C HIS N 87 6.81 -51.14 49.33
N PRO N 88 7.99 -51.07 48.70
CA PRO N 88 9.23 -51.06 49.48
C PRO N 88 9.29 -49.90 50.46
N SER N 89 8.64 -48.79 50.14
CA SER N 89 8.64 -47.64 51.03
C SER N 89 7.52 -47.67 52.05
N LEU N 90 6.51 -48.51 51.86
CA LEU N 90 5.32 -48.48 52.69
C LEU N 90 4.89 -49.83 53.22
N GLY N 91 5.33 -50.93 52.61
CA GLY N 91 4.88 -52.23 53.03
C GLY N 91 5.38 -52.56 54.42
N LEU N 92 4.51 -53.20 55.20
CA LEU N 92 4.88 -53.59 56.56
C LEU N 92 5.82 -54.79 56.55
N GLU N 93 5.57 -55.74 55.64
CA GLU N 93 6.32 -56.98 55.63
C GLU N 93 7.77 -56.75 55.25
N LEU N 94 8.66 -57.48 55.91
CA LEU N 94 10.06 -57.52 55.53
C LEU N 94 10.47 -58.98 55.34
N GLY N 95 11.65 -59.15 54.74
CA GLY N 95 12.26 -60.46 54.69
C GLY N 95 11.35 -61.49 54.09
N ASN N 96 11.24 -62.62 54.78
CA ASN N 96 10.55 -63.77 54.19
C ASN N 96 9.05 -63.55 54.06
N ASN N 97 8.44 -62.77 54.95
CA ASN N 97 7.01 -62.47 54.80
C ASN N 97 6.76 -61.65 53.53
N ALA N 98 7.60 -60.64 53.29
CA ALA N 98 7.50 -59.88 52.06
C ALA N 98 7.73 -60.77 50.85
N GLN N 99 8.75 -61.62 50.92
CA GLN N 99 9.03 -62.52 49.80
C GLN N 99 7.88 -63.47 49.56
N LYS N 100 7.20 -63.89 50.63
CA LYS N 100 6.02 -64.73 50.47
C LYS N 100 4.97 -63.99 49.66
N VAL N 101 4.74 -62.71 49.99
CA VAL N 101 3.81 -61.92 49.20
C VAL N 101 4.24 -61.88 47.73
N PHE N 102 5.52 -61.61 47.50
CA PHE N 102 6.01 -61.46 46.13
C PHE N 102 5.86 -62.76 45.36
N TRP N 103 6.25 -63.87 45.97
CA TRP N 103 6.20 -65.16 45.30
C TRP N 103 4.77 -65.59 45.04
N ASP N 104 3.86 -65.30 45.97
CA ASP N 104 2.45 -65.59 45.73
C ASP N 104 1.92 -64.81 44.53
N CYS N 105 2.32 -63.54 44.41
CA CYS N 105 1.94 -62.77 43.23
C CYS N 105 2.57 -63.34 41.97
N ALA N 106 3.85 -63.71 42.03
CA ALA N 106 4.57 -64.12 40.83
C ALA N 106 4.05 -65.45 40.30
N LYS N 107 3.77 -66.39 41.20
CA LYS N 107 3.34 -67.73 40.82
C LYS N 107 1.84 -67.85 40.62
N GLY N 108 1.08 -66.77 40.83
CA GLY N 108 -0.35 -66.82 40.66
C GLY N 108 -1.12 -67.37 41.83
N GLU N 109 -0.46 -67.58 42.97
CA GLU N 109 -1.15 -68.09 44.16
C GLU N 109 -2.20 -67.10 44.64
N ARG N 110 -1.92 -65.80 44.52
CA ARG N 110 -2.87 -64.74 44.79
C ARG N 110 -2.93 -63.82 43.58
N PRO N 111 -4.09 -63.23 43.32
CA PRO N 111 -4.23 -62.36 42.15
C PRO N 111 -3.38 -61.10 42.28
N LEU N 112 -2.87 -60.64 41.14
CA LEU N 112 -2.12 -59.40 41.04
C LEU N 112 -2.81 -58.56 39.99
N ASP N 113 -3.56 -57.56 40.43
CA ASP N 113 -4.32 -56.75 39.48
C ASP N 113 -3.45 -55.66 38.85
N ILE N 114 -2.69 -54.95 39.67
CA ILE N 114 -1.85 -53.87 39.18
C ILE N 114 -0.44 -54.09 39.72
N PHE N 115 0.51 -54.23 38.82
CA PHE N 115 1.92 -54.25 39.16
C PHE N 115 2.45 -52.88 38.78
N VAL N 116 2.77 -52.07 39.78
CA VAL N 116 3.41 -50.79 39.54
C VAL N 116 4.91 -51.01 39.67
N PHE N 117 5.62 -50.50 38.69
CA PHE N 117 7.08 -50.63 38.74
C PHE N 117 7.64 -49.22 38.65
N GLU N 118 8.55 -48.96 39.55
CA GLU N 118 9.18 -47.64 39.60
C GLU N 118 10.67 -47.88 39.46
N GLY N 119 11.38 -46.96 38.83
CA GLY N 119 12.79 -47.25 38.67
C GLY N 119 13.06 -48.08 37.45
N THR N 120 14.32 -48.15 37.11
CA THR N 120 14.64 -48.86 35.88
C THR N 120 14.74 -50.36 36.11
N VAL N 121 14.58 -51.08 35.04
CA VAL N 121 14.93 -52.49 35.06
C VAL N 121 16.44 -52.56 34.89
N ILE N 122 17.14 -52.91 35.94
CA ILE N 122 18.60 -52.95 35.91
C ILE N 122 19.02 -54.32 35.41
N GLU N 123 19.79 -54.33 34.32
CA GLU N 123 20.25 -55.58 33.74
C GLU N 123 21.73 -55.85 33.97
N ALA N 124 22.52 -54.82 34.27
CA ALA N 124 23.92 -55.03 34.53
C ALA N 124 24.11 -55.75 35.86
N PRO N 125 25.24 -56.46 36.04
CA PRO N 125 26.29 -56.65 35.05
C PRO N 125 25.99 -57.77 34.06
N ASN N 126 26.37 -57.58 32.80
CA ASN N 126 26.34 -58.65 31.80
C ASN N 126 24.95 -59.28 31.70
N GLY N 127 23.91 -58.46 31.79
CA GLY N 127 22.57 -58.97 31.68
C GLY N 127 22.10 -59.80 32.86
N THR N 128 22.89 -59.90 33.92
CA THR N 128 22.48 -60.65 35.09
C THR N 128 21.54 -59.87 35.99
N GLY N 129 21.55 -58.54 35.93
CA GLY N 129 20.69 -57.75 36.78
C GLY N 129 21.11 -57.70 38.23
N GLN N 130 22.33 -58.13 38.55
CA GLN N 130 22.76 -58.20 39.94
C GLN N 130 23.14 -56.86 40.53
N MET N 131 23.17 -55.81 39.71
CA MET N 131 23.24 -54.47 40.28
C MET N 131 21.93 -54.03 40.88
N ASP N 132 20.90 -54.88 40.79
CA ASP N 132 19.63 -54.64 41.48
C ASP N 132 19.15 -55.99 41.97
N MET N 133 19.60 -56.38 43.16
CA MET N 133 19.19 -57.62 43.79
C MET N 133 18.07 -57.27 44.77
N PHE N 134 16.92 -57.90 44.60
CA PHE N 134 15.77 -57.63 45.45
C PHE N 134 15.15 -58.94 45.89
N ALA N 135 15.03 -59.12 47.20
CA ALA N 135 14.33 -60.26 47.78
C ALA N 135 14.85 -61.58 47.22
N GLY N 136 16.17 -61.67 47.07
CA GLY N 136 16.82 -62.89 46.68
C GLY N 136 16.92 -63.15 45.19
N ARG N 137 16.49 -62.21 44.36
CA ARG N 137 16.57 -62.36 42.91
C ARG N 137 17.03 -61.04 42.31
N PRO N 138 17.61 -61.08 41.11
CA PRO N 138 17.73 -59.84 40.34
C PRO N 138 16.34 -59.25 40.16
N MET N 139 16.25 -57.93 40.33
CA MET N 139 14.95 -57.30 40.23
C MET N 139 14.30 -57.57 38.88
N LYS N 140 15.11 -57.68 37.83
CA LYS N 140 14.56 -57.92 36.50
C LYS N 140 13.80 -59.24 36.44
N ASP N 141 14.23 -60.23 37.21
CA ASP N 141 13.49 -61.49 37.26
C ASP N 141 12.14 -61.30 37.94
N TRP N 142 12.11 -60.55 39.04
CA TRP N 142 10.84 -60.18 39.63
C TRP N 142 9.96 -59.48 38.62
N VAL N 143 10.55 -58.57 37.85
CA VAL N 143 9.78 -57.83 36.87
C VAL N 143 9.17 -58.78 35.86
N THR N 144 9.98 -59.70 35.35
CA THR N 144 9.47 -60.69 34.41
C THR N 144 8.26 -61.42 34.98
N ASP N 145 8.42 -61.97 36.18
CA ASP N 145 7.36 -62.78 36.77
C ASP N 145 6.11 -61.95 37.04
N LEU N 146 6.29 -60.78 37.65
CA LEU N 146 5.13 -60.01 38.11
C LEU N 146 4.43 -59.33 36.95
N ALA N 147 5.19 -58.82 35.98
CA ALA N 147 4.58 -58.27 34.78
C ALA N 147 3.82 -59.36 34.04
N GLY N 148 4.34 -60.58 34.03
CA GLY N 148 3.59 -61.67 33.46
C GLY N 148 2.38 -62.08 34.26
N ALA N 149 2.36 -61.76 35.55
CA ALA N 149 1.23 -62.13 36.41
C ALA N 149 0.17 -61.05 36.51
N ALA N 150 0.53 -59.79 36.34
CA ALA N 150 -0.38 -58.70 36.62
C ALA N 150 -1.47 -58.58 35.57
N GLN N 151 -2.65 -58.13 36.01
CA GLN N 151 -3.68 -57.75 35.07
C GLN N 151 -3.30 -56.49 34.31
N ILE N 152 -2.71 -55.54 35.01
CA ILE N 152 -2.25 -54.28 34.45
C ILE N 152 -0.85 -54.04 34.99
N VAL N 153 0.04 -53.61 34.12
CA VAL N 153 1.39 -53.22 34.51
C VAL N 153 1.50 -51.72 34.28
N VAL N 154 1.89 -50.99 35.31
CA VAL N 154 2.07 -49.54 35.23
C VAL N 154 3.53 -49.25 35.53
N ALA N 155 4.21 -48.65 34.57
CA ALA N 155 5.54 -48.11 34.81
C ALA N 155 5.36 -46.67 35.25
N ILE N 156 5.81 -46.37 36.46
CA ILE N 156 5.64 -44.99 36.95
C ILE N 156 7.02 -44.33 36.94
N GLY N 157 7.10 -43.21 36.27
CA GLY N 157 8.36 -42.47 36.21
C GLY N 157 9.18 -42.91 35.00
N ASP N 158 9.98 -41.97 34.49
CA ASP N 158 10.75 -42.24 33.27
C ASP N 158 11.65 -43.47 33.43
N CYS N 159 12.21 -43.63 34.61
CA CYS N 159 13.13 -44.76 34.79
C CYS N 159 12.39 -46.02 34.35
N ALA N 160 11.20 -46.19 34.89
CA ALA N 160 10.46 -47.44 34.60
C ALA N 160 9.90 -47.40 33.17
N CYS N 161 9.43 -46.23 32.74
CA CYS N 161 8.81 -46.14 31.43
C CYS N 161 9.84 -46.30 30.32
N PHE N 162 10.95 -45.59 30.41
CA PHE N 162 11.88 -45.42 29.31
C PHE N 162 13.34 -45.60 29.69
N GLY N 163 13.66 -45.76 30.97
CA GLY N 163 15.06 -45.88 31.34
C GLY N 163 15.56 -44.67 32.07
N GLY N 164 15.09 -43.50 31.66
CA GLY N 164 15.30 -42.27 32.39
C GLY N 164 16.75 -41.96 32.66
N ILE N 165 16.97 -41.30 33.80
CA ILE N 165 18.32 -40.84 34.15
C ILE N 165 19.31 -42.00 34.28
N PRO N 166 18.99 -43.13 34.92
CA PRO N 166 19.99 -44.20 35.01
C PRO N 166 20.40 -44.73 33.65
N ALA N 167 19.54 -44.64 32.66
CA ALA N 167 19.86 -45.08 31.31
C ALA N 167 20.71 -44.08 30.54
N MET N 168 20.96 -42.91 31.10
CA MET N 168 21.94 -41.99 30.53
C MET N 168 23.26 -42.70 30.31
N GLU N 169 23.90 -42.39 29.18
CA GLU N 169 25.22 -42.95 28.95
C GLU N 169 26.16 -42.54 30.08
N PRO N 170 27.05 -43.43 30.53
CA PRO N 170 27.29 -44.76 29.96
C PRO N 170 26.38 -45.88 30.47
N ASN N 171 25.31 -45.54 31.18
CA ASN N 171 24.34 -46.52 31.67
C ASN N 171 25.03 -47.66 32.43
N PRO N 172 25.72 -47.34 33.53
CA PRO N 172 26.47 -48.39 34.24
C PRO N 172 25.60 -49.53 34.72
N SER N 173 24.35 -49.25 35.07
CA SER N 173 23.46 -50.28 35.59
C SER N 173 22.76 -51.07 34.51
N GLY N 174 23.05 -50.81 33.24
CA GLY N 174 22.33 -51.49 32.19
C GLY N 174 20.84 -51.24 32.33
N SER N 175 20.47 -50.03 32.69
CA SER N 175 19.09 -49.71 32.96
C SER N 175 18.28 -49.62 31.68
N THR N 176 17.02 -50.03 31.76
CA THR N 176 16.09 -49.86 30.67
C THR N 176 14.70 -49.72 31.26
N GLY N 177 13.78 -49.25 30.44
CA GLY N 177 12.41 -49.20 30.87
C GLY N 177 11.71 -50.52 30.69
N LEU N 178 10.48 -50.59 31.20
CA LEU N 178 9.71 -51.82 31.09
C LEU N 178 9.45 -52.19 29.64
N GLN N 179 8.89 -51.26 28.89
CA GLN N 179 8.55 -51.52 27.50
C GLN N 179 9.20 -50.53 26.54
N PHE N 180 10.05 -49.65 27.04
CA PHE N 180 10.77 -48.71 26.20
C PHE N 180 12.20 -48.62 26.69
N HIS N 181 13.11 -48.38 25.77
CA HIS N 181 14.41 -47.81 26.11
C HIS N 181 14.47 -46.47 25.42
N LYS N 182 14.35 -45.40 26.21
CA LYS N 182 14.12 -44.08 25.65
C LYS N 182 12.95 -44.16 24.70
N ARG N 183 13.04 -43.55 23.51
CA ARG N 183 11.89 -43.56 22.61
C ARG N 183 11.67 -44.93 21.99
N GLU N 184 12.69 -45.78 21.95
CA GLU N 184 12.60 -47.05 21.24
C GLU N 184 11.71 -48.01 22.02
N LYS N 185 10.61 -48.43 21.40
CA LYS N 185 9.70 -49.35 22.05
C LYS N 185 10.35 -50.72 22.20
N GLY N 186 10.05 -51.36 23.33
CA GLY N 186 10.46 -52.72 23.62
C GLY N 186 11.03 -52.86 25.01
N GLY N 187 11.92 -51.95 25.41
CA GLY N 187 12.50 -51.97 26.74
C GLY N 187 12.85 -53.35 27.24
N PHE N 188 12.52 -53.62 28.50
CA PHE N 188 12.86 -54.92 29.07
C PHE N 188 11.86 -55.99 28.67
N LEU N 189 10.58 -55.67 28.64
CA LEU N 189 9.54 -56.67 28.44
C LEU N 189 9.28 -56.97 26.97
N GLY N 190 9.83 -56.19 26.05
CA GLY N 190 9.60 -56.41 24.65
C GLY N 190 8.43 -55.58 24.15
N PRO N 191 8.46 -55.23 22.87
CA PRO N 191 7.37 -54.39 22.32
C PRO N 191 6.02 -55.07 22.36
N ASP N 192 5.99 -56.38 22.36
CA ASP N 192 4.74 -57.12 22.26
C ASP N 192 4.18 -57.55 23.61
N PHE N 193 4.82 -57.16 24.70
CA PHE N 193 4.28 -57.49 26.01
C PHE N 193 2.89 -56.90 26.18
N ARG N 194 1.98 -57.72 26.69
CA ARG N 194 0.67 -57.26 27.10
C ARG N 194 0.37 -57.85 28.46
N SER N 195 -0.24 -57.05 29.33
CA SER N 195 -0.67 -57.60 30.61
C SER N 195 -1.91 -58.47 30.38
N LYS N 196 -2.40 -59.07 31.46
CA LYS N 196 -3.53 -59.98 31.33
C LYS N 196 -4.82 -59.27 30.91
N MET N 197 -4.94 -57.97 31.17
CA MET N 197 -6.08 -57.22 30.66
C MET N 197 -5.87 -56.77 29.22
N GLY N 198 -4.79 -57.22 28.58
CA GLY N 198 -4.52 -56.91 27.19
C GLY N 198 -3.79 -55.61 26.98
N LEU N 199 -3.54 -54.84 28.02
CA LEU N 199 -2.91 -53.55 27.85
C LEU N 199 -1.39 -53.70 27.77
N PRO N 200 -0.72 -52.79 27.08
CA PRO N 200 0.74 -52.74 27.21
C PRO N 200 1.05 -52.17 28.58
N VAL N 201 2.33 -52.03 28.91
CA VAL N 201 2.67 -51.28 30.10
C VAL N 201 2.11 -49.88 29.99
N ILE N 202 1.34 -49.47 30.97
CA ILE N 202 0.85 -48.11 31.06
C ILE N 202 2.01 -47.25 31.55
N ASN N 203 2.50 -46.36 30.71
CA ASN N 203 3.63 -45.52 31.06
C ASN N 203 3.11 -44.23 31.65
N VAL N 204 3.35 -44.04 32.94
CA VAL N 204 3.07 -42.78 33.62
C VAL N 204 4.42 -42.11 33.77
N PRO N 205 4.87 -41.31 32.79
CA PRO N 205 6.22 -40.83 32.82
C PRO N 205 6.38 -39.64 33.76
N GLY N 206 7.48 -38.96 33.60
CA GLY N 206 7.76 -37.89 34.54
C GLY N 206 8.93 -38.33 35.40
N CYS N 207 9.58 -37.36 35.98
CA CYS N 207 10.75 -37.71 36.79
C CYS N 207 10.76 -36.73 37.95
N PRO N 208 9.85 -36.88 38.92
CA PRO N 208 8.95 -38.02 38.95
C PRO N 208 7.60 -37.73 38.30
N ALA N 209 6.80 -38.77 38.21
CA ALA N 209 5.42 -38.55 37.80
C ALA N 209 4.71 -37.70 38.84
N HIS N 210 3.83 -36.85 38.40
CA HIS N 210 2.94 -36.14 39.29
C HIS N 210 1.99 -37.14 39.95
N PRO N 211 1.64 -36.94 41.22
CA PRO N 211 0.76 -37.93 41.88
C PRO N 211 -0.52 -38.17 41.13
N ASP N 212 -1.08 -37.15 40.52
CA ASP N 212 -2.40 -37.35 39.84
C ASP N 212 -2.22 -38.27 38.63
N TRP N 213 -1.05 -38.23 38.02
CA TRP N 213 -0.87 -39.02 36.77
C TRP N 213 -1.08 -40.50 37.06
N ILE N 214 -0.81 -40.89 38.29
CA ILE N 214 -1.02 -42.31 38.67
C ILE N 214 -2.33 -42.44 39.45
N THR N 215 -2.57 -41.53 40.40
CA THR N 215 -3.72 -41.70 41.27
C THR N 215 -5.01 -41.63 40.49
N GLN N 216 -5.12 -40.71 39.53
CA GLN N 216 -6.36 -40.63 38.76
C GLN N 216 -6.53 -41.84 37.88
N ILE N 217 -5.43 -42.39 37.37
CA ILE N 217 -5.52 -43.66 36.65
C ILE N 217 -6.01 -44.76 37.57
N LEU N 218 -5.47 -44.81 38.79
CA LEU N 218 -5.87 -45.83 39.75
C LEU N 218 -7.33 -45.65 40.14
N VAL N 219 -7.77 -44.41 40.31
CA VAL N 219 -9.17 -44.14 40.61
C VAL N 219 -10.04 -44.58 39.45
N ALA N 220 -9.62 -44.26 38.22
CA ALA N 220 -10.37 -44.67 37.04
C ALA N 220 -10.52 -46.18 36.99
N LEU N 221 -9.43 -46.90 37.25
CA LEU N 221 -9.48 -48.36 37.30
C LEU N 221 -10.41 -48.81 38.42
N ALA N 222 -10.36 -48.14 39.56
CA ALA N 222 -11.15 -48.53 40.72
C ALA N 222 -12.62 -48.14 40.60
N THR N 223 -12.94 -47.16 39.76
CA THR N 223 -14.31 -46.68 39.63
C THR N 223 -14.98 -47.18 38.35
N GLY N 224 -14.42 -48.19 37.70
CA GLY N 224 -15.03 -48.74 36.51
C GLY N 224 -14.80 -47.94 35.25
N ARG N 225 -13.82 -47.04 35.26
CA ARG N 225 -13.53 -46.20 34.11
C ARG N 225 -12.23 -46.58 33.42
N ALA N 226 -11.81 -47.84 33.57
CA ALA N 226 -10.63 -48.31 32.85
C ALA N 226 -10.80 -48.10 31.35
N GLY N 227 -12.02 -48.33 30.83
CA GLY N 227 -12.29 -48.14 29.43
C GLY N 227 -12.18 -46.70 28.97
N ASP N 228 -12.23 -45.75 29.91
CA ASP N 228 -12.01 -44.35 29.56
C ASP N 228 -10.54 -44.03 29.34
N ILE N 229 -9.64 -44.91 29.77
CA ILE N 229 -8.21 -44.63 29.69
C ILE N 229 -7.74 -44.94 28.28
N THR N 230 -7.31 -43.91 27.56
CA THR N 230 -6.66 -44.07 26.27
C THR N 230 -5.18 -43.75 26.43
N LEU N 231 -4.35 -44.52 25.74
CA LEU N 231 -2.91 -44.38 25.82
C LEU N 231 -2.37 -43.84 24.50
N ASP N 232 -1.37 -42.98 24.56
CA ASP N 232 -0.76 -42.47 23.34
C ASP N 232 0.26 -43.50 22.83
N ASP N 233 1.05 -43.12 21.84
CA ASP N 233 2.02 -44.04 21.25
C ASP N 233 3.12 -44.43 22.23
N LEU N 234 3.34 -43.63 23.26
CA LEU N 234 4.29 -43.99 24.30
C LEU N 234 3.62 -44.69 25.48
N HIS N 235 2.37 -45.14 25.29
CA HIS N 235 1.56 -45.78 26.32
C HIS N 235 1.29 -44.85 27.50
N ARG N 236 1.34 -43.55 27.26
CA ARG N 236 0.99 -42.60 28.31
C ARG N 236 -0.50 -42.29 28.28
N PRO N 237 -1.11 -42.10 29.44
CA PRO N 237 -2.53 -41.73 29.47
C PRO N 237 -2.77 -40.40 28.77
N GLU N 238 -3.54 -40.45 27.69
CA GLU N 238 -3.81 -39.25 26.92
C GLU N 238 -4.59 -38.21 27.71
N THR N 239 -5.29 -38.63 28.76
CA THR N 239 -5.98 -37.65 29.59
C THR N 239 -5.00 -36.68 30.24
N PHE N 240 -3.73 -37.06 30.34
CA PHE N 240 -2.69 -36.19 30.88
C PHE N 240 -1.68 -35.74 29.84
N PHE N 241 -1.49 -36.50 28.76
CA PHE N 241 -0.34 -36.31 27.90
C PHE N 241 -0.70 -35.92 26.48
N LYS N 242 -1.94 -35.48 26.25
CA LYS N 242 -2.22 -34.79 25.01
C LYS N 242 -1.82 -33.32 25.10
N THR N 243 -1.97 -32.72 26.27
CA THR N 243 -1.52 -31.35 26.47
C THR N 243 0.00 -31.31 26.46
N PHE N 244 0.52 -30.09 26.43
CA PHE N 244 1.97 -29.91 26.53
C PHE N 244 2.27 -29.32 27.90
N THR N 245 3.52 -29.36 28.30
CA THR N 245 3.83 -28.65 29.55
C THR N 245 3.41 -27.19 29.34
N GLN N 246 3.62 -26.71 28.12
CA GLN N 246 3.32 -25.27 27.86
C GLN N 246 1.84 -24.99 28.09
N THR N 247 1.02 -26.01 27.97
CA THR N 247 -0.43 -25.81 28.07
C THR N 247 -0.75 -25.34 29.49
N GLY N 248 -1.04 -24.07 29.63
CA GLY N 248 -1.38 -23.56 30.97
C GLY N 248 -0.17 -22.91 31.58
N CYS N 249 0.92 -22.92 30.85
CA CYS N 249 2.12 -22.23 31.38
C CYS N 249 1.78 -20.75 31.53
N THR N 250 2.21 -20.14 32.62
CA THR N 250 1.93 -18.71 32.84
C THR N 250 2.76 -17.85 31.88
N ARG N 251 3.66 -18.46 31.10
CA ARG N 251 4.55 -17.64 30.25
C ARG N 251 4.21 -17.77 28.76
N VAL N 252 3.11 -18.44 28.45
CA VAL N 252 2.81 -18.65 27.01
C VAL N 252 2.58 -17.30 26.31
N GLN N 253 2.02 -16.32 27.01
CA GLN N 253 1.84 -15.05 26.29
C GLN N 253 3.20 -14.49 25.91
N PHE N 254 4.17 -14.63 26.80
CA PHE N 254 5.53 -14.17 26.46
C PHE N 254 6.05 -15.03 25.30
N PHE N 255 5.75 -16.32 25.35
CA PHE N 255 6.18 -17.21 24.25
C PHE N 255 5.55 -16.69 22.95
N GLU N 256 4.27 -16.40 23.00
CA GLU N 256 3.53 -15.98 21.78
C GLU N 256 4.24 -14.76 21.19
N TYR N 257 4.63 -13.84 22.03
CA TYR N 257 5.28 -12.61 21.59
C TYR N 257 6.79 -12.72 21.61
N LYS N 258 7.31 -13.92 21.81
CA LYS N 258 8.73 -14.17 21.70
C LYS N 258 9.52 -13.26 22.63
N GLN N 259 9.01 -13.09 23.84
CA GLN N 259 9.68 -12.33 24.87
C GLN N 259 10.38 -13.31 25.81
N SER N 260 11.69 -13.23 25.87
CA SER N 260 12.47 -14.25 26.54
C SER N 260 12.76 -13.82 27.96
N THR N 261 12.59 -14.74 28.89
CA THR N 261 13.25 -14.60 30.17
C THR N 261 14.75 -14.53 29.91
N LEU N 262 15.40 -13.55 30.51
CA LEU N 262 16.82 -13.34 30.28
C LEU N 262 17.70 -13.91 31.37
N SER N 263 17.16 -14.03 32.58
CA SER N 263 17.98 -14.48 33.70
C SER N 263 17.09 -15.13 34.74
N PHE N 264 17.71 -15.91 35.60
CA PHE N 264 17.00 -16.57 36.66
C PHE N 264 16.68 -15.59 37.78
N GLY N 265 16.05 -16.09 38.83
CA GLY N 265 15.64 -15.23 39.92
C GLY N 265 14.62 -14.23 39.45
N GLU N 266 14.83 -12.95 39.80
CA GLU N 266 13.89 -11.91 39.42
C GLU N 266 13.73 -11.79 37.91
N GLY N 267 14.72 -12.23 37.13
CA GLY N 267 14.56 -12.24 35.70
C GLY N 267 13.37 -13.06 35.23
N THR N 268 12.94 -14.03 36.04
CA THR N 268 11.80 -14.86 35.68
C THR N 268 10.48 -14.20 36.03
N ARG N 269 10.48 -12.97 36.52
CA ARG N 269 9.23 -12.25 36.67
C ARG N 269 8.60 -11.90 35.33
N THR N 270 9.32 -12.15 34.24
CA THR N 270 8.79 -11.89 32.92
C THR N 270 9.34 -12.94 31.96
N GLY N 271 8.73 -12.98 30.78
CA GLY N 271 9.36 -13.79 29.74
C GLY N 271 9.05 -15.25 29.76
N CYS N 272 9.37 -15.87 28.65
CA CYS N 272 9.22 -17.32 28.53
C CYS N 272 10.63 -17.94 28.55
N LEU N 273 10.74 -19.15 29.05
CA LEU N 273 12.09 -19.74 29.26
C LEU N 273 12.57 -20.49 28.02
N PHE N 274 11.79 -20.44 26.97
CA PHE N 274 12.12 -21.30 25.82
C PHE N 274 13.39 -20.85 25.13
N TYR N 275 13.56 -19.55 25.07
CA TYR N 275 14.64 -19.05 24.19
C TYR N 275 16.03 -19.05 24.82
N GLU N 276 16.10 -18.81 26.11
CA GLU N 276 17.41 -18.74 26.74
C GLU N 276 17.68 -19.87 27.72
N PHE N 277 16.65 -20.57 28.19
CA PHE N 277 16.85 -21.59 29.21
C PHE N 277 16.46 -22.98 28.73
N GLY N 278 16.25 -23.14 27.44
CA GLY N 278 16.03 -24.51 26.95
C GLY N 278 14.73 -25.11 27.42
N CYS N 279 13.78 -24.26 27.76
CA CYS N 279 12.46 -24.82 28.14
C CYS N 279 11.96 -25.78 27.06
N ARG N 280 11.65 -27.00 27.46
CA ARG N 280 11.10 -27.98 26.49
C ARG N 280 9.58 -27.99 26.55
N GLY N 281 9.00 -27.02 27.24
CA GLY N 281 7.54 -26.97 27.39
C GLY N 281 6.78 -27.25 26.10
N PRO N 282 7.09 -26.54 25.00
CA PRO N 282 6.33 -26.69 23.77
C PRO N 282 6.65 -27.99 23.02
N MET N 283 7.60 -28.75 23.52
CA MET N 283 7.95 -30.03 22.86
C MET N 283 7.66 -31.18 23.82
N THR N 284 6.98 -30.89 24.92
CA THR N 284 6.82 -31.92 25.95
C THR N 284 5.36 -32.10 26.30
N HIS N 285 4.92 -33.34 26.21
CA HIS N 285 3.52 -33.63 26.51
C HIS N 285 3.43 -33.86 28.00
N SER N 286 2.54 -33.14 28.64
CA SER N 286 2.37 -33.24 30.09
C SER N 286 1.21 -32.34 30.45
N PRO N 287 0.60 -32.51 31.62
CA PRO N 287 -0.38 -31.56 32.08
C PRO N 287 0.25 -30.76 33.23
N CYS N 288 1.56 -30.52 33.19
CA CYS N 288 2.21 -29.88 34.36
C CYS N 288 1.66 -28.50 34.66
N ASN N 289 1.18 -27.83 33.62
CA ASN N 289 0.61 -26.49 33.85
C ASN N 289 -0.91 -26.56 33.87
N ARG N 290 -1.45 -27.71 33.57
CA ARG N 290 -2.88 -27.89 33.72
C ARG N 290 -3.18 -28.37 35.13
N ILE N 291 -2.55 -29.46 35.53
CA ILE N 291 -2.64 -29.98 36.87
C ILE N 291 -1.35 -29.60 37.57
N LEU N 292 -1.44 -28.63 38.45
CA LEU N 292 -0.19 -28.08 39.00
C LEU N 292 0.48 -29.04 39.97
N TRP N 293 1.77 -28.90 40.05
CA TRP N 293 2.55 -29.74 40.97
C TRP N 293 2.27 -29.29 42.41
N ASN N 294 2.09 -30.26 43.30
CA ASN N 294 1.88 -29.95 44.73
C ASN N 294 0.70 -28.99 44.86
N ARG N 295 -0.20 -29.01 43.88
CA ARG N 295 -1.33 -28.10 43.87
C ARG N 295 -0.90 -26.64 43.94
N GLN N 296 0.35 -26.35 43.59
CA GLN N 296 0.87 -24.99 43.73
C GLN N 296 1.36 -24.42 42.42
N SER N 297 2.19 -25.15 41.69
CA SER N 297 3.01 -24.49 40.69
C SER N 297 3.44 -25.52 39.66
N SER N 298 4.43 -25.10 38.88
CA SER N 298 5.07 -26.02 37.93
C SER N 298 6.47 -25.47 37.76
N LYS N 299 7.34 -26.27 37.20
CA LYS N 299 8.68 -25.70 36.95
C LYS N 299 8.56 -24.39 36.19
N THR N 300 7.83 -24.44 35.10
CA THR N 300 7.85 -23.26 34.19
C THR N 300 7.25 -22.04 34.88
N ARG N 301 6.17 -22.25 35.57
CA ARG N 301 5.61 -21.11 36.32
C ARG N 301 6.67 -20.55 37.25
N ALA N 302 7.37 -21.42 37.96
CA ALA N 302 8.34 -20.97 38.94
C ALA N 302 9.56 -20.32 38.32
N GLY N 303 9.74 -20.45 37.01
CA GLY N 303 10.93 -19.94 36.36
C GLY N 303 11.93 -21.00 36.00
N MET N 304 11.61 -22.25 36.21
CA MET N 304 12.52 -23.30 35.79
C MET N 304 12.10 -23.86 34.45
N PRO N 305 13.02 -24.03 33.49
CA PRO N 305 12.63 -24.62 32.25
C PRO N 305 12.13 -26.05 32.41
N CYS N 306 11.15 -26.34 31.61
CA CYS N 306 10.72 -27.74 31.57
C CYS N 306 11.88 -28.52 30.94
N LEU N 307 12.23 -29.60 31.60
CA LEU N 307 13.34 -30.44 31.10
C LEU N 307 12.78 -31.54 30.21
N GLY N 308 11.50 -31.46 29.88
CA GLY N 308 10.90 -32.47 29.00
C GLY N 308 10.92 -33.83 29.64
N CYS N 309 10.75 -33.88 30.95
CA CYS N 309 10.90 -35.18 31.65
C CYS N 309 9.79 -36.17 31.31
N THR N 310 8.71 -35.78 30.71
CA THR N 310 7.67 -36.78 30.44
C THR N 310 7.95 -37.40 29.09
N GLU N 311 8.97 -36.88 28.45
CA GLU N 311 9.32 -37.38 27.12
C GLU N 311 10.34 -38.50 27.26
N PRO N 312 10.33 -39.54 26.39
CA PRO N 312 11.20 -40.72 26.62
C PRO N 312 12.67 -40.42 26.50
N GLU N 313 13.06 -39.35 25.81
CA GLU N 313 14.47 -39.02 25.69
C GLU N 313 15.05 -38.41 26.95
N PHE N 314 14.22 -38.11 27.95
CA PHE N 314 14.72 -37.44 29.13
C PHE N 314 15.77 -38.31 29.82
N PRO N 315 16.88 -37.72 30.28
CA PRO N 315 17.24 -36.30 30.10
C PRO N 315 17.71 -36.04 28.70
N HIS N 316 17.17 -34.98 28.11
CA HIS N 316 17.45 -34.73 26.71
C HIS N 316 18.91 -34.38 26.53
N PHE N 317 19.46 -34.82 25.40
CA PHE N 317 20.86 -34.63 25.07
C PHE N 317 21.79 -35.19 26.12
N ASP N 318 21.27 -36.05 26.99
CA ASP N 318 22.04 -36.66 28.07
C ASP N 318 22.77 -35.61 28.89
N LEU N 319 22.16 -34.43 29.01
CA LEU N 319 22.77 -33.36 29.82
C LEU N 319 24.21 -33.09 29.38
N ALA N 320 24.45 -33.21 28.09
CA ALA N 320 25.78 -32.94 27.56
C ALA N 320 26.13 -31.48 27.82
N PRO N 321 27.42 -31.16 27.86
CA PRO N 321 27.82 -29.78 28.16
C PRO N 321 27.17 -28.79 27.23
N GLY N 322 26.70 -27.69 27.80
CA GLY N 322 26.04 -26.64 27.06
C GLY N 322 24.56 -26.84 26.82
N THR N 323 23.98 -27.94 27.30
CA THR N 323 22.57 -28.21 27.06
C THR N 323 21.71 -28.05 28.29
N VAL N 324 22.28 -27.70 29.44
CA VAL N 324 21.54 -27.64 30.70
C VAL N 324 21.12 -26.21 30.93
N PHE N 325 19.81 -25.98 30.99
CA PHE N 325 19.24 -24.65 31.18
C PHE N 325 19.73 -23.69 30.10
N LYS N 326 19.91 -24.21 28.90
CA LYS N 326 20.31 -23.41 27.76
C LYS N 326 19.52 -23.86 26.54
N THR N 327 19.19 -22.92 25.68
CA THR N 327 18.56 -23.23 24.41
C THR N 327 19.66 -23.35 23.36
N GLN N 328 19.84 -24.55 22.82
CA GLN N 328 20.76 -24.70 21.71
C GLN N 328 20.20 -23.98 20.50
N LYS N 329 21.03 -23.14 19.89
CA LYS N 329 20.58 -22.29 18.79
C LYS N 329 21.52 -22.46 17.60
N VAL N 330 20.94 -22.30 16.42
CA VAL N 330 21.70 -22.25 15.17
C VAL N 330 21.91 -20.80 14.82
N SER N 331 23.17 -20.43 14.55
CA SER N 331 23.55 -19.07 14.21
C SER N 331 23.18 -18.08 15.32
N GLY N 332 23.03 -18.58 16.55
CA GLY N 332 22.79 -17.74 17.70
C GLY N 332 21.39 -17.18 17.80
N MET N 333 20.51 -17.47 16.85
CA MET N 333 19.19 -16.85 16.85
C MET N 333 18.08 -17.90 16.73
N ILE N 334 18.33 -18.96 15.97
CA ILE N 334 17.31 -19.95 15.62
C ILE N 334 17.43 -21.11 16.60
N PRO N 335 16.40 -21.40 17.39
CA PRO N 335 16.46 -22.59 18.24
C PRO N 335 16.63 -23.84 17.39
N LYS N 336 17.49 -24.75 17.86
CA LYS N 336 17.66 -26.01 17.16
C LYS N 336 16.36 -26.80 17.13
N GLU N 337 15.64 -26.82 18.25
CA GLU N 337 14.36 -27.48 18.34
C GLU N 337 13.27 -26.43 18.44
N VAL N 338 12.28 -26.54 17.58
CA VAL N 338 11.14 -25.62 17.58
C VAL N 338 9.98 -26.34 18.25
N PRO N 339 8.89 -25.67 18.57
CA PRO N 339 7.76 -26.36 19.22
C PRO N 339 7.25 -27.51 18.37
N GLU N 340 6.61 -28.45 19.05
CA GLU N 340 6.08 -29.63 18.39
C GLU N 340 5.16 -29.24 17.24
N GLY N 341 5.33 -29.92 16.11
CA GLY N 341 4.46 -29.71 14.98
C GLY N 341 4.73 -28.47 14.17
N THR N 342 5.72 -27.67 14.56
CA THR N 342 6.12 -26.50 13.80
C THR N 342 7.39 -26.82 13.01
N ASP N 343 7.64 -25.89 12.08
CA ASP N 343 8.85 -25.95 11.23
C ASP N 343 9.70 -24.70 11.41
N HIS N 344 11.01 -24.82 11.35
CA HIS N 344 11.86 -23.68 11.66
C HIS N 344 11.47 -22.47 10.83
N LEU N 345 11.05 -22.62 9.59
CA LEU N 345 10.80 -21.41 8.77
C LEU N 345 9.50 -20.73 9.17
N THR N 346 8.44 -21.51 9.33
CA THR N 346 7.22 -20.84 9.78
C THR N 346 7.35 -20.38 11.22
N TYR N 347 8.03 -21.16 12.05
CA TYR N 347 8.20 -20.69 13.43
C TYR N 347 8.93 -19.37 13.41
N MET N 348 10.08 -19.33 12.76
CA MET N 348 10.88 -18.12 12.80
C MET N 348 10.16 -16.94 12.17
N GLY N 349 9.44 -17.18 11.07
CA GLY N 349 8.66 -16.08 10.49
C GLY N 349 7.62 -15.55 11.45
N LEU N 350 6.87 -16.46 12.06
CA LEU N 350 5.87 -16.05 13.05
C LEU N 350 6.54 -15.40 14.24
N ALA N 351 7.73 -15.87 14.61
CA ALA N 351 8.44 -15.29 15.74
C ALA N 351 8.84 -13.85 15.45
N ALA N 352 9.33 -13.59 14.24
CA ALA N 352 9.66 -12.22 13.87
C ALA N 352 8.41 -11.35 13.89
N ALA N 353 7.32 -11.86 13.31
CA ALA N 353 6.07 -11.10 13.31
C ALA N 353 5.60 -10.81 14.73
N ALA N 354 5.68 -11.81 15.60
CA ALA N 354 5.25 -11.63 16.99
C ALA N 354 6.14 -10.63 17.72
N ARG N 355 7.46 -10.71 17.50
CA ARG N 355 8.35 -9.73 18.10
C ARG N 355 7.97 -8.32 17.68
N ILE N 356 7.70 -8.11 16.39
CA ILE N 356 7.44 -6.70 15.93
C ILE N 356 6.12 -6.21 16.49
N ALA N 357 5.14 -7.10 16.66
CA ALA N 357 3.79 -6.70 17.10
C ALA N 357 3.67 -6.84 18.62
N ALA N 358 4.77 -7.10 19.29
CA ALA N 358 4.68 -7.40 20.73
C ALA N 358 4.08 -6.23 21.50
N PRO N 359 3.14 -6.48 22.42
CA PRO N 359 2.64 -5.43 23.26
C PRO N 359 3.70 -5.04 24.29
N GLN N 360 3.50 -3.92 24.96
CA GLN N 360 4.47 -3.44 25.94
C GLN N 360 4.49 -4.31 27.19
N TRP N 361 3.32 -4.76 27.64
CA TRP N 361 3.27 -5.56 28.86
C TRP N 361 4.05 -6.86 28.71
N SER N 362 4.11 -7.41 27.49
CA SER N 362 4.86 -8.63 27.28
C SER N 362 6.36 -8.43 27.44
N LYS N 363 6.76 -7.19 27.51
CA LYS N 363 8.18 -6.82 27.63
C LYS N 363 8.44 -6.28 29.03
N GLU N 364 7.58 -6.55 30.00
CA GLU N 364 7.77 -6.09 31.36
C GLU N 364 7.48 -7.22 32.34
N ASP N 365 7.91 -7.00 33.58
CA ASP N 365 7.62 -7.95 34.64
C ASP N 365 6.11 -8.13 34.77
N MET N 366 5.69 -9.37 34.93
CA MET N 366 4.30 -9.64 35.18
C MET N 366 4.06 -10.43 36.45
N PHE N 367 5.00 -11.31 36.81
CA PHE N 367 4.91 -12.04 38.07
C PHE N 367 5.61 -11.21 39.15
N VAL N 368 4.96 -10.11 39.46
CA VAL N 368 5.50 -9.10 40.34
C VAL N 368 5.19 -9.48 41.79
N VAL N 369 5.94 -8.91 42.70
CA VAL N 369 5.74 -9.16 44.11
C VAL N 369 4.31 -8.81 44.50
N LEU O 1 82.72 36.62 34.88
CA LEU O 1 81.75 35.76 35.54
C LEU O 1 80.86 35.04 34.52
N ASP O 2 80.97 33.72 34.47
CA ASP O 2 80.07 32.94 33.63
C ASP O 2 78.76 32.74 34.38
N LEU O 3 77.67 33.28 33.84
CA LEU O 3 76.36 33.19 34.44
C LEU O 3 75.45 32.39 33.51
N PHE O 4 74.88 31.32 34.03
CA PHE O 4 73.93 30.50 33.28
C PHE O 4 72.56 30.71 33.90
N VAL O 5 71.67 31.34 33.13
CA VAL O 5 70.32 31.63 33.58
C VAL O 5 69.38 30.60 32.97
N SER O 6 68.75 29.82 33.83
CA SER O 6 67.84 28.77 33.43
C SER O 6 66.79 28.58 34.51
N PRO O 7 65.50 28.74 34.18
CA PRO O 7 65.03 29.16 32.86
C PRO O 7 65.00 30.67 32.74
N LEU O 8 65.05 31.17 31.51
CA LEU O 8 64.68 32.55 31.23
C LEU O 8 63.27 32.48 30.64
N GLY O 9 62.27 32.57 31.50
CA GLY O 9 60.90 32.38 31.09
C GLY O 9 60.34 33.60 30.39
N ARG O 10 59.03 33.55 30.16
CA ARG O 10 58.31 34.59 29.44
C ARG O 10 58.94 34.82 28.07
N VAL O 11 59.35 33.73 27.44
CA VAL O 11 59.80 33.75 26.06
C VAL O 11 59.09 32.64 25.30
N GLU O 12 57.88 32.27 25.76
CA GLU O 12 57.06 31.28 25.08
C GLU O 12 57.85 30.02 24.75
N GLY O 13 58.46 29.46 25.76
CA GLY O 13 59.18 28.22 25.58
C GLY O 13 60.40 28.18 26.47
N ASP O 14 61.29 27.27 26.12
CA ASP O 14 62.39 26.87 26.98
C ASP O 14 63.66 27.54 26.50
N LEU O 15 64.15 28.49 27.28
CA LEU O 15 65.34 29.25 26.93
C LEU O 15 66.27 29.25 28.13
N ASP O 16 67.53 28.95 27.88
CA ASP O 16 68.59 29.22 28.83
C ASP O 16 69.52 30.22 28.20
N VAL O 17 70.10 31.09 29.02
CA VAL O 17 71.02 32.10 28.50
C VAL O 17 72.31 32.00 29.29
N ARG O 18 73.40 31.73 28.60
CA ARG O 18 74.72 31.77 29.20
C ARG O 18 75.36 33.09 28.81
N VAL O 19 75.94 33.78 29.77
CA VAL O 19 76.60 35.04 29.49
C VAL O 19 77.95 35.06 30.19
N THR O 20 78.93 35.64 29.52
CA THR O 20 80.16 36.04 30.17
C THR O 20 80.01 37.50 30.57
N ILE O 21 80.25 37.77 31.85
CA ILE O 21 80.11 39.12 32.39
C ILE O 21 81.49 39.60 32.82
N ASN O 22 81.88 40.78 32.36
CA ASN O 22 83.08 41.45 32.83
C ASN O 22 82.74 42.87 33.22
N ASP O 23 83.09 43.24 34.45
CA ASP O 23 82.82 44.56 35.00
C ASP O 23 81.34 44.91 34.90
N GLY O 24 80.48 43.93 35.18
CA GLY O 24 79.05 44.16 35.19
C GLY O 24 78.43 44.31 33.82
N VAL O 25 79.12 43.91 32.77
CA VAL O 25 78.62 44.01 31.41
C VAL O 25 78.75 42.66 30.74
N VAL O 26 77.71 42.23 30.03
CA VAL O 26 77.81 41.01 29.25
C VAL O 26 78.80 41.23 28.11
N THR O 27 79.80 40.36 28.03
CA THR O 27 80.80 40.42 26.97
C THR O 27 80.61 39.34 25.92
N SER O 28 79.98 38.23 26.28
CA SER O 28 79.60 37.24 25.29
C SER O 28 78.31 36.58 25.77
N ALA O 29 77.54 36.08 24.83
CA ALA O 29 76.28 35.45 25.18
C ALA O 29 76.02 34.26 24.28
N TRP O 30 75.39 33.26 24.87
CA TRP O 30 74.90 32.09 24.17
C TRP O 30 73.43 31.93 24.53
N THR O 31 72.59 31.85 23.50
CA THR O 31 71.20 31.51 23.70
C THR O 31 71.04 30.02 23.44
N GLU O 32 70.42 29.32 24.38
CA GLU O 32 70.25 27.88 24.30
C GLU O 32 68.75 27.61 24.26
N ALA O 33 68.23 27.35 23.08
CA ALA O 33 66.89 26.80 22.94
C ALA O 33 66.91 25.35 23.40
N ALA O 34 66.10 25.02 24.40
CA ALA O 34 66.29 23.78 25.14
C ALA O 34 65.22 22.73 24.87
N MET O 35 64.21 23.01 24.07
CA MET O 35 63.12 22.08 23.87
C MET O 35 62.88 21.86 22.38
N PHE O 36 62.81 20.61 21.97
CA PHE O 36 62.70 20.22 20.57
C PHE O 36 61.49 19.33 20.38
N ARG O 37 60.66 19.64 19.39
CA ARG O 37 59.53 18.79 19.03
C ARG O 37 59.66 18.18 17.65
N GLY O 38 60.39 18.82 16.75
CA GLY O 38 60.66 18.23 15.45
C GLY O 38 59.47 18.17 14.51
N PHE O 39 58.71 19.26 14.42
CA PHE O 39 57.53 19.26 13.56
C PHE O 39 57.92 19.10 12.09
N GLU O 40 59.08 19.61 11.71
CA GLU O 40 59.52 19.43 10.32
C GLU O 40 59.75 17.96 10.02
N ILE O 41 60.29 17.22 10.99
CA ILE O 41 60.44 15.79 10.83
C ILE O 41 59.08 15.12 10.70
N ILE O 42 58.14 15.53 11.57
CA ILE O 42 56.83 14.91 11.57
C ILE O 42 56.11 15.15 10.25
N LEU O 43 56.25 16.36 9.70
CA LEU O 43 55.50 16.71 8.51
C LEU O 43 55.93 15.92 7.29
N ARG O 44 57.15 15.40 7.28
CA ARG O 44 57.63 14.65 6.13
C ARG O 44 56.73 13.46 5.87
N GLY O 45 56.31 13.29 4.62
CA GLY O 45 55.46 12.19 4.24
C GLY O 45 54.00 12.36 4.57
N LYS O 46 53.63 13.44 5.25
CA LYS O 46 52.24 13.67 5.59
C LYS O 46 51.49 14.28 4.41
N ASP O 47 50.19 14.44 4.60
CA ASP O 47 49.37 15.06 3.57
C ASP O 47 49.91 16.43 3.24
N PRO O 48 49.88 16.86 1.98
CA PRO O 48 50.45 18.17 1.63
C PRO O 48 49.86 19.31 2.43
N GLN O 49 48.62 19.19 2.89
CA GLN O 49 48.00 20.21 3.71
C GLN O 49 48.20 19.97 5.19
N ALA O 50 48.97 18.97 5.57
CA ALA O 50 49.18 18.70 6.99
C ALA O 50 49.81 19.90 7.67
N GLY O 51 50.55 20.73 6.93
CA GLY O 51 51.13 21.92 7.51
C GLY O 51 50.08 22.83 8.11
N LEU O 52 48.91 22.92 7.47
CA LEU O 52 47.86 23.78 7.98
C LEU O 52 47.40 23.36 9.36
N ILE O 53 47.56 22.09 9.70
CA ILE O 53 47.21 21.61 11.02
C ILE O 53 48.40 21.66 11.96
N VAL O 54 49.57 21.25 11.47
CA VAL O 54 50.74 21.08 12.32
C VAL O 54 51.39 22.41 12.63
N CYS O 55 51.65 23.22 11.60
CA CYS O 55 52.39 24.45 11.79
C CYS O 55 51.75 25.40 12.79
N PRO O 56 50.41 25.57 12.87
CA PRO O 56 49.88 26.44 13.91
C PRO O 56 50.35 25.90 15.27
N ARG O 57 50.47 24.58 15.38
CA ARG O 57 50.87 23.98 16.69
C ARG O 57 52.35 24.23 16.97
N ILE O 58 53.04 24.89 16.07
CA ILE O 58 54.43 25.25 16.43
C ILE O 58 54.31 26.24 17.58
N CYS O 59 53.23 27.00 17.57
CA CYS O 59 53.18 28.04 18.60
C CYS O 59 51.78 28.54 18.89
N GLY O 60 51.53 28.74 20.16
CA GLY O 60 50.19 29.12 20.57
C GLY O 60 49.88 30.54 20.29
N ILE O 61 50.88 31.38 20.48
CA ILE O 61 50.63 32.82 20.36
C ILE O 61 50.71 33.21 18.90
N CYS O 62 51.50 32.50 18.11
CA CYS O 62 51.61 32.96 16.72
C CYS O 62 51.26 31.84 15.75
N GLY O 63 50.47 30.88 16.21
CA GLY O 63 50.04 29.81 15.30
C GLY O 63 49.24 30.35 14.13
N GLY O 64 48.44 31.40 14.37
CA GLY O 64 47.73 31.96 13.23
C GLY O 64 48.66 32.45 12.15
N SER O 65 49.79 32.98 12.57
CA SER O 65 50.83 33.40 11.60
C SER O 65 51.35 32.18 10.87
N HIS O 66 51.61 31.12 11.63
CA HIS O 66 52.08 29.87 10.98
C HIS O 66 51.05 29.44 9.97
N LEU O 67 49.80 29.50 10.36
CA LEU O 67 48.73 29.06 9.44
C LEU O 67 48.80 29.92 8.18
N TYR O 68 48.86 31.22 8.37
CA TYR O 68 48.91 32.16 7.25
C TYR O 68 50.01 31.78 6.27
N LYS O 69 51.22 31.61 6.77
CA LYS O 69 52.33 31.35 5.86
C LYS O 69 52.28 29.92 5.32
N SER O 70 51.78 28.95 6.10
CA SER O 70 51.64 27.61 5.56
C SER O 70 50.61 27.57 4.45
N ALA O 71 49.50 28.29 4.64
CA ALA O 71 48.50 28.39 3.59
C ALA O 71 49.11 28.99 2.34
N TYR O 72 49.88 30.07 2.50
CA TYR O 72 50.48 30.68 1.33
C TYR O 72 51.56 29.81 0.71
N ALA O 73 52.24 29.02 1.53
CA ALA O 73 53.18 28.05 0.97
C ALA O 73 52.46 27.09 0.06
N LEU O 74 51.29 26.62 0.49
CA LEU O 74 50.50 25.74 -0.37
C LEU O 74 49.96 26.49 -1.59
N ASP O 75 49.54 27.74 -1.39
CA ASP O 75 49.00 28.54 -2.49
C ASP O 75 50.04 28.71 -3.58
N THR O 76 51.29 28.98 -3.19
CA THR O 76 52.36 29.10 -4.17
C THR O 76 52.72 27.75 -4.75
N ALA O 77 52.81 26.72 -3.91
CA ALA O 77 53.17 25.39 -4.38
C ALA O 77 52.14 24.88 -5.38
N TRP O 78 50.87 25.16 -5.14
CA TRP O 78 49.80 24.67 -5.99
C TRP O 78 49.30 25.72 -6.97
N ARG O 79 49.97 26.87 -7.04
CA ARG O 79 49.62 27.91 -8.00
C ARG O 79 48.14 28.24 -7.92
N THR O 80 47.67 28.42 -6.70
CA THR O 80 46.25 28.60 -6.47
C THR O 80 45.81 30.00 -6.86
N HIS O 81 44.49 30.19 -6.87
CA HIS O 81 43.89 31.51 -6.97
C HIS O 81 43.36 31.92 -5.61
N MET O 82 43.70 33.12 -5.19
CA MET O 82 43.23 33.66 -3.92
C MET O 82 42.19 34.73 -4.20
N PRO O 83 40.92 34.49 -3.92
CA PRO O 83 39.93 35.57 -4.05
C PRO O 83 40.31 36.70 -3.12
N PRO O 84 40.05 37.94 -3.53
CA PRO O 84 40.41 39.08 -2.69
C PRO O 84 39.86 38.99 -1.28
N ASN O 85 38.63 38.49 -1.12
CA ASN O 85 38.07 38.36 0.23
C ASN O 85 38.91 37.42 1.07
N ALA O 86 39.40 36.33 0.47
CA ALA O 86 40.23 35.40 1.22
C ALA O 86 41.52 36.09 1.65
N THR O 87 42.13 36.85 0.76
CA THR O 87 43.33 37.60 1.12
C THR O 87 43.03 38.56 2.26
N LEU O 88 41.88 39.23 2.19
CA LEU O 88 41.51 40.17 3.24
C LEU O 88 41.32 39.45 4.56
N ILE O 89 40.64 38.31 4.55
CA ILE O 89 40.42 37.58 5.78
C ILE O 89 41.73 37.10 6.36
N ARG O 90 42.62 36.60 5.50
CA ARG O 90 43.94 36.18 5.96
C ARG O 90 44.70 37.34 6.58
N ASN O 91 44.69 38.49 5.90
CA ASN O 91 45.33 39.68 6.44
C ASN O 91 44.73 40.05 7.79
N ILE O 92 43.41 40.08 7.85
CA ILE O 92 42.72 40.49 9.07
C ILE O 92 43.11 39.56 10.20
N CYS O 93 43.10 38.27 9.95
CA CYS O 93 43.36 37.32 11.02
C CYS O 93 44.83 37.36 11.45
N GLN O 94 45.74 37.47 10.48
CA GLN O 94 47.14 37.61 10.83
C GLN O 94 47.36 38.84 11.69
N ALA O 95 46.79 39.97 11.25
CA ALA O 95 46.98 41.20 11.97
C ALA O 95 46.28 41.16 13.32
N CYS O 96 45.13 40.51 13.41
CA CYS O 96 44.42 40.40 14.68
C CYS O 96 45.21 39.55 15.66
N GLU O 97 45.82 38.46 15.18
CA GLU O 97 46.69 37.71 16.07
C GLU O 97 47.83 38.57 16.56
N THR O 98 48.42 39.37 15.67
CA THR O 98 49.49 40.26 16.09
C THR O 98 48.99 41.31 17.09
N LEU O 99 47.80 41.84 16.87
CA LEU O 99 47.21 42.82 17.77
C LEU O 99 46.92 42.21 19.13
N GLN O 100 46.59 40.93 19.17
CA GLN O 100 46.49 40.23 20.44
C GLN O 100 47.86 40.09 21.07
N SER O 101 48.86 39.74 20.27
CA SER O 101 50.19 39.47 20.78
C SER O 101 50.80 40.72 21.42
N ILE O 102 50.58 41.87 20.80
CA ILE O 102 51.24 43.11 21.21
C ILE O 102 50.98 43.40 22.69
N PRO O 103 49.73 43.59 23.13
CA PRO O 103 49.52 43.81 24.57
C PRO O 103 49.78 42.59 25.41
N ARG O 104 49.37 41.41 24.94
CA ARG O 104 49.58 40.22 25.75
C ARG O 104 51.05 40.05 26.07
N TYR O 105 51.88 40.15 25.04
CA TYR O 105 53.32 40.06 25.27
C TYR O 105 53.80 41.22 26.13
N PHE O 106 53.37 42.44 25.82
CA PHE O 106 53.93 43.60 26.49
C PHE O 106 53.69 43.54 27.98
N TYR O 107 52.44 43.30 28.38
CA TYR O 107 52.12 43.29 29.80
C TYR O 107 52.52 41.99 30.47
N ALA O 108 52.12 40.86 29.88
CA ALA O 108 52.31 39.59 30.55
C ALA O 108 53.74 39.10 30.49
N LEU O 109 54.45 39.39 29.41
CA LEU O 109 55.77 38.82 29.20
C LEU O 109 56.89 39.81 29.44
N PHE O 110 56.69 41.07 29.07
CA PHE O 110 57.79 42.03 29.08
C PHE O 110 57.70 43.01 30.26
N ALA O 111 56.59 43.73 30.38
CA ALA O 111 56.57 44.91 31.23
C ALA O 111 56.65 44.57 32.71
N ILE O 112 56.35 43.34 33.12
CA ILE O 112 56.43 43.04 34.54
C ILE O 112 57.86 43.16 35.03
N ASP O 113 58.83 42.90 34.14
CA ASP O 113 60.24 43.09 34.50
C ASP O 113 60.56 44.55 34.79
N LEU O 114 59.73 45.49 34.33
CA LEU O 114 59.91 46.88 34.68
C LEU O 114 59.73 47.12 36.17
N THR O 115 59.12 46.17 36.88
CA THR O 115 58.95 46.26 38.32
C THR O 115 60.15 45.70 39.07
N ASN O 116 61.20 45.31 38.36
CA ASN O 116 62.37 44.73 39.00
C ASN O 116 62.95 45.70 40.02
N LYS O 117 63.49 45.13 41.10
CA LYS O 117 64.06 45.93 42.17
C LYS O 117 65.26 46.75 41.72
N ASN O 118 65.87 46.39 40.58
CA ASN O 118 66.96 47.19 40.03
C ASN O 118 66.53 48.61 39.74
N TYR O 119 65.24 48.83 39.56
CA TYR O 119 64.70 50.14 39.22
C TYR O 119 64.09 50.85 40.42
N ALA O 120 64.26 50.30 41.62
CA ALA O 120 63.60 50.87 42.80
C ALA O 120 64.01 52.32 43.03
N LYS O 121 65.20 52.72 42.59
CA LYS O 121 65.65 54.09 42.75
C LYS O 121 65.03 55.04 41.74
N SER O 122 64.42 54.52 40.67
CA SER O 122 63.79 55.40 39.69
C SER O 122 62.62 56.13 40.32
N LYS O 123 62.46 57.40 39.97
CA LYS O 123 61.30 58.14 40.44
C LYS O 123 60.00 57.58 39.88
N LEU O 124 60.05 56.87 38.77
CA LEU O 124 58.87 56.27 38.16
C LEU O 124 58.62 54.86 38.65
N TYR O 125 59.43 54.35 39.57
CA TYR O 125 59.35 52.94 39.94
C TYR O 125 58.03 52.59 40.60
N ASP O 126 57.54 53.44 41.50
CA ASP O 126 56.26 53.16 42.14
C ASP O 126 55.15 53.08 41.11
N GLU O 127 55.14 54.01 40.16
CA GLU O 127 54.13 53.94 39.10
C GLU O 127 54.32 52.71 38.24
N ALA O 128 55.58 52.36 37.93
CA ALA O 128 55.82 51.16 37.15
C ALA O 128 55.27 49.93 37.85
N VAL O 129 55.46 49.86 39.17
CA VAL O 129 54.94 48.73 39.93
C VAL O 129 53.42 48.75 39.93
N ARG O 130 52.83 49.93 40.14
CA ARG O 130 51.37 50.03 40.15
C ARG O 130 50.78 49.55 38.83
N ARG O 131 51.44 49.89 37.73
CA ARG O 131 50.90 49.61 36.41
C ARG O 131 51.19 48.19 35.94
N PHE O 132 52.42 47.73 36.12
CA PHE O 132 52.93 46.57 35.41
C PHE O 132 53.24 45.38 36.29
N ALA O 133 52.94 45.45 37.58
CA ALA O 133 53.17 44.29 38.42
C ALA O 133 52.36 43.12 37.88
N PRO O 134 52.90 41.91 37.90
CA PRO O 134 52.16 40.77 37.36
C PRO O 134 50.83 40.57 38.08
N TYR O 135 49.78 40.42 37.28
CA TYR O 135 48.45 40.01 37.70
C TYR O 135 47.67 41.06 38.47
N VAL O 136 48.33 42.11 38.94
CA VAL O 136 47.65 43.09 39.79
C VAL O 136 47.93 44.48 39.24
N GLY O 137 48.87 44.57 38.32
CA GLY O 137 49.20 45.86 37.75
C GLY O 137 47.98 46.49 37.11
N THR O 138 47.79 47.78 37.35
CA THR O 138 46.63 48.47 36.82
C THR O 138 46.66 48.60 35.31
N SER O 139 47.84 48.51 34.71
CA SER O 139 47.92 48.38 33.26
C SER O 139 47.97 46.92 32.84
N TYR O 140 48.56 46.07 33.67
CA TYR O 140 48.66 44.66 33.35
C TYR O 140 47.29 44.04 33.15
N GLN O 141 46.40 44.22 34.12
CA GLN O 141 45.12 43.50 34.06
C GLN O 141 44.31 43.89 32.82
N PRO O 142 43.98 45.15 32.57
CA PRO O 142 43.21 45.45 31.36
C PRO O 142 43.97 45.12 30.09
N GLY O 143 45.28 45.33 30.06
CA GLY O 143 46.03 45.01 28.85
C GLY O 143 45.93 43.54 28.51
N VAL O 144 46.20 42.67 29.49
CA VAL O 144 46.15 41.25 29.26
C VAL O 144 44.73 40.80 28.94
N VAL O 145 43.75 41.30 29.70
CA VAL O 145 42.37 40.88 29.51
C VAL O 145 41.89 41.27 28.12
N LEU O 146 42.16 42.51 27.71
CA LEU O 146 41.68 42.97 26.42
C LEU O 146 42.50 42.39 25.26
N SER O 147 43.67 41.83 25.55
CA SER O 147 44.43 41.18 24.49
C SER O 147 43.64 40.05 23.82
N ALA O 148 42.64 39.49 24.49
CA ALA O 148 41.86 38.42 23.90
C ALA O 148 40.88 38.92 22.83
N LYS O 149 40.60 40.22 22.76
CA LYS O 149 39.60 40.69 21.80
C LYS O 149 40.01 40.51 20.34
N PRO O 150 41.20 40.93 19.91
CA PRO O 150 41.53 40.77 18.48
C PRO O 150 41.44 39.32 18.03
N VAL O 151 41.78 38.38 18.90
CA VAL O 151 41.64 36.99 18.48
C VAL O 151 40.20 36.52 18.57
N GLU O 152 39.32 37.27 19.23
CA GLU O 152 37.90 37.04 19.01
C GLU O 152 37.55 37.32 17.57
N VAL O 153 38.11 38.38 16.99
CA VAL O 153 37.90 38.61 15.56
C VAL O 153 38.44 37.43 14.75
N TYR O 154 39.64 37.00 15.10
CA TYR O 154 40.23 35.82 14.46
C TYR O 154 39.26 34.65 14.53
N ALA O 155 38.66 34.42 15.68
CA ALA O 155 37.75 33.29 15.86
C ALA O 155 36.48 33.48 15.04
N ILE O 156 36.02 34.71 14.92
CA ILE O 156 34.84 34.96 14.09
C ILE O 156 35.08 34.44 12.69
N PHE O 157 36.27 34.69 12.16
CA PHE O 157 36.53 34.22 10.80
C PHE O 157 37.08 32.80 10.72
N GLY O 158 37.71 32.31 11.77
CA GLY O 158 38.43 31.06 11.69
C GLY O 158 37.85 30.01 12.61
N GLY O 159 36.84 30.38 13.37
CA GLY O 159 36.21 29.38 14.22
C GLY O 159 36.75 29.45 15.61
N GLN O 160 38.06 29.63 15.70
CA GLN O 160 38.65 29.72 17.03
C GLN O 160 40.05 30.27 16.96
N TRP O 161 40.51 30.64 18.13
CA TRP O 161 41.91 31.03 18.23
C TRP O 161 42.35 30.65 19.66
N PRO O 162 43.53 30.02 19.91
CA PRO O 162 44.40 29.47 18.87
C PRO O 162 43.86 28.18 18.25
N SER O 164 42.99 27.27 14.79
CA SER O 164 42.16 27.05 13.61
C SER O 164 43.14 26.70 12.49
N SER O 165 42.68 26.06 11.45
CA SER O 165 43.45 25.80 10.20
C SER O 165 42.63 26.32 9.02
N PHE O 166 41.83 27.35 9.23
CA PHE O 166 40.85 27.74 8.24
C PHE O 166 41.45 28.43 7.02
N MET O 167 42.74 28.74 7.03
CA MET O 167 43.39 29.29 5.86
C MET O 167 43.90 28.12 5.03
N VAL O 168 43.33 27.95 3.85
CA VAL O 168 43.60 26.79 3.01
C VAL O 168 44.03 27.28 1.63
N PRO O 169 44.77 26.47 0.89
CA PRO O 169 45.09 26.83 -0.49
C PRO O 169 43.80 27.18 -1.24
N GLY O 170 43.81 28.31 -1.91
CA GLY O 170 42.63 28.79 -2.60
C GLY O 170 41.76 29.71 -1.79
N GLY O 171 42.07 29.92 -0.51
CA GLY O 171 41.35 30.94 0.21
C GLY O 171 41.23 30.66 1.69
N VAL O 172 40.01 30.74 2.20
CA VAL O 172 39.72 30.41 3.58
C VAL O 172 38.53 29.48 3.60
N MET O 173 38.43 28.68 4.65
CA MET O 173 37.30 27.77 4.76
C MET O 173 36.01 28.51 5.02
N SER O 174 36.09 29.65 5.68
CA SER O 174 34.92 30.29 6.23
C SER O 174 34.24 31.17 5.19
N ALA O 175 33.01 31.53 5.50
CA ALA O 175 32.18 32.37 4.65
C ALA O 175 31.58 33.42 5.58
N PRO O 176 32.29 34.49 5.85
CA PRO O 176 31.81 35.49 6.80
C PRO O 176 30.42 35.99 6.41
N THR O 177 29.59 36.19 7.42
CA THR O 177 28.30 36.82 7.23
C THR O 177 28.40 38.30 7.59
N LEU O 178 27.30 39.02 7.34
CA LEU O 178 27.28 40.43 7.68
C LEU O 178 27.54 40.64 9.16
N SER O 179 26.86 39.87 10.01
CA SER O 179 27.05 40.01 11.44
C SER O 179 28.46 39.64 11.85
N ASP O 180 29.10 38.71 11.15
CA ASP O 180 30.50 38.43 11.41
C ASP O 180 31.34 39.68 11.26
N VAL O 181 31.17 40.38 10.14
CA VAL O 181 32.00 41.55 9.88
C VAL O 181 31.65 42.68 10.82
N THR O 182 30.36 42.92 11.05
CA THR O 182 29.97 44.00 11.95
C THR O 182 30.47 43.73 13.35
N ARG O 183 30.36 42.48 13.81
CA ARG O 183 30.88 42.14 15.14
C ARG O 183 32.39 42.26 15.19
N ALA O 184 33.08 41.84 14.13
CA ALA O 184 34.54 42.00 14.10
C ALA O 184 34.91 43.46 14.20
N ILE O 185 34.20 44.31 13.46
CA ILE O 185 34.46 45.74 13.53
C ILE O 185 34.18 46.25 14.93
N ALA O 186 33.07 45.83 15.53
CA ALA O 186 32.74 46.28 16.87
C ALA O 186 33.80 45.84 17.88
N ILE O 187 34.24 44.60 17.78
CA ILE O 187 35.26 44.09 18.68
C ILE O 187 36.54 44.89 18.51
N LEU O 188 36.93 45.12 17.26
CA LEU O 188 38.17 45.84 17.00
C LEU O 188 38.09 47.27 17.50
N GLU O 189 36.99 47.95 17.22
CA GLU O 189 36.81 49.32 17.71
C GLU O 189 36.80 49.38 19.23
N HIS O 190 36.14 48.42 19.86
CA HIS O 190 36.12 48.41 21.32
C HIS O 190 37.52 48.19 21.88
N TRP O 191 38.25 47.24 21.31
CA TRP O 191 39.61 46.98 21.77
C TRP O 191 40.50 48.21 21.54
N ASN O 192 40.36 48.82 20.38
CA ASN O 192 41.16 50.01 20.07
C ASN O 192 40.84 51.13 21.04
N ASP O 193 39.56 51.36 21.30
CA ASP O 193 39.18 52.45 22.19
C ASP O 193 39.62 52.16 23.61
N ASN O 194 39.45 50.92 24.07
CA ASN O 194 39.61 50.61 25.48
C ASN O 194 41.04 50.25 25.86
N TRP O 195 41.79 49.59 24.99
CA TRP O 195 43.18 49.36 25.30
C TRP O 195 44.10 50.27 24.49
N LEU O 196 44.03 50.19 23.16
CA LEU O 196 45.04 50.83 22.32
C LEU O 196 45.06 52.34 22.55
N GLU O 197 43.90 52.97 22.45
CA GLU O 197 43.86 54.42 22.55
C GLU O 197 43.76 54.89 23.99
N LYS O 198 42.85 54.31 24.77
CA LYS O 198 42.68 54.78 26.15
C LYS O 198 43.88 54.44 27.01
N GLN O 199 44.33 53.20 26.97
CA GLN O 199 45.36 52.76 27.89
C GLN O 199 46.76 52.88 27.30
N TRP O 200 46.98 52.33 26.11
CA TRP O 200 48.32 52.35 25.55
C TRP O 200 48.72 53.77 25.15
N LEU O 201 47.90 54.42 24.32
CA LEU O 201 48.30 55.68 23.73
C LEU O 201 47.87 56.89 24.55
N GLY O 202 46.70 56.83 25.19
CA GLY O 202 46.15 58.05 25.73
C GLY O 202 45.81 59.07 24.66
N CYS O 203 45.70 58.63 23.41
CA CYS O 203 45.35 59.48 22.29
C CYS O 203 44.80 58.57 21.18
N SER O 204 44.37 59.18 20.09
CA SER O 204 43.89 58.39 18.97
C SER O 204 45.04 57.69 18.28
N VAL O 205 44.72 56.61 17.56
CA VAL O 205 45.74 55.97 16.74
C VAL O 205 46.27 56.94 15.70
N ASP O 206 45.39 57.80 15.18
CA ASP O 206 45.82 58.77 14.19
C ASP O 206 46.88 59.70 14.76
N ARG O 207 46.66 60.18 15.99
CA ARG O 207 47.64 61.06 16.60
C ARG O 207 48.99 60.38 16.74
N TRP O 208 48.99 59.12 17.16
CA TRP O 208 50.25 58.39 17.30
C TRP O 208 50.93 58.23 15.95
N LEU O 209 50.17 57.88 14.92
CA LEU O 209 50.74 57.64 13.61
C LEU O 209 51.24 58.91 12.95
N GLU O 210 50.93 60.07 13.52
CA GLU O 210 51.52 61.32 13.07
C GLU O 210 52.97 61.47 13.48
N ASN O 211 53.44 60.64 14.42
CA ASN O 211 54.83 60.68 14.84
C ASN O 211 55.71 60.11 13.74
N LYS O 212 56.53 60.97 13.13
CA LYS O 212 57.40 60.57 12.04
C LYS O 212 58.87 60.57 12.42
N THR O 213 59.22 61.16 13.56
CA THR O 213 60.60 61.23 14.00
C THR O 213 60.66 60.86 15.47
N TRP O 214 61.87 60.57 15.94
CA TRP O 214 62.05 60.34 17.36
C TRP O 214 61.67 61.58 18.17
N ASN O 215 62.04 62.76 17.67
CA ASN O 215 61.64 64.00 18.30
C ASN O 215 60.13 64.14 18.31
N ASP O 216 59.46 63.66 17.27
CA ASP O 216 58.00 63.62 17.27
C ASP O 216 57.49 62.77 18.42
N VAL O 217 58.13 61.62 18.65
CA VAL O 217 57.68 60.75 19.74
C VAL O 217 57.87 61.42 21.09
N LEU O 218 59.03 62.07 21.29
CA LEU O 218 59.25 62.76 22.56
C LEU O 218 58.26 63.90 22.76
N ALA O 219 58.01 64.68 21.70
CA ALA O 219 57.00 65.73 21.77
C ALA O 219 55.63 65.15 22.06
N TRP O 220 55.34 63.98 21.49
CA TRP O 220 54.07 63.32 21.75
C TRP O 220 53.95 62.94 23.21
N VAL O 221 55.03 62.42 23.80
CA VAL O 221 55.02 62.08 25.21
C VAL O 221 54.71 63.31 26.05
N ASP O 222 55.33 64.43 25.72
CA ASP O 222 55.17 65.64 26.53
C ASP O 222 53.97 66.48 26.13
N GLU O 223 53.24 66.09 25.08
CA GLU O 223 52.23 66.98 24.50
C GLU O 223 51.12 67.29 25.48
N ASN O 224 50.63 66.27 26.18
CA ASN O 224 49.54 66.45 27.13
C ASN O 224 49.63 65.34 28.15
N GLU O 225 48.85 65.50 29.22
CA GLU O 225 48.90 64.54 30.32
C GLU O 225 48.39 63.17 29.90
N SER O 226 47.43 63.12 28.98
CA SER O 226 46.89 61.82 28.57
C SER O 226 47.98 60.98 27.92
N GLN O 227 48.73 61.58 26.99
CA GLN O 227 49.80 60.85 26.33
C GLN O 227 50.97 60.64 27.28
N TYR O 228 51.23 61.63 28.13
CA TYR O 228 52.32 61.53 29.09
C TYR O 228 52.12 60.34 30.04
N ASN O 229 50.90 60.17 30.52
CA ASN O 229 50.58 59.13 31.48
C ASN O 229 50.00 57.89 30.84
N SER O 230 49.93 57.85 29.52
CA SER O 230 49.56 56.63 28.85
C SER O 230 50.60 55.55 29.12
N ASP O 231 50.23 54.30 28.87
CA ASP O 231 51.21 53.24 29.01
C ASP O 231 52.38 53.47 28.06
N CYS O 232 52.10 53.99 26.86
CA CYS O 232 53.17 54.27 25.92
C CYS O 232 54.07 55.39 26.41
N GLY O 233 53.47 56.51 26.82
CA GLY O 233 54.26 57.62 27.31
C GLY O 233 55.02 57.24 28.57
N PHE O 234 54.35 56.54 29.49
CA PHE O 234 55.05 56.10 30.68
C PHE O 234 56.18 55.15 30.33
N PHE O 235 55.94 54.24 29.39
CA PHE O 235 56.97 53.28 29.03
C PHE O 235 58.18 53.98 28.43
N ILE O 236 57.95 54.95 27.57
CA ILE O 236 59.06 55.69 26.98
C ILE O 236 59.83 56.42 28.07
N ARG O 237 59.11 57.11 28.95
CA ARG O 237 59.77 57.85 30.01
C ARG O 237 60.52 56.90 30.94
N TYR O 238 59.93 55.77 31.25
CA TYR O 238 60.57 54.78 32.11
C TYR O 238 61.84 54.24 31.45
N CYS O 239 61.77 53.95 30.15
CA CYS O 239 62.94 53.46 29.44
C CYS O 239 64.06 54.48 29.47
N LEU O 240 63.72 55.74 29.19
CA LEU O 240 64.73 56.78 29.20
C LEU O 240 65.29 57.01 30.60
N ASP O 241 64.46 56.83 31.63
CA ASP O 241 64.93 57.04 32.99
C ASP O 241 65.83 55.90 33.46
N VAL O 242 65.44 54.66 33.19
CA VAL O 242 66.13 53.49 33.73
C VAL O 242 67.17 52.92 32.76
N GLY O 243 67.27 53.46 31.56
CA GLY O 243 68.32 53.06 30.64
C GLY O 243 67.99 51.93 29.72
N LEU O 244 66.71 51.66 29.45
CA LEU O 244 66.37 50.64 28.46
C LEU O 244 66.70 51.08 27.04
N ASP O 245 67.00 52.36 26.84
CA ASP O 245 67.44 52.86 25.54
C ASP O 245 68.94 52.72 25.34
N LYS O 246 69.65 52.16 26.32
CA LYS O 246 71.10 52.17 26.30
C LYS O 246 71.74 50.82 26.01
N TYR O 247 70.95 49.75 25.94
CA TYR O 247 71.51 48.44 25.63
C TYR O 247 70.46 47.62 24.90
N GLY O 248 70.83 46.41 24.53
CA GLY O 248 70.00 45.61 23.65
C GLY O 248 70.04 46.06 22.21
N GLN O 249 71.10 46.74 21.78
CA GLN O 249 71.18 47.24 20.42
C GLN O 249 71.08 46.12 19.41
N GLY O 250 71.89 45.08 19.58
CA GLY O 250 71.86 43.95 18.67
C GLY O 250 72.62 44.21 17.38
N VAL O 251 72.26 43.43 16.36
CA VAL O 251 72.98 43.44 15.10
C VAL O 251 72.85 44.78 14.40
N GLY O 252 71.70 45.44 14.52
CA GLY O 252 71.45 46.61 13.72
C GLY O 252 71.13 46.31 12.28
N ASN O 253 71.04 45.03 11.92
CA ASN O 253 70.62 44.58 10.62
C ASN O 253 69.34 43.79 10.78
N TYR O 254 68.43 43.95 9.83
CA TYR O 254 67.06 43.54 10.01
C TYR O 254 66.55 42.78 8.80
N LEU O 255 65.69 41.82 9.07
CA LEU O 255 65.01 41.07 8.04
C LEU O 255 63.52 41.20 8.26
N ALA O 256 62.80 41.65 7.25
CA ALA O 256 61.36 41.57 7.21
C ALA O 256 60.99 40.81 5.95
N THR O 257 60.27 39.72 6.10
CA THR O 257 59.70 39.08 4.94
C THR O 257 58.40 39.74 4.51
N GLY O 258 57.85 40.59 5.36
CA GLY O 258 56.61 41.27 5.03
C GLY O 258 55.41 40.36 5.16
N THR O 259 54.22 40.93 5.20
CA THR O 259 52.99 40.18 5.13
C THR O 259 51.89 41.15 4.73
N TYR O 260 50.63 40.68 4.80
CA TYR O 260 49.49 41.49 4.39
C TYR O 260 49.50 41.82 2.92
N PHE O 261 49.12 40.86 2.10
CA PHE O 261 49.03 41.11 0.67
C PHE O 261 47.89 42.04 0.30
N GLU O 262 48.17 42.93 -0.62
CA GLU O 262 47.11 43.69 -1.27
C GLU O 262 46.29 42.69 -2.09
N PRO O 263 45.00 42.57 -1.84
CA PRO O 263 44.25 41.45 -2.43
C PRO O 263 44.34 41.39 -3.94
N SER O 264 44.31 42.52 -4.62
CA SER O 264 44.36 42.50 -6.08
C SER O 264 45.73 42.10 -6.61
N LEU O 265 46.77 42.21 -5.80
CA LEU O 265 48.12 41.95 -6.26
C LEU O 265 48.62 40.54 -5.96
N TYR O 266 47.88 39.76 -5.17
CA TYR O 266 48.31 38.42 -4.84
C TYR O 266 47.17 37.43 -5.03
N GLU O 267 46.32 37.67 -6.03
CA GLU O 267 45.24 36.74 -6.33
C GLU O 267 45.76 35.40 -6.81
N ASN O 268 46.97 35.38 -7.36
CA ASN O 268 47.59 34.13 -7.82
C ASN O 268 48.97 34.07 -7.19
N PRO O 269 49.05 33.60 -5.95
CA PRO O 269 50.31 33.67 -5.20
C PRO O 269 51.44 32.97 -5.93
N THR O 270 52.54 33.70 -6.07
CA THR O 270 53.79 33.15 -6.55
C THR O 270 54.90 33.61 -5.61
N ILE O 271 55.99 32.88 -5.60
CA ILE O 271 57.16 33.32 -4.85
C ILE O 271 57.67 34.63 -5.41
N GLU O 272 57.76 34.73 -6.74
CA GLU O 272 58.38 35.90 -7.35
C GLU O 272 57.53 37.15 -7.18
N GLY O 273 56.22 37.01 -7.24
CA GLY O 273 55.35 38.17 -7.12
C GLY O 273 55.03 38.56 -5.69
N ARG O 274 55.63 37.87 -4.72
CA ARG O 274 55.25 38.07 -3.33
C ARG O 274 55.58 39.48 -2.85
N ASN O 275 56.82 39.93 -3.09
CA ASN O 275 57.28 41.19 -2.50
C ASN O 275 56.44 42.37 -2.96
N ALA O 276 56.13 42.42 -4.26
CA ALA O 276 55.37 43.56 -4.77
C ALA O 276 53.98 43.62 -4.17
N ALA O 277 53.39 42.47 -3.86
CA ALA O 277 52.02 42.43 -3.37
C ALA O 277 51.90 42.79 -1.90
N LEU O 278 53.01 42.83 -1.17
CA LEU O 278 52.96 43.06 0.26
C LEU O 278 52.51 44.47 0.58
N ILE O 279 51.66 44.58 1.61
CA ILE O 279 51.38 45.87 2.24
C ILE O 279 52.41 46.19 3.31
N GLY O 280 52.57 45.27 4.26
CA GLY O 280 53.64 45.41 5.21
C GLY O 280 54.88 44.93 4.50
N ARG O 281 55.69 45.87 4.05
CA ARG O 281 56.73 45.56 3.08
C ARG O 281 57.79 44.65 3.66
N SER O 282 58.27 43.74 2.83
CA SER O 282 59.50 43.05 3.10
C SER O 282 60.66 44.02 2.95
N GLY O 283 61.83 43.57 3.36
CA GLY O 283 63.01 44.39 3.23
C GLY O 283 64.07 43.92 4.18
N VAL O 284 65.30 43.92 3.70
CA VAL O 284 66.46 43.65 4.53
C VAL O 284 67.17 44.97 4.73
N PHE O 285 67.49 45.29 5.96
CA PHE O 285 68.21 46.52 6.28
C PHE O 285 69.55 46.11 6.86
N ALA O 286 70.60 46.17 6.05
CA ALA O 286 71.91 45.70 6.47
C ALA O 286 72.96 46.73 6.13
N ASP O 287 73.89 46.95 7.05
CA ASP O 287 74.96 47.93 6.85
C ASP O 287 74.39 49.30 6.49
N GLY O 288 73.26 49.64 7.10
CA GLY O 288 72.64 50.93 6.86
C GLY O 288 72.02 51.08 5.49
N ARG O 289 71.79 49.97 4.78
CA ARG O 289 71.28 50.01 3.42
C ARG O 289 70.09 49.09 3.28
N TYR O 290 69.20 49.45 2.35
CA TYR O 290 68.01 48.67 2.08
C TYR O 290 68.25 47.70 0.94
N PHE O 291 67.78 46.48 1.12
CA PHE O 291 67.85 45.41 0.14
C PHE O 291 66.48 44.77 0.02
N GLU O 292 66.17 44.29 -1.18
CA GLU O 292 64.97 43.51 -1.36
C GLU O 292 65.13 42.15 -0.71
N PHE O 293 64.12 41.70 0.01
CA PHE O 293 64.15 40.35 0.55
C PHE O 293 64.04 39.34 -0.58
N ASP O 294 64.85 38.30 -0.51
CA ASP O 294 64.77 37.19 -1.45
C ASP O 294 64.96 35.90 -0.67
N GLN O 295 63.94 35.05 -0.66
CA GLN O 295 64.00 33.82 0.11
C GLN O 295 65.16 32.94 -0.33
N ALA O 296 65.62 33.08 -1.57
CA ALA O 296 66.76 32.31 -2.04
C ALA O 296 68.02 32.60 -1.23
N ASN O 297 68.09 33.75 -0.59
CA ASN O 297 69.25 34.13 0.20
C ASN O 297 69.23 33.56 1.61
N VAL O 298 68.17 32.79 1.92
CA VAL O 298 68.04 32.31 3.32
C VAL O 298 68.75 30.97 3.48
N THR O 299 69.70 30.88 4.40
CA THR O 299 70.31 29.62 4.74
C THR O 299 70.08 29.36 6.21
N GLU O 300 70.15 28.10 6.60
CA GLU O 300 70.14 27.74 8.00
C GLU O 300 71.40 26.96 8.31
N ASP O 301 72.13 27.44 9.31
CA ASP O 301 73.36 26.85 9.79
C ASP O 301 73.06 26.06 11.05
N VAL O 302 73.63 24.87 11.16
CA VAL O 302 73.44 24.08 12.37
C VAL O 302 74.76 23.80 13.06
N THR O 303 75.78 24.61 12.79
CA THR O 303 77.11 24.39 13.35
C THR O 303 77.05 24.33 14.87
N HIS O 304 76.35 25.28 15.48
CA HIS O 304 76.20 25.31 16.92
C HIS O 304 74.81 24.86 17.35
N SER O 305 74.05 24.26 16.44
CA SER O 305 72.73 23.75 16.73
C SER O 305 72.78 22.24 16.87
N PHE O 306 71.80 21.71 17.62
CA PHE O 306 71.78 20.28 17.87
C PHE O 306 71.22 19.52 16.67
N TYR O 307 71.81 19.75 15.51
CA TYR O 307 71.41 19.04 14.30
C TYR O 307 72.65 18.63 13.53
N GLU O 308 72.50 17.53 12.81
CA GLU O 308 73.55 17.10 11.88
C GLU O 308 73.59 18.06 10.71
N GLY O 309 74.79 18.32 10.22
CA GLY O 309 74.94 19.18 9.06
C GLY O 309 76.31 19.82 9.03
N ASN O 310 76.82 20.07 7.83
CA ASN O 310 78.14 20.65 7.68
C ASN O 310 78.16 21.92 6.86
N ARG O 311 77.04 22.31 6.25
CA ARG O 311 76.98 23.53 5.46
C ARG O 311 75.62 24.17 5.66
N PRO O 312 75.55 25.49 5.56
CA PRO O 312 74.24 26.15 5.60
C PRO O 312 73.39 25.66 4.44
N LEU O 313 72.11 25.44 4.72
CA LEU O 313 71.20 24.88 3.75
C LEU O 313 70.08 25.87 3.50
N HIS O 314 69.82 26.14 2.23
CA HIS O 314 68.57 26.82 1.90
C HIS O 314 67.41 25.90 2.30
N PRO O 315 66.36 26.44 2.90
CA PRO O 315 65.34 25.57 3.49
C PRO O 315 64.65 24.66 2.49
N PHE O 316 64.65 24.99 1.20
CA PHE O 316 64.12 24.04 0.22
C PHE O 316 64.88 22.73 0.25
N GLU O 317 66.18 22.78 0.56
CA GLU O 317 66.99 21.60 0.80
C GLU O 317 67.28 21.41 2.29
N GLY O 318 66.48 22.04 3.14
CA GLY O 318 66.74 21.96 4.57
C GLY O 318 66.56 20.55 5.10
N GLU O 319 67.22 20.31 6.22
CA GLU O 319 67.17 19.03 6.92
C GLU O 319 67.09 19.32 8.40
N THR O 320 66.36 18.49 9.11
CA THR O 320 66.25 18.61 10.57
C THR O 320 66.57 17.24 11.12
N ILE O 321 67.85 16.99 11.30
CA ILE O 321 68.32 15.70 11.83
C ILE O 321 68.93 15.98 13.19
N PRO O 322 68.20 15.75 14.27
CA PRO O 322 68.71 16.08 15.59
C PRO O 322 69.93 15.26 15.94
N VAL O 323 70.82 15.86 16.71
CA VAL O 323 71.90 15.14 17.35
C VAL O 323 71.62 15.19 18.85
N ASN O 324 72.12 14.18 19.56
CA ASN O 324 71.90 14.13 20.99
C ASN O 324 72.60 15.32 21.64
N PRO O 325 71.90 16.09 22.48
CA PRO O 325 72.52 17.30 23.03
C PRO O 325 73.80 17.04 23.78
N GLU O 326 73.97 15.86 24.37
CA GLU O 326 75.26 15.53 24.99
C GLU O 326 76.38 15.52 23.96
N ASP O 327 76.17 14.80 22.85
CA ASP O 327 77.16 14.77 21.78
C ASP O 327 77.35 16.15 21.17
N GLY O 328 76.24 16.85 20.91
CA GLY O 328 76.34 18.17 20.31
C GLY O 328 77.13 19.14 21.17
N ARG O 329 76.90 19.11 22.49
CA ARG O 329 77.67 19.94 23.39
C ARG O 329 79.13 19.54 23.38
N ARG O 330 79.42 18.26 23.21
CA ARG O 330 80.81 17.87 22.98
C ARG O 330 81.36 18.49 21.70
N GLN O 331 80.50 18.77 20.72
CA GLN O 331 80.92 19.42 19.49
C GLN O 331 80.75 20.93 19.49
N GLY O 332 80.48 21.52 20.66
CA GLY O 332 80.29 22.96 20.71
C GLY O 332 78.89 23.43 20.34
N LYS O 333 77.98 22.52 20.03
CA LYS O 333 76.59 22.89 19.78
C LYS O 333 75.90 23.17 21.12
N TYR O 334 75.02 24.16 21.13
CA TYR O 334 74.43 24.54 22.40
C TYR O 334 72.96 24.93 22.30
N SER O 335 72.32 24.77 21.15
CA SER O 335 70.94 25.22 21.03
C SER O 335 70.19 24.35 20.05
N TRP O 336 68.92 24.13 20.36
CA TRP O 336 68.03 23.52 19.38
C TRP O 336 67.60 24.49 18.30
N ALA O 337 67.93 25.77 18.44
CA ALA O 337 67.68 26.73 17.38
C ALA O 337 68.66 26.49 16.25
N LYS O 338 68.15 26.44 15.02
CA LYS O 338 69.02 26.63 13.89
C LYS O 338 69.46 28.09 13.84
N SER O 339 70.50 28.35 13.05
CA SER O 339 71.05 29.68 12.88
C SER O 339 70.68 30.16 11.48
N PRO O 340 69.54 30.82 11.32
CA PRO O 340 69.21 31.37 10.00
C PRO O 340 70.14 32.52 9.71
N ARG O 341 70.67 32.53 8.50
CA ARG O 341 71.50 33.60 8.01
C ARG O 341 70.98 34.02 6.65
N TYR O 342 71.26 35.25 6.30
CA TYR O 342 70.80 35.82 5.05
C TYR O 342 72.00 36.30 4.26
N ALA O 343 72.08 35.91 2.99
CA ALA O 343 73.17 36.34 2.14
C ALA O 343 72.90 37.77 1.70
N VAL O 344 73.62 38.71 2.29
CA VAL O 344 73.60 40.11 1.87
C VAL O 344 74.85 40.38 1.05
N PRO O 345 74.73 40.90 -0.16
CA PRO O 345 75.91 41.16 -0.98
C PRO O 345 76.87 42.10 -0.26
N GLY O 346 78.16 41.79 -0.37
CA GLY O 346 79.18 42.56 0.31
C GLY O 346 79.28 42.27 1.80
N LEU O 347 78.39 41.46 2.35
CA LEU O 347 78.44 41.11 3.76
C LEU O 347 78.45 39.61 4.02
N GLY O 348 78.14 38.78 3.04
CA GLY O 348 78.11 37.36 3.28
C GLY O 348 76.80 36.95 3.95
N ASN O 349 76.83 35.78 4.58
CA ASN O 349 75.65 35.24 5.26
C ASN O 349 75.62 35.79 6.67
N VAL O 350 74.81 36.82 6.89
CA VAL O 350 74.82 37.56 8.15
C VAL O 350 73.59 37.21 8.96
N PRO O 351 73.64 37.36 10.29
CA PRO O 351 72.41 37.31 11.08
C PRO O 351 71.62 38.59 10.87
N LEU O 352 70.31 38.44 10.82
CA LEU O 352 69.42 39.57 10.68
C LEU O 352 68.41 39.52 11.81
N GLU O 353 68.22 40.63 12.48
CA GLU O 353 67.19 40.70 13.49
C GLU O 353 65.83 40.77 12.81
N THR O 354 64.91 39.94 13.27
CA THR O 354 63.54 39.99 12.78
C THR O 354 62.64 40.56 13.85
N GLY O 355 61.50 41.05 13.43
CA GLY O 355 60.53 41.53 14.36
C GLY O 355 59.95 42.84 13.94
N PRO O 356 59.16 43.43 14.83
CA PRO O 356 58.55 44.72 14.50
C PRO O 356 59.57 45.77 14.11
N LEU O 357 60.72 45.82 14.78
CA LEU O 357 61.74 46.79 14.39
C LEU O 357 62.21 46.55 12.97
N ALA O 358 62.41 45.28 12.61
CA ALA O 358 62.78 44.95 11.24
C ALA O 358 61.72 45.43 10.27
N ARG O 359 60.44 45.21 10.64
CA ARG O 359 59.34 45.65 9.78
C ARG O 359 59.31 47.15 9.63
N ARG O 360 59.51 47.89 10.72
CA ARG O 360 59.49 49.35 10.65
C ARG O 360 60.63 49.86 9.80
N MET O 361 61.81 49.26 9.94
CA MET O 361 62.92 49.64 9.08
C MET O 361 62.58 49.36 7.61
N ALA O 362 61.99 48.21 7.33
CA ALA O 362 61.58 47.89 5.97
C ALA O 362 60.55 48.89 5.47
N ALA O 363 59.63 49.28 6.34
CA ALA O 363 58.62 50.27 5.99
C ALA O 363 59.24 51.63 5.72
N SER O 364 60.45 51.86 6.20
CA SER O 364 61.15 53.10 5.91
C SER O 364 61.92 53.05 4.61
N ALA O 365 61.88 51.93 3.88
CA ALA O 365 62.59 51.84 2.62
C ALA O 365 61.95 52.77 1.59
N PRO O 366 62.75 53.27 0.65
CA PRO O 366 62.18 54.12 -0.42
C PRO O 366 61.28 53.31 -1.34
N ASP O 367 60.62 54.03 -2.25
CA ASP O 367 59.91 53.41 -3.37
C ASP O 367 58.79 52.49 -2.88
N ALA O 368 58.06 52.93 -1.86
CA ALA O 368 56.87 52.20 -1.45
C ALA O 368 55.76 52.42 -2.47
N GLU O 369 55.09 51.34 -2.85
CA GLU O 369 53.90 51.49 -3.67
C GLU O 369 52.74 51.98 -2.82
N THR O 370 51.65 52.36 -3.50
CA THR O 370 50.55 53.03 -2.80
C THR O 370 49.95 52.14 -1.71
N HIS O 371 49.84 50.84 -1.97
CA HIS O 371 49.28 49.91 -1.01
C HIS O 371 50.23 49.58 0.14
N GLN O 372 51.47 50.05 0.08
CA GLN O 372 52.51 49.57 0.96
C GLN O 372 52.75 50.51 2.13
N ASP O 373 53.13 49.91 3.26
CA ASP O 373 53.52 50.64 4.45
C ASP O 373 54.72 51.52 4.16
N ASP O 374 54.52 52.84 4.16
CA ASP O 374 55.60 53.80 3.97
C ASP O 374 55.66 54.64 5.25
N ASP O 375 56.62 54.33 6.10
CA ASP O 375 56.72 54.95 7.42
C ASP O 375 58.17 55.27 7.73
N PRO O 376 58.55 56.55 7.77
CA PRO O 376 59.94 56.90 8.05
C PRO O 376 60.27 56.95 9.53
N LEU O 377 59.32 56.65 10.40
CA LEU O 377 59.53 56.89 11.82
C LEU O 377 60.75 56.14 12.33
N PHE O 378 60.86 54.86 12.00
CA PHE O 378 61.93 54.09 12.62
C PHE O 378 63.23 54.16 11.86
N ALA O 379 63.24 54.58 10.61
CA ALA O 379 64.50 55.04 10.03
C ALA O 379 65.06 56.19 10.85
N ASP O 380 64.19 57.14 11.19
CA ASP O 380 64.62 58.29 11.98
C ASP O 380 65.06 57.87 13.38
N ILE O 381 64.29 56.99 14.03
CA ILE O 381 64.66 56.55 15.36
C ILE O 381 65.99 55.79 15.33
N TYR O 382 66.15 54.92 14.34
CA TYR O 382 67.40 54.17 14.19
C TYR O 382 68.57 55.12 14.00
N ASN O 383 68.39 56.16 13.19
CA ASN O 383 69.49 57.09 12.97
C ASN O 383 69.73 58.00 14.17
N ALA O 384 68.70 58.24 14.97
CA ALA O 384 68.79 59.20 16.06
C ALA O 384 69.35 58.55 17.31
N ILE O 385 68.75 57.45 17.74
CA ILE O 385 69.17 56.78 18.97
C ILE O 385 69.57 55.33 18.74
N GLY O 386 69.36 54.78 17.55
CA GLY O 386 69.77 53.43 17.27
C GLY O 386 68.88 52.42 17.95
N PRO O 387 69.10 51.15 17.65
CA PRO O 387 68.30 50.09 18.28
C PRO O 387 68.61 49.98 19.76
N SER O 388 67.64 49.47 20.49
CA SER O 388 67.78 49.20 21.92
C SER O 388 66.54 48.43 22.35
N VAL O 389 66.53 48.02 23.62
CA VAL O 389 65.34 47.39 24.16
C VAL O 389 64.16 48.32 23.99
N MET O 390 64.34 49.60 24.30
CA MET O 390 63.26 50.56 24.19
C MET O 390 62.80 50.72 22.75
N VAL O 391 63.74 50.85 21.83
CA VAL O 391 63.36 51.09 20.43
C VAL O 391 62.71 49.85 19.82
N ARG O 392 63.24 48.67 20.15
CA ARG O 392 62.60 47.43 19.70
C ARG O 392 61.17 47.35 20.22
N GLN O 393 60.99 47.63 21.50
CA GLN O 393 59.64 47.59 22.07
C GLN O 393 58.75 48.63 21.42
N LEU O 394 59.29 49.82 21.17
CA LEU O 394 58.49 50.88 20.56
C LEU O 394 58.06 50.50 19.16
N ALA O 395 58.92 49.81 18.42
CA ALA O 395 58.52 49.31 17.11
C ALA O 395 57.34 48.36 17.24
N ARG O 396 57.44 47.42 18.18
CA ARG O 396 56.34 46.49 18.41
C ARG O 396 55.05 47.22 18.70
N MET O 397 55.11 48.17 19.63
CA MET O 397 53.93 48.91 20.06
C MET O 397 53.40 49.82 18.95
N HIS O 398 54.31 50.36 18.14
CA HIS O 398 53.93 51.22 17.02
C HIS O 398 53.08 50.45 16.04
N GLU O 399 53.33 49.15 15.90
CA GLU O 399 52.50 48.36 14.99
C GLU O 399 51.04 48.28 15.42
N GLY O 400 50.75 48.46 16.70
CA GLY O 400 49.39 48.41 17.19
C GLY O 400 48.45 49.35 16.46
N PRO O 401 48.71 50.65 16.54
CA PRO O 401 47.85 51.60 15.79
C PRO O 401 47.84 51.34 14.30
N LYS O 402 48.99 51.03 13.73
CA LYS O 402 49.10 50.85 12.29
C LYS O 402 48.29 49.63 11.84
N TYR O 403 48.49 48.51 12.51
CA TYR O 403 47.77 47.29 12.16
C TYR O 403 46.29 47.42 12.47
N TYR O 404 45.93 48.14 13.54
CA TYR O 404 44.52 48.35 13.82
C TYR O 404 43.86 49.07 12.65
N LYS O 405 44.50 50.13 12.16
CA LYS O 405 43.94 50.85 11.03
C LYS O 405 43.83 49.97 9.81
N TRP O 406 44.87 49.17 9.55
CA TRP O 406 44.80 48.27 8.39
C TRP O 406 43.66 47.28 8.52
N VAL O 407 43.50 46.70 9.70
CA VAL O 407 42.44 45.72 9.91
C VAL O 407 41.08 46.36 9.73
N ARG O 408 40.89 47.54 10.30
CA ARG O 408 39.62 48.23 10.17
C ARG O 408 39.30 48.46 8.69
N GLN O 409 40.30 48.91 7.93
CA GLN O 409 40.08 49.13 6.52
C GLN O 409 39.79 47.82 5.79
N TRP O 410 40.52 46.75 6.13
CA TRP O 410 40.28 45.48 5.45
C TRP O 410 38.88 44.97 5.73
N LEU O 411 38.41 45.11 6.97
CA LEU O 411 37.05 44.74 7.29
C LEU O 411 36.07 45.53 6.44
N ASP O 412 36.35 46.82 6.24
CA ASP O 412 35.53 47.59 5.31
C ASP O 412 35.67 47.09 3.88
N ASP O 413 36.83 46.53 3.52
CA ASP O 413 37.09 46.11 2.15
C ASP O 413 36.38 44.81 1.80
N LEU O 414 35.96 44.04 2.80
CA LEU O 414 35.33 42.76 2.52
C LEU O 414 34.09 42.98 1.67
N GLU O 415 33.99 42.22 0.59
CA GLU O 415 32.84 42.25 -0.30
C GLU O 415 32.10 40.94 -0.05
N LEU O 416 31.10 41.01 0.83
CA LEU O 416 30.57 39.79 1.44
C LEU O 416 29.91 38.88 0.43
N LYS O 417 29.41 39.44 -0.68
CA LYS O 417 28.79 38.62 -1.72
C LYS O 417 29.82 37.87 -2.54
N GLU O 418 31.10 38.21 -2.43
CA GLU O 418 32.11 37.64 -3.29
C GLU O 418 32.76 36.42 -2.67
N SER O 419 33.54 35.72 -3.50
CA SER O 419 34.08 34.44 -3.12
C SER O 419 35.13 34.59 -2.02
N PHE O 420 35.19 33.58 -1.18
CA PHE O 420 36.22 33.46 -0.16
C PHE O 420 37.15 32.29 -0.41
N TYR O 421 36.93 31.57 -1.50
CA TYR O 421 37.65 30.33 -1.72
C TYR O 421 37.54 29.95 -3.18
N THR O 422 38.66 29.69 -3.81
CA THR O 422 38.71 29.11 -5.13
C THR O 422 39.30 27.72 -4.95
N LYS O 423 38.50 26.70 -5.24
CA LYS O 423 38.98 25.34 -5.06
C LYS O 423 40.24 25.14 -5.88
N PRO O 424 41.37 24.80 -5.27
CA PRO O 424 42.61 24.62 -6.01
C PRO O 424 42.71 23.20 -6.55
N VAL O 425 43.63 23.03 -7.49
CA VAL O 425 44.06 21.70 -7.87
C VAL O 425 45.15 21.27 -6.90
N GLU O 426 44.93 20.16 -6.22
CA GLU O 426 45.91 19.63 -5.26
C GLU O 426 46.96 18.85 -6.04
N TYR O 427 47.93 19.59 -6.58
CA TYR O 427 48.96 18.98 -7.41
C TYR O 427 49.80 18.01 -6.61
N ALA O 428 50.18 16.90 -7.25
CA ALA O 428 51.02 15.90 -6.62
C ALA O 428 52.42 16.42 -6.36
N GLU O 429 52.85 17.42 -7.10
CA GLU O 429 54.18 18.00 -6.99
C GLU O 429 54.03 19.49 -6.78
N GLY O 430 55.03 20.09 -6.15
CA GLY O 430 55.01 21.53 -6.01
C GLY O 430 56.07 22.03 -5.07
N LYS O 431 56.54 23.24 -5.28
CA LYS O 431 57.45 23.89 -4.35
C LYS O 431 56.81 25.19 -3.93
N GLY O 432 56.59 25.35 -2.64
CA GLY O 432 55.87 26.49 -2.11
C GLY O 432 56.74 27.24 -1.14
N PHE O 433 56.62 28.56 -1.17
CA PHE O 433 57.23 29.41 -0.16
C PHE O 433 56.12 30.29 0.38
N GLY O 434 55.86 30.15 1.67
CA GLY O 434 54.89 31.01 2.30
C GLY O 434 55.61 31.84 3.33
N SER O 435 55.38 33.12 3.37
CA SER O 435 56.00 33.90 4.42
C SER O 435 55.02 34.93 4.93
N THR O 436 55.23 35.30 6.18
CA THR O 436 54.41 36.31 6.82
C THR O 436 55.27 36.99 7.86
N GLU O 437 54.70 38.01 8.44
CA GLU O 437 55.40 38.62 9.57
C GLU O 437 54.52 38.26 10.73
N ALA O 438 54.95 37.29 11.45
CA ALA O 438 54.24 36.98 12.68
C ALA O 438 54.54 38.16 13.62
N ALA O 439 53.87 38.19 14.75
CA ALA O 439 54.15 39.30 15.70
C ALA O 439 55.65 39.50 15.88
N ARG O 440 56.40 38.42 15.95
CA ARG O 440 57.84 38.51 16.30
C ARG O 440 58.71 38.62 15.07
N GLY O 441 58.12 38.56 13.90
CA GLY O 441 58.96 38.80 12.71
C GLY O 441 58.79 37.81 11.59
N ALA O 442 59.78 37.79 10.72
CA ALA O 442 59.73 36.96 9.50
C ALA O 442 59.49 35.49 9.84
N LEU O 443 58.37 34.99 9.39
CA LEU O 443 58.08 33.57 9.60
C LEU O 443 57.93 32.99 8.21
N SER O 444 58.62 31.91 7.94
CA SER O 444 58.64 31.41 6.55
C SER O 444 58.57 29.90 6.50
N ASP O 445 57.83 29.38 5.53
CA ASP O 445 57.71 27.97 5.25
C ASP O 445 58.25 27.75 3.85
N TRP O 446 59.17 26.81 3.72
CA TRP O 446 59.57 26.27 2.43
C TRP O 446 59.07 24.84 2.39
N ILE O 447 58.15 24.56 1.48
CA ILE O 447 57.55 23.25 1.39
C ILE O 447 57.85 22.66 0.01
N VAL O 448 58.14 21.38 0.00
CA VAL O 448 58.32 20.62 -1.22
C VAL O 448 57.32 19.47 -1.14
N ILE O 449 56.34 19.49 -2.03
CA ILE O 449 55.36 18.44 -2.17
C ILE O 449 55.80 17.54 -3.31
N GLU O 450 55.86 16.25 -3.04
CA GLU O 450 56.21 15.27 -4.04
C GLU O 450 55.31 14.07 -3.84
N ASP O 451 54.80 13.53 -4.95
CA ASP O 451 53.99 12.32 -4.91
C ASP O 451 52.82 12.52 -3.95
N SER O 452 52.21 13.71 -4.00
CA SER O 452 51.05 14.05 -3.19
C SER O 452 51.34 13.91 -1.70
N LYS O 453 52.59 14.09 -1.32
CA LYS O 453 53.01 14.02 0.07
C LYS O 453 53.99 15.15 0.33
N ILE O 454 54.17 15.46 1.60
CA ILE O 454 55.18 16.44 1.97
C ILE O 454 56.55 15.79 1.83
N LYS O 455 57.32 16.23 0.83
CA LYS O 455 58.68 15.73 0.68
C LYS O 455 59.62 16.46 1.62
N ASN O 456 59.52 17.78 1.69
CA ASN O 456 60.28 18.55 2.65
C ASN O 456 59.40 19.65 3.21
N TYR O 457 59.67 20.02 4.45
CA TYR O 457 58.92 21.08 5.10
C TYR O 457 59.88 21.74 6.07
N GLN O 458 60.30 22.95 5.75
CA GLN O 458 61.26 23.67 6.56
C GLN O 458 60.62 24.97 7.01
N VAL O 459 60.54 25.16 8.32
CA VAL O 459 60.00 26.37 8.90
C VAL O 459 61.17 27.15 9.47
N VAL O 460 61.17 28.42 9.12
CA VAL O 460 62.18 29.33 9.73
C VAL O 460 61.35 30.40 10.43
N THR O 461 61.45 30.42 11.73
CA THR O 461 60.62 31.33 12.52
C THR O 461 61.46 32.56 12.87
N PRO O 462 60.79 33.69 13.19
CA PRO O 462 61.48 34.92 13.50
C PRO O 462 62.40 34.73 14.69
N THR O 463 61.95 34.03 15.72
CA THR O 463 62.85 33.92 16.88
C THR O 463 64.02 33.02 16.50
N ALA O 464 63.83 32.12 15.55
CA ALA O 464 65.01 31.35 15.10
C ALA O 464 66.00 32.37 14.51
N TRP O 465 65.51 33.31 13.72
CA TRP O 465 66.42 34.34 13.21
C TRP O 465 67.11 35.07 14.35
N ASN O 466 66.33 35.49 15.35
CA ASN O 466 66.85 36.35 16.41
C ASN O 466 67.71 35.58 17.41
N ILE O 467 67.25 34.42 17.84
CA ILE O 467 67.84 33.70 18.96
C ILE O 467 68.71 32.55 18.51
N GLY O 468 68.73 32.23 17.23
CA GLY O 468 69.56 31.18 16.70
C GLY O 468 71.01 31.41 17.08
N PRO O 469 71.74 30.33 17.28
CA PRO O 469 73.09 30.44 17.84
C PRO O 469 74.11 30.94 16.83
N ARG O 470 75.38 30.95 17.23
CA ARG O 470 76.45 31.34 16.33
C ARG O 470 76.44 30.44 15.10
N ASP O 471 76.75 31.02 13.96
CA ASP O 471 76.84 30.27 12.72
C ASP O 471 78.23 29.65 12.62
N ALA O 472 78.56 29.12 11.44
CA ALA O 472 79.87 28.52 11.22
C ALA O 472 80.99 29.55 11.39
N SER O 473 80.72 30.81 11.10
CA SER O 473 81.71 31.87 11.29
C SER O 473 81.74 32.40 12.71
N GLU O 474 81.07 31.73 13.65
CA GLU O 474 81.00 32.13 15.05
C GLU O 474 80.35 33.50 15.22
N VAL O 475 79.60 33.95 14.22
CA VAL O 475 78.92 35.24 14.32
C VAL O 475 77.68 35.05 15.18
N LEU O 476 77.59 35.83 16.26
CA LEU O 476 76.49 35.68 17.21
C LEU O 476 75.17 36.02 16.54
N GLY O 477 74.12 35.34 16.98
CA GLY O 477 72.79 35.64 16.50
C GLY O 477 72.35 36.99 17.04
N PRO O 478 71.29 37.55 16.45
CA PRO O 478 70.86 38.89 16.84
C PRO O 478 70.61 39.04 18.34
N ILE O 479 69.95 38.08 18.96
CA ILE O 479 69.70 38.20 20.39
C ILE O 479 70.99 38.04 21.16
N GLU O 480 71.87 37.15 20.70
CA GLU O 480 73.16 36.99 21.38
C GLU O 480 73.96 38.29 21.34
N GLN O 481 73.99 38.96 20.19
CA GLN O 481 74.72 40.23 20.16
C GLN O 481 74.00 41.32 20.93
N ALA O 482 72.67 41.28 20.97
CA ALA O 482 71.94 42.25 21.75
C ALA O 482 72.22 42.07 23.24
N LEU O 483 72.38 40.82 23.68
CA LEU O 483 72.73 40.57 25.07
C LEU O 483 74.12 41.10 25.38
N VAL O 484 75.04 41.00 24.42
CA VAL O 484 76.38 41.52 24.62
C VAL O 484 76.32 43.04 24.76
N GLY O 485 76.97 43.55 25.80
CA GLY O 485 76.86 44.95 26.15
C GLY O 485 75.80 45.25 27.19
N SER O 486 74.96 44.29 27.53
CA SER O 486 73.92 44.53 28.51
C SER O 486 74.53 44.65 29.91
N PRO O 487 74.16 45.65 30.69
CA PRO O 487 74.63 45.73 32.07
C PRO O 487 73.99 44.61 32.88
N ILE O 488 74.70 44.18 33.91
CA ILE O 488 74.19 43.18 34.85
C ILE O 488 74.37 43.75 36.25
N VAL O 489 73.33 44.39 36.77
CA VAL O 489 73.38 44.93 38.12
C VAL O 489 73.39 43.81 39.15
N ASP O 490 72.60 42.77 38.92
CA ASP O 490 72.42 41.69 39.88
C ASP O 490 72.48 40.37 39.13
N ALA O 491 73.58 39.63 39.30
CA ALA O 491 73.69 38.31 38.68
C ALA O 491 72.68 37.32 39.23
N GLU O 492 72.20 37.54 40.45
CA GLU O 492 71.18 36.67 41.03
C GLU O 492 69.84 36.84 40.34
N ASP O 493 69.53 38.06 39.90
CA ASP O 493 68.33 38.34 39.10
C ASP O 493 68.77 39.16 37.89
N PRO O 494 69.40 38.52 36.91
CA PRO O 494 69.92 39.28 35.75
C PRO O 494 68.79 39.72 34.85
N VAL O 495 67.97 40.66 35.34
CA VAL O 495 66.77 41.04 34.63
C VAL O 495 67.07 41.66 33.28
N GLU O 496 68.27 42.22 33.09
CA GLU O 496 68.59 42.84 31.81
C GLU O 496 68.67 41.81 30.70
N LEU O 497 69.14 40.59 31.00
CA LEU O 497 69.08 39.52 30.02
C LEU O 497 67.63 39.26 29.61
N GLY O 498 66.73 39.24 30.59
CA GLY O 498 65.32 39.10 30.27
C GLY O 498 64.81 40.26 29.44
N HIS O 499 65.23 41.48 29.77
CA HIS O 499 64.81 42.64 29.00
C HIS O 499 65.21 42.49 27.55
N VAL O 500 66.46 42.08 27.30
CA VAL O 500 66.94 41.98 25.94
C VAL O 500 66.25 40.85 25.20
N ALA O 501 66.21 39.66 25.81
CA ALA O 501 65.60 38.52 25.14
C ALA O 501 64.12 38.77 24.88
N ARG O 502 63.41 39.32 25.87
CA ARG O 502 61.99 39.56 25.74
C ARG O 502 61.68 40.77 24.88
N SER O 503 62.63 41.70 24.71
CA SER O 503 62.39 42.83 23.81
C SER O 503 62.24 42.36 22.38
N PHE O 504 62.85 41.21 22.06
CA PHE O 504 62.59 40.53 20.81
C PHE O 504 61.29 39.77 20.82
N ASP O 505 60.57 39.77 21.95
CA ASP O 505 59.34 38.99 22.07
C ASP O 505 59.63 37.52 21.78
N SER O 506 60.81 37.09 22.20
CA SER O 506 61.29 35.72 21.85
C SER O 506 60.23 34.65 22.04
N CYS O 507 60.11 33.80 21.04
CA CYS O 507 59.19 32.67 21.21
C CYS O 507 60.01 31.41 20.96
N LEU O 508 60.29 30.69 22.02
CA LEU O 508 61.21 29.54 21.88
C LEU O 508 60.49 28.33 21.27
N VAL O 509 59.19 28.22 21.48
CA VAL O 509 58.52 27.08 20.81
C VAL O 509 58.60 27.30 19.29
N CYS O 510 58.50 28.55 18.89
CA CYS O 510 58.66 28.81 17.45
C CYS O 510 60.11 28.61 17.07
N THR O 511 61.00 29.03 17.93
CA THR O 511 62.42 28.97 17.53
C THR O 511 62.78 27.57 17.07
N VAL O 512 62.37 26.57 17.82
CA VAL O 512 62.79 25.21 17.55
C VAL O 512 61.81 24.45 16.68
N HIS O 513 60.51 24.61 16.93
CA HIS O 513 59.48 23.78 16.34
C HIS O 513 59.93 22.32 16.31
N ALA P 48 45.03 27.92 46.84
CA ALA P 48 45.41 26.74 46.05
C ALA P 48 46.57 27.08 45.11
N SER P 49 47.76 26.60 45.46
CA SER P 49 48.94 26.88 44.66
C SER P 49 48.87 26.13 43.33
N VAL P 50 49.26 26.79 42.26
CA VAL P 50 49.26 26.20 40.93
C VAL P 50 50.64 26.39 40.33
N LEU P 51 51.23 25.29 39.88
CA LEU P 51 52.47 25.33 39.13
C LEU P 51 52.18 24.83 37.74
N TRP P 52 52.38 25.68 36.75
CA TRP P 52 52.07 25.37 35.36
C TRP P 52 53.39 25.24 34.63
N PHE P 53 53.69 24.03 34.18
CA PHE P 53 54.90 23.73 33.45
C PHE P 53 54.56 23.41 32.01
N GLN P 54 55.52 23.63 31.12
CA GLN P 54 55.36 23.35 29.71
C GLN P 54 56.46 22.40 29.29
N GLY P 55 56.07 21.26 28.72
CA GLY P 55 57.04 20.35 28.14
C GLY P 55 57.14 20.56 26.65
N GLY P 56 56.75 19.56 25.88
CA GLY P 56 56.74 19.69 24.42
C GLY P 56 55.49 20.44 24.03
N ALA P 57 55.45 21.70 24.41
CA ALA P 57 54.23 22.49 24.21
C ALA P 57 54.44 23.56 23.17
N CYS P 58 53.34 24.05 22.64
CA CYS P 58 53.46 25.21 21.76
C CYS P 58 52.91 26.41 22.52
N SER P 59 52.47 26.20 23.75
CA SER P 59 51.92 27.29 24.59
C SER P 59 50.50 27.67 24.13
N GLY P 60 49.95 26.95 23.15
CA GLY P 60 48.57 27.23 22.73
C GLY P 60 47.60 27.06 23.87
N ASN P 61 47.86 26.12 24.77
CA ASN P 61 46.87 25.95 25.84
C ASN P 61 46.96 27.15 26.77
N THR P 62 48.18 27.59 27.01
CA THR P 62 48.34 28.83 27.80
C THR P 62 47.63 29.99 27.08
N MET P 63 47.88 30.16 25.79
CA MET P 63 47.27 31.30 25.09
C MET P 63 45.75 31.21 25.11
N SER P 64 45.23 30.00 24.86
CA SER P 64 43.79 29.80 24.96
C SER P 64 43.31 30.13 26.36
N PHE P 65 44.03 29.64 27.37
CA PHE P 65 43.73 29.93 28.76
C PHE P 65 43.70 31.43 29.02
N LEU P 66 44.66 32.16 28.45
CA LEU P 66 44.69 33.60 28.59
C LEU P 66 43.49 34.26 27.94
N ASN P 67 42.86 33.59 26.97
CA ASN P 67 41.60 34.10 26.44
C ASN P 67 40.42 33.90 27.36
N ALA P 68 40.65 33.37 28.56
CA ALA P 68 39.54 33.02 29.44
C ALA P 68 38.67 34.23 29.68
N ASP P 69 37.37 34.00 29.72
CA ASP P 69 36.39 34.97 30.15
C ASP P 69 35.44 34.28 31.11
N GLU P 70 35.05 35.00 32.16
CA GLU P 70 34.12 34.46 33.14
C GLU P 70 34.57 33.11 33.67
N PRO P 71 35.66 33.03 34.43
CA PRO P 71 36.50 34.19 34.80
C PRO P 71 37.54 34.49 33.74
N ASN P 72 37.99 35.73 33.65
CA ASN P 72 39.18 35.95 32.86
C ASN P 72 40.39 35.49 33.66
N VAL P 73 41.53 35.41 32.97
CA VAL P 73 42.70 34.77 33.56
C VAL P 73 43.18 35.55 34.79
N VAL P 74 43.14 36.87 34.72
CA VAL P 74 43.62 37.66 35.84
C VAL P 74 42.74 37.46 37.06
N ASP P 75 41.42 37.50 36.86
CA ASP P 75 40.51 37.24 37.97
C ASP P 75 40.63 35.83 38.48
N LEU P 76 40.89 34.87 37.61
CA LEU P 76 41.13 33.50 38.08
C LEU P 76 42.37 33.43 38.96
N ILE P 77 43.45 34.08 38.52
CA ILE P 77 44.72 33.99 39.23
C ILE P 77 44.64 34.75 40.56
N VAL P 78 43.93 35.87 40.59
CA VAL P 78 43.93 36.73 41.76
C VAL P 78 42.72 36.44 42.65
N ASP P 79 41.52 36.58 42.10
CA ASP P 79 40.29 36.64 42.89
C ASP P 79 39.68 35.29 43.23
N PHE P 80 40.21 34.17 42.73
CA PHE P 80 39.67 32.86 43.06
C PHE P 80 40.59 32.07 43.99
N GLY P 81 41.56 32.73 44.60
CA GLY P 81 42.40 32.04 45.56
C GLY P 81 43.33 31.01 44.95
N LEU P 82 43.63 31.13 43.67
CA LEU P 82 44.55 30.22 42.98
C LEU P 82 45.89 30.91 42.84
N ASP P 83 46.84 30.51 43.67
CA ASP P 83 48.15 31.14 43.72
C ASP P 83 49.01 30.52 42.62
N LEU P 84 49.12 31.20 41.49
CA LEU P 84 49.94 30.72 40.37
C LEU P 84 51.41 30.89 40.75
N LEU P 85 52.01 29.82 41.24
CA LEU P 85 53.39 29.90 41.70
C LEU P 85 54.32 30.30 40.58
N TRP P 86 54.14 29.70 39.42
CA TRP P 86 54.98 30.02 38.28
C TRP P 86 54.31 29.44 37.04
N HIS P 87 54.62 30.05 35.93
CA HIS P 87 54.19 29.67 34.61
C HIS P 87 55.24 30.19 33.65
N PRO P 88 55.76 29.36 32.74
CA PRO P 88 56.87 29.82 31.89
C PRO P 88 56.51 31.04 31.08
N SER P 89 55.23 31.20 30.73
CA SER P 89 54.80 32.36 29.96
C SER P 89 54.43 33.55 30.82
N LEU P 90 54.23 33.35 32.11
CA LEU P 90 53.70 34.41 32.97
C LEU P 90 54.48 34.62 34.25
N GLY P 91 55.26 33.63 34.69
CA GLY P 91 55.95 33.77 35.96
C GLY P 91 57.00 34.87 35.90
N LEU P 92 57.11 35.61 37.00
CA LEU P 92 58.09 36.68 37.07
C LEU P 92 59.49 36.13 37.26
N GLU P 93 59.62 35.07 38.07
CA GLU P 93 60.93 34.54 38.42
C GLU P 93 61.62 33.93 37.21
N LEU P 94 62.93 34.14 37.14
CA LEU P 94 63.77 33.47 36.16
C LEU P 94 64.92 32.78 36.89
N GLY P 95 65.61 31.92 36.16
CA GLY P 95 66.85 31.37 36.65
C GLY P 95 66.69 30.72 38.00
N ASN P 96 67.60 31.07 38.91
CA ASN P 96 67.67 30.35 40.18
C ASN P 96 66.46 30.63 41.08
N ASN P 97 65.87 31.81 41.00
CA ASN P 97 64.65 32.07 41.78
C ASN P 97 63.50 31.17 41.32
N ALA P 98 63.34 31.05 40.01
CA ALA P 98 62.33 30.14 39.48
C ALA P 98 62.63 28.70 39.90
N GLN P 99 63.90 28.30 39.78
CA GLN P 99 64.27 26.94 40.17
C GLN P 99 64.03 26.71 41.65
N LYS P 100 64.22 27.74 42.46
CA LYS P 100 63.91 27.61 43.88
C LYS P 100 62.43 27.30 44.07
N VAL P 101 61.57 28.02 43.34
CA VAL P 101 60.15 27.71 43.39
C VAL P 101 59.90 26.26 43.00
N PHE P 102 60.50 25.83 41.88
CA PHE P 102 60.24 24.48 41.38
C PHE P 102 60.71 23.43 42.37
N TRP P 103 61.92 23.61 42.91
CA TRP P 103 62.47 22.63 43.83
C TRP P 103 61.70 22.58 45.13
N ASP P 104 61.23 23.74 45.61
CA ASP P 104 60.38 23.74 46.80
C ASP P 104 59.10 22.96 46.55
N CYS P 105 58.50 23.12 45.37
CA CYS P 105 57.33 22.32 45.05
C CYS P 105 57.67 20.83 44.95
N ALA P 106 58.79 20.50 44.31
CA ALA P 106 59.11 19.11 44.04
C ALA P 106 59.45 18.36 45.32
N LYS P 107 60.18 19.00 46.23
CA LYS P 107 60.62 18.36 47.46
C LYS P 107 59.61 18.47 48.59
N GLY P 108 58.49 19.13 48.37
CA GLY P 108 57.49 19.28 49.41
C GLY P 108 57.74 20.40 50.39
N GLU P 109 58.73 21.26 50.13
CA GLU P 109 59.01 22.38 51.03
C GLU P 109 57.83 23.33 51.09
N ARG P 110 57.14 23.52 49.97
CA ARG P 110 55.91 24.28 49.90
C ARG P 110 54.84 23.43 49.23
N PRO P 111 53.58 23.60 49.62
CA PRO P 111 52.52 22.79 49.05
C PRO P 111 52.31 23.06 47.56
N LEU P 112 51.95 22.01 46.83
CA LEU P 112 51.63 22.11 45.42
C LEU P 112 50.24 21.51 45.26
N ASP P 113 49.24 22.37 45.10
CA ASP P 113 47.87 21.89 45.02
C ASP P 113 47.53 21.42 43.61
N ILE P 114 47.87 22.22 42.61
CA ILE P 114 47.57 21.87 41.22
C ILE P 114 48.85 22.00 40.42
N PHE P 115 49.26 20.91 39.81
CA PHE P 115 50.34 20.91 38.84
C PHE P 115 49.68 20.83 37.47
N VAL P 116 49.73 21.91 36.73
CA VAL P 116 49.25 21.90 35.36
C VAL P 116 50.44 21.63 34.46
N PHE P 117 50.24 20.70 33.56
CA PHE P 117 51.33 20.39 32.63
C PHE P 117 50.76 20.57 31.22
N GLU P 118 51.52 21.29 30.44
CA GLU P 118 51.11 21.56 29.06
C GLU P 118 52.22 21.04 28.17
N GLY P 119 51.88 20.55 26.99
CA GLY P 119 52.97 20.00 26.19
C GLY P 119 53.25 18.57 26.54
N THR P 120 54.02 17.95 25.69
CA THR P 120 54.26 16.54 25.91
C THR P 120 55.38 16.31 26.91
N VAL P 121 55.36 15.14 27.49
CA VAL P 121 56.52 14.68 28.24
C VAL P 121 57.51 14.16 27.22
N ILE P 122 58.59 14.89 27.02
CA ILE P 122 59.59 14.53 26.03
C ILE P 122 60.58 13.58 26.67
N GLU P 123 60.72 12.40 26.09
CA GLU P 123 61.64 11.41 26.62
C GLU P 123 62.89 11.21 25.78
N ALA P 124 62.86 11.60 24.51
CA ALA P 124 64.04 11.48 23.68
C ALA P 124 65.10 12.48 24.11
N PRO P 125 66.38 12.20 23.83
CA PRO P 125 66.86 10.98 23.18
C PRO P 125 67.03 9.82 24.14
N ASN P 126 66.73 8.60 23.68
CA ASN P 126 67.04 7.38 24.41
C ASN P 126 66.47 7.40 25.83
N GLY P 127 65.28 7.96 25.99
CA GLY P 127 64.66 8.01 27.29
C GLY P 127 65.30 8.99 28.27
N THR P 128 66.28 9.77 27.83
CA THR P 128 66.90 10.75 28.70
C THR P 128 66.08 12.02 28.85
N GLY P 129 65.20 12.33 27.90
CA GLY P 129 64.42 13.53 27.98
C GLY P 129 65.19 14.81 27.72
N GLN P 130 66.40 14.71 27.18
CA GLN P 130 67.23 15.90 26.99
C GLN P 130 66.82 16.73 25.80
N MET P 131 65.87 16.27 24.99
CA MET P 131 65.25 17.15 24.02
C MET P 131 64.30 18.13 24.67
N ASP P 132 64.12 18.05 25.98
CA ASP P 132 63.35 19.02 26.74
C ASP P 132 64.08 19.22 28.06
N MET P 133 65.06 20.11 28.06
CA MET P 133 65.81 20.45 29.27
C MET P 133 65.17 21.71 29.85
N PHE P 134 64.75 21.63 31.10
CA PHE P 134 64.10 22.75 31.75
C PHE P 134 64.69 22.93 33.14
N ALA P 135 65.19 24.13 33.41
CA ALA P 135 65.67 24.51 34.74
C ALA P 135 66.67 23.50 35.29
N GLY P 136 67.56 23.05 34.41
CA GLY P 136 68.66 22.19 34.80
C GLY P 136 68.36 20.71 34.85
N ARG P 137 67.17 20.29 34.45
CA ARG P 137 66.80 18.88 34.43
C ARG P 137 66.04 18.58 33.14
N PRO P 138 66.03 17.32 32.70
CA PRO P 138 65.03 16.93 31.71
C PRO P 138 63.66 17.24 32.26
N MET P 139 62.80 17.78 31.40
CA MET P 139 61.48 18.16 31.87
C MET P 139 60.74 16.97 32.45
N LYS P 140 60.98 15.78 31.91
CA LYS P 140 60.29 14.59 32.41
C LYS P 140 60.62 14.33 33.88
N ASP P 141 61.82 14.67 34.31
CA ASP P 141 62.16 14.53 35.73
C ASP P 141 61.36 15.52 36.58
N TRP P 142 61.25 16.76 36.11
CA TRP P 142 60.37 17.70 36.78
C TRP P 142 58.96 17.15 36.85
N VAL P 143 58.49 16.55 35.76
CA VAL P 143 57.14 16.01 35.73
C VAL P 143 56.99 14.94 36.79
N THR P 144 57.95 14.03 36.85
CA THR P 144 57.92 12.98 37.86
C THR P 144 57.78 13.59 39.26
N ASP P 145 58.67 14.51 39.59
CA ASP P 145 58.69 15.07 40.94
C ASP P 145 57.41 15.83 41.24
N LEU P 146 56.98 16.70 40.32
CA LEU P 146 55.87 17.59 40.61
C LEU P 146 54.54 16.86 40.56
N ALA P 147 54.38 15.93 39.62
CA ALA P 147 53.19 15.10 39.62
C ALA P 147 53.11 14.27 40.89
N GLY P 148 54.26 13.80 41.38
CA GLY P 148 54.25 13.13 42.66
C GLY P 148 53.98 14.04 43.84
N ALA P 149 54.22 15.34 43.68
CA ALA P 149 54.01 16.28 44.78
C ALA P 149 52.62 16.92 44.77
N ALA P 150 51.99 17.02 43.61
CA ALA P 150 50.77 17.81 43.49
C ALA P 150 49.59 17.10 44.13
N GLN P 151 48.66 17.89 44.66
CA GLN P 151 47.37 17.34 45.08
C GLN P 151 46.55 16.90 43.88
N ILE P 152 46.59 17.70 42.83
CA ILE P 152 45.88 17.43 41.59
C ILE P 152 46.86 17.68 40.45
N VAL P 153 46.88 16.80 39.48
CA VAL P 153 47.67 16.98 38.27
C VAL P 153 46.69 17.15 37.12
N VAL P 154 46.84 18.24 36.38
CA VAL P 154 46.00 18.53 35.23
C VAL P 154 46.90 18.56 34.00
N ALA P 155 46.63 17.68 33.05
CA ALA P 155 47.26 17.77 31.75
C ALA P 155 46.35 18.61 30.87
N ILE P 156 46.90 19.73 30.39
CA ILE P 156 46.07 20.62 29.56
C ILE P 156 46.57 20.49 28.12
N GLY P 157 45.65 20.16 27.24
CA GLY P 157 46.00 20.02 25.82
C GLY P 157 46.41 18.60 25.51
N ASP P 158 46.16 18.20 24.26
CA ASP P 158 46.43 16.81 23.85
C ASP P 158 47.88 16.42 24.10
N CYS P 159 48.78 17.36 23.86
CA CYS P 159 50.20 17.00 24.03
C CYS P 159 50.36 16.40 25.42
N ALA P 160 49.86 17.13 26.41
CA ALA P 160 50.07 16.66 27.80
C ALA P 160 49.16 15.47 28.10
N CYS P 161 47.93 15.50 27.58
CA CYS P 161 46.99 14.43 27.89
C CYS P 161 47.39 13.12 27.23
N PHE P 162 47.71 13.16 25.94
CA PHE P 162 47.84 11.98 25.13
C PHE P 162 49.07 11.96 24.24
N GLY P 163 49.85 13.04 24.18
CA GLY P 163 51.00 13.04 23.31
C GLY P 163 50.81 13.95 22.13
N GLY P 164 49.59 14.00 21.60
CA GLY P 164 49.19 14.97 20.62
C GLY P 164 50.07 15.00 19.39
N ILE P 165 50.20 16.20 18.82
CA ILE P 165 50.93 16.35 17.57
C ILE P 165 52.39 15.93 17.69
N PRO P 166 53.14 16.28 18.74
CA PRO P 166 54.54 15.84 18.80
C PRO P 166 54.68 14.33 18.83
N ALA P 167 53.68 13.61 19.32
CA ALA P 167 53.71 12.16 19.35
C ALA P 167 53.36 11.54 18.01
N MET P 168 52.97 12.34 17.02
CA MET P 168 52.83 11.84 15.66
C MET P 168 54.10 11.14 15.22
N GLU P 169 53.93 10.04 14.50
CA GLU P 169 55.10 9.37 13.96
C GLU P 169 55.87 10.34 13.06
N PRO P 170 57.21 10.31 13.08
CA PRO P 170 58.03 9.35 13.83
C PRO P 170 58.32 9.71 15.29
N ASN P 171 57.63 10.70 15.83
CA ASN P 171 57.79 11.10 17.23
C ASN P 171 59.26 11.34 17.58
N PRO P 172 59.91 12.30 16.92
CA PRO P 172 61.35 12.51 17.16
C PRO P 172 61.67 12.82 18.61
N SER P 173 60.77 13.51 19.31
CA SER P 173 61.02 13.91 20.69
C SER P 173 60.68 12.82 21.69
N GLY P 174 60.25 11.65 21.25
CA GLY P 174 59.83 10.63 22.18
C GLY P 174 58.72 11.17 23.07
N SER P 175 57.81 11.93 22.49
CA SER P 175 56.77 12.59 23.24
C SER P 175 55.72 11.59 23.69
N THR P 176 55.16 11.83 24.87
CA THR P 176 54.03 11.06 25.36
C THR P 176 53.22 11.96 26.27
N GLY P 177 52.00 11.53 26.54
CA GLY P 177 51.19 12.25 27.49
C GLY P 177 51.52 11.87 28.92
N LEU P 178 50.92 12.60 29.86
CA LEU P 178 51.16 12.33 31.27
C LEU P 178 50.70 10.92 31.65
N GLN P 179 49.46 10.61 31.35
CA GLN P 179 48.89 9.31 31.70
C GLN P 179 48.36 8.55 30.51
N PHE P 180 48.54 9.08 29.30
CA PHE P 180 48.12 8.39 28.09
C PHE P 180 49.20 8.56 27.05
N HIS P 181 49.33 7.57 26.19
CA HIS P 181 49.95 7.76 24.89
C HIS P 181 48.88 7.48 23.87
N LYS P 182 48.39 8.54 23.23
CA LYS P 182 47.18 8.44 22.42
C LYS P 182 46.10 7.79 23.27
N ARG P 183 45.35 6.84 22.71
CA ARG P 183 44.26 6.24 23.50
C ARG P 183 44.78 5.33 24.59
N GLU P 184 46.00 4.83 24.46
CA GLU P 184 46.51 3.83 25.40
C GLU P 184 46.82 4.48 26.74
N LYS P 185 46.12 4.02 27.78
CA LYS P 185 46.34 4.58 29.11
C LYS P 185 47.72 4.19 29.63
N GLY P 186 48.33 5.13 30.35
CA GLY P 186 49.59 4.93 31.03
C GLY P 186 50.56 6.07 30.80
N GLY P 187 50.71 6.49 29.55
CA GLY P 187 51.59 7.60 29.21
C GLY P 187 52.90 7.60 29.96
N PHE P 188 53.29 8.78 30.45
CA PHE P 188 54.57 8.87 31.14
C PHE P 188 54.45 8.42 32.59
N LEU P 189 53.36 8.77 33.27
CA LEU P 189 53.24 8.52 34.70
C LEU P 189 52.74 7.12 35.03
N GLY P 190 52.28 6.36 34.05
CA GLY P 190 51.76 5.05 34.30
C GLY P 190 50.26 5.08 34.51
N PRO P 191 49.59 3.96 34.18
CA PRO P 191 48.13 3.93 34.33
C PRO P 191 47.67 4.08 35.76
N ASP P 192 48.50 3.72 36.73
CA ASP P 192 48.11 3.70 38.12
C ASP P 192 48.48 4.96 38.88
N PHE P 193 49.05 5.95 38.20
CA PHE P 193 49.37 7.20 38.87
C PHE P 193 48.11 7.83 39.45
N ARG P 194 48.21 8.28 40.69
CA ARG P 194 47.17 9.08 41.29
C ARG P 194 47.84 10.25 42.00
N SER P 195 47.21 11.43 41.89
CA SER P 195 47.73 12.56 42.65
C SER P 195 47.38 12.37 44.13
N LYS P 196 47.82 13.32 44.95
CA LYS P 196 47.60 13.20 46.39
C LYS P 196 46.13 13.30 46.76
N MET P 197 45.30 13.93 45.95
CA MET P 197 43.86 13.92 46.20
C MET P 197 43.20 12.65 45.66
N GLY P 198 43.99 11.69 45.19
CA GLY P 198 43.47 10.42 44.72
C GLY P 198 43.04 10.42 43.26
N LEU P 199 43.09 11.55 42.60
CA LEU P 199 42.62 11.61 41.23
C LEU P 199 43.71 11.16 40.26
N PRO P 200 43.34 10.63 39.12
CA PRO P 200 44.33 10.44 38.07
C PRO P 200 44.65 11.81 37.50
N VAL P 201 45.54 11.87 36.51
CA VAL P 201 45.72 13.12 35.80
C VAL P 201 44.39 13.53 35.20
N ILE P 202 43.95 14.74 35.49
CA ILE P 202 42.77 15.31 34.87
C ILE P 202 43.17 15.75 33.47
N ASN P 203 42.62 15.11 32.46
CA ASN P 203 42.97 15.41 31.09
C ASN P 203 41.99 16.45 30.57
N VAL P 204 42.48 17.65 30.32
CA VAL P 204 41.72 18.70 29.66
C VAL P 204 42.25 18.73 28.23
N PRO P 205 41.69 17.93 27.30
CA PRO P 205 42.29 17.80 26.02
C PRO P 205 41.97 18.97 25.11
N GLY P 206 42.21 18.78 23.85
CA GLY P 206 42.04 19.88 22.93
C GLY P 206 43.43 20.31 22.46
N CYS P 207 43.44 20.98 21.34
CA CYS P 207 44.74 21.37 20.80
C CYS P 207 44.53 22.73 20.15
N PRO P 208 44.34 23.79 20.94
CA PRO P 208 44.49 23.71 22.39
C PRO P 208 43.17 23.48 23.10
N ALA P 209 43.27 23.28 24.40
CA ALA P 209 42.05 23.26 25.19
C ALA P 209 41.40 24.64 25.14
N HIS P 210 40.09 24.66 25.14
CA HIS P 210 39.35 25.89 25.31
C HIS P 210 39.59 26.43 26.71
N PRO P 211 39.68 27.75 26.87
CA PRO P 211 39.96 28.29 28.22
C PRO P 211 38.98 27.80 29.25
N ASP P 212 37.72 27.64 28.91
CA ASP P 212 36.73 27.25 29.95
C ASP P 212 37.01 25.82 30.41
N TRP P 213 37.56 25.00 29.54
CA TRP P 213 37.74 23.57 29.91
C TRP P 213 38.66 23.47 31.12
N ILE P 214 39.54 24.45 31.26
CA ILE P 214 40.45 24.45 32.44
C ILE P 214 39.93 25.44 33.48
N THR P 215 39.52 26.63 33.05
CA THR P 215 39.17 27.65 34.02
C THR P 215 37.96 27.24 34.85
N GLN P 216 36.96 26.62 34.23
CA GLN P 216 35.80 26.20 35.00
C GLN P 216 36.15 25.06 35.95
N ILE P 217 37.07 24.20 35.54
CA ILE P 217 37.58 23.19 36.47
C ILE P 217 38.29 23.85 37.64
N LEU P 218 39.12 24.85 37.34
CA LEU P 218 39.85 25.56 38.39
C LEU P 218 38.89 26.29 39.31
N VAL P 219 37.85 26.90 38.75
CA VAL P 219 36.84 27.56 39.56
C VAL P 219 36.12 26.55 40.43
N ALA P 220 35.76 25.39 39.86
CA ALA P 220 35.10 24.35 40.62
C ALA P 220 35.97 23.91 41.79
N LEU P 221 37.25 23.71 41.54
CA LEU P 221 38.19 23.36 42.61
C LEU P 221 38.25 24.48 43.64
N ALA P 222 38.25 25.73 43.18
CA ALA P 222 38.38 26.87 44.07
C ALA P 222 37.10 27.20 44.82
N THR P 223 35.95 26.76 44.32
CA THR P 223 34.67 27.07 44.94
C THR P 223 34.09 25.89 45.70
N GLY P 224 34.89 24.88 46.00
CA GLY P 224 34.40 23.75 46.76
C GLY P 224 33.60 22.74 45.97
N ARG P 225 33.67 22.78 44.65
CA ARG P 225 32.92 21.88 43.79
C ARG P 225 33.80 20.84 43.12
N ALA P 226 34.96 20.54 43.72
CA ALA P 226 35.80 19.47 43.19
C ALA P 226 35.02 18.17 43.10
N GLY P 227 34.16 17.89 44.09
CA GLY P 227 33.36 16.69 44.08
C GLY P 227 32.34 16.65 42.97
N ASP P 228 32.01 17.80 42.37
CA ASP P 228 31.13 17.81 41.21
C ASP P 228 31.84 17.38 39.94
N ILE P 229 33.17 17.33 39.94
CA ILE P 229 33.92 17.01 38.74
C ILE P 229 33.94 15.51 38.56
N THR P 230 33.31 15.03 37.49
CA THR P 230 33.39 13.64 37.10
C THR P 230 34.23 13.55 35.83
N LEU P 231 35.05 12.50 35.75
CA LEU P 231 35.96 12.30 34.65
C LEU P 231 35.50 11.09 33.83
N ASP P 232 35.64 11.17 32.51
CA ASP P 232 35.29 10.04 31.67
C ASP P 232 36.46 9.05 31.66
N ASP P 233 36.39 8.05 30.78
CA ASP P 233 37.44 7.03 30.73
C ASP P 233 38.78 7.59 30.28
N LEU P 234 38.78 8.73 29.60
CA LEU P 234 40.02 9.39 29.23
C LEU P 234 40.44 10.43 30.25
N HIS P 235 39.82 10.41 31.44
CA HIS P 235 40.06 11.38 32.50
C HIS P 235 39.68 12.79 32.10
N ARG P 236 38.79 12.93 31.13
CA ARG P 236 38.32 14.26 30.76
C ARG P 236 37.10 14.64 31.58
N PRO P 237 36.98 15.91 31.93
CA PRO P 237 35.79 16.36 32.67
C PRO P 237 34.52 16.13 31.86
N GLU P 238 33.65 15.29 32.39
CA GLU P 238 32.42 14.96 31.70
C GLU P 238 31.50 16.16 31.55
N THR P 239 31.67 17.18 32.38
CA THR P 239 30.86 18.39 32.21
C THR P 239 31.13 19.05 30.87
N PHE P 240 32.27 18.76 30.25
CA PHE P 240 32.59 19.27 28.92
C PHE P 240 32.62 18.20 27.84
N PHE P 241 32.85 16.94 28.20
CA PHE P 241 33.20 15.93 27.21
C PHE P 241 32.20 14.79 27.13
N LYS P 242 31.00 14.98 27.68
CA LYS P 242 29.92 14.08 27.33
C LYS P 242 29.27 14.48 26.02
N THR P 243 29.20 15.78 25.74
CA THR P 243 28.68 16.25 24.47
C THR P 243 29.68 15.92 23.36
N PHE P 244 29.23 16.12 22.14
CA PHE P 244 30.13 15.94 20.99
C PHE P 244 30.43 17.31 20.44
N THR P 245 31.44 17.40 19.59
CA THR P 245 31.63 18.70 18.93
C THR P 245 30.33 19.01 18.18
N GLN P 246 29.73 17.95 17.64
CA GLN P 246 28.51 18.18 16.82
C GLN P 246 27.40 18.80 17.67
N THR P 247 27.47 18.58 18.97
CA THR P 247 26.40 19.05 19.85
C THR P 247 26.39 20.58 19.81
N GLY P 248 25.41 21.14 19.12
CA GLY P 248 25.33 22.61 19.06
C GLY P 248 25.94 23.09 17.77
N CYS P 249 26.42 22.17 16.98
CA CYS P 249 26.97 22.58 15.66
C CYS P 249 25.83 23.22 14.87
N THR P 250 26.12 24.31 14.18
CA THR P 250 25.08 24.98 13.37
C THR P 250 24.75 24.14 12.14
N ARG P 251 25.47 23.05 11.90
CA ARG P 251 25.23 22.28 10.66
C ARG P 251 24.56 20.93 10.92
N VAL P 252 24.15 20.70 12.16
CA VAL P 252 23.57 19.36 12.45
C VAL P 252 22.30 19.14 11.63
N GLN P 253 21.53 20.18 11.36
CA GLN P 253 20.33 19.91 10.56
C GLN P 253 20.75 19.42 9.18
N PHE P 254 21.81 19.99 8.64
CA PHE P 254 22.31 19.50 7.34
C PHE P 254 22.79 18.06 7.53
N PHE P 255 23.45 17.81 8.65
CA PHE P 255 23.92 16.44 8.93
C PHE P 255 22.70 15.52 8.95
N GLU P 256 21.67 15.92 9.65
CA GLU P 256 20.47 15.07 9.81
C GLU P 256 19.94 14.70 8.43
N TYR P 257 19.91 15.65 7.54
CA TYR P 257 19.39 15.44 6.19
C TYR P 257 20.49 15.10 5.20
N LYS P 258 21.68 14.83 5.70
CA LYS P 258 22.77 14.34 4.86
C LYS P 258 23.05 15.29 3.71
N GLN P 259 23.02 16.58 4.01
CA GLN P 259 23.35 17.61 3.04
C GLN P 259 24.78 18.05 3.29
N SER P 260 25.63 17.84 2.30
CA SER P 260 27.06 18.01 2.51
C SER P 260 27.49 19.39 2.06
N THR P 261 28.30 20.04 2.88
CA THR P 261 29.10 21.14 2.37
C THR P 261 29.98 20.58 1.25
N LEU P 262 29.99 21.26 0.12
CA LEU P 262 30.73 20.79 -1.03
C LEU P 262 32.08 21.46 -1.20
N SER P 263 32.23 22.68 -0.69
CA SER P 263 33.47 23.41 -0.89
C SER P 263 33.65 24.39 0.25
N PHE P 264 34.88 24.84 0.40
CA PHE P 264 35.21 25.80 1.42
C PHE P 264 34.75 27.20 1.00
N GLY P 265 35.03 28.17 1.85
CA GLY P 265 34.58 29.53 1.57
C GLY P 265 33.07 29.59 1.56
N GLU P 266 32.52 30.23 0.52
CA GLU P 266 31.07 30.38 0.44
C GLU P 266 30.35 29.04 0.39
N GLY P 267 31.03 27.97 -0.02
CA GLY P 267 30.42 26.66 0.03
C GLY P 267 29.98 26.26 1.43
N THR P 268 30.60 26.83 2.45
CA THR P 268 30.25 26.52 3.82
C THR P 268 29.06 27.33 4.31
N ARG P 269 28.43 28.13 3.46
CA ARG P 269 27.18 28.76 3.82
C ARG P 269 26.05 27.73 3.97
N THR P 270 26.31 26.49 3.60
CA THR P 270 25.32 25.45 3.72
C THR P 270 26.02 24.13 4.04
N GLY P 271 25.23 23.15 4.44
CA GLY P 271 25.80 21.82 4.51
C GLY P 271 26.55 21.49 5.76
N CYS P 272 26.77 20.21 5.93
CA CYS P 272 27.57 19.73 7.06
C CYS P 272 28.92 19.25 6.51
N LEU P 273 29.96 19.37 7.31
CA LEU P 273 31.33 19.09 6.79
C LEU P 273 31.69 17.62 6.92
N PHE P 274 30.77 16.82 7.39
CA PHE P 274 31.13 15.43 7.72
C PHE P 274 31.46 14.65 6.46
N TYR P 275 30.70 14.90 5.42
CA TYR P 275 30.80 13.99 4.27
C TYR P 275 31.96 14.26 3.32
N GLU P 276 32.31 15.52 3.16
CA GLU P 276 33.37 15.84 2.21
C GLU P 276 34.63 16.37 2.87
N PHE P 277 34.56 16.85 4.11
CA PHE P 277 35.71 17.46 4.74
C PHE P 277 36.18 16.72 5.98
N GLY P 278 35.69 15.52 6.19
CA GLY P 278 36.25 14.72 7.29
C GLY P 278 35.93 15.28 8.64
N CYS P 279 34.87 16.05 8.73
CA CYS P 279 34.47 16.54 10.07
C CYS P 279 34.37 15.37 11.05
N ARG P 280 35.10 15.47 12.15
CA ARG P 280 35.01 14.41 13.19
C ARG P 280 34.01 14.80 14.27
N GLY P 281 33.25 15.85 14.03
CA GLY P 281 32.28 16.32 15.03
C GLY P 281 31.49 15.21 15.69
N PRO P 282 30.85 14.32 14.94
CA PRO P 282 30.00 13.30 15.51
C PRO P 282 30.79 12.16 16.17
N MET P 283 32.10 12.19 16.07
CA MET P 283 32.93 11.15 16.70
C MET P 283 33.82 11.78 17.76
N THR P 284 33.56 13.04 18.09
CA THR P 284 34.49 13.75 18.97
C THR P 284 33.74 14.35 20.15
N HIS P 285 34.23 14.02 21.32
CA HIS P 285 33.58 14.53 22.53
C HIS P 285 34.19 15.87 22.83
N SER P 286 33.35 16.87 22.98
CA SER P 286 33.82 18.23 23.23
C SER P 286 32.58 19.09 23.43
N PRO P 287 32.70 20.26 24.03
CA PRO P 287 31.58 21.18 24.07
C PRO P 287 31.89 22.34 23.11
N CYS P 288 32.61 22.07 22.02
CA CYS P 288 33.04 23.20 21.16
C CYS P 288 31.89 23.99 20.58
N ASN P 289 30.77 23.32 20.40
CA ASN P 289 29.59 24.04 19.87
C ASN P 289 28.62 24.37 20.98
N ARG P 290 28.90 23.88 22.17
CA ARG P 290 28.10 24.30 23.31
C ARG P 290 28.71 25.55 23.93
N ILE P 291 29.98 25.47 24.27
CA ILE P 291 30.74 26.60 24.77
C ILE P 291 31.61 27.07 23.61
N LEU P 292 31.23 28.17 23.03
CA LEU P 292 31.91 28.58 21.78
C LEU P 292 33.33 29.06 22.04
N TRP P 293 34.14 28.89 21.03
CA TRP P 293 35.53 29.34 21.12
C TRP P 293 35.57 30.87 21.06
N ASN P 294 36.38 31.47 21.92
CA ASN P 294 36.55 32.94 21.92
C ASN P 294 35.19 33.60 22.06
N ARG P 295 34.25 32.87 22.67
CA ARG P 295 32.88 33.36 22.82
C ARG P 295 32.26 33.75 21.48
N GLN P 296 32.78 33.22 20.39
CA GLN P 296 32.30 33.62 19.07
C GLN P 296 31.80 32.45 18.25
N SER P 297 32.57 31.38 18.15
CA SER P 297 32.35 30.45 17.06
C SER P 297 32.93 29.10 17.44
N SER P 298 33.05 28.27 16.42
CA SER P 298 33.74 26.99 16.57
C SER P 298 34.27 26.67 15.18
N LYS P 299 35.18 25.72 15.12
CA LYS P 299 35.62 25.36 13.76
C LYS P 299 34.42 25.04 12.88
N THR P 300 33.58 24.17 13.38
CA THR P 300 32.50 23.65 12.49
C THR P 300 31.55 24.77 12.08
N ARG P 301 31.20 25.60 13.02
CA ARG P 301 30.35 26.74 12.64
C ARG P 301 31.04 27.53 11.54
N ALA P 302 32.32 27.79 11.69
CA ALA P 302 33.04 28.62 10.74
C ALA P 302 33.22 27.95 9.39
N GLY P 303 32.95 26.65 9.30
CA GLY P 303 33.20 25.92 8.07
C GLY P 303 34.43 25.07 8.10
N MET P 304 35.10 24.98 9.22
CA MET P 304 36.25 24.09 9.30
C MET P 304 35.84 22.78 9.94
N PRO P 305 36.23 21.64 9.36
CA PRO P 305 35.91 20.40 9.99
C PRO P 305 36.55 20.25 11.36
N CYS P 306 35.80 19.64 12.23
CA CYS P 306 36.40 19.30 13.51
C CYS P 306 37.47 18.25 13.22
N LEU P 307 38.64 18.48 13.77
CA LEU P 307 39.76 17.53 13.56
C LEU P 307 39.77 16.51 14.70
N GLY P 308 38.74 16.51 15.54
CA GLY P 308 38.68 15.54 16.63
C GLY P 308 39.80 15.75 17.61
N CYS P 309 40.18 17.00 17.83
CA CYS P 309 41.37 17.25 18.67
C CYS P 309 41.15 16.91 20.13
N THR P 310 39.95 16.70 20.59
CA THR P 310 39.80 16.40 22.02
C THR P 310 39.92 14.90 22.20
N GLU P 311 40.04 14.22 21.08
CA GLU P 311 40.13 12.76 21.13
C GLU P 311 41.59 12.34 21.22
N PRO P 312 41.95 11.25 21.92
CA PRO P 312 43.38 10.94 22.15
C PRO P 312 44.13 10.58 20.89
N GLU P 313 43.46 10.15 19.84
CA GLU P 313 44.15 9.83 18.59
C GLU P 313 44.60 11.04 17.81
N PHE P 314 44.19 12.23 18.23
CA PHE P 314 44.52 13.42 17.46
C PHE P 314 46.03 13.58 17.37
N PRO P 315 46.57 13.94 16.19
CA PRO P 315 45.83 14.09 14.92
C PRO P 315 45.47 12.75 14.35
N HIS P 316 44.22 12.61 13.94
CA HIS P 316 43.74 11.31 13.51
C HIS P 316 44.44 10.91 12.23
N PHE P 317 44.69 9.62 12.10
CA PHE P 317 45.40 9.05 10.96
C PHE P 317 46.76 9.66 10.75
N ASP P 318 47.28 10.36 11.77
CA ASP P 318 48.57 11.02 11.71
C ASP P 318 48.67 11.92 10.49
N LEU P 319 47.54 12.50 10.08
CA LEU P 319 47.54 13.42 8.93
C LEU P 319 48.18 12.77 7.71
N ALA P 320 47.96 11.47 7.56
CA ALA P 320 48.50 10.76 6.41
C ALA P 320 47.88 11.33 5.14
N PRO P 321 48.56 11.18 4.01
CA PRO P 321 48.05 11.75 2.76
C PRO P 321 46.63 11.31 2.48
N GLY P 322 45.80 12.25 2.06
CA GLY P 322 44.42 12.00 1.74
C GLY P 322 43.46 12.06 2.92
N THR P 323 43.95 12.32 4.12
CA THR P 323 43.10 12.33 5.30
C THR P 323 42.85 13.72 5.85
N VAL P 324 43.41 14.76 5.25
CA VAL P 324 43.33 16.12 5.79
C VAL P 324 42.20 16.83 5.08
N PHE P 325 41.19 17.25 5.85
CA PHE P 325 40.01 17.92 5.31
C PHE P 325 39.33 17.08 4.24
N LYS P 326 39.37 15.77 4.42
CA LYS P 326 38.71 14.83 3.52
C LYS P 326 38.04 13.75 4.35
N THR P 327 36.90 13.28 3.87
CA THR P 327 36.22 12.15 4.48
C THR P 327 36.67 10.89 3.75
N GLN P 328 37.38 10.01 4.44
CA GLN P 328 37.70 8.72 3.84
C GLN P 328 36.43 7.92 3.67
N LYS P 329 36.22 7.40 2.47
CA LYS P 329 34.99 6.72 2.14
C LYS P 329 35.31 5.35 1.54
N VAL P 330 34.39 4.42 1.78
CA VAL P 330 34.42 3.10 1.16
C VAL P 330 33.50 3.14 -0.04
N SER P 331 34.02 2.70 -1.20
CA SER P 331 33.27 2.68 -2.44
C SER P 331 32.78 4.08 -2.83
N GLY P 332 33.44 5.12 -2.33
CA GLY P 332 33.13 6.48 -2.69
C GLY P 332 31.86 7.05 -2.11
N MET P 333 31.13 6.27 -1.32
CA MET P 333 29.84 6.74 -0.82
C MET P 333 29.72 6.58 0.69
N ILE P 334 30.31 5.51 1.24
CA ILE P 334 30.14 5.14 2.63
C ILE P 334 31.31 5.70 3.42
N PRO P 335 31.09 6.58 4.39
CA PRO P 335 32.20 7.03 5.22
C PRO P 335 32.82 5.85 5.95
N LYS P 336 34.16 5.84 6.01
CA LYS P 336 34.85 4.79 6.75
C LYS P 336 34.46 4.83 8.23
N GLU P 337 34.40 6.03 8.80
CA GLU P 337 33.99 6.23 10.17
C GLU P 337 32.61 6.85 10.21
N VAL P 338 31.71 6.24 10.94
CA VAL P 338 30.35 6.75 11.09
C VAL P 338 30.27 7.43 12.45
N PRO P 339 29.21 8.16 12.76
CA PRO P 339 29.13 8.82 14.07
C PRO P 339 29.23 7.82 15.20
N GLU P 340 29.65 8.33 16.36
CA GLU P 340 29.82 7.50 17.53
C GLU P 340 28.54 6.74 17.86
N GLY P 341 28.69 5.46 18.16
CA GLY P 341 27.57 4.66 18.58
C GLY P 341 26.66 4.19 17.47
N THR P 342 26.95 4.56 16.23
CA THR P 342 26.20 4.09 15.08
C THR P 342 26.98 2.98 14.37
N ASP P 343 26.21 2.31 13.49
CA ASP P 343 26.77 1.23 12.65
C ASP P 343 26.59 1.57 11.18
N HIS P 344 27.53 1.19 10.34
CA HIS P 344 27.47 1.60 8.95
C HIS P 344 26.13 1.25 8.32
N LEU P 345 25.51 0.15 8.67
CA LEU P 345 24.26 -0.22 7.95
C LEU P 345 23.09 0.63 8.40
N THR P 346 22.93 0.79 9.71
CA THR P 346 21.84 1.68 10.11
C THR P 346 22.15 3.12 9.76
N TYR P 347 23.40 3.53 9.88
CA TYR P 347 23.70 4.91 9.48
C TYR P 347 23.33 5.10 8.03
N MET P 348 23.85 4.25 7.17
CA MET P 348 23.62 4.45 5.75
C MET P 348 22.15 4.35 5.39
N GLY P 349 21.42 3.42 6.02
CA GLY P 349 19.98 3.36 5.76
C GLY P 349 19.28 4.63 6.17
N LEU P 350 19.57 5.12 7.37
CA LEU P 350 18.99 6.37 7.82
C LEU P 350 19.44 7.52 6.94
N ALA P 351 20.67 7.47 6.45
CA ALA P 351 21.18 8.53 5.60
C ALA P 351 20.42 8.58 4.28
N ALA P 352 20.15 7.41 3.70
CA ALA P 352 19.35 7.37 2.47
C ALA P 352 17.95 7.91 2.74
N ALA P 353 17.34 7.47 3.84
CA ALA P 353 16.01 7.97 4.19
C ALA P 353 16.01 9.47 4.38
N ALA P 354 17.02 9.99 5.06
CA ALA P 354 17.11 11.43 5.30
C ALA P 354 17.31 12.19 4.01
N ARG P 355 18.18 11.68 3.12
CA ARG P 355 18.36 12.31 1.82
C ARG P 355 17.04 12.40 1.08
N ILE P 356 16.26 11.32 1.06
CA ILE P 356 15.02 11.34 0.23
C ILE P 356 14.01 12.31 0.84
N ALA P 357 13.97 12.42 2.16
CA ALA P 357 12.97 13.25 2.85
C ALA P 357 13.51 14.65 3.10
N ALA P 358 14.66 14.96 2.54
CA ALA P 358 15.31 16.24 2.88
C ALA P 358 14.43 17.42 2.51
N PRO P 359 14.28 18.42 3.39
CA PRO P 359 13.55 19.61 3.04
C PRO P 359 14.38 20.44 2.06
N GLN P 360 13.76 21.42 1.43
CA GLN P 360 14.45 22.26 0.47
C GLN P 360 15.47 23.18 1.13
N TRP P 361 15.13 23.74 2.28
CA TRP P 361 16.06 24.66 2.94
C TRP P 361 17.37 23.98 3.31
N SER P 362 17.33 22.68 3.58
CA SER P 362 18.56 21.96 3.93
C SER P 362 19.49 21.84 2.73
N LYS P 363 18.98 22.17 1.57
CA LYS P 363 19.74 22.07 0.32
C LYS P 363 20.06 23.46 -0.18
N GLU P 364 20.01 24.49 0.65
CA GLU P 364 20.32 25.84 0.26
C GLU P 364 21.20 26.51 1.30
N ASP P 365 21.80 27.63 0.90
CA ASP P 365 22.58 28.42 1.83
C ASP P 365 21.73 28.82 3.03
N MET P 366 22.30 28.72 4.20
CA MET P 366 21.63 29.18 5.39
C MET P 366 22.44 30.21 6.17
N PHE P 367 23.77 30.08 6.16
CA PHE P 367 24.63 31.08 6.79
C PHE P 367 24.94 32.16 5.76
N VAL P 368 23.90 32.90 5.45
CA VAL P 368 23.93 33.89 4.40
C VAL P 368 24.48 35.20 4.95
N VAL P 369 24.94 36.05 4.05
CA VAL P 369 25.47 37.34 4.44
C VAL P 369 24.42 38.12 5.22
N SER Q 1 -37.77 8.99 -0.10
CA SER Q 1 -36.61 9.65 -0.76
C SER Q 1 -35.33 8.90 -0.41
N PRO Q 2 -34.37 8.75 -1.35
CA PRO Q 2 -33.09 8.11 -1.05
C PRO Q 2 -32.25 8.85 0.01
N VAL Q 3 -32.24 10.19 -0.04
CA VAL Q 3 -31.49 10.97 0.99
C VAL Q 3 -32.12 10.66 2.36
N ASP Q 4 -33.43 10.48 2.40
CA ASP Q 4 -34.12 10.17 3.68
C ASP Q 4 -33.55 8.85 4.18
N GLY Q 5 -33.27 7.93 3.26
CA GLY Q 5 -32.73 6.61 3.64
C GLY Q 5 -31.34 6.70 4.23
N ILE Q 6 -30.49 7.58 3.69
CA ILE Q 6 -29.14 7.75 4.29
C ILE Q 6 -29.31 8.30 5.71
N ARG Q 7 -30.23 9.24 5.91
CA ARG Q 7 -30.49 9.74 7.28
C ARG Q 7 -30.99 8.58 8.13
N ARG Q 8 -31.81 7.71 7.53
CA ARG Q 8 -32.32 6.53 8.27
C ARG Q 8 -31.16 5.62 8.67
N ARG Q 9 -30.18 5.41 7.79
CA ARG Q 9 -29.01 4.56 8.10
C ARG Q 9 -28.27 5.24 9.24
N LEU Q 10 -28.18 6.57 9.23
CA LEU Q 10 -27.39 7.29 10.26
C LEU Q 10 -27.99 6.98 11.62
N ASP Q 11 -29.30 6.82 11.70
CA ASP Q 11 -29.96 6.47 12.97
C ASP Q 11 -29.47 5.10 13.46
N ASP Q 12 -29.25 4.15 12.56
CA ASP Q 12 -28.87 2.78 13.00
C ASP Q 12 -27.83 2.83 14.14
N PRO Q 13 -28.09 2.31 15.37
CA PRO Q 13 -27.05 2.24 16.40
C PRO Q 13 -25.65 1.84 15.92
N GLN Q 14 -25.54 0.76 15.14
CA GLN Q 14 -24.22 0.25 14.69
C GLN Q 14 -23.59 1.23 13.69
N VAL Q 15 -24.36 1.74 12.74
CA VAL Q 15 -23.83 2.75 11.79
C VAL Q 15 -23.38 3.96 12.59
N ALA Q 16 -24.22 4.42 13.50
CA ALA Q 16 -23.89 5.62 14.29
C ALA Q 16 -22.60 5.36 15.06
N GLU Q 17 -22.50 4.21 15.71
CA GLU Q 17 -21.29 3.88 16.51
C GLU Q 17 -20.05 3.99 15.63
N ALA Q 18 -20.07 3.39 14.44
CA ALA Q 18 -18.92 3.42 13.52
C ALA Q 18 -18.62 4.86 13.08
N LEU Q 19 -19.65 5.62 12.73
CA LEU Q 19 -19.46 7.03 12.27
C LEU Q 19 -18.87 7.85 13.43
N ASN Q 20 -19.30 7.57 14.65
CA ASN Q 20 -18.76 8.28 15.82
C ASN Q 20 -17.29 7.93 16.00
N SER Q 21 -16.94 6.65 15.83
CA SER Q 21 -15.53 6.20 15.97
C SER Q 21 -14.70 6.82 14.86
N LEU Q 22 -15.29 7.02 13.69
CA LEU Q 22 -14.56 7.67 12.57
C LEU Q 22 -14.29 9.12 12.99
N LEU Q 23 -15.27 9.76 13.60
CA LEU Q 23 -15.10 11.19 13.96
C LEU Q 23 -14.21 11.28 15.18
N ASP Q 24 -14.01 10.18 15.89
CA ASP Q 24 -13.08 10.18 17.04
C ASP Q 24 -11.66 10.24 16.51
N HIS Q 25 -11.41 9.61 15.37
CA HIS Q 25 -10.05 9.54 14.79
C HIS Q 25 -9.98 10.42 13.54
N ALA Q 26 -10.93 11.32 13.38
CA ALA Q 26 -10.92 12.24 12.21
C ALA Q 26 -9.62 13.06 12.22
N ASP Q 27 -9.11 13.42 13.40
CA ASP Q 27 -7.80 14.12 13.50
C ASP Q 27 -6.71 13.31 12.78
N LEU Q 28 -6.62 12.01 13.03
CA LEU Q 28 -5.62 11.14 12.38
C LEU Q 28 -5.87 11.12 10.86
N LEU Q 29 -7.13 10.97 10.45
CA LEU Q 29 -7.44 11.03 9.00
C LEU Q 29 -6.99 12.40 8.46
N ALA Q 30 -7.37 13.48 9.14
CA ALA Q 30 -6.99 14.83 8.70
C ALA Q 30 -5.47 14.91 8.56
N VAL Q 31 -4.73 14.47 9.57
CA VAL Q 31 -3.25 14.55 9.54
C VAL Q 31 -2.69 13.66 8.43
N LEU Q 32 -3.30 12.52 8.14
CA LEU Q 32 -2.69 11.67 7.10
C LEU Q 32 -2.91 12.32 5.74
N VAL Q 33 -4.09 12.90 5.52
CA VAL Q 33 -4.41 13.62 4.25
C VAL Q 33 -3.53 14.87 4.18
N LYS Q 34 -3.35 15.59 5.29
CA LYS Q 34 -2.42 16.76 5.31
C LYS Q 34 -1.01 16.28 4.97
N GLY Q 35 -0.56 15.18 5.58
CA GLY Q 35 0.75 14.59 5.27
C GLY Q 35 0.85 14.27 3.79
N LEU Q 36 -0.21 13.70 3.20
CA LEU Q 36 -0.23 13.36 1.76
C LEU Q 36 -0.18 14.66 0.93
N ASP Q 37 -0.98 15.64 1.30
CA ASP Q 37 -0.94 16.96 0.62
C ASP Q 37 0.47 17.50 0.70
N GLY Q 38 1.09 17.47 1.88
CA GLY Q 38 2.47 17.89 2.02
C GLY Q 38 3.35 17.09 1.10
N PHE Q 39 3.21 15.77 1.12
CA PHE Q 39 4.11 14.93 0.30
C PHE Q 39 3.93 15.31 -1.16
N VAL Q 40 2.68 15.49 -1.58
CA VAL Q 40 2.40 15.86 -2.99
C VAL Q 40 2.98 17.25 -3.26
N ARG Q 41 2.79 18.20 -2.36
CA ARG Q 41 3.26 19.57 -2.68
C ARG Q 41 4.78 19.63 -2.61
N ARG Q 42 5.41 18.63 -2.01
CA ARG Q 42 6.89 18.59 -2.03
C ARG Q 42 7.37 17.43 -2.88
N GLY Q 43 6.51 16.93 -3.76
CA GLY Q 43 6.86 15.80 -4.63
C GLY Q 43 8.01 16.16 -5.56
N ASP Q 44 8.03 17.38 -6.04
CA ASP Q 44 9.14 17.84 -6.91
C ASP Q 44 10.45 17.78 -6.13
N ASP Q 45 10.42 18.22 -4.87
CA ASP Q 45 11.64 18.19 -4.02
C ASP Q 45 12.05 16.75 -3.80
N ILE Q 46 11.08 15.87 -3.56
CA ILE Q 46 11.46 14.46 -3.27
C ILE Q 46 12.02 13.85 -4.56
N ALA Q 47 11.51 14.30 -5.71
CA ALA Q 47 12.01 13.79 -7.01
C ALA Q 47 13.43 14.31 -7.21
N ASN Q 48 13.68 15.57 -6.86
CA ASN Q 48 15.05 16.13 -6.97
C ASN Q 48 15.98 15.41 -5.98
N ASN Q 49 15.47 14.98 -4.83
CA ASN Q 49 16.28 14.25 -3.82
C ASN Q 49 16.64 12.88 -4.38
N LEU Q 50 15.71 12.24 -5.10
CA LEU Q 50 15.95 10.89 -5.67
C LEU Q 50 16.87 11.03 -6.88
N THR Q 51 16.81 12.18 -7.54
CA THR Q 51 17.66 12.44 -8.72
C THR Q 51 19.09 12.62 -8.25
N SER Q 52 19.29 13.41 -7.18
CA SER Q 52 20.64 13.64 -6.63
C SER Q 52 21.19 12.34 -6.03
N ALA Q 53 20.31 11.52 -5.45
CA ALA Q 53 20.75 10.22 -4.86
C ALA Q 53 21.19 9.27 -5.97
N ILE Q 54 20.37 9.11 -7.02
CA ILE Q 54 20.72 8.23 -8.17
C ILE Q 54 21.97 8.81 -8.85
N GLY Q 55 22.04 10.14 -8.98
CA GLY Q 55 23.19 10.80 -9.63
C GLY Q 55 24.47 10.57 -8.86
N GLU Q 56 24.38 10.34 -7.56
CA GLU Q 56 25.60 10.01 -6.78
C GLU Q 56 25.99 8.57 -7.13
N LEU Q 57 25.02 7.64 -7.09
CA LEU Q 57 25.29 6.22 -7.44
C LEU Q 57 25.75 6.12 -8.89
N LYS Q 58 25.43 7.11 -9.72
CA LYS Q 58 25.90 7.12 -11.13
C LYS Q 58 27.38 7.48 -11.13
N ALA Q 59 27.80 8.40 -10.27
CA ALA Q 59 29.22 8.81 -10.19
C ALA Q 59 29.99 7.87 -9.25
N SER R 1 -31.21 10.93 20.36
CA SER R 1 -31.15 10.27 19.03
C SER R 1 -29.69 10.05 18.62
N PRO R 2 -29.35 8.90 18.01
CA PRO R 2 -27.98 8.66 17.54
C PRO R 2 -27.50 9.64 16.47
N VAL R 3 -28.36 9.99 15.52
CA VAL R 3 -27.98 10.98 14.48
C VAL R 3 -27.69 12.32 15.17
N ASP R 4 -28.46 12.64 16.21
CA ASP R 4 -28.25 13.91 16.94
C ASP R 4 -26.84 13.87 17.53
N GLY R 5 -26.41 12.69 17.97
CA GLY R 5 -25.07 12.53 18.55
C GLY R 5 -23.97 12.80 17.53
N ILE R 6 -24.14 12.35 16.30
CA ILE R 6 -23.13 12.66 15.25
C ILE R 6 -23.09 14.17 15.04
N ARG R 7 -24.26 14.83 15.03
CA ARG R 7 -24.27 16.31 14.90
C ARG R 7 -23.56 16.89 16.11
N ARG R 8 -23.74 16.29 17.28
CA ARG R 8 -23.05 16.76 18.50
C ARG R 8 -21.54 16.64 18.34
N ARG R 9 -21.07 15.52 17.77
CA ARG R 9 -19.62 15.31 17.57
C ARG R 9 -19.16 16.40 16.60
N LEU R 10 -19.97 16.73 15.60
CA LEU R 10 -19.54 17.71 14.58
C LEU R 10 -19.27 19.05 15.26
N ASP R 11 -20.04 19.37 16.30
CA ASP R 11 -19.83 20.63 17.06
C ASP R 11 -18.45 20.60 17.71
N ASP R 12 -18.00 19.45 18.21
CA ASP R 12 -16.70 19.39 18.93
C ASP R 12 -15.61 20.22 18.22
N PRO R 13 -14.96 21.24 18.85
CA PRO R 13 -13.86 21.95 18.22
C PRO R 13 -12.82 21.08 17.49
N GLN R 14 -12.33 20.02 18.14
CA GLN R 14 -11.27 19.16 17.56
C GLN R 14 -11.83 18.37 16.37
N VAL R 15 -13.02 17.79 16.51
CA VAL R 15 -13.66 17.07 15.38
C VAL R 15 -13.85 18.06 14.24
N ALA R 16 -14.39 19.23 14.55
CA ALA R 16 -14.66 20.22 13.50
C ALA R 16 -13.36 20.59 12.81
N GLU R 17 -12.31 20.85 13.58
CA GLU R 17 -11.00 21.24 13.01
C GLU R 17 -10.55 20.17 12.01
N ALA R 18 -10.60 18.89 12.40
CA ALA R 18 -10.17 17.78 11.52
C ALA R 18 -11.05 17.71 10.27
N LEU R 19 -12.37 17.83 10.44
CA LEU R 19 -13.31 17.75 9.29
C LEU R 19 -13.04 18.93 8.35
N ASN R 20 -12.71 20.09 8.90
CA ASN R 20 -12.39 21.27 8.07
C ASN R 20 -11.10 21.02 7.30
N SER R 21 -10.10 20.41 7.94
CA SER R 21 -8.82 20.11 7.28
C SER R 21 -9.04 19.05 6.20
N LEU R 22 -9.99 18.15 6.45
CA LEU R 22 -10.27 17.09 5.46
C LEU R 22 -10.87 17.80 4.25
N LEU R 23 -11.74 18.77 4.49
CA LEU R 23 -12.43 19.46 3.39
C LEU R 23 -11.46 20.43 2.75
N ASP R 24 -10.36 20.73 3.41
CA ASP R 24 -9.32 21.59 2.79
C ASP R 24 -8.59 20.78 1.72
N HIS R 25 -8.31 19.51 2.00
CA HIS R 25 -7.53 18.67 1.06
C HIS R 25 -8.50 17.76 0.30
N ALA R 26 -9.77 18.11 0.29
CA ALA R 26 -10.79 17.27 -0.37
C ALA R 26 -10.47 17.18 -1.86
N ASP R 27 -9.90 18.23 -2.43
CA ASP R 27 -9.52 18.21 -3.85
C ASP R 27 -8.51 17.08 -4.07
N LEU R 28 -7.54 16.91 -3.17
CA LEU R 28 -6.55 15.82 -3.30
C LEU R 28 -7.27 14.50 -3.25
N LEU R 29 -8.20 14.36 -2.32
CA LEU R 29 -8.92 13.08 -2.17
C LEU R 29 -9.72 12.85 -3.44
N ALA R 30 -10.36 13.90 -3.94
CA ALA R 30 -11.17 13.78 -5.15
C ALA R 30 -10.26 13.35 -6.29
N VAL R 31 -9.16 14.06 -6.47
CA VAL R 31 -8.23 13.72 -7.58
C VAL R 31 -7.67 12.31 -7.40
N LEU R 32 -7.44 11.85 -6.17
CA LEU R 32 -6.85 10.50 -6.04
C LEU R 32 -7.91 9.46 -6.42
N VAL R 33 -9.15 9.68 -6.00
CA VAL R 33 -10.29 8.77 -6.34
C VAL R 33 -10.53 8.87 -7.85
N LYS R 34 -10.48 10.06 -8.44
CA LYS R 34 -10.60 10.20 -9.92
C LYS R 34 -9.45 9.44 -10.59
N GLY R 35 -8.23 9.60 -10.11
CA GLY R 35 -7.08 8.85 -10.63
C GLY R 35 -7.32 7.36 -10.53
N LEU R 36 -7.88 6.88 -9.41
CA LEU R 36 -8.18 5.44 -9.22
C LEU R 36 -9.28 5.03 -10.21
N ASP R 37 -10.33 5.82 -10.32
CA ASP R 37 -11.40 5.55 -11.32
C ASP R 37 -10.76 5.46 -12.69
N GLY R 38 -9.92 6.41 -13.05
CA GLY R 38 -9.21 6.35 -14.33
C GLY R 38 -8.42 5.08 -14.41
N PHE R 39 -7.66 4.75 -13.39
CA PHE R 39 -6.80 3.56 -13.46
C PHE R 39 -7.68 2.35 -13.67
N VAL R 40 -8.79 2.28 -12.93
CA VAL R 40 -9.72 1.13 -13.06
C VAL R 40 -10.33 1.13 -14.46
N ARG R 41 -10.75 2.28 -14.96
CA ARG R 41 -11.43 2.27 -16.28
C ARG R 41 -10.42 2.01 -17.39
N ARG R 42 -9.14 2.15 -17.10
CA ARG R 42 -8.12 1.79 -18.12
C ARG R 42 -7.35 0.56 -17.67
N GLY R 43 -7.92 -0.20 -16.74
CA GLY R 43 -7.25 -1.42 -16.24
C GLY R 43 -7.04 -2.43 -17.33
N ASP R 44 -8.00 -2.55 -18.25
CA ASP R 44 -7.85 -3.47 -19.39
C ASP R 44 -6.65 -3.05 -20.23
N ASP R 45 -6.51 -1.75 -20.47
CA ASP R 45 -5.37 -1.23 -21.26
C ASP R 45 -4.08 -1.53 -20.52
N ILE R 46 -4.07 -1.33 -19.21
CA ILE R 46 -2.81 -1.54 -18.46
C ILE R 46 -2.49 -3.04 -18.48
N ALA R 47 -3.53 -3.87 -18.50
CA ALA R 47 -3.33 -5.34 -18.54
C ALA R 47 -2.78 -5.70 -19.92
N ASN R 48 -3.30 -5.07 -20.97
CA ASN R 48 -2.78 -5.32 -22.34
C ASN R 48 -1.34 -4.82 -22.45
N ASN R 49 -0.99 -3.74 -21.73
CA ASN R 49 0.38 -3.19 -21.74
C ASN R 49 1.32 -4.17 -21.04
N LEU R 50 0.85 -4.81 -19.97
CA LEU R 50 1.68 -5.78 -19.20
C LEU R 50 1.78 -7.07 -20.01
N THR R 51 0.76 -7.35 -20.81
CA THR R 51 0.74 -8.57 -21.65
C THR R 51 1.76 -8.40 -22.77
N SER R 52 1.76 -7.23 -23.41
CA SER R 52 2.72 -6.95 -24.51
C SER R 52 4.14 -6.88 -23.94
N ALA R 53 4.29 -6.36 -22.72
CA ALA R 53 5.63 -6.28 -22.08
C ALA R 53 6.16 -7.68 -21.77
N ILE R 54 5.34 -8.52 -21.12
CA ILE R 54 5.73 -9.92 -20.80
C ILE R 54 5.96 -10.67 -22.12
N GLY R 55 5.09 -10.43 -23.12
CA GLY R 55 5.21 -11.11 -24.42
C GLY R 55 6.50 -10.74 -25.13
N GLU R 56 7.04 -9.57 -24.84
CA GLU R 56 8.37 -9.20 -25.43
C GLU R 56 9.43 -10.03 -24.70
N LEU R 57 9.39 -10.04 -23.36
CA LEU R 57 10.38 -10.81 -22.56
C LEU R 57 10.24 -12.30 -22.88
N LYS R 58 9.08 -12.73 -23.40
CA LYS R 58 8.89 -14.14 -23.80
C LYS R 58 9.66 -14.38 -25.09
N ALA R 59 9.65 -13.41 -26.00
CA ALA R 59 10.37 -13.53 -27.29
C ALA R 59 11.83 -13.09 -27.12
N SER S 1 -20.98 28.68 15.66
CA SER S 1 -20.91 27.21 15.90
C SER S 1 -19.93 26.56 14.92
N PRO S 2 -19.12 25.58 15.36
CA PRO S 2 -18.22 24.87 14.46
C PRO S 2 -18.94 24.14 13.32
N VAL S 3 -20.08 23.52 13.62
CA VAL S 3 -20.85 22.78 12.59
C VAL S 3 -21.26 23.77 11.50
N ASP S 4 -21.59 25.00 11.89
CA ASP S 4 -21.99 26.04 10.90
C ASP S 4 -20.82 26.25 9.95
N GLY S 5 -19.60 26.18 10.47
CA GLY S 5 -18.40 26.38 9.65
C GLY S 5 -18.22 25.27 8.62
N ILE S 6 -18.49 24.03 9.00
CA ILE S 6 -18.39 22.91 8.01
C ILE S 6 -19.43 23.14 6.91
N ARG S 7 -20.63 23.59 7.26
CA ARG S 7 -21.64 23.91 6.23
C ARG S 7 -21.10 25.04 5.38
N ARG S 8 -20.41 26.00 6.01
CA ARG S 8 -19.80 27.13 5.26
C ARG S 8 -18.75 26.61 4.27
N ARG S 9 -17.91 25.67 4.71
CA ARG S 9 -16.87 25.10 3.83
C ARG S 9 -17.59 24.41 2.68
N LEU S 10 -18.70 23.74 2.96
CA LEU S 10 -19.43 22.97 1.93
C LEU S 10 -19.86 23.92 0.81
N ASP S 11 -20.20 25.16 1.16
CA ASP S 11 -20.57 26.16 0.14
C ASP S 11 -19.39 26.43 -0.78
N ASP S 12 -18.16 26.47 -0.26
CA ASP S 12 -17.01 26.83 -1.11
C ASP S 12 -17.09 26.16 -2.49
N PRO S 13 -17.15 26.89 -3.64
CA PRO S 13 -17.10 26.24 -4.96
C PRO S 13 -16.09 25.10 -5.10
N GLN S 14 -14.84 25.30 -4.67
CA GLN S 14 -13.78 24.27 -4.84
C GLN S 14 -14.06 23.07 -3.93
N VAL S 15 -14.44 23.30 -2.68
CA VAL S 15 -14.80 22.18 -1.77
C VAL S 15 -15.99 21.45 -2.39
N ALA S 16 -16.99 22.18 -2.82
CA ALA S 16 -18.20 21.54 -3.38
C ALA S 16 -17.79 20.71 -4.59
N GLU S 17 -16.98 21.27 -5.48
CA GLU S 17 -16.55 20.55 -6.70
C GLU S 17 -15.91 19.22 -6.31
N ALA S 18 -15.05 19.22 -5.30
CA ALA S 18 -14.40 17.99 -4.84
C ALA S 18 -15.44 17.04 -4.25
N LEU S 19 -16.31 17.51 -3.37
CA LEU S 19 -17.29 16.62 -2.72
C LEU S 19 -18.23 16.06 -3.77
N ASN S 20 -18.40 16.76 -4.87
CA ASN S 20 -19.26 16.28 -5.98
C ASN S 20 -18.50 15.19 -6.74
N SER S 21 -17.21 15.39 -6.98
CA SER S 21 -16.39 14.39 -7.70
C SER S 21 -16.24 13.15 -6.84
N LEU S 22 -16.25 13.32 -5.53
CA LEU S 22 -16.14 12.16 -4.63
C LEU S 22 -17.44 11.38 -4.74
N LEU S 23 -18.56 12.08 -4.84
CA LEU S 23 -19.87 11.38 -4.88
C LEU S 23 -20.06 10.84 -6.30
N ASP S 24 -19.28 11.31 -7.25
CA ASP S 24 -19.36 10.76 -8.63
C ASP S 24 -18.73 9.38 -8.64
N HIS S 25 -17.70 9.18 -7.82
CA HIS S 25 -16.96 7.90 -7.78
C HIS S 25 -17.26 7.16 -6.48
N ALA S 26 -18.33 7.56 -5.79
CA ALA S 26 -18.72 6.89 -4.52
C ALA S 26 -18.98 5.40 -4.80
N ASP S 27 -19.52 5.07 -5.98
CA ASP S 27 -19.71 3.64 -6.36
C ASP S 27 -18.38 2.88 -6.28
N LEU S 28 -17.30 3.43 -6.83
CA LEU S 28 -15.97 2.80 -6.78
C LEU S 28 -15.51 2.68 -5.32
N LEU S 29 -15.67 3.75 -4.54
CA LEU S 29 -15.33 3.67 -3.09
C LEU S 29 -16.17 2.56 -2.45
N ALA S 30 -17.49 2.56 -2.69
CA ALA S 30 -18.38 1.54 -2.12
C ALA S 30 -17.86 0.15 -2.51
N VAL S 31 -17.58 -0.06 -3.80
CA VAL S 31 -17.12 -1.40 -4.26
C VAL S 31 -15.77 -1.75 -3.65
N LEU S 32 -14.89 -0.79 -3.43
CA LEU S 32 -13.56 -1.17 -2.88
C LEU S 32 -13.74 -1.58 -1.42
N VAL S 33 -14.57 -0.85 -0.68
CA VAL S 33 -14.87 -1.18 0.75
C VAL S 33 -15.63 -2.50 0.78
N LYS S 34 -16.58 -2.73 -0.12
CA LYS S 34 -17.28 -4.04 -0.20
C LYS S 34 -16.25 -5.14 -0.51
N GLY S 35 -15.35 -4.91 -1.46
CA GLY S 35 -14.28 -5.86 -1.76
C GLY S 35 -13.44 -6.14 -0.53
N LEU S 36 -13.11 -5.11 0.25
CA LEU S 36 -12.31 -5.26 1.50
C LEU S 36 -13.14 -6.06 2.51
N ASP S 37 -14.40 -5.71 2.69
CA ASP S 37 -15.30 -6.48 3.59
C ASP S 37 -15.30 -7.93 3.14
N GLY S 38 -15.47 -8.18 1.85
CA GLY S 38 -15.41 -9.55 1.34
C GLY S 38 -14.09 -10.16 1.68
N PHE S 39 -13.00 -9.46 1.43
CA PHE S 39 -11.67 -10.06 1.66
C PHE S 39 -11.55 -10.40 3.13
N VAL S 40 -11.99 -9.48 3.99
CA VAL S 40 -11.92 -9.72 5.46
C VAL S 40 -12.83 -10.89 5.82
N ARG S 41 -14.04 -10.94 5.28
CA ARG S 41 -14.95 -12.02 5.71
C ARG S 41 -14.50 -13.35 5.13
N ARG S 42 -13.62 -13.34 4.14
CA ARG S 42 -13.07 -14.61 3.63
C ARG S 42 -11.59 -14.71 3.98
N GLY S 43 -11.15 -13.93 4.96
CA GLY S 43 -9.74 -13.95 5.38
C GLY S 43 -9.32 -15.30 5.89
N ASP S 44 -10.22 -15.98 6.61
CA ASP S 44 -9.93 -17.33 7.12
C ASP S 44 -9.69 -18.27 5.93
N ASP S 45 -10.52 -18.16 4.90
CA ASP S 45 -10.37 -19.01 3.69
C ASP S 45 -9.05 -18.68 3.02
N ILE S 46 -8.70 -17.40 2.94
CA ILE S 46 -7.45 -17.05 2.23
C ILE S 46 -6.27 -17.56 3.07
N ALA S 47 -6.44 -17.58 4.39
CA ALA S 47 -5.37 -18.07 5.29
C ALA S 47 -5.25 -19.59 5.09
N ASN S 48 -6.39 -20.27 4.96
CA ASN S 48 -6.36 -21.73 4.72
C ASN S 48 -5.75 -22.01 3.34
N ASN S 49 -5.96 -21.12 2.37
CA ASN S 49 -5.40 -21.28 1.01
C ASN S 49 -3.88 -21.10 1.08
N LEU S 50 -3.40 -20.19 1.90
CA LEU S 50 -1.94 -19.93 2.03
C LEU S 50 -1.32 -21.07 2.85
N THR S 51 -2.12 -21.67 3.73
CA THR S 51 -1.63 -22.78 4.57
C THR S 51 -1.46 -24.00 3.67
N SER S 52 -2.44 -24.28 2.82
CA SER S 52 -2.37 -25.44 1.89
C SER S 52 -1.25 -25.20 0.86
N ALA S 53 -1.05 -23.95 0.45
CA ALA S 53 0.02 -23.63 -0.52
C ALA S 53 1.40 -23.85 0.11
N ILE S 54 1.61 -23.30 1.32
CA ILE S 54 2.90 -23.48 2.04
C ILE S 54 3.07 -24.97 2.36
N GLY S 55 1.98 -25.64 2.75
CA GLY S 55 2.03 -27.08 3.09
C GLY S 55 2.42 -27.92 1.89
N GLU S 56 2.12 -27.45 0.69
CA GLU S 56 2.57 -28.19 -0.53
C GLU S 56 4.08 -27.97 -0.66
N LEU S 57 4.53 -26.72 -0.56
CA LEU S 57 5.99 -26.41 -0.68
C LEU S 57 6.74 -27.09 0.46
N LYS S 58 6.06 -27.44 1.55
CA LYS S 58 6.71 -28.16 2.68
C LYS S 58 6.91 -29.61 2.24
N ALA S 59 5.96 -30.19 1.52
CA ALA S 59 6.06 -31.58 1.04
C ALA S 59 6.82 -31.63 -0.29
N SER T 1 -27.46 27.01 -5.13
CA SER T 1 -26.42 26.91 -4.07
C SER T 1 -25.59 25.65 -4.26
N PRO T 2 -24.26 25.70 -4.09
CA PRO T 2 -23.41 24.51 -4.21
C PRO T 2 -23.73 23.42 -3.18
N VAL T 3 -23.99 23.79 -1.93
CA VAL T 3 -24.34 22.79 -0.89
C VAL T 3 -25.65 22.11 -1.31
N ASP T 4 -26.56 22.86 -1.92
CA ASP T 4 -27.85 22.28 -2.36
C ASP T 4 -27.54 21.22 -3.40
N GLY T 5 -26.52 21.47 -4.22
CA GLY T 5 -26.13 20.50 -5.26
C GLY T 5 -25.62 19.21 -4.68
N ILE T 6 -24.85 19.27 -3.58
CA ILE T 6 -24.40 18.02 -2.93
C ILE T 6 -25.63 17.28 -2.41
N ARG T 7 -26.60 17.98 -1.85
CA ARG T 7 -27.85 17.32 -1.39
C ARG T 7 -28.53 16.71 -2.62
N ARG T 8 -28.47 17.41 -3.75
CA ARG T 8 -29.07 16.88 -5.01
C ARG T 8 -28.36 15.57 -5.41
N ARG T 9 -27.03 15.54 -5.30
CA ARG T 9 -26.27 14.33 -5.67
C ARG T 9 -26.73 13.22 -4.73
N LEU T 10 -26.95 13.55 -3.46
CA LEU T 10 -27.32 12.52 -2.45
C LEU T 10 -28.62 11.85 -2.89
N ASP T 11 -29.51 12.62 -3.51
CA ASP T 11 -30.77 12.05 -4.03
C ASP T 11 -30.48 11.01 -5.12
N ASP T 12 -29.48 11.23 -5.96
CA ASP T 12 -29.24 10.28 -7.08
C ASP T 12 -29.35 8.81 -6.60
N PRO T 13 -30.27 7.96 -7.12
CA PRO T 13 -30.29 6.54 -6.77
C PRO T 13 -28.91 5.86 -6.67
N GLN T 14 -28.05 6.04 -7.67
CA GLN T 14 -26.73 5.36 -7.71
C GLN T 14 -25.82 5.93 -6.61
N VAL T 15 -25.78 7.25 -6.45
CA VAL T 15 -24.98 7.86 -5.36
C VAL T 15 -25.51 7.34 -4.03
N ALA T 16 -26.83 7.36 -3.87
CA ALA T 16 -27.42 6.93 -2.59
C ALA T 16 -27.04 5.48 -2.34
N GLU T 17 -27.17 4.63 -3.35
CA GLU T 17 -26.85 3.19 -3.19
C GLU T 17 -25.41 3.04 -2.68
N ALA T 18 -24.46 3.73 -3.31
CA ALA T 18 -23.03 3.64 -2.91
C ALA T 18 -22.84 4.16 -1.48
N LEU T 19 -23.46 5.30 -1.15
CA LEU T 19 -23.32 5.89 0.21
C LEU T 19 -23.92 4.92 1.24
N ASN T 20 -25.01 4.25 0.87
CA ASN T 20 -25.63 3.28 1.79
C ASN T 20 -24.68 2.09 1.98
N SER T 21 -24.05 1.63 0.91
CA SER T 21 -23.10 0.49 1.00
C SER T 21 -21.89 0.91 1.82
N LEU T 22 -21.51 2.19 1.75
CA LEU T 22 -20.38 2.67 2.56
C LEU T 22 -20.81 2.62 4.03
N LEU T 23 -22.04 2.99 4.31
CA LEU T 23 -22.50 3.04 5.72
C LEU T 23 -22.78 1.62 6.18
N ASP T 24 -22.91 0.68 5.24
CA ASP T 24 -23.09 -0.74 5.63
C ASP T 24 -21.76 -1.28 6.15
N HIS T 25 -20.65 -0.79 5.62
CA HIS T 25 -19.31 -1.28 6.00
C HIS T 25 -18.58 -0.20 6.80
N ALA T 26 -19.31 0.79 7.30
CA ALA T 26 -18.69 1.86 8.10
C ALA T 26 -18.00 1.25 9.33
N ASP T 27 -18.56 0.18 9.90
CA ASP T 27 -17.90 -0.54 11.02
C ASP T 27 -16.48 -0.97 10.63
N LEU T 28 -16.31 -1.57 9.45
CA LEU T 28 -14.98 -2.00 8.96
C LEU T 28 -14.08 -0.77 8.78
N LEU T 29 -14.61 0.30 8.18
CA LEU T 29 -13.81 1.54 8.06
C LEU T 29 -13.43 2.02 9.48
N ALA T 30 -14.40 2.09 10.39
CA ALA T 30 -14.14 2.53 11.76
C ALA T 30 -13.03 1.67 12.36
N VAL T 31 -13.16 0.34 12.26
CA VAL T 31 -12.15 -0.57 12.86
C VAL T 31 -10.79 -0.40 12.19
N LEU T 32 -10.74 -0.11 10.89
CA LEU T 32 -9.41 -0.01 10.25
C LEU T 32 -8.74 1.28 10.73
N VAL T 33 -9.51 2.37 10.83
CA VAL T 33 -8.99 3.67 11.34
C VAL T 33 -8.63 3.50 12.82
N LYS T 34 -9.45 2.81 13.61
CA LYS T 34 -9.10 2.51 15.03
C LYS T 34 -7.80 1.69 15.07
N GLY T 35 -7.68 0.67 14.23
CA GLY T 35 -6.45 -0.12 14.13
C GLY T 35 -5.27 0.77 13.79
N LEU T 36 -5.44 1.72 12.86
CA LEU T 36 -4.36 2.65 12.47
C LEU T 36 -4.04 3.56 13.66
N ASP T 37 -5.05 4.11 14.31
CA ASP T 37 -4.84 4.93 15.53
C ASP T 37 -4.06 4.11 16.54
N GLY T 38 -4.47 2.87 16.78
CA GLY T 38 -3.73 1.99 17.68
C GLY T 38 -2.31 1.85 17.20
N PHE T 39 -2.13 1.56 15.92
CA PHE T 39 -0.76 1.32 15.42
C PHE T 39 0.06 2.57 15.64
N VAL T 40 -0.52 3.73 15.35
CA VAL T 40 0.20 5.02 15.53
C VAL T 40 0.48 5.23 17.01
N ARG T 41 -0.50 4.98 17.88
CA ARG T 41 -0.26 5.28 19.30
C ARG T 41 0.70 4.26 19.91
N ARG T 42 0.93 3.15 19.23
CA ARG T 42 1.95 2.19 19.72
C ARG T 42 3.13 2.16 18.76
N GLY T 43 3.27 3.20 17.95
CA GLY T 43 4.38 3.27 16.98
C GLY T 43 5.73 3.28 17.68
N ASP T 44 5.81 3.95 18.81
CA ASP T 44 7.07 3.98 19.59
C ASP T 44 7.41 2.56 20.03
N ASP T 45 6.41 1.81 20.50
CA ASP T 45 6.63 0.42 20.94
C ASP T 45 7.08 -0.41 19.74
N ILE T 46 6.45 -0.21 18.59
CA ILE T 46 6.81 -1.05 17.42
C ILE T 46 8.24 -0.67 16.99
N ALA T 47 8.60 0.60 17.18
CA ALA T 47 9.96 1.06 16.82
C ALA T 47 10.96 0.43 17.80
N ASN T 48 10.59 0.36 19.08
CA ASN T 48 11.47 -0.29 20.09
C ASN T 48 11.56 -1.79 19.78
N ASN T 49 10.50 -2.39 19.26
CA ASN T 49 10.50 -3.84 18.91
C ASN T 49 11.44 -4.06 17.73
N LEU T 50 11.46 -3.13 16.78
CA LEU T 50 12.32 -3.26 15.57
C LEU T 50 13.76 -2.97 15.98
N THR T 51 13.93 -2.13 17.01
CA THR T 51 15.28 -1.76 17.48
C THR T 51 15.87 -2.98 18.19
N SER T 52 15.08 -3.64 19.04
CA SER T 52 15.56 -4.85 19.77
C SER T 52 15.79 -5.99 18.77
N ALA T 53 14.97 -6.07 17.72
CA ALA T 53 15.14 -7.12 16.69
C ALA T 53 16.43 -6.90 15.91
N ILE T 54 16.65 -5.67 15.42
CA ILE T 54 17.89 -5.33 14.67
C ILE T 54 19.08 -5.49 15.62
N GLY T 55 18.93 -5.07 16.89
CA GLY T 55 20.01 -5.17 17.88
C GLY T 55 20.39 -6.61 18.16
N GLU T 56 19.46 -7.54 17.97
CA GLU T 56 19.80 -8.98 18.12
C GLU T 56 20.63 -9.38 16.91
N LEU T 57 20.16 -9.04 15.70
CA LEU T 57 20.90 -9.38 14.45
C LEU T 57 22.26 -8.67 14.45
N LYS T 58 22.41 -7.60 15.23
CA LYS T 58 23.72 -6.90 15.34
C LYS T 58 24.64 -7.76 16.20
N ALA T 59 24.11 -8.38 17.25
CA ALA T 59 24.92 -9.24 18.14
C ALA T 59 24.98 -10.67 17.58
#